data_9N8G
#
_entry.id   9N8G
#
_entity_poly.entity_id   1
_entity_poly.type   'polypeptide(L)'
_entity_poly.pdbx_seq_one_letter_code
;MTINVNTNVSAMTAQRYLTKATGELNTSMERLSSGNRINSAKDDAAGLQISNRLTAQSRGLDVAMRNANDGISIAQTAEG
AMNESTSILQRMRDLALQSANGTNSASERQALNEESVALQDELNRIAETTSFGGRKLLNGSFGEASFQIGSSSGEAIIMG
LTSVRADDFRMGGQSFIAEQPKTKEWGVPPTARDLKFEFTKKDGEAVVLDIIAKDGDDIEELATYINGQTDLFKASVDQE
GKLQIFVAEPNIEGNFNISGGLATELGLNGGPGVKTTVQDIDITSVGGSQNAVGIIDAALKYVDSQRADLGAKQNRLSHS
ISNLSNIQENVEASKSRIKDTDFAKETTQLTKSQILQQAGTSILAQAKQLPNSAISLLQ
;
_entity_poly.pdbx_strand_id   A,B,C,D,E,F,G,H,I,J,K,L,M,N
#
# COMPACT_ATOMS: atom_id res chain seq x y z
N MET A 1 -74.22 26.71 -35.92
CA MET A 1 -73.92 27.41 -37.20
C MET A 1 -74.23 26.50 -38.38
N THR A 2 -75.15 25.57 -38.18
CA THR A 2 -75.52 24.61 -39.23
C THR A 2 -74.25 23.89 -39.66
N ILE A 3 -74.20 23.45 -40.92
CA ILE A 3 -73.13 22.58 -41.41
C ILE A 3 -72.47 23.26 -42.60
N ASN A 4 -72.55 24.60 -42.65
CA ASN A 4 -71.96 25.35 -43.75
C ASN A 4 -70.54 24.89 -44.01
N VAL A 5 -70.19 24.75 -45.29
CA VAL A 5 -68.92 24.16 -45.68
C VAL A 5 -67.89 25.18 -46.13
N ASN A 6 -68.29 26.43 -46.39
CA ASN A 6 -67.34 27.42 -46.91
C ASN A 6 -66.25 27.71 -45.89
N THR A 7 -66.61 27.88 -44.62
CA THR A 7 -65.67 28.23 -43.57
C THR A 7 -65.78 27.23 -42.43
N ASN A 8 -64.65 26.92 -41.81
CA ASN A 8 -64.57 25.97 -40.70
C ASN A 8 -63.79 26.63 -39.56
N VAL A 9 -64.51 27.34 -38.69
CA VAL A 9 -63.84 28.06 -37.60
C VAL A 9 -63.14 27.07 -36.68
N SER A 10 -63.72 25.88 -36.49
CA SER A 10 -63.07 24.88 -35.65
C SER A 10 -61.70 24.51 -36.21
N ALA A 11 -61.61 24.38 -37.54
CA ALA A 11 -60.33 24.07 -38.16
C ALA A 11 -59.32 25.18 -37.89
N MET A 12 -59.75 26.44 -37.99
CA MET A 12 -58.83 27.54 -37.73
C MET A 12 -58.37 27.56 -36.28
N THR A 13 -59.28 27.29 -35.34
CA THR A 13 -58.90 27.26 -33.93
C THR A 13 -57.89 26.15 -33.68
N ALA A 14 -58.16 24.96 -34.24
CA ALA A 14 -57.22 23.85 -34.10
C ALA A 14 -55.88 24.21 -34.72
N GLN A 15 -55.90 24.91 -35.85
CA GLN A 15 -54.65 25.30 -36.50
C GLN A 15 -53.85 26.26 -35.61
N ARG A 16 -54.53 27.24 -35.02
CA ARG A 16 -53.81 28.18 -34.16
C ARG A 16 -53.22 27.49 -32.94
N TYR A 17 -54.00 26.60 -32.31
CA TYR A 17 -53.48 25.89 -31.14
C TYR A 17 -52.33 24.96 -31.53
N LEU A 18 -52.43 24.30 -32.67
CA LEU A 18 -51.35 23.43 -33.14
C LEU A 18 -50.10 24.24 -33.44
N THR A 19 -50.26 25.43 -34.04
CA THR A 19 -49.12 26.29 -34.32
C THR A 19 -48.45 26.73 -33.03
N LYS A 20 -49.24 27.09 -32.02
CA LYS A 20 -48.67 27.45 -30.73
C LYS A 20 -47.90 26.27 -30.14
N ALA A 21 -48.48 25.08 -30.21
CA ALA A 21 -47.79 23.89 -29.69
C ALA A 21 -46.48 23.65 -30.41
N THR A 22 -46.49 23.78 -31.74
CA THR A 22 -45.28 23.55 -32.52
C THR A 22 -44.21 24.59 -32.20
N GLY A 23 -44.61 25.85 -32.03
CA GLY A 23 -43.65 26.87 -31.63
C GLY A 23 -43.03 26.57 -30.28
N GLU A 24 -43.86 26.18 -29.31
CA GLU A 24 -43.33 25.81 -28.02
C GLU A 24 -42.38 24.62 -28.14
N LEU A 25 -42.73 23.65 -28.97
CA LEU A 25 -41.88 22.48 -29.17
C LEU A 25 -40.53 22.89 -29.76
N ASN A 26 -40.55 23.78 -30.76
CA ASN A 26 -39.29 24.21 -31.36
C ASN A 26 -38.43 24.96 -30.36
N THR A 27 -39.03 25.84 -29.57
CA THR A 27 -38.27 26.58 -28.57
C THR A 27 -37.66 25.62 -27.54
N SER A 28 -38.45 24.64 -27.09
CA SER A 28 -37.94 23.68 -26.12
C SER A 28 -36.80 22.85 -26.70
N MET A 29 -36.93 22.44 -27.97
CA MET A 29 -35.87 21.66 -28.59
C MET A 29 -34.60 22.49 -28.73
N GLU A 30 -34.74 23.77 -29.08
CA GLU A 30 -33.57 24.64 -29.15
C GLU A 30 -32.91 24.75 -27.78
N ARG A 31 -33.70 24.94 -26.73
CA ARG A 31 -33.15 25.05 -25.39
C ARG A 31 -32.42 23.77 -25.00
N LEU A 32 -33.01 22.62 -25.30
CA LEU A 32 -32.36 21.35 -24.98
C LEU A 32 -31.05 21.19 -25.74
N SER A 33 -31.04 21.53 -27.03
CA SER A 33 -29.84 21.33 -27.84
C SER A 33 -28.72 22.24 -27.39
N SER A 34 -29.01 23.53 -27.22
CA SER A 34 -27.96 24.49 -26.89
C SER A 34 -27.53 24.39 -25.44
N GLY A 35 -28.40 23.94 -24.54
CA GLY A 35 -28.08 23.95 -23.14
C GLY A 35 -28.19 25.31 -22.49
N ASN A 36 -28.74 26.30 -23.18
CA ASN A 36 -28.86 27.66 -22.67
C ASN A 36 -30.33 28.08 -22.76
N ARG A 37 -30.90 28.45 -21.62
CA ARG A 37 -32.31 28.87 -21.61
C ARG A 37 -32.53 30.16 -22.37
N ILE A 38 -31.49 30.98 -22.53
CA ILE A 38 -31.58 32.25 -23.24
C ILE A 38 -30.65 32.19 -24.43
N ASN A 39 -31.22 32.23 -25.64
CA ASN A 39 -30.44 32.21 -26.86
C ASN A 39 -30.74 33.37 -27.79
N SER A 40 -31.71 34.22 -27.47
CA SER A 40 -32.00 35.39 -28.28
C SER A 40 -32.61 36.46 -27.38
N ALA A 41 -32.52 37.72 -27.84
CA ALA A 41 -33.06 38.82 -27.06
C ALA A 41 -34.58 38.68 -26.89
N LYS A 42 -35.26 38.16 -27.90
CA LYS A 42 -36.71 38.02 -27.82
C LYS A 42 -37.15 37.14 -26.66
N ASP A 43 -36.28 36.26 -26.17
CA ASP A 43 -36.63 35.39 -25.06
C ASP A 43 -36.72 36.17 -23.75
N ASP A 44 -35.61 36.79 -23.34
CA ASP A 44 -35.59 37.55 -22.10
C ASP A 44 -34.49 38.60 -22.20
N ALA A 45 -34.88 39.87 -22.19
CA ALA A 45 -33.90 40.95 -22.35
C ALA A 45 -33.00 41.08 -21.13
N ALA A 46 -33.60 41.33 -19.96
CA ALA A 46 -32.80 41.57 -18.76
C ALA A 46 -31.96 40.34 -18.43
N GLY A 47 -32.54 39.15 -18.54
CA GLY A 47 -31.76 37.94 -18.29
C GLY A 47 -30.57 37.84 -19.21
N LEU A 48 -30.77 38.10 -20.50
CA LEU A 48 -29.65 38.05 -21.45
C LEU A 48 -28.58 39.06 -21.08
N GLN A 49 -28.98 40.28 -20.74
CA GLN A 49 -28.00 41.30 -20.40
C GLN A 49 -27.17 40.88 -19.19
N ILE A 50 -27.85 40.46 -18.12
CA ILE A 50 -27.13 40.08 -16.90
C ILE A 50 -26.23 38.88 -17.17
N SER A 51 -26.73 37.89 -17.92
CA SER A 51 -25.93 36.71 -18.19
C SER A 51 -24.69 37.05 -19.01
N ASN A 52 -24.83 37.91 -20.02
CA ASN A 52 -23.68 38.32 -20.80
C ASN A 52 -22.67 39.07 -19.95
N ARG A 53 -23.16 39.94 -19.07
CA ARG A 53 -22.24 40.65 -18.18
C ARG A 53 -21.49 39.68 -17.28
N LEU A 54 -22.19 38.68 -16.74
CA LEU A 54 -21.54 37.71 -15.88
C LEU A 54 -20.51 36.88 -16.65
N THR A 55 -20.82 36.51 -17.89
CA THR A 55 -19.85 35.77 -18.70
C THR A 55 -18.62 36.62 -18.98
N ALA A 56 -18.82 37.89 -19.29
CA ALA A 56 -17.69 38.78 -19.49
C ALA A 56 -16.84 38.87 -18.23
N GLN A 57 -17.50 38.96 -17.07
CA GLN A 57 -16.75 39.00 -15.82
C GLN A 57 -16.02 37.70 -15.56
N SER A 58 -16.59 36.57 -15.98
CA SER A 58 -15.88 35.29 -15.82
C SER A 58 -14.61 35.26 -16.67
N ARG A 59 -14.71 35.73 -17.92
CA ARG A 59 -13.51 35.82 -18.75
C ARG A 59 -12.49 36.76 -18.11
N GLY A 60 -12.96 37.88 -17.58
CA GLY A 60 -12.05 38.80 -16.90
C GLY A 60 -11.39 38.17 -15.70
N LEU A 61 -12.13 37.38 -14.94
CA LEU A 61 -11.55 36.69 -13.78
C LEU A 61 -10.48 35.70 -14.22
N ASP A 62 -10.74 34.97 -15.31
CA ASP A 62 -9.74 34.01 -15.78
C ASP A 62 -8.46 34.73 -16.22
N VAL A 63 -8.60 35.81 -16.98
CA VAL A 63 -7.41 36.53 -17.41
C VAL A 63 -6.71 37.16 -16.21
N ALA A 64 -7.47 37.61 -15.20
CA ALA A 64 -6.86 38.14 -13.99
C ALA A 64 -6.07 37.06 -13.25
N MET A 65 -6.60 35.84 -13.20
CA MET A 65 -5.84 34.73 -12.65
C MET A 65 -4.53 34.56 -13.39
N ARG A 66 -4.59 34.57 -14.72
CA ARG A 66 -3.36 34.40 -15.50
C ARG A 66 -2.36 35.49 -15.17
N ASN A 67 -2.81 36.74 -15.09
CA ASN A 67 -1.91 37.84 -14.81
C ASN A 67 -1.32 37.73 -13.41
N ALA A 68 -2.15 37.39 -12.42
CA ALA A 68 -1.66 37.28 -11.06
C ALA A 68 -0.62 36.17 -10.95
N ASN A 69 -0.85 35.04 -11.60
CA ASN A 69 0.12 33.96 -11.53
C ASN A 69 1.39 34.32 -12.30
N ASP A 70 1.28 35.09 -13.38
CA ASP A 70 2.49 35.58 -14.05
C ASP A 70 3.30 36.47 -13.12
N GLY A 71 2.63 37.37 -12.40
CA GLY A 71 3.33 38.16 -11.40
C GLY A 71 3.99 37.31 -10.34
N ILE A 72 3.29 36.28 -9.89
CA ILE A 72 3.87 35.36 -8.91
C ILE A 72 5.12 34.70 -9.48
N SER A 73 5.08 34.31 -10.75
CA SER A 73 6.24 33.68 -11.37
C SER A 73 7.42 34.64 -11.45
N ILE A 74 7.17 35.89 -11.82
CA ILE A 74 8.25 36.88 -11.87
C ILE A 74 8.85 37.06 -10.49
N ALA A 75 8.00 37.17 -9.47
CA ALA A 75 8.49 37.32 -8.10
C ALA A 75 9.31 36.11 -7.69
N GLN A 76 8.86 34.91 -8.06
CA GLN A 76 9.59 33.70 -7.72
C GLN A 76 10.98 33.70 -8.34
N THR A 77 11.06 34.04 -9.63
CA THR A 77 12.35 34.07 -10.30
C THR A 77 13.28 35.08 -9.65
N ALA A 78 12.78 36.28 -9.39
CA ALA A 78 13.61 37.30 -8.75
C ALA A 78 14.07 36.84 -7.38
N GLU A 79 13.18 36.21 -6.62
CA GLU A 79 13.54 35.76 -5.28
C GLU A 79 14.61 34.69 -5.31
N GLY A 80 14.53 33.76 -6.26
CA GLY A 80 15.57 32.74 -6.36
C GLY A 80 16.93 33.34 -6.73
N ALA A 81 16.93 34.20 -7.76
CA ALA A 81 18.18 34.87 -8.12
C ALA A 81 18.74 35.64 -6.92
N MET A 82 17.87 36.24 -6.13
CA MET A 82 18.32 37.06 -5.01
C MET A 82 18.83 36.18 -3.87
N ASN A 83 18.26 34.99 -3.71
CA ASN A 83 18.81 34.05 -2.75
C ASN A 83 20.24 33.67 -3.12
N GLU A 84 20.48 33.41 -4.41
CA GLU A 84 21.86 33.13 -4.81
C GLU A 84 22.76 34.34 -4.60
N SER A 85 22.26 35.54 -4.89
CA SER A 85 23.05 36.75 -4.65
C SER A 85 23.39 36.90 -3.18
N THR A 86 22.43 36.60 -2.30
CA THR A 86 22.70 36.65 -0.87
C THR A 86 23.77 35.66 -0.46
N SER A 87 23.73 34.45 -1.05
CA SER A 87 24.79 33.49 -0.78
C SER A 87 26.15 34.04 -1.20
N ILE A 88 26.20 34.68 -2.37
CA ILE A 88 27.45 35.27 -2.84
C ILE A 88 27.94 36.32 -1.86
N LEU A 89 27.03 37.19 -1.41
CA LEU A 89 27.42 38.24 -0.47
C LEU A 89 27.92 37.66 0.84
N GLN A 90 27.28 36.60 1.33
CA GLN A 90 27.75 35.96 2.55
C GLN A 90 29.15 35.41 2.37
N ARG A 91 29.42 34.78 1.22
CA ARG A 91 30.77 34.29 0.97
C ARG A 91 31.77 35.44 0.95
N MET A 92 31.41 36.55 0.32
CA MET A 92 32.31 37.70 0.28
C MET A 92 32.56 38.25 1.69
N ARG A 93 31.52 38.29 2.52
CA ARG A 93 31.71 38.73 3.90
C ARG A 93 32.67 37.82 4.65
N ASP A 94 32.51 36.51 4.48
CA ASP A 94 33.43 35.58 5.12
C ASP A 94 34.86 35.82 4.64
N LEU A 95 35.03 36.05 3.35
CA LEU A 95 36.37 36.29 2.82
C LEU A 95 36.97 37.56 3.42
N ALA A 96 36.18 38.62 3.51
CA ALA A 96 36.69 39.85 4.10
C ALA A 96 37.10 39.64 5.56
N LEU A 97 36.25 38.95 6.32
CA LEU A 97 36.58 38.68 7.72
C LEU A 97 37.87 37.87 7.83
N GLN A 98 38.04 36.88 6.96
CA GLN A 98 39.27 36.10 6.97
C GLN A 98 40.48 36.98 6.64
N SER A 99 40.32 37.89 5.68
CA SER A 99 41.42 38.76 5.31
C SER A 99 41.79 39.73 6.43
N ALA A 100 40.82 40.09 7.26
CA ALA A 100 41.11 41.04 8.35
C ALA A 100 42.13 40.51 9.34
N ASN A 101 42.22 39.19 9.50
CA ASN A 101 43.14 38.61 10.49
C ASN A 101 44.54 39.17 10.32
N GLY A 102 45.27 39.23 11.44
CA GLY A 102 46.58 39.85 11.41
C GLY A 102 47.60 39.09 10.59
N THR A 103 47.64 37.76 10.75
CA THR A 103 48.66 36.93 10.10
C THR A 103 48.20 36.60 8.68
N ASN A 104 48.43 37.54 7.77
CA ASN A 104 48.12 37.31 6.37
C ASN A 104 49.20 37.80 5.40
N SER A 105 50.20 38.54 5.86
CA SER A 105 51.29 39.01 5.00
C SER A 105 50.65 39.80 3.85
N ALA A 106 50.98 39.51 2.61
CA ALA A 106 50.38 40.19 1.47
C ALA A 106 49.83 39.23 0.42
N SER A 107 50.48 38.09 0.20
CA SER A 107 50.05 37.19 -0.86
C SER A 107 48.65 36.66 -0.60
N GLU A 108 48.40 36.18 0.61
CA GLU A 108 47.07 35.69 0.95
C GLU A 108 46.02 36.77 0.73
N ARG A 109 46.34 38.01 1.09
CA ARG A 109 45.40 39.10 0.88
C ARG A 109 45.10 39.29 -0.61
N GLN A 110 46.13 39.16 -1.46
CA GLN A 110 45.91 39.27 -2.90
C GLN A 110 45.01 38.14 -3.40
N ALA A 111 45.21 36.93 -2.88
CA ALA A 111 44.36 35.82 -3.29
C ALA A 111 42.90 36.06 -2.89
N LEU A 112 42.68 36.53 -1.66
CA LEU A 112 41.33 36.83 -1.22
C LEU A 112 40.73 37.95 -2.06
N ASN A 113 41.53 38.96 -2.41
CA ASN A 113 41.03 40.06 -3.24
C ASN A 113 40.65 39.56 -4.63
N GLU A 114 41.45 38.65 -5.19
CA GLU A 114 41.11 38.08 -6.49
C GLU A 114 39.80 37.32 -6.44
N GLU A 115 39.62 36.50 -5.40
CA GLU A 115 38.36 35.78 -5.26
C GLU A 115 37.20 36.76 -5.08
N SER A 116 37.41 37.83 -4.31
CA SER A 116 36.35 38.80 -4.09
C SER A 116 35.98 39.52 -5.39
N VAL A 117 36.97 39.88 -6.21
CA VAL A 117 36.66 40.55 -7.47
C VAL A 117 35.95 39.59 -8.41
N ALA A 118 36.32 38.31 -8.40
CA ALA A 118 35.59 37.34 -9.19
C ALA A 118 34.13 37.27 -8.74
N LEU A 119 33.90 37.24 -7.43
CA LEU A 119 32.53 37.21 -6.93
C LEU A 119 31.78 38.49 -7.26
N GLN A 120 32.46 39.63 -7.26
CA GLN A 120 31.82 40.89 -7.65
C GLN A 120 31.37 40.83 -9.10
N ASP A 121 32.23 40.35 -9.98
CA ASP A 121 31.84 40.19 -11.38
C ASP A 121 30.71 39.18 -11.50
N GLU A 122 30.68 38.17 -10.64
CA GLU A 122 29.55 37.23 -10.63
C GLU A 122 28.26 37.94 -10.25
N LEU A 123 28.32 38.83 -9.25
CA LEU A 123 27.14 39.59 -8.88
C LEU A 123 26.66 40.45 -10.04
N ASN A 124 27.60 41.09 -10.74
CA ASN A 124 27.21 41.89 -11.91
C ASN A 124 26.56 41.01 -12.97
N ARG A 125 27.12 39.83 -13.22
CA ARG A 125 26.55 38.91 -14.20
C ARG A 125 25.13 38.51 -13.79
N ILE A 126 24.92 38.20 -12.52
CA ILE A 126 23.60 37.82 -12.05
C ILE A 126 22.63 38.98 -12.25
N ALA A 127 23.04 40.18 -11.89
CA ALA A 127 22.17 41.34 -12.04
C ALA A 127 21.83 41.58 -13.50
N GLU A 128 22.75 41.31 -14.42
CA GLU A 128 22.56 41.58 -15.83
C GLU A 128 22.03 40.40 -16.62
N THR A 129 21.81 39.25 -15.98
CA THR A 129 21.45 38.04 -16.71
C THR A 129 20.06 37.53 -16.36
N THR A 130 19.72 37.43 -15.08
CA THR A 130 18.44 36.85 -14.69
C THR A 130 17.31 37.53 -15.43
N SER A 131 16.61 36.76 -16.25
CA SER A 131 15.56 37.29 -17.11
C SER A 131 14.41 36.30 -17.17
N PHE A 132 13.18 36.84 -17.14
CA PHE A 132 11.98 36.04 -17.29
C PHE A 132 11.61 36.00 -18.77
N GLY A 133 12.31 35.15 -19.51
CA GLY A 133 12.04 35.00 -20.93
C GLY A 133 12.26 36.27 -21.71
N GLY A 134 13.38 36.94 -21.49
CA GLY A 134 13.74 38.13 -22.22
C GLY A 134 13.51 39.44 -21.47
N ARG A 135 12.84 39.39 -20.33
CA ARG A 135 12.56 40.60 -19.53
C ARG A 135 13.55 40.64 -18.38
N LYS A 136 14.55 41.52 -18.50
CA LYS A 136 15.55 41.66 -17.44
C LYS A 136 14.85 42.08 -16.15
N LEU A 137 15.21 41.43 -15.05
CA LEU A 137 14.55 41.64 -13.76
C LEU A 137 15.38 42.48 -12.81
N LEU A 138 16.62 42.10 -12.55
CA LEU A 138 17.43 42.68 -11.49
C LEU A 138 18.47 43.67 -12.00
N ASN A 139 18.36 44.12 -13.24
CA ASN A 139 19.30 45.09 -13.78
C ASN A 139 18.80 46.52 -13.67
N GLY A 140 17.68 46.75 -13.01
CA GLY A 140 17.18 48.09 -12.77
C GLY A 140 16.28 48.64 -13.85
N SER A 141 16.15 47.95 -14.98
CA SER A 141 15.29 48.42 -16.06
C SER A 141 13.83 48.07 -15.83
N PHE A 142 13.54 47.13 -14.93
CA PHE A 142 12.16 46.72 -14.72
C PHE A 142 11.30 47.86 -14.19
N GLY A 143 11.81 48.58 -13.20
CA GLY A 143 11.05 49.68 -12.65
C GLY A 143 9.77 49.20 -12.01
N GLU A 144 8.78 50.09 -11.97
CA GLU A 144 7.47 49.78 -11.40
C GLU A 144 6.55 49.31 -12.52
N ALA A 145 6.16 48.04 -12.47
CA ALA A 145 5.32 47.43 -13.49
C ALA A 145 3.99 47.02 -12.89
N SER A 146 2.92 47.23 -13.64
CA SER A 146 1.58 46.92 -13.17
C SER A 146 1.27 45.44 -13.38
N PHE A 147 0.16 44.99 -12.77
CA PHE A 147 -0.28 43.60 -12.91
C PHE A 147 -1.80 43.60 -12.70
N GLN A 148 -2.54 43.57 -13.80
CA GLN A 148 -4.00 43.55 -13.72
C GLN A 148 -4.45 42.24 -13.07
N ILE A 149 -5.05 42.35 -11.89
CA ILE A 149 -5.51 41.17 -11.15
C ILE A 149 -6.98 41.35 -10.78
N GLY A 150 -7.73 42.08 -11.59
CA GLY A 150 -9.14 42.31 -11.32
C GLY A 150 -9.94 42.25 -12.60
N SER A 151 -11.24 41.98 -12.45
CA SER A 151 -12.12 41.84 -13.60
C SER A 151 -12.23 43.15 -14.37
N SER A 152 -12.55 44.23 -13.67
CA SER A 152 -12.80 45.51 -14.30
C SER A 152 -11.48 46.29 -14.45
N SER A 153 -11.58 47.54 -14.88
CA SER A 153 -10.42 48.40 -15.04
C SER A 153 -10.19 49.20 -13.76
N GLY A 154 -8.97 49.16 -13.25
CA GLY A 154 -8.62 49.89 -12.05
C GLY A 154 -8.11 48.98 -10.94
N GLU A 155 -7.74 47.76 -11.30
CA GLU A 155 -7.18 46.80 -10.36
C GLU A 155 -5.77 46.46 -10.82
N ALA A 156 -4.79 46.69 -9.96
CA ALA A 156 -3.41 46.43 -10.32
C ALA A 156 -2.58 46.30 -9.05
N ILE A 157 -1.41 45.68 -9.20
CA ILE A 157 -0.42 45.56 -8.14
C ILE A 157 0.92 45.94 -8.73
N ILE A 158 1.43 47.11 -8.36
CA ILE A 158 2.69 47.58 -8.91
C ILE A 158 3.85 46.88 -8.21
N MET A 159 4.71 46.25 -9.00
CA MET A 159 5.90 45.58 -8.50
C MET A 159 7.14 46.33 -8.95
N GLY A 160 8.08 46.52 -8.02
CA GLY A 160 9.33 47.17 -8.33
C GLY A 160 10.51 46.27 -8.07
N LEU A 161 11.44 46.21 -9.02
CA LEU A 161 12.62 45.36 -8.92
C LEU A 161 13.85 46.26 -9.01
N THR A 162 14.26 46.81 -7.88
CA THR A 162 15.46 47.62 -7.82
C THR A 162 16.68 46.76 -8.16
N SER A 163 17.63 47.37 -8.86
CA SER A 163 18.76 46.62 -9.40
C SER A 163 19.61 46.04 -8.27
N VAL A 164 20.24 44.90 -8.55
CA VAL A 164 21.11 44.22 -7.60
C VAL A 164 22.58 44.38 -7.97
N ARG A 165 22.88 45.19 -8.99
CA ARG A 165 24.27 45.39 -9.38
C ARG A 165 25.11 45.80 -8.18
N ALA A 166 26.40 45.49 -8.24
CA ALA A 166 27.30 45.88 -7.18
C ALA A 166 27.55 47.39 -7.14
N ASP A 167 27.14 48.12 -8.16
CA ASP A 167 27.33 49.57 -8.22
C ASP A 167 26.12 50.34 -7.72
N ASP A 168 25.04 49.67 -7.35
CA ASP A 168 23.84 50.37 -6.89
C ASP A 168 24.17 51.22 -5.68
N PHE A 169 23.64 52.45 -5.67
CA PHE A 169 23.93 53.36 -4.57
C PHE A 169 23.39 52.82 -3.25
N ARG A 170 22.35 52.00 -3.28
CA ARG A 170 21.79 51.41 -2.07
C ARG A 170 22.60 50.22 -1.58
N MET A 171 23.48 49.67 -2.41
CA MET A 171 24.30 48.52 -2.04
C MET A 171 25.61 48.96 -1.42
N GLY A 172 25.52 49.78 -0.38
CA GLY A 172 26.71 50.33 0.27
C GLY A 172 26.37 51.49 1.17
N GLY A 173 27.19 52.54 1.15
CA GLY A 173 26.91 53.70 1.97
C GLY A 173 28.14 54.61 2.06
N GLN A 174 28.12 55.49 3.05
CA GLN A 174 29.18 56.46 3.22
C GLN A 174 30.23 55.94 4.19
N SER A 175 31.47 56.36 3.97
CA SER A 175 32.59 55.97 4.82
C SER A 175 33.45 57.19 5.12
N PHE A 176 33.94 57.26 6.36
CA PHE A 176 34.79 58.35 6.82
C PHE A 176 35.99 57.76 7.54
N ILE A 177 37.13 58.45 7.41
CA ILE A 177 38.40 57.97 7.94
C ILE A 177 39.04 59.07 8.77
N ALA A 178 39.59 58.69 9.92
CA ALA A 178 40.24 59.64 10.79
C ALA A 178 41.60 60.04 10.24
N GLU A 179 41.99 61.29 10.49
CA GLU A 179 43.22 61.84 9.94
C GLU A 179 44.42 61.66 10.85
N GLN A 180 44.24 61.15 12.06
CA GLN A 180 45.33 61.02 13.02
C GLN A 180 45.55 59.55 13.36
N PRO A 181 46.49 58.86 12.73
CA PRO A 181 46.76 57.48 13.11
C PRO A 181 47.20 57.40 14.56
N LYS A 182 46.73 56.38 15.26
CA LYS A 182 47.00 56.21 16.68
C LYS A 182 47.81 54.93 16.88
N THR A 183 48.95 55.06 17.55
CA THR A 183 49.85 53.94 17.75
C THR A 183 49.28 52.98 18.80
N LYS A 184 49.95 51.85 18.97
CA LYS A 184 49.44 50.79 19.85
C LYS A 184 49.40 51.23 21.31
N GLU A 185 50.32 52.09 21.73
CA GLU A 185 50.37 52.53 23.12
C GLU A 185 49.39 53.66 23.43
N TRP A 186 48.73 54.22 22.42
CA TRP A 186 47.85 55.36 22.65
C TRP A 186 46.62 54.94 23.44
N GLY A 187 46.14 55.87 24.28
CA GLY A 187 44.94 55.66 25.04
C GLY A 187 44.01 56.86 24.94
N VAL A 188 42.76 56.65 25.33
CA VAL A 188 41.75 57.70 25.27
C VAL A 188 42.02 58.68 26.41
N PRO A 189 42.31 59.95 26.13
CA PRO A 189 42.58 60.90 27.23
C PRO A 189 41.37 61.02 28.15
N PRO A 190 41.59 61.13 29.46
CA PRO A 190 40.44 61.29 30.36
C PRO A 190 39.66 62.57 30.12
N THR A 191 40.32 63.65 29.71
CA THR A 191 39.62 64.92 29.52
C THR A 191 38.71 64.87 28.31
N ALA A 192 39.20 64.35 27.19
CA ALA A 192 38.44 64.28 25.94
C ALA A 192 37.87 62.87 25.81
N ARG A 193 36.59 62.73 26.12
CA ARG A 193 35.90 61.45 26.01
C ARG A 193 34.59 61.52 25.23
N ASP A 194 33.96 62.68 25.12
CA ASP A 194 32.66 62.78 24.48
C ASP A 194 32.79 62.63 22.96
N LEU A 195 31.70 62.18 22.34
CA LEU A 195 31.65 61.99 20.89
C LEU A 195 30.19 62.07 20.49
N LYS A 196 29.80 63.19 19.90
CA LYS A 196 28.41 63.45 19.54
C LYS A 196 28.24 63.34 18.03
N PHE A 197 27.44 62.37 17.60
CA PHE A 197 27.07 62.23 16.21
C PHE A 197 25.71 62.88 15.99
N GLU A 198 25.53 63.50 14.82
CA GLU A 198 24.27 64.14 14.48
C GLU A 198 24.05 63.95 12.98
N PHE A 199 22.92 63.35 12.61
CA PHE A 199 22.63 63.16 11.20
C PHE A 199 21.14 62.91 11.02
N THR A 200 20.76 62.63 9.77
CA THR A 200 19.36 62.43 9.39
C THR A 200 19.25 61.11 8.63
N LYS A 201 18.53 60.17 9.22
CA LYS A 201 18.28 58.90 8.53
C LYS A 201 17.57 59.16 7.21
N LYS A 202 17.53 58.11 6.38
CA LYS A 202 16.97 58.27 5.04
C LYS A 202 15.49 58.64 5.10
N ASP A 203 14.73 58.01 6.00
CA ASP A 203 13.30 58.25 6.07
C ASP A 203 12.95 59.65 6.55
N GLY A 204 13.93 60.41 7.05
CA GLY A 204 13.71 61.78 7.49
C GLY A 204 13.88 61.99 8.97
N GLU A 205 13.77 60.94 9.78
CA GLU A 205 14.00 61.08 11.21
C GLU A 205 15.43 61.54 11.48
N ALA A 206 15.56 62.51 12.36
CA ALA A 206 16.87 63.03 12.75
C ALA A 206 17.34 62.33 14.02
N VAL A 207 18.62 61.96 14.04
CA VAL A 207 19.20 61.20 15.13
C VAL A 207 20.43 61.92 15.66
N VAL A 208 20.57 61.90 16.97
CA VAL A 208 21.75 62.43 17.67
C VAL A 208 22.20 61.36 18.66
N LEU A 209 23.46 60.97 18.56
CA LEU A 209 24.06 59.98 19.45
C LEU A 209 25.11 60.66 20.32
N ASP A 210 25.21 60.21 21.57
CA ASP A 210 25.98 60.91 22.59
C ASP A 210 27.04 60.00 23.21
N ILE A 211 27.82 59.32 22.37
CA ILE A 211 28.77 58.35 22.88
C ILE A 211 29.73 59.02 23.85
N ILE A 212 30.13 58.29 24.89
CA ILE A 212 31.13 58.75 25.85
C ILE A 212 32.12 57.61 26.01
N ALA A 213 33.22 57.67 25.25
CA ALA A 213 34.19 56.59 25.25
C ALA A 213 34.81 56.43 26.64
N LYS A 214 35.02 55.18 27.04
CA LYS A 214 35.60 54.90 28.33
C LYS A 214 37.05 55.33 28.37
N ASP A 215 37.47 55.83 29.53
CA ASP A 215 38.84 56.32 29.69
C ASP A 215 39.82 55.15 29.67
N GLY A 216 40.91 55.31 28.94
CA GLY A 216 41.97 54.32 28.93
C GLY A 216 41.70 53.15 28.02
N ASP A 217 41.53 53.42 26.72
CA ASP A 217 41.29 52.38 25.73
C ASP A 217 42.19 52.61 24.53
N ASP A 218 42.71 51.52 23.97
CA ASP A 218 43.38 51.61 22.68
C ASP A 218 42.33 51.75 21.58
N ILE A 219 42.80 52.13 20.39
CA ILE A 219 41.87 52.51 19.33
C ILE A 219 40.94 51.36 18.96
N GLU A 220 41.46 50.13 18.98
CA GLU A 220 40.60 48.98 18.67
C GLU A 220 39.47 48.84 19.69
N GLU A 221 39.78 49.04 20.97
CA GLU A 221 38.74 49.00 21.99
C GLU A 221 37.71 50.08 21.74
N LEU A 222 38.15 51.28 21.35
CA LEU A 222 37.21 52.35 21.05
C LEU A 222 36.31 51.99 19.89
N ALA A 223 36.86 51.38 18.85
CA ALA A 223 36.04 50.96 17.71
C ALA A 223 35.01 49.92 18.15
N THR A 224 35.44 48.95 18.96
CA THR A 224 34.49 47.93 19.44
C THR A 224 33.39 48.57 20.28
N TYR A 225 33.76 49.53 21.13
CA TYR A 225 32.77 50.21 21.97
C TYR A 225 31.76 50.98 21.11
N ILE A 226 32.25 51.70 20.11
CA ILE A 226 31.34 52.44 19.24
C ILE A 226 30.40 51.48 18.51
N ASN A 227 30.93 50.36 18.03
CA ASN A 227 30.07 49.35 17.42
C ASN A 227 29.01 48.87 18.40
N GLY A 228 29.41 48.61 19.64
CA GLY A 228 28.48 48.06 20.61
C GLY A 228 27.38 49.03 21.01
N GLN A 229 27.69 50.33 21.07
CA GLN A 229 26.78 51.30 21.63
C GLN A 229 25.78 51.85 20.61
N THR A 230 25.75 51.31 19.39
CA THR A 230 24.80 51.77 18.40
C THR A 230 24.70 50.75 17.27
N ASP A 231 23.74 50.97 16.38
CA ASP A 231 23.53 50.12 15.23
C ASP A 231 23.58 50.86 13.90
N LEU A 232 23.76 52.18 13.92
CA LEU A 232 23.81 52.96 12.69
C LEU A 232 25.23 53.21 12.20
N PHE A 233 26.25 52.75 12.93
CA PHE A 233 27.63 52.84 12.50
C PHE A 233 28.27 51.47 12.55
N LYS A 234 29.25 51.25 11.69
CA LYS A 234 30.18 50.12 11.79
C LYS A 234 31.57 50.72 11.88
N ALA A 235 31.96 51.10 13.09
CA ALA A 235 33.31 51.60 13.31
C ALA A 235 34.32 50.49 13.15
N SER A 236 35.56 50.86 12.89
CA SER A 236 36.63 49.90 12.64
C SER A 236 37.97 50.63 12.71
N VAL A 237 39.04 49.91 12.40
CA VAL A 237 40.40 50.45 12.45
C VAL A 237 41.19 49.87 11.28
N ASP A 238 41.95 50.71 10.61
CA ASP A 238 42.75 50.28 9.47
C ASP A 238 44.16 49.90 9.95
N GLN A 239 45.07 49.68 9.00
CA GLN A 239 46.40 49.22 9.35
C GLN A 239 47.15 50.23 10.21
N GLU A 240 47.04 51.51 9.87
CA GLU A 240 47.81 52.55 10.56
C GLU A 240 47.19 52.95 11.89
N GLY A 241 45.95 52.55 12.16
CA GLY A 241 45.28 52.93 13.38
C GLY A 241 44.36 54.12 13.28
N LYS A 242 43.85 54.42 12.09
CA LYS A 242 42.91 55.52 11.89
C LYS A 242 41.49 54.98 11.99
N LEU A 243 40.69 55.59 12.86
CA LEU A 243 39.33 55.10 13.08
C LEU A 243 38.49 55.33 11.83
N GLN A 244 37.89 54.27 11.32
CA GLN A 244 36.96 54.33 10.20
C GLN A 244 35.54 54.21 10.74
N ILE A 245 34.63 54.98 10.15
CA ILE A 245 33.21 54.91 10.48
C ILE A 245 32.43 54.76 9.17
N PHE A 246 31.59 53.74 9.10
CA PHE A 246 30.77 53.47 7.93
C PHE A 246 29.31 53.59 8.31
N VAL A 247 28.55 54.34 7.50
CA VAL A 247 27.12 54.52 7.70
C VAL A 247 26.41 53.98 6.46
N ALA A 248 25.54 53.00 6.67
CA ALA A 248 24.83 52.41 5.56
C ALA A 248 24.00 53.46 4.83
N GLU A 249 23.73 53.21 3.55
CA GLU A 249 23.03 54.19 2.73
C GLU A 249 21.65 54.52 3.30
N PRO A 250 20.82 53.55 3.69
CA PRO A 250 19.48 53.90 4.19
C PRO A 250 19.50 54.49 5.60
N ASN A 251 20.69 54.79 6.13
CA ASN A 251 20.82 55.32 7.47
C ASN A 251 21.28 56.77 7.52
N ILE A 252 21.62 57.38 6.38
CA ILE A 252 21.99 58.79 6.34
C ILE A 252 21.44 59.40 5.05
N GLU A 253 21.36 60.73 5.05
CA GLU A 253 20.96 61.47 3.86
C GLU A 253 21.49 62.89 4.01
N GLY A 254 22.44 63.26 3.18
CA GLY A 254 23.04 64.58 3.24
C GLY A 254 24.37 64.59 3.98
N ASN A 255 24.55 65.56 4.85
CA ASN A 255 25.80 65.72 5.59
C ASN A 255 25.68 65.05 6.96
N PHE A 256 26.64 64.21 7.29
CA PHE A 256 26.69 63.51 8.57
C PHE A 256 27.91 64.05 9.30
N ASN A 257 27.69 64.78 10.38
CA ASN A 257 28.72 65.56 11.05
C ASN A 257 29.05 64.96 12.40
N ILE A 258 30.33 64.99 12.75
CA ILE A 258 30.84 64.42 13.99
C ILE A 258 31.49 65.54 14.80
N SER A 259 31.14 65.63 16.08
CA SER A 259 31.64 66.67 16.96
C SER A 259 32.09 66.02 18.27
N GLY A 260 32.51 66.85 19.20
CA GLY A 260 32.99 66.40 20.49
C GLY A 260 34.50 66.45 20.60
N GLY A 261 34.98 66.45 21.84
CA GLY A 261 36.41 66.55 22.07
C GLY A 261 37.18 65.40 21.45
N LEU A 262 36.68 64.18 21.61
CA LEU A 262 37.37 63.03 21.04
C LEU A 262 37.41 63.10 19.52
N ALA A 263 36.40 63.72 18.90
CA ALA A 263 36.41 63.88 17.46
C ALA A 263 37.60 64.75 17.03
N THR A 264 37.85 65.84 17.76
CA THR A 264 39.01 66.67 17.46
C THR A 264 40.30 65.94 17.77
N GLU A 265 40.30 65.13 18.83
CA GLU A 265 41.50 64.38 19.19
C GLU A 265 41.87 63.40 18.08
N LEU A 266 40.89 62.71 17.51
CA LEU A 266 41.15 61.73 16.46
C LEU A 266 41.34 62.37 15.10
N GLY A 267 41.04 63.66 14.94
CA GLY A 267 41.10 64.28 13.64
C GLY A 267 39.96 63.91 12.72
N LEU A 268 38.94 63.24 13.23
CA LEU A 268 37.80 62.86 12.41
C LEU A 268 37.09 64.11 11.90
N ASN A 269 36.68 64.07 10.63
CA ASN A 269 36.07 65.22 9.96
C ASN A 269 34.76 64.78 9.33
N GLY A 270 33.68 64.85 10.10
CA GLY A 270 32.37 64.53 9.59
C GLY A 270 31.99 65.41 8.41
N GLY A 271 31.60 64.79 7.30
CA GLY A 271 31.22 65.52 6.11
C GLY A 271 30.38 64.68 5.18
N PRO A 272 30.39 65.03 3.89
CA PRO A 272 29.67 64.19 2.91
C PRO A 272 30.13 62.73 2.93
N GLY A 273 31.41 62.50 3.13
CA GLY A 273 31.94 61.16 3.19
C GLY A 273 32.23 60.58 1.82
N VAL A 274 32.99 59.49 1.81
CA VAL A 274 33.32 58.78 0.59
C VAL A 274 32.22 57.76 0.34
N LYS A 275 31.58 57.86 -0.83
CA LYS A 275 30.50 56.95 -1.19
C LYS A 275 31.11 55.65 -1.70
N THR A 276 30.97 54.58 -0.92
CA THR A 276 31.55 53.28 -1.25
C THR A 276 30.42 52.27 -1.39
N THR A 277 30.43 51.53 -2.49
CA THR A 277 29.47 50.46 -2.75
C THR A 277 30.20 49.13 -2.82
N VAL A 278 29.46 48.08 -3.13
CA VAL A 278 30.04 46.74 -3.18
C VAL A 278 31.13 46.68 -4.24
N GLN A 279 30.93 47.37 -5.37
CA GLN A 279 31.91 47.31 -6.45
C GLN A 279 33.27 47.83 -6.01
N ASP A 280 33.30 48.69 -4.99
CA ASP A 280 34.53 49.34 -4.57
C ASP A 280 35.24 48.60 -3.44
N ILE A 281 34.73 47.45 -3.00
CA ILE A 281 35.42 46.70 -1.96
C ILE A 281 36.80 46.32 -2.44
N ASP A 282 37.80 46.60 -1.61
CA ASP A 282 39.17 46.13 -1.83
C ASP A 282 39.72 45.70 -0.50
N ILE A 283 40.09 44.42 -0.39
CA ILE A 283 40.52 43.84 0.88
C ILE A 283 42.03 43.62 0.89
N THR A 284 42.78 44.30 0.03
CA THR A 284 44.23 44.17 0.02
C THR A 284 44.88 44.81 1.23
N SER A 285 44.14 45.58 2.02
CA SER A 285 44.65 46.22 3.22
C SER A 285 43.66 46.02 4.35
N VAL A 286 44.17 46.09 5.58
CA VAL A 286 43.33 45.81 6.75
C VAL A 286 42.13 46.75 6.77
N GLY A 287 42.37 48.05 6.61
CA GLY A 287 41.27 48.99 6.60
C GLY A 287 40.27 48.70 5.50
N GLY A 288 40.76 48.30 4.33
CA GLY A 288 39.87 47.93 3.25
C GLY A 288 38.93 46.80 3.65
N SER A 289 39.48 45.78 4.31
CA SER A 289 38.65 44.64 4.72
C SER A 289 37.66 45.04 5.80
N GLN A 290 38.09 45.86 6.76
CA GLN A 290 37.19 46.30 7.82
C GLN A 290 36.05 47.13 7.25
N ASN A 291 36.34 47.97 6.26
CA ASN A 291 35.27 48.68 5.57
C ASN A 291 34.39 47.71 4.79
N ALA A 292 35.00 46.68 4.19
CA ALA A 292 34.28 45.75 3.34
C ALA A 292 33.24 44.98 4.14
N VAL A 293 33.58 44.57 5.37
CA VAL A 293 32.61 43.79 6.13
C VAL A 293 31.35 44.61 6.39
N GLY A 294 31.50 45.88 6.79
CA GLY A 294 30.33 46.71 6.99
C GLY A 294 29.57 47.00 5.71
N ILE A 295 30.31 47.24 4.62
CA ILE A 295 29.65 47.49 3.33
C ILE A 295 28.80 46.29 2.95
N ILE A 296 29.35 45.09 3.10
CA ILE A 296 28.62 43.89 2.74
C ILE A 296 27.46 43.66 3.69
N ASP A 297 27.61 44.03 4.96
CA ASP A 297 26.47 43.93 5.88
C ASP A 297 25.32 44.80 5.40
N ALA A 298 25.62 46.04 5.00
CA ALA A 298 24.58 46.92 4.50
C ALA A 298 23.95 46.35 3.23
N ALA A 299 24.78 45.83 2.32
CA ALA A 299 24.26 45.26 1.09
C ALA A 299 23.35 44.07 1.38
N LEU A 300 23.77 43.20 2.30
CA LEU A 300 22.94 42.06 2.67
C LEU A 300 21.61 42.52 3.26
N LYS A 301 21.64 43.53 4.11
CA LYS A 301 20.41 44.04 4.69
C LYS A 301 19.47 44.52 3.59
N TYR A 302 20.00 45.28 2.63
CA TYR A 302 19.17 45.81 1.55
C TYR A 302 18.58 44.68 0.72
N VAL A 303 19.41 43.70 0.34
CA VAL A 303 18.93 42.60 -0.50
C VAL A 303 17.87 41.80 0.24
N ASP A 304 18.09 41.52 1.52
CA ASP A 304 17.12 40.76 2.29
C ASP A 304 15.81 41.52 2.44
N SER A 305 15.89 42.85 2.65
CA SER A 305 14.67 43.64 2.76
C SER A 305 13.87 43.57 1.46
N GLN A 306 14.55 43.69 0.32
CA GLN A 306 13.79 43.64 -0.93
C GLN A 306 13.27 42.23 -1.21
N ARG A 307 14.00 41.19 -0.80
CA ARG A 307 13.46 39.84 -0.88
C ARG A 307 12.20 39.71 -0.05
N ALA A 308 12.20 40.30 1.15
CA ALA A 308 11.00 40.26 1.99
C ALA A 308 9.84 40.98 1.32
N ASP A 309 10.12 42.12 0.68
CA ASP A 309 9.06 42.82 -0.04
C ASP A 309 8.50 41.96 -1.16
N LEU A 310 9.37 41.29 -1.91
CA LEU A 310 8.89 40.42 -2.98
C LEU A 310 8.06 39.27 -2.43
N GLY A 311 8.48 38.69 -1.30
CA GLY A 311 7.69 37.65 -0.67
C GLY A 311 6.32 38.14 -0.22
N ALA A 312 6.27 39.36 0.30
CA ALA A 312 5.00 39.95 0.67
C ALA A 312 4.09 40.08 -0.55
N LYS A 313 4.66 40.55 -1.66
CA LYS A 313 3.88 40.65 -2.90
C LYS A 313 3.39 39.27 -3.33
N GLN A 314 4.23 38.25 -3.20
CA GLN A 314 3.82 36.90 -3.59
C GLN A 314 2.66 36.42 -2.73
N ASN A 315 2.72 36.63 -1.42
CA ASN A 315 1.63 36.22 -0.54
C ASN A 315 0.35 36.97 -0.88
N ARG A 316 0.46 38.28 -1.12
CA ARG A 316 -0.70 39.07 -1.48
C ARG A 316 -1.31 38.55 -2.78
N LEU A 317 -0.48 38.20 -3.76
CA LEU A 317 -1.00 37.68 -5.02
C LEU A 317 -1.66 36.33 -4.83
N SER A 318 -1.12 35.49 -3.95
CA SER A 318 -1.75 34.20 -3.67
C SER A 318 -3.14 34.41 -3.07
N HIS A 319 -3.25 35.32 -2.10
CA HIS A 319 -4.56 35.62 -1.53
C HIS A 319 -5.51 36.14 -2.60
N SER A 320 -5.01 36.99 -3.49
CA SER A 320 -5.84 37.55 -4.54
C SER A 320 -6.35 36.47 -5.48
N ILE A 321 -5.49 35.51 -5.86
CA ILE A 321 -5.94 34.47 -6.77
C ILE A 321 -6.98 33.59 -6.09
N SER A 322 -6.78 33.27 -4.81
CA SER A 322 -7.78 32.48 -4.10
C SER A 322 -9.13 33.19 -4.08
N ASN A 323 -9.12 34.49 -3.76
CA ASN A 323 -10.37 35.24 -3.74
C ASN A 323 -11.00 35.27 -5.13
N LEU A 324 -10.18 35.46 -6.17
CA LEU A 324 -10.71 35.50 -7.52
C LEU A 324 -11.35 34.17 -7.89
N SER A 325 -10.76 33.05 -7.46
CA SER A 325 -11.35 31.75 -7.71
C SER A 325 -12.70 31.62 -7.03
N ASN A 326 -12.80 32.07 -5.78
CA ASN A 326 -14.09 32.00 -5.09
C ASN A 326 -15.12 32.86 -5.83
N ILE A 327 -14.73 34.06 -6.25
CA ILE A 327 -15.67 34.93 -6.95
C ILE A 327 -16.10 34.30 -8.27
N GLN A 328 -15.16 33.68 -8.98
CA GLN A 328 -15.52 33.04 -10.25
C GLN A 328 -16.49 31.89 -10.02
N GLU A 329 -16.26 31.09 -8.97
CA GLU A 329 -17.19 30.01 -8.66
C GLU A 329 -18.59 30.56 -8.42
N ASN A 330 -18.69 31.61 -7.60
CA ASN A 330 -20.01 32.16 -7.30
C ASN A 330 -20.66 32.76 -8.54
N VAL A 331 -19.88 33.46 -9.37
CA VAL A 331 -20.44 34.06 -10.57
C VAL A 331 -20.90 32.99 -11.55
N GLU A 332 -20.13 31.90 -11.68
CA GLU A 332 -20.54 30.80 -12.53
C GLU A 332 -21.83 30.17 -12.02
N ALA A 333 -21.96 30.00 -10.71
CA ALA A 333 -23.21 29.47 -10.17
C ALA A 333 -24.38 30.39 -10.49
N SER A 334 -24.20 31.70 -10.32
CA SER A 334 -25.27 32.64 -10.63
C SER A 334 -25.63 32.59 -12.10
N LYS A 335 -24.63 32.57 -12.98
CA LYS A 335 -24.89 32.50 -14.40
C LYS A 335 -25.63 31.22 -14.76
N SER A 336 -25.25 30.10 -14.13
CA SER A 336 -25.98 28.86 -14.36
C SER A 336 -27.43 29.00 -13.93
N ARG A 337 -27.67 29.65 -12.79
CA ARG A 337 -29.04 29.86 -12.35
C ARG A 337 -29.83 30.68 -13.37
N ILE A 338 -29.20 31.71 -13.95
CA ILE A 338 -29.93 32.60 -14.85
C ILE A 338 -30.04 31.97 -16.24
N LYS A 339 -28.90 31.75 -16.90
CA LYS A 339 -28.91 31.30 -18.30
C LYS A 339 -29.18 29.81 -18.40
N ASP A 340 -28.31 28.97 -17.83
CA ASP A 340 -28.30 27.55 -18.15
C ASP A 340 -29.68 26.93 -17.91
N THR A 341 -30.12 26.14 -18.88
CA THR A 341 -31.44 25.51 -18.79
C THR A 341 -31.46 24.45 -17.71
N ASP A 342 -32.60 24.34 -17.02
CA ASP A 342 -32.83 23.25 -16.08
C ASP A 342 -33.41 22.08 -16.86
N PHE A 343 -32.62 21.01 -16.99
CA PHE A 343 -32.97 19.95 -17.93
C PHE A 343 -34.30 19.29 -17.56
N ALA A 344 -34.58 19.15 -16.27
CA ALA A 344 -35.84 18.52 -15.86
C ALA A 344 -37.03 19.32 -16.39
N LYS A 345 -37.05 20.63 -16.11
CA LYS A 345 -38.17 21.45 -16.54
C LYS A 345 -38.33 21.45 -18.05
N GLU A 346 -37.22 21.61 -18.77
CA GLU A 346 -37.32 21.73 -20.23
C GLU A 346 -37.65 20.40 -20.89
N THR A 347 -37.16 19.28 -20.36
CA THR A 347 -37.55 17.99 -20.90
C THR A 347 -39.03 17.72 -20.65
N THR A 348 -39.52 18.07 -19.46
CA THR A 348 -40.95 17.94 -19.20
C THR A 348 -41.76 18.79 -20.17
N GLN A 349 -41.30 20.02 -20.40
CA GLN A 349 -41.98 20.90 -21.34
C GLN A 349 -41.95 20.33 -22.75
N LEU A 350 -40.82 19.71 -23.14
CA LEU A 350 -40.72 19.12 -24.46
C LEU A 350 -41.71 17.98 -24.62
N THR A 351 -41.80 17.10 -23.62
CA THR A 351 -42.76 16.01 -23.69
C THR A 351 -44.19 16.53 -23.74
N LYS A 352 -44.49 17.56 -22.94
CA LYS A 352 -45.82 18.14 -22.98
C LYS A 352 -46.11 18.75 -24.35
N SER A 353 -45.12 19.39 -24.95
CA SER A 353 -45.32 19.99 -26.26
C SER A 353 -45.54 18.94 -27.34
N GLN A 354 -44.78 17.85 -27.28
CA GLN A 354 -45.01 16.74 -28.21
C GLN A 354 -46.42 16.20 -28.05
N ILE A 355 -46.85 16.03 -26.80
CA ILE A 355 -48.21 15.53 -26.55
C ILE A 355 -49.24 16.49 -27.11
N LEU A 356 -49.05 17.79 -26.88
CA LEU A 356 -50.01 18.77 -27.37
C LEU A 356 -50.05 18.79 -28.88
N GLN A 357 -48.89 18.65 -29.53
CA GLN A 357 -48.87 18.60 -31.00
C GLN A 357 -49.61 17.37 -31.51
N GLN A 358 -49.41 16.21 -30.88
CA GLN A 358 -50.12 15.01 -31.30
C GLN A 358 -51.62 15.18 -31.12
N ALA A 359 -52.04 15.73 -29.99
CA ALA A 359 -53.46 15.95 -29.76
C ALA A 359 -54.04 16.93 -30.79
N GLY A 360 -53.29 17.99 -31.08
CA GLY A 360 -53.76 18.94 -32.08
C GLY A 360 -53.90 18.32 -33.45
N THR A 361 -52.92 17.49 -33.85
CA THR A 361 -53.02 16.82 -35.14
C THR A 361 -54.21 15.89 -35.18
N SER A 362 -54.44 15.13 -34.11
CA SER A 362 -55.59 14.22 -34.09
C SER A 362 -56.90 15.00 -34.18
N ILE A 363 -57.02 16.09 -33.42
CA ILE A 363 -58.25 16.88 -33.45
C ILE A 363 -58.43 17.51 -34.83
N LEU A 364 -57.35 18.00 -35.43
CA LEU A 364 -57.46 18.61 -36.75
C LEU A 364 -57.87 17.57 -37.78
N ALA A 365 -57.33 16.36 -37.70
CA ALA A 365 -57.75 15.29 -38.61
C ALA A 365 -59.23 14.97 -38.42
N GLN A 366 -59.69 14.90 -37.18
CA GLN A 366 -61.10 14.63 -36.94
C GLN A 366 -61.98 15.74 -37.48
N ALA A 367 -61.55 17.00 -37.33
CA ALA A 367 -62.33 18.13 -37.79
C ALA A 367 -62.24 18.33 -39.29
N LYS A 368 -61.24 17.76 -39.94
CA LYS A 368 -61.04 18.00 -41.37
C LYS A 368 -62.13 17.35 -42.20
N GLN A 369 -62.57 16.14 -41.83
CA GLN A 369 -63.46 15.36 -42.66
C GLN A 369 -64.90 15.33 -42.16
N LEU A 370 -65.13 15.38 -40.85
CA LEU A 370 -66.50 15.20 -40.35
C LEU A 370 -67.39 16.39 -40.71
N PRO A 371 -67.10 17.62 -40.26
CA PRO A 371 -68.07 18.71 -40.47
C PRO A 371 -68.40 18.95 -41.93
N ASN A 372 -67.40 18.90 -42.81
CA ASN A 372 -67.68 19.11 -44.23
C ASN A 372 -68.38 17.90 -44.84
N SER A 373 -67.88 16.69 -44.54
CA SER A 373 -68.51 15.50 -45.10
C SER A 373 -69.96 15.37 -44.69
N ALA A 374 -70.37 16.01 -43.61
CA ALA A 374 -71.77 15.96 -43.21
C ALA A 374 -72.68 16.54 -44.29
N ILE A 375 -72.29 17.68 -44.88
CA ILE A 375 -73.12 18.31 -45.89
C ILE A 375 -73.24 17.39 -47.11
N SER A 376 -72.13 16.78 -47.52
CA SER A 376 -72.18 15.85 -48.65
C SER A 376 -73.07 14.67 -48.32
N LEU A 377 -73.00 14.16 -47.09
CA LEU A 377 -73.89 13.09 -46.66
C LEU A 377 -75.35 13.52 -46.74
N LEU A 378 -75.63 14.80 -46.49
CA LEU A 378 -77.01 15.27 -46.56
C LEU A 378 -77.59 15.07 -47.95
N GLN A 379 -76.79 15.34 -48.99
CA GLN A 379 -77.24 15.14 -50.36
C GLN A 379 -77.50 13.67 -50.63
N MET B 1 -83.82 40.87 -64.29
CA MET B 1 -84.95 40.15 -63.66
C MET B 1 -84.45 38.87 -62.98
N THR B 2 -85.36 37.95 -62.68
CA THR B 2 -85.02 36.69 -62.02
C THR B 2 -85.49 35.47 -62.80
N ILE B 3 -85.91 35.64 -64.05
CA ILE B 3 -86.35 34.51 -64.87
C ILE B 3 -85.13 33.91 -65.55
N ASN B 4 -84.85 32.65 -65.26
CA ASN B 4 -83.73 31.93 -65.85
C ASN B 4 -84.19 30.57 -66.31
N VAL B 5 -83.59 30.10 -67.42
CA VAL B 5 -84.04 28.85 -68.02
C VAL B 5 -83.85 27.68 -67.07
N ASN B 6 -82.80 27.73 -66.26
CA ASN B 6 -82.40 26.68 -65.33
C ASN B 6 -81.88 25.43 -66.06
N THR B 7 -81.87 25.41 -67.38
CA THR B 7 -81.25 24.34 -68.15
C THR B 7 -79.91 24.75 -68.72
N ASN B 8 -79.84 25.89 -69.40
CA ASN B 8 -78.60 26.42 -69.93
C ASN B 8 -78.14 27.67 -69.19
N VAL B 9 -78.64 27.88 -67.97
CA VAL B 9 -78.18 28.98 -67.13
C VAL B 9 -77.77 28.42 -65.78
N SER B 10 -78.67 27.68 -65.13
CA SER B 10 -78.29 26.96 -63.93
C SER B 10 -77.13 26.02 -64.22
N ALA B 11 -77.15 25.37 -65.39
CA ALA B 11 -76.03 24.53 -65.79
C ALA B 11 -74.76 25.34 -65.92
N MET B 12 -74.84 26.54 -66.50
CA MET B 12 -73.65 27.37 -66.67
C MET B 12 -73.05 27.76 -65.31
N THR B 13 -73.89 28.20 -64.38
CA THR B 13 -73.38 28.60 -63.08
C THR B 13 -72.81 27.40 -62.32
N ALA B 14 -73.48 26.25 -62.41
CA ALA B 14 -72.94 25.05 -61.78
C ALA B 14 -71.59 24.68 -62.39
N GLN B 15 -71.47 24.78 -63.71
CA GLN B 15 -70.21 24.46 -64.37
C GLN B 15 -69.11 25.43 -63.94
N ARG B 16 -69.44 26.72 -63.84
CA ARG B 16 -68.44 27.69 -63.41
C ARG B 16 -67.96 27.40 -61.99
N TYR B 17 -68.90 27.12 -61.08
CA TYR B 17 -68.53 26.81 -59.71
C TYR B 17 -67.70 25.54 -59.65
N LEU B 18 -68.09 24.52 -60.42
CA LEU B 18 -67.33 23.27 -60.43
C LEU B 18 -65.93 23.47 -60.99
N THR B 19 -65.80 24.28 -62.03
CA THR B 19 -64.48 24.55 -62.60
C THR B 19 -63.61 25.30 -61.61
N LYS B 20 -64.18 26.28 -60.90
CA LYS B 20 -63.42 26.98 -59.87
C LYS B 20 -62.97 26.01 -58.79
N ALA B 21 -63.87 25.14 -58.34
CA ALA B 21 -63.51 24.18 -57.30
C ALA B 21 -62.41 23.24 -57.79
N THR B 22 -62.50 22.76 -59.02
CA THR B 22 -61.50 21.84 -59.55
C THR B 22 -60.15 22.52 -59.70
N GLY B 23 -60.14 23.77 -60.17
CA GLY B 23 -58.88 24.50 -60.26
C GLY B 23 -58.24 24.71 -58.89
N GLU B 24 -59.05 25.11 -57.91
CA GLU B 24 -58.53 25.26 -56.56
C GLU B 24 -57.98 23.95 -56.03
N LEU B 25 -58.70 22.85 -56.28
CA LEU B 25 -58.25 21.55 -55.81
C LEU B 25 -56.94 21.14 -56.47
N ASN B 26 -56.81 21.40 -57.78
CA ASN B 26 -55.57 21.05 -58.47
C ASN B 26 -54.40 21.88 -57.95
N THR B 27 -54.62 23.17 -57.73
CA THR B 27 -53.56 24.01 -57.16
C THR B 27 -53.17 23.53 -55.77
N SER B 28 -54.16 23.15 -54.95
CA SER B 28 -53.87 22.66 -53.61
C SER B 28 -53.11 21.34 -53.67
N MET B 29 -53.47 20.46 -54.60
CA MET B 29 -52.75 19.21 -54.77
C MET B 29 -51.30 19.47 -55.18
N GLU B 30 -51.10 20.41 -56.10
CA GLU B 30 -49.73 20.78 -56.47
C GLU B 30 -48.96 21.29 -55.27
N ARG B 31 -49.59 22.15 -54.47
CA ARG B 31 -48.90 22.73 -53.31
C ARG B 31 -48.59 21.67 -52.26
N LEU B 32 -49.44 20.66 -52.14
CA LEU B 32 -49.19 19.59 -51.18
C LEU B 32 -48.09 18.65 -51.66
N SER B 33 -48.10 18.31 -52.95
CA SER B 33 -47.08 17.40 -53.47
C SER B 33 -45.71 18.07 -53.51
N SER B 34 -45.66 19.35 -53.89
CA SER B 34 -44.38 20.03 -54.04
C SER B 34 -43.77 20.42 -52.71
N GLY B 35 -44.59 20.78 -51.73
CA GLY B 35 -44.08 21.27 -50.47
C GLY B 35 -43.79 22.75 -50.45
N ASN B 36 -44.14 23.48 -51.51
CA ASN B 36 -43.92 24.92 -51.61
C ASN B 36 -45.23 25.60 -51.96
N ARG B 37 -45.58 26.64 -51.21
CA ARG B 37 -46.78 27.41 -51.54
C ARG B 37 -46.67 28.04 -52.91
N ILE B 38 -45.52 28.63 -53.23
CA ILE B 38 -45.35 29.41 -54.44
C ILE B 38 -44.59 28.55 -55.45
N ASN B 39 -45.29 28.10 -56.47
CA ASN B 39 -44.71 27.26 -57.51
C ASN B 39 -44.50 28.00 -58.83
N SER B 40 -44.99 29.24 -58.94
CA SER B 40 -44.80 30.02 -60.15
C SER B 40 -45.05 31.49 -59.82
N ALA B 41 -44.57 32.36 -60.71
CA ALA B 41 -44.75 33.79 -60.49
C ALA B 41 -46.22 34.16 -60.33
N LYS B 42 -47.12 33.38 -60.94
CA LYS B 42 -48.54 33.71 -60.86
C LYS B 42 -49.03 33.71 -59.42
N ASP B 43 -48.63 32.72 -58.63
CA ASP B 43 -49.16 32.59 -57.28
C ASP B 43 -48.79 33.78 -56.41
N ASP B 44 -47.53 34.21 -56.48
CA ASP B 44 -47.07 35.34 -55.66
C ASP B 44 -45.81 35.91 -56.31
N ALA B 45 -45.86 37.18 -56.71
CA ALA B 45 -44.73 37.79 -57.39
C ALA B 45 -43.66 38.24 -56.40
N ALA B 46 -44.00 39.16 -55.51
CA ALA B 46 -43.02 39.67 -54.56
C ALA B 46 -42.50 38.57 -53.65
N GLY B 47 -43.39 37.71 -53.18
CA GLY B 47 -42.95 36.59 -52.36
C GLY B 47 -41.98 35.69 -53.10
N LEU B 48 -42.26 35.39 -54.36
CA LEU B 48 -41.34 34.57 -55.14
C LEU B 48 -40.00 35.26 -55.30
N GLN B 49 -40.01 36.57 -55.56
CA GLN B 49 -38.75 37.29 -55.71
C GLN B 49 -37.92 37.22 -54.44
N ILE B 50 -38.53 37.51 -53.29
CA ILE B 50 -37.77 37.53 -52.05
C ILE B 50 -37.30 36.12 -51.70
N SER B 51 -38.13 35.11 -51.95
CA SER B 51 -37.70 33.74 -51.66
C SER B 51 -36.53 33.34 -52.55
N ASN B 52 -36.57 33.71 -53.83
CA ASN B 52 -35.44 33.43 -54.71
C ASN B 52 -34.18 34.11 -54.21
N ARG B 53 -34.31 35.37 -53.78
CA ARG B 53 -33.14 36.09 -53.26
C ARG B 53 -32.58 35.41 -52.02
N LEU B 54 -33.46 34.96 -51.12
CA LEU B 54 -33.00 34.30 -49.90
C LEU B 54 -32.32 32.97 -50.24
N THR B 55 -32.85 32.22 -51.19
CA THR B 55 -32.21 30.97 -51.56
C THR B 55 -30.85 31.21 -52.21
N ALA B 56 -30.75 32.27 -53.03
CA ALA B 56 -29.45 32.64 -53.59
C ALA B 56 -28.47 32.99 -52.49
N GLN B 57 -28.93 33.73 -51.48
CA GLN B 57 -28.07 34.06 -50.34
C GLN B 57 -27.64 32.79 -49.61
N SER B 58 -28.54 31.82 -49.48
CA SER B 58 -28.18 30.56 -48.83
C SER B 58 -27.09 29.82 -49.60
N ARG B 59 -27.22 29.78 -50.93
CA ARG B 59 -26.18 29.15 -51.73
C ARG B 59 -24.85 29.91 -51.60
N GLY B 60 -24.92 31.24 -51.60
CA GLY B 60 -23.72 32.02 -51.39
C GLY B 60 -23.07 31.74 -50.04
N LEU B 61 -23.89 31.55 -49.01
CA LEU B 61 -23.36 31.22 -47.70
C LEU B 61 -22.72 29.84 -47.71
N ASP B 62 -23.30 28.90 -48.43
CA ASP B 62 -22.67 27.59 -48.59
C ASP B 62 -21.28 27.75 -49.21
N VAL B 63 -21.19 28.53 -50.28
CA VAL B 63 -19.90 28.75 -50.94
C VAL B 63 -18.92 29.40 -49.98
N ALA B 64 -19.39 30.40 -49.23
CA ALA B 64 -18.51 31.12 -48.31
C ALA B 64 -18.01 30.20 -47.21
N MET B 65 -18.88 29.35 -46.67
CA MET B 65 -18.46 28.41 -45.64
C MET B 65 -17.43 27.44 -46.19
N ARG B 66 -17.65 26.94 -47.41
CA ARG B 66 -16.68 26.03 -48.01
C ARG B 66 -15.32 26.71 -48.16
N ASN B 67 -15.33 27.95 -48.65
CA ASN B 67 -14.08 28.67 -48.85
C ASN B 67 -13.38 28.94 -47.52
N ALA B 68 -14.14 29.34 -46.50
CA ALA B 68 -13.54 29.60 -45.19
C ALA B 68 -12.94 28.33 -44.61
N ASN B 69 -13.60 27.20 -44.81
CA ASN B 69 -13.05 25.93 -44.35
C ASN B 69 -11.76 25.58 -45.08
N ASP B 70 -11.73 25.80 -46.40
CA ASP B 70 -10.50 25.56 -47.14
C ASP B 70 -9.37 26.44 -46.62
N GLY B 71 -9.68 27.71 -46.35
CA GLY B 71 -8.68 28.60 -45.76
C GLY B 71 -8.21 28.12 -44.41
N ILE B 72 -9.13 27.60 -43.59
CA ILE B 72 -8.75 27.04 -42.31
C ILE B 72 -7.75 25.91 -42.49
N SER B 73 -8.03 25.02 -43.46
CA SER B 73 -7.13 23.89 -43.68
C SER B 73 -5.75 24.36 -44.13
N ILE B 74 -5.70 25.31 -45.07
CA ILE B 74 -4.42 25.82 -45.53
C ILE B 74 -3.65 26.46 -44.38
N ALA B 75 -4.36 27.25 -43.57
CA ALA B 75 -3.73 27.88 -42.41
C ALA B 75 -3.15 26.83 -41.47
N GLN B 76 -3.90 25.75 -41.23
CA GLN B 76 -3.44 24.71 -40.32
C GLN B 76 -2.19 24.02 -40.85
N THR B 77 -2.18 23.72 -42.15
CA THR B 77 -1.00 23.08 -42.73
C THR B 77 0.23 23.98 -42.61
N ALA B 78 0.07 25.26 -42.95
CA ALA B 78 1.17 26.19 -42.83
C ALA B 78 1.62 26.32 -41.38
N GLU B 79 0.67 26.31 -40.44
CA GLU B 79 1.01 26.39 -39.03
C GLU B 79 1.84 25.19 -38.59
N GLY B 80 1.47 23.99 -39.04
CA GLY B 80 2.26 22.82 -38.70
C GLY B 80 3.67 22.90 -39.25
N ALA B 81 3.80 23.30 -40.50
CA ALA B 81 5.14 23.45 -41.08
C ALA B 81 5.96 24.48 -40.31
N MET B 82 5.33 25.60 -39.96
CA MET B 82 6.03 26.62 -39.19
C MET B 82 6.43 26.11 -37.81
N ASN B 83 5.59 25.28 -37.20
CA ASN B 83 5.94 24.67 -35.92
C ASN B 83 7.18 23.82 -36.04
N GLU B 84 7.25 23.00 -37.09
CA GLU B 84 8.45 22.20 -37.30
C GLU B 84 9.66 23.10 -37.52
N SER B 85 9.48 24.18 -38.29
CA SER B 85 10.60 25.08 -38.55
C SER B 85 11.12 25.72 -37.26
N THR B 86 10.21 26.15 -36.39
CA THR B 86 10.65 26.76 -35.14
C THR B 86 11.30 25.75 -34.21
N SER B 87 10.84 24.50 -34.21
CA SER B 87 11.54 23.47 -33.45
C SER B 87 12.96 23.29 -33.97
N ILE B 88 13.11 23.26 -35.30
CA ILE B 88 14.44 23.15 -35.90
C ILE B 88 15.31 24.33 -35.47
N LEU B 89 14.72 25.53 -35.47
CA LEU B 89 15.48 26.72 -35.07
C LEU B 89 15.90 26.64 -33.61
N GLN B 90 15.04 26.11 -32.74
CA GLN B 90 15.43 25.94 -31.34
C GLN B 90 16.60 24.98 -31.21
N ARG B 91 16.55 23.86 -31.95
CA ARG B 91 17.68 22.93 -31.91
C ARG B 91 18.96 23.60 -32.41
N MET B 92 18.86 24.39 -33.48
CA MET B 92 20.03 25.08 -34.00
C MET B 92 20.57 26.10 -32.99
N ARG B 93 19.68 26.77 -32.26
CA ARG B 93 20.11 27.68 -31.21
C ARG B 93 20.87 26.92 -30.14
N ASP B 94 20.37 25.75 -29.75
CA ASP B 94 21.08 24.95 -28.76
C ASP B 94 22.47 24.57 -29.26
N LEU B 95 22.57 24.16 -30.52
CA LEU B 95 23.87 23.81 -31.08
C LEU B 95 24.81 25.01 -31.07
N ALA B 96 24.31 26.18 -31.49
CA ALA B 96 25.16 27.37 -31.51
C ALA B 96 25.65 27.73 -30.11
N LEU B 97 24.76 27.65 -29.12
CA LEU B 97 25.18 27.91 -27.75
C LEU B 97 26.24 26.91 -27.30
N GLN B 98 26.05 25.64 -27.66
CA GLN B 98 27.02 24.62 -27.26
C GLN B 98 28.39 24.90 -27.86
N SER B 99 28.43 25.30 -29.12
CA SER B 99 29.72 25.50 -29.78
C SER B 99 30.51 26.64 -29.15
N ALA B 100 29.83 27.62 -28.55
CA ALA B 100 30.53 28.75 -27.97
C ALA B 100 31.43 28.34 -26.82
N ASN B 101 31.24 27.14 -26.28
CA ASN B 101 32.06 26.67 -25.17
C ASN B 101 33.52 26.68 -25.58
N GLY B 102 34.38 27.12 -24.66
CA GLY B 102 35.80 27.25 -24.91
C GLY B 102 36.63 26.00 -24.70
N THR B 103 36.00 24.82 -24.67
CA THR B 103 36.70 23.56 -24.48
C THR B 103 36.64 22.65 -25.70
N ASN B 104 36.38 23.20 -26.88
CA ASN B 104 36.02 22.40 -28.04
C ASN B 104 37.12 22.31 -29.09
N SER B 105 38.33 22.77 -28.78
CA SER B 105 39.46 22.62 -29.70
C SER B 105 39.05 22.99 -31.12
N ALA B 106 39.14 22.05 -32.06
CA ALA B 106 38.72 22.30 -33.43
C ALA B 106 37.79 21.24 -34.00
N SER B 107 38.01 19.96 -33.68
CA SER B 107 37.29 18.89 -34.37
C SER B 107 35.82 18.85 -33.97
N GLU B 108 35.52 18.89 -32.68
CA GLU B 108 34.13 18.87 -32.25
C GLU B 108 33.39 20.11 -32.73
N ARG B 109 34.10 21.22 -32.91
CA ARG B 109 33.48 22.37 -33.56
C ARG B 109 33.07 22.02 -34.99
N GLN B 110 33.90 21.27 -35.70
CA GLN B 110 33.52 20.82 -37.04
C GLN B 110 32.30 19.91 -36.98
N ALA B 111 32.23 19.03 -36.00
CA ALA B 111 31.06 18.17 -35.87
C ALA B 111 29.79 18.99 -35.64
N LEU B 112 29.87 19.97 -34.74
CA LEU B 112 28.71 20.82 -34.49
C LEU B 112 28.33 21.60 -35.74
N ASN B 113 29.33 22.07 -36.50
CA ASN B 113 29.04 22.78 -37.74
C ASN B 113 28.34 21.87 -38.74
N GLU B 114 28.77 20.61 -38.81
CA GLU B 114 28.09 19.65 -39.70
C GLU B 114 26.65 19.45 -39.27
N GLU B 115 26.41 19.33 -37.97
CA GLU B 115 25.04 19.22 -37.49
C GLU B 115 24.22 20.44 -37.89
N SER B 116 24.80 21.64 -37.73
CA SER B 116 24.09 22.86 -38.10
C SER B 116 23.80 22.90 -39.59
N VAL B 117 24.75 22.47 -40.42
CA VAL B 117 24.54 22.44 -41.86
C VAL B 117 23.39 21.50 -42.20
N ALA B 118 23.35 20.33 -41.56
CA ALA B 118 22.25 19.41 -41.79
C ALA B 118 20.92 20.05 -41.39
N LEU B 119 20.89 20.74 -40.25
CA LEU B 119 19.66 21.37 -39.81
C LEU B 119 19.22 22.46 -40.79
N GLN B 120 20.18 23.21 -41.33
CA GLN B 120 19.85 24.23 -42.33
C GLN B 120 19.28 23.59 -43.60
N ASP B 121 19.86 22.48 -44.02
CA ASP B 121 19.32 21.78 -45.18
C ASP B 121 17.90 21.31 -44.90
N GLU B 122 17.64 20.85 -43.68
CA GLU B 122 16.27 20.47 -43.30
C GLU B 122 15.34 21.66 -43.37
N LEU B 123 15.81 22.84 -42.92
CA LEU B 123 14.98 24.05 -43.00
C LEU B 123 14.64 24.36 -44.45
N ASN B 124 15.64 24.29 -45.34
CA ASN B 124 15.38 24.54 -46.75
C ASN B 124 14.39 23.53 -47.31
N ARG B 125 14.54 22.26 -46.94
CA ARG B 125 13.64 21.23 -47.45
C ARG B 125 12.21 21.48 -47.00
N ILE B 126 12.02 21.81 -45.72
CA ILE B 126 10.66 22.03 -45.22
C ILE B 126 10.07 23.29 -45.85
N ALA B 127 10.88 24.32 -46.06
CA ALA B 127 10.39 25.52 -46.71
C ALA B 127 9.93 25.22 -48.14
N GLU B 128 10.71 24.41 -48.86
CA GLU B 128 10.39 24.15 -50.27
C GLU B 128 9.26 23.16 -50.45
N THR B 129 9.11 22.18 -49.56
CA THR B 129 8.27 21.04 -49.84
C THR B 129 6.83 21.21 -49.39
N THR B 130 6.59 21.87 -48.25
CA THR B 130 5.24 21.96 -47.70
C THR B 130 4.26 22.42 -48.77
N SER B 131 3.30 21.55 -49.08
CA SER B 131 2.32 21.83 -50.12
C SER B 131 0.98 21.23 -49.73
N PHE B 132 -0.09 21.99 -49.97
CA PHE B 132 -1.44 21.50 -49.74
C PHE B 132 -2.03 20.98 -51.05
N GLY B 133 -1.44 19.90 -51.53
CA GLY B 133 -1.84 19.33 -52.80
C GLY B 133 -1.41 20.20 -53.96
N GLY B 134 -0.09 20.33 -54.16
CA GLY B 134 0.44 21.10 -55.25
C GLY B 134 0.54 22.60 -55.01
N ARG B 135 0.07 23.08 -53.86
CA ARG B 135 0.09 24.50 -53.54
C ARG B 135 1.19 24.74 -52.50
N LYS B 136 2.35 25.18 -52.96
CA LYS B 136 3.45 25.48 -52.04
C LYS B 136 3.04 26.60 -51.10
N LEU B 137 3.34 26.43 -49.82
CA LEU B 137 2.86 27.34 -48.78
C LEU B 137 3.93 28.26 -48.22
N LEU B 138 5.18 27.82 -48.14
CA LEU B 138 6.24 28.58 -47.46
C LEU B 138 7.39 28.94 -48.38
N ASN B 139 7.25 28.77 -49.69
CA ASN B 139 8.31 29.11 -50.64
C ASN B 139 8.09 30.48 -51.26
N GLY B 140 7.18 31.29 -50.71
CA GLY B 140 6.90 32.60 -51.25
C GLY B 140 5.94 32.64 -52.41
N SER B 141 5.48 31.48 -52.88
CA SER B 141 4.52 31.45 -53.97
C SER B 141 3.12 31.84 -53.51
N PHE B 142 2.79 31.62 -52.24
CA PHE B 142 1.44 31.90 -51.77
C PHE B 142 1.09 33.36 -51.91
N GLY B 143 2.02 34.25 -51.57
CA GLY B 143 1.73 35.67 -51.66
C GLY B 143 0.60 36.05 -50.73
N GLU B 144 -0.20 37.02 -51.18
CA GLU B 144 -1.37 37.49 -50.44
C GLU B 144 -2.61 37.02 -51.21
N ALA B 145 -3.06 35.81 -50.90
CA ALA B 145 -4.22 35.24 -51.55
C ALA B 145 -5.50 35.84 -50.95
N SER B 146 -6.64 35.49 -51.55
CA SER B 146 -7.93 35.98 -51.12
C SER B 146 -8.90 34.82 -50.99
N PHE B 147 -9.80 34.92 -50.01
CA PHE B 147 -10.83 33.91 -49.77
C PHE B 147 -12.17 34.61 -49.63
N GLN B 148 -13.15 34.21 -50.43
CA GLN B 148 -14.51 34.68 -50.23
C GLN B 148 -15.01 34.23 -48.87
N ILE B 149 -15.72 35.12 -48.18
CA ILE B 149 -16.13 34.87 -46.80
C ILE B 149 -17.60 35.15 -46.56
N GLY B 150 -18.38 35.43 -47.60
CA GLY B 150 -19.79 35.74 -47.41
C GLY B 150 -20.59 35.52 -48.66
N SER B 151 -21.89 35.79 -48.56
CA SER B 151 -22.80 35.56 -49.67
C SER B 151 -22.53 36.54 -50.81
N SER B 152 -22.39 37.83 -50.50
CA SER B 152 -22.22 38.86 -51.51
C SER B 152 -20.76 38.97 -51.92
N SER B 153 -20.52 39.70 -53.01
CA SER B 153 -19.19 39.91 -53.55
C SER B 153 -18.62 41.20 -52.97
N GLY B 154 -17.51 41.08 -52.24
CA GLY B 154 -16.87 42.25 -51.65
C GLY B 154 -16.31 41.99 -50.27
N GLU B 155 -16.71 40.89 -49.64
CA GLU B 155 -16.22 40.51 -48.33
C GLU B 155 -15.23 39.37 -48.47
N ALA B 156 -14.00 39.59 -48.01
CA ALA B 156 -12.96 38.59 -48.12
C ALA B 156 -11.86 38.90 -47.11
N ILE B 157 -11.03 37.90 -46.86
CA ILE B 157 -9.85 38.03 -46.00
C ILE B 157 -8.63 37.64 -46.81
N ILE B 158 -7.63 38.52 -46.81
CA ILE B 158 -6.41 38.29 -47.59
C ILE B 158 -5.47 37.46 -46.74
N MET B 159 -5.28 36.20 -47.10
CA MET B 159 -4.40 35.30 -46.37
C MET B 159 -2.97 35.52 -46.85
N GLY B 160 -2.07 35.85 -45.93
CA GLY B 160 -0.68 36.06 -46.26
C GLY B 160 0.23 35.04 -45.63
N LEU B 161 1.17 34.51 -46.42
CA LEU B 161 2.13 33.50 -45.94
C LEU B 161 3.51 33.90 -46.45
N THR B 162 4.31 34.50 -45.59
CA THR B 162 5.67 34.87 -45.96
C THR B 162 6.56 33.63 -45.97
N SER B 163 7.53 33.63 -46.89
CA SER B 163 8.39 32.46 -47.06
C SER B 163 9.26 32.25 -45.83
N VAL B 164 9.65 31.00 -45.62
CA VAL B 164 10.42 30.58 -44.45
C VAL B 164 11.84 30.16 -44.80
N ARG B 165 12.22 30.27 -46.07
CA ARG B 165 13.55 29.86 -46.49
C ARG B 165 14.62 30.49 -45.59
N ALA B 166 15.74 29.79 -45.44
CA ALA B 166 16.86 30.33 -44.67
C ALA B 166 17.52 31.51 -45.37
N ASP B 167 17.20 31.77 -46.64
CA ASP B 167 17.74 32.92 -47.35
C ASP B 167 16.83 34.13 -47.26
N ASP B 168 15.69 34.03 -46.58
CA ASP B 168 14.81 35.18 -46.44
C ASP B 168 15.49 36.26 -45.60
N PHE B 169 15.23 37.51 -45.97
CA PHE B 169 15.88 38.62 -45.29
C PHE B 169 15.30 38.87 -43.90
N ARG B 170 14.10 38.39 -43.62
CA ARG B 170 13.56 38.44 -42.28
C ARG B 170 14.12 37.36 -41.39
N MET B 171 14.82 36.38 -41.97
CA MET B 171 15.43 35.27 -41.23
C MET B 171 16.81 35.65 -40.70
N GLY B 172 16.88 36.74 -39.94
CA GLY B 172 18.15 37.25 -39.47
C GLY B 172 18.23 38.76 -39.57
N GLY B 173 19.42 39.31 -39.81
CA GLY B 173 19.54 40.75 -39.91
C GLY B 173 20.95 41.26 -40.16
N GLN B 174 21.26 42.42 -39.59
CA GLN B 174 22.55 43.07 -39.82
C GLN B 174 23.51 42.72 -38.69
N SER B 175 24.78 42.54 -39.05
CA SER B 175 25.84 42.25 -38.10
C SER B 175 27.00 43.22 -38.32
N PHE B 176 27.56 43.72 -37.23
CA PHE B 176 28.72 44.60 -37.27
C PHE B 176 29.79 44.00 -36.37
N ILE B 177 31.03 43.96 -36.86
CA ILE B 177 32.14 43.31 -36.15
C ILE B 177 33.15 44.38 -35.78
N ALA B 178 33.61 44.34 -34.54
CA ALA B 178 34.59 45.32 -34.07
C ALA B 178 35.91 45.15 -34.82
N GLU B 179 36.50 46.28 -35.21
CA GLU B 179 37.75 46.23 -35.96
C GLU B 179 38.93 45.88 -35.04
N GLN B 180 38.94 46.40 -33.82
CA GLN B 180 40.11 46.29 -32.96
C GLN B 180 39.87 45.23 -31.90
N PRO B 181 40.53 44.08 -31.95
CA PRO B 181 40.35 43.09 -30.88
C PRO B 181 40.91 43.58 -29.55
N LYS B 182 40.29 43.13 -28.47
CA LYS B 182 40.71 43.47 -27.11
C LYS B 182 40.81 42.18 -26.30
N THR B 183 41.96 41.98 -25.66
CA THR B 183 42.19 40.79 -24.85
C THR B 183 41.64 41.01 -23.44
N LYS B 184 41.77 39.98 -22.60
CA LYS B 184 41.20 40.05 -21.25
C LYS B 184 41.84 41.14 -20.41
N GLU B 185 43.15 41.33 -20.54
CA GLU B 185 43.83 42.34 -19.72
C GLU B 185 43.19 43.70 -19.88
N TRP B 186 42.75 44.03 -21.09
CA TRP B 186 42.18 45.35 -21.35
C TRP B 186 40.87 45.53 -20.59
N GLY B 187 40.64 46.76 -20.15
CA GLY B 187 39.35 47.14 -19.59
C GLY B 187 38.92 48.48 -20.15
N VAL B 188 37.63 48.75 -20.00
CA VAL B 188 37.10 50.01 -20.53
C VAL B 188 37.79 51.18 -19.82
N PRO B 189 38.37 52.14 -20.54
CA PRO B 189 39.02 53.26 -19.86
C PRO B 189 37.99 54.15 -19.18
N PRO B 190 38.27 54.61 -17.95
CA PRO B 190 37.32 55.55 -17.32
C PRO B 190 37.13 56.83 -18.10
N THR B 191 38.12 57.22 -18.91
CA THR B 191 38.02 58.47 -19.65
C THR B 191 36.88 58.42 -20.66
N ALA B 192 36.81 57.37 -21.47
CA ALA B 192 35.80 57.21 -22.51
C ALA B 192 34.92 56.03 -22.13
N ARG B 193 33.66 56.32 -21.77
CA ARG B 193 32.72 55.29 -21.36
C ARG B 193 31.41 55.41 -22.11
N ASP B 194 31.05 56.62 -22.53
CA ASP B 194 29.79 56.83 -23.23
C ASP B 194 29.81 56.07 -24.56
N LEU B 195 28.67 55.50 -24.92
CA LEU B 195 28.54 54.74 -26.16
C LEU B 195 27.13 55.02 -26.68
N LYS B 196 27.03 55.79 -27.76
CA LYS B 196 25.74 56.26 -28.25
C LYS B 196 25.43 55.58 -29.58
N PHE B 197 24.27 54.91 -29.64
CA PHE B 197 23.75 54.32 -30.85
C PHE B 197 22.59 55.16 -31.36
N GLU B 198 22.51 55.32 -32.68
CA GLU B 198 21.40 56.00 -33.32
C GLU B 198 21.01 55.24 -34.57
N PHE B 199 19.74 54.87 -34.68
CA PHE B 199 19.28 54.14 -35.85
C PHE B 199 17.77 54.34 -36.01
N THR B 200 17.21 53.73 -37.05
CA THR B 200 15.78 53.82 -37.34
C THR B 200 15.23 52.41 -37.48
N LYS B 201 14.20 52.09 -36.68
CA LYS B 201 13.58 50.78 -36.77
C LYS B 201 12.74 50.68 -38.04
N LYS B 202 12.36 49.43 -38.37
CA LYS B 202 11.60 49.21 -39.60
C LYS B 202 10.25 49.92 -39.54
N ASP B 203 9.62 49.96 -38.37
CA ASP B 203 8.34 50.61 -38.23
C ASP B 203 8.43 52.12 -38.42
N GLY B 204 9.63 52.69 -38.45
CA GLY B 204 9.83 54.09 -38.73
C GLY B 204 10.13 54.97 -37.53
N GLU B 205 10.01 54.44 -36.32
CA GLU B 205 10.28 55.21 -35.11
C GLU B 205 11.78 55.20 -34.83
N ALA B 206 12.43 56.34 -35.00
CA ALA B 206 13.86 56.43 -34.76
C ALA B 206 14.17 56.14 -33.29
N VAL B 207 15.32 55.51 -33.05
CA VAL B 207 15.74 55.12 -31.72
C VAL B 207 17.16 55.63 -31.48
N VAL B 208 17.42 56.06 -30.25
CA VAL B 208 18.74 56.49 -29.83
C VAL B 208 18.98 55.94 -28.43
N LEU B 209 20.19 55.42 -28.19
CA LEU B 209 20.59 54.90 -26.89
C LEU B 209 21.92 55.52 -26.51
N ASP B 210 22.14 55.67 -25.20
CA ASP B 210 23.29 56.37 -24.65
C ASP B 210 23.96 55.52 -23.57
N ILE B 211 24.26 54.26 -23.90
CA ILE B 211 24.72 53.32 -22.88
C ILE B 211 26.02 53.83 -22.27
N ILE B 212 26.09 53.82 -20.95
CA ILE B 212 27.28 54.20 -20.22
C ILE B 212 27.91 52.93 -19.65
N ALA B 213 29.14 52.65 -20.07
CA ALA B 213 29.81 51.42 -19.68
C ALA B 213 30.46 51.59 -18.32
N LYS B 214 30.16 50.68 -17.40
CA LYS B 214 30.79 50.70 -16.08
C LYS B 214 32.29 50.52 -16.23
N ASP B 215 33.05 51.36 -15.53
CA ASP B 215 34.49 51.36 -15.69
C ASP B 215 35.09 50.04 -15.18
N GLY B 216 36.24 49.69 -15.75
CA GLY B 216 37.00 48.53 -15.32
C GLY B 216 36.31 47.20 -15.53
N ASP B 217 35.74 46.99 -16.71
CA ASP B 217 35.18 45.70 -17.08
C ASP B 217 35.81 45.24 -18.40
N ASP B 218 36.12 43.95 -18.49
CA ASP B 218 36.71 43.43 -19.71
C ASP B 218 35.66 43.37 -20.83
N ILE B 219 36.13 43.05 -22.04
CA ILE B 219 35.27 43.16 -23.21
C ILE B 219 34.03 42.28 -23.05
N GLU B 220 34.19 41.08 -22.51
CA GLU B 220 33.05 40.18 -22.36
C GLU B 220 32.00 40.78 -21.42
N GLU B 221 32.43 41.36 -20.31
CA GLU B 221 31.47 41.99 -19.40
C GLU B 221 30.81 43.18 -20.06
N LEU B 222 31.53 43.89 -20.93
CA LEU B 222 30.91 44.97 -21.68
C LEU B 222 29.82 44.43 -22.61
N ALA B 223 30.07 43.29 -23.26
CA ALA B 223 29.05 42.69 -24.09
C ALA B 223 27.83 42.30 -23.26
N THR B 224 28.06 41.69 -22.10
CA THR B 224 26.95 41.30 -21.23
C THR B 224 26.15 42.53 -20.79
N TYR B 225 26.84 43.60 -20.42
CA TYR B 225 26.16 44.83 -20.00
C TYR B 225 25.34 45.41 -21.15
N ILE B 226 25.90 45.47 -22.35
CA ILE B 226 25.18 46.02 -23.48
C ILE B 226 23.95 45.17 -23.79
N ASN B 227 24.08 43.85 -23.68
CA ASN B 227 22.92 42.98 -23.87
C ASN B 227 21.86 43.27 -22.82
N GLY B 228 22.27 43.42 -21.56
CA GLY B 228 21.30 43.66 -20.50
C GLY B 228 20.59 44.99 -20.64
N GLN B 229 21.30 46.02 -21.08
CA GLN B 229 20.73 47.36 -21.09
C GLN B 229 19.54 47.46 -22.04
N THR B 230 19.64 46.83 -23.21
CA THR B 230 18.62 46.96 -24.24
C THR B 230 18.35 45.61 -24.88
N ASP B 231 17.19 45.50 -25.53
CA ASP B 231 16.76 44.27 -26.19
C ASP B 231 16.95 44.31 -27.70
N LEU B 232 16.99 45.49 -28.30
CA LEU B 232 17.13 45.58 -29.75
C LEU B 232 18.48 45.06 -30.22
N PHE B 233 19.43 44.90 -29.32
CA PHE B 233 20.78 44.45 -29.65
C PHE B 233 21.01 43.03 -29.16
N LYS B 234 22.02 42.39 -29.74
CA LYS B 234 22.60 41.17 -29.19
C LYS B 234 24.11 41.29 -29.37
N ALA B 235 24.76 41.91 -28.39
CA ALA B 235 26.21 42.06 -28.42
C ALA B 235 26.88 40.76 -28.03
N SER B 236 28.16 40.64 -28.36
CA SER B 236 28.91 39.41 -28.12
C SER B 236 30.38 39.69 -28.36
N VAL B 237 31.19 38.65 -28.21
CA VAL B 237 32.63 38.71 -28.48
C VAL B 237 33.03 37.44 -29.21
N ASP B 238 33.91 37.57 -30.19
CA ASP B 238 34.39 36.43 -30.95
C ASP B 238 35.64 35.87 -30.28
N GLN B 239 36.35 34.99 -31.01
CA GLN B 239 37.54 34.37 -30.45
C GLN B 239 38.61 35.40 -30.09
N GLU B 240 38.78 36.41 -30.94
CA GLU B 240 39.79 37.43 -30.70
C GLU B 240 39.30 38.56 -29.80
N GLY B 241 38.05 38.52 -29.36
CA GLY B 241 37.54 39.55 -28.49
C GLY B 241 37.00 40.79 -29.18
N LYS B 242 36.64 40.68 -30.46
CA LYS B 242 36.07 41.78 -31.21
C LYS B 242 34.55 41.76 -31.01
N LEU B 243 34.00 42.88 -30.55
CA LEU B 243 32.59 42.93 -30.22
C LEU B 243 31.74 42.80 -31.47
N GLN B 244 30.84 41.82 -31.48
CA GLN B 244 29.90 41.61 -32.57
C GLN B 244 28.54 42.13 -32.12
N ILE B 245 28.08 43.20 -32.76
CA ILE B 245 26.77 43.79 -32.48
C ILE B 245 25.82 43.33 -33.56
N PHE B 246 24.72 42.70 -33.16
CA PHE B 246 23.74 42.13 -34.07
C PHE B 246 22.41 42.84 -33.89
N VAL B 247 21.78 43.21 -35.00
CA VAL B 247 20.47 43.86 -34.97
C VAL B 247 19.55 43.10 -35.91
N ALA B 248 18.44 42.59 -35.39
CA ALA B 248 17.50 41.85 -36.20
C ALA B 248 16.96 42.73 -37.32
N GLU B 249 16.52 42.09 -38.40
CA GLU B 249 16.04 42.83 -39.57
C GLU B 249 14.88 43.76 -39.22
N PRO B 250 13.83 43.33 -38.53
CA PRO B 250 12.75 44.27 -38.20
C PRO B 250 13.20 45.42 -37.31
N ASN B 251 14.33 45.29 -36.63
CA ASN B 251 14.79 46.30 -35.70
C ASN B 251 15.71 47.34 -36.34
N ILE B 252 15.99 47.24 -37.63
CA ILE B 252 16.87 48.21 -38.29
C ILE B 252 16.41 48.38 -39.74
N GLU B 253 16.47 49.63 -40.22
CA GLU B 253 16.21 49.92 -41.62
C GLU B 253 16.93 51.24 -41.94
N GLY B 254 18.11 51.12 -42.57
CA GLY B 254 18.92 52.26 -42.90
C GLY B 254 20.34 52.06 -42.40
N ASN B 255 21.05 53.18 -42.25
CA ASN B 255 22.45 53.15 -41.85
C ASN B 255 22.56 53.19 -40.33
N PHE B 256 23.15 52.15 -39.75
CA PHE B 256 23.44 52.13 -38.33
C PHE B 256 24.68 52.99 -38.07
N ASN B 257 24.51 54.10 -37.35
CA ASN B 257 25.59 55.04 -37.10
C ASN B 257 25.93 55.04 -35.61
N ILE B 258 27.23 55.13 -35.31
CA ILE B 258 27.73 54.99 -33.95
C ILE B 258 28.56 56.21 -33.60
N SER B 259 28.69 56.46 -32.31
CA SER B 259 29.50 57.56 -31.81
C SER B 259 30.00 57.20 -30.41
N GLY B 260 30.55 58.18 -29.72
CA GLY B 260 31.09 57.95 -28.38
C GLY B 260 32.56 57.57 -28.41
N GLY B 261 33.28 58.01 -27.37
CA GLY B 261 34.69 57.68 -27.29
C GLY B 261 34.95 56.20 -27.18
N LEU B 262 34.07 55.47 -26.49
CA LEU B 262 34.26 54.03 -26.35
C LEU B 262 34.21 53.33 -27.71
N ALA B 263 33.33 53.79 -28.60
CA ALA B 263 33.25 53.19 -29.93
C ALA B 263 34.58 53.35 -30.67
N THR B 264 35.19 54.53 -30.57
CA THR B 264 36.50 54.73 -31.18
C THR B 264 37.55 53.84 -30.51
N GLU B 265 37.49 53.72 -29.18
CA GLU B 265 38.48 52.90 -28.48
C GLU B 265 38.40 51.45 -28.92
N LEU B 266 37.20 50.90 -29.04
CA LEU B 266 37.01 49.52 -29.45
C LEU B 266 37.16 49.31 -30.94
N GLY B 267 37.23 50.39 -31.72
CA GLY B 267 37.29 50.26 -33.16
C GLY B 267 35.97 49.99 -33.83
N LEU B 268 34.86 50.06 -33.09
CA LEU B 268 33.56 49.83 -33.68
C LEU B 268 33.30 50.82 -34.81
N ASN B 269 32.71 50.34 -35.89
CA ASN B 269 32.34 51.18 -37.03
C ASN B 269 30.94 50.77 -37.47
N GLY B 270 29.94 51.46 -36.93
CA GLY B 270 28.57 51.23 -37.34
C GLY B 270 28.36 51.72 -38.77
N GLY B 271 27.87 50.83 -39.63
CA GLY B 271 27.62 51.17 -41.01
C GLY B 271 26.37 50.47 -41.52
N PRO B 272 26.29 50.27 -42.83
CA PRO B 272 25.16 49.49 -43.36
C PRO B 272 25.11 48.09 -42.80
N GLY B 273 26.26 47.51 -42.46
CA GLY B 273 26.32 46.22 -41.82
C GLY B 273 26.37 45.07 -42.80
N VAL B 274 26.89 43.95 -42.32
CA VAL B 274 26.90 42.71 -43.10
C VAL B 274 25.55 42.03 -42.95
N LYS B 275 24.92 41.73 -44.08
CA LYS B 275 23.59 41.13 -44.07
C LYS B 275 23.73 39.62 -43.93
N THR B 276 23.21 39.07 -42.82
CA THR B 276 23.32 37.65 -42.54
C THR B 276 21.97 37.11 -42.12
N THR B 277 21.51 36.09 -42.83
CA THR B 277 20.30 35.34 -42.48
C THR B 277 20.73 33.99 -41.90
N VAL B 278 19.75 33.13 -41.65
CA VAL B 278 20.06 31.83 -41.04
C VAL B 278 20.97 31.03 -41.97
N GLN B 279 20.75 31.11 -43.28
CA GLN B 279 21.59 30.39 -44.22
C GLN B 279 23.04 30.82 -44.15
N ASP B 280 23.33 31.99 -43.60
CA ASP B 280 24.69 32.52 -43.51
C ASP B 280 25.31 32.25 -42.14
N ILE B 281 25.00 31.10 -41.54
CA ILE B 281 25.49 30.74 -40.22
C ILE B 281 26.62 29.72 -40.37
N ASP B 282 27.73 29.98 -39.69
CA ASP B 282 28.82 29.03 -39.58
C ASP B 282 29.30 29.05 -38.14
N ILE B 283 29.45 27.86 -37.54
CA ILE B 283 29.70 27.76 -36.10
C ILE B 283 31.06 27.14 -35.86
N THR B 284 32.01 27.39 -36.76
CA THR B 284 33.38 26.92 -36.56
C THR B 284 34.21 27.86 -35.72
N SER B 285 33.64 28.98 -35.27
CA SER B 285 34.36 29.97 -34.49
C SER B 285 33.44 30.52 -33.40
N VAL B 286 34.05 31.00 -32.32
CA VAL B 286 33.27 31.48 -31.18
C VAL B 286 32.35 32.61 -31.60
N GLY B 287 32.90 33.61 -32.30
CA GLY B 287 32.07 34.69 -32.79
C GLY B 287 30.97 34.20 -33.69
N GLY B 288 31.26 33.19 -34.50
CA GLY B 288 30.22 32.55 -35.28
C GLY B 288 29.10 32.02 -34.40
N SER B 289 29.46 31.37 -33.30
CA SER B 289 28.45 30.83 -32.40
C SER B 289 27.60 31.94 -31.78
N GLN B 290 28.25 33.03 -31.35
CA GLN B 290 27.50 34.11 -30.70
C GLN B 290 26.57 34.81 -31.68
N ASN B 291 27.09 35.22 -32.83
CA ASN B 291 26.23 35.85 -33.82
C ASN B 291 25.17 34.88 -34.33
N ALA B 292 25.44 33.58 -34.24
CA ALA B 292 24.41 32.60 -34.59
C ALA B 292 23.32 32.58 -33.54
N VAL B 293 23.68 32.68 -32.26
CA VAL B 293 22.67 32.78 -31.21
C VAL B 293 21.77 33.98 -31.50
N GLY B 294 22.39 35.11 -31.80
CA GLY B 294 21.59 36.29 -32.14
C GLY B 294 20.71 36.10 -33.36
N ILE B 295 21.27 35.49 -34.41
CA ILE B 295 20.54 35.30 -35.66
C ILE B 295 19.33 34.40 -35.41
N ILE B 296 19.54 33.28 -34.72
CA ILE B 296 18.43 32.37 -34.47
C ILE B 296 17.41 33.01 -33.54
N ASP B 297 17.84 33.86 -32.60
CA ASP B 297 16.86 34.56 -31.78
C ASP B 297 15.97 35.45 -32.63
N ALA B 298 16.56 36.22 -33.53
CA ALA B 298 15.76 37.06 -34.42
C ALA B 298 14.84 36.21 -35.30
N ALA B 299 15.37 35.10 -35.81
CA ALA B 299 14.58 34.24 -36.68
C ALA B 299 13.42 33.62 -35.92
N LEU B 300 13.65 33.21 -34.68
CA LEU B 300 12.58 32.69 -33.84
C LEU B 300 11.52 33.75 -33.61
N LYS B 301 11.93 34.99 -33.36
CA LYS B 301 10.95 36.05 -33.21
C LYS B 301 10.11 36.18 -34.47
N TYR B 302 10.74 36.17 -35.65
CA TYR B 302 10.00 36.29 -36.89
C TYR B 302 9.03 35.12 -37.09
N VAL B 303 9.49 33.90 -36.82
CA VAL B 303 8.65 32.73 -36.98
C VAL B 303 7.46 32.79 -36.04
N ASP B 304 7.70 33.19 -34.79
CA ASP B 304 6.62 33.30 -33.83
C ASP B 304 5.61 34.36 -34.25
N SER B 305 6.09 35.48 -34.80
CA SER B 305 5.17 36.49 -35.30
C SER B 305 4.31 35.93 -36.43
N GLN B 306 4.92 35.19 -37.34
CA GLN B 306 4.16 34.60 -38.43
C GLN B 306 3.12 33.61 -37.91
N ARG B 307 3.51 32.77 -36.94
CA ARG B 307 2.55 31.82 -36.38
C ARG B 307 1.42 32.53 -35.67
N ALA B 308 1.73 33.62 -34.97
CA ALA B 308 0.68 34.40 -34.32
C ALA B 308 -0.28 34.99 -35.34
N ASP B 309 0.24 35.50 -36.45
CA ASP B 309 -0.62 36.01 -37.51
C ASP B 309 -1.52 34.91 -38.05
N LEU B 310 -0.96 33.73 -38.28
CA LEU B 310 -1.77 32.62 -38.79
C LEU B 310 -2.83 32.21 -37.79
N GLY B 311 -2.49 32.22 -36.50
CA GLY B 311 -3.48 31.91 -35.48
C GLY B 311 -4.60 32.93 -35.43
N ALA B 312 -4.26 34.21 -35.56
CA ALA B 312 -5.29 35.24 -35.62
C ALA B 312 -6.20 35.02 -36.81
N LYS B 313 -5.62 34.70 -37.98
CA LYS B 313 -6.45 34.41 -39.15
C LYS B 313 -7.35 33.21 -38.90
N GLN B 314 -6.82 32.17 -38.26
CA GLN B 314 -7.63 30.99 -37.96
C GLN B 314 -8.80 31.34 -37.05
N ASN B 315 -8.54 32.15 -36.01
CA ASN B 315 -9.61 32.53 -35.10
C ASN B 315 -10.68 33.36 -35.81
N ARG B 316 -10.24 34.31 -36.64
CA ARG B 316 -11.21 35.10 -37.40
C ARG B 316 -12.02 34.21 -38.32
N LEU B 317 -11.39 33.22 -38.95
CA LEU B 317 -12.11 32.30 -39.82
C LEU B 317 -13.14 31.50 -39.03
N SER B 318 -12.78 31.03 -37.85
CA SER B 318 -13.73 30.27 -37.04
C SER B 318 -14.93 31.13 -36.65
N HIS B 319 -14.68 32.35 -36.21
CA HIS B 319 -15.77 33.24 -35.85
C HIS B 319 -16.65 33.53 -37.07
N SER B 320 -16.02 33.76 -38.23
CA SER B 320 -16.78 34.06 -39.43
C SER B 320 -17.65 32.88 -39.85
N ILE B 321 -17.12 31.66 -39.76
CA ILE B 321 -17.90 30.50 -40.17
C ILE B 321 -19.07 30.28 -39.21
N SER B 322 -18.85 30.49 -37.91
CA SER B 322 -19.97 30.39 -36.97
C SER B 322 -21.05 31.41 -37.31
N ASN B 323 -20.63 32.66 -37.57
CA ASN B 323 -21.59 33.70 -37.94
C ASN B 323 -22.34 33.32 -39.21
N LEU B 324 -21.63 32.81 -40.21
CA LEU B 324 -22.26 32.45 -41.46
C LEU B 324 -23.27 31.33 -41.27
N SER B 325 -22.94 30.34 -40.44
CA SER B 325 -23.90 29.27 -40.16
C SER B 325 -25.14 29.82 -39.49
N ASN B 326 -24.97 30.73 -38.53
CA ASN B 326 -26.14 31.32 -37.87
C ASN B 326 -26.99 32.09 -38.87
N ILE B 327 -26.36 32.89 -39.73
CA ILE B 327 -27.11 33.65 -40.72
C ILE B 327 -27.82 32.71 -41.68
N GLN B 328 -27.19 31.60 -42.05
CA GLN B 328 -27.84 30.63 -42.92
C GLN B 328 -29.07 30.04 -42.26
N GLU B 329 -28.97 29.71 -40.97
CA GLU B 329 -30.13 29.18 -40.27
C GLU B 329 -31.27 30.19 -40.26
N ASN B 330 -30.96 31.45 -39.96
CA ASN B 330 -32.01 32.47 -39.93
C ASN B 330 -32.61 32.68 -41.32
N VAL B 331 -31.77 32.67 -42.35
CA VAL B 331 -32.26 32.84 -43.71
C VAL B 331 -33.18 31.70 -44.09
N GLU B 332 -32.83 30.47 -43.72
CA GLU B 332 -33.69 29.34 -43.99
C GLU B 332 -35.02 29.48 -43.27
N ALA B 333 -34.99 29.95 -42.02
CA ALA B 333 -36.23 30.17 -41.29
C ALA B 333 -37.12 31.17 -42.02
N SER B 334 -36.54 32.29 -42.45
CA SER B 334 -37.33 33.29 -43.16
C SER B 334 -37.88 32.74 -44.47
N LYS B 335 -37.04 32.02 -45.23
CA LYS B 335 -37.50 31.46 -46.49
C LYS B 335 -38.63 30.48 -46.28
N SER B 336 -38.56 29.66 -45.23
CA SER B 336 -39.66 28.77 -44.93
C SER B 336 -40.91 29.56 -44.56
N ARG B 337 -40.74 30.67 -43.84
CA ARG B 337 -41.88 31.52 -43.53
C ARG B 337 -42.55 32.02 -44.80
N ILE B 338 -41.76 32.38 -45.81
CA ILE B 338 -42.30 33.03 -47.00
C ILE B 338 -42.80 32.02 -48.03
N LYS B 339 -42.12 30.87 -48.17
CA LYS B 339 -42.35 29.96 -49.28
C LYS B 339 -42.86 28.59 -48.86
N ASP B 340 -42.24 27.97 -47.87
CA ASP B 340 -42.55 26.57 -47.57
C ASP B 340 -44.02 26.40 -47.21
N THR B 341 -44.58 25.26 -47.62
CA THR B 341 -46.00 25.00 -47.47
C THR B 341 -46.38 24.85 -46.01
N ASP B 342 -47.55 25.36 -45.64
CA ASP B 342 -48.10 25.21 -44.31
C ASP B 342 -49.12 24.06 -44.37
N PHE B 343 -48.62 22.85 -44.14
CA PHE B 343 -49.43 21.65 -44.39
C PHE B 343 -50.74 21.67 -43.59
N ALA B 344 -50.69 22.19 -42.36
CA ALA B 344 -51.91 22.22 -41.56
C ALA B 344 -53.02 22.98 -42.28
N LYS B 345 -52.67 24.10 -42.91
CA LYS B 345 -53.66 24.86 -43.65
C LYS B 345 -54.01 24.19 -44.98
N GLU B 346 -52.99 23.64 -45.66
CA GLU B 346 -53.19 23.18 -47.02
C GLU B 346 -53.98 21.88 -47.10
N THR B 347 -53.78 20.96 -46.14
CA THR B 347 -54.59 19.75 -46.14
C THR B 347 -56.06 20.09 -45.92
N THR B 348 -56.33 21.02 -45.01
CA THR B 348 -57.71 21.48 -44.81
C THR B 348 -58.26 22.11 -46.07
N GLN B 349 -57.46 22.91 -46.77
CA GLN B 349 -57.91 23.51 -48.02
C GLN B 349 -58.22 22.44 -49.06
N LEU B 350 -57.37 21.41 -49.15
CA LEU B 350 -57.60 20.32 -50.09
C LEU B 350 -58.92 19.62 -49.77
N THR B 351 -59.16 19.32 -48.49
CA THR B 351 -60.39 18.63 -48.14
C THR B 351 -61.60 19.50 -48.42
N LYS B 352 -61.51 20.80 -48.14
CA LYS B 352 -62.62 21.69 -48.43
C LYS B 352 -62.91 21.73 -49.93
N SER B 353 -61.86 21.81 -50.75
CA SER B 353 -62.06 21.81 -52.20
C SER B 353 -62.68 20.50 -52.67
N GLN B 354 -62.23 19.38 -52.10
CA GLN B 354 -62.81 18.08 -52.46
C GLN B 354 -64.28 18.04 -52.13
N ILE B 355 -64.65 18.50 -50.93
CA ILE B 355 -66.05 18.50 -50.54
C ILE B 355 -66.86 19.40 -51.46
N LEU B 356 -66.32 20.58 -51.80
CA LEU B 356 -67.04 21.50 -52.66
C LEU B 356 -67.26 20.88 -54.05
N GLN B 357 -66.23 20.22 -54.59
CA GLN B 357 -66.38 19.59 -55.90
C GLN B 357 -67.39 18.46 -55.84
N GLN B 358 -67.36 17.66 -54.77
CA GLN B 358 -68.35 16.58 -54.63
C GLN B 358 -69.76 17.15 -54.59
N ALA B 359 -69.97 18.22 -53.82
CA ALA B 359 -71.28 18.84 -53.76
C ALA B 359 -71.68 19.38 -55.13
N GLY B 360 -70.74 19.99 -55.84
CA GLY B 360 -71.05 20.52 -57.16
C GLY B 360 -71.49 19.43 -58.12
N THR B 361 -70.76 18.32 -58.15
CA THR B 361 -71.13 17.22 -59.04
C THR B 361 -72.47 16.62 -58.63
N SER B 362 -72.70 16.46 -57.33
CA SER B 362 -73.98 15.91 -56.88
C SER B 362 -75.13 16.82 -57.28
N ILE B 363 -74.95 18.13 -57.15
CA ILE B 363 -76.01 19.07 -57.53
C ILE B 363 -76.21 19.06 -59.04
N LEU B 364 -75.12 18.97 -59.80
CA LEU B 364 -75.25 18.93 -61.25
C LEU B 364 -76.03 17.69 -61.69
N ALA B 365 -75.75 16.54 -61.06
CA ALA B 365 -76.52 15.34 -61.36
C ALA B 365 -77.98 15.49 -60.95
N GLN B 366 -78.22 15.98 -59.73
CA GLN B 366 -79.59 16.13 -59.24
C GLN B 366 -80.42 17.01 -60.16
N ALA B 367 -79.90 18.20 -60.46
CA ALA B 367 -80.54 19.09 -61.42
C ALA B 367 -80.22 18.66 -62.84
N LYS B 368 -80.91 19.26 -63.80
CA LYS B 368 -80.69 19.00 -65.22
C LYS B 368 -81.16 17.62 -65.62
N GLN B 369 -81.64 16.82 -64.66
CA GLN B 369 -82.19 15.49 -64.94
C GLN B 369 -83.66 15.42 -64.57
N LEU B 370 -84.01 15.73 -63.33
CA LEU B 370 -85.40 15.76 -62.91
C LEU B 370 -86.08 17.04 -63.41
N PRO B 371 -85.58 18.22 -63.05
CA PRO B 371 -86.25 19.45 -63.53
C PRO B 371 -86.27 19.57 -65.04
N ASN B 372 -85.16 19.22 -65.71
CA ASN B 372 -85.15 19.25 -67.17
C ASN B 372 -86.19 18.30 -67.75
N SER B 373 -86.25 17.08 -67.22
CA SER B 373 -87.24 16.13 -67.68
C SER B 373 -88.65 16.56 -67.34
N ALA B 374 -88.82 17.49 -66.39
CA ALA B 374 -90.16 17.92 -66.01
C ALA B 374 -90.89 18.60 -67.16
N ILE B 375 -90.18 19.43 -67.92
CA ILE B 375 -90.79 20.21 -68.99
C ILE B 375 -91.15 19.30 -70.17
N SER B 376 -90.85 18.00 -70.07
CA SER B 376 -91.15 17.06 -71.13
C SER B 376 -92.09 15.93 -70.70
N LEU B 377 -92.03 15.48 -69.44
CA LEU B 377 -92.84 14.33 -69.05
C LEU B 377 -94.33 14.64 -69.17
N LEU B 378 -94.73 15.88 -68.93
CA LEU B 378 -96.13 16.25 -69.01
C LEU B 378 -96.57 16.61 -70.43
N GLN B 379 -95.64 16.79 -71.34
CA GLN B 379 -95.97 17.12 -72.73
C GLN B 379 -96.11 15.85 -73.55
N THR C 2 -61.62 21.28 -66.15
CA THR C 2 -62.88 20.57 -65.92
C THR C 2 -62.61 19.10 -65.61
N ILE C 3 -63.59 18.24 -65.90
CA ILE C 3 -63.49 16.82 -65.53
C ILE C 3 -63.11 15.99 -66.75
N ASN C 4 -62.44 16.61 -67.73
CA ASN C 4 -61.97 15.87 -68.88
C ASN C 4 -61.07 14.72 -68.43
N VAL C 5 -61.31 13.53 -68.99
CA VAL C 5 -60.62 12.32 -68.55
C VAL C 5 -59.43 11.98 -69.44
N ASN C 6 -59.25 12.67 -70.57
CA ASN C 6 -58.16 12.33 -71.47
C ASN C 6 -56.80 12.53 -70.82
N THR C 7 -56.65 13.60 -70.04
CA THR C 7 -55.36 13.94 -69.45
C THR C 7 -55.58 14.82 -68.23
N ASN C 8 -54.96 14.43 -67.11
CA ASN C 8 -55.02 15.20 -65.87
C ASN C 8 -53.62 15.69 -65.54
N VAL C 9 -53.42 17.01 -65.63
CA VAL C 9 -52.10 17.58 -65.40
C VAL C 9 -51.65 17.34 -63.96
N SER C 10 -52.58 17.37 -63.00
CA SER C 10 -52.20 17.16 -61.61
C SER C 10 -51.46 15.83 -61.45
N ALA C 11 -51.88 14.80 -62.18
CA ALA C 11 -51.19 13.52 -62.11
C ALA C 11 -49.74 13.65 -62.57
N MET C 12 -49.51 14.35 -63.67
CA MET C 12 -48.14 14.53 -64.16
C MET C 12 -47.31 15.32 -63.14
N THR C 13 -47.89 16.37 -62.56
CA THR C 13 -47.15 17.15 -61.56
C THR C 13 -46.78 16.28 -60.36
N ALA C 14 -47.74 15.50 -59.87
CA ALA C 14 -47.47 14.63 -58.74
C ALA C 14 -46.39 13.61 -59.08
N GLN C 15 -46.45 13.04 -60.28
CA GLN C 15 -45.44 12.07 -60.69
C GLN C 15 -44.06 12.72 -60.78
N ARG C 16 -43.99 13.94 -61.32
CA ARG C 16 -42.70 14.60 -61.45
C ARG C 16 -42.09 14.89 -60.09
N TYR C 17 -42.89 15.41 -59.16
CA TYR C 17 -42.34 15.69 -57.83
C TYR C 17 -42.01 14.41 -57.08
N LEU C 18 -42.79 13.35 -57.27
CA LEU C 18 -42.45 12.07 -56.67
C LEU C 18 -41.13 11.54 -57.22
N THR C 19 -40.91 11.70 -58.53
CA THR C 19 -39.65 11.26 -59.12
C THR C 19 -38.48 12.06 -58.58
N LYS C 20 -38.66 13.38 -58.44
CA LYS C 20 -37.59 14.18 -57.84
C LYS C 20 -37.29 13.73 -56.42
N ALA C 21 -38.33 13.49 -55.63
CA ALA C 21 -38.14 13.04 -54.26
C ALA C 21 -37.43 11.69 -54.22
N THR C 22 -37.81 10.76 -55.10
CA THR C 22 -37.18 9.45 -55.12
C THR C 22 -35.72 9.55 -55.57
N GLY C 23 -35.42 10.41 -56.53
CA GLY C 23 -34.04 10.60 -56.93
C GLY C 23 -33.19 11.14 -55.80
N GLU C 24 -33.68 12.15 -55.10
CA GLU C 24 -32.96 12.65 -53.94
C GLU C 24 -32.84 11.60 -52.84
N LEU C 25 -33.87 10.77 -52.66
CA LEU C 25 -33.80 9.69 -51.68
C LEU C 25 -32.70 8.69 -52.05
N ASN C 26 -32.62 8.32 -53.33
CA ASN C 26 -31.58 7.40 -53.76
C ASN C 26 -30.20 8.02 -53.56
N THR C 27 -30.05 9.30 -53.89
CA THR C 27 -28.77 9.96 -53.69
C THR C 27 -28.39 9.98 -52.22
N SER C 28 -29.35 10.28 -51.34
CA SER C 28 -29.05 10.31 -49.91
C SER C 28 -28.69 8.91 -49.41
N MET C 29 -29.40 7.88 -49.88
CA MET C 29 -29.07 6.53 -49.47
C MET C 29 -27.66 6.14 -49.91
N GLU C 30 -27.31 6.48 -51.15
CA GLU C 30 -25.97 6.18 -51.64
C GLU C 30 -24.90 6.92 -50.83
N ARG C 31 -25.16 8.19 -50.50
CA ARG C 31 -24.21 8.95 -49.70
C ARG C 31 -24.05 8.34 -48.31
N LEU C 32 -25.16 7.95 -47.69
CA LEU C 32 -25.08 7.33 -46.36
C LEU C 32 -24.32 6.02 -46.41
N SER C 33 -24.59 5.17 -47.40
CA SER C 33 -23.95 3.87 -47.45
C SER C 33 -22.46 4.00 -47.75
N SER C 34 -22.12 4.79 -48.77
CA SER C 34 -20.72 4.91 -49.16
C SER C 34 -19.89 5.57 -48.06
N GLY C 35 -20.43 6.61 -47.45
CA GLY C 35 -19.68 7.42 -46.52
C GLY C 35 -18.97 8.60 -47.15
N ASN C 36 -18.96 8.69 -48.48
CA ASN C 36 -18.35 9.81 -49.19
C ASN C 36 -19.46 10.64 -49.81
N ARG C 37 -19.51 11.92 -49.44
CA ARG C 37 -20.49 12.84 -50.03
C ARG C 37 -20.34 12.92 -51.54
N ILE C 38 -19.15 12.69 -52.06
CA ILE C 38 -18.86 12.77 -53.48
C ILE C 38 -18.60 11.36 -53.99
N ASN C 39 -19.44 10.90 -54.92
CA ASN C 39 -19.35 9.55 -55.45
C ASN C 39 -19.37 9.50 -56.97
N SER C 40 -19.55 10.62 -57.64
CA SER C 40 -19.47 10.66 -59.10
C SER C 40 -19.16 12.10 -59.52
N ALA C 41 -18.60 12.22 -60.72
CA ALA C 41 -18.29 13.55 -61.24
C ALA C 41 -19.52 14.42 -61.34
N LYS C 42 -20.68 13.81 -61.59
CA LYS C 42 -21.91 14.59 -61.74
C LYS C 42 -22.22 15.38 -60.47
N ASP C 43 -21.84 14.86 -59.31
CA ASP C 43 -22.17 15.53 -58.05
C ASP C 43 -21.53 16.92 -57.99
N ASP C 44 -20.20 16.97 -57.98
CA ASP C 44 -19.49 18.26 -57.91
C ASP C 44 -18.08 18.01 -58.44
N ALA C 45 -17.77 18.55 -59.62
CA ALA C 45 -16.51 18.24 -60.27
C ALA C 45 -15.31 18.75 -59.46
N ALA C 46 -15.34 20.04 -59.08
CA ALA C 46 -14.17 20.64 -58.43
C ALA C 46 -13.87 19.94 -57.12
N GLY C 47 -14.90 19.65 -56.32
CA GLY C 47 -14.69 18.95 -55.07
C GLY C 47 -14.09 17.58 -55.29
N LEU C 48 -14.58 16.85 -56.30
CA LEU C 48 -14.01 15.54 -56.60
C LEU C 48 -12.54 15.65 -56.97
N GLN C 49 -12.19 16.62 -57.81
CA GLN C 49 -10.80 16.77 -58.22
C GLN C 49 -9.91 17.06 -57.01
N ILE C 50 -10.30 18.05 -56.20
CA ILE C 50 -9.44 18.44 -55.09
C ILE C 50 -9.34 17.29 -54.07
N SER C 51 -10.46 16.60 -53.82
CA SER C 51 -10.44 15.50 -52.87
C SER C 51 -9.57 14.36 -53.35
N ASN C 52 -9.64 14.02 -54.64
CA ASN C 52 -8.78 12.97 -55.17
C ASN C 52 -7.32 13.36 -55.06
N ARG C 53 -7.00 14.62 -55.36
CA ARG C 53 -5.62 15.08 -55.22
C ARG C 53 -5.16 14.96 -53.78
N LEU C 54 -6.00 15.35 -52.83
CA LEU C 54 -5.62 15.28 -51.43
C LEU C 54 -5.44 13.84 -50.97
N THR C 55 -6.30 12.93 -51.43
CA THR C 55 -6.14 11.52 -51.07
C THR C 55 -4.84 10.97 -51.64
N ALA C 56 -4.53 11.30 -52.88
CA ALA C 56 -3.27 10.88 -53.47
C ALA C 56 -2.09 11.42 -52.66
N GLN C 57 -2.17 12.68 -52.24
CA GLN C 57 -1.10 13.25 -51.43
C GLN C 57 -0.99 12.55 -50.10
N SER C 58 -2.11 12.16 -49.50
CA SER C 58 -2.07 11.45 -48.23
C SER C 58 -1.37 10.09 -48.37
N ARG C 59 -1.72 9.35 -49.42
CA ARG C 59 -1.05 8.06 -49.62
C ARG C 59 0.43 8.26 -49.94
N GLY C 60 0.75 9.27 -50.74
CA GLY C 60 2.16 9.59 -50.98
C GLY C 60 2.89 9.95 -49.70
N LEU C 61 2.21 10.63 -48.78
CA LEU C 61 2.80 10.97 -47.49
C LEU C 61 3.05 9.71 -46.68
N ASP C 62 2.13 8.74 -46.73
CA ASP C 62 2.37 7.48 -46.07
C ASP C 62 3.60 6.78 -46.64
N VAL C 63 3.74 6.79 -47.96
CA VAL C 63 4.92 6.19 -48.58
C VAL C 63 6.18 6.92 -48.16
N ALA C 64 6.11 8.25 -48.10
CA ALA C 64 7.27 9.04 -47.69
C ALA C 64 7.66 8.72 -46.25
N MET C 65 6.67 8.56 -45.37
CA MET C 65 6.97 8.18 -44.00
C MET C 65 7.64 6.82 -43.96
N ARG C 66 7.14 5.88 -44.76
CA ARG C 66 7.78 4.56 -44.80
C ARG C 66 9.23 4.65 -45.24
N ASN C 67 9.50 5.45 -46.28
CA ASN C 67 10.87 5.62 -46.75
C ASN C 67 11.74 6.28 -45.70
N ALA C 68 11.21 7.29 -45.01
CA ALA C 68 11.97 7.94 -43.95
C ALA C 68 12.33 6.96 -42.85
N ASN C 69 11.38 6.11 -42.46
CA ASN C 69 11.66 5.13 -41.42
C ASN C 69 12.70 4.11 -41.90
N ASP C 70 12.64 3.74 -43.18
CA ASP C 70 13.66 2.85 -43.73
C ASP C 70 15.05 3.49 -43.64
N GLY C 71 15.14 4.77 -44.00
CA GLY C 71 16.40 5.47 -43.86
C GLY C 71 16.88 5.51 -42.42
N ILE C 72 15.96 5.72 -41.48
CA ILE C 72 16.31 5.71 -40.07
C ILE C 72 16.89 4.36 -39.69
N SER C 73 16.27 3.27 -40.16
CA SER C 73 16.75 1.94 -39.81
C SER C 73 18.14 1.69 -40.37
N ILE C 74 18.37 2.09 -41.63
CA ILE C 74 19.69 1.90 -42.22
C ILE C 74 20.74 2.69 -41.42
N ALA C 75 20.42 3.93 -41.07
CA ALA C 75 21.36 4.73 -40.29
C ALA C 75 21.63 4.09 -38.94
N GLN C 76 20.59 3.56 -38.30
CA GLN C 76 20.77 2.90 -37.00
C GLN C 76 21.71 1.71 -37.12
N THR C 77 21.50 0.88 -38.15
CA THR C 77 22.35 -0.29 -38.33
C THR C 77 23.80 0.12 -38.55
N ALA C 78 24.03 1.10 -39.42
CA ALA C 78 25.39 1.57 -39.67
C ALA C 78 26.01 2.14 -38.40
N GLU C 79 25.22 2.87 -37.61
CA GLU C 79 25.74 3.47 -36.39
C GLU C 79 26.15 2.39 -35.40
N GLY C 80 25.36 1.32 -35.26
CA GLY C 80 25.75 0.24 -34.37
C GLY C 80 27.03 -0.43 -34.82
N ALA C 81 27.12 -0.73 -36.12
CA ALA C 81 28.35 -1.34 -36.64
C ALA C 81 29.54 -0.45 -36.37
N MET C 82 29.39 0.86 -36.59
CA MET C 82 30.50 1.78 -36.38
C MET C 82 30.83 1.92 -34.90
N ASN C 83 29.84 1.78 -34.02
CA ASN C 83 30.12 1.79 -32.59
C ASN C 83 31.03 0.63 -32.22
N GLU C 84 30.71 -0.56 -32.72
CA GLU C 84 31.59 -1.70 -32.43
C GLU C 84 32.96 -1.49 -33.06
N SER C 85 33.01 -0.93 -34.27
CA SER C 85 34.28 -0.68 -34.93
C SER C 85 35.15 0.28 -34.11
N THR C 86 34.55 1.35 -33.58
CA THR C 86 35.34 2.29 -32.79
C THR C 86 35.77 1.67 -31.47
N SER C 87 34.96 0.79 -30.88
CA SER C 87 35.42 0.07 -29.71
C SER C 87 36.65 -0.77 -30.03
N ILE C 88 36.62 -1.45 -31.19
CA ILE C 88 37.79 -2.20 -31.63
C ILE C 88 38.99 -1.28 -31.76
N LEU C 89 38.78 -0.11 -32.35
CA LEU C 89 39.89 0.83 -32.55
C LEU C 89 40.47 1.30 -31.21
N GLN C 90 39.60 1.57 -30.22
CA GLN C 90 40.10 1.93 -28.90
C GLN C 90 40.94 0.81 -28.31
N ARG C 91 40.47 -0.44 -28.46
CA ARG C 91 41.26 -1.55 -27.94
C ARG C 91 42.62 -1.62 -28.62
N MET C 92 42.66 -1.41 -29.93
CA MET C 92 43.93 -1.45 -30.66
C MET C 92 44.84 -0.31 -30.22
N ARG C 93 44.29 0.87 -29.97
CA ARG C 93 45.10 1.97 -29.45
C ARG C 93 45.69 1.62 -28.10
N ASP C 94 44.89 1.02 -27.22
CA ASP C 94 45.43 0.59 -25.93
C ASP C 94 46.54 -0.43 -26.10
N LEU C 95 46.36 -1.36 -27.04
CA LEU C 95 47.41 -2.35 -27.31
C LEU C 95 48.69 -1.69 -27.75
N ALA C 96 48.58 -0.73 -28.67
CA ALA C 96 49.78 -0.04 -29.16
C ALA C 96 50.47 0.71 -28.02
N LEU C 97 49.70 1.45 -27.22
CA LEU C 97 50.29 2.18 -26.12
C LEU C 97 50.98 1.24 -25.14
N GLN C 98 50.36 0.10 -24.86
CA GLN C 98 51.00 -0.88 -23.98
C GLN C 98 52.30 -1.39 -24.59
N SER C 99 52.32 -1.63 -25.90
CA SER C 99 53.53 -2.10 -26.55
C SER C 99 54.64 -1.06 -26.49
N ALA C 100 54.29 0.22 -26.55
CA ALA C 100 55.32 1.26 -26.58
C ALA C 100 56.21 1.24 -25.35
N ASN C 101 55.74 0.67 -24.24
CA ASN C 101 56.53 0.67 -23.02
C ASN C 101 57.89 -0.01 -23.26
N GLY C 102 58.93 0.55 -22.63
CA GLY C 102 60.27 0.09 -22.93
C GLY C 102 60.52 -1.36 -22.58
N THR C 103 60.05 -1.79 -21.41
CA THR C 103 60.32 -3.15 -20.92
C THR C 103 59.33 -4.11 -21.57
N ASN C 104 59.66 -4.53 -22.79
CA ASN C 104 58.86 -5.51 -23.50
C ASN C 104 59.67 -6.58 -24.22
N SER C 105 60.98 -6.42 -24.37
CA SER C 105 61.82 -7.41 -25.06
C SER C 105 61.24 -7.61 -26.45
N ALA C 106 61.04 -8.84 -26.90
CA ALA C 106 60.49 -9.09 -28.24
C ALA C 106 59.24 -9.96 -28.22
N SER C 107 59.19 -10.99 -27.37
CA SER C 107 58.06 -11.91 -27.39
C SER C 107 56.76 -11.18 -27.06
N GLU C 108 56.78 -10.30 -26.06
CA GLU C 108 55.58 -9.54 -25.72
C GLU C 108 55.10 -8.73 -26.91
N ARG C 109 56.03 -8.11 -27.63
CA ARG C 109 55.66 -7.33 -28.80
C ARG C 109 55.02 -8.21 -29.87
N GLN C 110 55.56 -9.42 -30.06
CA GLN C 110 54.95 -10.33 -31.03
C GLN C 110 53.53 -10.71 -30.62
N ALA C 111 53.32 -10.97 -29.34
CA ALA C 111 51.96 -11.31 -28.88
C ALA C 111 51.01 -10.14 -29.09
N LEU C 112 51.45 -8.93 -28.74
CA LEU C 112 50.61 -7.76 -28.92
C LEU C 112 50.30 -7.54 -30.40
N ASN C 113 51.29 -7.75 -31.27
CA ASN C 113 51.07 -7.59 -32.70
C ASN C 113 50.12 -8.65 -33.24
N GLU C 114 50.19 -9.87 -32.70
CA GLU C 114 49.23 -10.89 -33.09
C GLU C 114 47.81 -10.49 -32.71
N GLU C 115 47.64 -9.96 -31.49
CA GLU C 115 46.33 -9.47 -31.09
C GLU C 115 45.86 -8.34 -32.01
N SER C 116 46.78 -7.44 -32.37
CA SER C 116 46.43 -6.33 -33.26
C SER C 116 46.02 -6.86 -34.64
N VAL C 117 46.72 -7.87 -35.14
CA VAL C 117 46.37 -8.43 -36.44
C VAL C 117 45.00 -9.08 -36.38
N ALA C 118 44.70 -9.79 -35.31
CA ALA C 118 43.37 -10.37 -35.15
C ALA C 118 42.30 -9.27 -35.15
N LEU C 119 42.55 -8.18 -34.41
CA LEU C 119 41.59 -7.10 -34.39
C LEU C 119 41.45 -6.43 -35.75
N GLN C 120 42.54 -6.33 -36.51
CA GLN C 120 42.46 -5.80 -37.86
C GLN C 120 41.58 -6.67 -38.74
N ASP C 121 41.76 -7.99 -38.65
CA ASP C 121 40.91 -8.89 -39.42
C ASP C 121 39.46 -8.76 -39.01
N GLU C 122 39.21 -8.53 -37.71
CA GLU C 122 37.84 -8.29 -37.26
C GLU C 122 37.27 -7.00 -37.83
N LEU C 123 38.09 -5.95 -37.90
CA LEU C 123 37.63 -4.72 -38.53
C LEU C 123 37.26 -4.96 -39.98
N ASN C 124 38.09 -5.72 -40.70
CA ASN C 124 37.77 -6.06 -42.08
C ASN C 124 36.46 -6.84 -42.16
N ARG C 125 36.26 -7.80 -41.26
CA ARG C 125 35.03 -8.58 -41.27
C ARG C 125 33.82 -7.70 -41.01
N ILE C 126 33.93 -6.77 -40.06
CA ILE C 126 32.81 -5.88 -39.78
C ILE C 126 32.51 -5.00 -41.00
N ALA C 127 33.56 -4.50 -41.64
CA ALA C 127 33.36 -3.68 -42.82
C ALA C 127 32.72 -4.47 -43.96
N GLU C 128 33.02 -5.76 -44.05
CA GLU C 128 32.53 -6.58 -45.16
C GLU C 128 31.13 -7.14 -44.93
N THR C 129 30.75 -7.42 -43.68
CA THR C 129 29.57 -8.24 -43.42
C THR C 129 28.32 -7.44 -43.06
N THR C 130 28.45 -6.40 -42.23
CA THR C 130 27.27 -5.66 -41.79
C THR C 130 26.42 -5.26 -42.99
N SER C 131 25.20 -5.81 -43.04
CA SER C 131 24.33 -5.61 -44.18
C SER C 131 22.90 -5.47 -43.69
N PHE C 132 22.12 -4.66 -44.41
CA PHE C 132 20.70 -4.47 -44.13
C PHE C 132 19.90 -5.35 -45.10
N GLY C 133 19.88 -6.64 -44.81
CA GLY C 133 19.16 -7.59 -45.63
C GLY C 133 19.72 -7.71 -47.04
N GLY C 134 21.04 -7.83 -47.14
CA GLY C 134 21.71 -8.02 -48.41
C GLY C 134 22.35 -6.77 -48.99
N ARG C 135 22.08 -5.60 -48.42
CA ARG C 135 22.64 -4.33 -48.90
C ARG C 135 23.82 -3.98 -48.00
N LYS C 136 25.04 -4.25 -48.49
CA LYS C 136 26.23 -3.96 -47.71
C LYS C 136 26.27 -2.48 -47.36
N LEU C 137 26.52 -2.18 -46.09
CA LEU C 137 26.50 -0.81 -45.59
C LEU C 137 27.89 -0.19 -45.54
N LEU C 138 28.82 -0.84 -44.84
CA LEU C 138 30.15 -0.28 -44.60
C LEU C 138 31.20 -0.83 -45.55
N ASN C 139 30.82 -1.68 -46.51
CA ASN C 139 31.78 -2.19 -47.48
C ASN C 139 32.25 -1.12 -48.46
N GLY C 140 31.60 0.04 -48.48
CA GLY C 140 31.89 1.07 -49.46
C GLY C 140 31.07 0.97 -50.73
N SER C 141 30.27 -0.09 -50.89
CA SER C 141 29.40 -0.20 -52.05
C SER C 141 28.20 0.74 -51.95
N PHE C 142 27.79 1.08 -50.73
CA PHE C 142 26.59 1.91 -50.57
C PHE C 142 26.77 3.26 -51.24
N GLY C 143 27.93 3.89 -51.07
CA GLY C 143 28.14 5.19 -51.66
C GLY C 143 27.11 6.19 -51.18
N GLU C 144 26.53 6.92 -52.12
CA GLU C 144 25.48 7.90 -51.84
C GLU C 144 24.16 7.39 -52.39
N ALA C 145 23.12 7.43 -51.57
CA ALA C 145 21.80 6.97 -51.98
C ALA C 145 20.75 7.99 -51.56
N SER C 146 19.65 8.01 -52.30
CA SER C 146 18.53 8.90 -52.02
C SER C 146 17.45 8.16 -51.25
N PHE C 147 16.52 8.94 -50.68
CA PHE C 147 15.40 8.37 -49.93
C PHE C 147 14.26 9.37 -50.02
N GLN C 148 13.28 9.08 -50.86
CA GLN C 148 12.12 9.95 -51.01
C GLN C 148 11.43 10.13 -49.67
N ILE C 149 11.31 11.38 -49.23
CA ILE C 149 10.66 11.70 -47.96
C ILE C 149 9.64 12.81 -48.18
N GLY C 150 9.15 12.94 -49.41
CA GLY C 150 8.15 13.95 -49.73
C GLY C 150 7.05 13.36 -50.59
N SER C 151 5.90 14.03 -50.55
CA SER C 151 4.75 13.56 -51.31
C SER C 151 5.00 13.65 -52.80
N SER C 152 5.46 14.81 -53.27
CA SER C 152 5.69 15.02 -54.69
C SER C 152 7.04 14.43 -55.09
N SER C 153 7.43 14.62 -56.35
CA SER C 153 8.70 14.14 -56.87
C SER C 153 9.72 15.27 -56.80
N GLY C 154 10.90 14.96 -56.25
CA GLY C 154 11.95 15.95 -56.08
C GLY C 154 12.38 16.16 -54.65
N GLU C 155 11.85 15.41 -53.68
CA GLU C 155 12.23 15.53 -52.29
C GLU C 155 13.03 14.29 -51.90
N ALA C 156 14.30 14.48 -51.57
CA ALA C 156 15.16 13.37 -51.24
C ALA C 156 16.29 13.86 -50.35
N ILE C 157 16.95 12.91 -49.70
CA ILE C 157 18.10 13.19 -48.85
C ILE C 157 19.24 12.27 -49.28
N ILE C 158 20.35 12.86 -49.70
CA ILE C 158 21.49 12.10 -50.19
C ILE C 158 22.28 11.64 -48.96
N MET C 159 21.95 10.45 -48.47
CA MET C 159 22.67 9.86 -47.36
C MET C 159 23.82 9.02 -47.89
N GLY C 160 25.00 9.22 -47.32
CA GLY C 160 26.21 8.58 -47.80
C GLY C 160 26.85 7.72 -46.73
N LEU C 161 27.40 6.58 -47.15
CA LEU C 161 28.07 5.64 -46.24
C LEU C 161 29.44 5.31 -46.82
N THR C 162 30.47 5.99 -46.33
CA THR C 162 31.84 5.67 -46.70
C THR C 162 32.34 4.48 -45.89
N SER C 163 33.12 3.62 -46.53
CA SER C 163 33.53 2.37 -45.92
C SER C 163 34.39 2.64 -44.69
N VAL C 164 34.36 1.69 -43.75
CA VAL C 164 35.19 1.76 -42.55
C VAL C 164 36.21 0.65 -42.57
N ARG C 165 36.59 0.20 -43.77
CA ARG C 165 37.63 -0.81 -43.89
C ARG C 165 38.93 -0.31 -43.29
N ALA C 166 39.69 -1.21 -42.67
CA ALA C 166 40.99 -0.85 -42.15
C ALA C 166 41.94 -0.43 -43.26
N ASP C 167 41.64 -0.79 -44.50
CA ASP C 167 42.47 -0.42 -45.65
C ASP C 167 42.06 0.92 -46.27
N ASP C 168 40.94 1.49 -45.84
CA ASP C 168 40.48 2.75 -46.43
C ASP C 168 41.56 3.82 -46.29
N PHE C 169 41.77 4.57 -47.37
CA PHE C 169 42.83 5.58 -47.37
C PHE C 169 42.57 6.68 -46.36
N ARG C 170 41.32 6.87 -45.94
CA ARG C 170 40.99 7.92 -44.98
C ARG C 170 41.19 7.47 -43.54
N MET C 171 41.46 6.19 -43.30
CA MET C 171 41.74 5.69 -41.97
C MET C 171 43.26 5.62 -41.77
N GLY C 172 43.87 6.80 -41.68
CA GLY C 172 45.30 6.89 -41.52
C GLY C 172 45.85 8.23 -41.97
N GLY C 173 46.86 8.20 -42.82
CA GLY C 173 47.45 9.42 -43.32
C GLY C 173 48.90 9.20 -43.74
N GLN C 174 49.62 10.30 -43.84
CA GLN C 174 51.01 10.25 -44.28
C GLN C 174 51.95 10.16 -43.07
N SER C 175 53.07 9.49 -43.29
CA SER C 175 54.08 9.32 -42.26
C SER C 175 55.43 9.70 -42.84
N PHE C 176 56.24 10.39 -42.03
CA PHE C 176 57.58 10.81 -42.40
C PHE C 176 58.54 10.39 -41.30
N ILE C 177 59.75 10.01 -41.69
CA ILE C 177 60.76 9.53 -40.76
C ILE C 177 62.05 10.30 -40.96
N ALA C 178 62.82 10.42 -39.89
CA ALA C 178 64.10 11.09 -39.95
C ALA C 178 65.15 10.17 -40.55
N GLU C 179 66.27 10.76 -40.96
CA GLU C 179 67.35 10.01 -41.58
C GLU C 179 68.56 9.83 -40.66
N GLN C 180 68.76 10.74 -39.70
CA GLN C 180 69.90 10.67 -38.80
C GLN C 180 69.43 10.29 -37.40
N PRO C 181 69.67 9.07 -36.94
CA PRO C 181 69.26 8.72 -35.57
C PRO C 181 70.03 9.54 -34.55
N LYS C 182 69.38 9.81 -33.43
CA LYS C 182 69.95 10.61 -32.36
C LYS C 182 70.03 9.77 -31.09
N THR C 183 71.22 9.69 -30.51
CA THR C 183 71.44 8.89 -29.33
C THR C 183 70.84 9.57 -28.11
N LYS C 184 70.95 8.92 -26.96
CA LYS C 184 70.36 9.45 -25.73
C LYS C 184 71.00 10.77 -25.34
N GLU C 185 72.32 10.88 -25.50
CA GLU C 185 73.03 12.08 -25.09
C GLU C 185 72.58 13.28 -25.92
N TRP C 186 72.38 13.10 -27.22
CA TRP C 186 72.21 14.22 -28.13
C TRP C 186 71.12 15.16 -27.65
N GLY C 187 71.43 16.46 -27.63
CA GLY C 187 70.46 17.49 -27.31
C GLY C 187 70.28 18.43 -28.49
N VAL C 188 69.32 19.35 -28.34
CA VAL C 188 69.04 20.33 -29.38
C VAL C 188 70.14 21.39 -29.36
N PRO C 189 70.89 21.58 -30.43
CA PRO C 189 71.94 22.60 -30.43
C PRO C 189 71.32 23.99 -30.34
N PRO C 190 71.96 24.91 -29.61
CA PRO C 190 71.39 26.26 -29.49
C PRO C 190 71.37 27.04 -30.80
N THR C 191 72.22 26.70 -31.77
CA THR C 191 72.26 27.45 -33.01
C THR C 191 71.04 27.14 -33.88
N ALA C 192 70.69 25.87 -34.01
CA ALA C 192 69.57 25.44 -34.84
C ALA C 192 68.43 25.00 -33.94
N ARG C 193 67.36 25.80 -33.91
CA ARG C 193 66.18 25.48 -33.11
C ARG C 193 64.92 25.58 -33.94
N ASP C 194 64.93 26.46 -34.94
CA ASP C 194 63.74 26.69 -35.74
C ASP C 194 63.34 25.44 -36.50
N LEU C 195 62.04 25.31 -36.77
CA LEU C 195 61.51 24.17 -37.50
C LEU C 195 60.17 24.59 -38.08
N LYS C 196 60.11 24.76 -39.40
CA LYS C 196 58.96 25.33 -40.07
C LYS C 196 58.30 24.28 -40.97
N PHE C 197 56.98 24.16 -40.85
CA PHE C 197 56.18 23.30 -41.70
C PHE C 197 55.25 24.16 -42.53
N GLU C 198 55.16 23.86 -43.83
CA GLU C 198 54.24 24.54 -44.73
C GLU C 198 53.51 23.49 -45.55
N PHE C 199 52.18 23.45 -45.43
CA PHE C 199 51.40 22.48 -46.19
C PHE C 199 49.99 23.02 -46.38
N THR C 200 49.13 22.18 -46.95
CA THR C 200 47.75 22.55 -47.26
C THR C 200 46.82 21.50 -46.70
N LYS C 201 46.02 21.87 -45.71
CA LYS C 201 45.03 20.96 -45.16
C LYS C 201 44.10 20.48 -46.27
N LYS C 202 43.40 19.38 -45.99
CA LYS C 202 42.56 18.77 -47.02
C LYS C 202 41.49 19.74 -47.51
N ASP C 203 40.85 20.46 -46.59
CA ASP C 203 39.79 21.38 -46.99
C ASP C 203 40.30 22.50 -47.89
N GLY C 204 41.60 22.79 -47.86
CA GLY C 204 42.16 23.77 -48.76
C GLY C 204 43.00 24.83 -48.06
N GLU C 205 42.65 25.20 -46.84
CA GLU C 205 43.36 26.26 -46.14
C GLU C 205 44.83 25.88 -45.96
N ALA C 206 45.71 26.81 -46.32
CA ALA C 206 47.15 26.62 -46.16
C ALA C 206 47.52 26.83 -44.70
N VAL C 207 48.48 26.03 -44.23
CA VAL C 207 48.92 26.05 -42.84
C VAL C 207 50.43 26.18 -42.81
N VAL C 208 50.92 27.11 -42.01
CA VAL C 208 52.35 27.31 -41.78
C VAL C 208 52.58 27.33 -40.27
N LEU C 209 53.36 26.37 -39.79
CA LEU C 209 53.76 26.30 -38.38
C LEU C 209 55.24 26.63 -38.27
N ASP C 210 55.61 27.26 -37.16
CA ASP C 210 56.94 27.82 -36.96
C ASP C 210 57.51 27.39 -35.62
N ILE C 211 57.49 26.09 -35.35
CA ILE C 211 57.87 25.60 -34.03
C ILE C 211 59.33 25.92 -33.79
N ILE C 212 59.62 26.67 -32.73
CA ILE C 212 60.98 26.96 -32.31
C ILE C 212 61.26 26.10 -31.09
N ALA C 213 62.03 25.02 -31.29
CA ALA C 213 62.30 24.08 -30.21
C ALA C 213 63.16 24.74 -29.13
N LYS C 214 63.02 24.22 -27.92
CA LYS C 214 63.77 24.75 -26.79
C LYS C 214 65.22 24.25 -26.82
N ASP C 215 66.08 24.98 -26.14
CA ASP C 215 67.51 24.70 -26.18
C ASP C 215 67.85 23.56 -25.24
N GLY C 216 68.58 22.57 -25.75
CA GLY C 216 69.07 21.48 -24.93
C GLY C 216 68.00 20.49 -24.52
N ASP C 217 67.42 19.81 -25.49
CA ASP C 217 66.41 18.79 -25.26
C ASP C 217 66.82 17.49 -25.94
N ASP C 218 66.67 16.37 -25.23
CA ASP C 218 66.85 15.09 -25.88
C ASP C 218 65.71 14.84 -26.85
N ILE C 219 65.92 13.89 -27.76
CA ILE C 219 65.02 13.75 -28.91
C ILE C 219 63.59 13.49 -28.44
N GLU C 220 63.42 12.71 -27.37
CA GLU C 220 62.08 12.45 -26.85
C GLU C 220 61.42 13.74 -26.38
N GLU C 221 62.17 14.60 -25.70
CA GLU C 221 61.62 15.89 -25.28
C GLU C 221 61.19 16.71 -26.49
N LEU C 222 62.00 16.70 -27.54
CA LEU C 222 61.65 17.45 -28.75
C LEU C 222 60.36 16.90 -29.37
N ALA C 223 60.23 15.58 -29.41
CA ALA C 223 59.00 15.00 -29.94
C ALA C 223 57.79 15.41 -29.10
N THR C 224 57.94 15.38 -27.78
CA THR C 224 56.85 15.80 -26.91
C THR C 224 56.50 17.26 -27.16
N TYR C 225 57.51 18.12 -27.30
CA TYR C 225 57.27 19.55 -27.53
C TYR C 225 56.52 19.76 -28.84
N ILE C 226 56.98 19.12 -29.92
CA ILE C 226 56.32 19.26 -31.21
C ILE C 226 54.87 18.78 -31.11
N ASN C 227 54.67 17.63 -30.47
CA ASN C 227 53.31 17.11 -30.30
C ASN C 227 52.45 18.08 -29.51
N GLY C 228 53.04 18.78 -28.54
CA GLY C 228 52.26 19.66 -27.69
C GLY C 228 51.98 21.03 -28.24
N GLN C 229 52.80 21.50 -29.19
CA GLN C 229 52.63 22.84 -29.73
C GLN C 229 51.67 22.91 -30.92
N THR C 230 51.05 21.80 -31.30
CA THR C 230 50.05 21.81 -32.36
C THR C 230 49.25 20.52 -32.31
N ASP C 231 48.10 20.53 -32.98
CA ASP C 231 47.19 19.40 -33.01
C ASP C 231 47.09 18.76 -34.39
N LEU C 232 47.75 19.31 -35.41
CA LEU C 232 47.79 18.73 -36.74
C LEU C 232 48.97 17.78 -36.92
N PHE C 233 49.49 17.23 -35.84
CA PHE C 233 50.72 16.45 -35.88
C PHE C 233 50.63 15.32 -34.87
N LYS C 234 51.52 14.34 -35.04
CA LYS C 234 51.77 13.35 -33.99
C LYS C 234 53.24 12.94 -34.12
N ALA C 235 54.10 13.63 -33.38
CA ALA C 235 55.51 13.30 -33.37
C ALA C 235 55.78 12.11 -32.47
N SER C 236 56.95 11.50 -32.65
CA SER C 236 57.32 10.32 -31.86
C SER C 236 58.78 10.01 -32.15
N VAL C 237 59.30 8.98 -31.47
CA VAL C 237 60.67 8.53 -31.64
C VAL C 237 60.67 7.01 -31.69
N ASP C 238 61.35 6.44 -32.68
CA ASP C 238 61.43 5.00 -32.83
C ASP C 238 62.56 4.46 -31.96
N GLN C 239 62.92 3.20 -32.16
CA GLN C 239 63.93 2.56 -31.33
C GLN C 239 65.28 3.28 -31.46
N GLU C 240 65.64 3.67 -32.68
CA GLU C 240 66.95 4.26 -32.93
C GLU C 240 67.01 5.75 -32.62
N GLY C 241 65.91 6.36 -32.19
CA GLY C 241 65.89 7.78 -31.90
C GLY C 241 65.57 8.67 -33.08
N LYS C 242 65.22 8.09 -34.23
CA LYS C 242 64.83 8.87 -35.39
C LYS C 242 63.45 9.49 -35.15
N LEU C 243 63.33 10.77 -35.47
CA LEU C 243 62.06 11.46 -35.29
C LEU C 243 61.06 11.02 -36.34
N GLN C 244 59.85 10.68 -35.90
CA GLN C 244 58.74 10.35 -36.78
C GLN C 244 57.67 11.42 -36.67
N ILE C 245 57.02 11.73 -37.78
CA ILE C 245 55.93 12.70 -37.82
C ILE C 245 54.80 12.08 -38.63
N PHE C 246 53.63 11.98 -38.02
CA PHE C 246 52.45 11.43 -38.66
C PHE C 246 51.40 12.52 -38.82
N VAL C 247 50.91 12.69 -40.04
CA VAL C 247 49.90 13.70 -40.36
C VAL C 247 48.65 12.98 -40.85
N ALA C 248 47.54 13.20 -40.17
CA ALA C 248 46.30 12.54 -40.54
C ALA C 248 45.91 12.89 -41.98
N GLU C 249 45.17 11.99 -42.60
CA GLU C 249 44.78 12.19 -44.00
C GLU C 249 43.99 13.47 -44.21
N PRO C 250 42.95 13.78 -43.42
CA PRO C 250 42.20 15.02 -43.66
C PRO C 250 42.96 16.28 -43.32
N ASN C 251 44.23 16.19 -42.87
CA ASN C 251 44.99 17.36 -42.46
C ASN C 251 46.08 17.75 -43.44
N ILE C 252 46.31 16.97 -44.50
CA ILE C 252 47.27 17.35 -45.53
C ILE C 252 46.75 16.89 -46.89
N GLU C 253 47.16 17.63 -47.93
CA GLU C 253 46.81 17.27 -49.30
C GLU C 253 47.90 17.85 -50.19
N GLY C 254 48.82 17.00 -50.62
CA GLY C 254 49.98 17.45 -51.38
C GLY C 254 51.27 16.92 -50.79
N ASN C 255 52.32 17.74 -50.82
CA ASN C 255 53.62 17.37 -50.28
C ASN C 255 53.88 18.22 -49.04
N PHE C 256 53.74 17.60 -47.87
CA PHE C 256 54.00 18.27 -46.60
C PHE C 256 55.52 18.42 -46.43
N ASN C 257 56.00 19.66 -46.50
CA ASN C 257 57.43 19.93 -46.57
C ASN C 257 57.89 20.67 -45.31
N ILE C 258 59.06 20.25 -44.80
CA ILE C 258 59.65 20.84 -43.60
C ILE C 258 60.99 21.46 -43.98
N SER C 259 61.28 22.62 -43.41
CA SER C 259 62.55 23.30 -43.61
C SER C 259 63.00 23.86 -42.27
N GLY C 260 64.16 24.50 -42.26
CA GLY C 260 64.73 25.08 -41.06
C GLY C 260 65.98 24.35 -40.61
N GLY C 261 66.72 25.02 -39.72
CA GLY C 261 67.97 24.45 -39.25
C GLY C 261 67.79 23.11 -38.58
N LEU C 262 66.80 23.02 -37.68
CA LEU C 262 66.58 21.76 -36.97
C LEU C 262 66.17 20.65 -37.94
N ALA C 263 65.41 20.99 -38.98
CA ALA C 263 65.02 19.99 -39.96
C ALA C 263 66.25 19.35 -40.61
N THR C 264 67.24 20.18 -40.99
CA THR C 264 68.47 19.64 -41.54
C THR C 264 69.28 18.91 -40.48
N GLU C 265 69.24 19.39 -39.24
CA GLU C 265 70.01 18.73 -38.18
C GLU C 265 69.52 17.30 -37.96
N LEU C 266 68.20 17.10 -37.95
CA LEU C 266 67.64 15.76 -37.80
C LEU C 266 67.59 15.00 -39.11
N GLY C 267 67.90 15.64 -40.23
CA GLY C 267 67.78 15.00 -41.52
C GLY C 267 66.35 14.79 -41.98
N LEU C 268 65.37 15.33 -41.26
CA LEU C 268 63.98 15.17 -41.66
C LEU C 268 63.78 15.73 -43.06
N ASN C 269 63.13 14.94 -43.92
CA ASN C 269 62.89 15.31 -45.30
C ASN C 269 61.39 15.36 -45.54
N GLY C 270 60.91 16.48 -46.07
CA GLY C 270 59.50 16.62 -46.39
C GLY C 270 59.21 16.26 -47.84
N GLY C 271 57.97 15.87 -48.09
CA GLY C 271 57.55 15.46 -49.40
C GLY C 271 56.21 14.76 -49.38
N PRO C 272 55.94 13.91 -50.36
CA PRO C 272 54.66 13.17 -50.36
C PRO C 272 54.48 12.31 -49.13
N GLY C 273 55.56 11.81 -48.54
CA GLY C 273 55.45 10.95 -47.39
C GLY C 273 55.10 9.54 -47.77
N VAL C 274 54.98 8.70 -46.75
CA VAL C 274 54.61 7.29 -46.91
C VAL C 274 53.17 7.14 -46.45
N LYS C 275 52.30 6.69 -47.34
CA LYS C 275 50.92 6.45 -46.97
C LYS C 275 50.84 5.29 -45.99
N THR C 276 50.01 5.44 -44.96
CA THR C 276 49.85 4.40 -43.95
C THR C 276 48.43 4.44 -43.40
N THR C 277 47.79 3.29 -43.39
CA THR C 277 46.43 3.15 -42.88
C THR C 277 46.42 2.08 -41.79
N VAL C 278 45.22 1.80 -41.27
CA VAL C 278 45.08 0.84 -40.19
C VAL C 278 45.44 -0.58 -40.63
N GLN C 279 45.51 -0.83 -41.93
CA GLN C 279 45.90 -2.15 -42.42
C GLN C 279 47.41 -2.37 -42.41
N ASP C 280 48.19 -1.34 -42.09
CA ASP C 280 49.64 -1.41 -42.13
C ASP C 280 50.26 -1.10 -40.77
N ILE C 281 49.54 -1.37 -39.70
CA ILE C 281 50.06 -1.16 -38.35
C ILE C 281 50.90 -2.37 -37.94
N ASP C 282 52.18 -2.14 -37.69
CA ASP C 282 53.09 -3.15 -37.17
C ASP C 282 53.57 -2.68 -35.80
N ILE C 283 53.31 -3.48 -34.77
CA ILE C 283 53.64 -3.12 -33.40
C ILE C 283 54.93 -3.79 -32.92
N THR C 284 55.53 -4.65 -33.74
CA THR C 284 56.72 -5.38 -33.31
C THR C 284 57.87 -4.46 -32.92
N SER C 285 57.88 -3.22 -33.39
CA SER C 285 58.94 -2.28 -33.09
C SER C 285 58.36 -1.06 -32.40
N VAL C 286 59.23 -0.37 -31.64
CA VAL C 286 58.77 0.77 -30.85
C VAL C 286 58.22 1.86 -31.77
N GLY C 287 58.98 2.22 -32.81
CA GLY C 287 58.50 3.23 -33.74
C GLY C 287 57.20 2.83 -34.40
N GLY C 288 57.05 1.53 -34.70
CA GLY C 288 55.79 1.06 -35.23
C GLY C 288 54.64 1.33 -34.29
N SER C 289 54.84 1.06 -33.00
CA SER C 289 53.78 1.32 -32.02
C SER C 289 53.47 2.80 -31.90
N GLN C 290 54.51 3.65 -31.91
CA GLN C 290 54.28 5.08 -31.82
C GLN C 290 53.49 5.58 -33.01
N ASN C 291 53.84 5.12 -34.22
CA ASN C 291 53.05 5.48 -35.40
C ASN C 291 51.64 4.93 -35.30
N ALA C 292 51.51 3.73 -34.70
CA ALA C 292 50.19 3.12 -34.54
C ALA C 292 49.28 3.99 -33.69
N VAL C 293 49.84 4.60 -32.64
CA VAL C 293 49.01 5.44 -31.78
C VAL C 293 48.36 6.56 -32.59
N GLY C 294 49.16 7.27 -33.40
CA GLY C 294 48.61 8.34 -34.21
C GLY C 294 47.66 7.82 -35.29
N ILE C 295 47.99 6.68 -35.89
CA ILE C 295 47.12 6.13 -36.93
C ILE C 295 45.75 5.81 -36.35
N ILE C 296 45.72 5.18 -35.18
CA ILE C 296 44.45 4.87 -34.55
C ILE C 296 43.73 6.14 -34.11
N ASP C 297 44.46 7.16 -33.68
CA ASP C 297 43.81 8.42 -33.35
C ASP C 297 43.09 8.99 -34.57
N ALA C 298 43.76 9.00 -35.71
CA ALA C 298 43.13 9.51 -36.93
C ALA C 298 41.93 8.66 -37.32
N ALA C 299 42.06 7.33 -37.22
CA ALA C 299 40.95 6.45 -37.57
C ALA C 299 39.76 6.69 -36.65
N LEU C 300 40.02 6.87 -35.36
CA LEU C 300 38.94 7.18 -34.42
C LEU C 300 38.26 8.50 -34.79
N LYS C 301 39.05 9.51 -35.13
CA LYS C 301 38.47 10.78 -35.54
C LYS C 301 37.55 10.58 -36.74
N TYR C 302 38.01 9.83 -37.73
CA TYR C 302 37.21 9.60 -38.93
C TYR C 302 35.91 8.86 -38.60
N VAL C 303 36.02 7.77 -37.83
CA VAL C 303 34.83 6.97 -37.54
C VAL C 303 33.83 7.78 -36.73
N ASP C 304 34.32 8.56 -35.76
CA ASP C 304 33.43 9.39 -34.97
C ASP C 304 32.78 10.47 -35.84
N SER C 305 33.52 11.02 -36.79
CA SER C 305 32.94 12.00 -37.70
C SER C 305 31.79 11.40 -38.49
N GLN C 306 31.99 10.20 -39.03
CA GLN C 306 30.92 9.57 -39.79
C GLN C 306 29.74 9.19 -38.89
N ARG C 307 30.02 8.75 -37.67
CA ARG C 307 28.93 8.48 -36.74
C ARG C 307 28.12 9.73 -36.46
N ALA C 308 28.81 10.87 -36.28
CA ALA C 308 28.11 12.13 -36.05
C ALA C 308 27.26 12.51 -37.25
N ASP C 309 27.78 12.30 -38.46
CA ASP C 309 27.00 12.60 -39.65
C ASP C 309 25.74 11.74 -39.70
N LEU C 310 25.87 10.44 -39.39
CA LEU C 310 24.71 9.56 -39.42
C LEU C 310 23.72 9.94 -38.33
N GLY C 311 24.20 10.36 -37.17
CA GLY C 311 23.31 10.82 -36.12
C GLY C 311 22.54 12.07 -36.52
N ALA C 312 23.23 13.01 -37.18
CA ALA C 312 22.54 14.18 -37.69
C ALA C 312 21.48 13.79 -38.70
N LYS C 313 21.80 12.85 -39.58
CA LYS C 313 20.80 12.38 -40.55
C LYS C 313 19.62 11.73 -39.85
N GLN C 314 19.87 10.95 -38.80
CA GLN C 314 18.78 10.32 -38.06
C GLN C 314 17.87 11.36 -37.41
N ASN C 315 18.48 12.40 -36.82
CA ASN C 315 17.67 13.47 -36.25
C ASN C 315 16.85 14.17 -37.33
N ARG C 316 17.45 14.41 -38.49
CA ARG C 316 16.72 15.02 -39.59
C ARG C 316 15.55 14.15 -40.00
N LEU C 317 15.75 12.83 -40.09
CA LEU C 317 14.67 11.94 -40.48
C LEU C 317 13.56 11.93 -39.44
N SER C 318 13.91 11.99 -38.16
CA SER C 318 12.87 12.04 -37.13
C SER C 318 12.04 13.31 -37.26
N HIS C 319 12.71 14.45 -37.45
CA HIS C 319 11.99 15.71 -37.63
C HIS C 319 11.09 15.65 -38.86
N SER C 320 11.60 15.10 -39.95
CA SER C 320 10.79 14.98 -41.17
C SER C 320 9.60 14.06 -40.94
N ILE C 321 9.80 12.98 -40.18
CA ILE C 321 8.71 12.07 -39.88
C ILE C 321 7.61 12.80 -39.14
N SER C 322 7.98 13.58 -38.12
CA SER C 322 6.99 14.33 -37.36
C SER C 322 6.24 15.32 -38.26
N ASN C 323 6.98 16.05 -39.09
CA ASN C 323 6.34 17.02 -39.97
C ASN C 323 5.40 16.34 -40.95
N LEU C 324 5.82 15.21 -41.52
CA LEU C 324 4.99 14.51 -42.47
C LEU C 324 3.72 13.98 -41.81
N SER C 325 3.84 13.47 -40.59
CA SER C 325 2.65 13.01 -39.89
C SER C 325 1.68 14.15 -39.63
N ASN C 326 2.20 15.30 -39.21
CA ASN C 326 1.31 16.45 -38.97
C ASN C 326 0.63 16.88 -40.27
N ILE C 327 1.39 16.96 -41.36
CA ILE C 327 0.80 17.37 -42.63
C ILE C 327 -0.24 16.36 -43.08
N GLN C 328 0.02 15.06 -42.86
CA GLN C 328 -0.95 14.05 -43.25
C GLN C 328 -2.22 14.19 -42.42
N GLU C 329 -2.09 14.47 -41.13
CA GLU C 329 -3.27 14.68 -40.31
C GLU C 329 -4.10 15.85 -40.84
N ASN C 330 -3.44 16.97 -41.13
CA ASN C 330 -4.17 18.14 -41.64
C ASN C 330 -4.83 17.83 -42.98
N VAL C 331 -4.10 17.16 -43.87
CA VAL C 331 -4.64 16.85 -45.19
C VAL C 331 -5.81 15.90 -45.08
N GLU C 332 -5.73 14.91 -44.20
CA GLU C 332 -6.84 13.99 -44.01
C GLU C 332 -8.05 14.72 -43.43
N ALA C 333 -7.83 15.65 -42.51
CA ALA C 333 -8.94 16.43 -41.98
C ALA C 333 -9.64 17.20 -43.10
N SER C 334 -8.87 17.90 -43.93
CA SER C 334 -9.48 18.65 -45.01
C SER C 334 -10.16 17.73 -46.02
N LYS C 335 -9.53 16.60 -46.35
CA LYS C 335 -10.13 15.66 -47.29
C LYS C 335 -11.45 15.13 -46.77
N SER C 336 -11.51 14.79 -45.48
CA SER C 336 -12.76 14.33 -44.90
C SER C 336 -13.81 15.43 -44.94
N ARG C 337 -13.40 16.67 -44.66
CA ARG C 337 -14.36 17.76 -44.63
C ARG C 337 -14.96 18.00 -46.02
N ILE C 338 -14.12 17.98 -47.06
CA ILE C 338 -14.62 18.20 -48.41
C ILE C 338 -15.40 16.99 -48.89
N LYS C 339 -14.87 15.78 -48.66
CA LYS C 339 -15.42 14.56 -49.22
C LYS C 339 -16.35 13.85 -48.23
N ASP C 340 -15.84 13.45 -47.07
CA ASP C 340 -16.63 12.66 -46.15
C ASP C 340 -17.91 13.39 -45.78
N THR C 341 -19.02 12.65 -45.75
CA THR C 341 -20.32 13.24 -45.46
C THR C 341 -20.51 13.45 -43.97
N ASP C 342 -21.24 14.50 -43.62
CA ASP C 342 -21.66 14.75 -42.26
C ASP C 342 -22.98 14.02 -42.03
N PHE C 343 -22.95 13.00 -41.18
CA PHE C 343 -24.10 12.10 -41.09
C PHE C 343 -25.35 12.81 -40.60
N ALA C 344 -25.21 13.86 -39.78
CA ALA C 344 -26.40 14.57 -39.31
C ALA C 344 -27.17 15.16 -40.48
N LYS C 345 -26.48 15.94 -41.33
CA LYS C 345 -27.15 16.59 -42.44
C LYS C 345 -27.76 15.58 -43.39
N GLU C 346 -27.01 14.52 -43.70
CA GLU C 346 -27.48 13.58 -44.71
C GLU C 346 -28.60 12.70 -44.18
N THR C 347 -28.56 12.35 -42.90
CA THR C 347 -29.69 11.62 -42.31
C THR C 347 -30.94 12.49 -42.27
N THR C 348 -30.79 13.77 -41.94
CA THR C 348 -31.94 14.67 -42.01
C THR C 348 -32.49 14.74 -43.42
N GLN C 349 -31.61 14.85 -44.42
CA GLN C 349 -32.04 14.88 -45.80
C GLN C 349 -32.75 13.58 -46.19
N LEU C 350 -32.22 12.44 -45.72
CA LEU C 350 -32.83 11.16 -46.04
C LEU C 350 -34.24 11.07 -45.46
N THR C 351 -34.42 11.48 -44.21
CA THR C 351 -35.74 11.44 -43.62
C THR C 351 -36.70 12.38 -44.34
N LYS C 352 -36.22 13.58 -44.70
CA LYS C 352 -37.07 14.51 -45.42
C LYS C 352 -37.48 13.93 -46.77
N SER C 353 -36.55 13.29 -47.47
CA SER C 353 -36.88 12.69 -48.77
C SER C 353 -37.85 11.54 -48.60
N GLN C 354 -37.68 10.73 -47.56
CA GLN C 354 -38.62 9.65 -47.29
C GLN C 354 -40.03 10.20 -47.09
N ILE C 355 -40.16 11.23 -46.25
CA ILE C 355 -41.47 11.82 -45.99
C ILE C 355 -42.05 12.42 -47.27
N LEU C 356 -41.19 13.07 -48.07
CA LEU C 356 -41.67 13.64 -49.32
C LEU C 356 -42.17 12.56 -50.26
N GLN C 357 -41.47 11.42 -50.32
CA GLN C 357 -41.93 10.33 -51.16
C GLN C 357 -43.28 9.80 -50.68
N GLN C 358 -43.44 9.62 -49.37
CA GLN C 358 -44.71 9.13 -48.85
C GLN C 358 -45.84 10.11 -49.16
N ALA C 359 -45.58 11.41 -48.98
CA ALA C 359 -46.59 12.40 -49.31
C ALA C 359 -46.93 12.36 -50.79
N GLY C 360 -45.92 12.17 -51.64
CA GLY C 360 -46.17 12.07 -53.06
C GLY C 360 -47.04 10.88 -53.42
N THR C 361 -46.77 9.73 -52.80
CA THR C 361 -47.61 8.56 -53.07
C THR C 361 -49.04 8.79 -52.59
N SER C 362 -49.21 9.38 -51.41
CA SER C 362 -50.56 9.65 -50.93
C SER C 362 -51.29 10.61 -51.87
N ILE C 363 -50.62 11.68 -52.29
CA ILE C 363 -51.26 12.64 -53.18
C ILE C 363 -51.60 11.99 -54.52
N LEU C 364 -50.69 11.16 -55.03
CA LEU C 364 -50.95 10.49 -56.31
C LEU C 364 -52.15 9.55 -56.19
N ALA C 365 -52.25 8.83 -55.08
CA ALA C 365 -53.39 7.95 -54.88
C ALA C 365 -54.68 8.76 -54.82
N GLN C 366 -54.66 9.89 -54.11
CA GLN C 366 -55.84 10.74 -54.04
C GLN C 366 -56.21 11.30 -55.40
N ALA C 367 -55.21 11.66 -56.20
CA ALA C 367 -55.44 12.37 -57.46
C ALA C 367 -55.73 11.44 -58.63
N LYS C 368 -55.41 10.14 -58.52
CA LYS C 368 -55.71 9.22 -59.60
C LYS C 368 -57.19 8.85 -59.62
N GLN C 369 -57.82 8.74 -58.45
CA GLN C 369 -59.18 8.23 -58.34
C GLN C 369 -60.24 9.31 -58.48
N LEU C 370 -60.03 10.48 -57.87
CA LEU C 370 -61.06 11.51 -57.89
C LEU C 370 -61.39 12.00 -59.29
N PRO C 371 -60.43 12.43 -60.11
CA PRO C 371 -60.79 13.03 -61.40
C PRO C 371 -61.45 12.05 -62.35
N ASN C 372 -60.82 10.90 -62.56
CA ASN C 372 -61.41 9.90 -63.44
C ASN C 372 -62.79 9.47 -62.94
N SER C 373 -62.96 9.36 -61.62
CA SER C 373 -64.21 8.88 -61.08
C SER C 373 -65.32 9.92 -61.15
N ALA C 374 -64.97 11.22 -61.12
CA ALA C 374 -65.99 12.25 -61.13
C ALA C 374 -66.82 12.21 -62.42
N ILE C 375 -66.14 12.15 -63.57
CA ILE C 375 -66.85 12.15 -64.85
C ILE C 375 -67.71 10.89 -64.96
N SER C 376 -67.17 9.74 -64.54
CA SER C 376 -67.97 8.52 -64.58
C SER C 376 -69.20 8.65 -63.69
N LEU C 377 -69.06 9.30 -62.54
CA LEU C 377 -70.21 9.55 -61.69
C LEU C 377 -71.24 10.41 -62.41
N LEU C 378 -70.78 11.46 -63.09
CA LEU C 378 -71.72 12.32 -63.81
C LEU C 378 -72.54 11.52 -64.80
N GLN C 379 -71.89 10.69 -65.61
CA GLN C 379 -72.57 9.87 -66.60
C GLN C 379 -73.58 8.96 -65.91
N MET D 1 -38.50 4.96 -65.13
CA MET D 1 -37.99 4.13 -64.00
C MET D 1 -38.02 4.90 -62.68
N THR D 2 -39.23 5.16 -62.15
CA THR D 2 -39.36 5.95 -60.94
C THR D 2 -39.58 5.08 -59.70
N ILE D 3 -40.65 4.29 -59.68
CA ILE D 3 -40.93 3.33 -58.61
C ILE D 3 -41.14 1.99 -59.30
N ASN D 4 -40.14 1.13 -59.26
CA ASN D 4 -40.21 -0.16 -59.91
C ASN D 4 -39.68 -1.23 -58.97
N VAL D 5 -40.16 -2.46 -59.17
CA VAL D 5 -39.75 -3.58 -58.34
C VAL D 5 -38.77 -4.51 -59.05
N ASN D 6 -38.72 -4.48 -60.38
CA ASN D 6 -37.85 -5.41 -61.10
C ASN D 6 -36.39 -5.22 -60.70
N THR D 7 -35.94 -3.98 -60.60
CA THR D 7 -34.55 -3.66 -60.28
C THR D 7 -34.51 -2.69 -59.11
N ASN D 8 -33.51 -2.89 -58.24
CA ASN D 8 -33.32 -2.06 -57.04
C ASN D 8 -31.87 -1.59 -57.04
N VAL D 9 -31.60 -0.47 -57.72
CA VAL D 9 -30.23 0.01 -57.86
C VAL D 9 -29.66 0.41 -56.51
N SER D 10 -30.45 1.11 -55.69
CA SER D 10 -29.97 1.53 -54.39
C SER D 10 -29.62 0.33 -53.53
N ALA D 11 -30.41 -0.73 -53.61
CA ALA D 11 -30.09 -1.96 -52.88
C ALA D 11 -28.77 -2.54 -53.35
N MET D 12 -28.52 -2.53 -54.66
CA MET D 12 -27.25 -3.03 -55.16
C MET D 12 -26.08 -2.20 -54.65
N THR D 13 -26.23 -0.88 -54.64
CA THR D 13 -25.16 -0.03 -54.13
C THR D 13 -24.90 -0.31 -52.65
N ALA D 14 -25.97 -0.44 -51.86
CA ALA D 14 -25.81 -0.75 -50.45
C ALA D 14 -25.11 -2.09 -50.27
N GLN D 15 -25.50 -3.09 -51.07
CA GLN D 15 -24.87 -4.40 -50.96
C GLN D 15 -23.38 -4.32 -51.30
N ARG D 16 -23.03 -3.57 -52.34
CA ARG D 16 -21.62 -3.46 -52.71
C ARG D 16 -20.82 -2.81 -51.60
N TYR D 17 -21.33 -1.72 -51.03
CA TYR D 17 -20.60 -1.04 -49.97
C TYR D 17 -20.52 -1.91 -48.72
N LEU D 18 -21.58 -2.65 -48.41
CA LEU D 18 -21.53 -3.57 -47.28
C LEU D 18 -20.50 -4.66 -47.50
N THR D 19 -20.42 -5.18 -48.73
CA THR D 19 -19.41 -6.20 -49.02
C THR D 19 -18.00 -5.65 -48.86
N LYS D 20 -17.76 -4.43 -49.34
CA LYS D 20 -16.46 -3.82 -49.16
C LYS D 20 -16.14 -3.64 -47.68
N ALA D 21 -17.12 -3.17 -46.90
CA ALA D 21 -16.90 -2.99 -45.48
C ALA D 21 -16.58 -4.30 -44.79
N THR D 22 -17.31 -5.36 -45.13
CA THR D 22 -17.06 -6.66 -44.52
C THR D 22 -15.68 -7.19 -44.89
N GLY D 23 -15.27 -7.00 -46.15
CA GLY D 23 -13.94 -7.42 -46.53
C GLY D 23 -12.86 -6.70 -45.74
N GLU D 24 -12.99 -5.38 -45.60
CA GLU D 24 -12.01 -4.63 -44.82
C GLU D 24 -12.03 -5.05 -43.36
N LEU D 25 -13.22 -5.32 -42.83
CA LEU D 25 -13.32 -5.78 -41.44
C LEU D 25 -12.61 -7.11 -41.25
N ASN D 26 -12.80 -8.05 -42.19
CA ASN D 26 -12.12 -9.34 -42.08
C ASN D 26 -10.61 -9.16 -42.16
N THR D 27 -10.14 -8.32 -43.07
CA THR D 27 -8.70 -8.08 -43.18
C THR D 27 -8.15 -7.51 -41.87
N SER D 28 -8.86 -6.53 -41.29
CA SER D 28 -8.42 -5.96 -40.03
C SER D 28 -8.43 -7.02 -38.93
N MET D 29 -9.41 -7.92 -38.96
CA MET D 29 -9.46 -8.97 -37.96
C MET D 29 -8.26 -9.90 -38.06
N GLU D 30 -7.89 -10.30 -39.28
CA GLU D 30 -6.68 -11.12 -39.43
C GLU D 30 -5.46 -10.36 -38.93
N ARG D 31 -5.34 -9.09 -39.30
CA ARG D 31 -4.17 -8.32 -38.88
C ARG D 31 -4.09 -8.23 -37.36
N LEU D 32 -5.23 -8.01 -36.70
CA LEU D 32 -5.23 -7.94 -35.25
C LEU D 32 -4.91 -9.29 -34.62
N SER D 33 -5.43 -10.38 -35.19
CA SER D 33 -5.27 -11.68 -34.57
C SER D 33 -3.85 -12.20 -34.73
N SER D 34 -3.41 -12.39 -35.98
CA SER D 34 -2.09 -12.98 -36.19
C SER D 34 -0.96 -12.05 -35.74
N GLY D 35 -1.23 -10.77 -35.59
CA GLY D 35 -0.22 -9.83 -35.13
C GLY D 35 0.74 -9.35 -36.19
N ASN D 36 0.62 -9.84 -37.42
CA ASN D 36 1.47 -9.42 -38.53
C ASN D 36 0.62 -8.71 -39.56
N ARG D 37 0.99 -7.47 -39.88
CA ARG D 37 0.25 -6.73 -40.90
C ARG D 37 0.30 -7.44 -42.25
N ILE D 38 1.48 -7.94 -42.62
CA ILE D 38 1.66 -8.62 -43.90
C ILE D 38 1.44 -10.10 -43.69
N ASN D 39 0.34 -10.63 -44.23
CA ASN D 39 0.00 -12.03 -44.10
C ASN D 39 0.07 -12.80 -45.41
N SER D 40 0.03 -12.12 -46.54
CA SER D 40 0.07 -12.78 -47.84
C SER D 40 0.56 -11.78 -48.87
N ALA D 41 0.96 -12.32 -50.03
CA ALA D 41 1.44 -11.46 -51.11
C ALA D 41 0.40 -10.43 -51.53
N LYS D 42 -0.88 -10.80 -51.51
CA LYS D 42 -1.93 -9.88 -51.93
C LYS D 42 -1.94 -8.61 -51.07
N ASP D 43 -1.47 -8.70 -49.82
CA ASP D 43 -1.39 -7.50 -48.98
C ASP D 43 -0.34 -6.54 -49.50
N ASP D 44 0.91 -6.99 -49.59
CA ASP D 44 2.01 -6.14 -50.04
C ASP D 44 3.12 -7.04 -50.56
N ALA D 45 3.49 -6.86 -51.82
CA ALA D 45 4.50 -7.73 -52.42
C ALA D 45 5.91 -7.37 -51.94
N ALA D 46 6.34 -6.14 -52.21
CA ALA D 46 7.69 -5.74 -51.83
C ALA D 46 7.88 -5.82 -50.33
N GLY D 47 6.88 -5.38 -49.57
CA GLY D 47 6.97 -5.47 -48.12
C GLY D 47 7.13 -6.90 -47.65
N LEU D 48 6.35 -7.82 -48.22
CA LEU D 48 6.48 -9.23 -47.86
C LEU D 48 7.88 -9.74 -48.17
N GLN D 49 8.39 -9.41 -49.36
CA GLN D 49 9.72 -9.89 -49.73
C GLN D 49 10.78 -9.40 -48.76
N ILE D 50 10.77 -8.09 -48.47
CA ILE D 50 11.82 -7.54 -47.62
C ILE D 50 11.68 -8.08 -46.20
N SER D 51 10.45 -8.22 -45.71
CA SER D 51 10.25 -8.77 -44.37
C SER D 51 10.74 -10.20 -44.28
N ASN D 52 10.47 -11.02 -45.30
CA ASN D 52 10.96 -12.39 -45.30
C ASN D 52 12.48 -12.41 -45.31
N ARG D 53 13.11 -11.56 -46.13
CA ARG D 53 14.57 -11.53 -46.15
C ARG D 53 15.13 -11.12 -44.81
N LEU D 54 14.52 -10.12 -44.17
CA LEU D 54 15.03 -9.66 -42.87
C LEU D 54 14.84 -10.73 -41.80
N THR D 55 13.72 -11.46 -41.82
CA THR D 55 13.53 -12.54 -40.87
C THR D 55 14.57 -13.64 -41.08
N ALA D 56 14.84 -13.97 -42.35
CA ALA D 56 15.88 -14.95 -42.63
C ALA D 56 17.22 -14.48 -42.09
N GLN D 57 17.56 -13.21 -42.29
CA GLN D 57 18.82 -12.70 -41.77
C GLN D 57 18.84 -12.72 -40.26
N SER D 58 17.70 -12.46 -39.61
CA SER D 58 17.67 -12.50 -38.15
C SER D 58 17.92 -13.91 -37.63
N ARG D 59 17.30 -14.91 -38.25
CA ARG D 59 17.56 -16.29 -37.84
C ARG D 59 19.01 -16.66 -38.09
N GLY D 60 19.56 -16.22 -39.23
CA GLY D 60 20.98 -16.44 -39.49
C GLY D 60 21.85 -15.79 -38.43
N LEU D 61 21.47 -14.60 -37.98
CA LEU D 61 22.22 -13.94 -36.92
C LEU D 61 22.15 -14.75 -35.62
N ASP D 62 20.98 -15.30 -35.31
CA ASP D 62 20.88 -16.12 -34.11
C ASP D 62 21.81 -17.33 -34.17
N VAL D 63 21.80 -18.04 -35.31
CA VAL D 63 22.69 -19.20 -35.42
C VAL D 63 24.14 -18.75 -35.41
N ALA D 64 24.44 -17.57 -35.97
CA ALA D 64 25.81 -17.07 -35.95
C ALA D 64 26.27 -16.78 -34.53
N MET D 65 25.40 -16.19 -33.71
CA MET D 65 25.74 -15.98 -32.31
C MET D 65 25.98 -17.30 -31.60
N ARG D 66 25.14 -18.31 -31.87
CA ARG D 66 25.37 -19.61 -31.24
C ARG D 66 26.72 -20.19 -31.67
N ASN D 67 27.06 -20.08 -32.95
CA ASN D 67 28.34 -20.60 -33.42
C ASN D 67 29.51 -19.86 -32.78
N ALA D 68 29.39 -18.53 -32.67
CA ALA D 68 30.45 -17.76 -32.04
C ALA D 68 30.63 -18.14 -30.57
N ASN D 69 29.51 -18.35 -29.87
CA ASN D 69 29.61 -18.79 -28.48
C ASN D 69 30.27 -20.16 -28.38
N ASP D 70 29.95 -21.08 -29.29
CA ASP D 70 30.62 -22.37 -29.29
C ASP D 70 32.12 -22.23 -29.55
N GLY D 71 32.50 -21.35 -30.46
CA GLY D 71 33.92 -21.10 -30.68
C GLY D 71 34.60 -20.56 -29.43
N ILE D 72 33.94 -19.64 -28.73
CA ILE D 72 34.48 -19.13 -27.47
C ILE D 72 34.66 -20.27 -26.48
N SER D 73 33.67 -21.18 -26.42
CA SER D 73 33.75 -22.29 -25.48
C SER D 73 34.94 -23.20 -25.81
N ILE D 74 35.15 -23.50 -27.09
CA ILE D 74 36.28 -24.33 -27.49
C ILE D 74 37.58 -23.65 -27.10
N ALA D 75 37.68 -22.34 -27.37
CA ALA D 75 38.88 -21.61 -26.99
C ALA D 75 39.11 -21.67 -25.49
N GLN D 76 38.05 -21.53 -24.70
CA GLN D 76 38.18 -21.58 -23.25
C GLN D 76 38.68 -22.93 -22.78
N THR D 77 38.14 -24.01 -23.35
CA THR D 77 38.58 -25.34 -22.95
C THR D 77 40.06 -25.54 -23.27
N ALA D 78 40.47 -25.13 -24.48
CA ALA D 78 41.87 -25.24 -24.85
C ALA D 78 42.74 -24.40 -23.91
N GLU D 79 42.25 -23.23 -23.53
CA GLU D 79 43.01 -22.36 -22.63
C GLU D 79 43.21 -23.02 -21.27
N GLY D 80 42.16 -23.63 -20.73
CA GLY D 80 42.31 -24.32 -19.44
C GLY D 80 43.28 -25.47 -19.51
N ALA D 81 43.18 -26.28 -20.56
CA ALA D 81 44.12 -27.38 -20.72
C ALA D 81 45.55 -26.85 -20.80
N MET D 82 45.77 -25.79 -21.57
CA MET D 82 47.11 -25.23 -21.71
C MET D 82 47.59 -24.61 -20.41
N ASN D 83 46.67 -24.13 -19.57
CA ASN D 83 47.07 -23.63 -18.25
C ASN D 83 47.61 -24.75 -17.38
N GLU D 84 46.89 -25.87 -17.33
CA GLU D 84 47.43 -27.03 -16.63
C GLU D 84 48.79 -27.41 -17.20
N SER D 85 48.91 -27.38 -18.53
CA SER D 85 50.17 -27.78 -19.17
C SER D 85 51.31 -26.85 -18.79
N THR D 86 51.07 -25.54 -18.76
CA THR D 86 52.14 -24.61 -18.43
C THR D 86 52.53 -24.71 -16.95
N SER D 87 51.57 -24.99 -16.07
CA SER D 87 51.95 -25.27 -14.69
C SER D 87 52.86 -26.49 -14.61
N ILE D 88 52.52 -27.54 -15.35
CA ILE D 88 53.37 -28.74 -15.37
C ILE D 88 54.76 -28.39 -15.87
N LEU D 89 54.83 -27.58 -16.94
CA LEU D 89 56.13 -27.22 -17.51
C LEU D 89 56.96 -26.42 -16.53
N GLN D 90 56.34 -25.49 -15.81
CA GLN D 90 57.08 -24.72 -14.82
C GLN D 90 57.61 -25.63 -13.72
N ARG D 91 56.80 -26.59 -13.27
CA ARG D 91 57.30 -27.53 -12.25
C ARG D 91 58.46 -28.34 -12.78
N MET D 92 58.39 -28.77 -14.03
CA MET D 92 59.50 -29.53 -14.62
C MET D 92 60.76 -28.68 -14.71
N ARG D 93 60.60 -27.40 -15.05
CA ARG D 93 61.76 -26.51 -15.08
C ARG D 93 62.37 -26.38 -13.70
N ASP D 94 61.52 -26.25 -12.67
CA ASP D 94 62.04 -26.21 -11.30
C ASP D 94 62.82 -27.48 -10.97
N LEU D 95 62.29 -28.63 -11.36
CA LEU D 95 63.00 -29.89 -11.11
C LEU D 95 64.36 -29.89 -11.79
N ALA D 96 64.40 -29.47 -13.05
CA ALA D 96 65.67 -29.45 -13.78
C ALA D 96 66.67 -28.53 -13.10
N LEU D 97 66.23 -27.32 -12.75
CA LEU D 97 67.13 -26.37 -12.10
C LEU D 97 67.66 -26.95 -10.78
N GLN D 98 66.80 -27.60 -10.01
CA GLN D 98 67.25 -28.23 -8.77
C GLN D 98 68.28 -29.31 -9.06
N SER D 99 68.06 -30.10 -10.12
CA SER D 99 69.02 -31.14 -10.46
C SER D 99 70.36 -30.56 -10.88
N ALA D 100 70.35 -29.35 -11.44
CA ALA D 100 71.60 -28.76 -11.93
C ALA D 100 72.62 -28.57 -10.80
N ASN D 101 72.15 -28.38 -9.57
CA ASN D 101 73.06 -28.17 -8.46
C ASN D 101 74.04 -29.33 -8.35
N GLY D 102 75.31 -29.00 -8.10
CA GLY D 102 76.35 -30.02 -8.11
C GLY D 102 76.36 -30.92 -6.88
N THR D 103 75.63 -30.55 -5.84
CA THR D 103 75.59 -31.34 -4.60
C THR D 103 74.42 -32.32 -4.60
N ASN D 104 74.33 -33.14 -5.65
CA ASN D 104 73.22 -34.07 -5.81
C ASN D 104 73.65 -35.52 -5.99
N SER D 105 74.95 -35.81 -5.99
CA SER D 105 75.46 -37.18 -6.13
C SER D 105 74.81 -37.77 -7.38
N ALA D 106 74.20 -38.96 -7.33
CA ALA D 106 73.53 -39.52 -8.50
C ALA D 106 72.12 -40.00 -8.21
N SER D 107 71.88 -40.59 -7.04
CA SER D 107 70.56 -41.14 -6.75
C SER D 107 69.50 -40.05 -6.68
N GLU D 108 69.83 -38.91 -6.07
CA GLU D 108 68.88 -37.81 -6.03
C GLU D 108 68.51 -37.35 -7.44
N ARG D 109 69.50 -37.31 -8.33
CA ARG D 109 69.19 -37.02 -9.73
C ARG D 109 68.25 -38.07 -10.30
N GLN D 110 68.39 -39.32 -9.87
CA GLN D 110 67.47 -40.36 -10.33
C GLN D 110 66.05 -40.08 -9.88
N ALA D 111 65.87 -39.67 -8.62
CA ALA D 111 64.53 -39.35 -8.14
C ALA D 111 63.95 -38.16 -8.89
N LEU D 112 64.76 -37.12 -9.11
CA LEU D 112 64.29 -35.96 -9.85
C LEU D 112 63.89 -36.36 -11.27
N ASN D 113 64.68 -37.22 -11.90
CA ASN D 113 64.35 -37.68 -13.25
C ASN D 113 63.07 -38.50 -13.26
N GLU D 114 62.85 -39.30 -12.22
CA GLU D 114 61.60 -40.06 -12.15
C GLU D 114 60.40 -39.13 -12.05
N GLU D 115 60.50 -38.09 -11.21
CA GLU D 115 59.41 -37.12 -11.13
C GLU D 115 59.22 -36.41 -12.47
N SER D 116 60.32 -36.08 -13.14
CA SER D 116 60.22 -35.42 -14.45
C SER D 116 59.54 -36.32 -15.47
N VAL D 117 59.86 -37.62 -15.44
CA VAL D 117 59.24 -38.56 -16.37
C VAL D 117 57.74 -38.68 -16.08
N ALA D 118 57.38 -38.74 -14.79
CA ALA D 118 55.95 -38.76 -14.45
C ALA D 118 55.25 -37.51 -14.97
N LEU D 119 55.88 -36.35 -14.81
CA LEU D 119 55.28 -35.12 -15.30
C LEU D 119 55.17 -35.13 -16.82
N GLN D 120 56.17 -35.69 -17.50
CA GLN D 120 56.11 -35.81 -18.96
C GLN D 120 54.93 -36.66 -19.38
N ASP D 121 54.73 -37.79 -18.71
CA ASP D 121 53.60 -38.66 -19.04
C ASP D 121 52.29 -37.95 -18.76
N GLU D 122 52.22 -37.18 -17.67
CA GLU D 122 51.01 -36.42 -17.39
C GLU D 122 50.75 -35.37 -18.48
N LEU D 123 51.80 -34.72 -18.95
CA LEU D 123 51.65 -33.75 -20.03
C LEU D 123 51.15 -34.41 -21.30
N ASN D 124 51.68 -35.59 -21.63
CA ASN D 124 51.17 -36.33 -22.77
C ASN D 124 49.70 -36.69 -22.59
N ARG D 125 49.32 -37.10 -21.38
CA ARG D 125 47.92 -37.42 -21.11
C ARG D 125 47.04 -36.20 -21.30
N ILE D 126 47.49 -35.04 -20.85
CA ILE D 126 46.73 -33.81 -21.06
C ILE D 126 46.58 -33.53 -22.55
N ALA D 127 47.66 -33.72 -23.30
CA ALA D 127 47.60 -33.47 -24.73
C ALA D 127 46.61 -34.40 -25.41
N GLU D 128 46.56 -35.66 -24.99
CA GLU D 128 45.75 -36.67 -25.67
C GLU D 128 44.34 -36.82 -25.11
N THR D 129 44.02 -36.15 -24.00
CA THR D 129 42.75 -36.36 -23.33
C THR D 129 41.81 -35.17 -23.37
N THR D 130 42.34 -33.94 -23.30
CA THR D 130 41.49 -32.77 -23.29
C THR D 130 40.55 -32.79 -24.49
N SER D 131 39.25 -32.92 -24.21
CA SER D 131 38.25 -33.09 -25.25
C SER D 131 37.05 -32.22 -24.95
N PHE D 132 36.41 -31.72 -26.00
CA PHE D 132 35.19 -30.93 -25.91
C PHE D 132 34.06 -31.76 -26.50
N GLY D 133 33.40 -32.54 -25.63
CA GLY D 133 32.31 -33.39 -26.08
C GLY D 133 32.74 -34.42 -27.10
N GLY D 134 33.86 -35.10 -26.82
CA GLY D 134 34.36 -36.11 -27.71
C GLY D 134 35.22 -35.61 -28.86
N ARG D 135 35.43 -34.30 -28.96
CA ARG D 135 36.25 -33.72 -30.01
C ARG D 135 37.61 -33.39 -29.42
N LYS D 136 38.63 -34.18 -29.79
CA LYS D 136 39.97 -33.93 -29.28
C LYS D 136 40.48 -32.58 -29.78
N LEU D 137 41.11 -31.84 -28.88
CA LEU D 137 41.55 -30.47 -29.17
C LEU D 137 43.06 -30.36 -29.34
N LEU D 138 43.84 -30.87 -28.40
CA LEU D 138 45.27 -30.59 -28.33
C LEU D 138 46.14 -31.74 -28.81
N ASN D 139 45.56 -32.80 -29.38
CA ASN D 139 46.33 -33.92 -29.87
C ASN D 139 46.81 -33.73 -31.31
N GLY D 140 46.67 -32.54 -31.87
CA GLY D 140 47.15 -32.24 -33.20
C GLY D 140 46.19 -32.55 -34.32
N SER D 141 45.01 -33.09 -34.02
CA SER D 141 44.04 -33.46 -35.04
C SER D 141 43.04 -32.36 -35.34
N PHE D 142 43.04 -31.27 -34.57
CA PHE D 142 42.06 -30.22 -34.80
C PHE D 142 42.36 -29.46 -36.08
N GLY D 143 43.63 -29.16 -36.34
CA GLY D 143 43.97 -28.44 -37.55
C GLY D 143 43.35 -27.05 -37.56
N GLU D 144 43.03 -26.59 -38.77
CA GLU D 144 42.41 -25.28 -38.96
C GLU D 144 40.92 -25.51 -39.21
N ALA D 145 40.10 -25.16 -38.23
CA ALA D 145 38.66 -25.29 -38.33
C ALA D 145 38.03 -23.94 -38.64
N SER D 146 36.84 -23.97 -39.24
CA SER D 146 36.13 -22.76 -39.63
C SER D 146 34.86 -22.64 -38.81
N PHE D 147 34.60 -21.44 -38.29
CA PHE D 147 33.42 -21.14 -37.51
C PHE D 147 32.63 -20.04 -38.22
N GLN D 148 31.42 -20.37 -38.66
CA GLN D 148 30.58 -19.40 -39.36
C GLN D 148 29.97 -18.45 -38.34
N ILE D 149 30.29 -17.15 -38.47
CA ILE D 149 29.80 -16.15 -37.53
C ILE D 149 29.14 -15.01 -38.29
N GLY D 150 28.56 -15.32 -39.45
CA GLY D 150 27.87 -14.32 -40.24
C GLY D 150 26.51 -14.82 -40.69
N SER D 151 25.60 -13.87 -40.88
CA SER D 151 24.24 -14.22 -41.27
C SER D 151 24.22 -14.97 -42.60
N SER D 152 24.93 -14.45 -43.59
CA SER D 152 24.96 -15.06 -44.91
C SER D 152 26.08 -16.09 -44.97
N SER D 153 26.35 -16.63 -46.15
CA SER D 153 27.41 -17.59 -46.36
C SER D 153 28.67 -16.88 -46.83
N GLY D 154 29.81 -17.31 -46.31
CA GLY D 154 31.09 -16.70 -46.64
C GLY D 154 31.77 -16.01 -45.47
N GLU D 155 31.16 -15.96 -44.30
CA GLU D 155 31.77 -15.38 -43.12
C GLU D 155 32.32 -16.51 -42.26
N ALA D 156 33.63 -16.46 -41.98
CA ALA D 156 34.26 -17.54 -41.24
C ALA D 156 35.52 -17.03 -40.57
N ILE D 157 35.95 -17.75 -39.55
CA ILE D 157 37.22 -17.52 -38.88
C ILE D 157 37.96 -18.85 -38.81
N ILE D 158 39.27 -18.79 -38.96
CA ILE D 158 40.11 -19.99 -39.01
C ILE D 158 40.77 -20.12 -37.64
N MET D 159 40.28 -21.07 -36.85
CA MET D 159 40.85 -21.38 -35.54
C MET D 159 41.84 -22.52 -35.68
N GLY D 160 43.04 -22.30 -35.16
CA GLY D 160 44.09 -23.32 -35.22
C GLY D 160 44.54 -23.75 -33.86
N LEU D 161 44.61 -25.06 -33.63
CA LEU D 161 45.04 -25.63 -32.36
C LEU D 161 46.13 -26.66 -32.64
N THR D 162 47.38 -26.22 -32.61
CA THR D 162 48.50 -27.13 -32.84
C THR D 162 48.69 -28.05 -31.65
N SER D 163 49.25 -29.22 -31.92
CA SER D 163 49.43 -30.23 -30.87
C SER D 163 50.28 -29.68 -29.73
N VAL D 164 49.91 -30.05 -28.51
CA VAL D 164 50.62 -29.59 -27.31
C VAL D 164 51.21 -30.80 -26.60
N ARG D 165 51.52 -31.85 -27.35
CA ARG D 165 52.19 -32.99 -26.77
C ARG D 165 53.61 -32.62 -26.34
N ALA D 166 54.25 -33.54 -25.62
CA ALA D 166 55.61 -33.29 -25.16
C ALA D 166 56.66 -33.62 -26.21
N ASP D 167 56.29 -34.30 -27.29
CA ASP D 167 57.22 -34.65 -28.35
C ASP D 167 57.02 -33.81 -29.61
N ASP D 168 56.19 -32.78 -29.55
CA ASP D 168 56.01 -31.90 -30.69
C ASP D 168 57.32 -31.16 -30.98
N PHE D 169 57.68 -31.11 -32.26
CA PHE D 169 58.95 -30.49 -32.64
C PHE D 169 59.01 -29.02 -32.25
N ARG D 170 57.86 -28.36 -32.10
CA ARG D 170 57.87 -26.97 -31.67
C ARG D 170 58.36 -26.82 -30.24
N MET D 171 58.05 -27.78 -29.38
CA MET D 171 58.52 -27.77 -28.00
C MET D 171 59.95 -28.29 -27.97
N GLY D 172 60.92 -27.38 -27.99
CA GLY D 172 62.32 -27.78 -27.92
C GLY D 172 63.17 -27.07 -28.93
N GLY D 173 63.86 -27.82 -29.78
CA GLY D 173 64.67 -27.24 -30.82
C GLY D 173 65.88 -28.12 -31.10
N GLN D 174 67.00 -27.45 -31.37
CA GLN D 174 68.25 -28.10 -31.71
C GLN D 174 69.27 -27.90 -30.61
N SER D 175 70.22 -28.83 -30.52
CA SER D 175 71.29 -28.75 -29.53
C SER D 175 72.61 -29.09 -30.20
N PHE D 176 73.68 -28.50 -29.66
CA PHE D 176 75.04 -28.71 -30.14
C PHE D 176 75.97 -28.81 -28.95
N ILE D 177 76.94 -29.73 -29.03
CA ILE D 177 77.87 -30.02 -27.94
C ILE D 177 79.29 -29.85 -28.46
N ALA D 178 80.12 -29.18 -27.67
CA ALA D 178 81.53 -29.08 -28.00
C ALA D 178 82.20 -30.44 -27.86
N GLU D 179 83.21 -30.68 -28.71
CA GLU D 179 83.89 -31.96 -28.73
C GLU D 179 85.14 -31.99 -27.86
N GLN D 180 85.54 -30.87 -27.28
CA GLN D 180 86.76 -30.78 -26.48
C GLN D 180 86.42 -30.39 -25.06
N PRO D 181 86.36 -31.34 -24.12
CA PRO D 181 86.10 -30.96 -22.71
C PRO D 181 87.20 -30.05 -22.19
N LYS D 182 86.81 -29.12 -21.33
CA LYS D 182 87.72 -28.13 -20.76
C LYS D 182 87.64 -28.20 -19.24
N THR D 183 88.81 -28.26 -18.61
CA THR D 183 88.88 -28.36 -17.15
C THR D 183 88.71 -26.99 -16.51
N LYS D 184 88.59 -26.98 -15.18
CA LYS D 184 88.39 -25.73 -14.46
C LYS D 184 89.58 -24.80 -14.64
N GLU D 185 90.80 -25.34 -14.59
CA GLU D 185 91.99 -24.50 -14.74
C GLU D 185 92.05 -23.83 -16.10
N TRP D 186 91.33 -24.34 -17.09
CA TRP D 186 91.39 -23.76 -18.43
C TRP D 186 90.81 -22.35 -18.43
N GLY D 187 91.41 -21.49 -19.25
CA GLY D 187 90.89 -20.16 -19.46
C GLY D 187 90.96 -19.79 -20.92
N VAL D 188 90.10 -18.86 -21.32
CA VAL D 188 90.01 -18.46 -22.71
C VAL D 188 91.35 -17.88 -23.12
N PRO D 189 92.02 -18.43 -24.13
CA PRO D 189 93.31 -17.86 -24.55
C PRO D 189 93.13 -16.47 -25.10
N PRO D 190 94.08 -15.56 -24.85
CA PRO D 190 93.92 -14.19 -25.39
C PRO D 190 93.81 -14.15 -26.90
N THR D 191 94.53 -15.03 -27.60
CA THR D 191 94.58 -14.95 -29.06
C THR D 191 93.23 -15.32 -29.68
N ALA D 192 92.64 -16.43 -29.25
CA ALA D 192 91.38 -16.91 -29.81
C ALA D 192 90.26 -16.56 -28.82
N ARG D 193 89.50 -15.52 -29.16
CA ARG D 193 88.40 -15.07 -28.31
C ARG D 193 87.12 -14.92 -29.11
N ASP D 194 87.24 -14.59 -30.39
CA ASP D 194 86.07 -14.31 -31.21
C ASP D 194 85.21 -15.56 -31.38
N LEU D 195 83.92 -15.33 -31.61
CA LEU D 195 82.98 -16.43 -31.82
C LEU D 195 81.81 -15.87 -32.62
N LYS D 196 81.72 -16.23 -33.88
CA LYS D 196 80.70 -15.74 -34.79
C LYS D 196 79.69 -16.84 -35.07
N PHE D 197 78.41 -16.53 -34.90
CA PHE D 197 77.30 -17.41 -35.25
C PHE D 197 76.59 -16.84 -36.46
N GLU D 198 76.19 -17.71 -37.38
CA GLU D 198 75.39 -17.31 -38.54
C GLU D 198 74.28 -18.33 -38.73
N PHE D 199 73.05 -17.84 -38.89
CA PHE D 199 71.93 -18.74 -39.12
C PHE D 199 70.75 -17.92 -39.62
N THR D 200 69.58 -18.56 -39.71
CA THR D 200 68.37 -17.90 -40.19
C THR D 200 67.21 -18.31 -39.28
N LYS D 201 66.54 -17.32 -38.69
CA LYS D 201 65.41 -17.62 -37.83
C LYS D 201 64.29 -18.26 -38.65
N LYS D 202 63.23 -18.67 -37.94
CA LYS D 202 62.12 -19.33 -38.61
C LYS D 202 61.43 -18.40 -39.60
N ASP D 203 61.29 -17.12 -39.24
CA ASP D 203 60.61 -16.17 -40.11
C ASP D 203 61.40 -15.85 -41.37
N GLY D 204 62.66 -16.27 -41.46
CA GLY D 204 63.48 -16.09 -42.65
C GLY D 204 64.59 -15.08 -42.49
N GLU D 205 64.54 -14.23 -41.46
CA GLU D 205 65.60 -13.27 -41.25
C GLU D 205 66.93 -13.98 -41.05
N ALA D 206 67.99 -13.43 -41.64
CA ALA D 206 69.33 -13.96 -41.48
C ALA D 206 70.02 -13.22 -40.34
N VAL D 207 70.46 -13.96 -39.33
CA VAL D 207 71.04 -13.39 -38.12
C VAL D 207 72.49 -13.79 -38.02
N VAL D 208 73.32 -12.85 -37.60
CA VAL D 208 74.74 -13.08 -37.33
C VAL D 208 75.06 -12.46 -35.97
N LEU D 209 75.75 -13.22 -35.13
CA LEU D 209 76.22 -12.77 -33.84
C LEU D 209 77.73 -12.80 -33.81
N ASP D 210 78.33 -11.82 -33.14
CA ASP D 210 79.78 -11.60 -33.18
C ASP D 210 80.34 -11.56 -31.77
N ILE D 211 80.02 -12.57 -30.96
CA ILE D 211 80.36 -12.53 -29.54
C ILE D 211 81.88 -12.58 -29.40
N ILE D 212 82.44 -11.57 -28.74
CA ILE D 212 83.87 -11.53 -28.45
C ILE D 212 84.03 -11.89 -26.98
N ALA D 213 84.43 -13.14 -26.72
CA ALA D 213 84.54 -13.62 -25.36
C ALA D 213 85.66 -12.88 -24.62
N LYS D 214 85.40 -12.55 -23.36
CA LYS D 214 86.39 -11.86 -22.55
C LYS D 214 87.57 -12.80 -22.26
N ASP D 215 88.73 -12.19 -22.03
CA ASP D 215 89.95 -12.95 -21.82
C ASP D 215 89.97 -13.59 -20.43
N GLY D 216 90.54 -14.78 -20.34
CA GLY D 216 90.77 -15.42 -19.06
C GLY D 216 89.51 -15.78 -18.29
N ASP D 217 88.54 -16.36 -18.98
CA ASP D 217 87.31 -16.82 -18.35
C ASP D 217 87.22 -18.33 -18.47
N ASP D 218 86.93 -19.00 -17.35
CA ASP D 218 86.71 -20.44 -17.39
C ASP D 218 85.42 -20.73 -18.16
N ILE D 219 85.12 -22.01 -18.33
CA ILE D 219 84.04 -22.41 -19.23
C ILE D 219 82.70 -21.88 -18.73
N GLU D 220 82.45 -21.95 -17.42
CA GLU D 220 81.18 -21.50 -16.88
C GLU D 220 80.98 -20.00 -17.12
N GLU D 221 82.04 -19.21 -16.91
CA GLU D 221 81.95 -17.78 -17.15
C GLU D 221 81.69 -17.49 -18.62
N LEU D 222 82.32 -18.25 -19.51
CA LEU D 222 82.06 -18.07 -20.94
C LEU D 222 80.62 -18.39 -21.29
N ALA D 223 80.07 -19.46 -20.70
CA ALA D 223 78.68 -19.79 -20.95
C ALA D 223 77.76 -18.68 -20.46
N THR D 224 78.03 -18.15 -19.27
CA THR D 224 77.21 -17.04 -18.76
C THR D 224 77.31 -15.83 -19.67
N TYR D 225 78.51 -15.52 -20.16
CA TYR D 225 78.68 -14.38 -21.05
C TYR D 225 77.89 -14.58 -22.34
N ILE D 226 77.96 -15.78 -22.92
CA ILE D 226 77.20 -16.06 -24.13
C ILE D 226 75.71 -15.92 -23.87
N ASN D 227 75.25 -16.41 -22.72
CA ASN D 227 73.85 -16.25 -22.36
C ASN D 227 73.47 -14.78 -22.33
N GLY D 228 74.32 -13.96 -21.69
CA GLY D 228 73.99 -12.55 -21.56
C GLY D 228 73.99 -11.80 -22.88
N GLN D 229 74.93 -12.13 -23.77
CA GLN D 229 75.09 -11.35 -24.99
C GLN D 229 73.87 -11.46 -25.90
N THR D 230 73.29 -12.65 -26.03
CA THR D 230 72.21 -12.88 -26.96
C THR D 230 71.07 -13.63 -26.28
N ASP D 231 69.86 -13.45 -26.82
CA ASP D 231 68.66 -14.08 -26.29
C ASP D 231 68.13 -15.20 -27.19
N LEU D 232 68.72 -15.41 -28.35
CA LEU D 232 68.35 -16.51 -29.23
C LEU D 232 69.08 -17.79 -28.89
N PHE D 233 69.66 -17.89 -27.70
CA PHE D 233 70.57 -18.96 -27.34
C PHE D 233 70.35 -19.35 -25.89
N LYS D 234 70.85 -20.53 -25.54
CA LYS D 234 71.02 -20.92 -24.14
C LYS D 234 72.31 -21.73 -24.06
N ALA D 235 73.42 -21.04 -23.85
CA ALA D 235 74.69 -21.72 -23.61
C ALA D 235 74.67 -22.40 -22.25
N SER D 236 75.57 -23.37 -22.07
CA SER D 236 75.59 -24.17 -20.86
C SER D 236 76.93 -24.89 -20.76
N VAL D 237 77.08 -25.68 -19.70
CA VAL D 237 78.25 -26.51 -19.49
C VAL D 237 77.81 -27.81 -18.83
N ASP D 238 78.17 -28.94 -19.42
CA ASP D 238 77.85 -30.24 -18.85
C ASP D 238 78.94 -30.65 -17.85
N GLN D 239 78.90 -31.90 -17.41
CA GLN D 239 79.79 -32.33 -16.34
C GLN D 239 81.25 -32.28 -16.79
N GLU D 240 81.54 -32.67 -18.02
CA GLU D 240 82.91 -32.82 -18.47
C GLU D 240 83.53 -31.52 -18.97
N GLY D 241 82.79 -30.42 -18.97
CA GLY D 241 83.32 -29.16 -19.44
C GLY D 241 83.13 -28.89 -20.91
N LYS D 242 82.27 -29.64 -21.58
CA LYS D 242 81.97 -29.41 -22.99
C LYS D 242 80.82 -28.41 -23.09
N LEU D 243 81.10 -27.24 -23.66
CA LEU D 243 80.07 -26.22 -23.79
C LEU D 243 78.89 -26.73 -24.61
N GLN D 244 77.68 -26.45 -24.14
CA GLN D 244 76.46 -26.80 -24.84
C GLN D 244 75.77 -25.54 -25.32
N ILE D 245 75.26 -25.58 -26.55
CA ILE D 245 74.47 -24.49 -27.10
C ILE D 245 73.14 -25.07 -27.56
N PHE D 246 72.06 -24.59 -26.95
CA PHE D 246 70.71 -25.00 -27.29
C PHE D 246 69.99 -23.85 -27.98
N VAL D 247 69.29 -24.16 -29.07
CA VAL D 247 68.60 -23.16 -29.87
C VAL D 247 67.15 -23.58 -30.01
N ALA D 248 66.24 -22.67 -29.66
CA ALA D 248 64.82 -22.98 -29.74
C ALA D 248 64.42 -23.24 -31.18
N GLU D 249 63.47 -24.16 -31.37
CA GLU D 249 63.03 -24.50 -32.72
C GLU D 249 62.53 -23.30 -33.50
N PRO D 250 61.73 -22.39 -32.94
CA PRO D 250 61.25 -21.24 -33.72
C PRO D 250 62.29 -20.15 -33.95
N ASN D 251 63.57 -20.42 -33.71
CA ASN D 251 64.63 -19.45 -33.89
C ASN D 251 65.67 -19.87 -34.93
N ILE D 252 65.49 -21.02 -35.57
CA ILE D 252 66.36 -21.43 -36.68
C ILE D 252 65.54 -22.21 -37.69
N GLU D 253 65.99 -22.17 -38.94
CA GLU D 253 65.39 -22.93 -40.04
C GLU D 253 66.54 -23.47 -40.87
N GLY D 254 66.97 -24.68 -40.56
CA GLY D 254 68.09 -25.30 -41.22
C GLY D 254 69.33 -25.32 -40.33
N ASN D 255 70.43 -25.80 -40.92
CA ASN D 255 71.66 -25.95 -40.17
C ASN D 255 72.14 -24.60 -39.66
N PHE D 256 72.66 -24.61 -38.43
CA PHE D 256 73.20 -23.42 -37.79
C PHE D 256 74.70 -23.61 -37.61
N ASN D 257 75.50 -22.72 -38.17
CA ASN D 257 76.94 -22.90 -38.31
C ASN D 257 77.69 -21.94 -37.43
N ILE D 258 78.72 -22.45 -36.76
CA ILE D 258 79.56 -21.67 -35.84
C ILE D 258 80.96 -21.57 -36.43
N SER D 259 81.48 -20.35 -36.50
CA SER D 259 82.82 -20.09 -37.00
C SER D 259 83.55 -19.20 -36.01
N GLY D 260 84.87 -19.17 -36.11
CA GLY D 260 85.68 -18.35 -35.22
C GLY D 260 86.78 -19.13 -34.54
N GLY D 261 87.84 -18.43 -34.13
CA GLY D 261 88.95 -19.10 -33.47
C GLY D 261 88.52 -19.84 -32.21
N LEU D 262 87.70 -19.20 -31.37
CA LEU D 262 87.21 -19.88 -30.19
C LEU D 262 86.32 -21.06 -30.54
N ALA D 263 85.60 -20.98 -31.67
CA ALA D 263 84.74 -22.08 -32.08
C ALA D 263 85.55 -23.35 -32.28
N THR D 264 86.69 -23.24 -32.97
CA THR D 264 87.56 -24.39 -33.14
C THR D 264 88.34 -24.71 -31.88
N GLU D 265 88.59 -23.70 -31.03
CA GLU D 265 89.28 -23.96 -29.77
C GLU D 265 88.43 -24.87 -28.88
N LEU D 266 87.14 -24.62 -28.81
CA LEU D 266 86.23 -25.48 -28.04
C LEU D 266 85.92 -26.78 -28.75
N GLY D 267 86.23 -26.90 -30.04
CA GLY D 267 85.82 -28.04 -30.82
C GLY D 267 84.37 -28.00 -31.25
N LEU D 268 83.65 -26.93 -30.95
CA LEU D 268 82.26 -26.83 -31.35
C LEU D 268 82.14 -26.88 -32.86
N ASN D 269 81.22 -27.70 -33.35
CA ASN D 269 80.99 -27.85 -34.78
C ASN D 269 79.54 -27.51 -35.09
N GLY D 270 79.34 -26.61 -36.04
CA GLY D 270 78.00 -26.19 -36.43
C GLY D 270 77.47 -27.01 -37.59
N GLY D 271 76.19 -27.34 -37.52
CA GLY D 271 75.54 -28.13 -38.53
C GLY D 271 74.06 -28.28 -38.25
N PRO D 272 73.47 -29.38 -38.70
CA PRO D 272 72.03 -29.59 -38.42
C PRO D 272 71.73 -29.67 -36.94
N GLY D 273 72.66 -30.15 -36.12
CA GLY D 273 72.43 -30.28 -34.70
C GLY D 273 71.62 -31.51 -34.38
N VAL D 274 71.43 -31.75 -33.08
CA VAL D 274 70.63 -32.87 -32.61
C VAL D 274 69.28 -32.35 -32.15
N LYS D 275 68.21 -32.95 -32.66
CA LYS D 275 66.86 -32.52 -32.32
C LYS D 275 66.53 -32.98 -30.89
N THR D 276 66.19 -32.03 -30.02
CA THR D 276 65.81 -32.32 -28.66
C THR D 276 64.51 -31.61 -28.33
N THR D 277 63.55 -32.36 -27.82
CA THR D 277 62.25 -31.85 -27.42
C THR D 277 62.03 -32.16 -25.94
N VAL D 278 60.83 -31.85 -25.45
CA VAL D 278 60.53 -32.14 -24.05
C VAL D 278 60.54 -33.64 -23.81
N GLN D 279 60.09 -34.42 -24.80
CA GLN D 279 60.08 -35.87 -24.64
C GLN D 279 61.48 -36.43 -24.41
N ASP D 280 62.49 -35.83 -25.03
CA ASP D 280 63.86 -36.31 -24.94
C ASP D 280 64.62 -35.68 -23.78
N ILE D 281 63.93 -35.27 -22.73
CA ILE D 281 64.55 -34.59 -21.60
C ILE D 281 64.95 -35.62 -20.56
N ASP D 282 66.20 -35.55 -20.12
CA ASP D 282 66.68 -36.38 -19.02
C ASP D 282 67.61 -35.53 -18.16
N ILE D 283 67.59 -35.77 -16.86
CA ILE D 283 68.35 -34.95 -15.92
C ILE D 283 69.21 -35.84 -15.04
N THR D 284 69.56 -37.02 -15.52
CA THR D 284 70.45 -37.90 -14.77
C THR D 284 71.87 -37.39 -14.72
N SER D 285 72.21 -36.36 -15.50
CA SER D 285 73.54 -35.78 -15.51
C SER D 285 73.42 -34.27 -15.59
N VAL D 286 74.52 -33.59 -15.27
CA VAL D 286 74.50 -32.13 -15.22
C VAL D 286 74.13 -31.56 -16.59
N GLY D 287 74.80 -32.04 -17.64
CA GLY D 287 74.50 -31.56 -18.98
C GLY D 287 73.04 -31.78 -19.35
N GLY D 288 72.48 -32.92 -18.94
CA GLY D 288 71.07 -33.15 -19.19
C GLY D 288 70.20 -32.08 -18.57
N SER D 289 70.48 -31.72 -17.32
CA SER D 289 69.71 -30.68 -16.66
C SER D 289 69.88 -29.33 -17.33
N GLN D 290 71.11 -28.99 -17.73
CA GLN D 290 71.35 -27.71 -18.37
C GLN D 290 70.62 -27.61 -19.70
N ASN D 291 70.59 -28.71 -20.47
CA ASN D 291 69.79 -28.72 -21.69
C ASN D 291 68.31 -28.66 -21.35
N ALA D 292 67.90 -29.31 -20.26
CA ALA D 292 66.49 -29.37 -19.90
C ALA D 292 65.93 -27.99 -19.59
N VAL D 293 66.70 -27.17 -18.89
CA VAL D 293 66.17 -25.85 -18.54
C VAL D 293 65.86 -25.05 -19.81
N GLY D 294 66.76 -25.06 -20.78
CA GLY D 294 66.50 -24.36 -22.02
C GLY D 294 65.36 -24.96 -22.82
N ILE D 295 65.28 -26.29 -22.85
CA ILE D 295 64.21 -26.94 -23.60
C ILE D 295 62.86 -26.56 -23.01
N ILE D 296 62.75 -26.59 -21.68
CA ILE D 296 61.51 -26.21 -21.03
C ILE D 296 61.23 -24.73 -21.25
N ASP D 297 62.26 -23.89 -21.29
CA ASP D 297 62.04 -22.48 -21.60
C ASP D 297 61.41 -22.32 -22.97
N ALA D 298 61.94 -23.03 -23.97
CA ALA D 298 61.38 -22.94 -25.31
C ALA D 298 59.94 -23.44 -25.34
N ALA D 299 59.68 -24.57 -24.68
CA ALA D 299 58.32 -25.10 -24.68
C ALA D 299 57.36 -24.14 -24.00
N LEU D 300 57.79 -23.54 -22.89
CA LEU D 300 56.94 -22.56 -22.20
C LEU D 300 56.65 -21.37 -23.10
N LYS D 301 57.66 -20.87 -23.81
CA LYS D 301 57.44 -19.75 -24.71
C LYS D 301 56.42 -20.12 -25.78
N TYR D 302 56.56 -21.31 -26.36
CA TYR D 302 55.63 -21.72 -27.40
C TYR D 302 54.20 -21.85 -26.87
N VAL D 303 54.05 -22.47 -25.70
CA VAL D 303 52.71 -22.65 -25.13
C VAL D 303 52.09 -21.30 -24.82
N ASP D 304 52.87 -20.38 -24.25
CA ASP D 304 52.35 -19.06 -23.93
C ASP D 304 51.95 -18.30 -25.20
N SER D 305 52.74 -18.45 -26.27
CA SER D 305 52.38 -17.80 -27.53
C SER D 305 51.05 -18.34 -28.05
N GLN D 306 50.86 -19.66 -28.01
CA GLN D 306 49.59 -20.21 -28.46
C GLN D 306 48.45 -19.75 -27.57
N ARG D 307 48.69 -19.66 -26.27
CA ARG D 307 47.66 -19.17 -25.36
C ARG D 307 47.27 -17.73 -25.69
N ALA D 308 48.26 -16.89 -26.01
CA ALA D 308 47.98 -15.52 -26.39
C ALA D 308 47.17 -15.47 -27.68
N ASP D 309 47.50 -16.34 -28.64
CA ASP D 309 46.71 -16.39 -29.87
C ASP D 309 45.27 -16.77 -29.58
N LEU D 310 45.07 -17.76 -28.71
CA LEU D 310 43.72 -18.17 -28.36
C LEU D 310 42.97 -17.05 -27.64
N GLY D 311 43.68 -16.29 -26.80
CA GLY D 311 43.04 -15.15 -26.16
C GLY D 311 42.64 -14.08 -27.14
N ALA D 312 43.48 -13.84 -28.15
CA ALA D 312 43.12 -12.91 -29.22
C ALA D 312 41.86 -13.40 -29.93
N LYS D 313 41.77 -14.70 -30.20
CA LYS D 313 40.57 -15.22 -30.84
C LYS D 313 39.35 -15.05 -29.94
N GLN D 314 39.51 -15.24 -28.64
CA GLN D 314 38.39 -15.03 -27.72
C GLN D 314 37.92 -13.58 -27.74
N ASN D 315 38.86 -12.63 -27.71
CA ASN D 315 38.49 -11.23 -27.78
C ASN D 315 37.77 -10.91 -29.09
N ARG D 316 38.29 -11.45 -30.19
CA ARG D 316 37.64 -11.25 -31.49
C ARG D 316 36.23 -11.78 -31.47
N LEU D 317 36.02 -12.97 -30.91
CA LEU D 317 34.69 -13.56 -30.88
C LEU D 317 33.75 -12.75 -30.00
N SER D 318 34.26 -12.20 -28.91
CA SER D 318 33.43 -11.36 -28.05
C SER D 318 32.97 -10.11 -28.79
N HIS D 319 33.91 -9.45 -29.47
CA HIS D 319 33.54 -8.26 -30.24
C HIS D 319 32.55 -8.60 -31.34
N SER D 320 32.76 -9.74 -32.01
CA SER D 320 31.83 -10.16 -33.05
C SER D 320 30.44 -10.47 -32.48
N ILE D 321 30.39 -11.07 -31.30
CA ILE D 321 29.11 -11.33 -30.65
C ILE D 321 28.39 -10.02 -30.38
N SER D 322 29.11 -9.03 -29.86
CA SER D 322 28.48 -7.73 -29.60
C SER D 322 27.95 -7.13 -30.89
N ASN D 323 28.76 -7.15 -31.96
CA ASN D 323 28.32 -6.59 -33.23
C ASN D 323 27.09 -7.31 -33.75
N LEU D 324 27.09 -8.64 -33.68
CA LEU D 324 25.96 -9.41 -34.20
C LEU D 324 24.70 -9.13 -33.40
N SER D 325 24.82 -9.02 -32.08
CA SER D 325 23.65 -8.72 -31.26
C SER D 325 23.08 -7.35 -31.61
N ASN D 326 23.95 -6.35 -31.77
CA ASN D 326 23.47 -5.03 -32.17
C ASN D 326 22.79 -5.08 -33.53
N ILE D 327 23.40 -5.79 -34.48
CA ILE D 327 22.85 -5.88 -35.81
C ILE D 327 21.48 -6.54 -35.78
N GLN D 328 21.34 -7.61 -35.00
CA GLN D 328 20.06 -8.29 -34.89
C GLN D 328 19.02 -7.41 -34.24
N GLU D 329 19.40 -6.65 -33.21
CA GLU D 329 18.45 -5.72 -32.61
C GLU D 329 17.92 -4.73 -33.64
N ASN D 330 18.82 -4.10 -34.39
CA ASN D 330 18.38 -3.12 -35.38
C ASN D 330 17.54 -3.77 -36.47
N VAL D 331 17.95 -4.96 -36.91
CA VAL D 331 17.24 -5.63 -37.99
C VAL D 331 15.83 -6.03 -37.54
N GLU D 332 15.70 -6.53 -36.31
CA GLU D 332 14.38 -6.85 -35.79
C GLU D 332 13.52 -5.60 -35.67
N ALA D 333 14.09 -4.50 -35.22
CA ALA D 333 13.33 -3.26 -35.15
C ALA D 333 12.78 -2.89 -36.53
N SER D 334 13.66 -2.93 -37.54
CA SER D 334 13.22 -2.60 -38.89
C SER D 334 12.17 -3.57 -39.40
N LYS D 335 12.37 -4.86 -39.14
CA LYS D 335 11.42 -5.88 -39.60
C LYS D 335 10.04 -5.62 -39.00
N SER D 336 9.98 -5.36 -37.70
CA SER D 336 8.70 -5.03 -37.09
C SER D 336 8.12 -3.76 -37.71
N ARG D 337 8.95 -2.75 -37.92
CA ARG D 337 8.50 -1.54 -38.58
C ARG D 337 7.83 -1.84 -39.92
N ILE D 338 8.33 -2.84 -40.64
CA ILE D 338 7.80 -3.14 -41.97
C ILE D 338 6.65 -4.15 -41.92
N LYS D 339 6.62 -5.01 -40.91
CA LYS D 339 5.68 -6.12 -40.87
C LYS D 339 4.72 -6.04 -39.68
N ASP D 340 5.24 -5.86 -38.47
CA ASP D 340 4.42 -5.88 -37.27
C ASP D 340 3.17 -5.04 -37.46
N THR D 341 2.02 -5.61 -37.08
CA THR D 341 0.77 -4.87 -37.12
C THR D 341 0.80 -3.73 -36.11
N ASP D 342 0.53 -2.52 -36.59
CA ASP D 342 0.42 -1.36 -35.70
C ASP D 342 -0.95 -1.40 -35.03
N PHE D 343 -0.97 -1.75 -33.75
CA PHE D 343 -2.23 -2.09 -33.11
C PHE D 343 -3.17 -0.88 -33.02
N ALA D 344 -2.64 0.31 -32.78
CA ALA D 344 -3.51 1.48 -32.69
C ALA D 344 -4.23 1.74 -34.01
N LYS D 345 -3.46 1.81 -35.10
CA LYS D 345 -4.07 2.06 -36.40
C LYS D 345 -5.06 0.96 -36.76
N GLU D 346 -4.68 -0.30 -36.51
CA GLU D 346 -5.51 -1.41 -36.97
C GLU D 346 -6.77 -1.55 -36.14
N THR D 347 -6.69 -1.30 -34.83
CA THR D 347 -7.91 -1.33 -34.01
C THR D 347 -8.83 -0.18 -34.37
N THR D 348 -8.28 1.01 -34.62
CA THR D 348 -9.11 2.11 -35.09
C THR D 348 -9.79 1.74 -36.40
N GLN D 349 -9.05 1.14 -37.33
CA GLN D 349 -9.62 0.76 -38.62
C GLN D 349 -10.69 -0.31 -38.45
N LEU D 350 -10.47 -1.26 -37.55
CA LEU D 350 -11.46 -2.31 -37.30
C LEU D 350 -12.75 -1.70 -36.76
N THR D 351 -12.64 -0.78 -35.81
CA THR D 351 -13.84 -0.13 -35.28
C THR D 351 -14.54 0.67 -36.38
N LYS D 352 -13.77 1.37 -37.20
CA LYS D 352 -14.38 2.12 -38.31
C LYS D 352 -15.11 1.19 -39.26
N SER D 353 -14.51 0.03 -39.58
CA SER D 353 -15.14 -0.91 -40.48
C SER D 353 -16.40 -1.52 -39.85
N GLN D 354 -16.38 -1.77 -38.54
CA GLN D 354 -17.59 -2.26 -37.88
C GLN D 354 -18.70 -1.22 -37.97
N ILE D 355 -18.38 0.04 -37.71
CA ILE D 355 -19.39 1.10 -37.82
C ILE D 355 -19.91 1.17 -39.25
N LEU D 356 -19.02 1.08 -40.23
CA LEU D 356 -19.46 1.13 -41.63
C LEU D 356 -20.35 -0.05 -41.98
N GLN D 357 -20.02 -1.24 -41.47
CA GLN D 357 -20.86 -2.40 -41.73
C GLN D 357 -22.24 -2.21 -41.14
N GLN D 358 -22.32 -1.71 -39.89
CA GLN D 358 -23.63 -1.48 -39.29
C GLN D 358 -24.42 -0.43 -40.07
N ALA D 359 -23.75 0.64 -40.49
CA ALA D 359 -24.43 1.68 -41.27
C ALA D 359 -24.94 1.11 -42.59
N GLY D 360 -24.12 0.31 -43.26
CA GLY D 360 -24.55 -0.29 -44.52
C GLY D 360 -25.72 -1.22 -44.33
N THR D 361 -25.71 -2.02 -43.26
CA THR D 361 -26.83 -2.90 -42.98
C THR D 361 -28.10 -2.09 -42.73
N SER D 362 -28.00 -1.02 -41.95
CA SER D 362 -29.17 -0.19 -41.69
C SER D 362 -29.70 0.43 -42.97
N ILE D 363 -28.80 0.93 -43.81
CA ILE D 363 -29.22 1.54 -45.08
C ILE D 363 -29.89 0.50 -45.97
N LEU D 364 -29.32 -0.70 -46.04
CA LEU D 364 -29.92 -1.76 -46.85
C LEU D 364 -31.31 -2.10 -46.33
N ALA D 365 -31.46 -2.19 -45.01
CA ALA D 365 -32.78 -2.45 -44.44
C ALA D 365 -33.77 -1.35 -44.81
N GLN D 366 -33.34 -0.09 -44.74
CA GLN D 366 -34.20 1.02 -45.15
C GLN D 366 -34.34 1.10 -46.66
N ALA D 367 -33.48 0.41 -47.41
CA ALA D 367 -33.53 0.40 -48.86
C ALA D 367 -34.12 -0.88 -49.42
N LYS D 368 -34.50 -1.82 -48.56
CA LYS D 368 -35.06 -3.10 -48.99
C LYS D 368 -36.57 -3.00 -49.22
N GLN D 369 -37.29 -2.46 -48.25
CA GLN D 369 -38.75 -2.42 -48.29
C GLN D 369 -39.29 -1.04 -48.67
N LEU D 370 -38.68 0.03 -48.17
CA LEU D 370 -39.22 1.36 -48.44
C LEU D 370 -39.29 1.68 -49.92
N PRO D 371 -38.24 1.47 -50.73
CA PRO D 371 -38.32 1.88 -52.14
C PRO D 371 -39.11 0.94 -53.03
N ASN D 372 -39.56 -0.20 -52.51
CA ASN D 372 -40.32 -1.17 -53.30
C ASN D 372 -41.79 -1.25 -52.91
N SER D 373 -42.10 -1.09 -51.63
CA SER D 373 -43.49 -1.13 -51.17
C SER D 373 -44.31 0.03 -51.71
N ALA D 374 -43.67 1.05 -52.28
CA ALA D 374 -44.41 2.19 -52.81
C ALA D 374 -45.39 1.76 -53.89
N ILE D 375 -44.99 0.84 -54.76
CA ILE D 375 -45.87 0.43 -55.84
C ILE D 375 -47.12 -0.27 -55.28
N SER D 376 -46.92 -1.18 -54.32
CA SER D 376 -48.06 -1.86 -53.74
C SER D 376 -48.95 -0.89 -52.96
N LEU D 377 -48.35 0.16 -52.40
CA LEU D 377 -49.16 1.23 -51.82
C LEU D 377 -49.96 1.95 -52.90
N LEU D 378 -49.39 2.11 -54.09
CA LEU D 378 -50.07 2.74 -55.20
C LEU D 378 -51.25 1.94 -55.71
N GLN D 379 -51.48 0.75 -55.16
CA GLN D 379 -52.63 -0.07 -55.55
C GLN D 379 -53.48 -0.42 -54.34
N THR E 2 -61.83 -8.42 -75.98
CA THR E 2 -63.16 -7.82 -76.00
C THR E 2 -63.87 -8.05 -74.67
N ILE E 3 -65.20 -7.86 -74.67
CA ILE E 3 -65.99 -7.96 -73.45
C ILE E 3 -66.59 -9.35 -73.32
N ASN E 4 -66.01 -10.32 -74.03
CA ASN E 4 -66.40 -11.71 -73.83
C ASN E 4 -65.90 -12.19 -72.46
N VAL E 5 -66.44 -13.33 -72.02
CA VAL E 5 -66.14 -13.85 -70.70
C VAL E 5 -65.68 -15.30 -70.71
N ASN E 6 -65.80 -16.01 -71.83
CA ASN E 6 -65.42 -17.42 -71.84
C ASN E 6 -63.93 -17.60 -71.55
N THR E 7 -63.08 -16.77 -72.16
CA THR E 7 -61.63 -16.87 -72.00
C THR E 7 -61.08 -15.51 -71.62
N ASN E 8 -60.25 -15.47 -70.58
CA ASN E 8 -59.64 -14.24 -70.07
C ASN E 8 -58.13 -14.40 -70.13
N VAL E 9 -57.52 -13.91 -71.21
CA VAL E 9 -56.07 -14.02 -71.37
C VAL E 9 -55.36 -13.20 -70.31
N SER E 10 -55.94 -12.05 -69.93
CA SER E 10 -55.33 -11.24 -68.89
C SER E 10 -55.20 -12.03 -67.59
N ALA E 11 -56.25 -12.79 -67.23
CA ALA E 11 -56.18 -13.61 -66.03
C ALA E 11 -55.08 -14.66 -66.15
N MET E 12 -54.94 -15.26 -67.34
CA MET E 12 -53.89 -16.27 -67.52
C MET E 12 -52.51 -15.67 -67.35
N THR E 13 -52.28 -14.49 -67.94
CA THR E 13 -50.98 -13.84 -67.79
C THR E 13 -50.71 -13.48 -66.33
N ALA E 14 -51.72 -12.96 -65.64
CA ALA E 14 -51.55 -12.64 -64.23
C ALA E 14 -51.23 -13.90 -63.43
N GLN E 15 -51.91 -15.01 -63.73
CA GLN E 15 -51.64 -16.25 -63.03
C GLN E 15 -50.22 -16.72 -63.29
N ARG E 16 -49.75 -16.63 -64.53
CA ARG E 16 -48.39 -17.05 -64.84
C ARG E 16 -47.37 -16.22 -64.07
N TYR E 17 -47.54 -14.90 -64.07
CA TYR E 17 -46.60 -14.05 -63.34
C TYR E 17 -46.66 -14.31 -61.85
N LEU E 18 -47.87 -14.55 -61.31
CA LEU E 18 -48.00 -14.85 -59.90
C LEU E 18 -47.32 -16.17 -59.55
N THR E 19 -47.45 -17.17 -60.41
CA THR E 19 -46.78 -18.44 -60.19
C THR E 19 -45.27 -18.27 -60.21
N LYS E 20 -44.76 -17.48 -61.15
CA LYS E 20 -43.33 -17.19 -61.18
C LYS E 20 -42.88 -16.54 -59.88
N ALA E 21 -43.64 -15.55 -59.42
CA ALA E 21 -43.29 -14.86 -58.19
C ALA E 21 -43.31 -15.81 -57.00
N THR E 22 -44.31 -16.69 -56.92
CA THR E 22 -44.41 -17.61 -55.80
C THR E 22 -43.27 -18.63 -55.83
N GLY E 23 -42.92 -19.11 -57.01
CA GLY E 23 -41.77 -20.01 -57.11
C GLY E 23 -40.49 -19.35 -56.68
N GLU E 24 -40.26 -18.12 -57.12
CA GLU E 24 -39.07 -17.40 -56.69
C GLU E 24 -39.08 -17.18 -55.18
N LEU E 25 -40.24 -16.87 -54.62
CA LEU E 25 -40.34 -16.68 -53.17
C LEU E 25 -40.01 -17.97 -52.43
N ASN E 26 -40.53 -19.11 -52.91
CA ASN E 26 -40.24 -20.38 -52.26
C ASN E 26 -38.76 -20.68 -52.32
N THR E 27 -38.12 -20.47 -53.48
CA THR E 27 -36.69 -20.72 -53.59
C THR E 27 -35.90 -19.80 -52.66
N SER E 28 -36.27 -18.53 -52.60
CA SER E 28 -35.57 -17.59 -51.74
C SER E 28 -35.71 -17.97 -50.27
N MET E 29 -36.91 -18.37 -49.86
CA MET E 29 -37.12 -18.77 -48.47
C MET E 29 -36.33 -20.03 -48.15
N GLU E 30 -36.29 -20.98 -49.08
CA GLU E 30 -35.46 -22.17 -48.87
C GLU E 30 -34.00 -21.78 -48.71
N ARG E 31 -33.50 -20.89 -49.56
CA ARG E 31 -32.10 -20.48 -49.46
C ARG E 31 -31.82 -19.79 -48.14
N LEU E 32 -32.74 -18.92 -47.69
CA LEU E 32 -32.54 -18.22 -46.43
C LEU E 32 -32.58 -19.17 -45.24
N SER E 33 -33.49 -20.15 -45.26
CA SER E 33 -33.60 -21.06 -44.13
C SER E 33 -32.39 -22.01 -44.07
N SER E 34 -32.03 -22.60 -45.20
CA SER E 34 -30.96 -23.59 -45.20
C SER E 34 -29.60 -22.94 -44.94
N GLY E 35 -29.35 -21.80 -45.56
CA GLY E 35 -28.05 -21.16 -45.50
C GLY E 35 -27.12 -21.52 -46.63
N ASN E 36 -27.53 -22.39 -47.54
CA ASN E 36 -26.75 -22.75 -48.72
C ASN E 36 -27.48 -22.29 -49.96
N ARG E 37 -26.78 -21.57 -50.83
CA ARG E 37 -27.38 -21.10 -52.07
C ARG E 37 -27.78 -22.27 -52.96
N ILE E 38 -26.95 -23.30 -53.04
CA ILE E 38 -27.20 -24.47 -53.87
C ILE E 38 -27.76 -25.57 -52.98
N ASN E 39 -28.93 -26.10 -53.36
CA ASN E 39 -29.58 -27.15 -52.60
C ASN E 39 -29.94 -28.38 -53.43
N SER E 40 -29.81 -28.32 -54.75
CA SER E 40 -30.12 -29.48 -55.59
C SER E 40 -29.44 -29.30 -56.94
N ALA E 41 -29.33 -30.40 -57.67
CA ALA E 41 -28.70 -30.35 -58.99
C ALA E 41 -29.44 -29.41 -59.94
N LYS E 42 -30.71 -29.13 -59.68
CA LYS E 42 -31.46 -28.25 -60.56
C LYS E 42 -30.88 -26.85 -60.57
N ASP E 43 -30.44 -26.35 -59.42
CA ASP E 43 -29.99 -24.96 -59.31
C ASP E 43 -28.73 -24.74 -60.14
N ASP E 44 -27.65 -25.44 -59.81
CA ASP E 44 -26.37 -25.24 -60.47
C ASP E 44 -25.58 -26.54 -60.39
N ALA E 45 -25.46 -27.24 -61.51
CA ALA E 45 -24.76 -28.52 -61.52
C ALA E 45 -23.28 -28.34 -61.21
N ALA E 46 -22.60 -27.46 -61.94
CA ALA E 46 -21.15 -27.29 -61.75
C ALA E 46 -20.85 -26.78 -60.34
N GLY E 47 -21.62 -25.79 -59.87
CA GLY E 47 -21.41 -25.29 -58.54
C GLY E 47 -21.61 -26.35 -57.48
N LEU E 48 -22.65 -27.18 -57.64
CA LEU E 48 -22.89 -28.26 -56.68
C LEU E 48 -21.75 -29.25 -56.68
N GLN E 49 -21.26 -29.64 -57.86
CA GLN E 49 -20.17 -30.61 -57.92
C GLN E 49 -18.92 -30.04 -57.26
N ILE E 50 -18.56 -28.80 -57.59
CA ILE E 50 -17.37 -28.19 -57.02
C ILE E 50 -17.50 -28.07 -55.51
N SER E 51 -18.66 -27.63 -55.03
CA SER E 51 -18.86 -27.45 -53.60
C SER E 51 -18.79 -28.79 -52.87
N ASN E 52 -19.36 -29.84 -53.46
CA ASN E 52 -19.27 -31.15 -52.83
C ASN E 52 -17.83 -31.63 -52.75
N ARG E 53 -17.07 -31.43 -53.83
CA ARG E 53 -15.66 -31.82 -53.79
C ARG E 53 -14.90 -31.03 -52.72
N LEU E 54 -15.18 -29.74 -52.61
CA LEU E 54 -14.50 -28.92 -51.61
C LEU E 54 -14.86 -29.36 -50.20
N THR E 55 -16.13 -29.70 -49.96
CA THR E 55 -16.54 -30.17 -48.63
C THR E 55 -15.87 -31.50 -48.30
N ALA E 56 -15.80 -32.40 -49.28
CA ALA E 56 -15.10 -33.66 -49.06
C ALA E 56 -13.64 -33.41 -48.73
N GLN E 57 -12.99 -32.50 -49.46
CA GLN E 57 -11.61 -32.18 -49.16
C GLN E 57 -11.47 -31.59 -47.77
N SER E 58 -12.43 -30.77 -47.35
CA SER E 58 -12.35 -30.18 -46.01
C SER E 58 -12.43 -31.26 -44.94
N ARG E 59 -13.36 -32.20 -45.09
CA ARG E 59 -13.45 -33.29 -44.11
C ARG E 59 -12.17 -34.12 -44.13
N GLY E 60 -11.64 -34.40 -45.31
CA GLY E 60 -10.39 -35.13 -45.41
C GLY E 60 -9.25 -34.40 -44.73
N LEU E 61 -9.19 -33.08 -44.89
CA LEU E 61 -8.17 -32.29 -44.22
C LEU E 61 -8.32 -32.36 -42.71
N ASP E 62 -9.55 -32.28 -42.21
CA ASP E 62 -9.76 -32.39 -40.77
C ASP E 62 -9.29 -33.74 -40.22
N VAL E 63 -9.66 -34.84 -40.88
CA VAL E 63 -9.18 -36.14 -40.43
C VAL E 63 -7.66 -36.27 -40.59
N ALA E 64 -7.08 -35.63 -41.61
CA ALA E 64 -5.63 -35.63 -41.75
C ALA E 64 -4.96 -34.90 -40.59
N MET E 65 -5.52 -33.77 -40.17
CA MET E 65 -5.00 -33.09 -38.99
C MET E 65 -5.10 -33.98 -37.77
N ARG E 66 -6.22 -34.68 -37.61
CA ARG E 66 -6.37 -35.60 -36.50
C ARG E 66 -5.28 -36.67 -36.51
N ASN E 67 -5.04 -37.26 -37.68
CA ASN E 67 -4.02 -38.30 -37.80
C ASN E 67 -2.62 -37.76 -37.53
N ALA E 68 -2.33 -36.57 -38.04
CA ALA E 68 -1.02 -35.97 -37.80
C ALA E 68 -0.80 -35.71 -36.31
N ASN E 69 -1.85 -35.23 -35.63
CA ASN E 69 -1.74 -35.01 -34.20
C ASN E 69 -1.54 -36.32 -33.45
N ASP E 70 -2.23 -37.38 -33.88
CA ASP E 70 -2.01 -38.69 -33.26
C ASP E 70 -0.56 -39.15 -33.43
N GLY E 71 -0.01 -38.98 -34.63
CA GLY E 71 1.38 -39.31 -34.84
C GLY E 71 2.31 -38.49 -33.97
N ILE E 72 1.99 -37.21 -33.81
CA ILE E 72 2.78 -36.35 -32.92
C ILE E 72 2.73 -36.89 -31.50
N SER E 73 1.56 -37.32 -31.06
CA SER E 73 1.44 -37.86 -29.70
C SER E 73 2.29 -39.12 -29.54
N ILE E 74 2.25 -40.01 -30.53
CA ILE E 74 3.08 -41.22 -30.45
C ILE E 74 4.55 -40.84 -30.38
N ALA E 75 4.97 -39.89 -31.20
CA ALA E 75 6.36 -39.47 -31.20
C ALA E 75 6.75 -38.88 -29.86
N GLN E 76 5.87 -38.08 -29.26
CA GLN E 76 6.17 -37.49 -27.95
C GLN E 76 6.33 -38.57 -26.89
N THR E 77 5.43 -39.56 -26.89
CA THR E 77 5.51 -40.64 -25.91
C THR E 77 6.84 -41.39 -26.06
N ALA E 78 7.18 -41.75 -27.29
CA ALA E 78 8.44 -42.44 -27.53
C ALA E 78 9.62 -41.58 -27.09
N GLU E 79 9.57 -40.28 -27.38
CA GLU E 79 10.67 -39.41 -27.02
C GLU E 79 10.86 -39.36 -25.50
N GLY E 80 9.76 -39.30 -24.76
CA GLY E 80 9.88 -39.33 -23.30
C GLY E 80 10.49 -40.61 -22.79
N ALA E 81 10.01 -41.74 -23.30
CA ALA E 81 10.58 -43.03 -22.88
C ALA E 81 12.07 -43.09 -23.20
N MET E 82 12.46 -42.63 -24.39
CA MET E 82 13.87 -42.66 -24.76
C MET E 82 14.69 -41.68 -23.93
N ASN E 83 14.10 -40.57 -23.50
CA ASN E 83 14.81 -39.67 -22.59
C ASN E 83 15.12 -40.37 -21.29
N GLU E 84 14.15 -41.10 -20.72
CA GLU E 84 14.42 -41.83 -19.50
C GLU E 84 15.47 -42.92 -19.75
N SER E 85 15.42 -43.57 -20.90
CA SER E 85 16.42 -44.57 -21.24
C SER E 85 17.82 -43.94 -21.30
N THR E 86 17.91 -42.74 -21.86
CA THR E 86 19.19 -42.04 -21.91
C THR E 86 19.69 -41.73 -20.52
N SER E 87 18.79 -41.30 -19.62
CA SER E 87 19.21 -41.06 -18.24
C SER E 87 19.74 -42.33 -17.60
N ILE E 88 19.05 -43.45 -17.83
CA ILE E 88 19.51 -44.73 -17.27
C ILE E 88 20.90 -45.07 -17.81
N LEU E 89 21.10 -44.90 -19.12
CA LEU E 89 22.39 -45.24 -19.71
C LEU E 89 23.49 -44.34 -19.16
N GLN E 90 23.20 -43.06 -18.95
CA GLN E 90 24.20 -42.17 -18.36
C GLN E 90 24.57 -42.63 -16.95
N ARG E 91 23.57 -43.01 -16.16
CA ARG E 91 23.87 -43.51 -14.83
C ARG E 91 24.73 -44.76 -14.88
N MET E 92 24.43 -45.66 -15.82
CA MET E 92 25.23 -46.88 -15.95
C MET E 92 26.66 -46.55 -16.39
N ARG E 93 26.81 -45.54 -17.25
CA ARG E 93 28.16 -45.11 -17.63
C ARG E 93 28.93 -44.62 -16.42
N ASP E 94 28.29 -43.81 -15.58
CA ASP E 94 28.94 -43.35 -14.37
C ASP E 94 29.32 -44.52 -13.48
N LEU E 95 28.44 -45.50 -13.35
CA LEU E 95 28.73 -46.68 -12.55
C LEU E 95 29.97 -47.40 -13.08
N ALA E 96 30.04 -47.60 -14.40
CA ALA E 96 31.19 -48.29 -14.98
C ALA E 96 32.47 -47.51 -14.75
N LEU E 97 32.42 -46.19 -14.96
CA LEU E 97 33.61 -45.37 -14.76
C LEU E 97 34.08 -45.45 -13.32
N GLN E 98 33.15 -45.40 -12.36
CA GLN E 98 33.54 -45.55 -10.96
C GLN E 98 34.15 -46.92 -10.70
N SER E 99 33.57 -47.97 -11.29
CA SER E 99 34.09 -49.31 -11.09
C SER E 99 35.51 -49.44 -11.62
N ALA E 100 35.83 -48.75 -12.71
CA ALA E 100 37.16 -48.88 -13.30
C ALA E 100 38.27 -48.37 -12.40
N ASN E 101 37.94 -47.61 -11.36
CA ASN E 101 38.98 -47.07 -10.49
C ASN E 101 39.76 -48.21 -9.83
N GLY E 102 41.04 -47.95 -9.58
CA GLY E 102 41.93 -49.02 -9.13
C GLY E 102 41.55 -49.57 -7.77
N THR E 103 41.27 -48.69 -6.81
CA THR E 103 41.02 -49.09 -5.43
C THR E 103 39.54 -49.41 -5.28
N ASN E 104 39.17 -50.64 -5.59
CA ASN E 104 37.80 -51.10 -5.38
C ASN E 104 37.70 -52.51 -4.83
N SER E 105 38.83 -53.21 -4.64
CA SER E 105 38.84 -54.58 -4.08
C SER E 105 37.92 -55.44 -4.96
N ALA E 106 37.00 -56.21 -4.39
CA ALA E 106 36.08 -57.01 -5.18
C ALA E 106 34.64 -56.78 -4.75
N SER E 107 34.43 -56.41 -3.48
CA SER E 107 33.08 -56.21 -2.97
C SER E 107 32.40 -55.03 -3.66
N GLU E 108 33.10 -53.88 -3.72
CA GLU E 108 32.50 -52.70 -4.33
C GLU E 108 32.18 -52.95 -5.81
N ARG E 109 33.04 -53.72 -6.50
CA ARG E 109 32.76 -54.06 -7.88
C ARG E 109 31.48 -54.88 -7.98
N GLN E 110 31.29 -55.82 -7.04
CA GLN E 110 30.06 -56.62 -7.06
C GLN E 110 28.84 -55.74 -6.81
N ALA E 111 28.95 -54.79 -5.89
CA ALA E 111 27.82 -53.91 -5.61
C ALA E 111 27.49 -53.04 -6.84
N LEU E 112 28.52 -52.48 -7.47
CA LEU E 112 28.29 -51.69 -8.67
C LEU E 112 27.69 -52.55 -9.77
N ASN E 113 28.12 -53.81 -9.88
CA ASN E 113 27.54 -54.72 -10.86
C ASN E 113 26.07 -55.00 -10.56
N GLU E 114 25.72 -55.14 -9.28
CA GLU E 114 24.32 -55.35 -8.93
C GLU E 114 23.48 -54.14 -9.32
N GLU E 115 23.99 -52.93 -9.05
CA GLU E 115 23.26 -51.74 -9.46
C GLU E 115 23.12 -51.68 -10.98
N SER E 116 24.18 -52.01 -11.71
CA SER E 116 24.12 -51.99 -13.16
C SER E 116 23.12 -53.03 -13.68
N VAL E 117 23.05 -54.20 -13.04
CA VAL E 117 22.09 -55.23 -13.45
C VAL E 117 20.67 -54.74 -13.22
N ALA E 118 20.44 -54.08 -12.09
CA ALA E 118 19.12 -53.51 -11.84
C ALA E 118 18.76 -52.48 -12.91
N LEU E 119 19.73 -51.64 -13.29
CA LEU E 119 19.47 -50.65 -14.33
C LEU E 119 19.21 -51.32 -15.68
N GLN E 120 19.90 -52.42 -15.96
CA GLN E 120 19.65 -53.16 -17.20
C GLN E 120 18.23 -53.71 -17.22
N ASP E 121 17.79 -54.28 -16.10
CA ASP E 121 16.41 -54.75 -16.02
C ASP E 121 15.43 -53.60 -16.18
N GLU E 122 15.78 -52.43 -15.65
CA GLU E 122 14.93 -51.26 -15.85
C GLU E 122 14.85 -50.88 -17.32
N LEU E 123 15.97 -50.96 -18.04
CA LEU E 123 15.95 -50.68 -19.47
C LEU E 123 15.05 -51.67 -20.20
N ASN E 124 15.15 -52.95 -19.85
CA ASN E 124 14.28 -53.94 -20.48
C ASN E 124 12.81 -53.65 -20.19
N ARG E 125 12.50 -53.28 -18.94
CA ARG E 125 11.12 -52.96 -18.59
C ARG E 125 10.63 -51.76 -19.37
N ILE E 126 11.46 -50.73 -19.51
CA ILE E 126 11.05 -49.55 -20.27
C ILE E 126 10.79 -49.93 -21.72
N ALA E 127 11.66 -50.76 -22.30
CA ALA E 127 11.47 -51.18 -23.67
C ALA E 127 10.17 -51.96 -23.84
N GLU E 128 9.85 -52.85 -22.89
CA GLU E 128 8.72 -53.75 -23.02
C GLU E 128 7.40 -53.18 -22.52
N THR E 129 7.41 -52.03 -21.85
CA THR E 129 6.21 -51.50 -21.22
C THR E 129 5.71 -50.19 -21.83
N THR E 130 6.60 -49.36 -22.36
CA THR E 130 6.16 -48.12 -22.98
C THR E 130 5.13 -48.42 -24.05
N SER E 131 3.89 -47.98 -23.83
CA SER E 131 2.79 -48.29 -24.73
C SER E 131 1.88 -47.07 -24.84
N PHE E 132 1.41 -46.81 -26.07
CA PHE E 132 0.46 -45.73 -26.32
C PHE E 132 -0.93 -46.36 -26.43
N GLY E 133 -1.56 -46.57 -25.29
CA GLY E 133 -2.89 -47.15 -25.26
C GLY E 133 -2.93 -48.58 -25.78
N GLY E 134 -2.00 -49.41 -25.30
CA GLY E 134 -1.93 -50.80 -25.71
C GLY E 134 -1.05 -51.08 -26.90
N ARG E 135 -0.47 -50.05 -27.51
CA ARG E 135 0.42 -50.21 -28.66
C ARG E 135 1.85 -50.14 -28.17
N LYS E 136 2.52 -51.29 -28.10
CA LYS E 136 3.92 -51.30 -27.69
C LYS E 136 4.75 -50.49 -28.67
N LEU E 137 5.61 -49.63 -28.15
CA LEU E 137 6.36 -48.68 -28.96
C LEU E 137 7.82 -49.08 -29.15
N LEU E 138 8.54 -49.34 -28.06
CA LEU E 138 9.99 -49.47 -28.10
C LEU E 138 10.46 -50.91 -27.86
N ASN E 139 9.60 -51.89 -28.12
CA ASN E 139 10.01 -53.29 -28.06
C ASN E 139 10.19 -53.90 -29.44
N GLY E 140 10.27 -53.08 -30.49
CA GLY E 140 10.53 -53.56 -31.82
C GLY E 140 9.31 -54.00 -32.59
N SER E 141 8.13 -53.98 -31.98
CA SER E 141 6.91 -54.43 -32.65
C SER E 141 6.28 -53.36 -33.52
N PHE E 142 6.67 -52.10 -33.36
CA PHE E 142 6.03 -51.02 -34.12
C PHE E 142 6.42 -51.09 -35.59
N GLY E 143 7.71 -51.23 -35.87
CA GLY E 143 8.13 -51.24 -37.25
C GLY E 143 7.87 -49.90 -37.92
N GLU E 144 7.76 -49.95 -39.25
CA GLU E 144 7.45 -48.78 -40.05
C GLU E 144 5.94 -48.69 -40.23
N ALA E 145 5.34 -47.64 -39.67
CA ALA E 145 3.89 -47.46 -39.70
C ALA E 145 3.56 -46.15 -40.40
N SER E 146 2.62 -46.20 -41.34
CA SER E 146 2.22 -45.01 -42.07
C SER E 146 1.31 -44.13 -41.21
N PHE E 147 1.14 -42.88 -41.65
CA PHE E 147 0.25 -41.93 -40.97
C PHE E 147 -0.24 -40.96 -42.03
N GLN E 148 -1.46 -41.18 -42.51
CA GLN E 148 -2.05 -40.29 -43.51
C GLN E 148 -2.10 -38.86 -42.98
N ILE E 149 -1.61 -37.92 -43.78
CA ILE E 149 -1.66 -36.51 -43.42
C ILE E 149 -2.14 -35.69 -44.61
N GLY E 150 -2.73 -36.34 -45.60
CA GLY E 150 -3.19 -35.67 -46.80
C GLY E 150 -4.65 -35.97 -47.08
N SER E 151 -5.26 -35.08 -47.86
CA SER E 151 -6.67 -35.23 -48.18
C SER E 151 -6.91 -36.48 -49.03
N SER E 152 -6.17 -36.62 -50.12
CA SER E 152 -6.34 -37.75 -51.02
C SER E 152 -5.58 -38.96 -50.46
N SER E 153 -5.42 -39.99 -51.28
CA SER E 153 -4.69 -41.19 -50.91
C SER E 153 -3.33 -41.17 -51.58
N GLY E 154 -2.27 -41.31 -50.78
CA GLY E 154 -0.93 -41.30 -51.31
C GLY E 154 -0.04 -40.26 -50.68
N GLU E 155 -0.47 -39.71 -49.55
CA GLU E 155 0.31 -38.72 -48.80
C GLU E 155 0.39 -39.20 -47.36
N ALA E 156 1.51 -39.81 -47.00
CA ALA E 156 1.72 -40.29 -45.64
C ALA E 156 3.21 -40.22 -45.33
N ILE E 157 3.52 -40.21 -44.03
CA ILE E 157 4.89 -40.22 -43.55
C ILE E 157 5.07 -41.49 -42.74
N ILE E 158 6.08 -42.27 -43.11
CA ILE E 158 6.35 -43.53 -42.42
C ILE E 158 7.15 -43.23 -41.16
N MET E 159 6.65 -43.69 -40.02
CA MET E 159 7.28 -43.52 -38.72
C MET E 159 7.90 -44.83 -38.31
N GLY E 160 9.16 -44.79 -37.89
CA GLY E 160 9.89 -45.98 -37.47
C GLY E 160 10.37 -45.83 -36.04
N LEU E 161 10.28 -46.92 -35.28
CA LEU E 161 10.72 -46.95 -33.88
C LEU E 161 11.33 -48.33 -33.64
N THR E 162 12.67 -48.39 -33.63
CA THR E 162 13.36 -49.64 -33.37
C THR E 162 13.55 -49.82 -31.87
N SER E 163 13.53 -51.08 -31.44
CA SER E 163 13.55 -51.38 -30.01
C SER E 163 14.80 -50.82 -29.36
N VAL E 164 14.66 -50.48 -28.07
CA VAL E 164 15.79 -50.03 -27.27
C VAL E 164 16.05 -51.05 -26.18
N ARG E 165 15.74 -52.31 -26.46
CA ARG E 165 16.09 -53.38 -25.54
C ARG E 165 17.60 -53.48 -25.41
N ALA E 166 18.07 -53.93 -24.25
CA ALA E 166 19.50 -54.09 -24.06
C ALA E 166 20.09 -55.16 -24.97
N ASP E 167 19.25 -55.99 -25.59
CA ASP E 167 19.72 -57.02 -26.51
C ASP E 167 19.81 -56.55 -27.95
N ASP E 168 19.32 -55.35 -28.25
CA ASP E 168 19.35 -54.86 -29.63
C ASP E 168 20.79 -54.83 -30.14
N PHE E 169 20.99 -55.35 -31.35
CA PHE E 169 22.35 -55.39 -31.91
C PHE E 169 22.90 -53.98 -32.09
N ARG E 170 22.07 -53.04 -32.53
CA ARG E 170 22.51 -51.66 -32.68
C ARG E 170 22.95 -51.07 -31.35
N MET E 171 22.41 -51.56 -30.24
CA MET E 171 22.75 -51.07 -28.91
C MET E 171 23.98 -51.79 -28.37
N GLY E 172 25.09 -51.64 -29.09
CA GLY E 172 26.33 -52.29 -28.72
C GLY E 172 27.33 -52.29 -29.85
N GLY E 173 28.06 -53.39 -30.02
CA GLY E 173 29.02 -53.49 -31.09
C GLY E 173 29.97 -54.64 -30.87
N GLN E 174 31.02 -54.66 -31.67
CA GLN E 174 32.01 -55.72 -31.57
C GLN E 174 33.14 -55.30 -30.63
N SER E 175 33.79 -56.30 -30.05
CA SER E 175 34.92 -56.08 -29.16
C SER E 175 35.98 -57.13 -29.43
N PHE E 176 37.24 -56.71 -29.39
CA PHE E 176 38.38 -57.59 -29.57
C PHE E 176 39.32 -57.42 -28.39
N ILE E 177 40.05 -58.47 -28.08
CA ILE E 177 40.94 -58.51 -26.93
C ILE E 177 42.30 -59.02 -27.37
N ALA E 178 43.36 -58.41 -26.85
CA ALA E 178 44.70 -58.85 -27.16
C ALA E 178 44.93 -60.26 -26.63
N GLU E 179 45.98 -60.90 -27.14
CA GLU E 179 46.32 -62.27 -26.74
C GLU E 179 47.44 -62.33 -25.73
N GLN E 180 48.42 -61.44 -25.82
CA GLN E 180 49.58 -61.45 -24.94
C GLN E 180 49.43 -60.35 -23.89
N PRO E 181 49.21 -60.68 -22.61
CA PRO E 181 49.13 -59.61 -21.60
C PRO E 181 50.47 -58.90 -21.46
N LYS E 182 50.40 -57.60 -21.19
CA LYS E 182 51.59 -56.77 -21.02
C LYS E 182 51.63 -56.27 -19.59
N THR E 183 52.77 -56.50 -18.93
CA THR E 183 52.92 -56.17 -17.52
C THR E 183 53.20 -54.68 -17.35
N LYS E 184 53.39 -54.26 -16.10
CA LYS E 184 53.45 -52.83 -15.79
C LYS E 184 54.57 -52.12 -16.53
N GLU E 185 55.77 -52.71 -16.52
CA GLU E 185 56.95 -52.02 -17.04
C GLU E 185 57.15 -52.19 -18.54
N TRP E 186 56.34 -53.01 -19.20
CA TRP E 186 56.51 -53.20 -20.64
C TRP E 186 56.24 -51.89 -21.39
N GLY E 187 57.03 -51.65 -22.43
CA GLY E 187 56.87 -50.46 -23.25
C GLY E 187 56.84 -50.83 -24.72
N VAL E 188 56.48 -49.84 -25.54
CA VAL E 188 56.40 -50.03 -26.98
C VAL E 188 57.81 -50.09 -27.53
N PRO E 189 58.23 -51.19 -28.17
CA PRO E 189 59.59 -51.26 -28.70
C PRO E 189 59.75 -50.35 -29.89
N PRO E 190 60.89 -49.65 -30.01
CA PRO E 190 61.07 -48.75 -31.16
C PRO E 190 61.03 -49.47 -32.50
N THR E 191 61.50 -50.72 -32.56
CA THR E 191 61.57 -51.42 -33.84
C THR E 191 60.18 -51.62 -34.43
N ALA E 192 59.23 -52.11 -33.63
CA ALA E 192 57.87 -52.37 -34.06
C ALA E 192 56.94 -51.39 -33.35
N ARG E 193 56.44 -50.41 -34.09
CA ARG E 193 55.59 -49.36 -33.53
C ARG E 193 54.35 -49.06 -34.34
N ASP E 194 54.28 -49.44 -35.61
CA ASP E 194 53.13 -49.15 -36.44
C ASP E 194 51.97 -50.10 -36.11
N LEU E 195 50.77 -49.68 -36.50
CA LEU E 195 49.58 -50.48 -36.27
C LEU E 195 48.49 -49.96 -37.21
N LYS E 196 48.06 -50.81 -38.14
CA LYS E 196 47.13 -50.42 -39.19
C LYS E 196 45.81 -51.15 -39.01
N PHE E 197 44.71 -50.39 -39.08
CA PHE E 197 43.37 -50.94 -39.06
C PHE E 197 42.72 -50.72 -40.41
N GLU E 198 42.06 -51.75 -40.93
CA GLU E 198 41.37 -51.65 -42.22
C GLU E 198 40.01 -52.32 -42.07
N PHE E 199 38.94 -51.57 -42.36
CA PHE E 199 37.61 -52.15 -42.26
C PHE E 199 36.64 -51.32 -43.09
N THR E 200 35.36 -51.70 -43.02
CA THR E 200 34.29 -51.03 -43.75
C THR E 200 33.19 -50.64 -42.78
N LYS E 201 32.82 -49.36 -42.78
CA LYS E 201 31.73 -48.91 -41.94
C LYS E 201 30.40 -49.43 -42.47
N LYS E 202 29.35 -49.30 -41.65
CA LYS E 202 28.04 -49.82 -42.03
C LYS E 202 27.54 -49.16 -43.31
N ASP E 203 27.68 -47.83 -43.40
CA ASP E 203 27.21 -47.12 -44.59
C ASP E 203 27.96 -47.53 -45.85
N GLY E 204 29.13 -48.15 -45.72
CA GLY E 204 29.86 -48.70 -46.84
C GLY E 204 31.25 -48.12 -47.05
N GLU E 205 31.49 -46.88 -46.64
CA GLU E 205 32.80 -46.28 -46.86
C GLU E 205 33.87 -47.06 -46.13
N ALA E 206 34.96 -47.36 -46.84
CA ALA E 206 36.09 -48.05 -46.23
C ALA E 206 36.90 -47.08 -45.38
N VAL E 207 37.56 -47.62 -44.37
CA VAL E 207 38.37 -46.83 -43.45
C VAL E 207 39.70 -47.55 -43.24
N VAL E 208 40.79 -46.78 -43.27
CA VAL E 208 42.15 -47.28 -43.14
C VAL E 208 42.86 -46.35 -42.17
N LEU E 209 42.97 -46.77 -40.91
CA LEU E 209 43.73 -46.03 -39.91
C LEU E 209 45.16 -46.57 -39.88
N ASP E 210 46.12 -45.67 -39.64
CA ASP E 210 47.54 -45.96 -39.73
C ASP E 210 48.26 -45.50 -38.47
N ILE E 211 47.74 -45.91 -37.31
CA ILE E 211 48.24 -45.38 -36.05
C ILE E 211 49.69 -45.80 -35.86
N ILE E 212 50.59 -44.83 -35.77
CA ILE E 212 51.98 -45.08 -35.46
C ILE E 212 52.20 -44.75 -33.99
N ALA E 213 52.24 -45.78 -33.15
CA ALA E 213 52.38 -45.57 -31.72
C ALA E 213 53.76 -45.00 -31.39
N LYS E 214 53.83 -44.30 -30.27
CA LYS E 214 55.07 -43.66 -29.85
C LYS E 214 56.01 -44.67 -29.22
N ASP E 215 57.20 -44.21 -28.88
CA ASP E 215 58.25 -45.06 -28.33
C ASP E 215 58.24 -44.93 -26.82
N GLY E 216 58.23 -46.07 -26.13
CA GLY E 216 58.30 -46.08 -24.68
C GLY E 216 56.99 -45.66 -24.03
N ASP E 217 55.93 -46.41 -24.30
CA ASP E 217 54.61 -46.16 -23.74
C ASP E 217 54.11 -47.44 -23.09
N ASP E 218 53.82 -47.39 -21.80
CA ASP E 218 53.15 -48.52 -21.17
C ASP E 218 51.80 -48.73 -21.83
N ILE E 219 51.19 -49.89 -21.53
CA ILE E 219 50.01 -50.30 -22.28
C ILE E 219 48.88 -49.29 -22.13
N GLU E 220 48.68 -48.76 -20.91
CA GLU E 220 47.60 -47.81 -20.69
C GLU E 220 47.80 -46.54 -21.52
N GLU E 221 49.03 -46.04 -21.59
CA GLU E 221 49.30 -44.87 -22.41
C GLU E 221 49.05 -45.18 -23.88
N LEU E 222 49.37 -46.40 -24.31
CA LEU E 222 49.09 -46.78 -25.69
C LEU E 222 47.59 -46.78 -25.97
N ALA E 223 46.80 -47.28 -25.02
CA ALA E 223 45.35 -47.24 -25.18
C ALA E 223 44.86 -45.81 -25.27
N THR E 224 45.38 -44.93 -24.41
CA THR E 224 44.97 -43.53 -24.47
C THR E 224 45.33 -42.90 -25.80
N TYR E 225 46.53 -43.20 -26.31
CA TYR E 225 46.95 -42.65 -27.60
C TYR E 225 46.05 -43.14 -28.72
N ILE E 226 45.72 -44.43 -28.73
CA ILE E 226 44.84 -44.96 -29.77
C ILE E 226 43.47 -44.31 -29.67
N ASN E 227 42.99 -44.07 -28.45
CA ASN E 227 41.74 -43.34 -28.28
C ASN E 227 41.85 -41.96 -28.91
N GLY E 228 42.95 -41.26 -28.67
CA GLY E 228 43.09 -39.91 -29.18
C GLY E 228 43.17 -39.86 -30.69
N GLN E 229 43.87 -40.83 -31.30
CA GLN E 229 44.15 -40.76 -32.73
C GLN E 229 42.92 -40.91 -33.60
N THR E 230 41.79 -41.34 -33.05
CA THR E 230 40.61 -41.56 -33.87
C THR E 230 39.37 -41.51 -33.00
N ASP E 231 38.21 -41.68 -33.65
CA ASP E 231 36.92 -41.61 -32.98
C ASP E 231 36.02 -42.80 -33.29
N LEU E 232 36.50 -43.76 -34.08
CA LEU E 232 35.76 -44.98 -34.37
C LEU E 232 36.17 -46.12 -33.46
N PHE E 233 36.94 -45.82 -32.40
CA PHE E 233 37.48 -46.84 -31.52
C PHE E 233 37.19 -46.45 -30.08
N LYS E 234 37.32 -47.42 -29.19
CA LYS E 234 37.50 -47.15 -27.77
C LYS E 234 38.47 -48.21 -27.25
N ALA E 235 39.76 -47.92 -27.33
CA ALA E 235 40.78 -48.79 -26.78
C ALA E 235 40.77 -48.70 -25.26
N SER E 236 41.34 -49.71 -24.62
CA SER E 236 41.38 -49.79 -23.17
C SER E 236 42.30 -50.94 -22.77
N VAL E 237 42.47 -51.11 -21.47
CA VAL E 237 43.32 -52.17 -20.92
C VAL E 237 42.58 -52.83 -19.77
N ASP E 238 42.55 -54.16 -19.77
CA ASP E 238 41.90 -54.92 -18.72
C ASP E 238 42.86 -55.08 -17.55
N GLN E 239 42.50 -55.93 -16.58
CA GLN E 239 43.31 -56.08 -15.38
C GLN E 239 44.70 -56.61 -15.68
N GLU E 240 44.80 -57.59 -16.57
CA GLU E 240 46.07 -58.26 -16.83
C GLU E 240 46.99 -57.46 -17.75
N GLY E 241 46.48 -56.43 -18.41
CA GLY E 241 47.27 -55.65 -19.36
C GLY E 241 46.91 -55.88 -20.82
N LYS E 242 46.05 -56.85 -21.11
CA LYS E 242 45.62 -57.06 -22.49
C LYS E 242 44.88 -55.83 -23.00
N LEU E 243 45.10 -55.52 -24.28
CA LEU E 243 44.51 -54.33 -24.90
C LEU E 243 43.16 -54.71 -25.51
N GLN E 244 42.09 -54.12 -24.99
CA GLN E 244 40.76 -54.29 -25.54
C GLN E 244 40.46 -53.15 -26.50
N ILE E 245 39.88 -53.48 -27.65
CA ILE E 245 39.45 -52.50 -28.64
C ILE E 245 37.99 -52.75 -28.94
N PHE E 246 37.16 -51.72 -28.77
CA PHE E 246 35.73 -51.82 -28.97
C PHE E 246 35.32 -50.95 -30.14
N VAL E 247 34.51 -51.51 -31.05
CA VAL E 247 34.04 -50.82 -32.23
C VAL E 247 32.51 -50.86 -32.21
N ALA E 248 31.90 -49.69 -32.14
CA ALA E 248 30.45 -49.63 -32.13
C ALA E 248 29.88 -50.25 -33.40
N GLU E 249 28.66 -50.76 -33.30
CA GLU E 249 28.08 -51.49 -34.42
C GLU E 249 27.96 -50.64 -35.67
N PRO E 250 27.51 -49.38 -35.63
CA PRO E 250 27.38 -48.62 -36.89
C PRO E 250 28.72 -48.39 -37.58
N ASN E 251 29.82 -48.43 -36.85
CA ASN E 251 31.14 -48.15 -37.41
C ASN E 251 31.87 -49.40 -37.88
N ILE E 252 31.24 -50.57 -37.80
CA ILE E 252 31.85 -51.82 -38.19
C ILE E 252 30.87 -52.61 -39.05
N GLU E 253 31.37 -53.15 -40.17
CA GLU E 253 30.55 -53.98 -41.04
C GLU E 253 31.47 -55.01 -41.66
N GLY E 254 31.30 -56.28 -41.28
CA GLY E 254 32.11 -57.34 -41.84
C GLY E 254 33.24 -57.76 -40.92
N ASN E 255 34.42 -57.98 -41.51
CA ASN E 255 35.59 -58.43 -40.77
C ASN E 255 36.48 -57.24 -40.45
N PHE E 256 36.90 -57.13 -39.20
CA PHE E 256 37.78 -56.07 -38.74
C PHE E 256 39.19 -56.63 -38.64
N ASN E 257 40.06 -56.22 -39.55
CA ASN E 257 41.39 -56.80 -39.70
C ASN E 257 42.44 -55.82 -39.20
N ILE E 258 43.38 -56.33 -38.41
CA ILE E 258 44.46 -55.54 -37.82
C ILE E 258 45.78 -56.12 -38.28
N SER E 259 46.68 -55.27 -38.74
CA SER E 259 48.01 -55.66 -39.17
C SER E 259 49.03 -54.70 -38.56
N GLY E 260 50.29 -54.88 -38.94
CA GLY E 260 51.37 -54.04 -38.45
C GLY E 260 52.22 -54.77 -37.42
N GLY E 261 53.43 -54.24 -37.23
CA GLY E 261 54.36 -54.86 -36.30
C GLY E 261 53.82 -54.86 -34.88
N LEU E 262 53.29 -53.71 -34.44
CA LEU E 262 52.75 -53.64 -33.08
C LEU E 262 51.59 -54.61 -32.89
N ALA E 263 50.81 -54.86 -33.94
CA ALA E 263 49.72 -55.81 -33.82
C ALA E 263 50.25 -57.20 -33.47
N THR E 264 51.33 -57.63 -34.13
CA THR E 264 51.92 -58.93 -33.81
C THR E 264 52.58 -58.90 -32.44
N GLU E 265 53.24 -57.79 -32.09
CA GLU E 265 53.90 -57.70 -30.80
C GLU E 265 52.89 -57.83 -29.65
N LEU E 266 51.75 -57.15 -29.78
CA LEU E 266 50.71 -57.26 -28.76
C LEU E 266 49.96 -58.58 -28.85
N GLY E 267 50.05 -59.27 -29.99
CA GLY E 267 49.24 -60.44 -30.22
C GLY E 267 47.81 -60.13 -30.63
N LEU E 268 47.50 -58.86 -30.85
CA LEU E 268 46.14 -58.48 -31.26
C LEU E 268 45.78 -59.18 -32.57
N ASN E 269 44.56 -59.69 -32.63
CA ASN E 269 44.06 -60.41 -33.80
C ASN E 269 42.82 -59.72 -34.32
N GLY E 270 42.80 -59.44 -35.62
CA GLY E 270 41.64 -58.84 -36.25
C GLY E 270 40.74 -59.88 -36.88
N GLY E 271 39.52 -60.01 -36.38
CA GLY E 271 38.58 -60.98 -36.89
C GLY E 271 37.15 -60.48 -36.79
N PRO E 272 36.18 -61.40 -36.81
CA PRO E 272 34.79 -60.97 -36.67
C PRO E 272 34.52 -60.25 -35.38
N GLY E 273 35.20 -60.61 -34.30
CA GLY E 273 35.02 -59.95 -33.02
C GLY E 273 33.89 -60.55 -32.22
N VAL E 274 33.95 -60.34 -30.91
CA VAL E 274 32.92 -60.81 -30.00
C VAL E 274 31.82 -59.75 -29.96
N LYS E 275 30.59 -60.15 -30.27
CA LYS E 275 29.48 -59.22 -30.33
C LYS E 275 28.92 -59.02 -28.93
N THR E 276 29.03 -57.79 -28.41
CA THR E 276 28.57 -57.47 -27.07
C THR E 276 27.60 -56.29 -27.12
N THR E 277 26.51 -56.41 -26.38
CA THR E 277 25.47 -55.39 -26.29
C THR E 277 25.31 -54.96 -24.84
N VAL E 278 24.37 -54.04 -24.62
CA VAL E 278 24.16 -53.52 -23.27
C VAL E 278 23.62 -54.59 -22.33
N GLN E 279 23.12 -55.70 -22.86
CA GLN E 279 22.65 -56.77 -21.98
C GLN E 279 23.80 -57.61 -21.44
N ASP E 280 24.98 -57.53 -22.06
CA ASP E 280 26.12 -58.34 -21.67
C ASP E 280 27.15 -57.54 -20.87
N ILE E 281 26.81 -56.33 -20.42
CA ILE E 281 27.76 -55.55 -19.63
C ILE E 281 27.94 -56.20 -18.27
N ASP E 282 29.20 -56.45 -17.92
CA ASP E 282 29.56 -57.03 -16.62
C ASP E 282 30.80 -56.30 -16.14
N ILE E 283 30.67 -55.55 -15.05
CA ILE E 283 31.74 -54.69 -14.55
C ILE E 283 32.40 -55.28 -13.30
N THR E 284 32.32 -56.59 -13.12
CA THR E 284 32.98 -57.22 -11.98
C THR E 284 34.49 -57.20 -12.09
N SER E 285 35.03 -56.85 -13.26
CA SER E 285 36.47 -56.78 -13.47
C SER E 285 36.81 -55.49 -14.20
N VAL E 286 38.08 -55.09 -14.10
CA VAL E 286 38.51 -53.81 -14.66
C VAL E 286 38.21 -53.77 -16.17
N GLY E 287 38.63 -54.82 -16.88
CA GLY E 287 38.37 -54.86 -18.31
C GLY E 287 36.89 -54.83 -18.63
N GLY E 288 36.08 -55.47 -17.78
CA GLY E 288 34.65 -55.42 -17.99
C GLY E 288 34.10 -54.01 -18.00
N SER E 289 34.51 -53.20 -17.02
CA SER E 289 34.04 -51.82 -16.96
C SER E 289 34.63 -50.98 -18.07
N GLN E 290 35.89 -51.23 -18.43
CA GLN E 290 36.49 -50.50 -19.54
C GLN E 290 35.72 -50.73 -20.82
N ASN E 291 35.36 -51.98 -21.10
CA ASN E 291 34.53 -52.27 -22.27
C ASN E 291 33.13 -51.68 -22.09
N ALA E 292 32.62 -51.69 -20.86
CA ALA E 292 31.27 -51.17 -20.59
C ALA E 292 31.18 -49.70 -20.96
N VAL E 293 32.23 -48.94 -20.70
CA VAL E 293 32.20 -47.51 -21.02
C VAL E 293 31.93 -47.32 -22.51
N GLY E 294 32.69 -48.01 -23.36
CA GLY E 294 32.49 -47.88 -24.79
C GLY E 294 31.15 -48.42 -25.23
N ILE E 295 30.71 -49.55 -24.67
CA ILE E 295 29.42 -50.12 -25.03
C ILE E 295 28.31 -49.12 -24.74
N ILE E 296 28.35 -48.52 -23.55
CA ILE E 296 27.32 -47.58 -23.17
C ILE E 296 27.40 -46.32 -24.01
N ASP E 297 28.61 -45.90 -24.39
CA ASP E 297 28.73 -44.75 -25.28
C ASP E 297 28.07 -45.03 -26.61
N ALA E 298 28.29 -46.21 -27.18
CA ALA E 298 27.63 -46.57 -28.43
C ALA E 298 26.12 -46.60 -28.26
N ALA E 299 25.63 -47.18 -27.15
CA ALA E 299 24.20 -47.21 -26.91
C ALA E 299 23.63 -45.81 -26.80
N LEU E 300 24.33 -44.92 -26.10
CA LEU E 300 23.88 -43.53 -25.98
C LEU E 300 23.82 -42.87 -27.34
N LYS E 301 24.84 -43.08 -28.17
CA LYS E 301 24.84 -42.48 -29.51
C LYS E 301 23.64 -42.96 -30.32
N TYR E 302 23.37 -44.27 -30.27
CA TYR E 302 22.23 -44.81 -31.03
C TYR E 302 20.91 -44.25 -30.52
N VAL E 303 20.72 -44.22 -29.21
CA VAL E 303 19.47 -43.72 -28.65
C VAL E 303 19.29 -42.25 -28.98
N ASP E 304 20.37 -41.47 -28.89
CA ASP E 304 20.29 -40.05 -29.22
C ASP E 304 19.96 -39.85 -30.70
N SER E 305 20.54 -40.68 -31.57
CA SER E 305 20.21 -40.58 -32.99
C SER E 305 18.74 -40.86 -33.22
N GLN E 306 18.19 -41.88 -32.56
CA GLN E 306 16.76 -42.15 -32.72
C GLN E 306 15.92 -41.02 -32.18
N ARG E 307 16.31 -40.44 -31.05
CA ARG E 307 15.56 -39.31 -30.50
C ARG E 307 15.58 -38.13 -31.46
N ALA E 308 16.74 -37.86 -32.07
CA ALA E 308 16.82 -36.77 -33.04
C ALA E 308 15.94 -37.06 -34.25
N ASP E 309 15.91 -38.31 -34.71
CA ASP E 309 15.04 -38.65 -35.82
C ASP E 309 13.57 -38.43 -35.46
N LEU E 310 13.18 -38.82 -34.25
CA LEU E 310 11.79 -38.61 -33.83
C LEU E 310 11.49 -37.13 -33.72
N GLY E 311 12.44 -36.33 -33.24
CA GLY E 311 12.24 -34.89 -33.21
C GLY E 311 12.07 -34.30 -34.59
N ALA E 312 12.85 -34.77 -35.55
CA ALA E 312 12.70 -34.31 -36.92
C ALA E 312 11.31 -34.66 -37.45
N LYS E 313 10.85 -35.89 -37.17
CA LYS E 313 9.51 -36.28 -37.59
C LYS E 313 8.45 -35.39 -36.93
N GLN E 314 8.65 -35.07 -35.65
CA GLN E 314 7.69 -34.21 -34.96
C GLN E 314 7.65 -32.82 -35.58
N ASN E 315 8.81 -32.26 -35.93
CA ASN E 315 8.85 -30.95 -36.56
C ASN E 315 8.15 -30.98 -37.92
N ARG E 316 8.43 -32.02 -38.72
CA ARG E 316 7.77 -32.14 -40.01
C ARG E 316 6.27 -32.24 -39.83
N LEU E 317 5.82 -33.02 -38.84
CA LEU E 317 4.39 -33.15 -38.59
C LEU E 317 3.77 -31.82 -38.17
N SER E 318 4.49 -31.04 -37.34
CA SER E 318 3.97 -29.74 -36.92
C SER E 318 3.80 -28.82 -38.12
N HIS E 319 4.81 -28.77 -38.99
CA HIS E 319 4.69 -27.96 -40.20
C HIS E 319 3.52 -28.44 -41.05
N SER E 320 3.36 -29.76 -41.16
CA SER E 320 2.28 -30.31 -41.97
C SER E 320 0.91 -29.94 -41.41
N ILE E 321 0.75 -29.99 -40.08
CA ILE E 321 -0.55 -29.66 -39.51
C ILE E 321 -0.85 -28.18 -39.70
N SER E 322 0.16 -27.32 -39.54
CA SER E 322 -0.07 -25.90 -39.77
C SER E 322 -0.48 -25.65 -41.21
N ASN E 323 0.22 -26.27 -42.17
CA ASN E 323 -0.13 -26.10 -43.57
C ASN E 323 -1.52 -26.65 -43.85
N LEU E 324 -1.87 -27.78 -43.23
CA LEU E 324 -3.19 -28.36 -43.44
C LEU E 324 -4.28 -27.44 -42.93
N SER E 325 -4.08 -26.84 -41.77
CA SER E 325 -5.08 -25.90 -41.25
C SER E 325 -5.21 -24.69 -42.17
N ASN E 326 -4.09 -24.17 -42.66
CA ASN E 326 -4.15 -23.03 -43.57
C ASN E 326 -4.92 -23.39 -44.83
N ILE E 327 -4.62 -24.56 -45.41
CA ILE E 327 -5.28 -24.97 -46.65
C ILE E 327 -6.76 -25.20 -46.39
N GLN E 328 -7.10 -25.73 -45.21
CA GLN E 328 -8.50 -25.94 -44.88
C GLN E 328 -9.25 -24.62 -44.77
N GLU E 329 -8.62 -23.61 -44.17
CA GLU E 329 -9.27 -22.30 -44.11
C GLU E 329 -9.47 -21.74 -45.51
N ASN E 330 -8.47 -21.89 -46.39
CA ASN E 330 -8.64 -21.43 -47.76
C ASN E 330 -9.78 -22.15 -48.46
N VAL E 331 -9.86 -23.47 -48.27
CA VAL E 331 -10.91 -24.26 -48.91
C VAL E 331 -12.27 -23.85 -48.39
N GLU E 332 -12.39 -23.64 -47.08
CA GLU E 332 -13.66 -23.20 -46.52
C GLU E 332 -14.06 -21.83 -47.05
N ALA E 333 -13.10 -20.92 -47.17
CA ALA E 333 -13.41 -19.61 -47.74
C ALA E 333 -13.91 -19.74 -49.17
N SER E 334 -13.25 -20.55 -49.99
CA SER E 334 -13.72 -20.74 -51.36
C SER E 334 -15.10 -21.38 -51.39
N LYS E 335 -15.33 -22.39 -50.55
CA LYS E 335 -16.64 -23.04 -50.51
C LYS E 335 -17.72 -22.08 -50.08
N SER E 336 -17.42 -21.15 -49.17
CA SER E 336 -18.38 -20.11 -48.85
C SER E 336 -18.61 -19.19 -50.03
N ARG E 337 -17.54 -18.87 -50.77
CA ARG E 337 -17.68 -18.02 -51.94
C ARG E 337 -18.62 -18.65 -52.96
N ILE E 338 -18.57 -19.97 -53.10
CA ILE E 338 -19.33 -20.65 -54.16
C ILE E 338 -20.72 -21.06 -53.67
N LYS E 339 -20.79 -21.73 -52.53
CA LYS E 339 -22.03 -22.36 -52.06
C LYS E 339 -22.83 -21.44 -51.15
N ASP E 340 -22.24 -21.02 -50.03
CA ASP E 340 -22.99 -20.32 -49.01
C ASP E 340 -23.67 -19.08 -49.58
N THR E 341 -24.89 -18.82 -49.11
CA THR E 341 -25.67 -17.70 -49.62
C THR E 341 -25.24 -16.40 -48.95
N ASP E 342 -25.32 -15.31 -49.72
CA ASP E 342 -25.06 -13.97 -49.21
C ASP E 342 -26.38 -13.40 -48.71
N PHE E 343 -26.55 -13.33 -47.39
CA PHE E 343 -27.86 -13.05 -46.82
C PHE E 343 -28.41 -11.71 -47.28
N ALA E 344 -27.56 -10.71 -47.50
CA ALA E 344 -28.07 -9.43 -47.96
C ALA E 344 -28.80 -9.57 -49.29
N LYS E 345 -28.14 -10.19 -50.26
CA LYS E 345 -28.74 -10.35 -51.58
C LYS E 345 -30.00 -11.20 -51.51
N GLU E 346 -29.96 -12.29 -50.74
CA GLU E 346 -31.11 -13.19 -50.69
C GLU E 346 -32.29 -12.54 -49.99
N THR E 347 -32.05 -11.77 -48.94
CA THR E 347 -33.15 -11.06 -48.28
C THR E 347 -33.74 -9.99 -49.19
N THR E 348 -32.88 -9.28 -49.94
CA THR E 348 -33.39 -8.34 -50.92
C THR E 348 -34.28 -9.05 -51.94
N GLN E 349 -33.82 -10.21 -52.43
CA GLN E 349 -34.62 -10.97 -53.38
C GLN E 349 -35.93 -11.43 -52.76
N LEU E 350 -35.90 -11.83 -51.49
CA LEU E 350 -37.12 -12.27 -50.82
C LEU E 350 -38.13 -11.14 -50.76
N THR E 351 -37.69 -9.95 -50.34
CA THR E 351 -38.61 -8.83 -50.26
C THR E 351 -39.16 -8.46 -51.64
N LYS E 352 -38.28 -8.46 -52.65
CA LYS E 352 -38.74 -8.14 -53.99
C LYS E 352 -39.78 -9.13 -54.47
N SER E 353 -39.55 -10.43 -54.21
CA SER E 353 -40.49 -11.45 -54.65
C SER E 353 -41.80 -11.35 -53.89
N GLN E 354 -41.73 -11.05 -52.60
CA GLN E 354 -42.96 -10.85 -51.82
C GLN E 354 -43.79 -9.73 -52.41
N ILE E 355 -43.16 -8.60 -52.72
CA ILE E 355 -43.89 -7.47 -53.26
C ILE E 355 -44.42 -7.79 -54.65
N LEU E 356 -43.66 -8.55 -55.44
CA LEU E 356 -44.14 -8.98 -56.75
C LEU E 356 -45.38 -9.85 -56.60
N GLN E 357 -45.37 -10.77 -55.64
CA GLN E 357 -46.54 -11.62 -55.42
C GLN E 357 -47.74 -10.78 -54.99
N GLN E 358 -47.53 -9.80 -54.10
CA GLN E 358 -48.63 -8.95 -53.67
C GLN E 358 -49.22 -8.18 -54.84
N ALA E 359 -48.36 -7.60 -55.68
CA ALA E 359 -48.86 -6.88 -56.85
C ALA E 359 -49.60 -7.82 -57.78
N GLY E 360 -49.06 -9.02 -58.00
CA GLY E 360 -49.72 -9.97 -58.88
C GLY E 360 -51.10 -10.36 -58.38
N THR E 361 -51.23 -10.63 -57.07
CA THR E 361 -52.53 -11.01 -56.55
C THR E 361 -53.52 -9.84 -56.60
N SER E 362 -53.03 -8.62 -56.35
CA SER E 362 -53.92 -7.46 -56.47
C SER E 362 -54.44 -7.31 -57.89
N ILE E 363 -53.54 -7.43 -58.88
CA ILE E 363 -53.94 -7.31 -60.28
C ILE E 363 -54.90 -8.43 -60.65
N LEU E 364 -54.62 -9.64 -60.18
CA LEU E 364 -55.51 -10.76 -60.46
C LEU E 364 -56.89 -10.52 -59.88
N ALA E 365 -56.96 -9.99 -58.66
CA ALA E 365 -58.26 -9.68 -58.06
C ALA E 365 -59.01 -8.64 -58.88
N GLN E 366 -58.31 -7.60 -59.33
CA GLN E 366 -58.98 -6.57 -60.13
C GLN E 366 -59.49 -7.14 -61.44
N ALA E 367 -58.66 -7.96 -62.12
CA ALA E 367 -59.03 -8.50 -63.43
C ALA E 367 -60.04 -9.63 -63.32
N LYS E 368 -60.17 -10.26 -62.16
CA LYS E 368 -61.22 -11.25 -61.98
C LYS E 368 -62.60 -10.63 -62.06
N GLN E 369 -62.75 -9.40 -61.58
CA GLN E 369 -64.05 -8.75 -61.48
C GLN E 369 -64.33 -7.77 -62.59
N LEU E 370 -63.33 -7.03 -63.10
CA LEU E 370 -63.66 -5.96 -64.05
C LEU E 370 -64.18 -6.51 -65.36
N PRO E 371 -63.39 -7.24 -66.17
CA PRO E 371 -63.85 -7.58 -67.52
C PRO E 371 -65.05 -8.51 -67.50
N ASN E 372 -64.96 -9.56 -66.68
CA ASN E 372 -66.08 -10.49 -66.58
C ASN E 372 -67.36 -9.77 -66.19
N SER E 373 -67.30 -8.93 -65.15
CA SER E 373 -68.49 -8.22 -64.71
C SER E 373 -69.00 -7.26 -65.77
N ALA E 374 -68.13 -6.80 -66.67
CA ALA E 374 -68.54 -5.81 -67.66
C ALA E 374 -69.73 -6.30 -68.49
N ILE E 375 -69.69 -7.57 -68.91
CA ILE E 375 -70.81 -8.11 -69.70
C ILE E 375 -72.09 -8.04 -68.90
N SER E 376 -72.05 -8.42 -67.63
CA SER E 376 -73.24 -8.38 -66.80
C SER E 376 -73.77 -6.96 -66.67
N LEU E 377 -72.87 -5.98 -66.54
CA LEU E 377 -73.32 -4.59 -66.50
C LEU E 377 -73.99 -4.20 -67.81
N LEU E 378 -73.43 -4.65 -68.93
CA LEU E 378 -73.97 -4.24 -70.22
C LEU E 378 -75.41 -4.72 -70.39
N GLN E 379 -75.70 -5.96 -70.01
CA GLN E 379 -77.07 -6.46 -70.06
C GLN E 379 -77.96 -5.66 -69.11
N THR F 2 -49.15 -23.14 -57.16
CA THR F 2 -49.91 -21.86 -57.21
C THR F 2 -49.96 -21.24 -55.81
N ILE F 3 -51.17 -21.03 -55.28
CA ILE F 3 -51.34 -20.46 -53.95
C ILE F 3 -52.12 -21.45 -53.09
N ASN F 4 -51.91 -22.74 -53.34
CA ASN F 4 -52.60 -23.78 -52.58
C ASN F 4 -52.47 -23.52 -51.09
N VAL F 5 -53.52 -23.88 -50.34
CA VAL F 5 -53.55 -23.66 -48.90
C VAL F 5 -53.43 -24.95 -48.11
N ASN F 6 -53.79 -26.10 -48.69
CA ASN F 6 -53.72 -27.35 -47.96
C ASN F 6 -52.30 -27.68 -47.53
N THR F 7 -51.33 -27.44 -48.42
CA THR F 7 -49.93 -27.77 -48.16
C THR F 7 -49.05 -26.57 -48.46
N ASN F 8 -48.06 -26.34 -47.59
CA ASN F 8 -47.04 -25.31 -47.81
C ASN F 8 -45.69 -26.00 -47.63
N VAL F 9 -45.16 -26.55 -48.73
CA VAL F 9 -43.90 -27.27 -48.67
C VAL F 9 -42.78 -26.38 -48.15
N SER F 10 -42.88 -25.07 -48.42
CA SER F 10 -41.89 -24.15 -47.89
C SER F 10 -41.85 -24.21 -46.37
N ALA F 11 -43.03 -24.26 -45.74
CA ALA F 11 -43.07 -24.40 -44.29
C ALA F 11 -42.43 -25.71 -43.84
N MET F 12 -42.64 -26.79 -44.59
CA MET F 12 -42.07 -28.07 -44.21
C MET F 12 -40.54 -28.02 -44.25
N THR F 13 -39.98 -27.46 -45.32
CA THR F 13 -38.52 -27.36 -45.41
C THR F 13 -37.98 -26.44 -44.32
N ALA F 14 -38.69 -25.34 -44.04
CA ALA F 14 -38.26 -24.46 -42.97
C ALA F 14 -38.24 -25.19 -41.64
N GLN F 15 -39.27 -26.00 -41.36
CA GLN F 15 -39.30 -26.76 -40.12
C GLN F 15 -38.17 -27.76 -40.07
N ARG F 16 -37.88 -28.44 -41.19
CA ARG F 16 -36.80 -29.42 -41.18
C ARG F 16 -35.46 -28.75 -40.89
N TYR F 17 -35.20 -27.60 -41.53
CA TYR F 17 -33.95 -26.91 -41.28
C TYR F 17 -33.88 -26.37 -39.85
N LEU F 18 -35.02 -25.90 -39.32
CA LEU F 18 -35.04 -25.44 -37.94
C LEU F 18 -34.74 -26.59 -36.97
N THR F 19 -35.29 -27.77 -37.25
CA THR F 19 -35.00 -28.93 -36.42
C THR F 19 -33.52 -29.29 -36.48
N LYS F 20 -32.93 -29.25 -37.69
CA LYS F 20 -31.50 -29.49 -37.82
C LYS F 20 -30.71 -28.50 -36.96
N ALA F 21 -31.07 -27.22 -37.06
CA ALA F 21 -30.35 -26.20 -36.29
C ALA F 21 -30.50 -26.42 -34.80
N THR F 22 -31.71 -26.77 -34.35
CA THR F 22 -31.93 -27.00 -32.92
C THR F 22 -31.14 -28.21 -32.44
N GLY F 23 -31.08 -29.27 -33.24
CA GLY F 23 -30.26 -30.41 -32.87
C GLY F 23 -28.79 -30.05 -32.75
N GLU F 24 -28.27 -29.29 -33.71
CA GLU F 24 -26.88 -28.84 -33.62
C GLU F 24 -26.66 -27.99 -32.37
N LEU F 25 -27.61 -27.09 -32.06
CA LEU F 25 -27.49 -26.26 -30.88
C LEU F 25 -27.47 -27.10 -29.62
N ASN F 26 -28.35 -28.10 -29.52
CA ASN F 26 -28.37 -28.95 -28.34
C ASN F 26 -27.06 -29.72 -28.19
N THR F 27 -26.55 -30.25 -29.29
CA THR F 27 -25.28 -30.97 -29.22
C THR F 27 -24.15 -30.06 -28.76
N SER F 28 -24.09 -28.84 -29.32
CA SER F 28 -23.04 -27.92 -28.93
C SER F 28 -23.16 -27.52 -27.46
N MET F 29 -24.38 -27.26 -27.00
CA MET F 29 -24.57 -26.88 -25.60
C MET F 29 -24.19 -28.02 -24.67
N GLU F 30 -24.52 -29.26 -25.05
CA GLU F 30 -24.11 -30.40 -24.25
C GLU F 30 -22.58 -30.50 -24.19
N ARG F 31 -21.93 -30.35 -25.34
CA ARG F 31 -20.47 -30.42 -25.36
C ARG F 31 -19.86 -29.34 -24.48
N LEU F 32 -20.40 -28.12 -24.54
CA LEU F 32 -19.89 -27.05 -23.70
C LEU F 32 -20.11 -27.35 -22.23
N SER F 33 -21.30 -27.83 -21.87
CA SER F 33 -21.62 -28.04 -20.47
C SER F 33 -20.75 -29.13 -19.86
N SER F 34 -20.71 -30.31 -20.50
CA SER F 34 -19.97 -31.42 -19.93
C SER F 34 -18.47 -31.34 -20.20
N GLY F 35 -18.04 -30.45 -21.07
CA GLY F 35 -16.62 -30.28 -21.29
C GLY F 35 -15.93 -31.43 -21.98
N ASN F 36 -16.68 -32.36 -22.57
CA ASN F 36 -16.12 -33.48 -23.31
C ASN F 36 -16.73 -33.52 -24.70
N ARG F 37 -15.88 -33.48 -25.72
CA ARG F 37 -16.38 -33.53 -27.09
C ARG F 37 -17.10 -34.85 -27.35
N ILE F 38 -16.58 -35.95 -26.83
CA ILE F 38 -17.15 -37.28 -27.06
C ILE F 38 -17.99 -37.64 -25.85
N ASN F 39 -19.25 -37.98 -26.08
CA ASN F 39 -20.18 -38.33 -25.02
C ASN F 39 -21.00 -39.58 -25.29
N SER F 40 -20.97 -40.12 -26.50
CA SER F 40 -21.75 -41.31 -26.81
C SER F 40 -21.17 -41.96 -28.06
N ALA F 41 -21.62 -43.18 -28.32
CA ALA F 41 -21.18 -43.88 -29.52
C ALA F 41 -21.60 -43.14 -30.79
N LYS F 42 -22.80 -42.56 -30.78
CA LYS F 42 -23.30 -41.87 -31.97
C LYS F 42 -22.39 -40.72 -32.40
N ASP F 43 -21.58 -40.19 -31.47
CA ASP F 43 -20.66 -39.12 -31.83
C ASP F 43 -19.49 -39.66 -32.64
N ASP F 44 -18.73 -40.60 -32.05
CA ASP F 44 -17.58 -41.19 -32.73
C ASP F 44 -17.27 -42.52 -32.07
N ALA F 45 -17.38 -43.61 -32.81
CA ALA F 45 -17.17 -44.93 -32.23
C ALA F 45 -15.69 -45.17 -31.91
N ALA F 46 -14.84 -45.13 -32.94
CA ALA F 46 -13.42 -45.41 -32.72
C ALA F 46 -12.80 -44.39 -31.78
N GLY F 47 -13.17 -43.12 -31.93
CA GLY F 47 -12.67 -42.11 -31.02
C GLY F 47 -13.04 -42.40 -29.58
N LEU F 48 -14.30 -42.79 -29.34
CA LEU F 48 -14.72 -43.12 -27.98
C LEU F 48 -13.93 -44.31 -27.45
N GLN F 49 -13.76 -45.35 -28.26
CA GLN F 49 -13.03 -46.52 -27.81
C GLN F 49 -11.61 -46.17 -27.41
N ILE F 50 -10.90 -45.43 -28.27
CA ILE F 50 -9.51 -45.12 -27.98
C ILE F 50 -9.40 -44.19 -26.80
N SER F 51 -10.32 -43.22 -26.67
CA SER F 51 -10.28 -42.32 -25.53
C SER F 51 -10.52 -43.06 -24.23
N ASN F 52 -11.47 -43.99 -24.22
CA ASN F 52 -11.71 -44.79 -23.02
C ASN F 52 -10.50 -45.63 -22.67
N ARG F 53 -9.86 -46.23 -23.69
CA ARG F 53 -8.66 -47.02 -23.42
C ARG F 53 -7.56 -46.14 -22.83
N LEU F 54 -7.38 -44.94 -23.37
CA LEU F 54 -6.34 -44.06 -22.84
C LEU F 54 -6.66 -43.60 -21.43
N THR F 55 -7.92 -43.33 -21.12
CA THR F 55 -8.29 -42.96 -19.76
C THR F 55 -8.01 -44.12 -18.80
N ALA F 56 -8.35 -45.34 -19.21
CA ALA F 56 -8.06 -46.50 -18.38
C ALA F 56 -6.56 -46.63 -18.14
N GLN F 57 -5.76 -46.42 -19.19
CA GLN F 57 -4.32 -46.52 -19.03
C GLN F 57 -3.79 -45.43 -18.12
N SER F 58 -4.36 -44.23 -18.19
CA SER F 58 -3.92 -43.15 -17.30
C SER F 58 -4.22 -43.49 -15.85
N ARG F 59 -5.41 -44.01 -15.57
CA ARG F 59 -5.72 -44.40 -14.20
C ARG F 59 -4.82 -45.53 -13.72
N GLY F 60 -4.56 -46.50 -14.60
CA GLY F 60 -3.61 -47.55 -14.25
C GLY F 60 -2.23 -47.00 -13.99
N LEU F 61 -1.83 -45.98 -14.74
CA LEU F 61 -0.53 -45.33 -14.52
C LEU F 61 -0.49 -44.68 -13.14
N ASP F 62 -1.56 -44.01 -12.75
CA ASP F 62 -1.61 -43.41 -11.41
C ASP F 62 -1.49 -44.49 -10.34
N VAL F 63 -2.21 -45.60 -10.51
CA VAL F 63 -2.11 -46.70 -9.57
C VAL F 63 -0.68 -47.23 -9.53
N ALA F 64 -0.02 -47.33 -10.69
CA ALA F 64 1.34 -47.82 -10.74
C ALA F 64 2.30 -46.88 -10.03
N MET F 65 2.10 -45.57 -10.18
CA MET F 65 2.94 -44.62 -9.46
C MET F 65 2.75 -44.75 -7.96
N ARG F 66 1.50 -44.95 -7.51
CA ARG F 66 1.27 -45.15 -6.08
C ARG F 66 1.97 -46.41 -5.60
N ASN F 67 1.89 -47.50 -6.37
CA ASN F 67 2.56 -48.74 -5.98
C ASN F 67 4.08 -48.55 -5.93
N ALA F 68 4.63 -47.82 -6.90
CA ALA F 68 6.07 -47.57 -6.90
C ALA F 68 6.47 -46.77 -5.66
N ASN F 69 5.66 -45.77 -5.28
CA ASN F 69 5.96 -45.01 -4.07
C ASN F 69 5.89 -45.92 -2.85
N ASP F 70 4.94 -46.85 -2.82
CA ASP F 70 4.87 -47.80 -1.72
C ASP F 70 6.14 -48.64 -1.64
N GLY F 71 6.62 -49.12 -2.80
CA GLY F 71 7.85 -49.88 -2.81
C GLY F 71 9.04 -49.06 -2.31
N ILE F 72 9.13 -47.81 -2.74
CA ILE F 72 10.20 -46.94 -2.28
C ILE F 72 10.11 -46.77 -0.77
N SER F 73 8.89 -46.63 -0.24
CA SER F 73 8.74 -46.46 1.21
C SER F 73 9.19 -47.69 1.97
N ILE F 74 8.83 -48.88 1.47
CA ILE F 74 9.27 -50.11 2.12
C ILE F 74 10.80 -50.19 2.09
N ALA F 75 11.39 -49.87 0.94
CA ALA F 75 12.85 -49.87 0.86
C ALA F 75 13.46 -48.89 1.85
N GLN F 76 12.86 -47.71 2.00
CA GLN F 76 13.39 -46.73 2.94
C GLN F 76 13.34 -47.24 4.38
N THR F 77 12.23 -47.84 4.77
CA THR F 77 12.11 -48.37 6.13
C THR F 77 13.14 -49.46 6.37
N ALA F 78 13.30 -50.37 5.40
CA ALA F 78 14.30 -51.41 5.54
C ALA F 78 15.70 -50.81 5.63
N GLU F 79 15.96 -49.76 4.86
CA GLU F 79 17.27 -49.12 4.87
C GLU F 79 17.58 -48.51 6.23
N GLY F 80 16.60 -47.83 6.84
CA GLY F 80 16.80 -47.31 8.18
C GLY F 80 17.08 -48.41 9.19
N ALA F 81 16.30 -49.49 9.13
CA ALA F 81 16.54 -50.60 10.04
C ALA F 81 17.96 -51.14 9.88
N MET F 82 18.38 -51.35 8.64
CA MET F 82 19.73 -51.86 8.42
C MET F 82 20.79 -50.85 8.84
N ASN F 83 20.49 -49.56 8.79
CA ASN F 83 21.45 -48.57 9.29
C ASN F 83 21.67 -48.74 10.78
N GLU F 84 20.57 -48.84 11.54
CA GLU F 84 20.70 -49.11 12.97
C GLU F 84 21.47 -50.40 13.21
N SER F 85 21.16 -51.44 12.44
CA SER F 85 21.82 -52.73 12.61
C SER F 85 23.32 -52.63 12.33
N THR F 86 23.69 -51.88 11.29
CA THR F 86 25.10 -51.71 10.97
C THR F 86 25.84 -50.99 12.08
N SER F 87 25.22 -49.96 12.65
CA SER F 87 25.84 -49.29 13.79
C SER F 87 26.07 -50.27 14.93
N ILE F 88 25.06 -51.10 15.23
CA ILE F 88 25.20 -52.07 16.31
C ILE F 88 26.34 -53.03 16.02
N LEU F 89 26.41 -53.52 14.78
CA LEU F 89 27.45 -54.47 14.42
C LEU F 89 28.83 -53.86 14.55
N GLN F 90 28.98 -52.60 14.12
CA GLN F 90 30.28 -51.94 14.25
C GLN F 90 30.67 -51.80 15.71
N ARG F 91 29.70 -51.46 16.56
CA ARG F 91 30.01 -51.35 17.99
C ARG F 91 30.44 -52.70 18.55
N MET F 92 29.77 -53.77 18.13
CA MET F 92 30.16 -55.10 18.61
C MET F 92 31.56 -55.46 18.14
N ARG F 93 31.90 -55.12 16.90
CA ARG F 93 33.25 -55.39 16.41
C ARG F 93 34.29 -54.63 17.23
N ASP F 94 34.00 -53.36 17.54
CA ASP F 94 34.93 -52.58 18.36
C ASP F 94 35.10 -53.22 19.74
N LEU F 95 34.00 -53.70 20.32
CA LEU F 95 34.09 -54.35 21.62
C LEU F 95 34.94 -55.61 21.54
N ALA F 96 34.76 -56.40 20.48
CA ALA F 96 35.57 -57.61 20.33
C ALA F 96 37.06 -57.25 20.21
N LEU F 97 37.37 -56.24 19.40
CA LEU F 97 38.77 -55.83 19.26
C LEU F 97 39.33 -55.37 20.59
N GLN F 98 38.54 -54.63 21.38
CA GLN F 98 39.00 -54.21 22.69
C GLN F 98 39.26 -55.41 23.59
N SER F 99 38.38 -56.43 23.51
CA SER F 99 38.56 -57.62 24.34
C SER F 99 39.81 -58.40 23.95
N ALA F 100 40.17 -58.39 22.67
CA ALA F 100 41.32 -59.17 22.22
C ALA F 100 42.61 -58.78 22.93
N ASN F 101 42.72 -57.54 23.40
CA ASN F 101 43.94 -57.09 24.03
C ASN F 101 44.34 -58.04 25.16
N GLY F 102 45.65 -58.28 25.28
CA GLY F 102 46.12 -59.29 26.21
C GLY F 102 45.83 -58.96 27.66
N THR F 103 46.04 -57.70 28.06
CA THR F 103 45.90 -57.29 29.47
C THR F 103 44.43 -57.01 29.77
N ASN F 104 43.66 -58.09 29.90
CA ASN F 104 42.25 -57.98 30.22
C ASN F 104 41.76 -59.06 31.18
N SER F 105 42.65 -59.78 31.87
CA SER F 105 42.29 -60.76 32.88
C SER F 105 40.97 -61.47 32.54
N ALA F 106 39.98 -61.40 33.43
CA ALA F 106 38.71 -62.07 33.17
C ALA F 106 37.48 -61.17 33.36
N SER F 107 37.49 -60.29 34.37
CA SER F 107 36.28 -59.54 34.69
C SER F 107 35.90 -58.57 33.59
N GLU F 108 36.85 -57.75 33.14
CA GLU F 108 36.59 -56.86 32.02
C GLU F 108 36.06 -57.63 30.81
N ARG F 109 36.57 -58.85 30.60
CA ARG F 109 36.03 -59.67 29.52
C ARG F 109 34.57 -60.00 29.78
N GLN F 110 34.21 -60.26 31.05
CA GLN F 110 32.81 -60.51 31.37
C GLN F 110 31.95 -59.30 31.06
N ALA F 111 32.41 -58.10 31.41
CA ALA F 111 31.63 -56.91 31.13
C ALA F 111 31.48 -56.68 29.63
N LEU F 112 32.56 -56.87 28.87
CA LEU F 112 32.49 -56.72 27.43
C LEU F 112 31.52 -57.74 26.83
N ASN F 113 31.56 -58.98 27.31
CA ASN F 113 30.64 -60.00 26.82
C ASN F 113 29.20 -59.65 27.18
N GLU F 114 28.97 -59.07 28.35
CA GLU F 114 27.63 -58.65 28.72
C GLU F 114 27.11 -57.58 27.77
N GLU F 115 27.93 -56.58 27.47
CA GLU F 115 27.50 -55.56 26.52
C GLU F 115 27.27 -56.16 25.13
N SER F 116 28.12 -57.11 24.73
CA SER F 116 27.92 -57.77 23.44
C SER F 116 26.61 -58.54 23.41
N VAL F 117 26.26 -59.20 24.52
CA VAL F 117 25.00 -59.92 24.59
C VAL F 117 23.83 -58.95 24.49
N ALA F 118 23.93 -57.80 25.17
CA ALA F 118 22.89 -56.80 25.05
C ALA F 118 22.73 -56.35 23.61
N LEU F 119 23.85 -56.11 22.92
CA LEU F 119 23.78 -55.70 21.52
C LEU F 119 23.20 -56.82 20.64
N GLN F 120 23.51 -58.08 20.97
CA GLN F 120 22.91 -59.19 20.25
C GLN F 120 21.40 -59.17 20.37
N ASP F 121 20.90 -59.04 21.59
CA ASP F 121 19.45 -59.00 21.78
C ASP F 121 18.84 -57.79 21.12
N GLU F 122 19.58 -56.67 21.07
CA GLU F 122 19.10 -55.51 20.32
C GLU F 122 18.98 -55.81 18.84
N LEU F 123 19.96 -56.52 18.28
CA LEU F 123 19.89 -56.90 16.88
C LEU F 123 18.70 -57.81 16.63
N ASN F 124 18.46 -58.76 17.51
CA ASN F 124 17.29 -59.63 17.37
C ASN F 124 16.00 -58.83 17.42
N ARG F 125 15.90 -57.89 18.36
CA ARG F 125 14.70 -57.07 18.47
C ARG F 125 14.49 -56.25 17.21
N ILE F 126 15.56 -55.68 16.67
CA ILE F 126 15.44 -54.92 15.43
C ILE F 126 14.94 -55.82 14.32
N ALA F 127 15.55 -56.99 14.15
CA ALA F 127 15.15 -57.89 13.08
C ALA F 127 13.71 -58.32 13.23
N GLU F 128 13.20 -58.41 14.46
CA GLU F 128 11.86 -58.89 14.72
C GLU F 128 10.83 -57.79 14.92
N THR F 129 11.22 -56.52 14.82
CA THR F 129 10.30 -55.43 15.13
C THR F 129 10.04 -54.50 13.96
N THR F 130 11.06 -54.15 13.18
CA THR F 130 10.86 -53.17 12.12
C THR F 130 9.75 -53.63 11.19
N SER F 131 8.70 -52.81 11.09
CA SER F 131 7.53 -53.16 10.31
C SER F 131 6.99 -51.93 9.60
N PHE F 132 6.39 -52.16 8.44
CA PHE F 132 5.72 -51.10 7.69
C PHE F 132 4.23 -51.22 7.96
N GLY F 133 3.83 -50.78 9.16
CA GLY F 133 2.44 -50.82 9.55
C GLY F 133 1.88 -52.23 9.64
N GLY F 134 2.45 -53.04 10.53
CA GLY F 134 1.97 -54.38 10.77
C GLY F 134 2.59 -55.45 9.89
N ARG F 135 3.37 -55.07 8.89
CA ARG F 135 4.04 -56.01 8.01
C ARG F 135 5.51 -56.10 8.44
N LYS F 136 5.91 -57.28 8.90
CA LYS F 136 7.31 -57.47 9.30
C LYS F 136 8.20 -57.51 8.07
N LEU F 137 9.36 -56.86 8.19
CA LEU F 137 10.28 -56.70 7.06
C LEU F 137 11.52 -57.58 7.17
N LEU F 138 12.25 -57.50 8.28
CA LEU F 138 13.57 -58.08 8.38
C LEU F 138 13.62 -59.34 9.25
N ASN F 139 12.49 -59.97 9.51
CA ASN F 139 12.47 -61.23 10.23
C ASN F 139 12.42 -62.45 9.31
N GLY F 140 12.58 -62.24 8.00
CA GLY F 140 12.62 -63.33 7.04
C GLY F 140 11.28 -63.74 6.48
N SER F 141 10.18 -63.17 6.99
CA SER F 141 8.86 -63.54 6.51
C SER F 141 8.47 -62.78 5.24
N PHE F 142 9.18 -61.71 4.90
CA PHE F 142 8.80 -60.92 3.74
C PHE F 142 8.94 -61.73 2.45
N GLY F 143 10.01 -62.51 2.33
CA GLY F 143 10.19 -63.32 1.14
C GLY F 143 10.39 -62.45 -0.09
N GLU F 144 9.97 -62.98 -1.23
CA GLU F 144 10.07 -62.28 -2.52
C GLU F 144 8.69 -61.70 -2.82
N ALA F 145 8.54 -60.41 -2.60
CA ALA F 145 7.27 -59.72 -2.88
C ALA F 145 7.29 -59.14 -4.28
N SER F 146 6.11 -58.74 -4.75
CA SER F 146 5.95 -58.14 -6.06
C SER F 146 5.43 -56.71 -5.91
N PHE F 147 5.62 -55.92 -6.97
CA PHE F 147 5.19 -54.52 -6.96
C PHE F 147 4.79 -54.16 -8.38
N GLN F 148 3.49 -54.24 -8.66
CA GLN F 148 2.98 -53.83 -9.97
C GLN F 148 3.28 -52.36 -10.20
N ILE F 149 4.10 -52.07 -11.20
CA ILE F 149 4.51 -50.71 -11.51
C ILE F 149 4.27 -50.40 -12.98
N GLY F 150 3.31 -51.11 -13.58
CA GLY F 150 2.99 -50.90 -14.98
C GLY F 150 1.50 -50.74 -15.16
N SER F 151 1.14 -49.95 -16.18
CA SER F 151 -0.27 -49.67 -16.43
C SER F 151 -1.03 -50.97 -16.75
N SER F 152 -0.46 -51.81 -17.60
CA SER F 152 -1.08 -53.08 -17.96
C SER F 152 -0.76 -54.13 -16.91
N SER F 153 -1.23 -55.35 -17.15
CA SER F 153 -1.00 -56.48 -16.26
C SER F 153 0.16 -57.30 -16.81
N GLY F 154 1.21 -57.47 -16.01
CA GLY F 154 2.37 -58.21 -16.43
C GLY F 154 3.67 -57.53 -16.06
N GLU F 155 3.58 -56.35 -15.45
CA GLU F 155 4.74 -55.60 -15.00
C GLU F 155 4.90 -55.81 -13.50
N ALA F 156 6.12 -56.11 -13.07
CA ALA F 156 6.39 -56.35 -11.66
C ALA F 156 7.85 -56.11 -11.39
N ILE F 157 8.15 -55.86 -10.11
CA ILE F 157 9.51 -55.69 -9.63
C ILE F 157 9.62 -56.50 -8.35
N ILE F 158 10.31 -57.64 -8.41
CA ILE F 158 10.38 -58.54 -7.28
C ILE F 158 11.39 -57.99 -6.28
N MET F 159 10.94 -57.75 -5.05
CA MET F 159 11.78 -57.25 -3.98
C MET F 159 12.03 -58.37 -2.98
N GLY F 160 13.30 -58.56 -2.62
CA GLY F 160 13.66 -59.58 -1.66
C GLY F 160 14.31 -59.00 -0.42
N LEU F 161 13.75 -59.31 0.75
CA LEU F 161 14.26 -58.83 2.03
C LEU F 161 14.61 -60.06 2.87
N THR F 162 15.88 -60.44 2.85
CA THR F 162 16.35 -61.57 3.64
C THR F 162 16.47 -61.16 5.10
N SER F 163 16.27 -62.15 5.98
CA SER F 163 16.23 -61.87 7.41
C SER F 163 17.57 -61.32 7.89
N VAL F 164 17.52 -60.39 8.84
CA VAL F 164 18.69 -59.77 9.42
C VAL F 164 18.85 -60.15 10.89
N ARG F 165 18.24 -61.24 11.34
CA ARG F 165 18.45 -61.70 12.70
C ARG F 165 19.90 -62.10 12.90
N ALA F 166 20.39 -61.95 14.13
CA ALA F 166 21.76 -62.29 14.43
C ALA F 166 22.05 -63.77 14.17
N ASP F 167 21.03 -64.62 14.23
CA ASP F 167 21.23 -66.06 14.07
C ASP F 167 21.31 -66.48 12.62
N ASP F 168 20.79 -65.66 11.69
CA ASP F 168 20.67 -66.07 10.30
C ASP F 168 22.01 -66.56 9.76
N PHE F 169 21.99 -67.73 9.12
CA PHE F 169 23.22 -68.44 8.80
C PHE F 169 24.16 -67.59 7.94
N ARG F 170 23.62 -66.69 7.12
CA ARG F 170 24.47 -65.87 6.27
C ARG F 170 25.38 -64.98 7.11
N MET F 171 24.86 -64.42 8.20
CA MET F 171 25.65 -63.56 9.08
C MET F 171 26.57 -64.43 9.93
N GLY F 172 27.68 -64.81 9.34
CA GLY F 172 28.65 -65.66 10.02
C GLY F 172 29.41 -66.50 9.00
N GLY F 173 29.58 -67.77 9.33
CA GLY F 173 30.27 -68.70 8.45
C GLY F 173 30.87 -69.84 9.24
N GLN F 174 31.84 -70.50 8.60
CA GLN F 174 32.46 -71.69 9.17
C GLN F 174 33.76 -71.33 9.87
N SER F 175 34.11 -72.13 10.88
CA SER F 175 35.32 -71.92 11.67
C SER F 175 36.07 -73.23 11.82
N PHE F 176 37.40 -73.14 11.86
CA PHE F 176 38.28 -74.29 12.02
C PHE F 176 39.37 -73.93 13.01
N ILE F 177 39.70 -74.88 13.88
CA ILE F 177 40.65 -74.68 14.96
C ILE F 177 41.75 -75.74 14.85
N ALA F 178 42.99 -75.32 15.13
CA ALA F 178 44.09 -76.26 15.14
C ALA F 178 44.08 -77.10 16.41
N GLU F 179 44.60 -78.32 16.31
CA GLU F 179 44.60 -79.26 17.41
C GLU F 179 45.94 -79.30 18.15
N GLN F 180 46.92 -78.51 17.74
CA GLN F 180 48.25 -78.52 18.35
C GLN F 180 48.58 -77.14 18.91
N PRO F 181 48.35 -76.90 20.20
CA PRO F 181 48.76 -75.61 20.76
C PRO F 181 50.27 -75.42 20.66
N LYS F 182 50.68 -74.22 20.29
CA LYS F 182 52.08 -73.88 20.07
C LYS F 182 52.46 -72.76 21.02
N THR F 183 53.54 -72.97 21.76
CA THR F 183 53.98 -72.00 22.75
C THR F 183 54.60 -70.79 22.06
N LYS F 184 54.96 -69.78 22.86
CA LYS F 184 55.56 -68.57 22.31
C LYS F 184 56.84 -68.88 21.55
N GLU F 185 57.60 -69.89 22.01
CA GLU F 185 58.87 -70.20 21.39
C GLU F 185 58.67 -70.66 19.95
N TRP F 186 57.69 -71.54 19.72
CA TRP F 186 57.64 -72.30 18.47
C TRP F 186 57.64 -71.37 17.26
N GLY F 187 58.41 -71.76 16.24
CA GLY F 187 58.40 -71.09 14.97
C GLY F 187 58.22 -72.09 13.83
N VAL F 188 57.96 -71.56 12.65
CA VAL F 188 57.72 -72.39 11.47
C VAL F 188 59.01 -73.09 11.09
N PRO F 189 59.06 -74.43 11.07
CA PRO F 189 60.30 -75.10 10.69
C PRO F 189 60.60 -74.88 9.22
N PRO F 190 61.87 -74.83 8.84
CA PRO F 190 62.19 -74.63 7.41
C PRO F 190 61.63 -75.72 6.51
N THR F 191 61.56 -76.96 6.98
CA THR F 191 61.16 -78.06 6.11
C THR F 191 59.68 -77.94 5.70
N ALA F 192 58.80 -77.71 6.67
CA ALA F 192 57.37 -77.66 6.44
C ALA F 192 56.92 -76.21 6.44
N ARG F 193 56.66 -75.65 5.27
CA ARG F 193 56.21 -74.28 5.15
C ARG F 193 54.94 -74.17 4.31
N ASP F 194 54.78 -75.08 3.36
CA ASP F 194 53.67 -74.97 2.41
C ASP F 194 52.33 -75.16 3.11
N LEU F 195 51.29 -74.57 2.54
CA LEU F 195 49.94 -74.69 3.09
C LEU F 195 48.98 -74.42 1.93
N LYS F 196 48.32 -75.46 1.44
CA LYS F 196 47.44 -75.36 0.29
C LYS F 196 45.99 -75.51 0.73
N PHE F 197 45.17 -74.53 0.40
CA PHE F 197 43.74 -74.56 0.65
C PHE F 197 43.01 -74.80 -0.67
N GLU F 198 42.04 -75.70 -0.67
CA GLU F 198 41.18 -75.92 -1.82
C GLU F 198 39.74 -75.90 -1.35
N PHE F 199 38.89 -75.13 -2.04
CA PHE F 199 37.47 -75.11 -1.68
C PHE F 199 36.69 -74.47 -2.83
N THR F 200 35.40 -74.24 -2.59
CA THR F 200 34.50 -73.71 -3.60
C THR F 200 33.73 -72.53 -3.01
N LYS F 201 33.82 -71.38 -3.67
CA LYS F 201 33.04 -70.23 -3.24
C LYS F 201 31.55 -70.47 -3.50
N LYS F 202 30.73 -69.62 -2.89
CA LYS F 202 29.28 -69.77 -3.02
C LYS F 202 28.80 -69.56 -4.44
N ASP F 203 29.57 -68.86 -5.28
CA ASP F 203 29.17 -68.61 -6.65
C ASP F 203 29.49 -69.76 -7.60
N GLY F 204 30.04 -70.85 -7.08
CA GLY F 204 30.27 -72.06 -7.85
C GLY F 204 31.70 -72.25 -8.32
N GLU F 205 32.50 -71.19 -8.32
CA GLU F 205 33.89 -71.32 -8.74
C GLU F 205 34.71 -72.04 -7.68
N ALA F 206 35.80 -72.67 -8.11
CA ALA F 206 36.71 -73.39 -7.25
C ALA F 206 37.98 -72.58 -7.07
N VAL F 207 38.45 -72.46 -5.83
CA VAL F 207 39.61 -71.65 -5.49
C VAL F 207 40.65 -72.53 -4.82
N VAL F 208 41.91 -72.28 -5.15
CA VAL F 208 43.05 -72.95 -4.54
C VAL F 208 44.08 -71.88 -4.18
N LEU F 209 44.47 -71.85 -2.92
CA LEU F 209 45.52 -70.97 -2.41
C LEU F 209 46.73 -71.81 -2.03
N ASP F 210 47.91 -71.23 -2.23
CA ASP F 210 49.18 -71.94 -2.07
C ASP F 210 50.11 -71.18 -1.13
N ILE F 211 49.60 -70.83 0.06
CA ILE F 211 50.35 -69.95 0.95
C ILE F 211 51.61 -70.67 1.40
N ILE F 212 52.77 -70.07 1.14
CA ILE F 212 54.06 -70.60 1.56
C ILE F 212 54.54 -69.73 2.72
N ALA F 213 54.37 -70.23 3.94
CA ALA F 213 54.76 -69.48 5.12
C ALA F 213 56.27 -69.27 5.16
N LYS F 214 56.69 -68.17 5.76
CA LYS F 214 58.09 -67.84 5.85
C LYS F 214 58.78 -68.67 6.93
N ASP F 215 60.10 -68.69 6.89
CA ASP F 215 60.89 -69.48 7.82
C ASP F 215 60.96 -68.76 9.16
N GLY F 216 60.74 -69.51 10.23
CA GLY F 216 60.89 -68.99 11.58
C GLY F 216 59.91 -67.88 11.92
N ASP F 217 58.62 -68.23 12.00
CA ASP F 217 57.58 -67.30 12.39
C ASP F 217 56.78 -67.90 13.53
N ASP F 218 56.62 -67.14 14.61
CA ASP F 218 55.72 -67.57 15.68
C ASP F 218 54.30 -67.61 15.15
N ILE F 219 53.39 -68.15 15.97
CA ILE F 219 52.03 -68.40 15.49
C ILE F 219 51.34 -67.08 15.11
N GLU F 220 51.53 -66.03 15.90
CA GLU F 220 50.88 -64.76 15.59
C GLU F 220 51.34 -64.21 14.25
N GLU F 221 52.65 -64.27 13.99
CA GLU F 221 53.17 -63.77 12.71
C GLU F 221 52.63 -64.60 11.55
N LEU F 222 52.51 -65.92 11.74
CA LEU F 222 51.95 -66.76 10.69
C LEU F 222 50.49 -66.39 10.42
N ALA F 223 49.73 -66.12 11.49
CA ALA F 223 48.33 -65.70 11.31
C ALA F 223 48.26 -64.38 10.54
N THR F 224 49.12 -63.43 10.89
CA THR F 224 49.14 -62.16 10.18
C THR F 224 49.50 -62.37 8.71
N TYR F 225 50.47 -63.23 8.44
CA TYR F 225 50.86 -63.50 7.06
C TYR F 225 49.71 -64.10 6.28
N ILE F 226 49.01 -65.08 6.86
CA ILE F 226 47.88 -65.69 6.18
C ILE F 226 46.79 -64.67 5.93
N ASN F 227 46.56 -63.78 6.90
CA ASN F 227 45.60 -62.70 6.69
C ASN F 227 45.99 -61.84 5.51
N GLY F 228 47.28 -61.47 5.43
CA GLY F 228 47.72 -60.59 4.37
C GLY F 228 47.65 -61.23 3.00
N GLN F 229 47.98 -62.51 2.91
CA GLN F 229 48.07 -63.16 1.61
C GLN F 229 46.73 -63.22 0.90
N THR F 230 45.65 -63.50 1.63
CA THR F 230 44.34 -63.72 1.02
C THR F 230 43.26 -62.98 1.79
N ASP F 231 42.16 -62.70 1.10
CA ASP F 231 41.01 -62.03 1.68
C ASP F 231 39.79 -62.92 1.83
N LEU F 232 39.88 -64.19 1.45
CA LEU F 232 38.82 -65.16 1.69
C LEU F 232 39.00 -65.90 3.01
N PHE F 233 39.70 -65.29 3.96
CA PHE F 233 40.11 -65.96 5.18
C PHE F 233 40.19 -64.93 6.30
N LYS F 234 40.25 -65.43 7.53
CA LYS F 234 40.64 -64.62 8.69
C LYS F 234 41.36 -65.57 9.65
N ALA F 235 42.68 -65.64 9.50
CA ALA F 235 43.50 -66.39 10.45
C ALA F 235 43.48 -65.70 11.81
N SER F 236 43.75 -66.47 12.85
CA SER F 236 43.67 -65.98 14.21
C SER F 236 44.50 -66.89 15.12
N VAL F 237 44.56 -66.53 16.40
CA VAL F 237 45.26 -67.32 17.40
C VAL F 237 44.54 -67.13 18.73
N ASP F 238 44.21 -68.24 19.39
CA ASP F 238 43.55 -68.20 20.68
C ASP F 238 44.60 -68.20 21.79
N GLN F 239 44.16 -68.34 23.04
CA GLN F 239 45.08 -68.25 24.16
C GLN F 239 46.13 -69.36 24.10
N GLU F 240 45.71 -70.59 23.77
CA GLU F 240 46.62 -71.72 23.79
C GLU F 240 47.56 -71.77 22.59
N GLY F 241 47.35 -70.92 21.58
CA GLY F 241 48.20 -70.91 20.41
C GLY F 241 47.78 -71.91 19.36
N LYS F 242 46.52 -71.83 18.93
CA LYS F 242 45.97 -72.73 17.92
C LYS F 242 45.42 -71.89 16.78
N LEU F 243 46.03 -72.02 15.60
CA LEU F 243 45.61 -71.23 14.45
C LEU F 243 44.13 -71.44 14.19
N GLN F 244 43.41 -70.33 14.08
CA GLN F 244 41.97 -70.33 13.84
C GLN F 244 41.72 -69.74 12.46
N ILE F 245 41.04 -70.50 11.60
CA ILE F 245 40.71 -70.05 10.25
C ILE F 245 39.20 -69.94 10.16
N PHE F 246 38.72 -68.74 9.83
CA PHE F 246 37.30 -68.47 9.70
C PHE F 246 36.99 -68.10 8.26
N VAL F 247 36.00 -68.76 7.68
CA VAL F 247 35.60 -68.53 6.29
C VAL F 247 34.16 -68.04 6.29
N ALA F 248 33.95 -66.84 5.77
CA ALA F 248 32.61 -66.28 5.74
C ALA F 248 31.70 -67.13 4.87
N GLU F 249 30.42 -67.14 5.21
CA GLU F 249 29.47 -67.99 4.50
C GLU F 249 29.47 -67.76 2.99
N PRO F 250 29.41 -66.53 2.48
CA PRO F 250 29.37 -66.34 1.02
C PRO F 250 30.66 -66.76 0.32
N ASN F 251 31.73 -67.06 1.06
CA ASN F 251 33.01 -67.44 0.48
C ASN F 251 33.33 -68.91 0.71
N ILE F 252 32.32 -69.77 0.80
CA ILE F 252 32.52 -71.19 0.94
C ILE F 252 31.20 -71.89 0.63
N GLU F 253 31.29 -73.11 0.11
CA GLU F 253 30.11 -73.93 -0.13
C GLU F 253 30.50 -75.38 0.11
N GLY F 254 29.92 -75.99 1.14
CA GLY F 254 30.24 -77.37 1.44
C GLY F 254 31.60 -77.52 2.10
N ASN F 255 32.25 -78.65 1.82
CA ASN F 255 33.50 -78.98 2.48
C ASN F 255 34.61 -78.03 2.07
N PHE F 256 35.53 -77.78 3.00
CA PHE F 256 36.71 -76.95 2.76
C PHE F 256 37.90 -77.66 3.41
N ASN F 257 38.86 -78.07 2.59
CA ASN F 257 39.91 -78.98 3.02
C ASN F 257 41.26 -78.28 2.99
N ILE F 258 42.06 -78.51 4.03
CA ILE F 258 43.38 -77.91 4.19
C ILE F 258 44.42 -79.01 4.07
N SER F 259 45.46 -78.75 3.29
CA SER F 259 46.51 -79.72 3.04
C SER F 259 47.86 -79.02 3.13
N GLY F 260 48.93 -79.82 3.08
CA GLY F 260 50.27 -79.29 3.15
C GLY F 260 51.00 -79.70 4.41
N GLY F 261 52.34 -79.70 4.35
CA GLY F 261 53.11 -80.09 5.52
C GLY F 261 52.80 -79.26 6.75
N LEU F 262 52.67 -77.95 6.57
CA LEU F 262 52.35 -77.08 7.70
C LEU F 262 50.97 -77.39 8.26
N ALA F 263 50.03 -77.82 7.41
CA ALA F 263 48.71 -78.18 7.90
C ALA F 263 48.80 -79.36 8.87
N THR F 264 49.61 -80.37 8.53
CA THR F 264 49.80 -81.50 9.44
C THR F 264 50.58 -81.07 10.67
N GLU F 265 51.53 -80.15 10.50
CA GLU F 265 52.29 -79.66 11.65
C GLU F 265 51.38 -78.98 12.66
N LEU F 266 50.45 -78.17 12.19
CA LEU F 266 49.56 -77.43 13.06
C LEU F 266 48.39 -78.26 13.57
N GLY F 267 48.07 -79.36 12.92
CA GLY F 267 46.91 -80.15 13.28
C GLY F 267 45.61 -79.67 12.68
N LEU F 268 45.62 -78.60 11.89
CA LEU F 268 44.42 -78.15 11.21
C LEU F 268 43.88 -79.28 10.34
N ASN F 269 42.56 -79.49 10.41
CA ASN F 269 41.89 -80.54 9.67
C ASN F 269 40.70 -79.93 8.94
N GLY F 270 40.89 -79.60 7.67
CA GLY F 270 39.80 -79.03 6.88
C GLY F 270 38.67 -80.02 6.75
N GLY F 271 37.45 -79.57 7.03
CA GLY F 271 36.28 -80.41 6.96
C GLY F 271 35.02 -79.58 6.86
N PRO F 272 33.91 -80.07 7.42
CA PRO F 272 32.69 -79.26 7.42
C PRO F 272 32.84 -77.96 8.20
N GLY F 273 33.66 -77.95 9.24
CA GLY F 273 33.87 -76.75 10.02
C GLY F 273 32.70 -76.44 10.93
N VAL F 274 32.97 -75.85 12.08
CA VAL F 274 31.92 -75.51 13.02
C VAL F 274 31.20 -74.27 12.53
N LYS F 275 29.87 -74.35 12.40
CA LYS F 275 29.09 -73.19 11.98
C LYS F 275 28.99 -72.20 13.13
N THR F 276 29.22 -70.93 12.84
CA THR F 276 29.16 -69.87 13.84
C THR F 276 28.58 -68.64 13.21
N THR F 277 27.56 -68.08 13.84
CA THR F 277 26.90 -66.85 13.42
C THR F 277 27.14 -65.77 14.47
N VAL F 278 26.52 -64.61 14.25
CA VAL F 278 26.67 -63.52 15.19
C VAL F 278 26.12 -63.91 16.56
N GLN F 279 25.01 -64.64 16.59
CA GLN F 279 24.41 -65.03 17.86
C GLN F 279 25.27 -66.03 18.62
N ASP F 280 26.27 -66.63 17.99
CA ASP F 280 27.16 -67.56 18.66
C ASP F 280 28.46 -66.89 19.12
N ILE F 281 28.51 -65.56 19.11
CA ILE F 281 29.71 -64.86 19.53
C ILE F 281 29.93 -65.10 21.02
N ASP F 282 31.19 -65.11 21.42
CA ASP F 282 31.53 -65.22 22.84
C ASP F 282 32.95 -64.71 23.02
N ILE F 283 33.10 -63.61 23.74
CA ILE F 283 34.38 -62.93 23.83
C ILE F 283 34.94 -63.07 25.24
N THR F 284 34.58 -64.16 25.92
CA THR F 284 35.14 -64.46 27.23
C THR F 284 36.57 -64.99 27.15
N SER F 285 37.07 -65.27 25.95
CA SER F 285 38.41 -65.77 25.76
C SER F 285 39.03 -65.11 24.53
N VAL F 286 40.36 -65.14 24.47
CA VAL F 286 41.07 -64.48 23.38
C VAL F 286 40.62 -65.07 22.03
N GLY F 287 40.60 -66.38 21.93
CA GLY F 287 40.16 -67.01 20.70
C GLY F 287 38.75 -66.62 20.32
N GLY F 288 37.87 -66.51 21.33
CA GLY F 288 36.51 -66.08 21.06
C GLY F 288 36.46 -64.71 20.42
N SER F 289 37.24 -63.77 20.95
CA SER F 289 37.25 -62.42 20.39
C SER F 289 37.86 -62.41 18.99
N GLN F 290 38.92 -63.18 18.77
CA GLN F 290 39.53 -63.23 17.45
C GLN F 290 38.55 -63.78 16.42
N ASN F 291 37.81 -64.82 16.77
CA ASN F 291 36.77 -65.33 15.87
C ASN F 291 35.67 -64.28 15.70
N ALA F 292 35.35 -63.56 16.76
CA ALA F 292 34.27 -62.58 16.72
C ALA F 292 34.57 -61.48 15.72
N VAL F 293 35.82 -61.02 15.67
CA VAL F 293 36.13 -59.91 14.76
C VAL F 293 35.81 -60.31 13.32
N GLY F 294 36.23 -61.50 12.92
CA GLY F 294 35.91 -61.96 11.57
C GLY F 294 34.44 -62.22 11.36
N ILE F 295 33.75 -62.76 12.38
CA ILE F 295 32.33 -63.02 12.25
C ILE F 295 31.57 -61.72 11.99
N ILE F 296 31.88 -60.69 12.75
CA ILE F 296 31.21 -59.41 12.55
C ILE F 296 31.64 -58.77 11.25
N ASP F 297 32.88 -59.00 10.80
CA ASP F 297 33.27 -58.51 9.49
C ASP F 297 32.37 -59.11 8.40
N ALA F 298 32.16 -60.43 8.46
CA ALA F 298 31.31 -61.07 7.48
C ALA F 298 29.87 -60.57 7.58
N ALA F 299 29.36 -60.40 8.80
CA ALA F 299 28.01 -59.89 8.97
C ALA F 299 27.87 -58.50 8.38
N LEU F 300 28.86 -57.64 8.62
CA LEU F 300 28.84 -56.29 8.04
C LEU F 300 28.83 -56.37 6.53
N LYS F 301 29.65 -57.24 5.95
CA LYS F 301 29.69 -57.37 4.49
C LYS F 301 28.32 -57.76 3.95
N TYR F 302 27.68 -58.75 4.59
CA TYR F 302 26.38 -59.20 4.14
C TYR F 302 25.32 -58.11 4.25
N VAL F 303 25.30 -57.40 5.39
CA VAL F 303 24.31 -56.34 5.57
C VAL F 303 24.53 -55.24 4.56
N ASP F 304 25.78 -54.88 4.29
CA ASP F 304 26.07 -53.85 3.30
C ASP F 304 25.65 -54.30 1.90
N SER F 305 25.83 -55.60 1.59
CA SER F 305 25.37 -56.10 0.30
C SER F 305 23.86 -55.94 0.17
N GLN F 306 23.11 -56.30 1.21
CA GLN F 306 21.66 -56.13 1.15
C GLN F 306 21.28 -54.65 1.05
N ARG F 307 22.01 -53.79 1.74
CA ARG F 307 21.76 -52.36 1.63
C ARG F 307 21.98 -51.88 0.20
N ALA F 308 23.05 -52.35 -0.44
CA ALA F 308 23.30 -51.97 -1.83
C ALA F 308 22.19 -52.46 -2.74
N ASP F 309 21.71 -53.68 -2.52
CA ASP F 309 20.59 -54.18 -3.32
C ASP F 309 19.37 -53.29 -3.17
N LEU F 310 19.05 -52.90 -1.93
CA LEU F 310 17.88 -52.04 -1.73
C LEU F 310 18.09 -50.66 -2.32
N GLY F 311 19.31 -50.13 -2.27
CA GLY F 311 19.58 -48.85 -2.91
C GLY F 311 19.41 -48.92 -4.42
N ALA F 312 19.87 -50.01 -5.03
CA ALA F 312 19.65 -50.21 -6.45
C ALA F 312 18.16 -50.28 -6.76
N LYS F 313 17.39 -50.98 -5.92
CA LYS F 313 15.95 -51.03 -6.13
C LYS F 313 15.32 -49.65 -6.02
N GLN F 314 15.77 -48.84 -5.06
CA GLN F 314 15.23 -47.49 -4.92
C GLN F 314 15.54 -46.65 -6.15
N ASN F 315 16.77 -46.73 -6.66
CA ASN F 315 17.11 -45.96 -7.86
C ASN F 315 16.28 -46.41 -9.05
N ARG F 316 16.11 -47.74 -9.21
CA ARG F 316 15.28 -48.24 -10.29
C ARG F 316 13.85 -47.75 -10.15
N LEU F 317 13.32 -47.76 -8.93
CA LEU F 317 11.95 -47.30 -8.73
C LEU F 317 11.81 -45.83 -9.04
N SER F 318 12.79 -45.01 -8.66
CA SER F 318 12.73 -43.58 -8.95
C SER F 318 12.73 -43.34 -10.45
N HIS F 319 13.62 -44.02 -11.18
CA HIS F 319 13.65 -43.86 -12.62
C HIS F 319 12.33 -44.31 -13.24
N SER F 320 11.78 -45.43 -12.76
CA SER F 320 10.53 -45.94 -13.30
C SER F 320 9.37 -44.99 -13.03
N ILE F 321 9.32 -44.40 -11.84
CA ILE F 321 8.21 -43.49 -11.55
C ILE F 321 8.35 -42.23 -12.39
N SER F 322 9.58 -41.75 -12.63
CA SER F 322 9.73 -40.61 -13.54
C SER F 322 9.22 -40.97 -14.93
N ASN F 323 9.57 -42.15 -15.42
CA ASN F 323 9.08 -42.58 -16.73
C ASN F 323 7.56 -42.64 -16.74
N LEU F 324 6.96 -43.20 -15.69
CA LEU F 324 5.52 -43.33 -15.64
C LEU F 324 4.84 -41.97 -15.61
N SER F 325 5.40 -41.01 -14.86
CA SER F 325 4.81 -39.68 -14.83
C SER F 325 4.88 -39.02 -16.20
N ASN F 326 6.03 -39.14 -16.88
CA ASN F 326 6.13 -38.56 -18.21
C ASN F 326 5.15 -39.22 -19.18
N ILE F 327 5.02 -40.55 -19.09
CA ILE F 327 4.12 -41.27 -19.97
C ILE F 327 2.68 -40.83 -19.70
N GLN F 328 2.34 -40.62 -18.43
CA GLN F 328 1.01 -40.13 -18.08
C GLN F 328 0.77 -38.74 -18.65
N GLU F 329 1.78 -37.86 -18.56
CA GLU F 329 1.63 -36.55 -19.17
C GLU F 329 1.28 -36.67 -20.65
N ASN F 330 2.05 -37.48 -21.39
CA ASN F 330 1.83 -37.60 -22.83
C ASN F 330 0.47 -38.22 -23.13
N VAL F 331 0.10 -39.26 -22.38
CA VAL F 331 -1.17 -39.93 -22.63
C VAL F 331 -2.33 -39.02 -22.30
N GLU F 332 -2.20 -38.21 -21.24
CA GLU F 332 -3.24 -37.24 -20.92
C GLU F 332 -3.38 -36.20 -22.01
N ALA F 333 -2.26 -35.72 -22.55
CA ALA F 333 -2.34 -34.78 -23.67
C ALA F 333 -3.07 -35.42 -24.85
N SER F 334 -2.72 -36.66 -25.18
CA SER F 334 -3.38 -37.33 -26.30
C SER F 334 -4.88 -37.52 -26.03
N LYS F 335 -5.23 -37.95 -24.82
CA LYS F 335 -6.63 -38.15 -24.49
C LYS F 335 -7.42 -36.85 -24.59
N SER F 336 -6.86 -35.75 -24.08
CA SER F 336 -7.53 -34.47 -24.19
C SER F 336 -7.69 -34.06 -25.64
N ARG F 337 -6.65 -34.29 -26.45
CA ARG F 337 -6.75 -33.97 -27.87
C ARG F 337 -7.89 -34.74 -28.54
N ILE F 338 -7.98 -36.05 -28.27
CA ILE F 338 -9.02 -36.85 -28.92
C ILE F 338 -10.39 -36.53 -28.34
N LYS F 339 -10.47 -36.26 -27.04
CA LYS F 339 -11.73 -36.22 -26.31
C LYS F 339 -12.11 -34.83 -25.84
N ASP F 340 -11.24 -34.14 -25.12
CA ASP F 340 -11.59 -32.84 -24.57
C ASP F 340 -12.03 -31.89 -25.68
N THR F 341 -13.07 -31.11 -25.39
CA THR F 341 -13.63 -30.19 -26.37
C THR F 341 -12.73 -28.98 -26.54
N ASP F 342 -12.60 -28.52 -27.79
CA ASP F 342 -11.88 -27.30 -28.10
C ASP F 342 -12.86 -26.14 -27.99
N PHE F 343 -12.77 -25.38 -26.89
CA PHE F 343 -13.83 -24.42 -26.57
C PHE F 343 -14.01 -23.38 -27.66
N ALA F 344 -12.94 -22.98 -28.33
CA ALA F 344 -13.08 -21.97 -29.39
C ALA F 344 -14.00 -22.48 -30.49
N LYS F 345 -13.69 -23.67 -31.02
CA LYS F 345 -14.50 -24.21 -32.11
C LYS F 345 -15.94 -24.43 -31.67
N GLU F 346 -16.13 -24.98 -30.47
CA GLU F 346 -17.48 -25.33 -30.04
C GLU F 346 -18.30 -24.09 -29.73
N THR F 347 -17.68 -23.04 -29.16
CA THR F 347 -18.39 -21.79 -28.95
C THR F 347 -18.78 -21.16 -30.28
N THR F 348 -17.86 -21.17 -31.25
CA THR F 348 -18.19 -20.67 -32.58
C THR F 348 -19.38 -21.44 -33.16
N GLN F 349 -19.36 -22.76 -33.04
CA GLN F 349 -20.44 -23.59 -33.59
C GLN F 349 -21.75 -23.29 -32.87
N LEU F 350 -21.69 -23.13 -31.54
CA LEU F 350 -22.90 -22.84 -30.78
C LEU F 350 -23.51 -21.51 -31.20
N THR F 351 -22.68 -20.48 -31.36
CA THR F 351 -23.21 -19.19 -31.79
C THR F 351 -23.79 -19.28 -33.20
N LYS F 352 -23.11 -20.00 -34.09
CA LYS F 352 -23.66 -20.20 -35.43
C LYS F 352 -24.99 -20.91 -35.38
N SER F 353 -25.12 -21.91 -34.50
CA SER F 353 -26.37 -22.65 -34.39
C SER F 353 -27.48 -21.76 -33.85
N GLN F 354 -27.18 -20.92 -32.87
CA GLN F 354 -28.18 -19.98 -32.37
C GLN F 354 -28.64 -19.04 -33.47
N ILE F 355 -27.69 -18.51 -34.25
CA ILE F 355 -28.05 -17.62 -35.35
C ILE F 355 -28.94 -18.36 -36.36
N LEU F 356 -28.57 -19.60 -36.68
CA LEU F 356 -29.35 -20.37 -37.64
C LEU F 356 -30.75 -20.66 -37.11
N GLN F 357 -30.86 -20.96 -35.82
CA GLN F 357 -32.18 -21.21 -35.25
C GLN F 357 -33.04 -19.96 -35.32
N GLN F 358 -32.47 -18.79 -34.98
CA GLN F 358 -33.24 -17.55 -35.07
C GLN F 358 -33.65 -17.26 -36.51
N ALA F 359 -32.75 -17.48 -37.46
CA ALA F 359 -33.08 -17.26 -38.86
C ALA F 359 -34.19 -18.22 -39.31
N GLY F 360 -34.12 -19.47 -38.89
CA GLY F 360 -35.16 -20.42 -39.22
C GLY F 360 -36.51 -20.03 -38.64
N THR F 361 -36.51 -19.56 -37.40
CA THR F 361 -37.76 -19.09 -36.80
C THR F 361 -38.32 -17.91 -37.58
N SER F 362 -37.46 -16.96 -37.94
CA SER F 362 -37.93 -15.80 -38.70
C SER F 362 -38.51 -16.22 -40.04
N ILE F 363 -37.83 -17.13 -40.74
CA ILE F 363 -38.33 -17.57 -42.04
C ILE F 363 -39.63 -18.33 -41.88
N LEU F 364 -39.71 -19.21 -40.87
CA LEU F 364 -40.93 -19.98 -40.67
C LEU F 364 -42.10 -19.06 -40.37
N ALA F 365 -41.90 -18.04 -39.54
CA ALA F 365 -42.96 -17.07 -39.31
C ALA F 365 -43.31 -16.33 -40.58
N GLN F 366 -42.31 -15.98 -41.38
CA GLN F 366 -42.56 -15.29 -42.65
C GLN F 366 -43.15 -16.22 -43.70
N ALA F 367 -43.11 -17.53 -43.47
CA ALA F 367 -43.69 -18.50 -44.39
C ALA F 367 -44.98 -19.10 -43.86
N LYS F 368 -45.29 -18.89 -42.58
CA LYS F 368 -46.48 -19.46 -41.97
C LYS F 368 -47.74 -18.70 -42.36
N GLN F 369 -47.62 -17.40 -42.62
CA GLN F 369 -48.78 -16.53 -42.79
C GLN F 369 -48.98 -16.08 -44.22
N LEU F 370 -47.94 -15.59 -44.89
CA LEU F 370 -48.14 -15.00 -46.22
C LEU F 370 -48.60 -16.02 -47.25
N PRO F 371 -47.95 -17.18 -47.41
CA PRO F 371 -48.32 -18.07 -48.51
C PRO F 371 -49.77 -18.53 -48.45
N ASN F 372 -50.30 -18.74 -47.24
CA ASN F 372 -51.69 -19.15 -47.09
C ASN F 372 -52.64 -17.97 -47.10
N SER F 373 -52.31 -16.90 -46.38
CA SER F 373 -53.18 -15.72 -46.37
C SER F 373 -53.37 -15.13 -47.76
N ALA F 374 -52.47 -15.43 -48.70
CA ALA F 374 -52.69 -14.99 -50.07
C ALA F 374 -54.04 -15.47 -50.60
N ILE F 375 -54.38 -16.74 -50.37
CA ILE F 375 -55.63 -17.26 -50.90
C ILE F 375 -56.82 -16.54 -50.28
N SER F 376 -56.80 -16.34 -48.95
CA SER F 376 -57.90 -15.63 -48.31
C SER F 376 -58.02 -14.21 -48.84
N LEU F 377 -56.89 -13.59 -49.18
CA LEU F 377 -56.94 -12.29 -49.85
C LEU F 377 -57.63 -12.42 -51.20
N LEU F 378 -57.33 -13.50 -51.93
CA LEU F 378 -57.88 -13.65 -53.28
C LEU F 378 -59.40 -13.71 -53.28
N GLN F 379 -60.02 -14.00 -52.14
CA GLN F 379 -61.48 -14.02 -52.06
C GLN F 379 -62.00 -12.71 -51.48
N THR G 2 -80.59 -27.51 -60.00
CA THR G 2 -80.95 -26.22 -60.66
C THR G 2 -81.05 -25.09 -59.63
N ILE G 3 -82.23 -24.51 -59.47
CA ILE G 3 -82.42 -23.37 -58.58
C ILE G 3 -83.46 -23.69 -57.52
N ASN G 4 -83.57 -24.97 -57.16
CA ASN G 4 -84.49 -25.34 -56.09
C ASN G 4 -84.04 -24.71 -54.77
N VAL G 5 -85.03 -24.35 -53.94
CA VAL G 5 -84.80 -23.57 -52.74
C VAL G 5 -84.66 -24.45 -51.50
N ASN G 6 -85.40 -25.55 -51.45
CA ASN G 6 -85.48 -26.32 -50.22
C ASN G 6 -84.11 -26.90 -49.83
N THR G 7 -83.38 -27.45 -50.79
CA THR G 7 -82.13 -28.15 -50.52
C THR G 7 -80.97 -27.45 -51.22
N ASN G 8 -79.88 -27.24 -50.49
CA ASN G 8 -78.65 -26.66 -51.03
C ASN G 8 -77.50 -27.56 -50.63
N VAL G 9 -77.12 -28.47 -51.53
CA VAL G 9 -76.02 -29.39 -51.24
C VAL G 9 -74.71 -28.61 -51.10
N SER G 10 -74.54 -27.54 -51.87
CA SER G 10 -73.35 -26.73 -51.73
C SER G 10 -73.23 -26.17 -50.32
N ALA G 11 -74.35 -25.70 -49.76
CA ALA G 11 -74.32 -25.20 -48.38
C ALA G 11 -73.96 -26.30 -47.40
N MET G 12 -74.49 -27.50 -47.61
CA MET G 12 -74.17 -28.61 -46.71
C MET G 12 -72.68 -28.96 -46.77
N THR G 13 -72.11 -29.00 -47.97
CA THR G 13 -70.69 -29.29 -48.10
C THR G 13 -69.85 -28.20 -47.45
N ALA G 14 -70.23 -26.94 -47.65
CA ALA G 14 -69.51 -25.85 -47.01
C ALA G 14 -69.58 -25.98 -45.50
N GLN G 15 -70.75 -26.32 -44.96
CA GLN G 15 -70.89 -26.49 -43.52
C GLN G 15 -70.01 -27.63 -43.02
N ARG G 16 -69.99 -28.75 -43.75
CA ARG G 16 -69.17 -29.89 -43.32
C ARG G 16 -67.69 -29.53 -43.28
N TYR G 17 -67.21 -28.89 -44.35
CA TYR G 17 -65.79 -28.52 -44.38
C TYR G 17 -65.46 -27.48 -43.32
N LEU G 18 -66.38 -26.53 -43.09
CA LEU G 18 -66.16 -25.55 -42.03
C LEU G 18 -66.11 -26.21 -40.67
N THR G 19 -66.98 -27.19 -40.42
CA THR G 19 -66.96 -27.91 -39.15
C THR G 19 -65.66 -28.67 -38.98
N LYS G 20 -65.18 -29.31 -40.04
CA LYS G 20 -63.90 -30.01 -39.96
C LYS G 20 -62.77 -29.04 -39.64
N ALA G 21 -62.75 -27.89 -40.32
CA ALA G 21 -61.71 -26.90 -40.06
C ALA G 21 -61.79 -26.39 -38.62
N THR G 22 -62.99 -26.13 -38.12
CA THR G 22 -63.14 -25.62 -36.76
C THR G 22 -62.69 -26.66 -35.74
N GLY G 23 -63.01 -27.93 -35.98
CA GLY G 23 -62.54 -28.98 -35.08
C GLY G 23 -61.03 -29.08 -35.07
N GLU G 24 -60.41 -29.03 -36.25
CA GLU G 24 -58.95 -29.05 -36.29
C GLU G 24 -58.37 -27.84 -35.58
N LEU G 25 -58.99 -26.67 -35.74
CA LEU G 25 -58.50 -25.48 -35.06
C LEU G 25 -58.60 -25.62 -33.56
N ASN G 26 -59.72 -26.16 -33.06
CA ASN G 26 -59.88 -26.34 -31.63
C ASN G 26 -58.84 -27.32 -31.08
N THR G 27 -58.61 -28.42 -31.80
CA THR G 27 -57.60 -29.37 -31.35
C THR G 27 -56.22 -28.73 -31.34
N SER G 28 -55.90 -27.94 -32.37
CA SER G 28 -54.60 -27.28 -32.42
C SER G 28 -54.44 -26.29 -31.28
N MET G 29 -55.50 -25.54 -30.97
CA MET G 29 -55.42 -24.58 -29.88
C MET G 29 -55.24 -25.29 -28.55
N GLU G 30 -55.94 -26.41 -28.36
CA GLU G 30 -55.75 -27.18 -27.14
C GLU G 30 -54.31 -27.67 -27.02
N ARG G 31 -53.76 -28.18 -28.12
CA ARG G 31 -52.38 -28.66 -28.09
C ARG G 31 -51.41 -27.52 -27.80
N LEU G 32 -51.64 -26.35 -28.39
CA LEU G 32 -50.76 -25.22 -28.14
C LEU G 32 -50.83 -24.76 -26.69
N SER G 33 -52.03 -24.66 -26.14
CA SER G 33 -52.17 -24.19 -24.77
C SER G 33 -51.58 -25.18 -23.78
N SER G 34 -51.85 -26.46 -23.95
CA SER G 34 -51.40 -27.46 -22.99
C SER G 34 -49.90 -27.68 -23.07
N GLY G 35 -49.36 -27.74 -24.29
CA GLY G 35 -47.97 -28.12 -24.49
C GLY G 35 -47.77 -29.60 -24.72
N ASN G 36 -48.83 -30.37 -24.95
CA ASN G 36 -48.74 -31.79 -25.19
C ASN G 36 -49.62 -32.15 -26.38
N ARG G 37 -49.05 -32.91 -27.32
CA ARG G 37 -49.83 -33.40 -28.44
C ARG G 37 -51.00 -34.25 -27.97
N ILE G 38 -50.76 -35.11 -26.99
CA ILE G 38 -51.74 -36.08 -26.53
C ILE G 38 -52.39 -35.53 -25.27
N ASN G 39 -53.66 -35.14 -25.37
CA ASN G 39 -54.42 -34.66 -24.24
C ASN G 39 -55.53 -35.60 -23.81
N SER G 40 -55.89 -36.57 -24.65
CA SER G 40 -56.92 -37.55 -24.29
C SER G 40 -56.65 -38.83 -25.06
N ALA G 41 -57.23 -39.92 -24.58
CA ALA G 41 -57.04 -41.21 -25.23
C ALA G 41 -57.55 -41.20 -26.67
N LYS G 42 -58.51 -40.33 -26.97
CA LYS G 42 -59.05 -40.28 -28.33
C LYS G 42 -57.96 -39.99 -29.36
N ASP G 43 -56.96 -39.19 -28.99
CA ASP G 43 -55.90 -38.83 -29.94
C ASP G 43 -55.13 -40.07 -30.39
N ASP G 44 -54.46 -40.73 -29.45
CA ASP G 44 -53.65 -41.91 -29.78
C ASP G 44 -53.50 -42.75 -28.53
N ALA G 45 -54.01 -43.98 -28.55
CA ALA G 45 -53.96 -44.83 -27.36
C ALA G 45 -52.54 -45.23 -27.03
N ALA G 46 -51.79 -45.74 -28.01
CA ALA G 46 -50.45 -46.26 -27.73
C ALA G 46 -49.53 -45.15 -27.24
N GLY G 47 -49.56 -44.00 -27.90
CA GLY G 47 -48.73 -42.90 -27.45
C GLY G 47 -49.06 -42.45 -26.04
N LEU G 48 -50.34 -42.33 -25.72
CA LEU G 48 -50.73 -41.93 -24.39
C LEU G 48 -50.25 -42.95 -23.36
N GLN G 49 -50.43 -44.24 -23.64
CA GLN G 49 -50.03 -45.27 -22.69
C GLN G 49 -48.52 -45.23 -22.44
N ILE G 50 -47.74 -45.19 -23.52
CA ILE G 50 -46.29 -45.22 -23.36
C ILE G 50 -45.80 -43.95 -22.67
N SER G 51 -46.39 -42.80 -23.01
CA SER G 51 -45.98 -41.55 -22.36
C SER G 51 -46.32 -41.56 -20.88
N ASN G 52 -47.50 -42.09 -20.52
CA ASN G 52 -47.84 -42.19 -19.10
C ASN G 52 -46.87 -43.12 -18.37
N ARG G 53 -46.52 -44.24 -18.98
CA ARG G 53 -45.56 -45.14 -18.36
C ARG G 53 -44.21 -44.45 -18.16
N LEU G 54 -43.77 -43.69 -19.17
CA LEU G 54 -42.49 -43.00 -19.05
C LEU G 54 -42.54 -41.92 -17.97
N THR G 55 -43.66 -41.21 -17.86
CA THR G 55 -43.78 -40.19 -16.81
C THR G 55 -43.75 -40.84 -15.43
N ALA G 56 -44.45 -41.98 -15.27
CA ALA G 56 -44.38 -42.70 -14.01
C ALA G 56 -42.96 -43.14 -13.71
N GLN G 57 -42.24 -43.62 -14.73
CA GLN G 57 -40.85 -44.00 -14.54
C GLN G 57 -39.99 -42.81 -14.13
N SER G 58 -40.28 -41.63 -14.69
CA SER G 58 -39.52 -40.44 -14.31
C SER G 58 -39.75 -40.09 -12.85
N ARG G 59 -41.01 -40.15 -12.40
CA ARG G 59 -41.29 -39.89 -10.99
C ARG G 59 -40.59 -40.92 -10.11
N GLY G 60 -40.63 -42.19 -10.51
CA GLY G 60 -39.92 -43.21 -9.76
C GLY G 60 -38.42 -42.98 -9.72
N LEU G 61 -37.85 -42.51 -10.82
CA LEU G 61 -36.44 -42.18 -10.84
C LEU G 61 -36.13 -41.05 -9.87
N ASP G 62 -37.00 -40.04 -9.82
CA ASP G 62 -36.79 -38.95 -8.87
C ASP G 62 -36.83 -39.45 -7.43
N VAL G 63 -37.81 -40.29 -7.11
CA VAL G 63 -37.94 -40.77 -5.74
C VAL G 63 -36.76 -41.68 -5.39
N ALA G 64 -36.30 -42.48 -6.36
CA ALA G 64 -35.13 -43.32 -6.13
C ALA G 64 -33.89 -42.47 -5.90
N MET G 65 -33.73 -41.39 -6.64
CA MET G 65 -32.61 -40.49 -6.41
C MET G 65 -32.66 -39.90 -5.01
N ARG G 66 -33.85 -39.49 -4.58
CA ARG G 66 -33.99 -38.93 -3.23
C ARG G 66 -33.64 -39.97 -2.17
N ASN G 67 -34.11 -41.21 -2.36
CA ASN G 67 -33.79 -42.26 -1.39
C ASN G 67 -32.30 -42.57 -1.36
N ALA G 68 -31.67 -42.58 -2.53
CA ALA G 68 -30.22 -42.77 -2.57
C ALA G 68 -29.50 -41.64 -1.85
N ASN G 69 -29.98 -40.41 -2.02
CA ASN G 69 -29.40 -39.28 -1.31
C ASN G 69 -29.52 -39.47 0.20
N ASP G 70 -30.69 -39.93 0.65
CA ASP G 70 -30.87 -40.20 2.08
C ASP G 70 -29.89 -41.26 2.57
N GLY G 71 -29.71 -42.31 1.76
CA GLY G 71 -28.72 -43.33 2.12
C GLY G 71 -27.31 -42.78 2.23
N ILE G 72 -26.93 -41.91 1.29
CA ILE G 72 -25.61 -41.29 1.35
C ILE G 72 -25.48 -40.47 2.63
N SER G 73 -26.53 -39.73 2.99
CA SER G 73 -26.45 -38.92 4.21
C SER G 73 -26.29 -39.79 5.45
N ILE G 74 -27.05 -40.88 5.52
CA ILE G 74 -26.93 -41.79 6.67
C ILE G 74 -25.51 -42.36 6.73
N ALA G 75 -24.99 -42.80 5.57
CA ALA G 75 -23.65 -43.35 5.54
C ALA G 75 -22.62 -42.31 5.98
N GLN G 76 -22.79 -41.06 5.56
CA GLN G 76 -21.84 -40.01 5.94
C GLN G 76 -21.87 -39.79 7.44
N THR G 77 -23.06 -39.73 8.04
CA THR G 77 -23.15 -39.53 9.48
C THR G 77 -22.48 -40.67 10.23
N ALA G 78 -22.76 -41.91 9.82
CA ALA G 78 -22.13 -43.05 10.47
C ALA G 78 -20.62 -43.02 10.29
N GLU G 79 -20.15 -42.61 9.11
CA GLU G 79 -18.72 -42.53 8.86
C GLU G 79 -18.05 -41.53 9.77
N GLY G 80 -18.67 -40.36 9.96
CA GLY G 80 -18.10 -39.38 10.88
C GLY G 80 -18.05 -39.88 12.31
N ALA G 81 -19.15 -40.49 12.76
CA ALA G 81 -19.17 -41.05 14.11
C ALA G 81 -18.06 -42.08 14.29
N MET G 82 -17.91 -42.98 13.31
CA MET G 82 -16.88 -44.01 13.42
C MET G 82 -15.48 -43.42 13.29
N ASN G 83 -15.34 -42.31 12.58
CA ASN G 83 -14.05 -41.62 12.54
C ASN G 83 -13.66 -41.13 13.94
N GLU G 84 -14.60 -40.49 14.63
CA GLU G 84 -14.30 -40.05 15.99
C GLU G 84 -14.04 -41.23 16.90
N SER G 85 -14.78 -42.32 16.72
CA SER G 85 -14.54 -43.51 17.53
C SER G 85 -13.14 -44.07 17.27
N THR G 86 -12.69 -44.05 16.02
CA THR G 86 -11.33 -44.50 15.70
C THR G 86 -10.30 -43.61 16.38
N SER G 87 -10.54 -42.29 16.39
CA SER G 87 -9.63 -41.40 17.10
C SER G 87 -9.58 -41.75 18.59
N ILE G 88 -10.75 -42.03 19.17
CA ILE G 88 -10.80 -42.40 20.59
C ILE G 88 -9.99 -43.66 20.83
N LEU G 89 -10.17 -44.66 19.97
CA LEU G 89 -9.44 -45.91 20.13
C LEU G 89 -7.94 -45.71 20.00
N GLN G 90 -7.51 -44.86 19.06
CA GLN G 90 -6.10 -44.57 18.93
C GLN G 90 -5.55 -43.92 20.19
N ARG G 91 -6.29 -42.98 20.76
CA ARG G 91 -5.83 -42.35 22.00
C ARG G 91 -5.75 -43.37 23.13
N MET G 92 -6.74 -44.27 23.22
CA MET G 92 -6.70 -45.30 24.25
C MET G 92 -5.49 -46.21 24.07
N ARG G 93 -5.17 -46.55 22.83
CA ARG G 93 -3.97 -47.34 22.56
C ARG G 93 -2.72 -46.60 23.03
N ASP G 94 -2.67 -45.29 22.77
CA ASP G 94 -1.53 -44.51 23.24
C ASP G 94 -1.41 -44.55 24.76
N LEU G 95 -2.53 -44.40 25.47
CA LEU G 95 -2.50 -44.48 26.92
C LEU G 95 -2.01 -45.86 27.38
N ALA G 96 -2.50 -46.92 26.75
CA ALA G 96 -2.07 -48.27 27.12
C ALA G 96 -0.56 -48.43 26.93
N LEU G 97 -0.06 -47.99 25.78
CA LEU G 97 1.38 -48.10 25.52
C LEU G 97 2.18 -47.31 26.54
N GLN G 98 1.72 -46.11 26.90
CA GLN G 98 2.41 -45.33 27.90
C GLN G 98 2.40 -46.04 29.25
N SER G 99 1.27 -46.64 29.61
CA SER G 99 1.18 -47.35 30.89
C SER G 99 2.11 -48.56 30.91
N ALA G 100 2.32 -49.20 29.77
CA ALA G 100 3.18 -50.38 29.73
C ALA G 100 4.60 -50.09 30.19
N ASN G 101 5.07 -48.85 30.04
CA ASN G 101 6.44 -48.53 30.39
C ASN G 101 6.71 -48.88 31.86
N GLY G 102 7.89 -49.44 32.11
CA GLY G 102 8.18 -50.00 33.42
C GLY G 102 8.15 -48.98 34.54
N THR G 103 8.77 -47.82 34.32
CA THR G 103 8.91 -46.81 35.37
C THR G 103 7.63 -45.98 35.41
N ASN G 104 6.63 -46.49 36.13
CA ASN G 104 5.37 -45.78 36.29
C ASN G 104 4.78 -45.89 37.69
N SER G 105 5.48 -46.52 38.64
CA SER G 105 4.97 -46.67 40.01
C SER G 105 3.58 -47.28 39.97
N ALA G 106 2.65 -46.76 40.76
CA ALA G 106 1.27 -47.23 40.75
C ALA G 106 0.26 -46.10 40.55
N SER G 107 0.52 -44.92 41.11
CA SER G 107 -0.43 -43.82 40.98
C SER G 107 -0.58 -43.38 39.53
N GLU G 108 0.55 -43.30 38.80
CA GLU G 108 0.48 -42.92 37.39
C GLU G 108 -0.39 -43.88 36.61
N ARG G 109 -0.25 -45.18 36.88
CA ARG G 109 -1.10 -46.16 36.22
C ARG G 109 -2.56 -45.93 36.56
N GLN G 110 -2.85 -45.54 37.81
CA GLN G 110 -4.22 -45.25 38.20
C GLN G 110 -4.77 -44.07 37.41
N ALA G 111 -3.97 -43.01 37.25
CA ALA G 111 -4.43 -41.87 36.47
C ALA G 111 -4.67 -42.24 35.01
N LEU G 112 -3.75 -43.03 34.44
CA LEU G 112 -3.93 -43.47 33.07
C LEU G 112 -5.20 -44.31 32.93
N ASN G 113 -5.47 -45.18 33.90
CA ASN G 113 -6.68 -45.98 33.86
C ASN G 113 -7.92 -45.11 33.98
N GLU G 114 -7.87 -44.06 34.79
CA GLU G 114 -9.00 -43.15 34.88
C GLU G 114 -9.27 -42.47 33.55
N GLU G 115 -8.21 -42.01 32.89
CA GLU G 115 -8.38 -41.43 31.55
C GLU G 115 -8.96 -42.45 30.58
N SER G 116 -8.47 -43.69 30.65
CA SER G 116 -8.99 -44.73 29.76
C SER G 116 -10.47 -44.99 30.01
N VAL G 117 -10.88 -44.99 31.29
CA VAL G 117 -12.28 -45.22 31.61
C VAL G 117 -13.13 -44.06 31.08
N ALA G 118 -12.63 -42.83 31.21
CA ALA G 118 -13.35 -41.71 30.62
C ALA G 118 -13.51 -41.88 29.11
N LEU G 119 -12.44 -42.31 28.44
CA LEU G 119 -12.52 -42.53 27.00
C LEU G 119 -13.52 -43.64 26.68
N GLN G 120 -13.55 -44.69 27.49
CA GLN G 120 -14.51 -45.77 27.29
C GLN G 120 -15.94 -45.26 27.40
N ASP G 121 -16.21 -44.44 28.42
CA ASP G 121 -17.55 -43.87 28.57
C ASP G 121 -17.88 -43.00 27.37
N GLU G 122 -16.89 -42.26 26.84
CA GLU G 122 -17.12 -41.47 25.64
C GLU G 122 -17.47 -42.36 24.45
N LEU G 123 -16.78 -43.50 24.33
CA LEU G 123 -17.08 -44.42 23.25
C LEU G 123 -18.51 -44.94 23.36
N ASN G 124 -18.93 -45.29 24.57
CA ASN G 124 -20.31 -45.74 24.77
C ASN G 124 -21.29 -44.62 24.42
N ARG G 125 -20.99 -43.39 24.83
CA ARG G 125 -21.87 -42.27 24.50
C ARG G 125 -21.98 -42.08 23.00
N ILE G 126 -20.87 -42.18 22.28
CA ILE G 126 -20.91 -42.08 20.83
C ILE G 126 -21.76 -43.20 20.26
N ALA G 127 -21.56 -44.42 20.73
CA ALA G 127 -22.32 -45.55 20.20
C ALA G 127 -23.81 -45.37 20.42
N GLU G 128 -24.19 -44.73 21.53
CA GLU G 128 -25.59 -44.62 21.91
C GLU G 128 -26.25 -43.31 21.53
N THR G 129 -25.50 -42.34 20.99
CA THR G 129 -26.03 -41.01 20.75
C THR G 129 -26.18 -40.68 19.27
N THR G 130 -25.13 -40.83 18.48
CA THR G 130 -25.17 -40.42 17.07
C THR G 130 -26.42 -40.94 16.40
N SER G 131 -27.23 -40.01 15.90
CA SER G 131 -28.53 -40.34 15.33
C SER G 131 -28.79 -39.45 14.13
N PHE G 132 -29.67 -39.91 13.25
CA PHE G 132 -30.08 -39.17 12.06
C PHE G 132 -31.58 -38.90 12.18
N GLY G 133 -31.92 -37.77 12.80
CA GLY G 133 -33.30 -37.41 12.99
C GLY G 133 -34.05 -38.37 13.89
N GLY G 134 -33.44 -38.72 15.02
CA GLY G 134 -34.04 -39.63 15.97
C GLY G 134 -33.80 -41.09 15.71
N ARG G 135 -33.03 -41.43 14.68
CA ARG G 135 -32.71 -42.81 14.35
C ARG G 135 -31.32 -43.13 14.88
N LYS G 136 -31.24 -43.90 15.95
CA LYS G 136 -29.95 -44.35 16.45
C LYS G 136 -29.26 -45.20 15.41
N LEU G 137 -28.00 -44.89 15.13
CA LEU G 137 -27.27 -45.52 14.03
C LEU G 137 -26.26 -46.57 14.49
N LEU G 138 -25.48 -46.28 15.54
CA LEU G 138 -24.31 -47.08 15.89
C LEU G 138 -24.48 -47.82 17.21
N ASN G 139 -25.72 -48.00 17.69
CA ASN G 139 -25.98 -48.78 18.89
C ASN G 139 -26.50 -50.17 18.59
N GLY G 140 -26.47 -50.59 17.33
CA GLY G 140 -26.90 -51.93 16.94
C GLY G 140 -28.35 -52.06 16.57
N SER G 141 -29.16 -51.01 16.78
CA SER G 141 -30.58 -51.08 16.44
C SER G 141 -30.84 -50.91 14.96
N PHE G 142 -29.88 -50.36 14.22
CA PHE G 142 -30.10 -50.09 12.80
C PHE G 142 -30.35 -51.37 12.02
N GLY G 143 -29.59 -52.42 12.32
CA GLY G 143 -29.77 -53.66 11.60
C GLY G 143 -29.45 -53.49 10.13
N GLU G 144 -30.16 -54.24 9.30
CA GLU G 144 -30.03 -54.17 7.85
C GLU G 144 -31.29 -53.51 7.30
N ALA G 145 -31.13 -52.34 6.68
CA ALA G 145 -32.24 -51.58 6.14
C ALA G 145 -32.08 -51.43 4.63
N SER G 146 -33.18 -51.64 3.91
CA SER G 146 -33.18 -51.55 2.46
C SER G 146 -33.42 -50.11 2.03
N PHE G 147 -32.77 -49.72 0.93
CA PHE G 147 -32.93 -48.40 0.34
C PHE G 147 -33.29 -48.57 -1.13
N GLN G 148 -34.46 -48.06 -1.51
CA GLN G 148 -34.88 -48.15 -2.90
C GLN G 148 -34.02 -47.23 -3.77
N ILE G 149 -33.43 -47.78 -4.82
CA ILE G 149 -32.62 -47.01 -5.75
C ILE G 149 -33.01 -47.33 -7.18
N GLY G 150 -34.18 -47.95 -7.37
CA GLY G 150 -34.63 -48.34 -8.68
C GLY G 150 -36.05 -47.87 -8.95
N SER G 151 -36.39 -47.81 -10.24
CA SER G 151 -37.71 -47.36 -10.63
C SER G 151 -38.78 -48.34 -10.17
N SER G 152 -38.59 -49.63 -10.47
CA SER G 152 -39.56 -50.65 -10.12
C SER G 152 -39.20 -51.25 -8.76
N SER G 153 -39.86 -52.35 -8.40
CA SER G 153 -39.60 -53.05 -7.14
C SER G 153 -38.66 -54.21 -7.40
N GLY G 154 -37.59 -54.29 -6.61
CA GLY G 154 -36.64 -55.37 -6.75
C GLY G 154 -35.20 -54.88 -6.78
N GLU G 155 -35.01 -53.57 -6.66
CA GLU G 155 -33.68 -52.95 -6.68
C GLU G 155 -33.50 -52.18 -5.39
N ALA G 156 -32.58 -52.64 -4.55
CA ALA G 156 -32.29 -51.96 -3.29
C ALA G 156 -30.92 -52.40 -2.80
N ILE G 157 -30.31 -51.54 -2.00
CA ILE G 157 -29.02 -51.82 -1.36
C ILE G 157 -29.24 -51.90 0.14
N ILE G 158 -29.09 -53.09 0.70
CA ILE G 158 -29.32 -53.31 2.12
C ILE G 158 -28.08 -52.82 2.86
N MET G 159 -28.21 -51.68 3.54
CA MET G 159 -27.13 -51.10 4.32
C MET G 159 -27.24 -51.57 5.77
N GLY G 160 -26.11 -51.93 6.35
CA GLY G 160 -26.08 -52.40 7.72
C GLY G 160 -24.96 -51.74 8.51
N LEU G 161 -25.28 -51.36 9.74
CA LEU G 161 -24.33 -50.71 10.65
C LEU G 161 -24.22 -51.58 11.89
N THR G 162 -23.07 -52.25 12.04
CA THR G 162 -22.82 -53.02 13.25
C THR G 162 -22.52 -52.09 14.41
N SER G 163 -22.96 -52.46 15.60
CA SER G 163 -22.85 -51.58 16.76
C SER G 163 -21.39 -51.28 17.05
N VAL G 164 -21.13 -50.04 17.47
CA VAL G 164 -19.79 -49.58 17.78
C VAL G 164 -19.58 -49.49 19.30
N ARG G 165 -20.47 -50.10 20.09
CA ARG G 165 -20.33 -50.06 21.53
C ARG G 165 -19.03 -50.72 21.97
N ALA G 166 -18.45 -50.20 23.05
CA ALA G 166 -17.24 -50.79 23.59
C ALA G 166 -17.49 -52.20 24.12
N ASP G 167 -18.75 -52.55 24.40
CA ASP G 167 -19.08 -53.88 24.86
C ASP G 167 -19.31 -54.87 23.72
N ASP G 168 -19.39 -54.39 22.48
CA ASP G 168 -19.62 -55.28 21.35
C ASP G 168 -18.55 -56.37 21.32
N PHE G 169 -19.00 -57.60 21.09
CA PHE G 169 -18.08 -58.73 21.14
C PHE G 169 -17.01 -58.62 20.07
N ARG G 170 -17.36 -58.13 18.87
CA ARG G 170 -16.38 -58.01 17.81
C ARG G 170 -15.25 -57.06 18.17
N MET G 171 -15.46 -56.16 19.13
CA MET G 171 -14.43 -55.22 19.57
C MET G 171 -13.57 -55.90 20.63
N GLY G 172 -12.69 -56.77 20.17
CA GLY G 172 -11.79 -57.49 21.06
C GLY G 172 -11.51 -58.89 20.61
N GLY G 173 -11.76 -59.86 21.48
CA GLY G 173 -11.54 -61.25 21.13
C GLY G 173 -11.32 -62.13 22.34
N GLN G 174 -10.37 -63.06 22.23
CA GLN G 174 -10.06 -64.00 23.29
C GLN G 174 -8.66 -63.76 23.81
N SER G 175 -8.48 -64.00 25.10
CA SER G 175 -7.19 -63.86 25.76
C SER G 175 -6.88 -65.13 26.52
N PHE G 176 -5.60 -65.53 26.49
CA PHE G 176 -5.12 -66.71 27.19
C PHE G 176 -3.88 -66.32 27.98
N ILE G 177 -3.76 -66.88 29.18
CA ILE G 177 -2.67 -66.54 30.09
C ILE G 177 -2.02 -67.83 30.57
N ALA G 178 -0.69 -67.82 30.65
CA ALA G 178 0.04 -68.98 31.11
C ALA G 178 -0.26 -69.24 32.59
N GLU G 179 0.31 -70.32 33.11
CA GLU G 179 0.11 -70.70 34.49
C GLU G 179 1.41 -70.69 35.30
N GLN G 180 2.56 -70.62 34.65
CA GLN G 180 3.86 -70.64 35.33
C GLN G 180 4.60 -69.34 35.09
N PRO G 181 4.59 -68.41 36.04
CA PRO G 181 5.36 -67.18 35.84
C PRO G 181 6.85 -67.48 35.69
N LYS G 182 7.50 -66.73 34.82
CA LYS G 182 8.92 -66.92 34.53
C LYS G 182 9.67 -65.66 34.92
N THR G 183 10.71 -65.82 35.73
CA THR G 183 11.44 -64.68 36.27
C THR G 183 12.33 -64.07 35.18
N LYS G 184 13.05 -63.02 35.57
CA LYS G 184 13.91 -62.32 34.62
C LYS G 184 15.05 -63.18 34.11
N GLU G 185 15.38 -64.28 34.80
CA GLU G 185 16.51 -65.11 34.41
C GLU G 185 16.10 -66.23 33.47
N TRP G 186 14.85 -66.69 33.55
CA TRP G 186 14.45 -67.88 32.81
C TRP G 186 14.67 -67.70 31.32
N GLY G 187 15.15 -68.75 30.67
CA GLY G 187 15.30 -68.77 29.24
C GLY G 187 14.67 -70.02 28.65
N VAL G 188 14.54 -70.02 27.32
CA VAL G 188 13.93 -71.15 26.63
C VAL G 188 14.89 -72.33 26.69
N PRO G 189 14.53 -73.45 27.30
CA PRO G 189 15.44 -74.60 27.33
C PRO G 189 15.68 -75.14 25.93
N PRO G 190 16.91 -75.55 25.63
CA PRO G 190 17.18 -76.07 24.27
C PRO G 190 16.36 -77.29 23.91
N THR G 191 16.04 -78.15 24.88
CA THR G 191 15.33 -79.38 24.57
C THR G 191 13.92 -79.10 24.05
N ALA G 192 13.17 -78.28 24.77
CA ALA G 192 11.79 -77.96 24.43
C ALA G 192 11.73 -76.55 23.85
N ARG G 193 11.48 -76.46 22.55
CA ARG G 193 11.40 -75.17 21.87
C ARG G 193 10.19 -75.03 20.95
N ASP G 194 9.57 -76.12 20.51
CA ASP G 194 8.46 -76.02 19.59
C ASP G 194 7.22 -75.45 20.27
N LEU G 195 6.32 -74.89 19.47
CA LEU G 195 5.10 -74.28 19.98
C LEU G 195 4.08 -74.31 18.85
N LYS G 196 3.06 -75.17 18.98
CA LYS G 196 2.10 -75.40 17.92
C LYS G 196 0.74 -74.83 18.32
N PHE G 197 0.15 -74.04 17.42
CA PHE G 197 -1.18 -73.48 17.62
C PHE G 197 -2.08 -74.03 16.53
N GLU G 198 -3.16 -74.70 16.92
CA GLU G 198 -4.16 -75.22 16.01
C GLU G 198 -5.48 -74.53 16.32
N PHE G 199 -6.10 -73.91 15.31
CA PHE G 199 -7.42 -73.32 15.53
C PHE G 199 -8.12 -73.14 14.19
N THR G 200 -9.29 -72.53 14.25
CA THR G 200 -10.12 -72.28 13.07
C THR G 200 -10.48 -70.80 13.03
N LYS G 201 -10.16 -70.14 11.93
CA LYS G 201 -10.55 -68.74 11.77
C LYS G 201 -12.06 -68.63 11.65
N LYS G 202 -12.57 -67.41 11.81
CA LYS G 202 -14.01 -67.21 11.79
C LYS G 202 -14.62 -67.68 10.48
N ASP G 203 -13.98 -67.34 9.36
CA ASP G 203 -14.50 -67.72 8.06
C ASP G 203 -14.40 -69.22 7.78
N GLY G 204 -13.66 -69.97 8.59
CA GLY G 204 -13.66 -71.42 8.52
C GLY G 204 -12.37 -72.06 8.05
N GLU G 205 -11.33 -71.28 7.75
CA GLU G 205 -10.07 -71.87 7.32
C GLU G 205 -9.26 -72.32 8.53
N ALA G 206 -9.02 -73.62 8.62
CA ALA G 206 -8.20 -74.17 9.70
C ALA G 206 -6.78 -73.64 9.57
N VAL G 207 -6.21 -73.19 10.69
CA VAL G 207 -4.88 -72.58 10.71
C VAL G 207 -4.01 -73.34 11.70
N VAL G 208 -2.78 -73.61 11.27
CA VAL G 208 -1.78 -74.31 12.06
C VAL G 208 -0.52 -73.45 12.05
N LEU G 209 -0.06 -73.07 13.23
CA LEU G 209 1.19 -72.34 13.39
C LEU G 209 2.20 -73.23 14.11
N ASP G 210 3.45 -73.18 13.66
CA ASP G 210 4.49 -74.10 14.09
C ASP G 210 5.71 -73.35 14.60
N ILE G 211 5.47 -72.41 15.53
CA ILE G 211 6.56 -71.61 16.07
C ILE G 211 7.68 -72.53 16.55
N ILE G 212 8.92 -72.13 16.30
CA ILE G 212 10.10 -72.82 16.82
C ILE G 212 10.93 -71.74 17.51
N ALA G 213 10.71 -71.55 18.81
CA ALA G 213 11.38 -70.49 19.54
C ALA G 213 12.88 -70.75 19.62
N LYS G 214 13.66 -69.71 19.40
CA LYS G 214 15.11 -69.82 19.49
C LYS G 214 15.52 -69.98 20.95
N ASP G 215 16.55 -70.79 21.18
CA ASP G 215 17.00 -71.06 22.53
C ASP G 215 17.72 -69.84 23.12
N GLY G 216 17.87 -69.86 24.44
CA GLY G 216 18.51 -68.75 25.12
C GLY G 216 17.75 -67.44 24.99
N ASP G 217 16.44 -67.48 25.16
CA ASP G 217 15.58 -66.32 25.01
C ASP G 217 14.77 -66.13 26.28
N ASP G 218 14.83 -64.94 26.87
CA ASP G 218 14.00 -64.64 28.03
C ASP G 218 12.54 -64.52 27.60
N ILE G 219 11.66 -64.37 28.58
CA ILE G 219 10.22 -64.41 28.30
C ILE G 219 9.82 -63.26 27.38
N GLU G 220 10.33 -62.05 27.64
CA GLU G 220 9.94 -60.90 26.83
C GLU G 220 10.37 -61.08 25.37
N GLU G 221 11.59 -61.58 25.15
CA GLU G 221 12.03 -61.81 23.78
C GLU G 221 11.24 -62.92 23.12
N LEU G 222 10.80 -63.93 23.89
CA LEU G 222 9.94 -64.96 23.33
C LEU G 222 8.61 -64.36 22.87
N ALA G 223 8.03 -63.48 23.68
CA ALA G 223 6.80 -62.81 23.27
C ALA G 223 7.03 -61.97 22.01
N THR G 224 8.15 -61.25 21.96
CA THR G 224 8.46 -60.45 20.78
C THR G 224 8.59 -61.33 19.54
N TYR G 225 9.25 -62.48 19.67
CA TYR G 225 9.42 -63.38 18.54
C TYR G 225 8.08 -63.93 18.08
N ILE G 226 7.22 -64.34 19.01
CA ILE G 226 5.92 -64.87 18.63
C ILE G 226 5.11 -63.78 17.93
N ASN G 227 5.18 -62.55 18.42
CA ASN G 227 4.54 -61.44 17.71
C ASN G 227 5.10 -61.29 16.31
N GLY G 228 6.43 -61.40 16.16
CA GLY G 228 7.04 -61.16 14.87
C GLY G 228 6.67 -62.20 13.83
N GLN G 229 6.61 -63.47 14.24
CA GLN G 229 6.42 -64.54 13.26
C GLN G 229 5.11 -64.36 12.50
N THR G 230 4.01 -64.11 13.22
CA THR G 230 2.68 -64.15 12.64
C THR G 230 1.92 -62.88 12.99
N ASP G 231 0.70 -62.78 12.46
CA ASP G 231 -0.15 -61.62 12.65
C ASP G 231 -1.52 -61.94 13.25
N LEU G 232 -1.87 -63.21 13.37
CA LEU G 232 -3.12 -63.60 14.01
C LEU G 232 -3.00 -63.67 15.52
N PHE G 233 -1.85 -63.28 16.07
CA PHE G 233 -1.58 -63.36 17.50
C PHE G 233 -1.18 -61.99 18.01
N LYS G 234 -1.14 -61.87 19.33
CA LYS G 234 -0.48 -60.74 19.99
C LYS G 234 0.05 -61.28 21.32
N ALA G 235 1.30 -61.73 21.32
CA ALA G 235 1.93 -62.18 22.54
C ALA G 235 2.24 -60.98 23.43
N SER G 236 2.59 -61.27 24.67
CA SER G 236 2.90 -60.23 25.65
C SER G 236 3.35 -60.90 26.94
N VAL G 237 3.78 -60.09 27.90
CA VAL G 237 4.21 -60.57 29.21
C VAL G 237 3.67 -59.63 30.26
N ASP G 238 3.06 -60.18 31.30
CA ASP G 238 2.48 -59.39 32.38
C ASP G 238 3.54 -59.12 33.44
N GLN G 239 3.11 -58.60 34.60
CA GLN G 239 4.06 -58.20 35.62
C GLN G 239 4.86 -59.39 36.15
N GLU G 240 4.19 -60.50 36.43
CA GLU G 240 4.86 -61.67 37.01
C GLU G 240 5.68 -62.44 35.99
N GLY G 241 5.52 -62.18 34.70
CA GLY G 241 6.19 -62.92 33.66
C GLY G 241 5.31 -63.91 32.93
N LYS G 242 4.11 -64.18 33.42
CA LYS G 242 3.20 -65.08 32.72
C LYS G 242 2.95 -64.59 31.31
N LEU G 243 3.04 -65.49 30.34
CA LEU G 243 2.83 -65.11 28.95
C LEU G 243 1.35 -64.86 28.68
N GLN G 244 1.07 -63.84 27.87
CA GLN G 244 -0.28 -63.49 27.47
C GLN G 244 -0.39 -63.58 25.96
N ILE G 245 -1.38 -64.30 25.48
CA ILE G 245 -1.63 -64.45 24.05
C ILE G 245 -3.04 -63.96 23.76
N PHE G 246 -3.15 -63.00 22.85
CA PHE G 246 -4.43 -62.42 22.48
C PHE G 246 -4.73 -62.75 21.02
N VAL G 247 -5.97 -63.16 20.76
CA VAL G 247 -6.43 -63.47 19.42
C VAL G 247 -7.68 -62.65 19.13
N ALA G 248 -7.68 -61.94 18.01
CA ALA G 248 -8.81 -61.11 17.65
C ALA G 248 -10.04 -61.96 17.38
N GLU G 249 -11.21 -61.34 17.55
CA GLU G 249 -12.46 -62.06 17.37
C GLU G 249 -12.60 -62.66 15.98
N PRO G 250 -12.37 -61.92 14.89
CA PRO G 250 -12.50 -62.52 13.56
C PRO G 250 -11.43 -63.53 13.21
N ASN G 251 -10.49 -63.81 14.12
CA ASN G 251 -9.37 -64.70 13.84
C ASN G 251 -9.54 -66.09 14.42
N ILE G 252 -10.48 -66.29 15.36
CA ILE G 252 -10.70 -67.59 15.98
C ILE G 252 -12.19 -67.89 16.02
N GLU G 253 -12.51 -69.16 16.10
CA GLU G 253 -13.90 -69.62 16.19
C GLU G 253 -13.91 -70.93 16.94
N GLY G 254 -14.70 -71.00 18.00
CA GLY G 254 -14.75 -72.21 18.82
C GLY G 254 -13.55 -72.27 19.75
N ASN G 255 -12.93 -73.44 19.84
CA ASN G 255 -11.78 -73.64 20.70
C ASN G 255 -10.50 -73.26 19.99
N PHE G 256 -9.50 -72.83 20.77
CA PHE G 256 -8.16 -72.54 20.27
C PHE G 256 -7.19 -73.26 21.19
N ASN G 257 -6.49 -74.26 20.67
CA ASN G 257 -5.74 -75.21 21.47
C ASN G 257 -4.26 -75.15 21.14
N ILE G 258 -3.42 -75.22 22.18
CA ILE G 258 -1.98 -75.13 22.07
C ILE G 258 -1.36 -76.43 22.55
N SER G 259 -0.33 -76.88 21.85
CA SER G 259 0.40 -78.08 22.23
C SER G 259 1.87 -77.93 21.86
N GLY G 260 2.72 -78.65 22.57
CA GLY G 260 4.15 -78.58 22.32
C GLY G 260 4.97 -78.53 23.59
N GLY G 261 6.26 -78.87 23.49
CA GLY G 261 7.11 -78.87 24.66
C GLY G 261 7.16 -77.53 25.36
N LEU G 262 7.32 -76.45 24.59
CA LEU G 262 7.41 -75.13 25.20
C LEU G 262 6.09 -74.75 25.86
N ALA G 263 4.97 -75.19 25.26
CA ALA G 263 3.67 -74.93 25.87
C ALA G 263 3.57 -75.57 27.24
N THR G 264 4.01 -76.83 27.37
CA THR G 264 4.01 -77.49 28.67
C THR G 264 4.98 -76.81 29.63
N GLU G 265 6.14 -76.38 29.12
CA GLU G 265 7.10 -75.69 29.98
C GLU G 265 6.50 -74.42 30.55
N LEU G 266 5.79 -73.65 29.73
CA LEU G 266 5.12 -72.44 30.18
C LEU G 266 3.78 -72.73 30.85
N GLY G 267 3.31 -73.97 30.82
CA GLY G 267 2.01 -74.29 31.37
C GLY G 267 0.85 -73.71 30.59
N LEU G 268 1.11 -73.13 29.42
CA LEU G 268 0.03 -72.57 28.61
C LEU G 268 -0.95 -73.67 28.23
N ASN G 269 -2.24 -73.37 28.40
CA ASN G 269 -3.31 -74.33 28.11
C ASN G 269 -4.39 -73.60 27.31
N GLY G 270 -4.36 -73.77 26.00
CA GLY G 270 -5.37 -73.15 25.16
C GLY G 270 -6.73 -73.80 25.37
N GLY G 271 -7.77 -73.04 25.02
CA GLY G 271 -9.13 -73.49 25.19
C GLY G 271 -10.12 -72.44 24.73
N PRO G 272 -11.30 -72.42 25.34
CA PRO G 272 -12.25 -71.35 24.97
C PRO G 272 -11.70 -69.96 25.21
N GLY G 273 -10.83 -69.80 26.19
CA GLY G 273 -10.20 -68.52 26.45
C GLY G 273 -11.13 -67.56 27.17
N VAL G 274 -10.53 -66.49 27.68
CA VAL G 274 -11.28 -65.45 28.38
C VAL G 274 -11.76 -64.45 27.33
N LYS G 275 -13.08 -64.21 27.30
CA LYS G 275 -13.68 -63.30 26.33
C LYS G 275 -13.46 -61.87 26.81
N THR G 276 -12.63 -61.11 26.09
CA THR G 276 -12.28 -59.76 26.47
C THR G 276 -12.60 -58.80 25.35
N THR G 277 -13.39 -57.77 25.65
CA THR G 277 -13.73 -56.71 24.72
C THR G 277 -13.12 -55.40 25.23
N VAL G 278 -13.33 -54.33 24.46
CA VAL G 278 -12.76 -53.05 24.84
C VAL G 278 -13.32 -52.59 26.18
N GLN G 279 -14.60 -52.88 26.43
CA GLN G 279 -15.24 -52.42 27.66
C GLN G 279 -14.56 -52.97 28.91
N ASP G 280 -13.85 -54.10 28.80
CA ASP G 280 -13.21 -54.74 29.94
C ASP G 280 -11.72 -54.39 30.03
N ILE G 281 -11.31 -53.27 29.44
CA ILE G 281 -9.92 -52.85 29.49
C ILE G 281 -9.63 -52.23 30.85
N ASP G 282 -8.55 -52.69 31.47
CA ASP G 282 -8.08 -52.13 32.74
C ASP G 282 -6.56 -52.17 32.72
N ILE G 283 -5.94 -51.00 32.60
CA ILE G 283 -4.50 -50.91 32.43
C ILE G 283 -3.78 -50.56 33.73
N THR G 284 -4.41 -50.83 34.88
CA THR G 284 -3.75 -50.58 36.15
C THR G 284 -2.54 -51.46 36.37
N SER G 285 -2.37 -52.52 35.58
CA SER G 285 -1.25 -53.43 35.69
C SER G 285 -0.57 -53.56 34.33
N VAL G 286 0.71 -53.94 34.36
CA VAL G 286 1.50 -54.00 33.14
C VAL G 286 0.87 -54.98 32.15
N GLY G 287 0.55 -56.18 32.62
CA GLY G 287 -0.11 -57.14 31.75
C GLY G 287 -1.42 -56.62 31.22
N GLY G 288 -2.15 -55.87 32.03
CA GLY G 288 -3.37 -55.25 31.56
C GLY G 288 -3.11 -54.34 30.37
N SER G 289 -2.08 -53.51 30.46
CA SER G 289 -1.74 -52.62 29.36
C SER G 289 -1.33 -53.40 28.12
N GLN G 290 -0.50 -54.43 28.29
CA GLN G 290 -0.06 -55.21 27.14
C GLN G 290 -1.23 -55.88 26.44
N ASN G 291 -2.16 -56.45 27.21
CA ASN G 291 -3.35 -57.04 26.61
C ASN G 291 -4.23 -55.99 25.97
N ALA G 292 -4.35 -54.82 26.61
CA ALA G 292 -5.18 -53.76 26.06
C ALA G 292 -4.64 -53.27 24.73
N VAL G 293 -3.32 -53.30 24.54
CA VAL G 293 -2.77 -52.91 23.24
C VAL G 293 -3.35 -53.78 22.14
N GLY G 294 -3.33 -55.10 22.33
CA GLY G 294 -3.88 -55.99 21.32
C GLY G 294 -5.38 -55.85 21.19
N ILE G 295 -6.08 -55.67 22.31
CA ILE G 295 -7.53 -55.52 22.26
C ILE G 295 -7.91 -54.30 21.44
N ILE G 296 -7.24 -53.18 21.68
CA ILE G 296 -7.53 -51.95 20.95
C ILE G 296 -7.10 -52.10 19.50
N ASP G 297 -6.03 -52.84 19.22
CA ASP G 297 -5.66 -53.08 17.83
C ASP G 297 -6.77 -53.82 17.10
N ALA G 298 -7.32 -54.87 17.73
CA ALA G 298 -8.41 -55.60 17.10
C ALA G 298 -9.63 -54.72 16.91
N ALA G 299 -9.97 -53.91 17.92
CA ALA G 299 -11.11 -53.00 17.79
C ALA G 299 -10.89 -52.00 16.66
N LEU G 300 -9.67 -51.47 16.54
CA LEU G 300 -9.35 -50.56 15.46
C LEU G 300 -9.52 -51.24 14.11
N LYS G 301 -9.05 -52.49 14.00
CA LYS G 301 -9.23 -53.21 12.75
C LYS G 301 -10.71 -53.35 12.41
N TYR G 302 -11.53 -53.71 13.39
CA TYR G 302 -12.95 -53.90 13.15
C TYR G 302 -13.61 -52.58 12.72
N VAL G 303 -13.31 -51.50 13.42
CA VAL G 303 -13.92 -50.21 13.11
C VAL G 303 -13.48 -49.73 11.72
N ASP G 304 -12.21 -49.91 11.39
CA ASP G 304 -11.72 -49.50 10.08
C ASP G 304 -12.37 -50.33 8.98
N SER G 305 -12.56 -51.63 9.21
CA SER G 305 -13.25 -52.45 8.22
C SER G 305 -14.68 -51.96 8.02
N GLN G 306 -15.37 -51.62 9.12
CA GLN G 306 -16.73 -51.11 8.98
C GLN G 306 -16.76 -49.79 8.22
N ARG G 307 -15.80 -48.91 8.51
CA ARG G 307 -15.74 -47.63 7.80
C ARG G 307 -15.48 -47.84 6.32
N ALA G 308 -14.59 -48.78 5.98
CA ALA G 308 -14.32 -49.07 4.57
C ALA G 308 -15.56 -49.62 3.88
N ASP G 309 -16.31 -50.49 4.57
CA ASP G 309 -17.55 -51.01 4.01
C ASP G 309 -18.52 -49.86 3.74
N LEU G 310 -18.63 -48.93 4.68
CA LEU G 310 -19.53 -47.79 4.48
C LEU G 310 -19.07 -46.93 3.32
N GLY G 311 -17.76 -46.74 3.17
CA GLY G 311 -17.26 -46.00 2.03
C GLY G 311 -17.58 -46.68 0.71
N ALA G 312 -17.47 -48.01 0.68
CA ALA G 312 -17.84 -48.74 -0.52
C ALA G 312 -19.32 -48.54 -0.84
N LYS G 313 -20.17 -48.61 0.18
CA LYS G 313 -21.60 -48.37 -0.03
C LYS G 313 -21.84 -46.97 -0.56
N GLN G 314 -21.13 -45.98 -0.02
CA GLN G 314 -21.28 -44.61 -0.48
C GLN G 314 -20.89 -44.47 -1.94
N ASN G 315 -19.78 -45.09 -2.34
CA ASN G 315 -19.35 -45.03 -3.73
C ASN G 315 -20.38 -45.68 -4.65
N ARG G 316 -20.89 -46.84 -4.26
CA ARG G 316 -21.93 -47.49 -5.06
C ARG G 316 -23.15 -46.59 -5.18
N LEU G 317 -23.54 -45.94 -4.09
CA LEU G 317 -24.71 -45.07 -4.12
C LEU G 317 -24.48 -43.88 -5.05
N SER G 318 -23.28 -43.29 -5.02
CA SER G 318 -23.01 -42.16 -5.90
C SER G 318 -23.05 -42.58 -7.37
N HIS G 319 -22.45 -43.74 -7.68
CA HIS G 319 -22.51 -44.22 -9.06
C HIS G 319 -23.95 -44.47 -9.48
N SER G 320 -24.75 -45.07 -8.60
CA SER G 320 -26.16 -45.32 -8.92
C SER G 320 -26.90 -44.00 -9.12
N ILE G 321 -26.57 -42.98 -8.33
CA ILE G 321 -27.22 -41.69 -8.46
C ILE G 321 -26.94 -41.09 -9.83
N SER G 322 -25.68 -41.13 -10.25
CA SER G 322 -25.33 -40.59 -11.57
C SER G 322 -26.04 -41.37 -12.66
N ASN G 323 -26.06 -42.70 -12.55
CA ASN G 323 -26.73 -43.51 -13.55
C ASN G 323 -28.22 -43.19 -13.60
N LEU G 324 -28.85 -43.02 -12.44
CA LEU G 324 -30.28 -42.72 -12.40
C LEU G 324 -30.57 -41.37 -13.03
N SER G 325 -29.72 -40.37 -12.77
CA SER G 325 -29.94 -39.07 -13.38
C SER G 325 -29.81 -39.14 -14.90
N ASN G 326 -28.81 -39.88 -15.39
CA ASN G 326 -28.66 -40.04 -16.83
C ASN G 326 -29.87 -40.73 -17.43
N ILE G 327 -30.36 -41.79 -16.78
CA ILE G 327 -31.52 -42.50 -17.28
C ILE G 327 -32.74 -41.60 -17.27
N GLN G 328 -32.86 -40.75 -16.24
CA GLN G 328 -33.99 -39.83 -16.18
C GLN G 328 -33.95 -38.84 -17.34
N GLU G 329 -32.76 -38.30 -17.64
CA GLU G 329 -32.67 -37.38 -18.77
C GLU G 329 -33.03 -38.07 -20.08
N ASN G 330 -32.54 -39.31 -20.27
CA ASN G 330 -32.89 -40.04 -21.49
C ASN G 330 -34.38 -40.29 -21.58
N VAL G 331 -35.00 -40.68 -20.46
CA VAL G 331 -36.44 -40.96 -20.46
C VAL G 331 -37.22 -39.69 -20.72
N GLU G 332 -36.79 -38.57 -20.15
CA GLU G 332 -37.47 -37.30 -20.41
C GLU G 332 -37.37 -36.92 -21.88
N ALA G 333 -36.19 -37.12 -22.49
CA ALA G 333 -36.05 -36.82 -23.91
C ALA G 333 -36.99 -37.69 -24.74
N SER G 334 -37.06 -38.99 -24.44
CA SER G 334 -37.95 -39.87 -25.18
C SER G 334 -39.40 -39.46 -25.00
N LYS G 335 -39.80 -39.17 -23.76
CA LYS G 335 -41.17 -38.75 -23.49
C LYS G 335 -41.51 -37.47 -24.25
N SER G 336 -40.58 -36.54 -24.30
CA SER G 336 -40.81 -35.33 -25.10
C SER G 336 -40.97 -35.68 -26.57
N ARG G 337 -40.14 -36.59 -27.08
CA ARG G 337 -40.29 -37.01 -28.47
C ARG G 337 -41.68 -37.58 -28.73
N ILE G 338 -42.24 -38.28 -27.74
CA ILE G 338 -43.49 -39.00 -27.97
C ILE G 338 -44.70 -38.10 -27.70
N LYS G 339 -44.63 -37.23 -26.70
CA LYS G 339 -45.79 -36.50 -26.22
C LYS G 339 -45.69 -35.00 -26.40
N ASP G 340 -44.59 -34.39 -25.96
CA ASP G 340 -44.51 -32.93 -25.97
C ASP G 340 -44.77 -32.39 -27.37
N THR G 341 -45.46 -31.25 -27.43
CA THR G 341 -45.86 -30.67 -28.70
C THR G 341 -44.65 -30.08 -29.42
N ASP G 342 -44.65 -30.23 -30.75
CA ASP G 342 -43.64 -29.60 -31.60
C ASP G 342 -44.26 -28.27 -32.02
N PHE G 343 -43.79 -27.18 -31.40
CA PHE G 343 -44.49 -25.91 -31.54
C PHE G 343 -44.48 -25.40 -32.98
N ALA G 344 -43.43 -25.68 -33.73
CA ALA G 344 -43.41 -25.24 -35.12
C ALA G 344 -44.55 -25.89 -35.91
N LYS G 345 -44.65 -27.21 -35.84
CA LYS G 345 -45.71 -27.92 -36.56
C LYS G 345 -47.08 -27.47 -36.08
N GLU G 346 -47.26 -27.33 -34.77
CA GLU G 346 -48.58 -27.01 -34.25
C GLU G 346 -49.00 -25.59 -34.59
N THR G 347 -48.05 -24.63 -34.55
CA THR G 347 -48.37 -23.27 -34.96
C THR G 347 -48.70 -23.22 -36.44
N THR G 348 -47.95 -23.95 -37.27
CA THR G 348 -48.28 -24.01 -38.68
C THR G 348 -49.68 -24.58 -38.88
N GLN G 349 -50.02 -25.64 -38.14
CA GLN G 349 -51.35 -26.23 -38.25
C GLN G 349 -52.42 -25.24 -37.81
N LEU G 350 -52.17 -24.49 -36.73
CA LEU G 350 -53.14 -23.51 -36.27
C LEU G 350 -53.39 -22.45 -37.33
N THR G 351 -52.33 -21.93 -37.93
CA THR G 351 -52.50 -20.93 -38.97
C THR G 351 -53.25 -21.50 -40.16
N LYS G 352 -52.91 -22.72 -40.57
CA LYS G 352 -53.61 -23.34 -41.69
C LYS G 352 -55.09 -23.52 -41.38
N SER G 353 -55.41 -23.94 -40.15
CA SER G 353 -56.80 -24.12 -39.77
C SER G 353 -57.54 -22.78 -39.75
N GLN G 354 -56.87 -21.72 -39.27
CA GLN G 354 -57.51 -20.40 -39.28
C GLN G 354 -57.81 -19.96 -40.71
N ILE G 355 -56.85 -20.14 -41.61
CA ILE G 355 -57.08 -19.76 -43.01
C ILE G 355 -58.20 -20.59 -43.60
N LEU G 356 -58.23 -21.89 -43.31
CA LEU G 356 -59.29 -22.75 -43.84
C LEU G 356 -60.65 -22.32 -43.32
N GLN G 357 -60.73 -21.98 -42.02
CA GLN G 357 -62.01 -21.53 -41.46
C GLN G 357 -62.45 -20.22 -42.10
N GLN G 358 -61.52 -19.29 -42.32
CA GLN G 358 -61.88 -18.04 -42.96
C GLN G 358 -62.38 -18.29 -44.38
N ALA G 359 -61.69 -19.16 -45.13
CA ALA G 359 -62.14 -19.47 -46.48
C ALA G 359 -63.51 -20.13 -46.46
N GLY G 360 -63.74 -21.03 -45.50
CA GLY G 360 -65.03 -21.68 -45.41
C GLY G 360 -66.15 -20.70 -45.11
N THR G 361 -65.92 -19.77 -44.18
CA THR G 361 -66.93 -18.77 -43.89
C THR G 361 -67.21 -17.88 -45.08
N SER G 362 -66.15 -17.44 -45.78
CA SER G 362 -66.36 -16.61 -46.96
C SER G 362 -67.14 -17.35 -48.03
N ILE G 363 -66.80 -18.62 -48.26
CA ILE G 363 -67.49 -19.39 -49.29
C ILE G 363 -68.93 -19.65 -48.87
N LEU G 364 -69.17 -19.89 -47.58
CA LEU G 364 -70.53 -20.08 -47.12
C LEU G 364 -71.37 -18.83 -47.32
N ALA G 365 -70.80 -17.67 -47.01
CA ALA G 365 -71.53 -16.42 -47.26
C ALA G 365 -71.79 -16.23 -48.75
N GLN G 366 -70.80 -16.53 -49.59
CA GLN G 366 -70.99 -16.38 -51.04
C GLN G 366 -72.09 -17.30 -51.55
N ALA G 367 -72.10 -18.55 -51.10
CA ALA G 367 -73.01 -19.56 -51.61
C ALA G 367 -74.36 -19.56 -50.91
N LYS G 368 -74.53 -18.77 -49.85
CA LYS G 368 -75.83 -18.66 -49.21
C LYS G 368 -76.74 -17.72 -49.98
N GLN G 369 -76.25 -16.51 -50.28
CA GLN G 369 -77.10 -15.48 -50.87
C GLN G 369 -77.36 -15.73 -52.35
N LEU G 370 -76.37 -16.26 -53.09
CA LEU G 370 -76.52 -16.31 -54.55
C LEU G 370 -77.52 -17.37 -54.98
N PRO G 371 -77.34 -18.66 -54.67
CA PRO G 371 -78.26 -19.67 -55.23
C PRO G 371 -79.70 -19.44 -54.84
N ASN G 372 -79.95 -19.03 -53.59
CA ASN G 372 -81.32 -18.75 -53.17
C ASN G 372 -81.85 -17.49 -53.84
N SER G 373 -81.07 -16.41 -53.81
CA SER G 373 -81.56 -15.14 -54.34
C SER G 373 -81.77 -15.17 -55.84
N ALA G 374 -81.15 -16.13 -56.55
CA ALA G 374 -81.34 -16.20 -57.99
C ALA G 374 -82.80 -16.45 -58.34
N ILE G 375 -83.44 -17.40 -57.64
CA ILE G 375 -84.84 -17.71 -57.92
C ILE G 375 -85.72 -16.50 -57.63
N SER G 376 -85.48 -15.82 -56.51
CA SER G 376 -86.28 -14.66 -56.17
C SER G 376 -86.09 -13.55 -57.20
N LEU G 377 -84.87 -13.40 -57.72
CA LEU G 377 -84.65 -12.45 -58.80
C LEU G 377 -85.45 -12.83 -60.04
N LEU G 378 -85.46 -14.11 -60.38
CA LEU G 378 -86.17 -14.55 -61.58
C LEU G 378 -87.65 -14.17 -61.52
N GLN G 379 -88.32 -14.51 -60.43
CA GLN G 379 -89.74 -14.24 -60.29
C GLN G 379 -90.00 -12.73 -60.20
N THR H 2 -69.42 -25.58 -34.05
CA THR H 2 -70.06 -25.00 -35.27
C THR H 2 -70.27 -23.49 -35.10
N ILE H 3 -69.20 -22.79 -34.73
CA ILE H 3 -69.22 -21.35 -34.55
C ILE H 3 -70.34 -20.97 -33.59
N ASN H 4 -70.55 -21.79 -32.57
CA ASN H 4 -71.49 -21.44 -31.51
C ASN H 4 -70.96 -20.25 -30.73
N VAL H 5 -71.86 -19.31 -30.40
CA VAL H 5 -71.45 -18.06 -29.77
C VAL H 5 -71.73 -18.02 -28.27
N ASN H 6 -72.64 -18.87 -27.77
CA ASN H 6 -72.99 -18.82 -26.35
C ASN H 6 -71.88 -19.39 -25.48
N THR H 7 -71.26 -20.50 -25.90
CA THR H 7 -70.22 -21.16 -25.13
C THR H 7 -68.95 -21.24 -25.96
N ASN H 8 -67.81 -21.27 -25.25
CA ASN H 8 -66.49 -21.31 -25.90
C ASN H 8 -65.64 -22.33 -25.14
N VAL H 9 -65.69 -23.59 -25.59
CA VAL H 9 -64.98 -24.65 -24.90
C VAL H 9 -63.47 -24.46 -25.02
N SER H 10 -62.99 -24.04 -26.20
CA SER H 10 -61.57 -23.79 -26.36
C SER H 10 -61.10 -22.71 -25.40
N ALA H 11 -61.91 -21.66 -25.22
CA ALA H 11 -61.57 -20.63 -24.26
C ALA H 11 -61.47 -21.20 -22.85
N MET H 12 -62.38 -22.09 -22.48
CA MET H 12 -62.32 -22.70 -21.16
C MET H 12 -61.06 -23.53 -20.99
N THR H 13 -60.69 -24.30 -22.01
CA THR H 13 -59.45 -25.08 -21.92
C THR H 13 -58.25 -24.16 -21.77
N ALA H 14 -58.20 -23.10 -22.56
CA ALA H 14 -57.10 -22.15 -22.45
C ALA H 14 -57.06 -21.52 -21.06
N GLN H 15 -58.22 -21.19 -20.51
CA GLN H 15 -58.28 -20.59 -19.18
C GLN H 15 -57.75 -21.55 -18.13
N ARG H 16 -58.16 -22.82 -18.20
CA ARG H 16 -57.71 -23.79 -17.21
C ARG H 16 -56.20 -23.99 -17.30
N TYR H 17 -55.67 -24.09 -18.52
CA TYR H 17 -54.23 -24.30 -18.67
C TYR H 17 -53.46 -23.06 -18.22
N LEU H 18 -53.98 -21.87 -18.50
CA LEU H 18 -53.33 -20.64 -18.04
C LEU H 18 -53.34 -20.57 -16.52
N THR H 19 -54.45 -20.97 -15.88
CA THR H 19 -54.50 -20.96 -14.43
C THR H 19 -53.48 -21.94 -13.84
N LYS H 20 -53.37 -23.14 -14.44
CA LYS H 20 -52.37 -24.09 -13.99
C LYS H 20 -50.96 -23.51 -14.13
N ALA H 21 -50.68 -22.89 -15.27
CA ALA H 21 -49.35 -22.31 -15.48
C ALA H 21 -49.07 -21.21 -14.47
N THR H 22 -50.05 -20.35 -14.20
CA THR H 22 -49.85 -19.27 -13.25
C THR H 22 -49.64 -19.80 -11.83
N GLY H 23 -50.38 -20.84 -11.45
CA GLY H 23 -50.16 -21.45 -10.15
C GLY H 23 -48.75 -22.03 -10.03
N GLU H 24 -48.30 -22.74 -11.06
CA GLU H 24 -46.94 -23.25 -11.04
C GLU H 24 -45.93 -22.12 -10.95
N LEU H 25 -46.16 -21.03 -11.70
CA LEU H 25 -45.26 -19.89 -11.63
C LEU H 25 -45.21 -19.32 -10.22
N ASN H 26 -46.36 -19.15 -9.58
CA ASN H 26 -46.39 -18.59 -8.23
C ASN H 26 -45.66 -19.50 -7.26
N THR H 27 -45.89 -20.81 -7.33
CA THR H 27 -45.21 -21.73 -6.43
C THR H 27 -43.70 -21.69 -6.64
N SER H 28 -43.25 -21.70 -7.89
CA SER H 28 -41.82 -21.65 -8.17
C SER H 28 -41.22 -20.34 -7.70
N MET H 29 -41.94 -19.24 -7.87
CA MET H 29 -41.44 -17.94 -7.44
C MET H 29 -41.33 -17.87 -5.92
N GLU H 30 -42.30 -18.44 -5.21
CA GLU H 30 -42.20 -18.52 -3.76
C GLU H 30 -40.99 -19.36 -3.35
N ARG H 31 -40.80 -20.51 -4.01
CA ARG H 31 -39.63 -21.34 -3.68
C ARG H 31 -38.34 -20.57 -3.91
N LEU H 32 -38.26 -19.82 -5.00
CA LEU H 32 -37.04 -19.06 -5.29
C LEU H 32 -36.82 -17.96 -4.26
N SER H 33 -37.88 -17.24 -3.87
CA SER H 33 -37.71 -16.13 -2.95
C SER H 33 -37.36 -16.61 -1.56
N SER H 34 -38.08 -17.61 -1.05
CA SER H 34 -37.86 -18.06 0.32
C SER H 34 -36.51 -18.74 0.48
N GLY H 35 -36.04 -19.44 -0.55
CA GLY H 35 -34.84 -20.24 -0.43
C GLY H 35 -35.09 -21.63 0.13
N ASN H 36 -36.33 -21.99 0.42
CA ASN H 36 -36.70 -23.31 0.91
C ASN H 36 -37.72 -23.92 -0.04
N ARG H 37 -37.40 -25.12 -0.55
CA ARG H 37 -38.31 -25.80 -1.46
C ARG H 37 -39.65 -26.09 -0.79
N ILE H 38 -39.62 -26.53 0.46
CA ILE H 38 -40.83 -26.92 1.18
C ILE H 38 -41.21 -25.78 2.11
N ASN H 39 -42.38 -25.21 1.89
CA ASN H 39 -42.87 -24.09 2.69
C ASN H 39 -44.21 -24.34 3.34
N SER H 40 -44.94 -25.39 2.94
CA SER H 40 -46.21 -25.71 3.57
C SER H 40 -46.43 -27.22 3.47
N ALA H 41 -47.31 -27.73 4.32
CA ALA H 41 -47.59 -29.16 4.33
C ALA H 41 -48.11 -29.63 2.97
N LYS H 42 -48.87 -28.78 2.27
CA LYS H 42 -49.41 -29.19 0.98
C LYS H 42 -48.30 -29.58 0.01
N ASP H 43 -47.13 -28.96 0.12
CA ASP H 43 -46.02 -29.29 -0.77
C ASP H 43 -45.58 -30.74 -0.58
N ASP H 44 -45.08 -31.07 0.61
CA ASP H 44 -44.60 -32.42 0.90
C ASP H 44 -44.67 -32.63 2.40
N ALA H 45 -45.66 -33.40 2.86
CA ALA H 45 -45.84 -33.59 4.30
C ALA H 45 -44.66 -34.31 4.91
N ALA H 46 -44.29 -35.46 4.35
CA ALA H 46 -43.21 -36.26 4.94
C ALA H 46 -41.89 -35.50 4.92
N GLY H 47 -41.58 -34.88 3.78
CA GLY H 47 -40.36 -34.10 3.70
C GLY H 47 -40.35 -32.96 4.71
N LEU H 48 -41.50 -32.31 4.89
CA LEU H 48 -41.59 -31.24 5.87
C LEU H 48 -41.32 -31.75 7.27
N GLN H 49 -41.91 -32.90 7.62
CA GLN H 49 -41.69 -33.45 8.97
C GLN H 49 -40.22 -33.79 9.18
N ILE H 50 -39.60 -34.47 8.22
CA ILE H 50 -38.20 -34.85 8.39
C ILE H 50 -37.32 -33.62 8.47
N SER H 51 -37.58 -32.62 7.61
CA SER H 51 -36.76 -31.42 7.62
C SER H 51 -36.90 -30.65 8.93
N ASN H 52 -38.12 -30.56 9.46
CA ASN H 52 -38.31 -29.88 10.73
C ASN H 52 -37.61 -30.62 11.86
N ARG H 53 -37.67 -31.95 11.85
CA ARG H 53 -36.96 -32.71 12.87
C ARG H 53 -35.45 -32.49 12.76
N LEU H 54 -34.93 -32.43 11.54
CA LEU H 54 -33.50 -32.20 11.36
C LEU H 54 -33.11 -30.80 11.82
N THR H 55 -33.95 -29.80 11.56
CA THR H 55 -33.67 -28.45 12.06
C THR H 55 -33.67 -28.43 13.58
N ALA H 56 -34.62 -29.12 14.20
CA ALA H 56 -34.65 -29.20 15.65
C ALA H 56 -33.37 -29.86 16.18
N GLN H 57 -32.92 -30.92 15.51
CA GLN H 57 -31.70 -31.58 15.94
C GLN H 57 -30.48 -30.68 15.75
N SER H 58 -30.49 -29.86 14.70
CA SER H 58 -29.38 -28.92 14.51
C SER H 58 -29.33 -27.90 15.63
N ARG H 59 -30.50 -27.36 16.01
CA ARG H 59 -30.55 -26.45 17.14
C ARG H 59 -30.07 -27.13 18.41
N GLY H 60 -30.51 -28.37 18.64
CA GLY H 60 -30.05 -29.11 19.80
C GLY H 60 -28.55 -29.34 19.77
N LEU H 61 -28.00 -29.59 18.59
CA LEU H 61 -26.56 -29.79 18.47
C LEU H 61 -25.80 -28.51 18.81
N ASP H 62 -26.29 -27.37 18.36
CA ASP H 62 -25.64 -26.12 18.72
C ASP H 62 -25.70 -25.90 20.23
N VAL H 63 -26.86 -26.17 20.83
CA VAL H 63 -26.99 -26.04 22.28
C VAL H 63 -26.02 -26.98 22.99
N ALA H 64 -25.90 -28.21 22.50
CA ALA H 64 -24.99 -29.17 23.12
C ALA H 64 -23.55 -28.72 22.98
N MET H 65 -23.19 -28.15 21.83
CA MET H 65 -21.84 -27.62 21.67
C MET H 65 -21.57 -26.51 22.67
N ARG H 66 -22.54 -25.61 22.87
CA ARG H 66 -22.36 -24.54 23.83
C ARG H 66 -22.20 -25.09 25.25
N ASN H 67 -23.02 -26.08 25.61
CA ASN H 67 -22.91 -26.68 26.94
C ASN H 67 -21.57 -27.37 27.11
N ALA H 68 -21.10 -28.07 26.08
CA ALA H 68 -19.80 -28.73 26.16
C ALA H 68 -18.68 -27.71 26.33
N ASN H 69 -18.76 -26.60 25.60
CA ASN H 69 -17.76 -25.55 25.77
C ASN H 69 -17.80 -24.98 27.18
N ASP H 70 -18.99 -24.79 27.74
CA ASP H 70 -19.10 -24.30 29.12
C ASP H 70 -18.44 -25.28 30.08
N GLY H 71 -18.68 -26.58 29.90
CA GLY H 71 -18.02 -27.56 30.73
C GLY H 71 -16.51 -27.52 30.59
N ILE H 72 -16.03 -27.35 29.36
CA ILE H 72 -14.59 -27.24 29.13
C ILE H 72 -14.03 -26.06 29.90
N SER H 73 -14.73 -24.92 29.85
CA SER H 73 -14.25 -23.72 30.54
C SER H 73 -14.25 -23.89 32.06
N ILE H 74 -15.30 -24.50 32.61
CA ILE H 74 -15.33 -24.74 34.05
C ILE H 74 -14.18 -25.65 34.45
N ALA H 75 -13.95 -26.71 33.68
CA ALA H 75 -12.83 -27.61 33.98
C ALA H 75 -11.51 -26.87 33.90
N GLN H 76 -11.36 -25.98 32.90
CA GLN H 76 -10.12 -25.22 32.77
C GLN H 76 -9.88 -24.34 33.99
N THR H 77 -10.93 -23.64 34.44
CA THR H 77 -10.79 -22.77 35.59
C THR H 77 -10.41 -23.56 36.84
N ALA H 78 -11.09 -24.68 37.07
CA ALA H 78 -10.75 -25.52 38.21
C ALA H 78 -9.31 -26.01 38.10
N GLU H 79 -8.88 -26.39 36.89
CA GLU H 79 -7.53 -26.89 36.71
C GLU H 79 -6.50 -25.81 37.04
N GLY H 80 -6.74 -24.58 36.61
CA GLY H 80 -5.81 -23.50 36.94
C GLY H 80 -5.72 -23.24 38.42
N ALA H 81 -6.88 -23.16 39.09
CA ALA H 81 -6.86 -22.99 40.54
C ALA H 81 -6.11 -24.12 41.21
N MET H 82 -6.34 -25.35 40.77
CA MET H 82 -5.66 -26.49 41.35
C MET H 82 -4.15 -26.44 41.09
N ASN H 83 -3.74 -25.91 39.94
CA ASN H 83 -2.33 -25.74 39.66
C ASN H 83 -1.69 -24.80 40.68
N GLU H 84 -2.34 -23.67 40.94
CA GLU H 84 -1.78 -22.75 41.93
C GLU H 84 -1.77 -23.38 43.32
N SER H 85 -2.81 -24.15 43.65
CA SER H 85 -2.83 -24.84 44.93
C SER H 85 -1.69 -25.84 45.04
N THR H 86 -1.39 -26.54 43.94
CA THR H 86 -0.26 -27.46 43.92
C THR H 86 1.05 -26.73 44.16
N SER H 87 1.20 -25.55 43.55
CA SER H 87 2.40 -24.75 43.82
C SER H 87 2.49 -24.39 45.30
N ILE H 88 1.37 -24.00 45.89
CA ILE H 88 1.34 -23.68 47.32
C ILE H 88 1.81 -24.88 48.14
N LEU H 89 1.26 -26.06 47.82
CA LEU H 89 1.60 -27.26 48.58
C LEU H 89 3.07 -27.61 48.43
N GLN H 90 3.62 -27.46 47.23
CA GLN H 90 5.04 -27.72 47.04
C GLN H 90 5.89 -26.78 47.88
N ARG H 91 5.53 -25.48 47.91
CA ARG H 91 6.28 -24.55 48.74
C ARG H 91 6.19 -24.93 50.20
N MET H 92 5.01 -25.34 50.66
CA MET H 92 4.85 -25.74 52.06
C MET H 92 5.70 -26.96 52.37
N ARG H 93 5.75 -27.93 51.45
CA ARG H 93 6.61 -29.09 51.65
C ARG H 93 8.07 -28.68 51.75
N ASP H 94 8.50 -27.76 50.89
CA ASP H 94 9.88 -27.28 50.96
C ASP H 94 10.16 -26.63 52.32
N LEU H 95 9.22 -25.82 52.81
CA LEU H 95 9.40 -25.19 54.12
C LEU H 95 9.49 -26.23 55.23
N ALA H 96 8.64 -27.24 55.19
CA ALA H 96 8.69 -28.28 56.21
C ALA H 96 10.02 -29.01 56.17
N LEU H 97 10.49 -29.36 54.97
CA LEU H 97 11.78 -30.04 54.86
C LEU H 97 12.90 -29.16 55.41
N GLN H 98 12.85 -27.86 55.12
CA GLN H 98 13.85 -26.95 55.68
C GLN H 98 13.79 -26.94 57.20
N SER H 99 12.58 -26.94 57.75
CA SER H 99 12.41 -26.96 59.21
C SER H 99 12.91 -28.26 59.82
N ALA H 100 12.93 -29.35 59.04
CA ALA H 100 13.36 -30.63 59.59
C ALA H 100 14.83 -30.58 60.04
N ASN H 101 15.67 -29.84 59.31
CA ASN H 101 17.09 -29.77 59.66
C ASN H 101 17.26 -29.37 61.11
N GLY H 102 18.13 -30.08 61.82
CA GLY H 102 18.25 -29.92 63.26
C GLY H 102 18.95 -28.64 63.70
N THR H 103 19.61 -27.93 62.79
CA THR H 103 20.31 -26.70 63.14
C THR H 103 19.43 -25.47 62.93
N ASN H 104 18.26 -25.47 63.58
CA ASN H 104 17.32 -24.37 63.45
C ASN H 104 16.90 -23.75 64.78
N SER H 105 17.38 -24.29 65.91
CA SER H 105 17.05 -23.76 67.24
C SER H 105 15.52 -23.70 67.35
N ALA H 106 14.93 -22.56 67.68
CA ALA H 106 13.48 -22.44 67.79
C ALA H 106 12.92 -21.27 67.00
N SER H 107 13.63 -20.14 66.96
CA SER H 107 13.08 -18.95 66.31
C SER H 107 12.88 -19.18 64.81
N GLU H 108 13.87 -19.77 64.14
CA GLU H 108 13.72 -20.06 62.72
C GLU H 108 12.54 -20.97 62.48
N ARG H 109 12.31 -21.94 63.37
CA ARG H 109 11.15 -22.80 63.23
C ARG H 109 9.87 -22.00 63.36
N GLN H 110 9.84 -21.02 64.27
CA GLN H 110 8.65 -20.18 64.40
C GLN H 110 8.40 -19.37 63.14
N ALA H 111 9.46 -18.82 62.54
CA ALA H 111 9.28 -18.08 61.29
C ALA H 111 8.78 -18.98 60.17
N LEU H 112 9.35 -20.19 60.08
CA LEU H 112 8.89 -21.14 59.07
C LEU H 112 7.43 -21.49 59.28
N ASN H 113 7.01 -21.67 60.53
CA ASN H 113 5.62 -21.94 60.84
C ASN H 113 4.72 -20.76 60.49
N GLU H 114 5.19 -19.54 60.71
CA GLU H 114 4.40 -18.37 60.33
C GLU H 114 4.18 -18.34 58.82
N GLU H 115 5.23 -18.59 58.05
CA GLU H 115 5.06 -18.64 56.60
C GLU H 115 4.15 -19.79 56.20
N SER H 116 4.28 -20.94 56.87
CA SER H 116 3.43 -22.08 56.55
C SER H 116 1.97 -21.80 56.83
N VAL H 117 1.66 -21.15 57.94
CA VAL H 117 0.27 -20.80 58.24
C VAL H 117 -0.24 -19.73 57.27
N ALA H 118 0.61 -18.80 56.85
CA ALA H 118 0.20 -17.87 55.81
C ALA H 118 -0.19 -18.61 54.54
N LEU H 119 0.64 -19.57 54.13
CA LEU H 119 0.31 -20.36 52.95
C LEU H 119 -0.94 -21.20 53.18
N GLN H 120 -1.15 -21.67 54.40
CA GLN H 120 -2.38 -22.41 54.72
C GLN H 120 -3.61 -21.54 54.48
N ASP H 121 -3.58 -20.32 55.01
CA ASP H 121 -4.70 -19.41 54.79
C ASP H 121 -4.85 -19.06 53.31
N GLU H 122 -3.74 -18.95 52.59
CA GLU H 122 -3.82 -18.72 51.15
C GLU H 122 -4.51 -19.86 50.45
N LEU H 123 -4.17 -21.09 50.81
CA LEU H 123 -4.82 -22.26 50.22
C LEU H 123 -6.30 -22.29 50.54
N ASN H 124 -6.67 -21.93 51.78
CA ASN H 124 -8.07 -21.81 52.14
C ASN H 124 -8.76 -20.78 51.26
N ARG H 125 -8.15 -19.62 51.07
CA ARG H 125 -8.74 -18.57 50.25
C ARG H 125 -8.93 -19.04 48.82
N ILE H 126 -7.93 -19.73 48.27
CA ILE H 126 -8.03 -20.25 46.91
C ILE H 126 -9.20 -21.22 46.81
N ALA H 127 -9.30 -22.14 47.78
CA ALA H 127 -10.39 -23.10 47.76
C ALA H 127 -11.74 -22.42 47.89
N GLU H 128 -11.79 -21.26 48.54
CA GLU H 128 -13.06 -20.61 48.85
C GLU H 128 -13.47 -19.52 47.86
N THR H 129 -12.57 -19.03 47.01
CA THR H 129 -12.86 -17.86 46.19
C THR H 129 -12.91 -18.13 44.69
N THR H 130 -12.26 -19.18 44.20
CA THR H 130 -12.28 -19.44 42.77
C THR H 130 -13.72 -19.69 42.32
N SER H 131 -14.28 -18.75 41.58
CA SER H 131 -15.68 -18.81 41.17
C SER H 131 -15.79 -18.52 39.68
N PHE H 132 -16.68 -19.24 39.02
CA PHE H 132 -16.95 -19.04 37.59
C PHE H 132 -18.31 -18.38 37.48
N GLY H 133 -18.31 -17.04 37.41
CA GLY H 133 -19.53 -16.28 37.33
C GLY H 133 -20.40 -16.45 38.55
N GLY H 134 -19.81 -16.35 39.74
CA GLY H 134 -20.56 -16.48 40.97
C GLY H 134 -20.86 -17.90 41.39
N ARG H 135 -20.30 -18.89 40.70
CA ARG H 135 -20.52 -20.30 41.02
C ARG H 135 -19.25 -20.83 41.67
N LYS H 136 -19.31 -21.03 42.99
CA LYS H 136 -18.14 -21.52 43.71
C LYS H 136 -17.80 -22.93 43.26
N LEU H 137 -16.51 -23.19 43.08
CA LEU H 137 -16.03 -24.41 42.46
C LEU H 137 -15.31 -25.35 43.44
N LEU H 138 -14.31 -24.85 44.15
CA LEU H 138 -13.41 -25.71 44.91
C LEU H 138 -13.65 -25.63 46.41
N ASN H 139 -14.85 -25.24 46.84
CA ASN H 139 -15.21 -25.24 48.25
C ASN H 139 -16.15 -26.39 48.61
N GLY H 140 -16.31 -27.37 47.72
CA GLY H 140 -17.14 -28.52 47.99
C GLY H 140 -18.62 -28.33 47.70
N SER H 141 -19.02 -27.14 47.27
CA SER H 141 -20.43 -26.87 47.00
C SER H 141 -20.85 -27.30 45.60
N PHE H 142 -19.90 -27.41 44.67
CA PHE H 142 -20.25 -27.76 43.30
C PHE H 142 -20.88 -29.15 43.25
N GLY H 143 -20.32 -30.10 43.99
CA GLY H 143 -20.88 -31.44 43.97
C GLY H 143 -20.75 -32.07 42.60
N GLU H 144 -21.72 -32.93 42.27
CA GLU H 144 -21.77 -33.60 40.98
C GLU H 144 -22.80 -32.89 40.11
N ALA H 145 -22.33 -32.17 39.10
CA ALA H 145 -23.19 -31.44 38.19
C ALA H 145 -23.28 -32.18 36.85
N SER H 146 -24.22 -31.74 36.02
CA SER H 146 -24.49 -32.35 34.73
C SER H 146 -24.31 -31.31 33.63
N PHE H 147 -23.91 -31.79 32.45
CA PHE H 147 -23.70 -30.94 31.28
C PHE H 147 -24.22 -31.70 30.06
N GLN H 148 -25.43 -31.38 29.62
CA GLN H 148 -25.98 -32.01 28.43
C GLN H 148 -25.05 -31.77 27.24
N ILE H 149 -24.70 -32.85 26.55
CA ILE H 149 -23.80 -32.77 25.40
C ILE H 149 -24.39 -33.53 24.22
N GLY H 150 -25.71 -33.71 24.20
CA GLY H 150 -26.37 -34.39 23.12
C GLY H 150 -27.62 -33.66 22.68
N SER H 151 -28.02 -33.93 21.44
CA SER H 151 -29.17 -33.25 20.87
C SER H 151 -30.46 -33.63 21.60
N SER H 152 -30.68 -34.92 21.81
CA SER H 152 -31.91 -35.39 22.44
C SER H 152 -31.77 -35.30 23.96
N SER H 153 -32.80 -35.76 24.66
CA SER H 153 -32.82 -35.75 26.12
C SER H 153 -32.32 -37.09 26.63
N GLY H 154 -31.31 -37.05 27.49
CA GLY H 154 -30.73 -38.26 28.05
C GLY H 154 -29.22 -38.26 27.98
N GLU H 155 -28.65 -37.53 27.04
CA GLU H 155 -27.20 -37.40 26.93
C GLU H 155 -26.71 -36.42 27.98
N ALA H 156 -25.79 -36.86 28.82
CA ALA H 156 -25.27 -35.98 29.86
C ALA H 156 -23.92 -36.52 30.35
N ILE H 157 -23.15 -35.62 30.94
CA ILE H 157 -21.91 -35.96 31.61
C ILE H 157 -22.05 -35.59 33.08
N ILE H 158 -21.19 -36.15 33.91
CA ILE H 158 -21.19 -35.89 35.34
C ILE H 158 -19.83 -35.30 35.69
N MET H 159 -19.80 -34.04 36.11
CA MET H 159 -18.58 -33.37 36.52
C MET H 159 -18.58 -33.21 38.03
N GLY H 160 -17.51 -33.70 38.68
CA GLY H 160 -17.39 -33.60 40.12
C GLY H 160 -16.16 -32.84 40.53
N LEU H 161 -16.33 -31.88 41.45
CA LEU H 161 -15.23 -31.02 41.92
C LEU H 161 -15.24 -31.07 43.44
N THR H 162 -14.53 -32.03 44.01
CA THR H 162 -14.41 -32.12 45.46
C THR H 162 -13.59 -30.95 45.99
N SER H 163 -13.88 -30.56 47.23
CA SER H 163 -13.30 -29.34 47.78
C SER H 163 -11.79 -29.48 47.94
N VAL H 164 -11.08 -28.38 47.65
CA VAL H 164 -9.63 -28.33 47.78
C VAL H 164 -9.20 -27.66 49.09
N ARG H 165 -10.15 -27.22 49.91
CA ARG H 165 -9.81 -26.60 51.19
C ARG H 165 -8.75 -27.42 51.91
N ALA H 166 -7.88 -26.72 52.63
CA ALA H 166 -6.83 -27.39 53.38
C ALA H 166 -7.40 -28.27 54.48
N ASP H 167 -8.65 -28.06 54.87
CA ASP H 167 -9.27 -28.83 55.94
C ASP H 167 -9.96 -30.10 55.45
N ASP H 168 -10.07 -30.30 54.14
CA ASP H 168 -10.76 -31.48 53.62
C ASP H 168 -10.09 -32.75 54.15
N PHE H 169 -10.91 -33.73 54.51
CA PHE H 169 -10.39 -34.95 55.12
C PHE H 169 -9.47 -35.70 54.16
N ARG H 170 -9.68 -35.53 52.85
CA ARG H 170 -8.82 -36.20 51.88
C ARG H 170 -7.41 -35.64 51.87
N MET H 171 -7.22 -34.40 52.29
CA MET H 171 -5.92 -33.74 52.27
C MET H 171 -5.17 -34.10 53.56
N GLY H 172 -4.76 -35.35 53.65
CA GLY H 172 -4.04 -35.83 54.82
C GLY H 172 -4.27 -37.30 55.10
N GLY H 173 -4.64 -37.63 56.32
CA GLY H 173 -4.93 -39.00 56.67
C GLY H 173 -4.63 -39.26 58.13
N GLN H 174 -4.33 -40.53 58.43
CA GLN H 174 -4.14 -40.97 59.80
C GLN H 174 -2.66 -40.90 60.19
N SER H 175 -2.43 -40.67 61.48
CA SER H 175 -1.09 -40.60 62.03
C SER H 175 -1.04 -41.40 63.32
N PHE H 176 0.10 -42.05 63.55
CA PHE H 176 0.33 -42.85 64.75
C PHE H 176 1.72 -42.54 65.27
N ILE H 177 1.87 -42.55 66.59
CA ILE H 177 3.11 -42.17 67.25
C ILE H 177 3.47 -43.23 68.27
N ALA H 178 4.76 -43.53 68.37
CA ALA H 178 5.22 -44.53 69.33
C ALA H 178 5.19 -43.95 70.74
N GLU H 179 5.02 -44.84 71.72
CA GLU H 179 4.88 -44.44 73.11
C GLU H 179 6.18 -44.53 73.89
N GLN H 180 7.24 -45.11 73.32
CA GLN H 180 8.51 -45.30 74.02
C GLN H 180 9.62 -44.55 73.29
N PRO H 181 9.98 -43.34 73.71
CA PRO H 181 11.11 -42.66 73.08
C PRO H 181 12.39 -43.46 73.27
N LYS H 182 13.24 -43.43 72.25
CA LYS H 182 14.49 -44.18 72.23
C LYS H 182 15.65 -43.22 72.03
N THR H 183 16.68 -43.35 72.86
CA THR H 183 17.79 -42.42 72.84
C THR H 183 18.59 -42.58 71.54
N LYS H 184 19.60 -41.73 71.39
CA LYS H 184 20.44 -41.79 70.19
C LYS H 184 21.23 -43.08 70.13
N GLU H 185 21.45 -43.74 71.27
CA GLU H 185 22.26 -44.95 71.30
C GLU H 185 21.43 -46.19 70.97
N TRP H 186 20.13 -46.16 71.26
CA TRP H 186 19.32 -47.36 71.17
C TRP H 186 19.39 -47.97 69.77
N GLY H 187 19.49 -49.30 69.72
CA GLY H 187 19.49 -50.01 68.47
C GLY H 187 18.43 -51.10 68.47
N VAL H 188 18.22 -51.68 67.29
CA VAL H 188 17.21 -52.72 67.12
C VAL H 188 17.72 -54.01 67.75
N PRO H 189 17.04 -54.56 68.75
CA PRO H 189 17.51 -55.83 69.34
C PRO H 189 17.50 -56.94 68.31
N PRO H 190 18.47 -57.84 68.34
CA PRO H 190 18.45 -58.97 67.39
C PRO H 190 17.20 -59.85 67.52
N THR H 191 16.70 -60.03 68.75
CA THR H 191 15.58 -60.96 68.95
C THR H 191 14.29 -60.43 68.36
N ALA H 192 13.96 -59.17 68.64
CA ALA H 192 12.73 -58.55 68.18
C ALA H 192 13.06 -57.67 66.97
N ARG H 193 12.77 -58.16 65.78
CA ARG H 193 13.07 -57.43 64.55
C ARG H 193 11.85 -57.36 63.64
N ASP H 194 10.99 -58.37 63.70
CA ASP H 194 9.83 -58.40 62.82
C ASP H 194 8.84 -57.30 63.19
N LEU H 195 8.06 -56.87 62.21
CA LEU H 195 7.06 -55.83 62.41
C LEU H 195 6.01 -55.99 61.32
N LYS H 196 4.81 -56.40 61.71
CA LYS H 196 3.75 -56.71 60.76
C LYS H 196 2.67 -55.64 60.83
N PHE H 197 2.24 -55.18 59.66
CA PHE H 197 1.10 -54.29 59.51
C PHE H 197 -0.02 -55.02 58.80
N GLU H 198 -1.26 -54.78 59.23
CA GLU H 198 -2.43 -55.38 58.58
C GLU H 198 -3.53 -54.33 58.56
N PHE H 199 -3.93 -53.91 57.36
CA PHE H 199 -4.97 -52.89 57.26
C PHE H 199 -5.73 -53.08 55.95
N THR H 200 -6.64 -52.15 55.66
CA THR H 200 -7.48 -52.20 54.47
C THR H 200 -7.38 -50.87 53.75
N LYS H 201 -7.01 -50.91 52.48
CA LYS H 201 -7.00 -49.69 51.68
C LYS H 201 -8.43 -49.22 51.43
N LYS H 202 -8.56 -47.95 51.06
CA LYS H 202 -9.88 -47.42 50.73
C LYS H 202 -10.51 -48.16 49.56
N ASP H 203 -9.68 -48.66 48.64
CA ASP H 203 -10.20 -49.40 47.49
C ASP H 203 -10.87 -50.71 47.90
N GLY H 204 -10.55 -51.25 49.06
CA GLY H 204 -11.19 -52.45 49.55
C GLY H 204 -10.23 -53.57 49.88
N GLU H 205 -9.15 -53.70 49.11
CA GLU H 205 -8.21 -54.79 49.32
C GLU H 205 -7.55 -54.68 50.69
N ALA H 206 -7.29 -55.84 51.29
CA ALA H 206 -6.60 -55.92 52.57
C ALA H 206 -5.12 -56.14 52.32
N VAL H 207 -4.28 -55.35 52.99
CA VAL H 207 -2.84 -55.37 52.79
C VAL H 207 -2.17 -55.81 54.08
N VAL H 208 -1.14 -56.64 53.93
CA VAL H 208 -0.32 -57.12 55.03
C VAL H 208 1.13 -56.86 54.66
N LEU H 209 1.85 -56.13 55.52
CA LEU H 209 3.27 -55.89 55.37
C LEU H 209 4.03 -56.62 56.47
N ASP H 210 5.21 -57.11 56.15
CA ASP H 210 5.99 -57.98 57.03
C ASP H 210 7.41 -57.44 57.19
N ILE H 211 7.54 -56.16 57.53
CA ILE H 211 8.86 -55.53 57.52
C ILE H 211 9.73 -56.19 58.59
N ILE H 212 10.81 -56.83 58.15
CA ILE H 212 11.77 -57.45 59.05
C ILE H 212 12.92 -56.47 59.19
N ALA H 213 12.85 -55.63 60.23
CA ALA H 213 13.87 -54.61 60.42
C ALA H 213 15.24 -55.25 60.61
N LYS H 214 16.27 -54.59 60.10
CA LYS H 214 17.61 -55.12 60.17
C LYS H 214 18.14 -55.05 61.61
N ASP H 215 19.13 -55.90 61.89
CA ASP H 215 19.67 -56.01 63.23
C ASP H 215 20.68 -54.89 63.45
N GLY H 216 20.52 -54.16 64.55
CA GLY H 216 21.48 -53.13 64.93
C GLY H 216 21.32 -51.84 64.15
N ASP H 217 20.15 -51.22 64.27
CA ASP H 217 19.88 -49.93 63.66
C ASP H 217 19.23 -49.02 64.69
N ASP H 218 19.63 -47.75 64.71
CA ASP H 218 19.00 -46.81 65.61
C ASP H 218 17.64 -46.41 65.04
N ILE H 219 16.99 -45.45 65.70
CA ILE H 219 15.62 -45.10 65.33
C ILE H 219 15.58 -44.54 63.91
N GLU H 220 16.51 -43.66 63.57
CA GLU H 220 16.47 -43.00 62.26
C GLU H 220 16.67 -44.00 61.13
N GLU H 221 17.65 -44.90 61.27
CA GLU H 221 17.88 -45.91 60.24
C GLU H 221 16.66 -46.81 60.07
N LEU H 222 16.03 -47.21 61.18
CA LEU H 222 14.84 -48.04 61.09
C LEU H 222 13.71 -47.30 60.39
N ALA H 223 13.55 -46.00 60.71
CA ALA H 223 12.52 -45.21 60.04
C ALA H 223 12.76 -45.15 58.55
N THR H 224 14.01 -44.91 58.14
CA THR H 224 14.32 -44.86 56.71
C THR H 224 14.05 -46.21 56.06
N TYR H 225 14.42 -47.30 56.74
CA TYR H 225 14.18 -48.63 56.19
C TYR H 225 12.70 -48.88 55.97
N ILE H 226 11.88 -48.61 56.99
CA ILE H 226 10.44 -48.81 56.84
C ILE H 226 9.89 -47.94 55.74
N ASN H 227 10.35 -46.70 55.66
CA ASN H 227 9.89 -45.80 54.59
C ASN H 227 10.22 -46.37 53.23
N GLY H 228 11.40 -46.98 53.09
CA GLY H 228 11.81 -47.51 51.80
C GLY H 228 11.22 -48.85 51.44
N GLN H 229 10.72 -49.59 52.43
CA GLN H 229 10.19 -50.93 52.15
C GLN H 229 8.83 -50.86 51.47
N THR H 230 7.98 -49.92 51.88
CA THR H 230 6.61 -49.85 51.38
C THR H 230 6.26 -48.42 51.00
N ASP H 231 5.28 -48.30 50.12
CA ASP H 231 4.83 -47.02 49.60
C ASP H 231 3.55 -46.52 50.28
N LEU H 232 3.06 -47.23 51.29
CA LEU H 232 1.83 -46.84 51.98
C LEU H 232 2.09 -46.18 53.33
N PHE H 233 3.34 -46.05 53.75
CA PHE H 233 3.69 -45.45 55.02
C PHE H 233 4.81 -44.45 54.82
N LYS H 234 4.75 -43.34 55.55
CA LYS H 234 5.85 -42.38 55.62
C LYS H 234 6.34 -42.38 57.07
N ALA H 235 7.22 -43.33 57.39
CA ALA H 235 7.79 -43.37 58.72
C ALA H 235 8.64 -42.12 58.97
N SER H 236 8.87 -41.83 60.24
CA SER H 236 9.63 -40.63 60.60
C SER H 236 10.02 -40.72 62.07
N VAL H 237 10.62 -39.65 62.58
CA VAL H 237 11.09 -39.60 63.97
C VAL H 237 10.91 -38.18 64.47
N ASP H 238 10.36 -38.03 65.68
CA ASP H 238 10.21 -36.72 66.29
C ASP H 238 11.43 -36.43 67.15
N GLN H 239 11.41 -35.32 67.89
CA GLN H 239 12.58 -34.89 68.63
C GLN H 239 12.98 -35.91 69.69
N GLU H 240 12.00 -36.45 70.42
CA GLU H 240 12.30 -37.36 71.52
C GLU H 240 12.73 -38.75 71.03
N GLY H 241 12.55 -39.05 69.75
CA GLY H 241 12.95 -40.34 69.23
C GLY H 241 11.84 -41.37 69.28
N LYS H 242 10.62 -40.95 68.92
CA LYS H 242 9.46 -41.83 68.89
C LYS H 242 9.08 -42.07 67.44
N LEU H 243 9.09 -43.33 67.02
CA LEU H 243 8.76 -43.65 65.64
C LEU H 243 7.35 -43.18 65.30
N GLN H 244 7.23 -42.49 64.17
CA GLN H 244 5.96 -41.96 63.69
C GLN H 244 5.62 -42.66 62.38
N ILE H 245 4.33 -42.98 62.20
CA ILE H 245 3.86 -43.63 60.99
C ILE H 245 2.65 -42.83 60.49
N PHE H 246 2.72 -42.36 59.25
CA PHE H 246 1.64 -41.61 58.63
C PHE H 246 1.08 -42.41 57.46
N VAL H 247 -0.24 -42.58 57.45
CA VAL H 247 -0.93 -43.34 56.40
C VAL H 247 -1.87 -42.38 55.68
N ALA H 248 -1.68 -42.26 54.36
CA ALA H 248 -2.50 -41.35 53.59
C ALA H 248 -3.96 -41.81 53.59
N GLU H 249 -4.85 -40.86 53.39
CA GLU H 249 -6.28 -41.17 53.45
C GLU H 249 -6.68 -42.23 52.44
N PRO H 250 -6.31 -42.15 51.16
CA PRO H 250 -6.72 -43.20 50.22
C PRO H 250 -6.17 -44.57 50.56
N ASN H 251 -5.11 -44.65 51.36
CA ASN H 251 -4.47 -45.91 51.70
C ASN H 251 -4.81 -46.37 53.12
N ILE H 252 -6.00 -46.04 53.59
CA ILE H 252 -6.45 -46.45 54.92
C ILE H 252 -7.97 -46.36 54.96
N GLU H 253 -8.60 -47.37 55.54
CA GLU H 253 -10.05 -47.36 55.71
C GLU H 253 -10.36 -48.14 56.98
N GLY H 254 -10.60 -47.42 58.07
CA GLY H 254 -10.97 -48.04 59.33
C GLY H 254 -9.77 -48.16 60.27
N ASN H 255 -9.52 -49.37 60.75
CA ASN H 255 -8.50 -49.62 61.76
C ASN H 255 -7.20 -50.07 61.10
N PHE H 256 -6.08 -49.60 61.63
CA PHE H 256 -4.75 -49.98 61.17
C PHE H 256 -3.99 -50.52 62.37
N ASN H 257 -3.83 -51.84 62.41
CA ASN H 257 -3.29 -52.53 63.58
C ASN H 257 -1.87 -52.99 63.32
N ILE H 258 -1.00 -52.74 64.30
CA ILE H 258 0.42 -53.06 64.19
C ILE H 258 0.74 -54.14 65.22
N SER H 259 1.33 -55.24 64.74
CA SER H 259 1.74 -56.35 65.58
C SER H 259 3.21 -56.63 65.33
N GLY H 260 3.73 -57.65 66.00
CA GLY H 260 5.12 -58.02 65.90
C GLY H 260 5.92 -57.59 67.13
N GLY H 261 7.02 -58.29 67.36
CA GLY H 261 7.84 -58.00 68.52
C GLY H 261 8.32 -56.57 68.55
N LEU H 262 8.78 -56.06 67.41
CA LEU H 262 9.27 -54.68 67.38
C LEU H 262 8.17 -53.69 67.72
N ALA H 263 6.92 -54.02 67.39
CA ALA H 263 5.82 -53.14 67.74
C ALA H 263 5.70 -53.00 69.25
N THR H 264 5.81 -54.11 69.98
CA THR H 264 5.80 -54.04 71.44
C THR H 264 7.05 -53.33 71.96
N GLU H 265 8.18 -53.55 71.31
CA GLU H 265 9.41 -52.88 71.72
C GLU H 265 9.26 -51.37 71.64
N LEU H 266 8.68 -50.87 70.56
CA LEU H 266 8.54 -49.43 70.35
C LEU H 266 7.32 -48.84 71.07
N GLY H 267 6.41 -49.68 71.54
CA GLY H 267 5.19 -49.18 72.15
C GLY H 267 4.17 -48.67 71.15
N LEU H 268 4.40 -48.85 69.85
CA LEU H 268 3.49 -48.36 68.84
C LEU H 268 2.19 -49.17 68.89
N ASN H 269 1.09 -48.50 69.23
CA ASN H 269 -0.21 -49.14 69.37
C ASN H 269 -1.06 -48.80 68.15
N GLY H 270 -1.15 -49.75 67.21
CA GLY H 270 -2.01 -49.58 66.07
C GLY H 270 -3.46 -49.45 66.47
N GLY H 271 -4.17 -48.50 65.89
CA GLY H 271 -5.56 -48.26 66.22
C GLY H 271 -6.21 -47.32 65.23
N PRO H 272 -7.25 -46.60 65.68
CA PRO H 272 -7.86 -45.59 64.80
C PRO H 272 -6.87 -44.52 64.37
N GLY H 273 -5.93 -44.15 65.22
CA GLY H 273 -4.94 -43.16 64.88
C GLY H 273 -5.50 -41.75 64.88
N VAL H 274 -4.65 -40.76 65.14
CA VAL H 274 -5.12 -39.38 65.12
C VAL H 274 -5.35 -38.96 63.67
N LYS H 275 -6.26 -38.02 63.48
CA LYS H 275 -6.56 -37.50 62.15
C LYS H 275 -5.78 -36.21 61.94
N THR H 276 -5.09 -36.12 60.80
CA THR H 276 -4.28 -34.95 60.48
C THR H 276 -4.51 -34.58 59.02
N THR H 277 -4.95 -33.35 58.79
CA THR H 277 -5.09 -32.77 57.47
C THR H 277 -4.07 -31.66 57.31
N VAL H 278 -4.09 -31.03 56.12
CA VAL H 278 -3.15 -29.95 55.86
C VAL H 278 -3.36 -28.81 56.86
N GLN H 279 -4.61 -28.54 57.22
CA GLN H 279 -4.89 -27.45 58.15
C GLN H 279 -4.25 -27.69 59.51
N ASP H 280 -4.04 -28.96 59.88
CA ASP H 280 -3.45 -29.30 61.17
C ASP H 280 -1.93 -29.39 61.11
N ILE H 281 -1.30 -28.70 60.17
CA ILE H 281 0.15 -28.74 60.04
C ILE H 281 0.76 -27.80 61.05
N ASP H 282 1.81 -28.27 61.73
CA ASP H 282 2.57 -27.47 62.68
C ASP H 282 4.01 -27.93 62.65
N ILE H 283 4.92 -27.03 62.33
CA ILE H 283 6.33 -27.37 62.17
C ILE H 283 7.20 -26.69 63.23
N THR H 284 6.62 -26.33 64.37
CA THR H 284 7.41 -25.79 65.46
C THR H 284 8.28 -26.85 66.13
N SER H 285 8.08 -28.12 65.81
CA SER H 285 8.85 -29.21 66.38
C SER H 285 9.26 -30.17 65.27
N VAL H 286 10.34 -30.91 65.53
CA VAL H 286 10.89 -31.80 64.50
C VAL H 286 9.83 -32.79 64.04
N GLY H 287 9.17 -33.46 64.98
CA GLY H 287 8.15 -34.42 64.61
C GLY H 287 7.02 -33.78 63.83
N GLY H 288 6.66 -32.55 64.18
CA GLY H 288 5.62 -31.86 63.42
C GLY H 288 6.00 -31.68 61.97
N SER H 289 7.24 -31.25 61.71
CA SER H 289 7.70 -31.09 60.33
C SER H 289 7.75 -32.43 59.61
N GLN H 290 8.24 -33.46 60.30
CA GLN H 290 8.33 -34.78 59.67
C GLN H 290 6.95 -35.28 59.26
N ASN H 291 5.95 -35.12 60.13
CA ASN H 291 4.59 -35.49 59.75
C ASN H 291 4.05 -34.60 58.65
N ALA H 292 4.43 -33.31 58.66
CA ALA H 292 3.93 -32.39 57.64
C ALA H 292 4.42 -32.79 56.26
N VAL H 293 5.65 -33.32 56.18
CA VAL H 293 6.15 -33.75 54.88
C VAL H 293 5.23 -34.80 54.27
N GLY H 294 4.89 -35.84 55.04
CA GLY H 294 4.01 -36.86 54.54
C GLY H 294 2.60 -36.36 54.27
N ILE H 295 2.09 -35.49 55.15
CA ILE H 295 0.76 -34.94 54.97
C ILE H 295 0.68 -34.19 53.64
N ILE H 296 1.68 -33.34 53.38
CA ILE H 296 1.69 -32.58 52.14
C ILE H 296 1.88 -33.50 50.95
N ASP H 297 2.66 -34.57 51.10
CA ASP H 297 2.79 -35.53 50.00
C ASP H 297 1.43 -36.13 49.65
N ALA H 298 0.68 -36.53 50.66
CA ALA H 298 -0.65 -37.10 50.41
C ALA H 298 -1.56 -36.07 49.77
N ALA H 299 -1.53 -34.82 50.26
CA ALA H 299 -2.37 -33.78 49.67
C ALA H 299 -1.99 -33.53 48.22
N LEU H 300 -0.69 -33.52 47.91
CA LEU H 300 -0.25 -33.35 46.54
C LEU H 300 -0.74 -34.48 45.67
N LYS H 301 -0.67 -35.71 46.16
CA LYS H 301 -1.18 -36.84 45.38
C LYS H 301 -2.67 -36.67 45.09
N TYR H 302 -3.43 -36.27 46.11
CA TYR H 302 -4.88 -36.08 45.92
C TYR H 302 -5.16 -35.00 44.89
N VAL H 303 -4.46 -33.86 45.00
CA VAL H 303 -4.70 -32.75 44.09
C VAL H 303 -4.32 -33.15 42.67
N ASP H 304 -3.19 -33.84 42.50
CA ASP H 304 -2.77 -34.25 41.17
C ASP H 304 -3.75 -35.25 40.57
N SER H 305 -4.27 -36.17 41.39
CA SER H 305 -5.27 -37.11 40.88
C SER H 305 -6.51 -36.37 40.41
N GLN H 306 -6.97 -35.39 41.19
CA GLN H 306 -8.14 -34.62 40.77
C GLN H 306 -7.87 -33.84 39.50
N ARG H 307 -6.66 -33.28 39.37
CA ARG H 307 -6.29 -32.58 38.14
C ARG H 307 -6.31 -33.54 36.95
N ALA H 308 -5.81 -34.75 37.14
CA ALA H 308 -5.83 -35.74 36.06
C ALA H 308 -7.26 -36.07 35.66
N ASP H 309 -8.14 -36.22 36.65
CA ASP H 309 -9.55 -36.48 36.33
C ASP H 309 -10.13 -35.32 35.53
N LEU H 310 -9.83 -34.08 35.93
CA LEU H 310 -10.34 -32.93 35.20
C LEU H 310 -9.80 -32.90 33.78
N GLY H 311 -8.53 -33.25 33.59
CA GLY H 311 -7.97 -33.32 32.25
C GLY H 311 -8.63 -34.39 31.41
N ALA H 312 -8.95 -35.53 32.01
CA ALA H 312 -9.68 -36.57 31.30
C ALA H 312 -11.04 -36.05 30.85
N LYS H 313 -11.73 -35.33 31.73
CA LYS H 313 -13.02 -34.74 31.35
C LYS H 313 -12.82 -33.73 30.22
N GLN H 314 -11.75 -32.96 30.26
CA GLN H 314 -11.47 -31.99 29.20
C GLN H 314 -11.30 -32.69 27.86
N ASN H 315 -10.51 -33.76 27.84
CA ASN H 315 -10.31 -34.51 26.59
C ASN H 315 -11.62 -35.12 26.10
N ARG H 316 -12.40 -35.68 27.02
CA ARG H 316 -13.70 -36.23 26.66
C ARG H 316 -14.57 -35.17 26.01
N LEU H 317 -14.62 -33.99 26.61
CA LEU H 317 -15.47 -32.93 26.07
C LEU H 317 -14.97 -32.45 24.72
N SER H 318 -13.65 -32.36 24.55
CA SER H 318 -13.12 -31.94 23.25
C SER H 318 -13.51 -32.93 22.16
N HIS H 319 -13.34 -34.23 22.43
CA HIS H 319 -13.73 -35.23 21.44
C HIS H 319 -15.22 -35.17 21.16
N SER H 320 -16.03 -34.98 22.22
CA SER H 320 -17.47 -34.89 22.02
C SER H 320 -17.85 -33.69 21.18
N ILE H 321 -17.17 -32.56 21.40
CA ILE H 321 -17.46 -31.37 20.60
C ILE H 321 -17.09 -31.62 19.14
N SER H 322 -15.95 -32.28 18.89
CA SER H 322 -15.59 -32.58 17.51
C SER H 322 -16.65 -33.46 16.85
N ASN H 323 -17.11 -34.50 17.56
CA ASN H 323 -18.14 -35.37 17.01
C ASN H 323 -19.42 -34.59 16.75
N LEU H 324 -19.82 -33.72 17.68
CA LEU H 324 -21.05 -32.97 17.52
C LEU H 324 -20.96 -32.02 16.32
N SER H 325 -19.81 -31.37 16.15
CA SER H 325 -19.64 -30.48 15.00
C SER H 325 -19.72 -31.26 13.70
N ASN H 326 -19.07 -32.42 13.63
CA ASN H 326 -19.13 -33.21 12.41
C ASN H 326 -20.56 -33.67 12.11
N ILE H 327 -21.27 -34.11 13.15
CA ILE H 327 -22.64 -34.57 12.94
C ILE H 327 -23.53 -33.40 12.53
N GLN H 328 -23.27 -32.21 13.06
CA GLN H 328 -24.02 -31.04 12.62
C GLN H 328 -23.74 -30.75 11.16
N GLU H 329 -22.49 -30.84 10.73
CA GLU H 329 -22.19 -30.66 9.31
C GLU H 329 -23.02 -31.62 8.47
N ASN H 330 -22.99 -32.91 8.82
CA ASN H 330 -23.70 -33.90 8.02
C ASN H 330 -25.20 -33.65 8.03
N VAL H 331 -25.75 -33.33 9.20
CA VAL H 331 -27.20 -33.14 9.31
C VAL H 331 -27.63 -31.90 8.57
N GLU H 332 -26.84 -30.83 8.62
CA GLU H 332 -27.16 -29.63 7.86
C GLU H 332 -27.14 -29.91 6.36
N ALA H 333 -26.13 -30.66 5.91
CA ALA H 333 -26.08 -31.02 4.49
C ALA H 333 -27.33 -31.80 4.09
N SER H 334 -27.71 -32.80 4.88
CA SER H 334 -28.89 -33.59 4.57
C SER H 334 -30.15 -32.73 4.60
N LYS H 335 -30.28 -31.86 5.59
CA LYS H 335 -31.45 -31.00 5.69
C LYS H 335 -31.57 -30.10 4.46
N SER H 336 -30.47 -29.47 4.06
CA SER H 336 -30.52 -28.64 2.86
C SER H 336 -30.89 -29.47 1.64
N ARG H 337 -30.33 -30.67 1.54
CA ARG H 337 -30.64 -31.55 0.42
C ARG H 337 -32.13 -31.87 0.38
N ILE H 338 -32.76 -32.05 1.53
CA ILE H 338 -34.17 -32.43 1.56
C ILE H 338 -35.08 -31.20 1.43
N LYS H 339 -34.65 -30.06 1.97
CA LYS H 339 -35.50 -28.88 2.08
C LYS H 339 -35.04 -27.76 1.16
N ASP H 340 -33.79 -27.33 1.27
CA ASP H 340 -33.33 -26.17 0.52
C ASP H 340 -33.54 -26.39 -0.98
N THR H 341 -34.04 -25.35 -1.64
CA THR H 341 -34.31 -25.43 -3.06
C THR H 341 -33.02 -25.51 -3.86
N ASP H 342 -33.07 -26.26 -4.96
CA ASP H 342 -31.96 -26.31 -5.91
C ASP H 342 -32.21 -25.19 -6.92
N PHE H 343 -31.35 -24.18 -6.91
CA PHE H 343 -31.66 -22.95 -7.64
C PHE H 343 -31.66 -23.16 -9.14
N ALA H 344 -30.79 -24.02 -9.66
CA ALA H 344 -30.78 -24.25 -11.11
C ALA H 344 -32.12 -24.82 -11.58
N LYS H 345 -32.57 -25.90 -10.94
CA LYS H 345 -33.81 -26.53 -11.35
C LYS H 345 -34.99 -25.59 -11.20
N GLU H 346 -35.03 -24.84 -10.09
CA GLU H 346 -36.18 -23.96 -9.85
C GLU H 346 -36.16 -22.76 -10.77
N THR H 347 -34.99 -22.22 -11.11
CA THR H 347 -34.93 -21.15 -12.10
C THR H 347 -35.40 -21.64 -13.46
N THR H 348 -34.98 -22.84 -13.85
CA THR H 348 -35.47 -23.42 -15.10
C THR H 348 -36.98 -23.58 -15.07
N GLN H 349 -37.51 -24.05 -13.94
CA GLN H 349 -38.95 -24.20 -13.81
C GLN H 349 -39.67 -22.86 -13.90
N LEU H 350 -39.10 -21.83 -13.28
CA LEU H 350 -39.71 -20.50 -13.33
C LEU H 350 -39.75 -19.98 -14.76
N THR H 351 -38.65 -20.12 -15.49
CA THR H 351 -38.62 -19.65 -16.88
C THR H 351 -39.61 -20.44 -17.73
N LYS H 352 -39.67 -21.76 -17.53
CA LYS H 352 -40.63 -22.56 -18.28
C LYS H 352 -42.06 -22.13 -17.97
N SER H 353 -42.36 -21.85 -16.70
CA SER H 353 -43.70 -21.44 -16.33
C SER H 353 -44.04 -20.07 -16.90
N GLN H 354 -43.07 -19.15 -16.94
CA GLN H 354 -43.32 -17.86 -17.56
C GLN H 354 -43.61 -18.02 -19.05
N ILE H 355 -42.84 -18.86 -19.73
CA ILE H 355 -43.09 -19.11 -21.15
C ILE H 355 -44.47 -19.71 -21.34
N LEU H 356 -44.85 -20.67 -20.47
CA LEU H 356 -46.15 -21.29 -20.58
C LEU H 356 -47.27 -20.26 -20.36
N GLN H 357 -47.09 -19.36 -19.40
CA GLN H 357 -48.09 -18.33 -19.17
C GLN H 357 -48.23 -17.41 -20.36
N GLN H 358 -47.11 -17.01 -20.96
CA GLN H 358 -47.18 -16.16 -22.14
C GLN H 358 -47.89 -16.88 -23.29
N ALA H 359 -47.55 -18.16 -23.50
CA ALA H 359 -48.22 -18.92 -24.54
C ALA H 359 -49.71 -19.04 -24.27
N GLY H 360 -50.08 -19.28 -23.00
CA GLY H 360 -51.49 -19.38 -22.66
C GLY H 360 -52.24 -18.10 -22.94
N THR H 361 -51.65 -16.96 -22.56
CA THR H 361 -52.29 -15.68 -22.84
C THR H 361 -52.44 -15.46 -24.34
N SER H 362 -51.39 -15.79 -25.11
CA SER H 362 -51.47 -15.60 -26.56
C SER H 362 -52.58 -16.45 -27.16
N ILE H 363 -52.64 -17.73 -26.80
CA ILE H 363 -53.67 -18.61 -27.37
C ILE H 363 -55.05 -18.19 -26.89
N LEU H 364 -55.17 -17.73 -25.65
CA LEU H 364 -56.46 -17.27 -25.16
C LEU H 364 -56.93 -16.06 -25.94
N ALA H 365 -56.03 -15.10 -26.18
CA ALA H 365 -56.41 -13.95 -26.99
C ALA H 365 -56.80 -14.38 -28.40
N GLN H 366 -56.04 -15.30 -28.99
CA GLN H 366 -56.43 -15.83 -30.29
C GLN H 366 -57.74 -16.59 -30.21
N ALA H 367 -58.08 -17.15 -29.05
CA ALA H 367 -59.30 -17.91 -28.87
C ALA H 367 -60.46 -17.05 -28.39
N LYS H 368 -60.21 -15.81 -27.99
CA LYS H 368 -61.25 -14.93 -27.48
C LYS H 368 -62.01 -14.22 -28.59
N GLN H 369 -61.33 -13.84 -29.67
CA GLN H 369 -61.94 -13.10 -30.76
C GLN H 369 -62.29 -13.98 -31.94
N LEU H 370 -61.30 -14.66 -32.53
CA LEU H 370 -61.53 -15.35 -33.80
C LEU H 370 -62.63 -16.40 -33.71
N PRO H 371 -62.63 -17.31 -32.73
CA PRO H 371 -63.64 -18.38 -32.73
C PRO H 371 -65.08 -17.85 -32.70
N ASN H 372 -65.30 -16.67 -32.13
CA ASN H 372 -66.64 -16.14 -31.98
C ASN H 372 -67.02 -15.11 -33.05
N SER H 373 -66.07 -14.30 -33.51
CA SER H 373 -66.40 -13.26 -34.48
C SER H 373 -66.90 -13.84 -35.80
N ALA H 374 -66.67 -15.13 -36.03
CA ALA H 374 -67.14 -15.74 -37.28
C ALA H 374 -68.65 -15.68 -37.39
N ILE H 375 -69.37 -15.83 -36.27
CA ILE H 375 -70.83 -15.81 -36.33
C ILE H 375 -71.31 -14.43 -36.79
N SER H 376 -70.75 -13.37 -36.23
CA SER H 376 -71.12 -12.02 -36.68
C SER H 376 -70.68 -11.79 -38.12
N LEU H 377 -69.57 -12.40 -38.53
CA LEU H 377 -69.16 -12.31 -39.93
C LEU H 377 -70.21 -12.95 -40.84
N LEU H 378 -70.78 -14.07 -40.40
CA LEU H 378 -71.76 -14.78 -41.22
C LEU H 378 -73.01 -13.94 -41.50
N GLN H 379 -73.23 -12.88 -40.73
CA GLN H 379 -74.39 -12.02 -40.91
C GLN H 379 -73.99 -10.71 -41.59
N MET I 1 -97.36 -20.79 -34.43
CA MET I 1 -97.89 -19.92 -33.33
C MET I 1 -98.03 -18.48 -33.80
N THR I 2 -98.62 -17.64 -32.96
CA THR I 2 -98.86 -16.25 -33.30
C THR I 2 -97.56 -15.46 -33.18
N ILE I 3 -97.07 -14.95 -34.31
CA ILE I 3 -95.84 -14.18 -34.36
C ILE I 3 -96.14 -12.90 -35.13
N ASN I 4 -95.84 -11.75 -34.51
CA ASN I 4 -95.92 -10.43 -35.11
C ASN I 4 -97.35 -9.92 -35.26
N VAL I 5 -98.36 -10.73 -34.94
CA VAL I 5 -99.75 -10.31 -35.16
C VAL I 5 -100.08 -9.11 -34.30
N ASN I 6 -99.61 -9.08 -33.06
CA ASN I 6 -99.78 -7.96 -32.15
C ASN I 6 -98.49 -7.16 -32.11
N THR I 7 -98.54 -5.91 -32.60
CA THR I 7 -97.37 -5.03 -32.67
C THR I 7 -96.23 -5.82 -33.31
N ASN I 8 -95.02 -5.77 -32.77
CA ASN I 8 -93.86 -6.46 -33.33
C ASN I 8 -93.34 -7.43 -32.27
N VAL I 9 -93.83 -8.67 -32.32
CA VAL I 9 -93.44 -9.67 -31.32
C VAL I 9 -92.00 -10.10 -31.54
N SER I 10 -91.63 -10.38 -32.79
CA SER I 10 -90.25 -10.79 -33.07
C SER I 10 -89.27 -9.69 -32.68
N ALA I 11 -89.58 -8.45 -33.02
CA ALA I 11 -88.73 -7.34 -32.60
C ALA I 11 -88.73 -7.20 -31.08
N MET I 12 -89.84 -7.55 -30.43
CA MET I 12 -89.87 -7.49 -28.97
C MET I 12 -88.92 -8.52 -28.36
N THR I 13 -88.91 -9.74 -28.87
CA THR I 13 -87.97 -10.74 -28.40
C THR I 13 -86.53 -10.31 -28.68
N ALA I 14 -86.29 -9.76 -29.88
CA ALA I 14 -84.96 -9.28 -30.19
C ALA I 14 -84.53 -8.18 -29.24
N GLN I 15 -85.44 -7.25 -28.91
CA GLN I 15 -85.12 -6.17 -27.99
C GLN I 15 -84.83 -6.71 -26.59
N ARG I 16 -85.60 -7.69 -26.13
CA ARG I 16 -85.35 -8.27 -24.82
C ARG I 16 -83.98 -8.93 -24.77
N TYR I 17 -83.64 -9.72 -25.80
CA TYR I 17 -82.35 -10.37 -25.82
C TYR I 17 -81.22 -9.34 -25.91
N LEU I 18 -81.42 -8.27 -26.69
CA LEU I 18 -80.42 -7.22 -26.78
C LEU I 18 -80.25 -6.51 -25.43
N THR I 19 -81.34 -6.28 -24.72
CA THR I 19 -81.25 -5.66 -23.40
C THR I 19 -80.47 -6.54 -22.44
N LYS I 20 -80.74 -7.85 -22.46
CA LYS I 20 -79.97 -8.77 -21.62
C LYS I 20 -78.50 -8.73 -22.00
N ALA I 21 -78.19 -8.75 -23.29
CA ALA I 21 -76.80 -8.75 -23.72
C ALA I 21 -76.09 -7.47 -23.31
N THR I 22 -76.74 -6.32 -23.48
CA THR I 22 -76.10 -5.06 -23.13
C THR I 22 -75.97 -4.88 -21.63
N GLY I 23 -76.93 -5.39 -20.84
CA GLY I 23 -76.75 -5.38 -19.41
C GLY I 23 -75.58 -6.23 -18.96
N GLU I 24 -75.46 -7.43 -19.54
CA GLU I 24 -74.30 -8.26 -19.23
C GLU I 24 -73.01 -7.57 -19.65
N LEU I 25 -73.02 -6.92 -20.81
CA LEU I 25 -71.83 -6.19 -21.28
C LEU I 25 -71.46 -5.09 -20.31
N ASN I 26 -72.44 -4.32 -19.84
CA ASN I 26 -72.14 -3.24 -18.91
C ASN I 26 -71.61 -3.76 -17.59
N THR I 27 -72.20 -4.85 -17.08
CA THR I 27 -71.70 -5.43 -15.84
C THR I 27 -70.27 -5.93 -16.01
N SER I 28 -69.98 -6.59 -17.13
CA SER I 28 -68.63 -7.08 -17.38
C SER I 28 -67.65 -5.92 -17.50
N MET I 29 -68.05 -4.85 -18.17
CA MET I 29 -67.18 -3.68 -18.30
C MET I 29 -66.91 -3.06 -16.93
N GLU I 30 -67.94 -2.97 -16.09
CA GLU I 30 -67.75 -2.45 -14.74
C GLU I 30 -66.77 -3.32 -13.97
N ARG I 31 -66.92 -4.65 -14.06
CA ARG I 31 -66.01 -5.53 -13.34
C ARG I 31 -64.59 -5.40 -13.86
N LEU I 32 -64.42 -5.27 -15.18
CA LEU I 32 -63.09 -5.11 -15.73
C LEU I 32 -62.45 -3.80 -15.28
N SER I 33 -63.21 -2.71 -15.29
CA SER I 33 -62.64 -1.42 -14.92
C SER I 33 -62.31 -1.34 -13.44
N SER I 34 -63.25 -1.74 -12.58
CA SER I 34 -63.05 -1.58 -11.15
C SER I 34 -61.92 -2.45 -10.65
N GLY I 35 -61.84 -3.69 -11.11
CA GLY I 35 -60.89 -4.64 -10.59
C GLY I 35 -61.42 -5.55 -9.51
N ASN I 36 -62.69 -5.41 -9.15
CA ASN I 36 -63.36 -6.30 -8.20
C ASN I 36 -64.61 -6.85 -8.86
N ARG I 37 -64.76 -8.17 -8.84
CA ARG I 37 -65.92 -8.80 -9.44
C ARG I 37 -67.19 -8.62 -8.60
N ILE I 38 -67.04 -8.24 -7.34
CA ILE I 38 -68.18 -7.94 -6.48
C ILE I 38 -68.16 -6.44 -6.22
N ASN I 39 -69.18 -5.74 -6.73
CA ASN I 39 -69.26 -4.29 -6.59
C ASN I 39 -70.55 -3.82 -5.92
N SER I 40 -71.44 -4.74 -5.54
CA SER I 40 -72.68 -4.35 -4.89
C SER I 40 -73.27 -5.57 -4.21
N ALA I 41 -74.22 -5.33 -3.31
CA ALA I 41 -74.89 -6.43 -2.64
C ALA I 41 -75.62 -7.33 -3.62
N LYS I 42 -76.11 -6.76 -4.73
CA LYS I 42 -76.85 -7.56 -5.71
C LYS I 42 -76.00 -8.67 -6.30
N ASP I 43 -74.73 -8.36 -6.63
CA ASP I 43 -73.89 -9.34 -7.30
C ASP I 43 -73.73 -10.59 -6.46
N ASP I 44 -73.34 -10.43 -5.20
CA ASP I 44 -73.16 -11.58 -4.31
C ASP I 44 -73.24 -11.06 -2.87
N ALA I 45 -74.28 -11.46 -2.15
CA ALA I 45 -74.45 -10.98 -0.78
C ALA I 45 -73.43 -11.60 0.16
N ALA I 46 -73.44 -12.93 0.27
CA ALA I 46 -72.50 -13.60 1.18
C ALA I 46 -71.07 -13.34 0.77
N GLY I 47 -70.79 -13.38 -0.53
CA GLY I 47 -69.45 -13.10 -1.00
C GLY I 47 -68.98 -11.72 -0.61
N LEU I 48 -69.85 -10.72 -0.80
CA LEU I 48 -69.50 -9.36 -0.41
C LEU I 48 -69.25 -9.26 1.09
N GLN I 49 -70.12 -9.89 1.89
CA GLN I 49 -69.95 -9.84 3.33
C GLN I 49 -68.60 -10.41 3.75
N ILE I 50 -68.30 -11.62 3.29
CA ILE I 50 -67.04 -12.27 3.68
C ILE I 50 -65.86 -11.47 3.17
N SER I 51 -65.94 -10.95 1.95
CA SER I 51 -64.80 -10.22 1.38
C SER I 51 -64.53 -8.95 2.16
N ASN I 52 -65.56 -8.18 2.48
CA ASN I 52 -65.33 -6.94 3.23
C ASN I 52 -64.89 -7.24 4.65
N ARG I 53 -65.38 -8.32 5.26
CA ARG I 53 -64.88 -8.69 6.57
C ARG I 53 -63.40 -9.04 6.52
N LEU I 54 -62.98 -9.77 5.48
CA LEU I 54 -61.56 -10.10 5.35
C LEU I 54 -60.72 -8.86 5.09
N THR I 55 -61.25 -7.91 4.32
CA THR I 55 -60.52 -6.66 4.11
C THR I 55 -60.36 -5.89 5.42
N ALA I 56 -61.41 -5.86 6.23
CA ALA I 56 -61.30 -5.23 7.54
C ALA I 56 -60.26 -5.94 8.40
N GLN I 57 -60.23 -7.27 8.34
CA GLN I 57 -59.22 -8.02 9.08
C GLN I 57 -57.82 -7.68 8.60
N SER I 58 -57.65 -7.51 7.29
CA SER I 58 -56.34 -7.13 6.76
C SER I 58 -55.91 -5.75 7.27
N ARG I 59 -56.84 -4.80 7.28
CA ARG I 59 -56.52 -3.48 7.84
C ARG I 59 -56.14 -3.59 9.31
N GLY I 60 -56.90 -4.38 10.07
CA GLY I 60 -56.55 -4.59 11.47
C GLY I 60 -55.20 -5.24 11.64
N LEU I 61 -54.85 -6.15 10.74
CA LEU I 61 -53.54 -6.78 10.78
C LEU I 61 -52.44 -5.77 10.54
N ASP I 62 -52.63 -4.87 9.59
CA ASP I 62 -51.65 -3.81 9.37
C ASP I 62 -51.50 -2.95 10.62
N VAL I 63 -52.62 -2.60 11.25
CA VAL I 63 -52.56 -1.79 12.46
C VAL I 63 -51.80 -2.54 13.55
N ALA I 64 -52.09 -3.84 13.70
CA ALA I 64 -51.40 -4.63 14.73
C ALA I 64 -49.92 -4.70 14.46
N MET I 65 -49.52 -4.87 13.19
CA MET I 65 -48.10 -4.92 12.87
C MET I 65 -47.43 -3.60 13.22
N ARG I 66 -48.08 -2.48 12.90
CA ARG I 66 -47.49 -1.19 13.25
C ARG I 66 -47.35 -1.03 14.76
N ASN I 67 -48.38 -1.44 15.51
CA ASN I 67 -48.32 -1.33 16.97
C ASN I 67 -47.20 -2.21 17.53
N ALA I 68 -47.07 -3.43 17.02
CA ALA I 68 -46.01 -4.31 17.51
C ALA I 68 -44.64 -3.74 17.20
N ASN I 69 -44.48 -3.14 16.02
CA ASN I 69 -43.19 -2.53 15.70
C ASN I 69 -42.90 -1.37 16.62
N ASP I 70 -43.92 -0.57 16.95
CA ASP I 70 -43.72 0.49 17.95
C ASP I 70 -43.29 -0.11 19.29
N GLY I 71 -43.89 -1.24 19.67
CA GLY I 71 -43.49 -1.89 20.90
C GLY I 71 -42.04 -2.34 20.90
N ILE I 72 -41.59 -2.93 19.79
CA ILE I 72 -40.18 -3.33 19.73
C ILE I 72 -39.28 -2.10 19.75
N SER I 73 -39.73 -0.98 19.18
CA SER I 73 -38.95 0.25 19.27
C SER I 73 -38.79 0.70 20.71
N ILE I 74 -39.90 0.71 21.46
CA ILE I 74 -39.83 1.08 22.87
C ILE I 74 -38.88 0.14 23.62
N ALA I 75 -39.00 -1.16 23.36
CA ALA I 75 -38.14 -2.13 24.00
C ALA I 75 -36.67 -1.84 23.69
N GLN I 76 -36.37 -1.52 22.42
CA GLN I 76 -34.99 -1.27 22.04
C GLN I 76 -34.43 -0.05 22.74
N THR I 77 -35.21 1.03 22.81
CA THR I 77 -34.73 2.24 23.48
C THR I 77 -34.47 1.96 24.96
N ALA I 78 -35.42 1.29 25.62
CA ALA I 78 -35.23 0.97 27.03
C ALA I 78 -34.02 0.09 27.23
N GLU I 79 -33.82 -0.88 26.34
CA GLU I 79 -32.68 -1.78 26.47
C GLU I 79 -31.37 -1.04 26.31
N GLY I 80 -31.30 -0.10 25.37
CA GLY I 80 -30.08 0.69 25.23
C GLY I 80 -29.78 1.52 26.46
N ALA I 81 -30.80 2.20 26.99
CA ALA I 81 -30.60 2.99 28.20
C ALA I 81 -30.16 2.10 29.36
N MET I 82 -30.75 0.91 29.47
CA MET I 82 -30.40 0.02 30.57
C MET I 82 -29.01 -0.57 30.39
N ASN I 83 -28.57 -0.74 29.14
CA ASN I 83 -27.19 -1.14 28.90
C ASN I 83 -26.23 -0.07 29.39
N GLU I 84 -26.55 1.21 29.12
CA GLU I 84 -25.73 2.27 29.67
C GLU I 84 -25.73 2.24 31.19
N SER I 85 -26.90 2.01 31.79
CA SER I 85 -26.98 1.95 33.24
C SER I 85 -26.13 0.80 33.79
N THR I 86 -26.14 -0.34 33.11
CA THR I 86 -25.32 -1.48 33.53
C THR I 86 -23.84 -1.13 33.46
N SER I 87 -23.42 -0.43 32.39
CA SER I 87 -22.04 -0.01 32.30
C SER I 87 -21.68 0.91 33.46
N ILE I 88 -22.57 1.85 33.79
CA ILE I 88 -22.32 2.76 34.90
C ILE I 88 -22.18 1.99 36.20
N LEU I 89 -23.05 1.01 36.42
CA LEU I 89 -22.98 0.22 37.64
C LEU I 89 -21.70 -0.60 37.70
N GLN I 90 -21.26 -1.13 36.57
CA GLN I 90 -19.99 -1.85 36.55
C GLN I 90 -18.83 -0.93 36.93
N ARG I 91 -18.83 0.30 36.40
CA ARG I 91 -17.77 1.23 36.76
C ARG I 91 -17.83 1.57 38.25
N MET I 92 -19.03 1.73 38.79
CA MET I 92 -19.15 2.01 40.23
C MET I 92 -18.64 0.84 41.05
N ARG I 93 -18.93 -0.38 40.62
CA ARG I 93 -18.42 -1.56 41.33
C ARG I 93 -16.89 -1.57 41.30
N ASP I 94 -16.30 -1.25 40.15
CA ASP I 94 -14.85 -1.18 40.07
C ASP I 94 -14.31 -0.12 41.02
N LEU I 95 -14.97 1.03 41.08
CA LEU I 95 -14.53 2.10 41.99
C LEU I 95 -14.57 1.62 43.43
N ALA I 96 -15.66 0.94 43.82
CA ALA I 96 -15.77 0.46 45.20
C ALA I 96 -14.68 -0.56 45.50
N LEU I 97 -14.45 -1.50 44.58
CA LEU I 97 -13.42 -2.51 44.81
C LEU I 97 -12.05 -1.86 44.94
N GLN I 98 -11.77 -0.85 44.10
CA GLN I 98 -10.51 -0.13 44.23
C GLN I 98 -10.40 0.56 45.58
N SER I 99 -11.49 1.18 46.03
CA SER I 99 -11.46 1.90 47.31
C SER I 99 -11.32 0.97 48.49
N ALA I 100 -11.71 -0.29 48.35
CA ALA I 100 -11.63 -1.23 49.48
C ALA I 100 -10.19 -1.55 49.88
N ASN I 101 -9.19 -0.95 49.24
CA ASN I 101 -7.80 -1.19 49.61
C ASN I 101 -7.50 -0.69 51.01
N GLY I 102 -6.28 -0.90 51.48
CA GLY I 102 -5.82 -0.35 52.73
C GLY I 102 -4.78 0.74 52.53
N THR I 103 -4.19 0.78 51.35
CA THR I 103 -3.17 1.78 51.01
C THR I 103 -3.79 2.97 50.28
N ASN I 104 -4.75 3.63 50.91
CA ASN I 104 -5.44 4.75 50.30
C ASN I 104 -5.51 5.99 51.19
N SER I 105 -5.01 5.92 52.42
CA SER I 105 -5.06 7.05 53.34
C SER I 105 -6.48 7.61 53.40
N ALA I 106 -6.65 8.90 53.12
CA ALA I 106 -7.97 9.51 53.12
C ALA I 106 -8.29 10.24 51.82
N SER I 107 -7.33 10.94 51.24
CA SER I 107 -7.61 11.77 50.06
C SER I 107 -8.08 10.91 48.89
N GLU I 108 -7.42 9.77 48.66
CA GLU I 108 -7.81 8.91 47.55
C GLU I 108 -9.25 8.44 47.71
N ARG I 109 -9.65 8.10 48.94
CA ARG I 109 -11.02 7.68 49.17
C ARG I 109 -11.99 8.82 48.87
N GLN I 110 -11.63 10.05 49.24
CA GLN I 110 -12.50 11.19 48.94
C GLN I 110 -12.65 11.38 47.43
N ALA I 111 -11.54 11.27 46.68
CA ALA I 111 -11.63 11.41 45.23
C ALA I 111 -12.48 10.31 44.62
N LEU I 112 -12.29 9.08 45.08
CA LEU I 112 -13.10 7.97 44.56
C LEU I 112 -14.57 8.18 44.88
N ASN I 113 -14.88 8.68 46.08
CA ASN I 113 -16.27 8.95 46.44
C ASN I 113 -16.85 10.06 45.58
N GLU I 114 -16.07 11.09 45.27
CA GLU I 114 -16.56 12.15 44.39
C GLU I 114 -16.87 11.60 43.00
N GLU I 115 -15.98 10.76 42.47
CA GLU I 115 -16.26 10.12 41.19
C GLU I 115 -17.52 9.27 41.27
N SER I 116 -17.68 8.53 42.37
CA SER I 116 -18.87 7.70 42.54
C SER I 116 -20.13 8.54 42.56
N VAL I 117 -20.09 9.70 43.23
CA VAL I 117 -21.23 10.60 43.25
C VAL I 117 -21.54 11.10 41.85
N ALA I 118 -20.50 11.37 41.06
CA ALA I 118 -20.73 11.75 39.67
C ALA I 118 -21.46 10.64 38.92
N LEU I 119 -21.00 9.40 39.08
CA LEU I 119 -21.69 8.28 38.45
C LEU I 119 -23.12 8.16 38.95
N GLN I 120 -23.35 8.44 40.23
CA GLN I 120 -24.69 8.38 40.80
C GLN I 120 -25.62 9.37 40.09
N ASP I 121 -25.16 10.62 39.97
CA ASP I 121 -25.96 11.62 39.28
C ASP I 121 -26.18 11.23 37.82
N GLU I 122 -25.18 10.61 37.20
CA GLU I 122 -25.36 10.13 35.83
C GLU I 122 -26.46 9.07 35.76
N LEU I 123 -26.47 8.15 36.72
CA LEU I 123 -27.52 7.14 36.75
C LEU I 123 -28.90 7.78 36.93
N ASN I 124 -28.99 8.77 37.80
CA ASN I 124 -30.26 9.47 37.99
C ASN I 124 -30.70 10.15 36.70
N ARG I 125 -29.76 10.80 36.00
CA ARG I 125 -30.10 11.45 34.73
C ARG I 125 -30.57 10.43 33.71
N ILE I 126 -29.89 9.29 33.62
CA ILE I 126 -30.29 8.25 32.68
C ILE I 126 -31.71 7.77 33.01
N ALA I 127 -31.99 7.58 34.29
CA ALA I 127 -33.31 7.10 34.69
C ALA I 127 -34.39 8.12 34.36
N GLU I 128 -34.11 9.41 34.55
CA GLU I 128 -35.14 10.43 34.47
C GLU I 128 -35.24 11.11 33.11
N THR I 129 -34.34 10.82 32.16
CA THR I 129 -34.35 11.52 30.88
C THR I 129 -34.44 10.62 29.67
N THR I 130 -34.41 9.29 29.82
CA THR I 130 -34.61 8.41 28.69
C THR I 130 -36.06 8.49 28.25
N SER I 131 -36.29 9.07 27.07
CA SER I 131 -37.63 9.33 26.58
C SER I 131 -37.75 8.86 25.14
N PHE I 132 -38.97 8.51 24.74
CA PHE I 132 -39.31 8.10 23.38
C PHE I 132 -40.43 9.01 22.91
N GLY I 133 -40.05 10.14 22.32
CA GLY I 133 -41.04 11.12 21.89
C GLY I 133 -41.81 11.74 23.03
N GLY I 134 -41.14 12.03 24.15
CA GLY I 134 -41.78 12.59 25.32
C GLY I 134 -42.31 11.58 26.31
N ARG I 135 -42.25 10.29 25.99
CA ARG I 135 -42.73 9.23 26.87
C ARG I 135 -41.54 8.72 27.68
N LYS I 136 -41.48 9.12 28.95
CA LYS I 136 -40.41 8.64 29.82
C LYS I 136 -40.53 7.13 30.01
N LEU I 137 -39.38 6.46 30.07
CA LEU I 137 -39.34 5.00 30.12
C LEU I 137 -38.81 4.46 31.44
N LEU I 138 -37.75 5.06 31.99
CA LEU I 138 -37.02 4.48 33.10
C LEU I 138 -37.14 5.28 34.39
N ASN I 139 -38.21 6.06 34.54
CA ASN I 139 -38.48 6.74 35.80
C ASN I 139 -39.68 6.16 36.54
N GLY I 140 -40.16 4.99 36.13
CA GLY I 140 -41.26 4.33 36.78
C GLY I 140 -42.63 4.79 36.34
N SER I 141 -42.73 5.89 35.61
CA SER I 141 -44.03 6.38 35.16
C SER I 141 -44.64 5.50 34.08
N PHE I 142 -43.82 4.72 33.36
CA PHE I 142 -44.34 3.92 32.27
C PHE I 142 -45.37 2.91 32.76
N GLY I 143 -45.08 2.25 33.87
CA GLY I 143 -46.02 1.27 34.39
C GLY I 143 -46.24 0.14 33.39
N GLU I 144 -47.47 -0.35 33.36
CA GLU I 144 -47.86 -1.42 32.44
C GLU I 144 -48.66 -0.83 31.29
N ALA I 145 -48.21 -1.10 30.07
CA ALA I 145 -48.86 -0.60 28.86
C ALA I 145 -49.25 -1.77 27.97
N SER I 146 -50.43 -1.68 27.37
CA SER I 146 -50.95 -2.72 26.49
C SER I 146 -50.72 -2.32 25.05
N PHE I 147 -50.15 -3.24 24.27
CA PHE I 147 -49.83 -3.01 22.87
C PHE I 147 -50.60 -4.03 22.03
N GLN I 148 -51.63 -3.57 21.33
CA GLN I 148 -52.44 -4.47 20.51
C GLN I 148 -51.55 -5.15 19.47
N ILE I 149 -51.71 -6.46 19.34
CA ILE I 149 -50.95 -7.24 18.37
C ILE I 149 -51.88 -8.16 17.58
N GLY I 150 -53.18 -8.02 17.79
CA GLY I 150 -54.15 -8.85 17.12
C GLY I 150 -55.28 -8.02 16.53
N SER I 151 -55.84 -8.52 15.43
CA SER I 151 -56.92 -7.80 14.77
C SER I 151 -58.14 -7.68 15.66
N SER I 152 -58.53 -8.77 16.32
CA SER I 152 -59.70 -8.75 17.18
C SER I 152 -59.37 -8.08 18.51
N SER I 153 -60.43 -7.77 19.26
CA SER I 153 -60.27 -7.12 20.56
C SER I 153 -60.00 -8.18 21.62
N GLY I 154 -58.81 -8.13 22.22
CA GLY I 154 -58.46 -9.08 23.26
C GLY I 154 -57.02 -9.55 23.19
N GLU I 155 -56.30 -9.15 22.14
CA GLU I 155 -54.90 -9.50 21.97
C GLU I 155 -54.03 -8.31 22.35
N ALA I 156 -53.10 -8.54 23.26
CA ALA I 156 -52.20 -7.49 23.71
C ALA I 156 -51.08 -8.12 24.52
N ILE I 157 -50.04 -7.33 24.76
CA ILE I 157 -48.91 -7.73 25.59
C ILE I 157 -48.74 -6.65 26.65
N ILE I 158 -48.78 -7.06 27.92
CA ILE I 158 -48.67 -6.10 29.01
C ILE I 158 -47.20 -5.81 29.25
N MET I 159 -46.66 -4.84 28.54
CA MET I 159 -45.25 -4.46 28.67
C MET I 159 -45.06 -3.64 29.94
N GLY I 160 -44.09 -4.03 30.75
CA GLY I 160 -43.77 -3.33 31.97
C GLY I 160 -42.36 -2.80 31.96
N LEU I 161 -42.15 -1.69 32.66
CA LEU I 161 -40.82 -1.09 32.77
C LEU I 161 -40.72 -0.43 34.14
N THR I 162 -40.16 -1.15 35.10
CA THR I 162 -39.95 -0.59 36.43
C THR I 162 -38.83 0.44 36.40
N SER I 163 -38.88 1.34 37.37
CA SER I 163 -37.95 2.47 37.39
C SER I 163 -36.52 1.98 37.54
N VAL I 164 -35.58 2.77 37.00
CA VAL I 164 -34.16 2.49 37.06
C VAL I 164 -33.41 3.50 37.90
N ARG I 165 -34.10 4.43 38.55
CA ARG I 165 -33.43 5.41 39.38
C ARG I 165 -32.60 4.71 40.45
N ALA I 166 -31.53 5.38 40.89
CA ALA I 166 -30.69 4.81 41.93
C ALA I 166 -31.40 4.72 43.27
N ASP I 167 -32.54 5.40 43.42
CA ASP I 167 -33.29 5.35 44.66
C ASP I 167 -34.25 4.16 44.70
N ASP I 168 -34.57 3.57 43.55
CA ASP I 168 -35.53 2.48 43.51
C ASP I 168 -35.13 1.38 44.48
N PHE I 169 -36.10 0.89 45.25
CA PHE I 169 -35.78 -0.05 46.32
C PHE I 169 -35.20 -1.34 45.78
N ARG I 170 -35.68 -1.81 44.63
CA ARG I 170 -35.16 -3.05 44.05
C ARG I 170 -33.66 -2.96 43.81
N MET I 171 -33.12 -1.75 43.62
CA MET I 171 -31.71 -1.56 43.33
C MET I 171 -30.90 -1.42 44.61
N GLY I 172 -30.97 -2.47 45.44
CA GLY I 172 -30.26 -2.48 46.71
C GLY I 172 -30.74 -3.59 47.62
N GLY I 173 -30.98 -3.29 48.88
CA GLY I 173 -31.49 -4.28 49.80
C GLY I 173 -31.18 -3.92 51.24
N GLN I 174 -31.23 -4.94 52.10
CA GLN I 174 -31.02 -4.76 53.52
C GLN I 174 -29.57 -4.99 53.89
N SER I 175 -29.09 -4.23 54.88
CA SER I 175 -27.75 -4.35 55.41
C SER I 175 -27.81 -4.45 56.92
N PHE I 176 -27.00 -5.35 57.48
CA PHE I 176 -26.91 -5.53 58.92
C PHE I 176 -25.45 -5.44 59.32
N ILE I 177 -25.20 -4.83 60.48
CA ILE I 177 -23.85 -4.54 60.94
C ILE I 177 -23.66 -5.12 62.33
N ALA I 178 -22.50 -5.74 62.55
CA ALA I 178 -22.17 -6.28 63.85
C ALA I 178 -22.01 -5.15 64.86
N GLU I 179 -21.83 -5.54 66.12
CA GLU I 179 -21.69 -4.57 67.21
C GLU I 179 -20.33 -4.60 67.88
N GLN I 180 -19.59 -5.70 67.80
CA GLN I 180 -18.30 -5.84 68.47
C GLN I 180 -17.18 -5.85 67.43
N PRO I 181 -16.35 -4.82 67.36
CA PRO I 181 -15.22 -4.88 66.42
C PRO I 181 -14.23 -5.96 66.84
N LYS I 182 -13.56 -6.53 65.84
CA LYS I 182 -12.63 -7.63 66.05
C LYS I 182 -11.29 -7.32 65.40
N THR I 183 -10.21 -7.69 66.07
CA THR I 183 -8.84 -7.46 65.61
C THR I 183 -8.20 -8.80 65.26
N LYS I 184 -6.95 -8.76 64.79
CA LYS I 184 -6.29 -9.96 64.30
C LYS I 184 -6.32 -11.07 65.35
N GLU I 185 -5.95 -10.74 66.60
CA GLU I 185 -5.81 -11.77 67.62
C GLU I 185 -7.09 -12.56 67.81
N TRP I 186 -8.24 -11.95 67.53
CA TRP I 186 -9.51 -12.65 67.67
C TRP I 186 -9.67 -13.67 66.55
N GLY I 187 -10.05 -14.89 66.92
CA GLY I 187 -10.44 -15.90 65.96
C GLY I 187 -11.83 -16.44 66.31
N VAL I 188 -12.25 -17.44 65.54
CA VAL I 188 -13.52 -18.09 65.83
C VAL I 188 -13.29 -19.04 66.99
N PRO I 189 -13.91 -18.82 68.15
CA PRO I 189 -13.68 -19.72 69.28
C PRO I 189 -14.17 -21.11 68.96
N PRO I 190 -13.43 -22.15 69.37
CA PRO I 190 -13.89 -23.51 69.07
C PRO I 190 -15.24 -23.84 69.68
N THR I 191 -15.56 -23.28 70.84
CA THR I 191 -16.82 -23.59 71.49
C THR I 191 -18.00 -23.11 70.66
N ALA I 192 -17.97 -21.86 70.20
CA ALA I 192 -19.06 -21.25 69.46
C ALA I 192 -18.65 -21.13 68.00
N ARG I 193 -19.20 -21.99 67.16
CA ARG I 193 -18.97 -21.94 65.71
C ARG I 193 -20.26 -21.96 64.89
N ASP I 194 -21.37 -22.44 65.44
CA ASP I 194 -22.61 -22.47 64.69
C ASP I 194 -23.09 -21.05 64.40
N LEU I 195 -23.77 -20.90 63.26
CA LEU I 195 -24.27 -19.59 62.85
C LEU I 195 -25.44 -19.86 61.92
N LYS I 196 -26.66 -19.60 62.39
CA LYS I 196 -27.87 -19.97 61.68
C LYS I 196 -28.60 -18.72 61.22
N PHE I 197 -29.05 -18.73 59.97
CA PHE I 197 -29.86 -17.66 59.39
C PHE I 197 -31.21 -18.25 59.00
N GLU I 198 -32.28 -17.53 59.32
CA GLU I 198 -33.63 -17.96 58.96
C GLU I 198 -34.39 -16.75 58.44
N PHE I 199 -34.84 -16.83 57.18
CA PHE I 199 -35.55 -15.70 56.60
C PHE I 199 -36.43 -16.17 55.45
N THR I 200 -37.50 -15.41 55.20
CA THR I 200 -38.42 -15.71 54.12
C THR I 200 -38.03 -14.91 52.89
N LYS I 201 -37.70 -15.61 51.81
CA LYS I 201 -37.34 -14.94 50.56
C LYS I 201 -38.57 -14.25 49.97
N LYS I 202 -38.32 -13.36 49.01
CA LYS I 202 -39.41 -12.59 48.43
C LYS I 202 -40.43 -13.48 47.74
N ASP I 203 -39.97 -14.51 47.02
CA ASP I 203 -40.88 -15.39 46.30
C ASP I 203 -41.67 -16.32 47.21
N GLY I 204 -41.58 -16.15 48.53
CA GLY I 204 -42.41 -16.89 49.47
C GLY I 204 -41.77 -18.13 50.06
N GLU I 205 -40.64 -18.59 49.52
CA GLU I 205 -39.99 -19.79 50.00
C GLU I 205 -39.08 -19.43 51.17
N ALA I 206 -39.24 -20.13 52.29
CA ALA I 206 -38.39 -19.92 53.43
C ALA I 206 -36.98 -20.44 53.15
N VAL I 207 -36.01 -19.89 53.87
CA VAL I 207 -34.61 -20.28 53.73
C VAL I 207 -34.00 -20.36 55.12
N VAL I 208 -33.28 -21.44 55.39
CA VAL I 208 -32.55 -21.62 56.64
C VAL I 208 -31.14 -22.11 56.29
N LEU I 209 -30.14 -21.36 56.73
CA LEU I 209 -28.74 -21.71 56.56
C LEU I 209 -28.13 -22.02 57.92
N ASP I 210 -27.23 -22.99 57.94
CA ASP I 210 -26.65 -23.52 59.18
C ASP I 210 -25.12 -23.47 59.11
N ILE I 211 -24.58 -22.30 58.77
CA ILE I 211 -23.15 -22.21 58.51
C ILE I 211 -22.39 -22.55 59.78
N ILE I 212 -21.46 -23.49 59.67
CA ILE I 212 -20.58 -23.87 60.77
C ILE I 212 -19.18 -23.41 60.38
N ALA I 213 -18.75 -22.28 60.94
CA ALA I 213 -17.47 -21.69 60.58
C ALA I 213 -16.33 -22.44 61.24
N LYS I 214 -15.25 -22.64 60.48
CA LYS I 214 -14.09 -23.34 61.00
C LYS I 214 -13.41 -22.52 62.09
N ASP I 215 -12.85 -23.22 63.08
CA ASP I 215 -12.18 -22.55 64.18
C ASP I 215 -10.83 -22.02 63.73
N GLY I 216 -10.29 -21.09 64.52
CA GLY I 216 -9.01 -20.48 64.21
C GLY I 216 -9.04 -19.60 62.99
N ASP I 217 -10.12 -18.85 62.78
CA ASP I 217 -10.26 -17.94 61.65
C ASP I 217 -10.55 -16.55 62.17
N ASP I 218 -9.83 -15.55 61.64
CA ASP I 218 -10.09 -14.18 62.03
C ASP I 218 -11.37 -13.70 61.36
N ILE I 219 -11.70 -12.43 61.59
CA ILE I 219 -12.97 -11.89 61.09
C ILE I 219 -13.01 -11.92 59.57
N GLU I 220 -11.90 -11.55 58.93
CA GLU I 220 -11.86 -11.51 57.47
C GLU I 220 -12.06 -12.89 56.86
N GLU I 221 -11.40 -13.90 57.41
CA GLU I 221 -11.58 -15.26 56.89
C GLU I 221 -13.01 -15.74 57.11
N LEU I 222 -13.61 -15.37 58.24
CA LEU I 222 -15.01 -15.74 58.48
C LEU I 222 -15.92 -15.08 57.44
N ALA I 223 -15.66 -13.81 57.12
CA ALA I 223 -16.46 -13.15 56.09
C ALA I 223 -16.30 -13.84 54.74
N THR I 224 -15.06 -14.20 54.39
CA THR I 224 -14.83 -14.89 53.13
C THR I 224 -15.56 -16.23 53.11
N TYR I 225 -15.52 -16.97 54.21
CA TYR I 225 -16.20 -18.26 54.29
C TYR I 225 -17.71 -18.08 54.14
N ILE I 226 -18.27 -17.09 54.82
CA ILE I 226 -19.72 -16.87 54.73
C ILE I 226 -20.09 -16.49 53.30
N ASN I 227 -19.24 -15.71 52.64
CA ASN I 227 -19.47 -15.42 51.23
C ASN I 227 -19.46 -16.70 50.41
N GLY I 228 -18.49 -17.58 50.66
CA GLY I 228 -18.35 -18.77 49.84
C GLY I 228 -19.48 -19.75 50.02
N GLN I 229 -19.96 -19.92 51.25
CA GLN I 229 -20.94 -20.97 51.53
C GLN I 229 -22.23 -20.74 50.75
N THR I 230 -22.71 -19.50 50.69
CA THR I 230 -24.03 -19.20 50.15
C THR I 230 -23.96 -18.01 49.21
N ASP I 231 -24.93 -17.95 48.31
CA ASP I 231 -25.02 -16.88 47.32
C ASP I 231 -25.90 -15.74 47.81
N LEU I 232 -26.92 -16.03 48.62
CA LEU I 232 -27.87 -15.01 49.03
C LEU I 232 -27.22 -13.90 49.86
N PHE I 233 -26.02 -14.12 50.38
CA PHE I 233 -25.37 -13.19 51.27
C PHE I 233 -24.26 -12.45 50.55
N LYS I 234 -23.77 -11.39 51.20
CA LYS I 234 -22.47 -10.80 50.85
C LYS I 234 -21.89 -10.25 52.16
N ALA I 235 -21.11 -11.09 52.83
CA ALA I 235 -20.47 -10.71 54.07
C ALA I 235 -19.19 -9.93 53.78
N SER I 236 -18.75 -9.17 54.77
CA SER I 236 -17.54 -8.35 54.65
C SER I 236 -17.21 -7.80 56.04
N VAL I 237 -16.20 -6.94 56.11
CA VAL I 237 -15.78 -6.30 57.34
C VAL I 237 -15.45 -4.85 57.05
N ASP I 238 -15.81 -3.97 57.97
CA ASP I 238 -15.52 -2.55 57.83
C ASP I 238 -14.15 -2.24 58.44
N GLN I 239 -13.85 -0.96 58.62
CA GLN I 239 -12.54 -0.56 59.11
C GLN I 239 -12.27 -1.13 60.50
N GLU I 240 -13.26 -1.06 61.40
CA GLU I 240 -13.06 -1.49 62.77
C GLU I 240 -13.12 -3.00 62.94
N GLY I 241 -13.62 -3.74 61.95
CA GLY I 241 -13.70 -5.18 62.05
C GLY I 241 -15.06 -5.66 62.53
N LYS I 242 -16.11 -4.98 62.10
CA LYS I 242 -17.48 -5.38 62.39
C LYS I 242 -18.06 -6.06 61.15
N LEU I 243 -18.53 -7.29 61.31
CA LEU I 243 -19.04 -8.05 60.17
C LEU I 243 -20.29 -7.39 59.61
N GLN I 244 -20.25 -7.03 58.33
CA GLN I 244 -21.41 -6.51 57.62
C GLN I 244 -21.97 -7.61 56.74
N ILE I 245 -23.28 -7.82 56.83
CA ILE I 245 -23.98 -8.82 56.03
C ILE I 245 -25.06 -8.10 55.23
N PHE I 246 -24.99 -8.23 53.91
CA PHE I 246 -25.91 -7.55 53.01
C PHE I 246 -26.73 -8.58 52.27
N VAL I 247 -28.04 -8.38 52.22
CA VAL I 247 -28.97 -9.26 51.51
C VAL I 247 -29.69 -8.41 50.46
N ALA I 248 -29.58 -8.82 49.21
CA ALA I 248 -30.24 -8.11 48.14
C ALA I 248 -31.76 -8.13 48.34
N GLU I 249 -32.43 -7.14 47.75
CA GLU I 249 -33.86 -6.98 47.96
C GLU I 249 -34.66 -8.23 47.61
N PRO I 250 -34.50 -8.85 46.44
CA PRO I 250 -35.32 -10.03 46.13
C PRO I 250 -35.08 -11.20 47.07
N ASN I 251 -33.94 -11.24 47.76
CA ASN I 251 -33.58 -12.39 48.58
C ASN I 251 -34.10 -12.32 50.01
N ILE I 252 -34.63 -11.17 50.44
CA ILE I 252 -35.10 -11.01 51.82
C ILE I 252 -36.45 -10.32 51.79
N GLU I 253 -37.38 -10.83 52.59
CA GLU I 253 -38.69 -10.20 52.76
C GLU I 253 -39.23 -10.62 54.12
N GLY I 254 -39.13 -9.73 55.11
CA GLY I 254 -39.57 -9.99 56.45
C GLY I 254 -38.49 -9.64 57.45
N ASN I 255 -38.62 -10.19 58.65
CA ASN I 255 -37.69 -9.93 59.74
C ASN I 255 -36.54 -10.93 59.67
N PHE I 256 -35.50 -10.57 58.93
CA PHE I 256 -34.26 -11.33 58.96
C PHE I 256 -33.81 -11.53 60.41
N ASN I 257 -33.76 -12.79 60.84
CA ASN I 257 -33.38 -13.13 62.20
C ASN I 257 -32.18 -14.07 62.18
N ILE I 258 -31.24 -13.82 63.09
CA ILE I 258 -30.00 -14.58 63.18
C ILE I 258 -29.88 -15.13 64.60
N SER I 259 -29.39 -16.36 64.70
CA SER I 259 -29.22 -17.02 65.98
C SER I 259 -27.94 -17.84 65.96
N GLY I 260 -27.53 -18.31 67.14
CA GLY I 260 -26.37 -19.16 67.25
C GLY I 260 -25.32 -18.60 68.19
N GLY I 261 -24.41 -19.47 68.64
CA GLY I 261 -23.36 -19.01 69.53
C GLY I 261 -22.44 -17.99 68.88
N LEU I 262 -22.05 -18.25 67.63
CA LEU I 262 -21.16 -17.32 66.94
C LEU I 262 -21.81 -15.96 66.74
N ALA I 263 -23.13 -15.94 66.52
CA ALA I 263 -23.82 -14.66 66.37
C ALA I 263 -23.72 -13.84 67.65
N THR I 264 -23.91 -14.48 68.81
CA THR I 264 -23.74 -13.78 70.07
C THR I 264 -22.29 -13.33 70.26
N GLU I 265 -21.34 -14.18 69.88
CA GLU I 265 -19.94 -13.81 70.03
C GLU I 265 -19.60 -12.57 69.21
N LEU I 266 -20.08 -12.52 67.96
CA LEU I 266 -19.83 -11.38 67.10
C LEU I 266 -20.64 -10.15 67.50
N GLY I 267 -21.64 -10.31 68.36
CA GLY I 267 -22.53 -9.21 68.66
C GLY I 267 -23.52 -8.90 67.57
N LEU I 268 -23.63 -9.76 66.56
CA LEU I 268 -24.55 -9.53 65.47
C LEU I 268 -25.99 -9.58 65.94
N ASN I 269 -26.86 -8.88 65.23
CA ASN I 269 -28.29 -8.86 65.53
C ASN I 269 -29.06 -8.83 64.22
N GLY I 270 -30.00 -9.76 64.08
CA GLY I 270 -30.84 -9.82 62.89
C GLY I 270 -32.22 -9.22 63.18
N GLY I 271 -32.62 -8.28 62.35
CA GLY I 271 -33.89 -7.62 62.50
C GLY I 271 -34.40 -7.10 61.17
N PRO I 272 -35.17 -6.02 61.18
CA PRO I 272 -35.62 -5.44 59.90
C PRO I 272 -34.47 -5.04 59.00
N GLY I 273 -33.36 -4.60 59.57
CA GLY I 273 -32.19 -4.23 58.80
C GLY I 273 -32.26 -2.80 58.29
N VAL I 274 -31.10 -2.28 57.91
CA VAL I 274 -30.99 -0.93 57.37
C VAL I 274 -31.20 -1.02 55.87
N LYS I 275 -32.20 -0.30 55.36
CA LYS I 275 -32.49 -0.30 53.94
C LYS I 275 -31.49 0.61 53.23
N THR I 276 -30.74 0.05 52.28
CA THR I 276 -29.78 0.82 51.50
C THR I 276 -29.95 0.49 50.03
N THR I 277 -30.17 1.53 49.22
CA THR I 277 -30.24 1.41 47.78
C THR I 277 -28.90 1.82 47.18
N VAL I 278 -28.84 1.83 45.85
CA VAL I 278 -27.63 2.31 45.19
C VAL I 278 -27.44 3.80 45.47
N GLN I 279 -28.54 4.53 45.64
CA GLN I 279 -28.44 5.97 45.89
C GLN I 279 -27.67 6.28 47.17
N ASP I 280 -27.57 5.33 48.09
CA ASP I 280 -26.96 5.56 49.40
C ASP I 280 -25.57 4.93 49.50
N ILE I 281 -24.83 4.90 48.39
CA ILE I 281 -23.46 4.39 48.42
C ILE I 281 -22.53 5.49 48.93
N ASP I 282 -21.79 5.19 49.98
CA ASP I 282 -20.69 6.02 50.46
C ASP I 282 -19.42 5.18 50.47
N ILE I 283 -18.37 5.69 49.83
CA ILE I 283 -17.14 4.93 49.63
C ILE I 283 -16.00 5.44 50.50
N THR I 284 -16.18 6.55 51.22
CA THR I 284 -15.09 7.13 52.00
C THR I 284 -14.53 6.17 53.04
N SER I 285 -15.29 5.17 53.45
CA SER I 285 -14.86 4.22 54.48
C SER I 285 -14.74 2.84 53.88
N VAL I 286 -13.84 2.03 54.47
CA VAL I 286 -13.59 0.70 53.94
C VAL I 286 -14.87 -0.13 53.93
N GLY I 287 -15.59 -0.15 55.05
CA GLY I 287 -16.85 -0.85 55.10
C GLY I 287 -17.85 -0.32 54.10
N GLY I 288 -17.84 0.99 53.87
CA GLY I 288 -18.71 1.55 52.86
C GLY I 288 -18.48 0.92 51.50
N SER I 289 -17.21 0.80 51.10
CA SER I 289 -16.90 0.15 49.83
C SER I 289 -17.25 -1.33 49.86
N GLN I 290 -16.99 -1.99 50.98
CA GLN I 290 -17.25 -3.42 51.09
C GLN I 290 -18.73 -3.72 50.85
N ASN I 291 -19.61 -3.00 51.54
CA ASN I 291 -21.04 -3.20 51.33
C ASN I 291 -21.52 -2.60 50.02
N ALA I 292 -20.81 -1.60 49.49
CA ALA I 292 -21.17 -1.05 48.18
C ALA I 292 -20.97 -2.09 47.10
N VAL I 293 -19.94 -2.93 47.22
CA VAL I 293 -19.73 -3.99 46.23
C VAL I 293 -20.97 -4.87 46.17
N GLY I 294 -21.47 -5.30 47.33
CA GLY I 294 -22.67 -6.13 47.34
C GLY I 294 -23.89 -5.40 46.82
N ILE I 295 -24.04 -4.12 47.18
CA ILE I 295 -25.20 -3.36 46.72
C ILE I 295 -25.18 -3.24 45.20
N ILE I 296 -24.01 -2.94 44.63
CA ILE I 296 -23.90 -2.84 43.18
C ILE I 296 -24.10 -4.19 42.53
N ASP I 297 -23.68 -5.28 43.19
CA ASP I 297 -23.95 -6.61 42.65
C ASP I 297 -25.46 -6.85 42.56
N ALA I 298 -26.19 -6.50 43.62
CA ALA I 298 -27.64 -6.67 43.59
C ALA I 298 -28.27 -5.81 42.51
N ALA I 299 -27.80 -4.56 42.38
CA ALA I 299 -28.33 -3.67 41.35
C ALA I 299 -28.06 -4.23 39.96
N LEU I 300 -26.85 -4.76 39.74
CA LEU I 300 -26.53 -5.36 38.45
C LEU I 300 -27.45 -6.54 38.17
N LYS I 301 -27.69 -7.38 39.16
CA LYS I 301 -28.58 -8.51 38.97
C LYS I 301 -29.98 -8.04 38.58
N TYR I 302 -30.49 -7.04 39.27
CA TYR I 302 -31.83 -6.54 38.99
C TYR I 302 -31.92 -5.96 37.59
N VAL I 303 -30.96 -5.12 37.22
CA VAL I 303 -30.98 -4.49 35.89
C VAL I 303 -30.85 -5.54 34.81
N ASP I 304 -29.97 -6.53 35.00
CA ASP I 304 -29.81 -7.58 34.01
C ASP I 304 -31.07 -8.40 33.87
N SER I 305 -31.75 -8.69 34.98
CA SER I 305 -33.02 -9.41 34.90
C SER I 305 -34.04 -8.62 34.09
N GLN I 306 -34.13 -7.31 34.35
CA GLN I 306 -35.07 -6.50 33.59
C GLN I 306 -34.72 -6.47 32.11
N ARG I 307 -33.43 -6.36 31.79
CA ARG I 307 -33.01 -6.38 30.39
C ARG I 307 -33.37 -7.71 29.73
N ALA I 308 -33.19 -8.81 30.45
CA ALA I 308 -33.57 -10.11 29.91
C ALA I 308 -35.07 -10.18 29.65
N ASP I 309 -35.87 -9.63 30.56
CA ASP I 309 -37.31 -9.59 30.33
C ASP I 309 -37.65 -8.77 29.08
N LEU I 310 -36.99 -7.63 28.91
CA LEU I 310 -37.25 -6.82 27.74
C LEU I 310 -36.83 -7.53 26.46
N GLY I 311 -35.71 -8.26 26.50
CA GLY I 311 -35.31 -9.05 25.35
C GLY I 311 -36.31 -10.15 25.02
N ALA I 312 -36.86 -10.79 26.05
CA ALA I 312 -37.91 -11.78 25.83
C ALA I 312 -39.11 -11.14 25.15
N LYS I 313 -39.49 -9.94 25.61
CA LYS I 313 -40.60 -9.24 24.97
C LYS I 313 -40.28 -8.92 23.52
N GLN I 314 -39.04 -8.49 23.24
CA GLN I 314 -38.65 -8.21 21.87
C GLN I 314 -38.79 -9.44 20.99
N ASN I 315 -38.31 -10.59 21.48
CA ASN I 315 -38.39 -11.81 20.69
C ASN I 315 -39.85 -12.21 20.45
N ARG I 316 -40.68 -12.14 21.49
CA ARG I 316 -42.09 -12.46 21.33
C ARG I 316 -42.73 -11.54 20.30
N LEU I 317 -42.41 -10.25 20.35
CA LEU I 317 -43.00 -9.30 19.43
C LEU I 317 -42.55 -9.56 17.99
N SER I 318 -41.28 -9.90 17.79
CA SER I 318 -40.81 -10.21 16.45
C SER I 318 -41.54 -11.43 15.88
N HIS I 319 -41.67 -12.48 16.71
CA HIS I 319 -42.42 -13.65 16.27
C HIS I 319 -43.87 -13.27 15.95
N SER I 320 -44.46 -12.42 16.77
CA SER I 320 -45.84 -12.02 16.55
C SER I 320 -46.00 -11.27 15.23
N ILE I 321 -45.06 -10.36 14.91
CA ILE I 321 -45.17 -9.61 13.67
C ILE I 321 -44.98 -10.54 12.47
N SER I 322 -44.06 -11.50 12.58
CA SER I 322 -43.91 -12.46 11.48
C SER I 322 -45.19 -13.25 11.26
N ASN I 323 -45.79 -13.74 12.35
CA ASN I 323 -47.02 -14.50 12.23
C ASN I 323 -48.14 -13.64 11.67
N LEU I 324 -48.23 -12.38 12.10
CA LEU I 324 -49.26 -11.48 11.59
C LEU I 324 -49.08 -11.23 10.10
N SER I 325 -47.84 -11.05 9.65
CA SER I 325 -47.60 -10.88 8.23
C SER I 325 -48.05 -12.11 7.45
N ASN I 326 -47.74 -13.30 7.96
CA ASN I 326 -48.18 -14.53 7.28
C ASN I 326 -49.70 -14.60 7.22
N ILE I 327 -50.37 -14.27 8.32
CA ILE I 327 -51.83 -14.32 8.33
C ILE I 327 -52.41 -13.29 7.37
N GLN I 328 -51.79 -12.11 7.28
CA GLN I 328 -52.25 -11.11 6.33
C GLN I 328 -52.10 -11.63 4.90
N GLU I 329 -50.99 -12.31 4.62
CA GLU I 329 -50.79 -12.91 3.31
C GLU I 329 -51.93 -13.88 2.98
N ASN I 330 -52.22 -14.78 3.92
CA ASN I 330 -53.26 -15.77 3.67
C ASN I 330 -54.63 -15.11 3.51
N VAL I 331 -54.91 -14.09 4.33
CA VAL I 331 -56.20 -13.41 4.26
C VAL I 331 -56.35 -12.71 2.91
N GLU I 332 -55.30 -12.03 2.46
CA GLU I 332 -55.37 -11.36 1.16
C GLU I 332 -55.52 -12.36 0.03
N ALA I 333 -54.83 -13.51 0.11
CA ALA I 333 -55.01 -14.53 -0.91
C ALA I 333 -56.45 -15.01 -0.96
N SER I 334 -57.05 -15.28 0.20
CA SER I 334 -58.44 -15.70 0.22
C SER I 334 -59.36 -14.62 -0.32
N LYS I 335 -59.12 -13.36 0.08
CA LYS I 335 -59.95 -12.26 -0.41
C LYS I 335 -59.88 -12.16 -1.93
N SER I 336 -58.68 -12.35 -2.49
CA SER I 336 -58.57 -12.38 -3.95
C SER I 336 -59.33 -13.56 -4.53
N ARG I 337 -59.24 -14.71 -3.87
CA ARG I 337 -60.01 -15.88 -4.31
C ARG I 337 -61.50 -15.54 -4.41
N ILE I 338 -62.00 -14.74 -3.48
CA ILE I 338 -63.45 -14.51 -3.39
C ILE I 338 -63.89 -13.33 -4.24
N LYS I 339 -63.25 -12.18 -4.08
CA LYS I 339 -63.75 -10.92 -4.63
C LYS I 339 -63.03 -10.45 -5.87
N ASP I 340 -61.75 -10.76 -6.04
CA ASP I 340 -61.02 -10.22 -7.19
C ASP I 340 -61.53 -10.85 -8.48
N THR I 341 -61.18 -10.24 -9.60
CA THR I 341 -61.73 -10.61 -10.89
C THR I 341 -60.71 -11.43 -11.68
N ASP I 342 -61.15 -12.58 -12.19
CA ASP I 342 -60.35 -13.37 -13.11
C ASP I 342 -60.38 -12.68 -14.46
N PHE I 343 -59.36 -11.85 -14.73
CA PHE I 343 -59.40 -11.03 -15.93
C PHE I 343 -59.53 -11.86 -17.20
N ALA I 344 -59.00 -13.07 -17.21
CA ALA I 344 -59.19 -13.94 -18.37
C ALA I 344 -60.68 -14.21 -18.58
N LYS I 345 -61.35 -14.69 -17.54
CA LYS I 345 -62.78 -14.98 -17.65
C LYS I 345 -63.57 -13.73 -17.97
N GLU I 346 -63.22 -12.60 -17.36
CA GLU I 346 -64.00 -11.39 -17.54
C GLU I 346 -63.81 -10.82 -18.94
N THR I 347 -62.59 -10.86 -19.48
CA THR I 347 -62.38 -10.44 -20.86
C THR I 347 -63.10 -11.36 -21.83
N THR I 348 -63.08 -12.66 -21.58
CA THR I 348 -63.85 -13.58 -22.42
C THR I 348 -65.32 -13.23 -22.39
N GLN I 349 -65.86 -12.95 -21.21
CA GLN I 349 -67.26 -12.57 -21.09
C GLN I 349 -67.53 -11.25 -21.81
N LEU I 350 -66.60 -10.30 -21.71
CA LEU I 350 -66.76 -9.02 -22.39
C LEU I 350 -66.87 -9.22 -23.89
N THR I 351 -65.95 -10.01 -24.47
CA THR I 351 -66.00 -10.23 -25.91
C THR I 351 -67.27 -10.97 -26.30
N LYS I 352 -67.68 -11.96 -25.51
CA LYS I 352 -68.90 -12.69 -25.82
C LYS I 352 -70.10 -11.75 -25.79
N SER I 353 -70.16 -10.87 -24.80
CA SER I 353 -71.28 -9.93 -24.71
C SER I 353 -71.25 -8.94 -25.88
N GLN I 354 -70.06 -8.48 -26.26
CA GLN I 354 -69.95 -7.60 -27.41
C GLN I 354 -70.51 -8.27 -28.67
N ILE I 355 -70.11 -9.52 -28.90
CA ILE I 355 -70.57 -10.22 -30.08
C ILE I 355 -72.07 -10.49 -30.00
N LEU I 356 -72.57 -10.81 -28.81
CA LEU I 356 -74.01 -11.01 -28.66
C LEU I 356 -74.78 -9.74 -28.97
N GLN I 357 -74.29 -8.60 -28.49
CA GLN I 357 -74.97 -7.34 -28.77
C GLN I 357 -74.92 -7.02 -30.26
N GLN I 358 -73.78 -7.25 -30.89
CA GLN I 358 -73.68 -6.99 -32.33
C GLN I 358 -74.64 -7.87 -33.12
N ALA I 359 -74.72 -9.16 -32.76
CA ALA I 359 -75.66 -10.04 -33.44
C ALA I 359 -77.10 -9.60 -33.20
N GLY I 360 -77.41 -9.18 -31.97
CA GLY I 360 -78.75 -8.71 -31.69
C GLY I 360 -79.11 -7.48 -32.50
N THR I 361 -78.17 -6.53 -32.61
CA THR I 361 -78.43 -5.34 -33.40
C THR I 361 -78.62 -5.68 -34.87
N SER I 362 -77.79 -6.56 -35.41
CA SER I 362 -77.96 -6.97 -36.81
C SER I 362 -79.30 -7.64 -37.03
N ILE I 363 -79.68 -8.54 -36.12
CA ILE I 363 -80.95 -9.25 -36.25
C ILE I 363 -82.11 -8.25 -36.17
N LEU I 364 -82.04 -7.30 -35.24
CA LEU I 364 -83.10 -6.30 -35.13
C LEU I 364 -83.19 -5.46 -36.40
N ALA I 365 -82.04 -5.08 -36.95
CA ALA I 365 -82.05 -4.31 -38.19
C ALA I 365 -82.72 -5.10 -39.32
N GLN I 366 -82.38 -6.39 -39.43
CA GLN I 366 -83.01 -7.20 -40.47
C GLN I 366 -84.51 -7.33 -40.24
N ALA I 367 -84.93 -7.68 -39.03
CA ALA I 367 -86.32 -7.96 -38.70
C ALA I 367 -87.16 -6.70 -38.56
N LYS I 368 -86.55 -5.51 -38.60
CA LYS I 368 -87.33 -4.29 -38.66
C LYS I 368 -87.96 -4.12 -40.04
N GLN I 369 -87.21 -4.46 -41.09
CA GLN I 369 -87.70 -4.22 -42.45
C GLN I 369 -88.30 -5.49 -43.06
N LEU I 370 -87.77 -6.66 -42.73
CA LEU I 370 -88.24 -7.88 -43.39
C LEU I 370 -89.72 -8.14 -43.14
N PRO I 371 -90.22 -8.09 -41.91
CA PRO I 371 -91.63 -8.43 -41.66
C PRO I 371 -92.61 -7.27 -41.79
N ASN I 372 -92.16 -6.08 -42.18
CA ASN I 372 -93.04 -4.94 -42.38
C ASN I 372 -93.08 -4.50 -43.83
N SER I 373 -91.92 -4.25 -44.44
CA SER I 373 -91.90 -3.75 -45.82
C SER I 373 -92.54 -4.72 -46.80
N ALA I 374 -92.66 -6.00 -46.44
CA ALA I 374 -93.34 -6.94 -47.32
C ALA I 374 -94.80 -6.57 -47.49
N ILE I 375 -95.45 -6.12 -46.41
CA ILE I 375 -96.86 -5.74 -46.49
C ILE I 375 -97.04 -4.60 -47.48
N SER I 376 -96.16 -3.60 -47.45
CA SER I 376 -96.24 -2.53 -48.43
C SER I 376 -95.87 -3.03 -49.83
N LEU I 377 -94.93 -3.96 -49.92
CA LEU I 377 -94.49 -4.44 -51.23
C LEU I 377 -95.62 -5.14 -51.96
N LEU I 378 -96.35 -6.02 -51.28
CA LEU I 378 -97.40 -6.77 -51.96
C LEU I 378 -98.52 -5.87 -52.47
N GLN I 379 -98.59 -4.62 -51.99
CA GLN I 379 -99.54 -3.65 -52.53
C GLN I 379 -98.87 -2.78 -53.59
N THR J 2 -79.85 0.21 -22.31
CA THR J 2 -80.43 0.03 -23.68
C THR J 2 -79.51 0.69 -24.72
N ILE J 3 -80.10 1.34 -25.71
CA ILE J 3 -79.35 1.94 -26.80
C ILE J 3 -79.31 3.47 -26.68
N ASN J 4 -79.55 4.01 -25.49
CA ASN J 4 -79.58 5.46 -25.32
C ASN J 4 -78.20 6.05 -25.58
N VAL J 5 -78.18 7.32 -25.99
CA VAL J 5 -76.95 8.00 -26.36
C VAL J 5 -76.60 9.13 -25.39
N ASN J 6 -77.58 9.75 -24.75
CA ASN J 6 -77.30 10.92 -23.92
C ASN J 6 -76.50 10.54 -22.68
N THR J 7 -76.91 9.50 -21.97
CA THR J 7 -76.27 9.08 -20.73
C THR J 7 -75.53 7.77 -20.96
N ASN J 8 -74.29 7.70 -20.45
CA ASN J 8 -73.45 6.51 -20.57
C ASN J 8 -72.93 6.17 -19.17
N VAL J 9 -73.72 5.38 -18.44
CA VAL J 9 -73.38 5.06 -17.06
C VAL J 9 -72.06 4.29 -16.99
N SER J 10 -71.85 3.34 -17.91
CA SER J 10 -70.61 2.59 -17.93
C SER J 10 -69.42 3.52 -18.13
N ALA J 11 -69.58 4.53 -18.99
CA ALA J 11 -68.50 5.50 -19.20
C ALA J 11 -68.18 6.23 -17.90
N MET J 12 -69.21 6.65 -17.16
CA MET J 12 -68.97 7.34 -15.90
C MET J 12 -68.28 6.44 -14.88
N THR J 13 -68.70 5.17 -14.81
CA THR J 13 -68.06 4.26 -13.86
C THR J 13 -66.59 4.04 -14.22
N ALA J 14 -66.31 3.82 -15.49
CA ALA J 14 -64.92 3.68 -15.93
C ALA J 14 -64.14 4.93 -15.63
N GLN J 15 -64.75 6.10 -15.84
CA GLN J 15 -64.08 7.36 -15.55
C GLN J 15 -63.74 7.48 -14.07
N ARG J 16 -64.68 7.10 -13.19
CA ARG J 16 -64.44 7.19 -11.76
C ARG J 16 -63.30 6.26 -11.34
N TYR J 17 -63.30 5.04 -11.86
CA TYR J 17 -62.23 4.12 -11.47
C TYR J 17 -60.89 4.56 -12.06
N LEU J 18 -60.89 5.13 -13.26
CA LEU J 18 -59.66 5.70 -13.80
C LEU J 18 -59.15 6.85 -12.94
N THR J 19 -60.06 7.69 -12.46
CA THR J 19 -59.67 8.78 -11.58
C THR J 19 -59.06 8.25 -10.28
N LYS J 20 -59.68 7.22 -9.70
CA LYS J 20 -59.11 6.61 -8.50
C LYS J 20 -57.71 6.07 -8.78
N ALA J 21 -57.54 5.38 -9.92
CA ALA J 21 -56.24 4.84 -10.27
C ALA J 21 -55.21 5.96 -10.43
N THR J 22 -55.59 7.05 -11.08
CA THR J 22 -54.66 8.16 -11.28
C THR J 22 -54.28 8.81 -9.95
N GLY J 23 -55.25 8.97 -9.05
CA GLY J 23 -54.93 9.52 -7.74
C GLY J 23 -53.95 8.64 -6.97
N GLU J 24 -54.21 7.34 -6.97
CA GLU J 24 -53.29 6.42 -6.31
C GLU J 24 -51.92 6.48 -6.97
N LEU J 25 -51.89 6.57 -8.30
CA LEU J 25 -50.62 6.66 -9.02
C LEU J 25 -49.84 7.88 -8.61
N ASN J 26 -50.51 9.03 -8.52
CA ASN J 26 -49.83 10.26 -8.13
C ASN J 26 -49.31 10.18 -6.71
N THR J 27 -50.12 9.64 -5.79
CA THR J 27 -49.66 9.51 -4.42
C THR J 27 -48.44 8.59 -4.33
N SER J 28 -48.47 7.46 -5.05
CA SER J 28 -47.33 6.56 -5.04
C SER J 28 -46.10 7.22 -5.64
N MET J 29 -46.29 8.01 -6.71
CA MET J 29 -45.16 8.72 -7.31
C MET J 29 -44.54 9.69 -6.31
N GLU J 30 -45.39 10.42 -5.58
CA GLU J 30 -44.87 11.34 -4.56
C GLU J 30 -44.08 10.57 -3.51
N ARG J 31 -44.65 9.46 -3.03
CA ARG J 31 -43.98 8.69 -1.98
C ARG J 31 -42.64 8.15 -2.47
N LEU J 32 -42.57 7.70 -3.73
CA LEU J 32 -41.30 7.22 -4.27
C LEU J 32 -40.29 8.35 -4.39
N SER J 33 -40.69 9.47 -5.00
CA SER J 33 -39.75 10.57 -5.22
C SER J 33 -39.27 11.18 -3.91
N SER J 34 -40.06 11.12 -2.85
CA SER J 34 -39.73 11.77 -1.60
C SER J 34 -38.94 10.89 -0.65
N GLY J 35 -39.26 9.61 -0.56
CA GLY J 35 -38.70 8.76 0.47
C GLY J 35 -39.40 8.88 1.80
N ASN J 36 -40.40 9.74 1.91
CA ASN J 36 -41.19 9.92 3.13
C ASN J 36 -42.62 9.50 2.83
N ARG J 37 -43.05 8.38 3.42
CA ARG J 37 -44.43 7.93 3.25
C ARG J 37 -45.42 8.99 3.69
N ILE J 38 -45.06 9.83 4.64
CA ILE J 38 -45.96 10.83 5.22
C ILE J 38 -45.49 12.21 4.77
N ASN J 39 -46.33 12.89 3.99
CA ASN J 39 -46.01 14.22 3.49
C ASN J 39 -47.09 15.26 3.72
N SER J 40 -48.27 14.86 4.18
CA SER J 40 -49.34 15.81 4.45
C SER J 40 -50.24 15.26 5.55
N ALA J 41 -50.99 16.17 6.17
CA ALA J 41 -51.85 15.77 7.28
C ALA J 41 -52.90 14.76 6.83
N LYS J 42 -53.50 14.98 5.65
CA LYS J 42 -54.58 14.11 5.21
C LYS J 42 -54.12 12.67 5.05
N ASP J 43 -52.82 12.46 4.82
CA ASP J 43 -52.30 11.10 4.73
C ASP J 43 -52.49 10.36 6.04
N ASP J 44 -51.84 10.83 7.10
CA ASP J 44 -51.96 10.20 8.42
C ASP J 44 -51.62 11.26 9.46
N ALA J 45 -52.64 11.78 10.15
CA ALA J 45 -52.42 12.86 11.10
C ALA J 45 -51.56 12.41 12.28
N ALA J 46 -51.95 11.31 12.93
CA ALA J 46 -51.22 10.85 14.10
C ALA J 46 -49.79 10.46 13.74
N GLY J 47 -49.62 9.76 12.62
CA GLY J 47 -48.28 9.40 12.18
C GLY J 47 -47.44 10.63 11.93
N LEU J 48 -48.01 11.65 11.29
CA LEU J 48 -47.28 12.89 11.05
C LEU J 48 -46.85 13.53 12.36
N GLN J 49 -47.77 13.60 13.32
CA GLN J 49 -47.43 14.22 14.61
C GLN J 49 -46.28 13.48 15.29
N ILE J 50 -46.39 12.15 15.39
CA ILE J 50 -45.37 11.40 16.10
C ILE J 50 -44.04 11.49 15.36
N SER J 51 -44.07 11.42 14.03
CA SER J 51 -42.83 11.50 13.26
C SER J 51 -42.16 12.86 13.41
N ASN J 52 -42.95 13.94 13.39
CA ASN J 52 -42.38 15.26 13.60
C ASN J 52 -41.78 15.38 14.99
N ARG J 53 -42.46 14.84 15.99
CA ARG J 53 -41.91 14.86 17.34
C ARG J 53 -40.58 14.10 17.39
N LEU J 54 -40.51 12.95 16.73
CA LEU J 54 -39.27 12.16 16.74
C LEU J 54 -38.15 12.90 16.01
N THR J 55 -38.48 13.57 14.90
CA THR J 55 -37.45 14.35 14.20
C THR J 55 -36.95 15.50 15.06
N ALA J 56 -37.86 16.18 15.76
CA ALA J 56 -37.43 17.23 16.68
C ALA J 56 -36.53 16.67 17.76
N GLN J 57 -36.88 15.50 18.30
CA GLN J 57 -36.03 14.89 19.32
C GLN J 57 -34.68 14.46 18.74
N SER J 58 -34.64 14.09 17.46
CA SER J 58 -33.36 13.77 16.83
C SER J 58 -32.48 15.02 16.74
N ARG J 59 -33.06 16.14 16.33
CA ARG J 59 -32.30 17.39 16.34
C ARG J 59 -31.83 17.71 17.76
N GLY J 60 -32.70 17.51 18.74
CA GLY J 60 -32.31 17.72 20.12
C GLY J 60 -31.14 16.84 20.54
N LEU J 61 -31.17 15.57 20.15
CA LEU J 61 -30.07 14.67 20.46
C LEU J 61 -28.77 15.14 19.82
N ASP J 62 -28.84 15.58 18.57
CA ASP J 62 -27.63 16.05 17.90
C ASP J 62 -27.04 17.25 18.63
N VAL J 63 -27.87 18.23 18.97
CA VAL J 63 -27.37 19.41 19.67
C VAL J 63 -26.86 19.03 21.05
N ALA J 64 -27.52 18.08 21.72
CA ALA J 64 -27.07 17.65 23.03
C ALA J 64 -25.69 16.98 22.94
N MET J 65 -25.49 16.15 21.92
CA MET J 65 -24.18 15.54 21.72
C MET J 65 -23.12 16.60 21.48
N ARG J 66 -23.46 17.61 20.67
CA ARG J 66 -22.50 18.69 20.43
C ARG J 66 -22.16 19.41 21.72
N ASN J 67 -23.17 19.71 22.55
CA ASN J 67 -22.92 20.41 23.81
C ASN J 67 -22.09 19.56 24.76
N ALA J 68 -22.37 18.26 24.82
CA ALA J 68 -21.58 17.38 25.67
C ALA J 68 -20.13 17.34 25.20
N ASN J 69 -19.91 17.29 23.89
CA ASN J 69 -18.54 17.31 23.38
C ASN J 69 -17.84 18.62 23.71
N ASP J 70 -18.58 19.74 23.63
CA ASP J 70 -17.99 21.02 24.00
C ASP J 70 -17.59 21.05 25.47
N GLY J 71 -18.45 20.53 26.34
CA GLY J 71 -18.08 20.43 27.74
C GLY J 71 -16.88 19.54 27.96
N ILE J 72 -16.80 18.44 27.22
CA ILE J 72 -15.65 17.55 27.32
C ILE J 72 -14.38 18.30 26.93
N SER J 73 -14.44 19.09 25.86
CA SER J 73 -13.26 19.82 25.42
C SER J 73 -12.84 20.87 26.45
N ILE J 74 -13.81 21.59 27.02
CA ILE J 74 -13.47 22.58 28.05
C ILE J 74 -12.80 21.90 29.23
N ALA J 75 -13.37 20.78 29.67
CA ALA J 75 -12.77 20.03 30.78
C ALA J 75 -11.37 19.56 30.41
N GLN J 76 -11.18 19.13 29.17
CA GLN J 76 -9.86 18.65 28.73
C GLN J 76 -8.83 19.76 28.80
N THR J 77 -9.19 20.94 28.30
CA THR J 77 -8.25 22.06 28.34
C THR J 77 -7.93 22.45 29.77
N ALA J 78 -8.95 22.52 30.62
CA ALA J 78 -8.70 22.83 32.03
C ALA J 78 -7.80 21.79 32.66
N GLU J 79 -8.01 20.51 32.34
CA GLU J 79 -7.20 19.45 32.92
C GLU J 79 -5.75 19.57 32.48
N GLY J 80 -5.51 19.91 31.22
CA GLY J 80 -4.14 20.10 30.76
C GLY J 80 -3.46 21.24 31.50
N ALA J 81 -4.15 22.37 31.63
CA ALA J 81 -3.59 23.49 32.38
C ALA J 81 -3.31 23.09 33.82
N MET J 82 -4.22 22.34 34.43
CA MET J 82 -4.01 21.87 35.80
C MET J 82 -2.80 20.97 35.90
N ASN J 83 -2.59 20.10 34.92
CA ASN J 83 -1.42 19.23 34.94
C ASN J 83 -0.13 20.04 34.90
N GLU J 84 -0.08 21.05 34.02
CA GLU J 84 1.12 21.89 33.99
C GLU J 84 1.29 22.63 35.31
N SER J 85 0.19 23.11 35.89
CA SER J 85 0.27 23.81 37.16
C SER J 85 0.80 22.91 38.28
N THR J 86 0.36 21.66 38.30
CA THR J 86 0.84 20.74 39.33
C THR J 86 2.31 20.40 39.11
N SER J 87 2.76 20.34 37.85
CA SER J 87 4.19 20.21 37.61
C SER J 87 4.96 21.39 38.18
N ILE J 88 4.43 22.61 37.97
CA ILE J 88 5.06 23.79 38.54
C ILE J 88 5.14 23.68 40.06
N LEU J 89 4.04 23.25 40.68
CA LEU J 89 4.00 23.16 42.13
C LEU J 89 4.99 22.11 42.65
N GLN J 90 5.12 20.99 41.95
CA GLN J 90 6.11 20.00 42.34
C GLN J 90 7.52 20.58 42.27
N ARG J 91 7.81 21.32 41.20
CA ARG J 91 9.14 21.94 41.10
C ARG J 91 9.36 22.92 42.24
N MET J 92 8.34 23.70 42.60
CA MET J 92 8.48 24.64 43.71
C MET J 92 8.70 23.91 45.02
N ARG J 93 8.02 22.78 45.23
CA ARG J 93 8.25 21.98 46.42
C ARG J 93 9.69 21.50 46.48
N ASP J 94 10.22 21.03 45.35
CA ASP J 94 11.61 20.60 45.32
C ASP J 94 12.54 21.77 45.67
N LEU J 95 12.26 22.95 45.12
CA LEU J 95 13.07 24.13 45.42
C LEU J 95 13.05 24.42 46.92
N ALA J 96 11.87 24.41 47.52
CA ALA J 96 11.78 24.71 48.96
C ALA J 96 12.53 23.67 49.78
N LEU J 97 12.37 22.39 49.44
CA LEU J 97 13.08 21.35 50.19
C LEU J 97 14.59 21.52 50.06
N GLN J 98 15.07 21.87 48.86
CA GLN J 98 16.49 22.11 48.70
C GLN J 98 16.94 23.31 49.54
N SER J 99 16.11 24.35 49.60
CA SER J 99 16.46 25.52 50.41
C SER J 99 16.51 25.17 51.88
N ALA J 100 15.71 24.21 52.32
CA ALA J 100 15.65 23.87 53.75
C ALA J 100 17.00 23.39 54.28
N ASN J 101 17.74 22.64 53.47
CA ASN J 101 19.00 22.05 53.94
C ASN J 101 19.85 23.09 54.66
N GLY J 102 20.55 22.64 55.70
CA GLY J 102 21.27 23.58 56.56
C GLY J 102 22.38 24.31 55.86
N THR J 103 23.19 23.60 55.07
CA THR J 103 24.37 24.18 54.44
C THR J 103 23.95 24.90 53.16
N ASN J 104 23.46 26.13 53.33
CA ASN J 104 23.07 26.96 52.19
C ASN J 104 23.52 28.40 52.30
N SER J 105 24.07 28.85 53.43
CA SER J 105 24.51 30.24 53.60
C SER J 105 23.30 31.12 53.30
N ALA J 106 23.44 32.19 52.53
CA ALA J 106 22.32 33.07 52.21
C ALA J 106 22.12 33.28 50.72
N SER J 107 23.20 33.38 49.94
CA SER J 107 23.06 33.66 48.53
C SER J 107 22.32 32.53 47.81
N GLU J 108 22.62 31.28 48.15
CA GLU J 108 21.89 30.17 47.57
C GLU J 108 20.39 30.31 47.82
N ARG J 109 20.02 30.74 49.02
CA ARG J 109 18.61 30.95 49.32
C ARG J 109 18.03 32.06 48.45
N GLN J 110 18.81 33.11 48.18
CA GLN J 110 18.33 34.16 47.29
C GLN J 110 18.08 33.63 45.89
N ALA J 111 18.99 32.81 45.37
CA ALA J 111 18.78 32.24 44.03
C ALA J 111 17.55 31.32 44.01
N LEU J 112 17.40 30.49 45.03
CA LEU J 112 16.24 29.62 45.11
C LEU J 112 14.95 30.44 45.19
N ASN J 113 14.99 31.55 45.93
CA ASN J 113 13.82 32.42 46.03
C ASN J 113 13.51 33.08 44.69
N GLU J 114 14.55 33.46 43.94
CA GLU J 114 14.31 34.03 42.61
C GLU J 114 13.63 33.01 41.71
N GLU J 115 14.11 31.77 41.73
CA GLU J 115 13.45 30.72 40.95
C GLU J 115 12.01 30.52 41.41
N SER J 116 11.80 30.54 42.73
CA SER J 116 10.46 30.32 43.27
C SER J 116 9.51 31.43 42.86
N VAL J 117 9.97 32.68 42.90
CA VAL J 117 9.11 33.80 42.52
C VAL J 117 8.83 33.75 41.03
N ALA J 118 9.81 33.35 40.22
CA ALA J 118 9.56 33.16 38.80
C ALA J 118 8.45 32.12 38.59
N LEU J 119 8.56 30.98 39.28
CA LEU J 119 7.53 29.96 39.15
C LEU J 119 6.18 30.44 39.67
N GLN J 120 6.18 31.29 40.70
CA GLN J 120 4.94 31.83 41.23
C GLN J 120 4.25 32.72 40.21
N ASP J 121 5.02 33.61 39.58
CA ASP J 121 4.45 34.44 38.52
C ASP J 121 4.01 33.60 37.34
N GLU J 122 4.71 32.49 37.07
CA GLU J 122 4.26 31.58 36.03
C GLU J 122 2.92 30.95 36.39
N LEU J 123 2.74 30.56 37.64
CA LEU J 123 1.46 30.03 38.09
C LEU J 123 0.36 31.07 37.91
N ASN J 124 0.64 32.31 38.29
CA ASN J 124 -0.34 33.37 38.09
C ASN J 124 -0.68 33.55 36.62
N ARG J 125 0.34 33.52 35.75
CA ARG J 125 0.11 33.67 34.33
C ARG J 125 -0.76 32.54 33.80
N ILE J 126 -0.49 31.31 34.23
CA ILE J 126 -1.31 30.18 33.80
C ILE J 126 -2.74 30.38 34.26
N ALA J 127 -2.93 30.74 35.54
CA ALA J 127 -4.27 30.92 36.06
C ALA J 127 -5.02 32.02 35.31
N GLU J 128 -4.30 33.02 34.81
CA GLU J 128 -4.93 34.18 34.19
C GLU J 128 -4.98 34.11 32.67
N THR J 129 -4.36 33.12 32.04
CA THR J 129 -4.15 33.13 30.59
C THR J 129 -4.84 32.00 29.85
N THR J 130 -4.84 30.77 30.37
CA THR J 130 -5.44 29.67 29.64
C THR J 130 -6.91 29.97 29.38
N SER J 131 -7.33 29.82 28.12
CA SER J 131 -8.66 30.21 27.72
C SER J 131 -9.12 29.34 26.56
N PHE J 132 -10.42 29.09 26.53
CA PHE J 132 -11.04 28.33 25.45
C PHE J 132 -11.71 29.31 24.49
N GLY J 133 -10.88 29.88 23.61
CA GLY J 133 -11.37 30.83 22.62
C GLY J 133 -11.92 32.10 23.24
N GLY J 134 -11.19 32.67 24.18
CA GLY J 134 -11.59 33.92 24.83
C GLY J 134 -12.38 33.75 26.10
N ARG J 135 -12.61 32.51 26.54
CA ARG J 135 -13.37 32.23 27.76
C ARG J 135 -12.36 31.77 28.82
N LYS J 136 -11.96 32.70 29.69
CA LYS J 136 -11.00 32.37 30.72
C LYS J 136 -11.53 31.23 31.58
N LEU J 137 -10.67 30.23 31.84
CA LEU J 137 -11.08 29.02 32.53
C LEU J 137 -10.72 29.03 34.01
N LEU J 138 -9.43 29.19 34.33
CA LEU J 138 -8.94 29.03 35.69
C LEU J 138 -8.64 30.37 36.37
N ASN J 139 -9.11 31.47 35.80
CA ASN J 139 -8.87 32.79 36.40
C ASN J 139 -9.90 33.13 37.47
N GLY J 140 -10.85 32.24 37.74
CA GLY J 140 -11.84 32.46 38.76
C GLY J 140 -13.15 33.07 38.29
N SER J 141 -13.34 33.20 36.98
CA SER J 141 -14.54 33.83 36.44
C SER J 141 -15.56 32.83 35.92
N PHE J 142 -15.13 31.60 35.62
CA PHE J 142 -16.04 30.64 35.01
C PHE J 142 -17.22 30.33 35.93
N GLY J 143 -16.93 29.97 37.18
CA GLY J 143 -18.00 29.66 38.10
C GLY J 143 -18.79 28.44 37.65
N GLU J 144 -19.99 28.32 38.21
CA GLU J 144 -20.89 27.23 37.85
C GLU J 144 -21.53 27.54 36.50
N ALA J 145 -21.40 26.62 35.55
CA ALA J 145 -21.97 26.76 34.23
C ALA J 145 -22.66 25.48 33.82
N SER J 146 -23.74 25.61 33.06
CA SER J 146 -24.55 24.47 32.63
C SER J 146 -24.08 23.97 31.27
N PHE J 147 -24.58 22.80 30.90
CA PHE J 147 -24.27 22.19 29.61
C PHE J 147 -25.45 21.30 29.24
N GLN J 148 -26.33 21.81 28.39
CA GLN J 148 -27.50 21.04 27.96
C GLN J 148 -27.05 19.77 27.24
N ILE J 149 -27.37 18.61 27.83
CA ILE J 149 -27.01 17.32 27.26
C ILE J 149 -28.25 16.46 27.15
N GLY J 150 -29.41 17.08 26.96
CA GLY J 150 -30.66 16.34 26.86
C GLY J 150 -31.52 16.90 25.75
N SER J 151 -32.37 16.03 25.19
CA SER J 151 -33.24 16.44 24.09
C SER J 151 -34.22 17.52 24.55
N SER J 152 -34.89 17.29 25.66
CA SER J 152 -35.90 18.21 26.15
C SER J 152 -35.24 19.31 26.98
N SER J 153 -36.05 20.13 27.65
CA SER J 153 -35.58 21.21 28.49
C SER J 153 -35.60 20.75 29.95
N GLY J 154 -34.47 20.85 30.62
CA GLY J 154 -34.36 20.44 32.01
C GLY J 154 -33.27 19.42 32.25
N GLU J 155 -32.33 19.32 31.32
CA GLU J 155 -31.18 18.43 31.45
C GLU J 155 -29.92 19.27 31.33
N ALA J 156 -29.05 19.18 32.34
CA ALA J 156 -27.83 19.98 32.35
C ALA J 156 -26.84 19.49 33.40
N ILE J 157 -25.58 19.36 33.01
CA ILE J 157 -24.51 19.03 33.94
C ILE J 157 -23.82 20.32 34.35
N ILE J 158 -23.76 20.56 35.65
CA ILE J 158 -23.15 21.77 36.21
C ILE J 158 -21.67 21.51 36.37
N MET J 159 -20.85 22.35 35.75
CA MET J 159 -19.40 22.28 35.87
C MET J 159 -18.86 23.59 36.43
N GLY J 160 -17.90 23.48 37.34
CA GLY J 160 -17.29 24.65 37.94
C GLY J 160 -15.79 24.51 38.07
N LEU J 161 -15.06 25.57 37.71
CA LEU J 161 -13.60 25.56 37.73
C LEU J 161 -13.14 26.68 38.68
N THR J 162 -12.81 26.32 39.90
CA THR J 162 -12.30 27.29 40.86
C THR J 162 -10.95 27.84 40.39
N SER J 163 -10.68 29.08 40.75
CA SER J 163 -9.47 29.75 40.29
C SER J 163 -8.23 29.04 40.80
N VAL J 164 -7.17 29.07 40.00
CA VAL J 164 -5.91 28.41 40.33
C VAL J 164 -4.84 29.41 40.71
N ARG J 165 -5.14 30.71 40.66
CA ARG J 165 -4.16 31.72 41.04
C ARG J 165 -3.47 31.35 42.34
N ALA J 166 -2.20 31.74 42.46
CA ALA J 166 -1.43 31.39 43.64
C ALA J 166 -1.96 32.05 44.91
N ASP J 167 -2.83 33.05 44.79
CA ASP J 167 -3.36 33.75 45.95
C ASP J 167 -4.75 33.27 46.34
N ASP J 168 -5.26 32.21 45.71
CA ASP J 168 -6.55 31.66 46.12
C ASP J 168 -6.46 31.13 47.54
N PHE J 169 -7.52 31.36 48.32
CA PHE J 169 -7.48 30.97 49.72
C PHE J 169 -7.42 29.45 49.91
N ARG J 170 -7.82 28.69 48.90
CA ARG J 170 -7.72 27.23 48.99
C ARG J 170 -6.28 26.75 48.80
N MET J 171 -5.42 27.56 48.18
CA MET J 171 -4.03 27.18 47.92
C MET J 171 -3.16 27.62 49.11
N GLY J 172 -3.38 26.96 50.22
CA GLY J 172 -2.65 27.25 51.44
C GLY J 172 -3.50 26.95 52.66
N GLY J 173 -3.39 27.81 53.67
CA GLY J 173 -4.16 27.64 54.88
C GLY J 173 -3.72 28.58 55.99
N GLN J 174 -3.55 28.03 57.20
CA GLN J 174 -3.19 28.82 58.37
C GLN J 174 -1.83 28.38 58.90
N SER J 175 -1.14 29.30 59.57
CA SER J 175 0.16 29.02 60.16
C SER J 175 0.21 29.60 61.56
N PHE J 176 0.86 28.88 62.47
CA PHE J 176 1.06 29.32 63.84
C PHE J 176 2.53 29.12 64.22
N ILE J 177 3.07 30.04 65.00
CA ILE J 177 4.47 30.03 65.38
C ILE J 177 4.56 30.12 66.89
N ALA J 178 5.39 29.27 67.49
CA ALA J 178 5.64 29.32 68.92
C ALA J 178 6.43 30.57 69.26
N GLU J 179 6.15 31.13 70.44
CA GLU J 179 6.76 32.38 70.87
C GLU J 179 8.03 32.20 71.68
N GLN J 180 8.45 30.95 71.91
CA GLN J 180 9.64 30.67 72.72
C GLN J 180 10.66 29.90 71.88
N PRO J 181 11.69 30.54 71.35
CA PRO J 181 12.73 29.78 70.64
C PRO J 181 13.38 28.77 71.59
N LYS J 182 13.69 27.61 71.06
CA LYS J 182 14.26 26.51 71.84
C LYS J 182 15.64 26.18 71.29
N THR J 183 16.65 26.32 72.13
CA THR J 183 18.02 26.07 71.71
C THR J 183 18.23 24.59 71.43
N LYS J 184 19.41 24.26 70.92
CA LYS J 184 19.70 22.88 70.54
C LYS J 184 19.62 21.96 71.74
N GLU J 185 20.04 22.45 72.92
CA GLU J 185 20.00 21.62 74.11
C GLU J 185 18.57 21.24 74.48
N TRP J 186 17.68 22.22 74.53
CA TRP J 186 16.37 22.03 75.15
C TRP J 186 15.70 20.76 74.67
N GLY J 187 15.24 19.95 75.61
CA GLY J 187 14.42 18.79 75.34
C GLY J 187 13.04 18.95 75.95
N VAL J 188 12.20 17.96 75.69
CA VAL J 188 10.83 17.96 76.21
C VAL J 188 10.87 17.60 77.69
N PRO J 189 10.43 18.47 78.59
CA PRO J 189 10.44 18.12 80.02
C PRO J 189 9.57 16.91 80.29
N PRO J 190 9.97 16.03 81.20
CA PRO J 190 9.12 14.87 81.52
C PRO J 190 7.75 15.26 82.07
N THR J 191 7.66 16.37 82.80
CA THR J 191 6.38 16.73 83.42
C THR J 191 5.37 17.19 82.37
N ALA J 192 5.79 18.06 81.45
CA ALA J 192 4.91 18.60 80.42
C ALA J 192 5.15 17.83 79.13
N ARG J 193 4.24 16.92 78.81
CA ARG J 193 4.37 16.11 77.59
C ARG J 193 3.12 16.22 76.74
N ASP J 194 1.95 16.34 77.37
CA ASP J 194 0.69 16.34 76.65
C ASP J 194 0.57 17.59 75.77
N LEU J 195 -0.17 17.46 74.68
CA LEU J 195 -0.37 18.55 73.74
C LEU J 195 -1.64 18.24 72.96
N LYS J 196 -2.68 19.04 73.17
CA LYS J 196 -4.00 18.75 72.65
C LYS J 196 -4.43 19.82 71.65
N PHE J 197 -5.08 19.38 70.58
CA PHE J 197 -5.61 20.27 69.54
C PHE J 197 -7.11 20.03 69.40
N GLU J 198 -7.89 21.11 69.49
CA GLU J 198 -9.29 21.11 69.11
C GLU J 198 -9.47 21.95 67.85
N PHE J 199 -10.27 21.46 66.91
CA PHE J 199 -10.69 22.31 65.80
C PHE J 199 -11.84 21.63 65.07
N THR J 200 -12.26 22.23 63.97
CA THR J 200 -13.38 21.73 63.17
C THR J 200 -12.96 21.73 61.70
N LYS J 201 -12.88 20.55 61.10
CA LYS J 201 -12.53 20.45 59.70
C LYS J 201 -13.54 21.25 58.86
N LYS J 202 -13.19 21.46 57.60
CA LYS J 202 -14.08 22.20 56.71
C LYS J 202 -15.41 21.47 56.53
N ASP J 203 -15.39 20.14 56.60
CA ASP J 203 -16.62 19.37 56.45
C ASP J 203 -17.59 19.59 57.61
N GLY J 204 -17.12 20.16 58.71
CA GLY J 204 -17.93 20.36 59.90
C GLY J 204 -17.66 19.37 61.01
N GLU J 205 -16.92 18.29 60.73
CA GLU J 205 -16.61 17.31 61.75
C GLU J 205 -15.57 17.85 62.72
N ALA J 206 -15.92 17.89 64.00
CA ALA J 206 -14.98 18.34 65.02
C ALA J 206 -13.88 17.30 65.22
N VAL J 207 -12.65 17.77 65.34
CA VAL J 207 -11.48 16.92 65.45
C VAL J 207 -10.71 17.28 66.72
N VAL J 208 -10.31 16.26 67.47
CA VAL J 208 -9.52 16.41 68.69
C VAL J 208 -8.30 15.51 68.57
N LEU J 209 -7.13 16.05 68.88
CA LEU J 209 -5.88 15.31 68.88
C LEU J 209 -5.22 15.44 70.24
N ASP J 210 -4.61 14.36 70.71
CA ASP J 210 -4.09 14.26 72.07
C ASP J 210 -2.63 13.82 72.06
N ILE J 211 -1.80 14.50 71.27
CA ILE J 211 -0.42 14.04 71.08
C ILE J 211 0.32 14.10 72.40
N ILE J 212 0.98 12.99 72.75
CA ILE J 212 1.81 12.92 73.94
C ILE J 212 3.25 12.79 73.46
N ALA J 213 3.97 13.91 73.46
CA ALA J 213 5.34 13.93 72.98
C ALA J 213 6.25 13.17 73.95
N LYS J 214 7.10 12.30 73.41
CA LYS J 214 8.03 11.55 74.24
C LYS J 214 9.04 12.49 74.88
N ASP J 215 9.42 12.18 76.12
CA ASP J 215 10.34 13.02 76.86
C ASP J 215 11.74 12.92 76.28
N GLY J 216 12.55 13.96 76.54
CA GLY J 216 13.93 13.97 76.12
C GLY J 216 14.13 14.02 74.62
N ASP J 217 13.39 14.87 73.92
CA ASP J 217 13.50 15.04 72.48
C ASP J 217 13.77 16.51 72.17
N ASP J 218 14.78 16.75 71.33
CA ASP J 218 15.02 18.11 70.88
C ASP J 218 13.86 18.57 69.99
N ILE J 219 13.83 19.88 69.72
CA ILE J 219 12.65 20.47 69.07
C ILE J 219 12.39 19.80 67.73
N GLU J 220 13.45 19.50 66.96
CA GLU J 220 13.25 18.87 65.67
C GLU J 220 12.60 17.49 65.81
N GLU J 221 13.03 16.72 66.80
CA GLU J 221 12.42 15.41 67.03
C GLU J 221 10.94 15.56 67.38
N LEU J 222 10.61 16.56 68.19
CA LEU J 222 9.21 16.80 68.53
C LEU J 222 8.39 17.16 67.29
N ALA J 223 8.97 17.99 66.42
CA ALA J 223 8.27 18.35 65.19
C ALA J 223 8.02 17.12 64.33
N THR J 224 9.05 16.28 64.18
CA THR J 224 8.89 15.06 63.39
C THR J 224 7.84 14.14 64.00
N TYR J 225 7.84 14.03 65.33
CA TYR J 225 6.86 13.18 66.01
C TYR J 225 5.44 13.67 65.77
N ILE J 226 5.21 14.97 65.95
CA ILE J 226 3.88 15.53 65.72
C ILE J 226 3.48 15.32 64.27
N ASN J 227 4.40 15.54 63.34
CA ASN J 227 4.12 15.30 61.93
C ASN J 227 3.65 13.86 61.73
N GLY J 228 4.37 12.91 62.34
CA GLY J 228 4.04 11.51 62.13
C GLY J 228 2.69 11.12 62.71
N GLN J 229 2.36 11.67 63.89
CA GLN J 229 1.15 11.22 64.58
C GLN J 229 -0.12 11.55 63.80
N THR J 230 -0.20 12.75 63.22
CA THR J 230 -1.43 13.22 62.60
C THR J 230 -1.18 13.62 61.14
N ASP J 231 -2.22 13.46 60.33
CA ASP J 231 -2.16 13.79 58.92
C ASP J 231 -2.88 15.10 58.57
N LEU J 232 -3.37 15.83 59.57
CA LEU J 232 -4.01 17.11 59.36
C LEU J 232 -3.09 18.28 59.67
N PHE J 233 -1.80 18.01 59.89
CA PHE J 233 -0.83 19.00 60.34
C PHE J 233 0.42 18.92 59.47
N LYS J 234 1.29 19.91 59.64
CA LYS J 234 2.67 19.84 59.17
C LYS J 234 3.51 20.65 60.16
N ALA J 235 4.02 19.96 61.18
CA ALA J 235 4.91 20.61 62.13
C ALA J 235 6.27 20.88 61.50
N SER J 236 6.98 21.85 62.07
CA SER J 236 8.27 22.25 61.52
C SER J 236 9.05 23.02 62.59
N VAL J 237 10.22 23.50 62.21
CA VAL J 237 11.07 24.29 63.10
C VAL J 237 11.86 25.28 62.26
N ASP J 238 11.78 26.55 62.63
CA ASP J 238 12.44 27.61 61.88
C ASP J 238 13.87 27.78 62.38
N GLN J 239 14.55 28.84 61.93
CA GLN J 239 15.95 29.02 62.26
C GLN J 239 16.16 29.21 63.75
N GLU J 240 15.24 29.92 64.41
CA GLU J 240 15.39 30.23 65.83
C GLU J 240 14.90 29.10 66.73
N GLY J 241 14.38 28.02 66.17
CA GLY J 241 13.87 26.91 66.95
C GLY J 241 12.40 27.00 67.30
N LYS J 242 11.74 28.11 66.99
CA LYS J 242 10.31 28.23 67.24
C LYS J 242 9.56 27.18 66.43
N LEU J 243 8.65 26.46 67.07
CA LEU J 243 7.90 25.42 66.39
C LEU J 243 6.85 26.04 65.48
N GLN J 244 6.82 25.60 64.22
CA GLN J 244 5.84 26.07 63.25
C GLN J 244 4.81 24.97 63.02
N ILE J 245 3.54 25.31 63.13
CA ILE J 245 2.44 24.40 62.82
C ILE J 245 1.65 25.00 61.68
N PHE J 246 1.63 24.31 60.54
CA PHE J 246 0.87 24.74 59.38
C PHE J 246 -0.30 23.79 59.19
N VAL J 247 -1.45 24.36 58.84
CA VAL J 247 -2.69 23.61 58.71
C VAL J 247 -3.32 23.93 57.37
N ALA J 248 -3.68 22.89 56.62
CA ALA J 248 -4.25 23.08 55.30
C ALA J 248 -5.60 23.77 55.38
N GLU J 249 -5.95 24.49 54.30
CA GLU J 249 -7.18 25.26 54.29
C GLU J 249 -8.42 24.38 54.43
N PRO J 250 -8.59 23.31 53.65
CA PRO J 250 -9.79 22.48 53.78
C PRO J 250 -9.86 21.65 55.06
N ASN J 251 -8.90 21.82 55.98
CA ASN J 251 -8.86 21.02 57.19
C ASN J 251 -9.29 21.77 58.44
N ILE J 252 -9.60 23.06 58.34
CA ILE J 252 -10.13 23.82 59.48
C ILE J 252 -11.04 24.92 58.97
N GLU J 253 -11.91 25.39 59.86
CA GLU J 253 -12.71 26.58 59.63
C GLU J 253 -12.69 27.41 60.91
N GLY J 254 -12.68 28.72 60.76
CA GLY J 254 -12.69 29.58 61.95
C GLY J 254 -11.45 29.37 62.80
N ASN J 255 -11.67 29.15 64.09
CA ASN J 255 -10.60 29.11 65.07
C ASN J 255 -10.06 27.69 65.24
N PHE J 256 -8.83 27.60 65.72
CA PHE J 256 -8.15 26.33 65.99
C PHE J 256 -7.28 26.55 67.21
N ASN J 257 -7.60 25.87 68.31
CA ASN J 257 -7.02 26.15 69.60
C ASN J 257 -6.12 25.01 70.07
N ILE J 258 -5.05 25.38 70.77
CA ILE J 258 -4.07 24.42 71.26
C ILE J 258 -3.99 24.56 72.78
N SER J 259 -4.11 23.44 73.48
CA SER J 259 -3.99 23.41 74.94
C SER J 259 -2.93 22.39 75.35
N GLY J 260 -2.82 22.14 76.65
CA GLY J 260 -1.86 21.19 77.16
C GLY J 260 -0.62 21.86 77.69
N GLY J 261 0.08 21.15 78.58
CA GLY J 261 1.27 21.71 79.20
C GLY J 261 2.35 22.07 78.20
N LEU J 262 2.61 21.18 77.24
CA LEU J 262 3.64 21.45 76.25
C LEU J 262 3.31 22.67 75.41
N ALA J 263 2.02 22.92 75.16
CA ALA J 263 1.64 24.10 74.41
C ALA J 263 2.07 25.37 75.12
N THR J 264 1.86 25.43 76.45
CA THR J 264 2.31 26.58 77.22
C THR J 264 3.83 26.62 77.30
N GLU J 265 4.48 25.46 77.42
CA GLU J 265 5.93 25.43 77.50
C GLU J 265 6.57 26.01 76.25
N LEU J 266 6.05 25.63 75.08
CA LEU J 266 6.59 26.14 73.83
C LEU J 266 6.20 27.59 73.57
N GLY J 267 5.22 28.11 74.29
CA GLY J 267 4.68 29.41 74.01
C GLY J 267 3.68 29.47 72.87
N LEU J 268 3.36 28.33 72.28
CA LEU J 268 2.41 28.29 71.18
C LEU J 268 1.03 28.74 71.66
N ASN J 269 0.38 29.58 70.86
CA ASN J 269 -0.92 30.17 71.21
C ASN J 269 -1.89 29.88 70.07
N GLY J 270 -2.62 28.77 70.18
CA GLY J 270 -3.61 28.42 69.19
C GLY J 270 -4.66 29.50 69.03
N GLY J 271 -4.93 29.88 67.79
CA GLY J 271 -5.87 30.95 67.52
C GLY J 271 -6.25 31.01 66.05
N PRO J 272 -6.75 32.16 65.59
CA PRO J 272 -7.13 32.27 64.18
C PRO J 272 -5.97 31.99 63.23
N GLY J 273 -4.74 32.34 63.62
CA GLY J 273 -3.57 32.02 62.84
C GLY J 273 -3.31 33.02 61.73
N VAL J 274 -2.12 32.89 61.14
CA VAL J 274 -1.71 33.74 60.03
C VAL J 274 -2.11 33.06 58.73
N LYS J 275 -2.88 33.76 57.91
CA LYS J 275 -3.30 33.23 56.62
C LYS J 275 -2.12 33.20 55.67
N THR J 276 -1.90 32.07 55.01
CA THR J 276 -0.80 31.91 54.06
C THR J 276 -1.31 31.21 52.82
N THR J 277 -0.80 31.63 51.67
CA THR J 277 -1.12 31.03 50.38
C THR J 277 0.18 30.85 49.59
N VAL J 278 0.07 30.21 48.43
CA VAL J 278 1.26 29.94 47.64
C VAL J 278 1.96 31.25 47.28
N GLN J 279 1.18 32.29 47.00
CA GLN J 279 1.78 33.58 46.64
C GLN J 279 2.66 34.12 47.75
N ASP J 280 2.26 33.95 49.00
CA ASP J 280 2.98 34.49 50.14
C ASP J 280 4.19 33.66 50.53
N ILE J 281 4.66 32.76 49.67
CA ILE J 281 5.78 31.90 50.01
C ILE J 281 7.08 32.70 49.96
N ASP J 282 7.89 32.57 51.00
CA ASP J 282 9.22 33.16 51.03
C ASP J 282 10.17 32.15 51.66
N ILE J 283 11.21 31.76 50.92
CA ILE J 283 12.12 30.71 51.35
C ILE J 283 13.50 31.28 51.71
N THR J 284 13.58 32.59 51.97
CA THR J 284 14.85 33.19 52.35
C THR J 284 15.30 32.78 53.74
N SER J 285 14.43 32.13 54.51
CA SER J 285 14.77 31.65 55.84
C SER J 285 14.32 30.20 55.98
N VAL J 286 14.95 29.49 56.90
CA VAL J 286 14.68 28.05 57.06
C VAL J 286 13.20 27.84 57.34
N GLY J 287 12.66 28.57 58.31
CA GLY J 287 11.23 28.46 58.58
C GLY J 287 10.39 28.75 57.37
N GLY J 288 10.83 29.68 56.52
CA GLY J 288 10.12 29.94 55.29
C GLY J 288 10.02 28.71 54.41
N SER J 289 11.14 28.01 54.22
CA SER J 289 11.12 26.80 53.41
C SER J 289 10.26 25.72 54.04
N GLN J 290 10.34 25.57 55.36
CA GLN J 290 9.57 24.54 56.03
C GLN J 290 8.07 24.80 55.88
N ASN J 291 7.65 26.06 56.02
CA ASN J 291 6.25 26.40 55.79
C ASN J 291 5.87 26.22 54.33
N ALA J 292 6.79 26.55 53.41
CA ALA J 292 6.51 26.42 51.99
C ALA J 292 6.24 24.96 51.62
N VAL J 293 6.95 24.03 52.27
CA VAL J 293 6.73 22.62 51.96
C VAL J 293 5.27 22.26 52.22
N GLY J 294 4.75 22.61 53.39
CA GLY J 294 3.36 22.31 53.70
C GLY J 294 2.39 23.07 52.82
N ILE J 295 2.71 24.33 52.50
CA ILE J 295 1.81 25.12 51.68
C ILE J 295 1.68 24.49 50.29
N ILE J 296 2.80 24.08 49.71
CA ILE J 296 2.75 23.40 48.41
C ILE J 296 2.05 22.06 48.53
N ASP J 297 2.21 21.36 49.65
CA ASP J 297 1.49 20.10 49.81
C ASP J 297 -0.02 20.34 49.75
N ALA J 298 -0.49 21.36 50.47
CA ALA J 298 -1.91 21.67 50.45
C ALA J 298 -2.37 22.10 49.06
N ALA J 299 -1.58 22.93 48.39
CA ALA J 299 -1.95 23.37 47.05
C ALA J 299 -2.02 22.20 46.09
N LEU J 300 -1.06 21.28 46.17
CA LEU J 300 -1.08 20.09 45.33
C LEU J 300 -2.32 19.25 45.60
N LYS J 301 -2.66 19.08 46.87
CA LYS J 301 -3.86 18.32 47.20
C LYS J 301 -5.09 18.96 46.58
N TYR J 302 -5.22 20.28 46.70
CA TYR J 302 -6.39 20.98 46.16
C TYR J 302 -6.44 20.86 44.64
N VAL J 303 -5.31 21.06 43.96
CA VAL J 303 -5.30 20.99 42.50
C VAL J 303 -5.62 19.57 42.04
N ASP J 304 -5.06 18.57 42.70
CA ASP J 304 -5.36 17.19 42.31
C ASP J 304 -6.82 16.86 42.57
N SER J 305 -7.41 17.40 43.63
CA SER J 305 -8.83 17.19 43.86
C SER J 305 -9.66 17.79 42.74
N GLN J 306 -9.33 19.01 42.32
CA GLN J 306 -10.08 19.61 41.21
C GLN J 306 -9.87 18.81 39.93
N ARG J 307 -8.67 18.32 39.69
CA ARG J 307 -8.42 17.49 38.51
C ARG J 307 -9.25 16.22 38.55
N ALA J 308 -9.37 15.59 39.73
CA ALA J 308 -10.20 14.40 39.85
C ALA J 308 -11.65 14.73 39.57
N ASP J 309 -12.12 15.88 40.06
CA ASP J 309 -13.49 16.29 39.76
C ASP J 309 -13.69 16.47 38.25
N LEU J 310 -12.72 17.10 37.59
CA LEU J 310 -12.83 17.29 36.15
C LEU J 310 -12.82 15.96 35.41
N GLY J 311 -11.99 15.01 35.86
CA GLY J 311 -11.99 13.70 35.25
C GLY J 311 -13.31 12.97 35.43
N ALA J 312 -13.91 13.09 36.61
CA ALA J 312 -15.23 12.52 36.82
C ALA J 312 -16.25 13.13 35.89
N LYS J 313 -16.20 14.45 35.71
CA LYS J 313 -17.12 15.11 34.79
C LYS J 313 -16.90 14.63 33.36
N GLN J 314 -15.63 14.45 32.96
CA GLN J 314 -15.34 13.99 31.61
C GLN J 314 -15.87 12.59 31.37
N ASN J 315 -15.68 11.69 32.34
CA ASN J 315 -16.22 10.34 32.21
C ASN J 315 -17.74 10.37 32.15
N ARG J 316 -18.36 11.20 32.99
CA ARG J 316 -19.81 11.33 32.96
C ARG J 316 -20.29 11.79 31.58
N LEU J 317 -19.62 12.78 31.01
CA LEU J 317 -20.02 13.27 29.70
C LEU J 317 -19.77 12.26 28.60
N SER J 318 -18.71 11.47 28.71
CA SER J 318 -18.48 10.42 27.72
C SER J 318 -19.60 9.38 27.76
N HIS J 319 -19.97 8.95 28.96
CA HIS J 319 -21.09 8.01 29.09
C HIS J 319 -22.37 8.62 28.54
N SER J 320 -22.62 9.88 28.85
CA SER J 320 -23.81 10.54 28.35
C SER J 320 -23.80 10.61 26.83
N ILE J 321 -22.66 10.91 26.23
CA ILE J 321 -22.58 10.98 24.78
C ILE J 321 -22.89 9.62 24.16
N SER J 322 -22.31 8.56 24.72
CA SER J 322 -22.57 7.23 24.17
C SER J 322 -24.05 6.89 24.26
N ASN J 323 -24.66 7.14 25.42
CA ASN J 323 -26.08 6.83 25.57
C ASN J 323 -26.94 7.68 24.64
N LEU J 324 -26.60 8.96 24.49
CA LEU J 324 -27.36 9.83 23.60
C LEU J 324 -27.27 9.34 22.16
N SER J 325 -26.08 8.92 21.73
CA SER J 325 -25.94 8.41 20.37
C SER J 325 -26.77 7.16 20.17
N ASN J 326 -26.75 6.24 21.15
CA ASN J 326 -27.56 5.03 21.02
C ASN J 326 -29.05 5.36 20.95
N ILE J 327 -29.52 6.26 21.81
CA ILE J 327 -30.93 6.63 21.79
C ILE J 327 -31.29 7.30 20.49
N GLN J 328 -30.39 8.13 19.95
CA GLN J 328 -30.64 8.79 18.68
C GLN J 328 -30.75 7.76 17.56
N GLU J 329 -29.89 6.74 17.58
CA GLU J 329 -29.99 5.69 16.57
C GLU J 329 -31.33 4.96 16.66
N ASN J 330 -31.75 4.63 17.89
CA ASN J 330 -33.03 3.96 18.05
C ASN J 330 -34.18 4.82 17.57
N VAL J 331 -34.14 6.11 17.90
CA VAL J 331 -35.21 7.02 17.47
C VAL J 331 -35.20 7.18 15.96
N GLU J 332 -34.01 7.17 15.35
CA GLU J 332 -33.94 7.22 13.89
C GLU J 332 -34.59 5.99 13.28
N ALA J 333 -34.31 4.81 13.84
CA ALA J 333 -34.93 3.60 13.33
C ALA J 333 -36.45 3.70 13.42
N SER J 334 -36.95 4.12 14.59
CA SER J 334 -38.40 4.22 14.76
C SER J 334 -39.01 5.24 13.81
N LYS J 335 -38.37 6.40 13.67
CA LYS J 335 -38.87 7.43 12.77
C LYS J 335 -38.90 6.93 11.34
N SER J 336 -37.85 6.23 10.91
CA SER J 336 -37.83 5.69 9.56
C SER J 336 -38.97 4.70 9.37
N ARG J 337 -39.19 3.85 10.37
CA ARG J 337 -40.31 2.91 10.29
C ARG J 337 -41.63 3.64 10.10
N ILE J 338 -41.91 4.63 10.94
CA ILE J 338 -43.21 5.30 10.89
C ILE J 338 -43.33 6.15 9.64
N LYS J 339 -42.25 6.82 9.24
CA LYS J 339 -42.31 7.83 8.18
C LYS J 339 -41.68 7.33 6.88
N ASP J 340 -40.41 6.93 6.91
CA ASP J 340 -39.71 6.60 5.68
C ASP J 340 -40.45 5.51 4.92
N THR J 341 -40.60 5.72 3.61
CA THR J 341 -41.35 4.80 2.79
C THR J 341 -40.65 3.44 2.69
N ASP J 342 -41.45 2.39 2.61
CA ASP J 342 -40.94 1.05 2.31
C ASP J 342 -40.96 0.90 0.79
N PHE J 343 -39.78 0.97 0.18
CA PHE J 343 -39.72 1.10 -1.27
C PHE J 343 -40.34 -0.10 -1.98
N ALA J 344 -40.25 -1.29 -1.39
CA ALA J 344 -40.85 -2.45 -2.04
C ALA J 344 -42.36 -2.28 -2.16
N LYS J 345 -43.04 -1.97 -1.06
CA LYS J 345 -44.49 -1.83 -1.09
C LYS J 345 -44.91 -0.71 -2.05
N GLU J 346 -44.21 0.42 -2.00
CA GLU J 346 -44.65 1.56 -2.80
C GLU J 346 -44.33 1.36 -4.28
N THR J 347 -43.23 0.69 -4.61
CA THR J 347 -42.97 0.36 -6.01
C THR J 347 -44.01 -0.62 -6.54
N THR J 348 -44.38 -1.62 -5.74
CA THR J 348 -45.44 -2.53 -6.15
C THR J 348 -46.74 -1.77 -6.36
N GLN J 349 -47.06 -0.85 -5.45
CA GLN J 349 -48.27 -0.05 -5.60
C GLN J 349 -48.22 0.80 -6.85
N LEU J 350 -47.05 1.38 -7.16
CA LEU J 350 -46.93 2.20 -8.36
C LEU J 350 -47.16 1.37 -9.61
N THR J 351 -46.56 0.18 -9.68
CA THR J 351 -46.76 -0.67 -10.84
C THR J 351 -48.22 -1.07 -10.97
N LYS J 352 -48.85 -1.45 -9.85
CA LYS J 352 -50.26 -1.81 -9.89
C LYS J 352 -51.11 -0.63 -10.35
N SER J 353 -50.78 0.58 -9.91
CA SER J 353 -51.54 1.75 -10.31
C SER J 353 -51.38 2.04 -11.80
N GLN J 354 -50.16 1.89 -12.32
CA GLN J 354 -49.97 2.04 -13.76
C GLN J 354 -50.81 1.03 -14.52
N ILE J 355 -50.80 -0.22 -14.08
CA ILE J 355 -51.57 -1.25 -14.76
C ILE J 355 -53.06 -0.93 -14.70
N LEU J 356 -53.55 -0.49 -13.54
CA LEU J 356 -54.96 -0.18 -13.40
C LEU J 356 -55.33 1.01 -14.27
N GLN J 357 -54.47 2.01 -14.37
CA GLN J 357 -54.74 3.16 -15.24
C GLN J 357 -54.82 2.71 -16.69
N GLN J 358 -53.89 1.85 -17.13
CA GLN J 358 -53.94 1.37 -18.50
C GLN J 358 -55.22 0.59 -18.76
N ALA J 359 -55.61 -0.27 -17.82
CA ALA J 359 -56.85 -1.02 -17.99
C ALA J 359 -58.05 -0.10 -18.06
N GLY J 360 -58.08 0.92 -17.19
CA GLY J 360 -59.17 1.87 -17.22
C GLY J 360 -59.26 2.62 -18.53
N THR J 361 -58.11 3.05 -19.06
CA THR J 361 -58.12 3.73 -20.34
C THR J 361 -58.59 2.81 -21.46
N SER J 362 -58.15 1.54 -21.43
CA SER J 362 -58.59 0.60 -22.46
C SER J 362 -60.11 0.40 -22.40
N ILE J 363 -60.65 0.22 -21.19
CA ILE J 363 -62.09 0.04 -21.05
C ILE J 363 -62.83 1.29 -21.49
N LEU J 364 -62.36 2.47 -21.08
CA LEU J 364 -63.02 3.70 -21.47
C LEU J 364 -63.02 3.87 -22.98
N ALA J 365 -61.93 3.49 -23.64
CA ALA J 365 -61.91 3.50 -25.09
C ALA J 365 -62.94 2.52 -25.66
N GLN J 366 -63.05 1.33 -25.04
CA GLN J 366 -64.05 0.36 -25.47
C GLN J 366 -65.46 0.76 -25.04
N ALA J 367 -65.61 1.78 -24.20
CA ALA J 367 -66.91 2.19 -23.71
C ALA J 367 -67.36 3.54 -24.23
N LYS J 368 -66.46 4.33 -24.81
CA LYS J 368 -66.84 5.63 -25.34
C LYS J 368 -67.43 5.52 -26.73
N GLN J 369 -67.04 4.50 -27.49
CA GLN J 369 -67.44 4.33 -28.88
C GLN J 369 -68.46 3.21 -29.06
N LEU J 370 -68.15 2.02 -28.57
CA LEU J 370 -69.01 0.86 -28.83
C LEU J 370 -70.41 1.04 -28.27
N PRO J 371 -70.59 1.36 -26.98
CA PRO J 371 -71.96 1.39 -26.43
C PRO J 371 -72.88 2.36 -27.13
N ASN J 372 -72.34 3.43 -27.71
CA ASN J 372 -73.17 4.43 -28.36
C ASN J 372 -73.29 4.22 -29.87
N SER J 373 -72.28 3.62 -30.52
CA SER J 373 -72.33 3.47 -31.96
C SER J 373 -73.49 2.61 -32.41
N ALA J 374 -74.08 1.82 -31.51
CA ALA J 374 -75.22 0.98 -31.89
C ALA J 374 -76.39 1.82 -32.38
N ILE J 375 -76.55 3.03 -31.83
CA ILE J 375 -77.67 3.88 -32.26
C ILE J 375 -77.55 4.19 -33.74
N SER J 376 -76.35 4.60 -34.18
CA SER J 376 -76.15 4.90 -35.59
C SER J 376 -76.20 3.63 -36.43
N LEU J 377 -75.71 2.52 -35.88
CA LEU J 377 -75.78 1.25 -36.61
C LEU J 377 -77.23 0.88 -36.92
N LEU J 378 -78.11 1.02 -35.93
CA LEU J 378 -79.52 0.71 -36.16
C LEU J 378 -80.12 1.62 -37.23
N GLN J 379 -79.77 2.90 -37.20
CA GLN J 379 -80.32 3.85 -38.16
C GLN J 379 -79.95 3.46 -39.57
N MET K 1 -103.58 21.30 -30.23
CA MET K 1 -102.89 19.99 -30.48
C MET K 1 -102.03 20.08 -31.72
N THR K 2 -101.15 19.10 -31.90
CA THR K 2 -100.27 19.09 -33.07
C THR K 2 -101.08 19.10 -34.35
N ILE K 3 -100.62 19.89 -35.33
CA ILE K 3 -101.33 20.11 -36.57
C ILE K 3 -100.44 19.71 -37.74
N ASN K 4 -101.07 19.21 -38.81
CA ASN K 4 -100.31 18.85 -40.00
C ASN K 4 -99.56 20.06 -40.53
N VAL K 5 -98.29 19.86 -40.85
CA VAL K 5 -97.38 20.95 -41.19
C VAL K 5 -96.73 20.63 -42.54
N ASN K 6 -96.98 21.47 -43.54
CA ASN K 6 -96.27 21.38 -44.81
C ASN K 6 -94.93 22.08 -44.75
N THR K 7 -94.67 22.89 -43.73
CA THR K 7 -93.36 23.47 -43.49
C THR K 7 -92.42 22.49 -42.79
N ASN K 8 -92.92 21.34 -42.36
CA ASN K 8 -92.13 20.33 -41.66
C ASN K 8 -91.45 20.93 -40.43
N VAL K 9 -92.29 21.32 -39.46
CA VAL K 9 -91.76 21.71 -38.16
C VAL K 9 -90.95 20.57 -37.56
N SER K 10 -91.23 19.34 -37.97
CA SER K 10 -90.34 18.23 -37.63
C SER K 10 -88.94 18.48 -38.17
N ALA K 11 -88.84 18.93 -39.41
CA ALA K 11 -87.54 19.30 -39.97
C ALA K 11 -86.92 20.47 -39.20
N MET K 12 -87.75 21.43 -38.78
CA MET K 12 -87.23 22.57 -38.04
C MET K 12 -86.62 22.12 -36.71
N THR K 13 -87.32 21.26 -35.97
CA THR K 13 -86.78 20.78 -34.71
C THR K 13 -85.57 19.88 -34.94
N ALA K 14 -85.56 19.09 -36.01
CA ALA K 14 -84.38 18.31 -36.34
C ALA K 14 -83.18 19.22 -36.58
N GLN K 15 -83.38 20.31 -37.33
CA GLN K 15 -82.28 21.24 -37.58
C GLN K 15 -81.85 21.95 -36.31
N ARG K 16 -82.79 22.27 -35.42
CA ARG K 16 -82.43 22.88 -34.14
C ARG K 16 -81.57 21.94 -33.32
N TYR K 17 -81.98 20.67 -33.23
CA TYR K 17 -81.19 19.70 -32.48
C TYR K 17 -79.82 19.50 -33.11
N LEU K 18 -79.76 19.46 -34.45
CA LEU K 18 -78.49 19.32 -35.13
C LEU K 18 -77.59 20.52 -34.87
N THR K 19 -78.16 21.73 -34.88
CA THR K 19 -77.36 22.92 -34.60
C THR K 19 -76.81 22.89 -33.19
N LYS K 20 -77.64 22.50 -32.22
CA LYS K 20 -77.14 22.37 -30.85
C LYS K 20 -76.03 21.33 -30.76
N ALA K 21 -76.23 20.18 -31.42
CA ALA K 21 -75.24 19.12 -31.37
C ALA K 21 -73.93 19.55 -31.99
N THR K 22 -73.98 20.23 -33.14
CA THR K 22 -72.74 20.65 -33.80
C THR K 22 -72.06 21.77 -33.05
N GLY K 23 -72.82 22.67 -32.43
CA GLY K 23 -72.19 23.67 -31.56
C GLY K 23 -71.47 23.04 -30.39
N GLU K 24 -72.13 22.08 -29.74
CA GLU K 24 -71.48 21.37 -28.64
C GLU K 24 -70.26 20.62 -29.13
N LEU K 25 -70.34 20.02 -30.32
CA LEU K 25 -69.20 19.29 -30.87
C LEU K 25 -68.02 20.23 -31.14
N ASN K 26 -68.30 21.41 -31.71
CA ASN K 26 -67.24 22.37 -31.95
C ASN K 26 -66.61 22.83 -30.65
N THR K 27 -67.44 23.10 -29.64
CA THR K 27 -66.89 23.48 -28.34
C THR K 27 -66.02 22.38 -27.75
N SER K 28 -66.48 21.13 -27.85
CA SER K 28 -65.70 20.01 -27.33
C SER K 28 -64.37 19.87 -28.07
N MET K 29 -64.40 20.03 -29.39
CA MET K 29 -63.16 19.95 -30.16
C MET K 29 -62.20 21.07 -29.78
N GLU K 30 -62.72 22.27 -29.60
CA GLU K 30 -61.88 23.38 -29.16
C GLU K 30 -61.24 23.08 -27.81
N ARG K 31 -62.05 22.61 -26.85
CA ARG K 31 -61.53 22.33 -25.52
C ARG K 31 -60.56 21.17 -25.53
N LEU K 32 -60.72 20.23 -26.46
CA LEU K 32 -59.79 19.12 -26.56
C LEU K 32 -58.46 19.55 -27.16
N SER K 33 -58.51 20.40 -28.20
CA SER K 33 -57.28 20.86 -28.83
C SER K 33 -56.50 21.78 -27.90
N SER K 34 -57.18 22.77 -27.30
CA SER K 34 -56.48 23.75 -26.49
C SER K 34 -55.97 23.16 -25.19
N GLY K 35 -56.71 22.24 -24.58
CA GLY K 35 -56.35 21.72 -23.28
C GLY K 35 -56.87 22.53 -22.12
N ASN K 36 -57.80 23.45 -22.36
CA ASN K 36 -58.38 24.27 -21.31
C ASN K 36 -59.89 24.19 -21.39
N ARG K 37 -60.54 23.81 -20.28
CA ARG K 37 -61.99 23.85 -20.24
C ARG K 37 -62.51 25.25 -20.50
N ILE K 38 -61.84 26.26 -19.95
CA ILE K 38 -62.29 27.64 -19.99
C ILE K 38 -61.47 28.35 -21.07
N ASN K 39 -62.14 28.78 -22.14
CA ASN K 39 -61.49 29.50 -23.21
C ASN K 39 -61.99 30.94 -23.37
N SER K 40 -63.04 31.33 -22.67
CA SER K 40 -63.54 32.69 -22.75
C SER K 40 -64.44 32.95 -21.54
N ALA K 41 -64.92 34.19 -21.45
CA ALA K 41 -65.74 34.56 -20.30
C ALA K 41 -67.05 33.78 -20.26
N LYS K 42 -67.71 33.61 -21.42
CA LYS K 42 -69.03 33.02 -21.42
C LYS K 42 -69.02 31.59 -20.89
N ASP K 43 -67.93 30.86 -21.11
CA ASP K 43 -67.87 29.48 -20.66
C ASP K 43 -68.10 29.38 -19.15
N ASP K 44 -67.39 30.20 -18.38
CA ASP K 44 -67.62 30.26 -16.93
C ASP K 44 -66.90 31.50 -16.43
N ALA K 45 -67.62 32.39 -15.76
CA ALA K 45 -67.04 33.67 -15.35
C ALA K 45 -66.13 33.54 -14.14
N ALA K 46 -66.67 33.10 -13.00
CA ALA K 46 -65.89 33.06 -11.77
C ALA K 46 -64.70 32.13 -11.90
N GLY K 47 -64.89 30.98 -12.56
CA GLY K 47 -63.79 30.07 -12.79
C GLY K 47 -62.68 30.71 -13.59
N LEU K 48 -63.04 31.45 -14.64
CA LEU K 48 -62.02 32.16 -15.42
C LEU K 48 -61.29 33.20 -14.57
N GLN K 49 -62.05 33.94 -13.76
CA GLN K 49 -61.42 34.95 -12.90
C GLN K 49 -60.40 34.31 -11.97
N ILE K 50 -60.82 33.27 -11.25
CA ILE K 50 -59.93 32.65 -10.28
C ILE K 50 -58.76 31.97 -10.98
N SER K 51 -59.00 31.40 -12.16
CA SER K 51 -57.92 30.74 -12.90
C SER K 51 -56.85 31.74 -13.30
N ASN K 52 -57.26 32.90 -13.85
CA ASN K 52 -56.26 33.88 -14.25
C ASN K 52 -55.58 34.48 -13.02
N ARG K 53 -56.31 34.65 -11.91
CA ARG K 53 -55.67 35.12 -10.69
C ARG K 53 -54.60 34.14 -10.23
N LEU K 54 -54.90 32.84 -10.25
CA LEU K 54 -53.92 31.85 -9.82
C LEU K 54 -52.73 31.80 -10.77
N THR K 55 -52.98 31.93 -12.08
CA THR K 55 -51.86 31.94 -13.02
C THR K 55 -50.96 33.14 -12.80
N ALA K 56 -51.56 34.31 -12.56
CA ALA K 56 -50.76 35.50 -12.25
C ALA K 56 -49.96 35.28 -10.98
N GLN K 57 -50.57 34.67 -9.97
CA GLN K 57 -49.86 34.38 -8.73
C GLN K 57 -48.70 33.43 -8.98
N SER K 58 -48.89 32.44 -9.86
CA SER K 58 -47.81 31.51 -10.19
C SER K 58 -46.65 32.23 -10.86
N ARG K 59 -46.95 33.12 -11.81
CA ARG K 59 -45.88 33.88 -12.44
C ARG K 59 -45.16 34.76 -11.42
N GLY K 60 -45.92 35.39 -10.51
CA GLY K 60 -45.29 36.14 -9.44
C GLY K 60 -44.41 35.28 -8.56
N LEU K 61 -44.83 34.04 -8.32
CA LEU K 61 -44.01 33.11 -7.55
C LEU K 61 -42.71 32.81 -8.27
N ASP K 62 -42.76 32.62 -9.58
CA ASP K 62 -41.54 32.40 -10.34
C ASP K 62 -40.63 33.63 -10.26
N VAL K 63 -41.21 34.83 -10.34
CA VAL K 63 -40.43 36.05 -10.21
C VAL K 63 -39.76 36.10 -8.85
N ALA K 64 -40.50 35.76 -7.79
CA ALA K 64 -39.94 35.76 -6.45
C ALA K 64 -38.81 34.75 -6.32
N MET K 65 -38.97 33.57 -6.94
CA MET K 65 -37.90 32.58 -6.89
C MET K 65 -36.64 33.09 -7.58
N ARG K 66 -36.80 33.75 -8.73
CA ARG K 66 -35.64 34.32 -9.40
C ARG K 66 -34.97 35.39 -8.54
N ASN K 67 -35.78 36.24 -7.90
CA ASN K 67 -35.22 37.27 -7.03
C ASN K 67 -34.46 36.65 -5.86
N ALA K 68 -35.01 35.60 -5.26
CA ALA K 68 -34.33 34.92 -4.18
C ALA K 68 -33.04 34.28 -4.65
N ASN K 69 -33.02 33.74 -5.87
CA ASN K 69 -31.78 33.21 -6.41
C ASN K 69 -30.73 34.31 -6.54
N ASP K 70 -31.14 35.47 -7.04
CA ASP K 70 -30.19 36.59 -7.13
C ASP K 70 -29.67 36.98 -5.76
N GLY K 71 -30.57 37.04 -4.77
CA GLY K 71 -30.16 37.42 -3.43
C GLY K 71 -29.17 36.43 -2.82
N ILE K 72 -29.46 35.14 -2.95
CA ILE K 72 -28.55 34.13 -2.40
C ILE K 72 -27.22 34.18 -3.12
N SER K 73 -27.23 34.46 -4.42
CA SER K 73 -25.97 34.57 -5.15
C SER K 73 -25.13 35.73 -4.63
N ILE K 74 -25.77 36.89 -4.43
CA ILE K 74 -25.04 38.05 -3.91
C ILE K 74 -24.51 37.75 -2.52
N ALA K 75 -25.32 37.10 -1.69
CA ALA K 75 -24.88 36.74 -0.35
C ALA K 75 -23.67 35.81 -0.41
N GLN K 76 -23.69 34.84 -1.32
CA GLN K 76 -22.56 33.92 -1.44
C GLN K 76 -21.29 34.66 -1.85
N THR K 77 -21.39 35.57 -2.82
CA THR K 77 -20.21 36.31 -3.26
C THR K 77 -19.65 37.15 -2.12
N ALA K 78 -20.52 37.86 -1.42
CA ALA K 78 -20.07 38.68 -0.29
C ALA K 78 -19.46 37.80 0.80
N GLU K 79 -20.04 36.62 1.04
CA GLU K 79 -19.51 35.72 2.04
C GLU K 79 -18.11 35.24 1.68
N GLY K 80 -17.89 34.92 0.41
CA GLY K 80 -16.55 34.53 -0.02
C GLY K 80 -15.54 35.64 0.16
N ALA K 81 -15.91 36.86 -0.24
CA ALA K 81 -14.99 37.99 -0.05
C ALA K 81 -14.69 38.20 1.44
N MET K 82 -15.71 38.11 2.29
CA MET K 82 -15.50 38.26 3.72
C MET K 82 -14.63 37.15 4.27
N ASN K 83 -14.76 35.94 3.74
CA ASN K 83 -13.89 34.85 4.18
C ASN K 83 -12.43 35.17 3.85
N GLU K 84 -12.17 35.66 2.65
CA GLU K 84 -10.80 36.03 2.31
C GLU K 84 -10.31 37.14 3.21
N SER K 85 -11.17 38.11 3.51
CA SER K 85 -10.80 39.20 4.40
C SER K 85 -10.46 38.68 5.80
N THR K 86 -11.23 37.71 6.28
CA THR K 86 -10.95 37.12 7.59
C THR K 86 -9.61 36.41 7.58
N SER K 87 -9.29 35.69 6.50
CA SER K 87 -7.99 35.04 6.41
C SER K 87 -6.87 36.07 6.45
N ILE K 88 -7.03 37.17 5.70
CA ILE K 88 -6.02 38.22 5.70
C ILE K 88 -5.87 38.80 7.09
N LEU K 89 -6.99 39.02 7.79
CA LEU K 89 -6.92 39.58 9.14
C LEU K 89 -6.21 38.64 10.09
N GLN K 90 -6.46 37.33 9.97
CA GLN K 90 -5.75 36.38 10.81
C GLN K 90 -4.25 36.43 10.54
N ARG K 91 -3.86 36.51 9.28
CA ARG K 91 -2.43 36.60 8.96
C ARG K 91 -1.83 37.88 9.54
N MET K 92 -2.56 38.99 9.45
CA MET K 92 -2.06 40.25 10.01
C MET K 92 -1.93 40.16 11.52
N ARG K 93 -2.87 39.51 12.20
CA ARG K 93 -2.76 39.33 13.64
C ARG K 93 -1.54 38.48 13.98
N ASP K 94 -1.28 37.43 13.20
CA ASP K 94 -0.09 36.63 13.42
C ASP K 94 1.17 37.49 13.25
N LEU K 95 1.18 38.35 12.24
CA LEU K 95 2.32 39.25 12.05
C LEU K 95 2.50 40.16 13.25
N ALA K 96 1.41 40.72 13.76
CA ALA K 96 1.52 41.61 14.92
C ALA K 96 2.06 40.87 16.13
N LEU K 97 1.53 39.67 16.39
CA LEU K 97 2.02 38.89 17.53
C LEU K 97 3.49 38.57 17.38
N GLN K 98 3.92 38.23 16.16
CA GLN K 98 5.33 37.98 15.92
C GLN K 98 6.16 39.22 16.21
N SER K 99 5.69 40.38 15.77
CA SER K 99 6.42 41.62 16.01
C SER K 99 6.46 42.00 17.48
N ALA K 100 5.50 41.50 18.28
CA ALA K 100 5.48 41.83 19.70
C ALA K 100 6.70 41.28 20.44
N ASN K 101 7.46 40.39 19.82
CA ASN K 101 8.65 39.83 20.45
C ASN K 101 9.62 40.94 20.84
N GLY K 102 10.61 40.57 21.65
CA GLY K 102 11.65 41.50 22.05
C GLY K 102 13.01 41.06 21.55
N THR K 103 13.05 40.54 20.32
CA THR K 103 14.26 39.97 19.76
C THR K 103 14.49 40.40 18.31
N ASN K 104 13.70 41.33 17.80
CA ASN K 104 13.70 41.66 16.38
C ASN K 104 14.51 42.91 16.05
N SER K 105 15.28 43.43 17.00
CA SER K 105 16.09 44.62 16.77
C SER K 105 15.24 45.73 16.17
N ALA K 106 15.59 46.19 14.96
CA ALA K 106 14.80 47.22 14.30
C ALA K 106 14.48 46.85 12.86
N SER K 107 15.38 46.11 12.20
CA SER K 107 15.19 45.79 10.79
C SER K 107 14.10 44.75 10.59
N GLU K 108 14.11 43.70 11.43
CA GLU K 108 13.05 42.69 11.34
C GLU K 108 11.68 43.32 11.56
N ARG K 109 11.60 44.26 12.51
CA ARG K 109 10.34 44.95 12.74
C ARG K 109 9.92 45.72 11.50
N GLN K 110 10.87 46.37 10.82
CA GLN K 110 10.54 47.10 9.61
C GLN K 110 10.03 46.15 8.53
N ALA K 111 10.64 44.99 8.38
CA ALA K 111 10.16 44.01 7.39
C ALA K 111 8.76 43.55 7.73
N LEU K 112 8.49 43.27 9.01
CA LEU K 112 7.14 42.89 9.40
C LEU K 112 6.15 43.99 9.11
N ASN K 113 6.56 45.25 9.33
CA ASN K 113 5.67 46.38 9.04
C ASN K 113 5.38 46.48 7.55
N GLU K 114 6.40 46.26 6.71
CA GLU K 114 6.17 46.28 5.27
C GLU K 114 5.18 45.19 4.88
N GLU K 115 5.35 43.99 5.43
CA GLU K 115 4.38 42.94 5.18
C GLU K 115 2.98 43.39 5.58
N SER K 116 2.84 43.90 6.81
CA SER K 116 1.53 44.33 7.29
C SER K 116 0.91 45.36 6.35
N VAL K 117 1.73 46.29 5.84
CA VAL K 117 1.22 47.26 4.88
C VAL K 117 0.72 46.56 3.61
N ALA K 118 1.43 45.52 3.20
CA ALA K 118 0.99 44.76 2.02
C ALA K 118 -0.38 44.15 2.26
N LEU K 119 -0.57 43.50 3.41
CA LEU K 119 -1.90 42.94 3.67
C LEU K 119 -2.96 44.02 3.84
N GLN K 120 -2.60 45.18 4.37
CA GLN K 120 -3.56 46.28 4.43
C GLN K 120 -4.01 46.68 3.03
N ASP K 121 -3.07 46.80 2.09
CA ASP K 121 -3.42 47.11 0.72
C ASP K 121 -4.29 46.01 0.12
N GLU K 122 -4.01 44.75 0.47
CA GLU K 122 -4.86 43.66 0.00
C GLU K 122 -6.28 43.81 0.53
N LEU K 123 -6.42 44.17 1.80
CA LEU K 123 -7.75 44.38 2.36
C LEU K 123 -8.47 45.50 1.64
N ASN K 124 -7.77 46.59 1.36
CA ASN K 124 -8.40 47.69 0.62
C ASN K 124 -8.84 47.24 -0.76
N ARG K 125 -7.99 46.48 -1.45
CA ARG K 125 -8.36 45.99 -2.78
C ARG K 125 -9.58 45.11 -2.73
N ILE K 126 -9.64 44.19 -1.75
CA ILE K 126 -10.79 43.31 -1.63
C ILE K 126 -12.05 44.12 -1.36
N ALA K 127 -11.96 45.10 -0.47
CA ALA K 127 -13.13 45.90 -0.14
C ALA K 127 -13.61 46.69 -1.36
N GLU K 128 -12.68 47.21 -2.16
CA GLU K 128 -13.07 48.09 -3.26
C GLU K 128 -13.52 47.33 -4.51
N THR K 129 -12.98 46.13 -4.75
CA THR K 129 -13.16 45.48 -6.03
C THR K 129 -14.22 44.38 -6.03
N THR K 130 -14.49 43.76 -4.90
CA THR K 130 -15.47 42.66 -4.87
C THR K 130 -16.79 43.13 -5.47
N SER K 131 -17.19 42.49 -6.56
CA SER K 131 -18.39 42.88 -7.29
C SER K 131 -19.08 41.65 -7.83
N PHE K 132 -20.37 41.80 -8.13
CA PHE K 132 -21.19 40.77 -8.76
C PHE K 132 -21.83 41.41 -9.99
N GLY K 133 -21.23 41.18 -11.15
CA GLY K 133 -21.72 41.78 -12.38
C GLY K 133 -21.72 43.28 -12.35
N GLY K 134 -20.64 43.88 -11.86
CA GLY K 134 -20.51 45.32 -11.83
C GLY K 134 -21.11 45.99 -10.61
N ARG K 135 -21.72 45.22 -9.70
CA ARG K 135 -22.31 45.77 -8.48
C ARG K 135 -21.30 45.62 -7.35
N LYS K 136 -20.72 46.74 -6.92
CA LYS K 136 -19.80 46.70 -5.79
C LYS K 136 -20.56 46.30 -4.53
N LEU K 137 -19.92 45.48 -3.70
CA LEU K 137 -20.58 44.89 -2.54
C LEU K 137 -19.98 45.35 -1.22
N LEU K 138 -18.66 45.32 -1.09
CA LEU K 138 -18.00 45.54 0.21
C LEU K 138 -17.44 46.95 0.35
N ASN K 139 -17.70 47.85 -0.58
CA ASN K 139 -17.23 49.22 -0.48
C ASN K 139 -18.24 50.15 0.19
N GLY K 140 -19.34 49.60 0.70
CA GLY K 140 -20.35 50.38 1.38
C GLY K 140 -21.40 50.97 0.46
N SER K 141 -21.22 50.86 -0.86
CA SER K 141 -22.25 51.34 -1.78
C SER K 141 -23.52 50.52 -1.67
N PHE K 142 -23.40 49.21 -1.47
CA PHE K 142 -24.58 48.36 -1.41
C PHE K 142 -25.57 48.83 -0.35
N GLY K 143 -25.06 49.17 0.84
CA GLY K 143 -25.95 49.64 1.88
C GLY K 143 -27.02 48.60 2.17
N GLU K 144 -28.27 49.06 2.19
CA GLU K 144 -29.43 48.20 2.40
C GLU K 144 -30.22 48.12 1.10
N ALA K 145 -30.45 46.90 0.62
CA ALA K 145 -31.18 46.68 -0.62
C ALA K 145 -32.32 45.69 -0.36
N SER K 146 -33.39 45.86 -1.11
CA SER K 146 -34.60 45.05 -0.95
C SER K 146 -34.71 44.04 -2.07
N PHE K 147 -35.16 42.84 -1.73
CA PHE K 147 -35.36 41.76 -2.70
C PHE K 147 -36.76 41.19 -2.48
N GLN K 148 -37.65 41.40 -3.44
CA GLN K 148 -39.00 40.86 -3.34
C GLN K 148 -38.95 39.34 -3.41
N ILE K 149 -39.54 38.68 -2.42
CA ILE K 149 -39.57 37.22 -2.37
C ILE K 149 -40.98 36.72 -2.17
N GLY K 150 -41.96 37.48 -2.67
CA GLY K 150 -43.36 37.10 -2.48
C GLY K 150 -44.18 37.43 -3.71
N SER K 151 -45.36 36.82 -3.77
CA SER K 151 -46.26 37.03 -4.89
C SER K 151 -46.77 38.46 -4.92
N SER K 152 -47.28 38.95 -3.80
CA SER K 152 -47.86 40.29 -3.73
C SER K 152 -46.79 41.30 -3.36
N SER K 153 -47.19 42.57 -3.25
CA SER K 153 -46.29 43.65 -2.91
C SER K 153 -46.28 43.82 -1.39
N GLY K 154 -45.13 43.59 -0.78
CA GLY K 154 -45.00 43.76 0.66
C GLY K 154 -44.11 42.72 1.32
N GLU K 155 -43.83 41.63 0.61
CA GLU K 155 -42.98 40.55 1.12
C GLU K 155 -41.58 40.76 0.57
N ALA K 156 -40.65 41.18 1.42
CA ALA K 156 -39.28 41.42 0.99
C ALA K 156 -38.35 41.26 2.19
N ILE K 157 -37.06 41.09 1.89
CA ILE K 157 -36.01 41.01 2.89
C ILE K 157 -34.98 42.07 2.58
N ILE K 158 -34.71 42.93 3.57
CA ILE K 158 -33.76 44.02 3.41
C ILE K 158 -32.38 43.48 3.72
N MET K 159 -31.69 43.01 2.69
CA MET K 159 -30.31 42.52 2.85
C MET K 159 -29.37 43.70 2.93
N GLY K 160 -28.50 43.69 3.94
CA GLY K 160 -27.59 44.80 4.19
C GLY K 160 -26.15 44.34 4.13
N LEU K 161 -25.31 45.15 3.49
CA LEU K 161 -23.87 44.92 3.41
C LEU K 161 -23.15 46.12 4.00
N THR K 162 -22.15 45.86 4.83
CA THR K 162 -21.39 46.91 5.50
C THR K 162 -19.98 46.96 4.94
N SER K 163 -19.46 48.17 4.77
CA SER K 163 -18.14 48.34 4.17
C SER K 163 -17.09 47.59 4.97
N VAL K 164 -16.19 46.92 4.25
CA VAL K 164 -15.11 46.14 4.86
C VAL K 164 -13.77 46.87 4.80
N ARG K 165 -13.74 48.06 4.21
CA ARG K 165 -12.49 48.81 4.13
C ARG K 165 -11.80 48.86 5.49
N ALA K 166 -10.47 48.93 5.46
CA ALA K 166 -9.72 49.06 6.69
C ALA K 166 -9.99 50.38 7.39
N ASP K 167 -10.57 51.34 6.69
CA ASP K 167 -10.91 52.64 7.27
C ASP K 167 -12.28 52.66 7.94
N ASP K 168 -13.06 51.58 7.81
CA ASP K 168 -14.37 51.54 8.43
C ASP K 168 -14.25 51.75 9.93
N PHE K 169 -15.13 52.59 10.49
CA PHE K 169 -15.05 52.91 11.91
C PHE K 169 -15.43 51.73 12.79
N ARG K 170 -16.14 50.74 12.25
CA ARG K 170 -16.39 49.52 12.98
C ARG K 170 -15.18 48.61 13.02
N MET K 171 -14.23 48.81 12.11
CA MET K 171 -13.04 47.98 11.99
C MET K 171 -11.94 48.52 12.89
N GLY K 172 -12.18 48.46 14.19
CA GLY K 172 -11.24 48.96 15.16
C GLY K 172 -11.96 49.44 16.41
N GLY K 173 -11.48 50.55 16.96
CA GLY K 173 -12.09 51.11 18.14
C GLY K 173 -11.19 52.16 18.77
N GLN K 174 -11.40 52.37 20.07
CA GLN K 174 -10.72 53.41 20.81
C GLN K 174 -9.48 52.85 21.52
N SER K 175 -8.46 53.69 21.63
CA SER K 175 -7.24 53.36 22.33
C SER K 175 -6.91 54.45 23.34
N PHE K 176 -6.45 54.05 24.52
CA PHE K 176 -6.04 54.97 25.56
C PHE K 176 -4.66 54.58 26.03
N ILE K 177 -3.76 55.55 26.13
CA ILE K 177 -2.35 55.30 26.42
C ILE K 177 -2.02 55.92 27.77
N ALA K 178 -1.26 55.18 28.58
CA ALA K 178 -0.86 55.68 29.89
C ALA K 178 0.01 56.92 29.74
N GLU K 179 -0.15 57.85 30.68
CA GLU K 179 0.60 59.10 30.61
C GLU K 179 2.08 58.91 30.92
N GLN K 180 2.42 58.02 31.83
CA GLN K 180 3.80 57.84 32.26
C GLN K 180 4.21 56.38 32.11
N PRO K 181 5.50 56.12 31.87
CA PRO K 181 5.97 54.75 31.77
C PRO K 181 6.33 54.18 33.14
N LYS K 182 6.51 52.86 33.17
CA LYS K 182 6.87 52.15 34.38
C LYS K 182 7.98 51.15 34.07
N THR K 183 9.01 51.14 34.90
CA THR K 183 10.17 50.29 34.69
C THR K 183 9.91 48.88 35.25
N LYS K 184 10.91 48.01 35.10
CA LYS K 184 10.77 46.64 35.60
C LYS K 184 10.51 46.62 37.10
N GLU K 185 11.34 47.32 37.87
CA GLU K 185 11.27 47.23 39.32
C GLU K 185 9.95 47.75 39.88
N TRP K 186 9.22 48.55 39.10
CA TRP K 186 7.97 49.10 39.60
C TRP K 186 6.94 48.00 39.81
N GLY K 187 6.13 48.15 40.86
CA GLY K 187 4.99 47.28 41.08
C GLY K 187 3.80 48.10 41.51
N VAL K 188 2.64 47.45 41.51
CA VAL K 188 1.40 48.11 41.92
C VAL K 188 1.49 48.37 43.42
N PRO K 189 1.45 49.62 43.87
CA PRO K 189 1.56 49.89 45.31
C PRO K 189 0.40 49.27 46.07
N PRO K 190 0.65 48.75 47.28
CA PRO K 190 -0.46 48.22 48.08
C PRO K 190 -1.50 49.27 48.44
N THR K 191 -1.09 50.53 48.56
CA THR K 191 -2.01 51.57 49.00
C THR K 191 -3.09 51.82 47.95
N ALA K 192 -2.72 51.88 46.68
CA ALA K 192 -3.64 52.19 45.58
C ALA K 192 -3.72 51.00 44.65
N ARG K 193 -4.74 50.16 44.84
CA ARG K 193 -4.96 48.99 44.01
C ARG K 193 -6.32 49.00 43.32
N ASP K 194 -7.16 50.00 43.58
CA ASP K 194 -8.48 50.06 42.97
C ASP K 194 -8.35 50.67 41.58
N LEU K 195 -9.03 50.07 40.61
CA LEU K 195 -9.05 50.57 39.23
C LEU K 195 -10.48 50.40 38.73
N LYS K 196 -11.21 51.50 38.63
CA LYS K 196 -12.62 51.48 38.24
C LYS K 196 -12.78 52.07 36.85
N PHE K 197 -13.54 51.37 36.01
CA PHE K 197 -13.91 51.84 34.69
C PHE K 197 -15.42 52.05 34.65
N GLU K 198 -15.85 53.11 33.97
CA GLU K 198 -17.27 53.37 33.77
C GLU K 198 -17.47 53.87 32.35
N PHE K 199 -18.33 53.20 31.59
CA PHE K 199 -18.60 53.63 30.22
C PHE K 199 -19.98 53.11 29.81
N THR K 200 -20.35 53.39 28.57
CA THR K 200 -21.63 52.96 28.02
C THR K 200 -21.37 52.22 26.71
N LYS K 201 -21.79 50.96 26.66
CA LYS K 201 -21.66 50.20 25.42
C LYS K 201 -22.58 50.80 24.35
N LYS K 202 -22.33 50.41 23.10
CA LYS K 202 -23.09 50.96 21.99
C LYS K 202 -24.58 50.63 22.14
N ASP K 203 -24.90 49.41 22.57
CA ASP K 203 -26.28 49.00 22.73
C ASP K 203 -26.98 49.75 23.85
N GLY K 204 -26.25 50.48 24.69
CA GLY K 204 -26.85 51.30 25.73
C GLY K 204 -26.82 50.72 27.12
N GLU K 205 -26.17 49.58 27.33
CA GLU K 205 -26.07 48.96 28.66
C GLU K 205 -24.83 49.52 29.34
N ALA K 206 -25.02 50.48 30.24
CA ALA K 206 -23.91 51.07 30.96
C ALA K 206 -23.15 50.00 31.73
N VAL K 207 -21.83 50.08 31.70
CA VAL K 207 -20.96 49.08 32.30
C VAL K 207 -20.01 49.78 33.28
N VAL K 208 -19.85 49.18 34.46
CA VAL K 208 -18.89 49.63 35.46
C VAL K 208 -18.10 48.43 35.94
N LEU K 209 -16.77 48.55 35.92
CA LEU K 209 -15.87 47.51 36.41
C LEU K 209 -15.08 48.07 37.58
N ASP K 210 -14.78 47.19 38.54
CA ASP K 210 -14.15 47.57 39.81
C ASP K 210 -12.91 46.72 40.05
N ILE K 211 -12.03 46.64 39.06
CA ILE K 211 -10.89 45.74 39.15
C ILE K 211 -10.03 46.12 40.36
N ILE K 212 -9.46 45.10 41.01
CA ILE K 212 -8.56 45.28 42.14
C ILE K 212 -7.27 44.56 41.78
N ALA K 213 -6.26 45.31 41.37
CA ALA K 213 -5.00 44.72 40.96
C ALA K 213 -4.29 44.08 42.14
N LYS K 214 -3.88 42.83 41.98
CA LYS K 214 -3.13 42.15 43.03
C LYS K 214 -1.78 42.83 43.24
N ASP K 215 -1.43 43.06 44.51
CA ASP K 215 -0.25 43.83 44.82
C ASP K 215 1.02 43.07 44.44
N GLY K 216 2.10 43.82 44.27
CA GLY K 216 3.38 43.24 43.90
C GLY K 216 3.42 42.66 42.49
N ASP K 217 2.81 43.34 41.54
CA ASP K 217 2.81 42.92 40.14
C ASP K 217 3.37 44.03 39.27
N ASP K 218 4.31 43.68 38.40
CA ASP K 218 4.85 44.65 37.48
C ASP K 218 3.80 45.02 36.43
N ILE K 219 4.18 45.90 35.51
CA ILE K 219 3.22 46.42 34.55
C ILE K 219 2.66 45.30 33.68
N GLU K 220 3.52 44.38 33.22
CA GLU K 220 3.06 43.30 32.35
C GLU K 220 2.06 42.40 33.06
N GLU K 221 2.34 42.04 34.32
CA GLU K 221 1.40 41.22 35.07
C GLU K 221 0.08 41.94 35.26
N LEU K 222 0.13 43.25 35.51
CA LEU K 222 -1.10 44.02 35.65
C LEU K 222 -1.91 44.01 34.35
N ALA K 223 -1.22 44.15 33.22
CA ALA K 223 -1.92 44.09 31.93
C ALA K 223 -2.56 42.74 31.72
N THR K 224 -1.82 41.66 32.04
CA THR K 224 -2.40 40.32 31.89
C THR K 224 -3.60 40.15 32.80
N TYR K 225 -3.52 40.64 34.03
CA TYR K 225 -4.64 40.53 34.96
C TYR K 225 -5.86 41.29 34.45
N ILE K 226 -5.65 42.52 33.95
CA ILE K 226 -6.77 43.30 33.45
C ILE K 226 -7.39 42.62 32.24
N ASN K 227 -6.56 42.01 31.38
CA ASN K 227 -7.10 41.24 30.27
C ASN K 227 -7.93 40.07 30.79
N GLY K 228 -7.45 39.39 31.82
CA GLY K 228 -8.15 38.22 32.32
C GLY K 228 -9.49 38.55 32.94
N GLN K 229 -9.55 39.62 33.72
CA GLN K 229 -10.75 39.93 34.49
C GLN K 229 -11.88 40.52 33.65
N THR K 230 -11.71 40.64 32.34
CA THR K 230 -12.75 41.20 31.49
C THR K 230 -12.51 40.80 30.05
N ASP K 231 -13.51 41.03 29.21
CA ASP K 231 -13.43 40.72 27.79
C ASP K 231 -13.73 41.93 26.91
N LEU K 232 -14.06 43.09 27.49
CA LEU K 232 -14.24 44.30 26.72
C LEU K 232 -12.95 45.09 26.54
N PHE K 233 -11.91 44.78 27.32
CA PHE K 233 -10.64 45.46 27.26
C PHE K 233 -9.59 44.54 26.66
N LYS K 234 -8.64 45.11 25.93
CA LYS K 234 -7.43 44.42 25.51
C LYS K 234 -6.25 45.23 26.05
N ALA K 235 -5.90 44.98 27.31
CA ALA K 235 -4.77 45.66 27.91
C ALA K 235 -3.49 45.33 27.13
N SER K 236 -2.49 46.19 27.30
CA SER K 236 -1.26 46.05 26.53
C SER K 236 -0.17 46.88 27.20
N VAL K 237 1.06 46.70 26.72
CA VAL K 237 2.21 47.42 27.23
C VAL K 237 3.12 47.76 26.06
N ASP K 238 3.51 49.03 25.94
CA ASP K 238 4.39 49.46 24.87
C ASP K 238 5.84 49.24 25.28
N GLN K 239 6.78 49.75 24.48
CA GLN K 239 8.19 49.54 24.76
C GLN K 239 8.58 50.17 26.10
N GLU K 240 8.07 51.37 26.39
CA GLU K 240 8.46 52.10 27.58
C GLU K 240 7.75 51.63 28.84
N GLY K 241 6.71 50.81 28.72
CA GLY K 241 5.96 50.36 29.88
C GLY K 241 4.78 51.27 30.20
N LYS K 242 4.01 51.62 29.18
CA LYS K 242 2.84 52.48 29.33
C LYS K 242 1.60 51.66 29.02
N LEU K 243 0.74 51.48 30.03
CA LEU K 243 -0.44 50.65 29.87
C LEU K 243 -1.32 51.19 28.75
N GLN K 244 -1.48 50.39 27.70
CA GLN K 244 -2.37 50.69 26.58
C GLN K 244 -3.64 49.90 26.77
N ILE K 245 -4.76 50.59 26.91
CA ILE K 245 -6.06 49.97 27.07
C ILE K 245 -6.85 50.19 25.80
N PHE K 246 -7.29 49.10 25.17
CA PHE K 246 -8.01 49.15 23.90
C PHE K 246 -9.46 48.73 24.14
N VAL K 247 -10.39 49.48 23.57
CA VAL K 247 -11.81 49.19 23.69
C VAL K 247 -12.37 49.05 22.28
N ALA K 248 -12.87 47.85 21.96
CA ALA K 248 -13.41 47.60 20.64
C ALA K 248 -14.58 48.53 20.36
N GLU K 249 -14.81 48.81 19.08
CA GLU K 249 -15.79 49.82 18.70
C GLU K 249 -17.17 49.53 19.24
N PRO K 250 -17.75 48.33 19.07
CA PRO K 250 -19.10 48.09 19.59
C PRO K 250 -19.21 48.21 21.10
N ASN K 251 -18.10 48.12 21.82
CA ASN K 251 -18.11 48.07 23.28
C ASN K 251 -17.99 49.45 23.92
N ILE K 252 -17.89 50.52 23.14
CA ILE K 252 -17.72 51.87 23.69
C ILE K 252 -18.63 52.83 22.93
N GLU K 253 -19.26 53.73 23.67
CA GLU K 253 -20.04 54.81 23.07
C GLU K 253 -20.10 55.95 24.09
N GLY K 254 -19.25 56.96 23.89
CA GLY K 254 -19.20 58.09 24.80
C GLY K 254 -17.83 58.31 25.38
N ASN K 255 -17.77 59.01 26.52
CA ASN K 255 -16.50 59.31 27.18
C ASN K 255 -16.14 58.15 28.10
N PHE K 256 -15.13 57.37 27.70
CA PHE K 256 -14.63 56.27 28.52
C PHE K 256 -13.85 56.87 29.69
N ASN K 257 -14.50 56.96 30.85
CA ASN K 257 -13.93 57.62 32.01
C ASN K 257 -13.39 56.58 33.00
N ILE K 258 -12.21 56.85 33.55
CA ILE K 258 -11.55 55.95 34.50
C ILE K 258 -11.34 56.70 35.80
N SER K 259 -11.26 55.96 36.90
CA SER K 259 -11.04 56.53 38.22
C SER K 259 -10.21 55.54 39.03
N GLY K 260 -10.15 55.76 40.33
CA GLY K 260 -9.39 54.90 41.21
C GLY K 260 -7.98 55.42 41.44
N GLY K 261 -7.43 55.08 42.61
CA GLY K 261 -6.09 55.52 42.93
C GLY K 261 -5.03 54.93 42.02
N LEU K 262 -5.22 53.67 41.62
CA LEU K 262 -4.22 53.01 40.80
C LEU K 262 -4.05 53.75 39.47
N ALA K 263 -5.16 54.18 38.87
CA ALA K 263 -5.09 54.92 37.61
C ALA K 263 -4.29 56.20 37.78
N THR K 264 -4.47 56.91 38.90
CA THR K 264 -3.62 58.07 39.17
C THR K 264 -2.17 57.64 39.35
N GLU K 265 -1.94 56.44 39.87
CA GLU K 265 -0.57 55.96 39.99
C GLU K 265 0.10 55.79 38.63
N LEU K 266 -0.61 55.22 37.66
CA LEU K 266 -0.09 55.20 36.30
C LEU K 266 -0.27 56.51 35.57
N GLY K 267 -1.03 57.45 36.12
CA GLY K 267 -1.31 58.69 35.43
C GLY K 267 -2.29 58.56 34.29
N LEU K 268 -3.00 57.44 34.18
CA LEU K 268 -3.95 57.24 33.10
C LEU K 268 -4.97 58.38 33.07
N ASN K 269 -5.59 58.55 31.91
CA ASN K 269 -6.64 59.56 31.72
C ASN K 269 -7.61 59.03 30.67
N GLY K 270 -8.74 58.51 31.12
CA GLY K 270 -9.76 58.02 30.22
C GLY K 270 -10.67 59.12 29.72
N GLY K 271 -10.69 59.33 28.41
CA GLY K 271 -11.53 60.34 27.81
C GLY K 271 -12.13 59.85 26.52
N PRO K 272 -12.25 60.74 25.52
CA PRO K 272 -12.79 60.29 24.23
C PRO K 272 -11.98 59.18 23.59
N GLY K 273 -10.67 59.17 23.80
CA GLY K 273 -9.81 58.14 23.27
C GLY K 273 -9.36 58.43 21.85
N VAL K 274 -8.28 57.78 21.45
CA VAL K 274 -7.74 57.91 20.11
C VAL K 274 -8.41 56.87 19.23
N LYS K 275 -9.04 57.32 18.15
CA LYS K 275 -9.76 56.42 17.26
C LYS K 275 -8.77 55.75 16.30
N THR K 276 -8.67 54.42 16.40
CA THR K 276 -7.76 53.66 15.56
C THR K 276 -8.53 52.52 14.90
N THR K 277 -8.40 52.42 13.58
CA THR K 277 -8.97 51.33 12.80
C THR K 277 -7.84 50.51 12.21
N VAL K 278 -8.21 49.52 11.38
CA VAL K 278 -7.21 48.63 10.80
C VAL K 278 -6.25 49.42 9.92
N GLN K 279 -6.77 50.41 9.18
CA GLN K 279 -5.91 51.16 8.27
C GLN K 279 -4.85 51.95 9.03
N ASP K 280 -5.06 52.20 10.33
CA ASP K 280 -4.14 52.97 11.16
C ASP K 280 -3.27 52.09 12.04
N ILE K 281 -2.87 50.92 11.55
CA ILE K 281 -2.05 49.99 12.31
C ILE K 281 -0.59 50.24 11.99
N ASP K 282 0.23 50.41 13.03
CA ASP K 282 1.67 50.52 12.89
C ASP K 282 2.31 49.50 13.82
N ILE K 283 3.32 48.80 13.31
CA ILE K 283 3.92 47.67 14.01
C ILE K 283 5.38 47.87 14.36
N THR K 284 6.03 48.90 13.83
CA THR K 284 7.46 49.08 14.07
C THR K 284 7.80 49.18 15.54
N SER K 285 6.86 49.60 16.38
CA SER K 285 7.07 49.71 17.81
C SER K 285 6.35 48.58 18.54
N VAL K 286 6.88 48.21 19.72
CA VAL K 286 6.26 47.15 20.50
C VAL K 286 4.82 47.51 20.83
N GLY K 287 4.59 48.73 21.33
CA GLY K 287 3.24 49.16 21.62
C GLY K 287 2.35 49.15 20.39
N GLY K 288 2.92 49.50 19.23
CA GLY K 288 2.16 49.42 18.01
C GLY K 288 1.62 48.02 17.77
N SER K 289 2.47 47.01 17.95
CA SER K 289 2.03 45.63 17.77
C SER K 289 1.02 45.21 18.82
N GLN K 290 1.25 45.61 20.08
CA GLN K 290 0.32 45.23 21.14
C GLN K 290 -1.07 45.81 20.89
N ASN K 291 -1.14 47.09 20.50
CA ASN K 291 -2.41 47.69 20.14
C ASN K 291 -3.00 47.00 18.91
N ALA K 292 -2.15 46.69 17.93
CA ALA K 292 -2.64 46.03 16.72
C ALA K 292 -3.28 44.69 17.04
N VAL K 293 -2.79 43.99 18.06
CA VAL K 293 -3.40 42.72 18.42
C VAL K 293 -4.88 42.91 18.74
N GLY K 294 -5.18 43.87 19.61
CA GLY K 294 -6.57 44.15 19.93
C GLY K 294 -7.34 44.70 18.74
N ILE K 295 -6.67 45.48 17.90
CA ILE K 295 -7.34 46.04 16.72
C ILE K 295 -7.81 44.92 15.81
N ILE K 296 -6.92 43.97 15.51
CA ILE K 296 -7.31 42.85 14.67
C ILE K 296 -8.33 41.97 15.38
N ASP K 297 -8.25 41.83 16.70
CA ASP K 297 -9.27 41.05 17.40
C ASP K 297 -10.64 41.66 17.18
N ALA K 298 -10.77 42.98 17.37
CA ALA K 298 -12.05 43.64 17.17
C ALA K 298 -12.49 43.54 15.72
N ALA K 299 -11.58 43.72 14.78
CA ALA K 299 -11.93 43.63 13.37
C ALA K 299 -12.40 42.24 13.00
N LEU K 300 -11.73 41.21 13.52
CA LEU K 300 -12.17 39.84 13.29
C LEU K 300 -13.56 39.62 13.86
N LYS K 301 -13.82 40.13 15.07
CA LYS K 301 -15.15 39.99 15.64
C LYS K 301 -16.21 40.63 14.76
N TYR K 302 -15.93 41.84 14.27
CA TYR K 302 -16.90 42.53 13.43
C TYR K 302 -17.15 41.77 12.12
N VAL K 303 -16.08 41.30 11.48
CA VAL K 303 -16.23 40.60 10.22
C VAL K 303 -16.99 39.29 10.42
N ASP K 304 -16.69 38.59 11.51
CA ASP K 304 -17.40 37.35 11.79
C ASP K 304 -18.87 37.61 12.06
N SER K 305 -19.19 38.70 12.76
CA SER K 305 -20.60 39.04 12.98
C SER K 305 -21.30 39.32 11.66
N GLN K 306 -20.64 40.06 10.76
CA GLN K 306 -21.26 40.34 9.47
C GLN K 306 -21.45 39.06 8.65
N ARG K 307 -20.47 38.16 8.69
CA ARG K 307 -20.62 36.89 7.99
C ARG K 307 -21.76 36.08 8.58
N ALA K 308 -21.92 36.12 9.90
CA ALA K 308 -23.04 35.44 10.53
C ALA K 308 -24.37 36.01 10.06
N ASP K 309 -24.45 37.33 9.95
CA ASP K 309 -25.66 37.96 9.43
C ASP K 309 -25.94 37.50 8.01
N LEU K 310 -24.91 37.46 7.16
CA LEU K 310 -25.11 37.02 5.79
C LEU K 310 -25.55 35.57 5.73
N GLY K 311 -24.98 34.71 6.59
CA GLY K 311 -25.41 33.33 6.63
C GLY K 311 -26.85 33.18 7.08
N ALA K 312 -27.26 33.97 8.06
CA ALA K 312 -28.66 33.94 8.49
C ALA K 312 -29.58 34.34 7.34
N LYS K 313 -29.21 35.39 6.61
CA LYS K 313 -30.01 35.80 5.47
C LYS K 313 -30.05 34.70 4.40
N GLN K 314 -28.93 34.03 4.17
CA GLN K 314 -28.89 32.94 3.20
C GLN K 314 -29.84 31.81 3.61
N ASN K 315 -29.82 31.44 4.88
CA ASN K 315 -30.70 30.38 5.35
C ASN K 315 -32.16 30.78 5.22
N ARG K 316 -32.49 32.02 5.59
CA ARG K 316 -33.86 32.49 5.42
C ARG K 316 -34.26 32.46 3.96
N LEU K 317 -33.36 32.85 3.06
CA LEU K 317 -33.65 32.81 1.64
C LEU K 317 -33.92 31.40 1.16
N SER K 318 -33.13 30.43 1.60
CA SER K 318 -33.34 29.05 1.18
C SER K 318 -34.68 28.53 1.67
N HIS K 319 -35.00 28.79 2.94
CA HIS K 319 -36.29 28.36 3.46
C HIS K 319 -37.44 29.00 2.68
N SER K 320 -37.31 30.29 2.39
CA SER K 320 -38.34 31.00 1.64
C SER K 320 -38.49 30.43 0.25
N ILE K 321 -37.38 30.09 -0.41
CA ILE K 321 -37.46 29.57 -1.76
C ILE K 321 -38.15 28.21 -1.77
N SER K 322 -37.85 27.36 -0.78
CA SER K 322 -38.54 26.08 -0.70
C SER K 322 -40.04 26.28 -0.47
N ASN K 323 -40.39 27.19 0.43
CA ASN K 323 -41.81 27.47 0.68
C ASN K 323 -42.49 28.00 -0.58
N LEU K 324 -41.80 28.87 -1.31
CA LEU K 324 -42.39 29.43 -2.53
C LEU K 324 -42.62 28.34 -3.57
N SER K 325 -41.66 27.42 -3.72
CA SER K 325 -41.86 26.33 -4.67
C SER K 325 -43.04 25.46 -4.26
N ASN K 326 -43.17 25.16 -2.97
CA ASN K 326 -44.31 24.37 -2.52
C ASN K 326 -45.63 25.09 -2.79
N ILE K 327 -45.67 26.40 -2.52
CA ILE K 327 -46.87 27.18 -2.79
C ILE K 327 -47.18 27.18 -4.27
N GLN K 328 -46.15 27.26 -5.11
CA GLN K 328 -46.36 27.20 -6.55
C GLN K 328 -46.99 25.88 -6.96
N GLU K 329 -46.51 24.77 -6.39
CA GLU K 329 -47.12 23.48 -6.69
C GLU K 329 -48.58 23.47 -6.26
N ASN K 330 -48.89 24.00 -5.08
CA ASN K 330 -50.27 24.01 -4.60
C ASN K 330 -51.17 24.79 -5.54
N VAL K 331 -50.73 26.01 -5.92
CA VAL K 331 -51.57 26.83 -6.78
C VAL K 331 -51.70 26.20 -8.17
N GLU K 332 -50.64 25.55 -8.66
CA GLU K 332 -50.74 24.86 -9.94
C GLU K 332 -51.77 23.74 -9.89
N ALA K 333 -51.76 22.97 -8.79
CA ALA K 333 -52.76 21.92 -8.66
C ALA K 333 -54.17 22.49 -8.61
N SER K 334 -54.35 23.59 -7.86
CA SER K 334 -55.67 24.22 -7.81
C SER K 334 -56.11 24.71 -9.18
N LYS K 335 -55.20 25.34 -9.92
CA LYS K 335 -55.52 25.82 -11.26
C LYS K 335 -55.87 24.66 -12.18
N SER K 336 -55.17 23.54 -12.05
CA SER K 336 -55.52 22.36 -12.84
C SER K 336 -56.92 21.90 -12.49
N ARG K 337 -57.26 21.88 -11.21
CA ARG K 337 -58.61 21.48 -10.82
C ARG K 337 -59.66 22.39 -11.44
N ILE K 338 -59.40 23.70 -11.45
CA ILE K 338 -60.43 24.66 -11.83
C ILE K 338 -60.60 24.73 -13.34
N LYS K 339 -59.49 24.85 -14.07
CA LYS K 339 -59.51 25.24 -15.47
C LYS K 339 -59.13 24.12 -16.43
N ASP K 340 -58.15 23.30 -16.07
CA ASP K 340 -57.54 22.41 -17.06
C ASP K 340 -58.53 21.37 -17.55
N THR K 341 -58.34 20.94 -18.80
CA THR K 341 -59.25 19.99 -19.43
C THR K 341 -59.09 18.61 -18.83
N ASP K 342 -60.20 17.98 -18.45
CA ASP K 342 -60.21 16.62 -17.96
C ASP K 342 -60.50 15.72 -19.16
N PHE K 343 -59.44 15.14 -19.74
CA PHE K 343 -59.52 14.61 -21.08
C PHE K 343 -60.50 13.46 -21.21
N ALA K 344 -60.67 12.64 -20.17
CA ALA K 344 -61.63 11.54 -20.26
C ALA K 344 -63.03 12.07 -20.55
N LYS K 345 -63.47 13.05 -19.74
CA LYS K 345 -64.81 13.61 -19.93
C LYS K 345 -64.95 14.25 -21.29
N GLU K 346 -63.93 14.99 -21.74
CA GLU K 346 -64.04 15.69 -23.00
C GLU K 346 -64.07 14.73 -24.18
N THR K 347 -63.26 13.65 -24.12
CA THR K 347 -63.32 12.65 -25.18
C THR K 347 -64.67 11.97 -25.22
N THR K 348 -65.22 11.62 -24.05
CA THR K 348 -66.54 11.03 -24.01
C THR K 348 -67.57 11.98 -24.61
N GLN K 349 -67.50 13.26 -24.25
CA GLN K 349 -68.44 14.24 -24.77
C GLN K 349 -68.28 14.41 -26.27
N LEU K 350 -67.05 14.39 -26.77
CA LEU K 350 -66.81 14.52 -28.20
C LEU K 350 -67.43 13.36 -28.97
N THR K 351 -67.22 12.13 -28.48
CA THR K 351 -67.82 10.99 -29.15
C THR K 351 -69.34 11.05 -29.09
N LYS K 352 -69.89 11.43 -27.93
CA LYS K 352 -71.33 11.54 -27.81
C LYS K 352 -71.88 12.58 -28.78
N SER K 353 -71.20 13.73 -28.89
CA SER K 353 -71.66 14.77 -29.79
C SER K 353 -71.56 14.34 -31.25
N GLN K 354 -70.48 13.64 -31.62
CA GLN K 354 -70.35 13.14 -32.98
C GLN K 354 -71.49 12.18 -33.31
N ILE K 355 -71.78 11.25 -32.39
CA ILE K 355 -72.85 10.29 -32.63
C ILE K 355 -74.20 10.99 -32.70
N LEU K 356 -74.42 11.97 -31.83
CA LEU K 356 -75.68 12.70 -31.85
C LEU K 356 -75.85 13.46 -33.17
N GLN K 357 -74.77 14.09 -33.65
CA GLN K 357 -74.84 14.81 -34.91
C GLN K 357 -75.10 13.86 -36.07
N GLN K 358 -74.47 12.69 -36.06
CA GLN K 358 -74.71 11.71 -37.11
C GLN K 358 -76.16 11.25 -37.10
N ALA K 359 -76.70 10.99 -35.91
CA ALA K 359 -78.10 10.61 -35.80
C ALA K 359 -79.00 11.73 -36.31
N GLY K 360 -78.67 12.98 -35.97
CA GLY K 360 -79.47 14.09 -36.44
C GLY K 360 -79.46 14.21 -37.95
N THR K 361 -78.30 14.03 -38.57
CA THR K 361 -78.24 14.08 -40.03
C THR K 361 -79.04 12.94 -40.64
N SER K 362 -78.94 11.73 -40.07
CA SER K 362 -79.71 10.62 -40.61
C SER K 362 -81.21 10.87 -40.50
N ILE K 363 -81.65 11.38 -39.35
CA ILE K 363 -83.07 11.66 -39.17
C ILE K 363 -83.52 12.78 -40.10
N LEU K 364 -82.65 13.77 -40.33
CA LEU K 364 -83.00 14.82 -41.28
C LEU K 364 -83.17 14.24 -42.69
N ALA K 365 -82.27 13.35 -43.09
CA ALA K 365 -82.40 12.71 -44.39
C ALA K 365 -83.71 11.92 -44.48
N GLN K 366 -84.05 11.19 -43.42
CA GLN K 366 -85.31 10.45 -43.41
C GLN K 366 -86.51 11.40 -43.43
N ALA K 367 -86.38 12.57 -42.83
CA ALA K 367 -87.45 13.55 -42.78
C ALA K 367 -87.47 14.45 -44.02
N LYS K 368 -86.56 14.25 -44.96
CA LYS K 368 -86.62 14.90 -46.26
C LYS K 368 -86.97 13.92 -47.37
N GLN K 369 -87.36 12.69 -47.04
CA GLN K 369 -87.60 11.65 -48.04
C GLN K 369 -89.05 11.18 -48.05
N LEU K 370 -89.61 10.83 -46.89
CA LEU K 370 -91.03 10.47 -46.82
C LEU K 370 -91.91 11.72 -46.92
N PRO K 371 -91.74 12.70 -46.04
CA PRO K 371 -92.64 13.87 -46.07
C PRO K 371 -92.52 14.63 -47.37
N ASN K 372 -93.67 15.09 -47.86
CA ASN K 372 -93.83 15.78 -49.13
C ASN K 372 -93.66 14.83 -50.31
N SER K 373 -93.06 13.65 -50.08
CA SER K 373 -92.93 12.66 -51.13
C SER K 373 -94.16 11.79 -51.20
N ALA K 374 -94.70 11.41 -50.04
CA ALA K 374 -96.02 10.79 -50.01
C ALA K 374 -97.03 11.68 -50.72
N ILE K 375 -96.99 12.99 -50.43
CA ILE K 375 -97.93 13.92 -51.06
C ILE K 375 -97.70 13.95 -52.57
N SER K 376 -96.44 14.11 -53.00
CA SER K 376 -96.17 14.22 -54.43
C SER K 376 -96.62 12.96 -55.17
N LEU K 377 -96.37 11.77 -54.60
CA LEU K 377 -96.70 10.55 -55.31
C LEU K 377 -98.20 10.27 -55.29
N LEU K 378 -98.87 10.50 -54.16
CA LEU K 378 -100.28 10.14 -54.08
C LEU K 378 -101.15 10.98 -54.99
N GLN K 379 -100.72 12.21 -55.32
CA GLN K 379 -101.47 13.05 -56.26
C GLN K 379 -101.28 12.51 -57.67
N THR L 2 -45.58 26.15 -40.33
CA THR L 2 -45.84 25.18 -39.24
C THR L 2 -46.10 23.79 -39.81
N ILE L 3 -45.56 22.77 -39.16
CA ILE L 3 -45.62 21.41 -39.69
C ILE L 3 -45.13 21.42 -41.13
N ASN L 4 -43.94 21.98 -41.34
CA ASN L 4 -43.41 22.13 -42.68
C ASN L 4 -42.74 20.84 -43.15
N VAL L 5 -42.28 20.86 -44.41
CA VAL L 5 -41.63 19.71 -45.02
C VAL L 5 -40.27 20.08 -45.59
N ASN L 6 -40.23 21.07 -46.49
CA ASN L 6 -39.02 21.41 -47.23
C ASN L 6 -37.95 22.06 -46.35
N THR L 7 -38.30 22.47 -45.13
CA THR L 7 -37.34 23.12 -44.25
C THR L 7 -37.56 22.64 -42.82
N ASN L 8 -36.45 22.38 -42.12
CA ASN L 8 -36.49 21.91 -40.74
C ASN L 8 -35.52 22.78 -39.94
N VAL L 9 -36.02 23.92 -39.46
CA VAL L 9 -35.16 24.87 -38.76
C VAL L 9 -34.63 24.29 -37.46
N SER L 10 -35.50 23.60 -36.71
CA SER L 10 -35.06 23.02 -35.44
C SER L 10 -33.93 22.01 -35.67
N ALA L 11 -34.05 21.21 -36.72
CA ALA L 11 -32.97 20.28 -37.04
C ALA L 11 -31.69 21.03 -37.38
N MET L 12 -31.80 22.18 -38.05
CA MET L 12 -30.61 22.96 -38.37
C MET L 12 -29.94 23.47 -37.10
N THR L 13 -30.72 23.98 -36.15
CA THR L 13 -30.13 24.43 -34.90
C THR L 13 -29.49 23.26 -34.15
N ALA L 14 -30.15 22.12 -34.15
CA ALA L 14 -29.57 20.94 -33.50
C ALA L 14 -28.27 20.55 -34.15
N GLN L 15 -28.20 20.60 -35.48
CA GLN L 15 -26.97 20.28 -36.18
C GLN L 15 -25.87 21.26 -35.82
N ARG L 16 -26.19 22.55 -35.77
CA ARG L 16 -25.19 23.55 -35.43
C ARG L 16 -24.62 23.32 -34.04
N TYR L 17 -25.50 23.04 -33.07
CA TYR L 17 -25.03 22.84 -31.71
C TYR L 17 -24.27 21.52 -31.58
N LEU L 18 -24.68 20.49 -32.31
CA LEU L 18 -23.91 19.25 -32.34
C LEU L 18 -22.53 19.48 -32.91
N THR L 19 -22.43 20.30 -33.96
CA THR L 19 -21.12 20.60 -34.54
C THR L 19 -20.25 21.35 -33.54
N LYS L 20 -20.82 22.32 -32.84
CA LYS L 20 -20.06 23.03 -31.82
C LYS L 20 -19.57 22.08 -30.73
N ALA L 21 -20.46 21.19 -30.27
CA ALA L 21 -20.07 20.24 -29.24
C ALA L 21 -18.96 19.31 -29.74
N THR L 22 -19.07 18.84 -30.98
CA THR L 22 -18.05 17.96 -31.53
C THR L 22 -16.71 18.67 -31.66
N GLY L 23 -16.72 19.92 -32.11
CA GLY L 23 -15.48 20.67 -32.21
C GLY L 23 -14.82 20.86 -30.85
N GLU L 24 -15.61 21.23 -29.85
CA GLU L 24 -15.05 21.38 -28.51
C GLU L 24 -14.54 20.06 -27.99
N LEU L 25 -15.25 18.97 -28.27
CA LEU L 25 -14.81 17.65 -27.84
C LEU L 25 -13.47 17.29 -28.47
N ASN L 26 -13.31 17.55 -29.77
CA ASN L 26 -12.06 17.24 -30.44
C ASN L 26 -10.92 18.09 -29.87
N THR L 27 -11.17 19.37 -29.63
CA THR L 27 -10.13 20.21 -29.06
C THR L 27 -9.73 19.71 -27.68
N SER L 28 -10.71 19.35 -26.84
CA SER L 28 -10.40 18.85 -25.51
C SER L 28 -9.63 17.53 -25.59
N MET L 29 -10.03 16.65 -26.52
CA MET L 29 -9.32 15.39 -26.68
C MET L 29 -7.88 15.62 -27.09
N GLU L 30 -7.63 16.57 -28.00
CA GLU L 30 -6.27 16.89 -28.40
C GLU L 30 -5.47 17.40 -27.21
N ARG L 31 -6.06 18.32 -26.43
CA ARG L 31 -5.34 18.88 -25.29
C ARG L 31 -5.06 17.81 -24.24
N LEU L 32 -5.95 16.83 -24.09
CA LEU L 32 -5.70 15.74 -23.15
C LEU L 32 -4.58 14.84 -23.64
N SER L 33 -4.65 14.44 -24.91
CA SER L 33 -3.68 13.49 -25.44
C SER L 33 -2.27 14.08 -25.48
N SER L 34 -2.14 15.28 -26.06
CA SER L 34 -0.81 15.85 -26.24
C SER L 34 -0.16 16.18 -24.90
N GLY L 35 -0.94 16.66 -23.94
CA GLY L 35 -0.42 17.14 -22.68
C GLY L 35 -0.12 18.62 -22.65
N ASN L 36 -0.23 19.31 -23.78
CA ASN L 36 -0.06 20.75 -23.86
C ASN L 36 -1.41 21.39 -24.17
N ARG L 37 -1.66 22.54 -23.55
CA ARG L 37 -2.93 23.24 -23.79
C ARG L 37 -2.92 23.98 -25.12
N ILE L 38 -1.76 24.49 -25.53
CA ILE L 38 -1.63 25.27 -26.76
C ILE L 38 -0.76 24.49 -27.72
N ASN L 39 -1.39 23.81 -28.68
CA ASN L 39 -0.68 23.08 -29.72
C ASN L 39 -0.61 23.84 -31.03
N SER L 40 -1.58 24.71 -31.30
CA SER L 40 -1.61 25.53 -32.50
C SER L 40 -1.90 26.96 -32.12
N ALA L 41 -1.49 27.89 -32.99
CA ALA L 41 -1.66 29.30 -32.68
C ALA L 41 -3.11 29.66 -32.41
N LYS L 42 -4.06 28.92 -32.99
CA LYS L 42 -5.47 29.25 -32.80
C LYS L 42 -5.85 29.21 -31.33
N ASP L 43 -5.30 28.25 -30.58
CA ASP L 43 -5.64 28.14 -29.17
C ASP L 43 -5.23 29.40 -28.41
N ASP L 44 -4.06 29.94 -28.70
CA ASP L 44 -3.61 31.19 -28.09
C ASP L 44 -2.42 31.74 -28.84
N ALA L 45 -2.48 33.02 -29.23
CA ALA L 45 -1.38 33.64 -29.95
C ALA L 45 -0.30 34.11 -29.00
N ALA L 46 -0.64 35.06 -28.12
CA ALA L 46 0.34 35.55 -27.16
C ALA L 46 0.82 34.42 -26.24
N GLY L 47 -0.10 33.55 -25.83
CA GLY L 47 0.31 32.41 -25.03
C GLY L 47 1.35 31.55 -25.72
N LEU L 48 1.11 31.25 -27.00
CA LEU L 48 2.07 30.45 -27.75
C LEU L 48 3.41 31.16 -27.87
N GLN L 49 3.38 32.46 -28.15
CA GLN L 49 4.63 33.21 -28.29
C GLN L 49 5.45 33.17 -27.00
N ILE L 50 4.81 33.51 -25.88
CA ILE L 50 5.54 33.54 -24.61
C ILE L 50 6.00 32.14 -24.23
N SER L 51 5.18 31.12 -24.49
CA SER L 51 5.56 29.76 -24.16
C SER L 51 6.79 29.34 -24.97
N ASN L 52 6.80 29.67 -26.26
CA ASN L 52 7.96 29.34 -27.10
C ASN L 52 9.20 30.04 -26.59
N ARG L 53 9.08 31.33 -26.23
CA ARG L 53 10.24 32.04 -25.70
C ARG L 53 10.75 31.38 -24.42
N LEU L 54 9.84 31.01 -23.52
CA LEU L 54 10.25 30.40 -22.26
C LEU L 54 10.90 29.05 -22.50
N THR L 55 10.36 28.26 -23.43
CA THR L 55 10.96 26.95 -23.72
C THR L 55 12.36 27.11 -24.30
N ALA L 56 12.53 28.06 -25.22
CA ALA L 56 13.85 28.32 -25.77
C ALA L 56 14.82 28.73 -24.67
N GLN L 57 14.37 29.60 -23.76
CA GLN L 57 15.23 30.03 -22.67
C GLN L 57 15.59 28.86 -21.76
N SER L 58 14.64 27.97 -21.50
CA SER L 58 14.94 26.82 -20.63
C SER L 58 15.95 25.89 -21.27
N ARG L 59 15.79 25.59 -22.56
CA ARG L 59 16.76 24.72 -23.22
C ARG L 59 18.14 25.40 -23.27
N GLY L 60 18.17 26.71 -23.53
CA GLY L 60 19.42 27.44 -23.45
C GLY L 60 20.03 27.38 -22.07
N LEU L 61 19.20 27.39 -21.02
CA LEU L 61 19.71 27.26 -19.67
C LEU L 61 20.33 25.88 -19.45
N ASP L 62 19.72 24.84 -19.99
CA ASP L 62 20.33 23.52 -19.90
C ASP L 62 21.69 23.49 -20.59
N VAL L 63 21.77 24.07 -21.78
CA VAL L 63 23.05 24.13 -22.48
C VAL L 63 24.06 24.93 -21.67
N ALA L 64 23.62 26.00 -21.04
CA ALA L 64 24.52 26.82 -20.23
C ALA L 64 25.01 26.04 -19.02
N MET L 65 24.14 25.25 -18.41
CA MET L 65 24.58 24.40 -17.29
C MET L 65 25.63 23.41 -17.75
N ARG L 66 25.44 22.81 -18.92
CA ARG L 66 26.46 21.88 -19.44
C ARG L 66 27.78 22.61 -19.68
N ASN L 67 27.73 23.81 -20.25
CA ASN L 67 28.95 24.57 -20.49
C ASN L 67 29.65 24.93 -19.18
N ALA L 68 28.87 25.32 -18.17
CA ALA L 68 29.45 25.65 -16.87
C ALA L 68 30.11 24.43 -16.25
N ASN L 69 29.47 23.27 -16.36
CA ASN L 69 30.08 22.05 -15.83
C ASN L 69 31.38 21.73 -16.55
N ASP L 70 31.41 21.93 -17.87
CA ASP L 70 32.64 21.71 -18.62
C ASP L 70 33.74 22.66 -18.16
N GLY L 71 33.38 23.92 -17.91
CA GLY L 71 34.37 24.86 -17.39
C GLY L 71 34.90 24.44 -16.04
N ILE L 72 34.03 23.98 -15.16
CA ILE L 72 34.48 23.46 -13.86
C ILE L 72 35.42 22.29 -14.08
N SER L 73 35.12 21.43 -15.06
CA SER L 73 35.98 20.28 -15.32
C SER L 73 37.37 20.72 -15.78
N ILE L 74 37.44 21.71 -16.66
CA ILE L 74 38.75 22.22 -17.08
C ILE L 74 39.50 22.77 -15.88
N ALA L 75 38.81 23.54 -15.04
CA ALA L 75 39.47 24.12 -13.88
C ALA L 75 40.00 23.01 -12.98
N GLN L 76 39.23 21.95 -12.78
CA GLN L 76 39.66 20.86 -11.92
C GLN L 76 40.88 20.15 -12.48
N THR L 77 40.89 19.89 -13.80
CA THR L 77 42.04 19.24 -14.41
C THR L 77 43.29 20.09 -14.26
N ALA L 78 43.16 21.40 -14.54
CA ALA L 78 44.29 22.29 -14.38
C ALA L 78 44.77 22.32 -12.93
N GLU L 79 43.82 22.30 -11.98
CA GLU L 79 44.20 22.33 -10.58
C GLU L 79 44.98 21.09 -10.18
N GLY L 80 44.55 19.91 -10.67
CA GLY L 80 45.30 18.71 -10.36
C GLY L 80 46.70 18.72 -10.94
N ALA L 81 46.81 19.15 -12.20
CA ALA L 81 48.14 19.29 -12.80
C ALA L 81 49.01 20.23 -11.99
N MET L 82 48.45 21.36 -11.57
CA MET L 82 49.19 22.31 -10.76
C MET L 82 49.58 21.73 -9.42
N ASN L 83 48.76 20.86 -8.85
CA ASN L 83 49.12 20.19 -7.60
C ASN L 83 50.36 19.33 -7.80
N GLU L 84 50.37 18.52 -8.87
CA GLU L 84 51.57 17.73 -9.16
C GLU L 84 52.78 18.65 -9.35
N SER L 85 52.60 19.75 -10.09
CA SER L 85 53.71 20.66 -10.35
C SER L 85 54.24 21.27 -9.06
N THR L 86 53.34 21.66 -8.15
CA THR L 86 53.77 22.25 -6.89
C THR L 86 54.52 21.24 -6.04
N SER L 87 54.09 19.98 -6.04
CA SER L 87 54.85 18.96 -5.32
C SER L 87 56.26 18.85 -5.90
N ILE L 88 56.36 18.84 -7.23
CA ILE L 88 57.69 18.76 -7.85
C ILE L 88 58.53 19.96 -7.46
N LEU L 89 57.93 21.15 -7.45
CA LEU L 89 58.68 22.36 -7.12
C LEU L 89 59.17 22.33 -5.68
N GLN L 90 58.33 21.87 -4.76
CA GLN L 90 58.75 21.77 -3.36
C GLN L 90 59.90 20.78 -3.22
N ARG L 91 59.83 19.64 -3.92
CA ARG L 91 60.93 18.69 -3.85
C ARG L 91 62.21 19.31 -4.40
N MET L 92 62.11 20.07 -5.49
CA MET L 92 63.30 20.70 -6.05
C MET L 92 63.88 21.73 -5.08
N ARG L 93 63.01 22.50 -4.41
CA ARG L 93 63.50 23.45 -3.42
C ARG L 93 64.23 22.74 -2.29
N ASP L 94 63.67 21.62 -1.82
CA ASP L 94 64.33 20.86 -0.76
C ASP L 94 65.69 20.35 -1.22
N LEU L 95 65.77 19.89 -2.47
CA LEU L 95 67.06 19.46 -3.01
C LEU L 95 68.06 20.61 -3.02
N ALA L 96 67.62 21.80 -3.46
CA ALA L 96 68.52 22.94 -3.48
C ALA L 96 69.00 23.29 -2.07
N LEU L 97 68.08 23.27 -1.10
CA LEU L 97 68.48 23.55 0.28
C LEU L 97 69.49 22.54 0.78
N GLN L 98 69.26 21.25 0.49
CA GLN L 98 70.23 20.23 0.88
C GLN L 98 71.57 20.48 0.23
N SER L 99 71.56 20.98 -1.01
CA SER L 99 72.82 21.31 -1.68
C SER L 99 73.52 22.49 -1.02
N ALA L 100 72.75 23.43 -0.46
CA ALA L 100 73.35 24.63 0.10
C ALA L 100 74.36 24.31 1.19
N ASN L 101 74.09 23.28 2.00
CA ASN L 101 75.00 22.92 3.08
C ASN L 101 76.43 22.85 2.58
N GLY L 102 77.37 23.35 3.39
CA GLY L 102 78.75 23.45 2.96
C GLY L 102 79.53 22.16 3.00
N THR L 103 79.01 21.14 3.69
CA THR L 103 79.70 19.87 3.80
C THR L 103 79.26 18.88 2.72
N ASN L 104 79.35 19.30 1.46
CA ASN L 104 78.91 18.49 0.34
C ASN L 104 79.97 18.26 -0.72
N SER L 105 81.17 18.80 -0.56
CA SER L 105 82.26 18.64 -1.53
C SER L 105 81.70 18.99 -2.90
N ALA L 106 81.85 18.14 -3.92
CA ALA L 106 81.29 18.42 -5.23
C ALA L 106 80.44 17.28 -5.77
N SER L 107 80.81 16.02 -5.50
CA SER L 107 80.08 14.90 -6.08
C SER L 107 78.64 14.86 -5.58
N GLU L 108 78.43 15.06 -4.28
CA GLU L 108 77.07 15.12 -3.76
C GLU L 108 76.28 16.20 -4.45
N ARG L 109 76.89 17.36 -4.66
CA ARG L 109 76.21 18.44 -5.36
C ARG L 109 75.84 18.03 -6.78
N GLN L 110 76.73 17.27 -7.44
CA GLN L 110 76.41 16.81 -8.79
C GLN L 110 75.22 15.86 -8.78
N ALA L 111 75.15 14.97 -7.79
CA ALA L 111 74.01 14.06 -7.71
C ALA L 111 72.72 14.83 -7.47
N LEU L 112 72.75 15.81 -6.56
CA LEU L 112 71.57 16.63 -6.32
C LEU L 112 71.16 17.37 -7.59
N ASN L 113 72.15 17.89 -8.34
CA ASN L 113 71.84 18.58 -9.58
C ASN L 113 71.21 17.63 -10.60
N GLU L 114 71.70 16.39 -10.65
CA GLU L 114 71.11 15.43 -11.58
C GLU L 114 69.66 15.14 -11.22
N GLU L 115 69.37 14.96 -9.93
CA GLU L 115 67.99 14.74 -9.52
C GLU L 115 67.13 15.96 -9.84
N SER L 116 67.67 17.16 -9.61
CA SER L 116 66.92 18.38 -9.92
C SER L 116 66.64 18.48 -11.42
N VAL L 117 67.61 18.10 -12.25
CA VAL L 117 67.41 18.13 -13.70
C VAL L 117 66.32 17.15 -14.10
N ALA L 118 66.32 15.96 -13.49
CA ALA L 118 65.24 15.01 -13.76
C ALA L 118 63.89 15.61 -13.39
N LEU L 119 63.80 16.21 -12.20
CA LEU L 119 62.55 16.84 -11.79
C LEU L 119 62.16 17.97 -12.73
N GLN L 120 63.15 18.66 -13.29
CA GLN L 120 62.87 19.79 -14.18
C GLN L 120 62.30 19.29 -15.51
N ASP L 121 62.89 18.24 -16.06
CA ASP L 121 62.31 17.62 -17.24
C ASP L 121 60.92 17.08 -16.95
N GLU L 122 60.69 16.60 -15.72
CA GLU L 122 59.35 16.19 -15.33
C GLU L 122 58.39 17.38 -15.35
N LEU L 123 58.83 18.53 -14.85
CA LEU L 123 58.00 19.74 -14.90
C LEU L 123 57.65 20.08 -16.34
N ASN L 124 58.64 20.02 -17.23
CA ASN L 124 58.37 20.30 -18.64
C ASN L 124 57.37 19.30 -19.22
N ARG L 125 57.52 18.01 -18.89
CA ARG L 125 56.60 17.01 -19.40
C ARG L 125 55.18 17.28 -18.91
N ILE L 126 55.03 17.65 -17.63
CA ILE L 126 53.71 17.98 -17.13
C ILE L 126 53.14 19.18 -17.89
N ALA L 127 53.95 20.22 -18.05
CA ALA L 127 53.47 21.41 -18.74
C ALA L 127 53.02 21.08 -20.16
N GLU L 128 53.68 20.14 -20.81
CA GLU L 128 53.39 19.81 -22.20
C GLU L 128 52.41 18.66 -22.39
N THR L 129 52.01 17.97 -21.33
CA THR L 129 51.26 16.72 -21.47
C THR L 129 49.81 16.82 -21.02
N THR L 130 49.52 17.52 -19.93
CA THR L 130 48.14 17.56 -19.44
C THR L 130 47.22 18.10 -20.52
N SER L 131 46.19 17.32 -20.84
CA SER L 131 45.30 17.63 -21.94
C SER L 131 43.89 17.21 -21.57
N PHE L 132 42.92 18.06 -21.90
CA PHE L 132 41.51 17.74 -21.70
C PHE L 132 40.96 17.23 -23.03
N GLY L 133 41.21 15.95 -23.30
CA GLY L 133 40.76 15.35 -24.54
C GLY L 133 41.40 15.96 -25.78
N GLY L 134 42.71 16.18 -25.74
CA GLY L 134 43.45 16.69 -26.87
C GLY L 134 43.72 18.18 -26.83
N ARG L 135 43.11 18.92 -25.91
CA ARG L 135 43.30 20.36 -25.80
C ARG L 135 44.29 20.64 -24.68
N LYS L 136 45.51 21.03 -25.04
CA LYS L 136 46.52 21.31 -24.04
C LYS L 136 46.08 22.47 -23.14
N LEU L 137 46.42 22.38 -21.86
CA LEU L 137 46.00 23.36 -20.87
C LEU L 137 47.15 24.21 -20.37
N LEU L 138 48.21 23.58 -19.84
CA LEU L 138 49.31 24.31 -19.23
C LEU L 138 50.47 24.53 -20.19
N ASN L 139 50.35 24.10 -21.45
CA ASN L 139 51.40 24.38 -22.42
C ASN L 139 51.55 25.88 -22.63
N GLY L 140 50.43 26.60 -22.69
CA GLY L 140 50.42 28.01 -23.04
C GLY L 140 49.59 28.33 -24.26
N SER L 141 49.17 27.32 -25.02
CA SER L 141 48.31 27.56 -26.18
C SER L 141 46.89 27.91 -25.78
N PHE L 142 46.47 27.53 -24.57
CA PHE L 142 45.11 27.84 -24.15
C PHE L 142 44.87 29.34 -24.09
N GLY L 143 45.83 30.09 -23.54
CA GLY L 143 45.71 31.52 -23.46
C GLY L 143 44.46 31.96 -22.72
N GLU L 144 43.50 32.49 -23.47
CA GLU L 144 42.21 32.91 -22.92
C GLU L 144 41.10 32.26 -23.73
N ALA L 145 40.03 31.88 -23.03
CA ALA L 145 38.89 31.24 -23.66
C ALA L 145 37.61 31.84 -23.09
N SER L 146 36.53 31.72 -23.86
CA SER L 146 35.23 32.24 -23.47
C SER L 146 34.30 31.08 -23.17
N PHE L 147 33.62 31.15 -22.02
CA PHE L 147 32.68 30.12 -21.59
C PHE L 147 31.28 30.71 -21.57
N GLN L 148 30.41 30.20 -22.44
CA GLN L 148 29.04 30.67 -22.52
C GLN L 148 28.23 30.00 -21.42
N ILE L 149 27.89 30.76 -20.38
CA ILE L 149 27.29 30.21 -19.16
C ILE L 149 25.91 30.79 -18.89
N GLY L 150 25.31 31.47 -19.85
CA GLY L 150 23.98 32.03 -19.67
C GLY L 150 23.16 31.87 -20.93
N SER L 151 21.84 31.83 -20.75
CA SER L 151 20.94 31.75 -21.88
C SER L 151 21.09 32.98 -22.78
N SER L 152 20.92 32.77 -24.07
CA SER L 152 21.11 33.84 -25.05
C SER L 152 22.59 34.20 -25.14
N SER L 153 22.93 35.13 -26.03
CA SER L 153 24.31 35.48 -26.29
C SER L 153 24.77 36.59 -25.34
N GLY L 154 26.07 36.60 -25.07
CA GLY L 154 26.68 37.65 -24.27
C GLY L 154 27.00 37.20 -22.86
N GLU L 155 26.13 36.40 -22.26
CA GLU L 155 26.32 35.97 -20.89
C GLU L 155 27.39 34.89 -20.80
N ALA L 156 28.65 35.30 -20.84
CA ALA L 156 29.77 34.37 -20.80
C ALA L 156 30.88 34.97 -19.95
N ILE L 157 31.86 34.13 -19.62
CA ILE L 157 33.00 34.55 -18.79
C ILE L 157 34.28 34.23 -19.55
N ILE L 158 35.40 34.68 -18.99
CA ILE L 158 36.72 34.53 -19.59
C ILE L 158 37.58 33.71 -18.64
N MET L 159 38.13 32.60 -19.16
CA MET L 159 39.04 31.75 -18.42
C MET L 159 40.43 31.89 -19.02
N GLY L 160 41.40 32.28 -18.19
CA GLY L 160 42.76 32.46 -18.67
C GLY L 160 43.73 31.50 -18.01
N LEU L 161 44.40 30.68 -18.82
CA LEU L 161 45.38 29.72 -18.33
C LEU L 161 46.75 30.10 -18.86
N THR L 162 47.71 30.27 -17.96
CA THR L 162 49.06 30.66 -18.30
C THR L 162 49.98 29.46 -18.18
N SER L 163 50.94 29.36 -19.10
CA SER L 163 51.80 28.19 -19.15
C SER L 163 52.62 28.08 -17.86
N VAL L 164 52.89 26.83 -17.47
CA VAL L 164 53.65 26.54 -16.26
C VAL L 164 54.94 25.79 -16.59
N ARG L 165 55.45 25.95 -17.81
CA ARG L 165 56.74 25.37 -18.15
C ARG L 165 57.82 25.95 -17.26
N ALA L 166 58.85 25.14 -17.00
CA ALA L 166 59.93 25.58 -16.13
C ALA L 166 60.65 26.81 -16.69
N ASP L 167 60.56 27.06 -17.99
CA ASP L 167 61.23 28.17 -18.62
C ASP L 167 60.36 29.41 -18.77
N ASP L 168 59.14 29.38 -18.26
CA ASP L 168 58.27 30.56 -18.34
C ASP L 168 58.91 31.71 -17.57
N PHE L 169 58.89 32.90 -18.19
CA PHE L 169 59.57 34.04 -17.59
C PHE L 169 58.97 34.41 -16.24
N ARG L 170 57.71 34.06 -15.98
CA ARG L 170 57.15 34.30 -14.66
C ARG L 170 57.80 33.42 -13.59
N MET L 171 58.13 32.18 -13.95
CA MET L 171 58.76 31.24 -13.02
C MET L 171 60.22 31.64 -12.83
N GLY L 172 60.43 32.57 -11.91
CA GLY L 172 61.77 33.03 -11.62
C GLY L 172 61.86 34.54 -11.47
N GLY L 173 62.89 35.15 -12.04
CA GLY L 173 63.05 36.58 -11.95
C GLY L 173 64.40 37.05 -12.44
N GLN L 174 64.97 38.04 -11.78
CA GLN L 174 66.26 38.60 -12.15
C GLN L 174 67.23 38.48 -10.99
N SER L 175 68.52 38.39 -11.32
CA SER L 175 69.55 38.18 -10.33
C SER L 175 70.68 39.18 -10.54
N PHE L 176 71.25 39.64 -9.45
CA PHE L 176 72.39 40.55 -9.46
C PHE L 176 73.44 40.02 -8.51
N ILE L 177 74.71 40.11 -8.91
CA ILE L 177 75.82 39.55 -8.14
C ILE L 177 76.81 40.67 -7.89
N ALA L 178 77.24 40.81 -6.64
CA ALA L 178 78.27 41.77 -6.30
C ALA L 178 79.57 41.40 -7.01
N GLU L 179 80.31 42.42 -7.43
CA GLU L 179 81.54 42.21 -8.17
C GLU L 179 82.76 42.09 -7.28
N GLN L 180 82.62 42.31 -5.97
CA GLN L 180 83.75 42.28 -5.05
C GLN L 180 83.59 41.11 -4.08
N PRO L 181 84.35 40.01 -4.23
CA PRO L 181 84.27 38.95 -3.23
C PRO L 181 84.79 39.42 -1.88
N LYS L 182 84.25 38.82 -0.83
CA LYS L 182 84.60 39.17 0.54
C LYS L 182 84.88 37.90 1.32
N THR L 183 85.86 37.97 2.22
CA THR L 183 86.34 36.81 2.96
C THR L 183 85.66 36.73 4.33
N LYS L 184 86.01 35.68 5.09
CA LYS L 184 85.43 35.50 6.41
C LYS L 184 85.78 36.66 7.33
N GLU L 185 87.02 37.13 7.27
CA GLU L 185 87.45 38.19 8.17
C GLU L 185 86.71 39.49 7.91
N TRP L 186 86.24 39.71 6.68
CA TRP L 186 85.67 41.00 6.32
C TRP L 186 84.45 41.29 7.17
N GLY L 187 84.30 42.57 7.56
CA GLY L 187 83.14 43.02 8.27
C GLY L 187 82.62 44.32 7.66
N VAL L 188 81.41 44.69 8.05
CA VAL L 188 80.77 45.90 7.54
C VAL L 188 81.54 47.09 8.08
N PRO L 189 82.17 47.91 7.24
CA PRO L 189 82.90 49.07 7.74
C PRO L 189 81.95 50.07 8.37
N PRO L 190 82.36 50.74 9.45
CA PRO L 190 81.46 51.72 10.08
C PRO L 190 81.04 52.84 9.14
N THR L 191 81.94 53.30 8.26
CA THR L 191 81.62 54.45 7.42
C THR L 191 80.54 54.10 6.39
N ALA L 192 80.67 52.97 5.71
CA ALA L 192 79.75 52.57 4.67
C ALA L 192 78.79 51.53 5.23
N ARG L 193 77.57 51.96 5.56
CA ARG L 193 76.52 51.08 6.03
C ARG L 193 75.27 51.14 5.18
N ASP L 194 74.88 52.32 4.72
CA ASP L 194 73.60 52.47 4.04
C ASP L 194 73.58 51.68 2.74
N LEU L 195 72.37 51.28 2.34
CA LEU L 195 72.16 50.55 1.10
C LEU L 195 70.76 50.88 0.62
N LYS L 196 70.65 51.61 -0.48
CA LYS L 196 69.38 52.12 -0.97
C LYS L 196 69.00 51.42 -2.27
N PHE L 197 67.83 50.79 -2.28
CA PHE L 197 67.25 50.20 -3.47
C PHE L 197 66.11 51.08 -3.96
N GLU L 198 66.03 51.26 -5.27
CA GLU L 198 64.93 51.98 -5.90
C GLU L 198 64.51 51.21 -7.14
N PHE L 199 63.21 50.93 -7.26
CA PHE L 199 62.73 50.20 -8.44
C PHE L 199 61.22 50.30 -8.49
N THR L 200 60.61 49.53 -9.39
CA THR L 200 59.17 49.60 -9.64
C THR L 200 58.61 48.17 -9.70
N LYS L 201 57.62 47.90 -8.86
CA LYS L 201 56.93 46.62 -8.89
C LYS L 201 56.15 46.48 -10.20
N LYS L 202 55.74 45.24 -10.49
CA LYS L 202 55.04 44.97 -11.73
C LYS L 202 53.71 45.72 -11.79
N ASP L 203 52.98 45.77 -10.67
CA ASP L 203 51.70 46.46 -10.66
C ASP L 203 51.83 47.95 -10.93
N GLY L 204 53.02 48.52 -10.79
CA GLY L 204 53.27 49.91 -11.11
C GLY L 204 53.80 50.74 -9.96
N GLU L 205 53.60 50.30 -8.71
CA GLU L 205 54.05 51.08 -7.58
C GLU L 205 55.58 51.22 -7.60
N ALA L 206 56.06 52.38 -7.16
CA ALA L 206 57.49 52.62 -7.03
C ALA L 206 57.92 52.37 -5.59
N VAL L 207 58.98 51.58 -5.42
CA VAL L 207 59.44 51.13 -4.12
C VAL L 207 60.85 51.61 -3.88
N VAL L 208 61.10 52.06 -2.66
CA VAL L 208 62.42 52.47 -2.20
C VAL L 208 62.68 51.82 -0.85
N LEU L 209 63.88 51.27 -0.69
CA LEU L 209 64.31 50.65 0.55
C LEU L 209 65.62 51.28 0.99
N ASP L 210 65.79 51.46 2.30
CA ASP L 210 66.90 52.22 2.88
C ASP L 210 67.62 51.39 3.93
N ILE L 211 67.99 50.16 3.57
CA ILE L 211 68.51 49.22 4.55
C ILE L 211 69.82 49.75 5.12
N ILE L 212 69.88 49.91 6.44
CA ILE L 212 71.08 50.37 7.12
C ILE L 212 71.74 49.14 7.76
N ALA L 213 72.78 48.63 7.12
CA ALA L 213 73.46 47.44 7.63
C ALA L 213 74.13 47.75 8.97
N LYS L 214 74.14 46.76 9.86
CA LYS L 214 74.73 46.95 11.18
C LYS L 214 76.25 46.93 11.09
N ASP L 215 76.89 47.59 12.06
CA ASP L 215 78.33 47.70 12.07
C ASP L 215 78.95 46.35 12.44
N GLY L 216 79.94 45.93 11.65
CA GLY L 216 80.70 44.73 11.94
C GLY L 216 79.91 43.45 11.79
N ASP L 217 79.52 43.14 10.56
CA ASP L 217 78.82 41.90 10.24
C ASP L 217 79.50 41.23 9.06
N ASP L 218 79.74 39.92 9.18
CA ASP L 218 80.26 39.16 8.07
C ASP L 218 79.17 39.03 7.00
N ILE L 219 79.54 38.48 5.85
CA ILE L 219 78.66 38.52 4.69
C ILE L 219 77.36 37.76 4.96
N GLU L 220 77.45 36.58 5.58
CA GLU L 220 76.24 35.81 5.84
C GLU L 220 75.27 36.57 6.73
N GLU L 221 75.79 37.21 7.77
CA GLU L 221 74.93 37.99 8.66
C GLU L 221 74.27 39.14 7.93
N LEU L 222 75.02 39.82 7.05
CA LEU L 222 74.45 40.92 6.28
C LEU L 222 73.36 40.42 5.35
N ALA L 223 73.59 39.27 4.70
CA ALA L 223 72.56 38.72 3.83
C ALA L 223 71.30 38.37 4.61
N THR L 224 71.47 37.77 5.79
CA THR L 224 70.31 37.48 6.62
C THR L 224 69.57 38.75 7.02
N TYR L 225 70.32 39.80 7.36
CA TYR L 225 69.71 41.06 7.74
C TYR L 225 68.88 41.62 6.57
N ILE L 226 69.47 41.61 5.37
CA ILE L 226 68.76 42.13 4.20
C ILE L 226 67.50 41.31 3.94
N ASN L 227 67.60 39.98 4.05
CA ASN L 227 66.42 39.15 3.85
C ASN L 227 65.35 39.49 4.87
N GLY L 228 65.74 39.71 6.12
CA GLY L 228 64.76 40.01 7.15
C GLY L 228 64.07 41.34 6.93
N GLN L 229 64.83 42.37 6.51
CA GLN L 229 64.26 43.70 6.39
C GLN L 229 63.14 43.76 5.37
N THR L 230 63.33 43.12 4.21
CA THR L 230 62.38 43.20 3.12
C THR L 230 62.11 41.81 2.56
N ASP L 231 60.92 41.64 1.98
CA ASP L 231 60.52 40.39 1.37
C ASP L 231 60.59 40.41 -0.16
N LEU L 232 60.93 41.54 -0.75
CA LEU L 232 61.00 41.61 -2.21
C LEU L 232 62.23 40.90 -2.76
N PHE L 233 63.39 41.08 -2.12
CA PHE L 233 64.61 40.41 -2.54
C PHE L 233 64.75 39.06 -1.86
N LYS L 234 65.77 38.32 -2.28
CA LYS L 234 66.30 37.19 -1.52
C LYS L 234 67.81 37.27 -1.64
N ALA L 235 68.44 38.02 -0.74
CA ALA L 235 69.89 38.11 -0.71
C ALA L 235 70.48 36.77 -0.26
N SER L 236 71.71 36.51 -0.71
CA SER L 236 72.38 35.26 -0.38
C SER L 236 73.88 35.47 -0.54
N VAL L 237 74.65 34.40 -0.39
CA VAL L 237 76.09 34.44 -0.51
C VAL L 237 76.56 33.22 -1.28
N ASP L 238 77.42 33.42 -2.27
CA ASP L 238 78.02 32.31 -2.99
C ASP L 238 79.34 31.93 -2.32
N GLN L 239 80.05 30.97 -2.93
CA GLN L 239 81.27 30.47 -2.31
C GLN L 239 82.30 31.57 -2.12
N GLU L 240 82.47 32.42 -3.13
CA GLU L 240 83.51 33.45 -3.07
C GLU L 240 83.17 34.56 -2.10
N GLY L 241 81.91 34.67 -1.67
CA GLY L 241 81.52 35.73 -0.77
C GLY L 241 81.04 36.97 -1.49
N LYS L 242 80.10 36.78 -2.43
CA LYS L 242 79.55 37.86 -3.24
C LYS L 242 78.04 37.82 -3.11
N LEU L 243 77.47 38.83 -2.46
CA LEU L 243 76.04 38.84 -2.24
C LEU L 243 75.28 38.74 -3.56
N GLN L 244 74.30 37.84 -3.60
CA GLN L 244 73.46 37.64 -4.76
C GLN L 244 72.05 38.09 -4.39
N ILE L 245 71.61 39.20 -4.97
CA ILE L 245 70.29 39.74 -4.73
C ILE L 245 69.40 39.28 -5.88
N PHE L 246 68.38 38.49 -5.55
CA PHE L 246 67.43 37.98 -6.53
C PHE L 246 66.08 38.64 -6.31
N VAL L 247 65.51 39.20 -7.38
CA VAL L 247 64.23 39.87 -7.33
C VAL L 247 63.26 39.09 -8.20
N ALA L 248 62.16 38.63 -7.60
CA ALA L 248 61.18 37.86 -8.34
C ALA L 248 60.55 38.71 -9.43
N GLU L 249 60.15 38.05 -10.52
CA GLU L 249 59.58 38.78 -11.65
C GLU L 249 58.35 39.59 -11.27
N PRO L 250 57.37 39.05 -10.55
CA PRO L 250 56.18 39.86 -10.22
C PRO L 250 56.48 41.08 -9.35
N ASN L 251 57.67 41.16 -8.77
CA ASN L 251 58.06 42.29 -7.92
C ASN L 251 59.15 43.14 -8.58
N ILE L 252 59.12 43.26 -9.90
CA ILE L 252 60.08 44.09 -10.62
C ILE L 252 59.56 44.31 -12.03
N GLU L 253 59.80 45.51 -12.55
CA GLU L 253 59.40 45.86 -13.92
C GLU L 253 60.52 46.72 -14.50
N GLY L 254 61.45 46.06 -15.20
CA GLY L 254 62.52 46.78 -15.87
C GLY L 254 63.74 47.00 -15.01
N ASN L 255 64.31 48.19 -15.08
CA ASN L 255 65.57 48.47 -14.40
C ASN L 255 65.38 48.47 -12.88
N PHE L 256 66.42 48.03 -12.19
CA PHE L 256 66.45 48.01 -10.73
C PHE L 256 67.86 48.40 -10.29
N ASN L 257 67.97 49.53 -9.60
CA ASN L 257 69.25 50.18 -9.36
C ASN L 257 69.60 50.14 -7.88
N ILE L 258 70.85 49.78 -7.58
CA ILE L 258 71.35 49.68 -6.21
C ILE L 258 72.34 50.82 -5.99
N SER L 259 72.17 51.55 -4.91
CA SER L 259 72.99 52.71 -4.59
C SER L 259 73.39 52.65 -3.12
N GLY L 260 74.07 53.69 -2.66
CA GLY L 260 74.55 53.75 -1.30
C GLY L 260 76.02 53.39 -1.19
N GLY L 261 76.66 53.91 -0.14
CA GLY L 261 78.08 53.66 0.04
C GLY L 261 78.41 52.18 0.12
N LEU L 262 77.59 51.41 0.83
CA LEU L 262 77.82 49.97 0.91
C LEU L 262 77.73 49.33 -0.46
N ALA L 263 76.86 49.83 -1.34
CA ALA L 263 76.77 49.28 -2.68
C ALA L 263 78.09 49.45 -3.42
N THR L 264 78.68 50.65 -3.34
CA THR L 264 79.97 50.87 -3.99
C THR L 264 81.06 50.03 -3.35
N GLU L 265 81.00 49.87 -2.03
CA GLU L 265 81.99 49.03 -1.35
C GLU L 265 81.91 47.59 -1.84
N LEU L 266 80.70 47.08 -2.03
CA LEU L 266 80.48 45.71 -2.44
C LEU L 266 80.63 45.51 -3.94
N GLY L 267 80.65 46.59 -4.73
CA GLY L 267 80.72 46.46 -6.16
C GLY L 267 79.41 46.08 -6.82
N LEU L 268 78.33 45.98 -6.06
CA LEU L 268 77.04 45.62 -6.64
C LEU L 268 76.66 46.60 -7.73
N ASN L 269 76.23 46.06 -8.87
CA ASN L 269 75.82 46.87 -10.02
C ASN L 269 74.34 46.64 -10.25
N GLY L 270 73.54 47.69 -10.07
CA GLY L 270 72.12 47.61 -10.31
C GLY L 270 71.77 47.99 -11.73
N GLY L 271 71.14 47.08 -12.46
CA GLY L 271 70.78 47.31 -13.84
C GLY L 271 69.70 46.36 -14.31
N PRO L 272 69.76 45.95 -15.59
CA PRO L 272 68.77 44.98 -16.07
C PRO L 272 68.76 43.70 -15.26
N GLY L 273 69.93 43.22 -14.83
CA GLY L 273 70.00 41.99 -14.07
C GLY L 273 69.91 40.76 -14.95
N VAL L 274 70.64 39.71 -14.59
CA VAL L 274 70.63 38.48 -15.39
C VAL L 274 69.32 37.75 -15.16
N LYS L 275 68.61 37.45 -16.25
CA LYS L 275 67.33 36.76 -16.14
C LYS L 275 67.58 35.30 -15.77
N THR L 276 66.95 34.85 -14.69
CA THR L 276 67.07 33.46 -14.23
C THR L 276 65.68 32.93 -13.94
N THR L 277 65.26 31.94 -14.72
CA THR L 277 64.03 31.21 -14.47
C THR L 277 64.37 29.89 -13.80
N VAL L 278 63.33 29.07 -13.60
CA VAL L 278 63.56 27.74 -13.03
C VAL L 278 64.49 26.94 -13.94
N GLN L 279 64.32 27.08 -15.26
CA GLN L 279 65.09 26.28 -16.20
C GLN L 279 66.59 26.40 -15.99
N ASP L 280 67.06 27.57 -15.57
CA ASP L 280 68.49 27.85 -15.47
C ASP L 280 69.09 27.48 -14.13
N ILE L 281 68.37 26.70 -13.31
CA ILE L 281 68.88 26.35 -12.00
C ILE L 281 70.04 25.37 -12.15
N ASP L 282 71.20 25.75 -11.58
CA ASP L 282 72.38 24.89 -11.57
C ASP L 282 72.93 24.92 -10.16
N ILE L 283 72.68 23.85 -9.40
CA ILE L 283 73.01 23.81 -7.99
C ILE L 283 74.39 23.20 -7.75
N THR L 284 75.22 23.11 -8.78
CA THR L 284 76.56 22.54 -8.62
C THR L 284 77.48 23.43 -7.80
N SER L 285 77.07 24.66 -7.50
CA SER L 285 77.85 25.57 -6.68
C SER L 285 76.96 26.15 -5.59
N VAL L 286 77.59 26.60 -4.51
CA VAL L 286 76.83 27.13 -3.37
C VAL L 286 75.95 28.27 -3.82
N GLY L 287 76.51 29.22 -4.57
CA GLY L 287 75.70 30.32 -5.07
C GLY L 287 74.56 29.84 -5.95
N GLY L 288 74.80 28.79 -6.73
CA GLY L 288 73.74 28.26 -7.56
C GLY L 288 72.55 27.78 -6.74
N SER L 289 72.81 27.02 -5.68
CA SER L 289 71.73 26.55 -4.82
C SER L 289 71.06 27.71 -4.10
N GLN L 290 71.84 28.69 -3.65
CA GLN L 290 71.26 29.83 -2.97
C GLN L 290 70.31 30.59 -3.88
N ASN L 291 70.70 30.81 -5.14
CA ASN L 291 69.79 31.43 -6.09
C ASN L 291 68.60 30.54 -6.39
N ALA L 292 68.82 29.22 -6.44
CA ALA L 292 67.74 28.30 -6.76
C ALA L 292 66.66 28.35 -5.70
N VAL L 293 67.03 28.51 -4.44
CA VAL L 293 66.02 28.56 -3.38
C VAL L 293 65.03 29.69 -3.66
N GLY L 294 65.55 30.90 -3.90
CA GLY L 294 64.67 32.02 -4.19
C GLY L 294 63.92 31.87 -5.49
N ILE L 295 64.57 31.32 -6.51
CA ILE L 295 63.92 31.15 -7.80
C ILE L 295 62.71 30.24 -7.66
N ILE L 296 62.88 29.12 -6.95
CA ILE L 296 61.77 28.20 -6.77
C ILE L 296 60.72 28.81 -5.85
N ASP L 297 61.14 29.60 -4.86
CA ASP L 297 60.16 30.31 -4.04
C ASP L 297 59.23 31.13 -4.93
N ALA L 298 59.81 31.94 -5.81
CA ALA L 298 59.00 32.76 -6.71
C ALA L 298 58.15 31.89 -7.63
N ALA L 299 58.73 30.81 -8.14
CA ALA L 299 57.98 29.96 -9.08
C ALA L 299 56.76 29.35 -8.42
N LEU L 300 56.92 28.78 -7.22
CA LEU L 300 55.78 28.19 -6.53
C LEU L 300 54.81 29.24 -6.02
N LYS L 301 55.28 30.45 -5.72
CA LYS L 301 54.35 31.54 -5.44
C LYS L 301 53.46 31.81 -6.65
N TYR L 302 54.07 31.86 -7.84
CA TYR L 302 53.29 32.06 -9.06
C TYR L 302 52.30 30.92 -9.28
N VAL L 303 52.74 29.68 -9.05
CA VAL L 303 51.86 28.54 -9.24
C VAL L 303 50.68 28.61 -8.28
N ASP L 304 50.95 28.92 -7.01
CA ASP L 304 49.88 29.00 -6.03
C ASP L 304 48.92 30.15 -6.37
N SER L 305 49.45 31.27 -6.86
CA SER L 305 48.58 32.38 -7.25
C SER L 305 47.62 31.95 -8.36
N GLN L 306 48.16 31.26 -9.37
CA GLN L 306 47.30 30.81 -10.46
C GLN L 306 46.31 29.76 -9.99
N ARG L 307 46.73 28.87 -9.07
CA ARG L 307 45.80 27.90 -8.52
C ARG L 307 44.67 28.59 -7.77
N ALA L 308 44.99 29.64 -7.02
CA ALA L 308 43.95 30.39 -6.31
C ALA L 308 43.00 31.05 -7.30
N ASP L 309 43.53 31.59 -8.39
CA ASP L 309 42.66 32.16 -9.41
C ASP L 309 41.73 31.11 -9.99
N LEU L 310 42.26 29.92 -10.26
CA LEU L 310 41.41 28.85 -10.80
C LEU L 310 40.36 28.42 -9.78
N GLY L 311 40.71 28.39 -8.50
CA GLY L 311 39.73 28.09 -7.48
C GLY L 311 38.63 29.13 -7.41
N ALA L 312 39.00 30.40 -7.56
CA ALA L 312 37.99 31.46 -7.63
C ALA L 312 37.06 31.24 -8.82
N LYS L 313 37.63 30.86 -9.97
CA LYS L 313 36.79 30.57 -11.13
C LYS L 313 35.86 29.40 -10.86
N GLN L 314 36.36 28.36 -10.18
CA GLN L 314 35.50 27.22 -9.87
C GLN L 314 34.35 27.62 -8.96
N ASN L 315 34.64 28.43 -7.93
CA ASN L 315 33.58 28.88 -7.04
C ASN L 315 32.56 29.74 -7.79
N ARG L 316 33.04 30.63 -8.66
CA ARG L 316 32.15 31.44 -9.46
C ARG L 316 31.25 30.55 -10.32
N LEU L 317 31.83 29.52 -10.94
CA LEU L 317 31.05 28.62 -11.78
C LEU L 317 30.03 27.85 -10.96
N SER L 318 30.39 27.44 -9.74
CA SER L 318 29.44 26.74 -8.88
C SER L 318 28.24 27.61 -8.56
N HIS L 319 28.51 28.85 -8.14
CA HIS L 319 27.40 29.77 -7.85
C HIS L 319 26.56 30.02 -9.09
N SER L 320 27.22 30.20 -10.24
CA SER L 320 26.49 30.46 -11.48
C SER L 320 25.60 29.29 -11.87
N ILE L 321 26.11 28.06 -11.74
CA ILE L 321 25.30 26.90 -12.10
C ILE L 321 24.14 26.73 -11.13
N SER L 322 24.33 27.02 -9.84
CA SER L 322 23.20 26.98 -8.93
C SER L 322 22.14 28.00 -9.32
N ASN L 323 22.56 29.22 -9.67
CA ASN L 323 21.61 30.22 -10.13
C ASN L 323 20.90 29.77 -11.38
N LEU L 324 21.65 29.17 -12.32
CA LEU L 324 21.05 28.70 -13.56
C LEU L 324 19.99 27.64 -13.29
N SER L 325 20.29 26.70 -12.40
CA SER L 325 19.32 25.65 -12.08
C SER L 325 18.08 26.25 -11.45
N ASN L 326 18.25 27.20 -10.52
CA ASN L 326 17.08 27.82 -9.89
C ASN L 326 16.24 28.57 -10.92
N ILE L 327 16.90 29.33 -11.80
CA ILE L 327 16.18 30.09 -12.81
C ILE L 327 15.45 29.14 -13.76
N GLN L 328 16.07 28.01 -14.09
CA GLN L 328 15.43 27.04 -14.96
C GLN L 328 14.22 26.42 -14.27
N GLU L 329 14.33 26.15 -12.96
CA GLU L 329 13.18 25.65 -12.23
C GLU L 329 12.00 26.61 -12.33
N ASN L 330 12.24 27.89 -12.04
CA ASN L 330 11.16 28.88 -12.09
C ASN L 330 10.62 29.02 -13.51
N VAL L 331 11.50 29.03 -14.51
CA VAL L 331 11.07 29.18 -15.90
C VAL L 331 10.24 27.99 -16.32
N GLU L 332 10.64 26.78 -15.92
CA GLU L 332 9.84 25.59 -16.24
C GLU L 332 8.48 25.66 -15.59
N ALA L 333 8.42 26.10 -14.33
CA ALA L 333 7.12 26.25 -13.68
C ALA L 333 6.23 27.21 -14.45
N SER L 334 6.78 28.36 -14.83
CA SER L 334 5.99 29.35 -15.57
C SER L 334 5.55 28.80 -16.92
N LYS L 335 6.46 28.12 -17.63
CA LYS L 335 6.10 27.56 -18.93
C LYS L 335 5.00 26.54 -18.81
N SER L 336 5.07 25.68 -17.78
CA SER L 336 3.99 24.72 -17.55
C SER L 336 2.68 25.46 -17.26
N ARG L 337 2.74 26.51 -16.46
CA ARG L 337 1.53 27.27 -16.17
C ARG L 337 0.89 27.79 -17.45
N ILE L 338 1.69 28.41 -18.31
CA ILE L 338 1.13 29.01 -19.53
C ILE L 338 0.69 27.93 -20.50
N LYS L 339 1.46 26.86 -20.63
CA LYS L 339 1.24 25.86 -21.67
C LYS L 339 0.54 24.60 -21.13
N ASP L 340 1.14 23.91 -20.17
CA ASP L 340 0.63 22.62 -19.75
C ASP L 340 -0.84 22.71 -19.40
N THR L 341 -1.60 21.68 -19.82
CA THR L 341 -3.02 21.63 -19.55
C THR L 341 -3.28 21.01 -18.18
N ASP L 342 -4.06 21.70 -17.36
CA ASP L 342 -4.45 21.16 -16.07
C ASP L 342 -5.46 20.05 -16.29
N PHE L 343 -5.04 18.80 -16.05
CA PHE L 343 -5.83 17.66 -16.47
C PHE L 343 -7.24 17.68 -15.88
N ALA L 344 -7.40 18.18 -14.66
CA ALA L 344 -8.72 18.19 -14.05
C ALA L 344 -9.70 19.04 -14.85
N LYS L 345 -9.32 20.29 -15.15
CA LYS L 345 -10.22 21.17 -15.88
C LYS L 345 -10.55 20.61 -17.25
N GLU L 346 -9.55 20.09 -17.95
CA GLU L 346 -9.79 19.63 -19.31
C GLU L 346 -10.54 18.31 -19.36
N THR L 347 -10.34 17.41 -18.40
CA THR L 347 -11.15 16.20 -18.38
C THR L 347 -12.59 16.53 -18.03
N THR L 348 -12.81 17.48 -17.13
CA THR L 348 -14.16 17.96 -16.87
C THR L 348 -14.78 18.53 -18.14
N GLN L 349 -14.01 19.33 -18.88
CA GLN L 349 -14.52 19.90 -20.12
C GLN L 349 -14.83 18.80 -21.15
N LEU L 350 -13.99 17.78 -21.21
CA LEU L 350 -14.23 16.68 -22.15
C LEU L 350 -15.50 15.94 -21.81
N THR L 351 -15.73 15.64 -20.53
CA THR L 351 -16.97 14.98 -20.14
C THR L 351 -18.17 15.86 -20.45
N LYS L 352 -18.06 17.16 -20.19
CA LYS L 352 -19.16 18.07 -20.52
C LYS L 352 -19.44 18.06 -22.03
N SER L 353 -18.39 18.07 -22.84
CA SER L 353 -18.58 18.06 -24.29
C SER L 353 -19.18 16.76 -24.76
N GLN L 354 -18.79 15.64 -24.15
CA GLN L 354 -19.41 14.36 -24.48
C GLN L 354 -20.91 14.39 -24.16
N ILE L 355 -21.26 14.90 -22.99
CA ILE L 355 -22.67 15.01 -22.62
C ILE L 355 -23.41 15.89 -23.62
N LEU L 356 -22.80 17.02 -24.00
CA LEU L 356 -23.45 17.93 -24.93
C LEU L 356 -23.65 17.27 -26.29
N GLN L 357 -22.65 16.53 -26.77
CA GLN L 357 -22.80 15.84 -28.05
C GLN L 357 -23.92 14.81 -27.97
N GLN L 358 -23.97 14.04 -26.90
CA GLN L 358 -25.03 13.04 -26.76
C GLN L 358 -26.40 13.69 -26.71
N ALA L 359 -26.52 14.79 -25.96
CA ALA L 359 -27.80 15.49 -25.89
C ALA L 359 -28.19 16.04 -27.26
N GLY L 360 -27.24 16.64 -27.98
CA GLY L 360 -27.54 17.15 -29.30
C GLY L 360 -28.00 16.06 -30.26
N THR L 361 -27.34 14.90 -30.20
CA THR L 361 -27.77 13.78 -31.03
C THR L 361 -29.17 13.33 -30.65
N SER L 362 -29.46 13.26 -29.35
CA SER L 362 -30.80 12.85 -28.92
C SER L 362 -31.86 13.82 -29.41
N ILE L 363 -31.59 15.13 -29.33
CA ILE L 363 -32.56 16.11 -29.81
C ILE L 363 -32.71 16.00 -31.32
N LEU L 364 -31.60 15.83 -32.04
CA LEU L 364 -31.66 15.75 -33.49
C LEU L 364 -32.48 14.54 -33.94
N ALA L 365 -32.32 13.41 -33.24
CA ALA L 365 -33.12 12.24 -33.57
C ALA L 365 -34.61 12.53 -33.38
N GLN L 366 -34.95 13.31 -32.36
CA GLN L 366 -36.34 13.69 -32.10
C GLN L 366 -36.80 14.85 -32.96
N ALA L 367 -35.89 15.54 -33.65
CA ALA L 367 -36.24 16.70 -34.46
C ALA L 367 -36.30 16.38 -35.94
N LYS L 368 -35.56 15.38 -36.41
CA LYS L 368 -35.53 15.04 -37.83
C LYS L 368 -36.69 14.15 -38.24
N GLN L 369 -37.40 13.55 -37.30
CA GLN L 369 -38.42 12.56 -37.60
C GLN L 369 -39.83 13.06 -37.31
N LEU L 370 -40.12 13.46 -36.07
CA LEU L 370 -41.50 13.81 -35.73
C LEU L 370 -41.96 15.08 -36.46
N PRO L 371 -41.22 16.20 -36.42
CA PRO L 371 -41.73 17.39 -37.11
C PRO L 371 -41.97 17.17 -38.59
N ASN L 372 -41.12 16.37 -39.23
CA ASN L 372 -41.31 16.06 -40.64
C ASN L 372 -42.41 15.02 -40.84
N SER L 373 -42.61 14.13 -39.88
CA SER L 373 -43.52 13.01 -40.05
C SER L 373 -44.95 13.33 -39.62
N ALA L 374 -45.18 14.49 -38.99
CA ALA L 374 -46.54 14.85 -38.61
C ALA L 374 -47.45 14.99 -39.82
N ILE L 375 -46.89 15.39 -40.97
CA ILE L 375 -47.73 15.68 -42.13
C ILE L 375 -48.45 14.43 -42.60
N SER L 376 -47.73 13.31 -42.67
CA SER L 376 -48.36 12.07 -43.14
C SER L 376 -49.55 11.72 -42.26
N LEU L 377 -49.44 11.96 -40.96
CA LEU L 377 -50.60 11.82 -40.09
C LEU L 377 -51.68 12.81 -40.49
N LEU L 378 -51.28 14.05 -40.81
CA LEU L 378 -52.24 15.04 -41.28
C LEU L 378 -52.98 14.59 -42.53
N GLN L 379 -52.41 13.65 -43.29
CA GLN L 379 -53.05 13.13 -44.48
C GLN L 379 -53.50 11.69 -44.25
N THR M 2 -58.59 15.36 -13.95
CA THR M 2 -57.72 14.15 -14.08
C THR M 2 -57.24 13.98 -15.51
N ILE M 3 -56.26 13.08 -15.69
CA ILE M 3 -55.68 12.79 -17.00
C ILE M 3 -55.46 14.10 -17.75
N ASN M 4 -55.01 15.14 -17.05
CA ASN M 4 -54.78 16.43 -17.66
C ASN M 4 -53.63 16.36 -18.66
N VAL M 5 -53.44 17.45 -19.39
CA VAL M 5 -52.37 17.52 -20.39
C VAL M 5 -51.53 18.78 -20.28
N ASN M 6 -51.95 19.81 -19.54
CA ASN M 6 -51.20 21.06 -19.48
C ASN M 6 -50.33 21.15 -18.24
N THR M 7 -50.82 20.70 -17.09
CA THR M 7 -50.08 20.75 -15.84
C THR M 7 -49.87 19.33 -15.33
N ASN M 8 -48.62 19.00 -15.02
CA ASN M 8 -48.24 17.68 -14.54
C ASN M 8 -47.73 17.86 -13.11
N VAL M 9 -48.67 17.82 -12.16
CA VAL M 9 -48.33 18.13 -10.76
C VAL M 9 -47.33 17.11 -10.22
N SER M 10 -47.56 15.83 -10.53
CA SER M 10 -46.61 14.81 -10.07
C SER M 10 -45.22 15.08 -10.61
N ALA M 11 -45.12 15.54 -11.86
CA ALA M 11 -43.82 15.90 -12.42
C ALA M 11 -43.22 17.08 -11.66
N MET M 12 -44.05 18.04 -11.24
CA MET M 12 -43.55 19.17 -10.48
C MET M 12 -42.98 18.71 -9.14
N THR M 13 -43.68 17.80 -8.46
CA THR M 13 -43.16 17.27 -7.21
C THR M 13 -41.86 16.52 -7.44
N ALA M 14 -41.79 15.71 -8.49
CA ALA M 14 -40.56 15.01 -8.81
C ALA M 14 -39.43 15.99 -9.06
N GLN M 15 -39.70 17.07 -9.77
CA GLN M 15 -38.69 18.08 -10.04
C GLN M 15 -38.21 18.73 -8.74
N ARG M 16 -39.15 19.07 -7.84
CA ARG M 16 -38.77 19.70 -6.59
C ARG M 16 -37.86 18.79 -5.78
N TYR M 17 -38.23 17.52 -5.66
CA TYR M 17 -37.42 16.63 -4.84
C TYR M 17 -36.09 16.29 -5.52
N LEU M 18 -36.06 16.25 -6.85
CA LEU M 18 -34.79 16.08 -7.55
C LEU M 18 -33.87 17.27 -7.29
N THR M 19 -34.43 18.48 -7.30
CA THR M 19 -33.64 19.67 -7.00
C THR M 19 -33.11 19.63 -5.57
N LYS M 20 -33.95 19.21 -4.63
CA LYS M 20 -33.50 19.09 -3.24
C LYS M 20 -32.37 18.07 -3.12
N ALA M 21 -32.51 16.92 -3.79
CA ALA M 21 -31.46 15.91 -3.76
C ALA M 21 -30.17 16.43 -4.37
N THR M 22 -30.28 17.17 -5.47
CA THR M 22 -29.09 17.73 -6.11
C THR M 22 -28.40 18.73 -5.20
N GLY M 23 -29.17 19.57 -4.52
CA GLY M 23 -28.57 20.50 -3.58
C GLY M 23 -27.86 19.78 -2.44
N GLU M 24 -28.50 18.75 -1.88
CA GLU M 24 -27.84 17.96 -0.84
C GLU M 24 -26.56 17.34 -1.37
N LEU M 25 -26.59 16.82 -2.60
CA LEU M 25 -25.41 16.21 -3.19
C LEU M 25 -24.28 17.22 -3.34
N ASN M 26 -24.60 18.42 -3.83
CA ASN M 26 -23.57 19.44 -3.99
C ASN M 26 -22.97 19.82 -2.65
N THR M 27 -23.80 20.01 -1.63
CA THR M 27 -23.29 20.36 -0.31
C THR M 27 -22.38 19.25 0.22
N SER M 28 -22.81 17.99 0.09
CA SER M 28 -21.99 16.89 0.58
C SER M 28 -20.67 16.80 -0.18
N MET M 29 -20.71 17.00 -1.49
CA MET M 29 -19.47 16.96 -2.27
C MET M 29 -18.51 18.07 -1.84
N GLU M 30 -19.04 19.27 -1.62
CA GLU M 30 -18.19 20.36 -1.14
C GLU M 30 -17.56 20.01 0.21
N ARG M 31 -18.38 19.48 1.13
CA ARG M 31 -17.86 19.14 2.44
C ARG M 31 -16.78 18.07 2.35
N LEU M 32 -16.99 17.06 1.49
CA LEU M 32 -15.99 16.01 1.33
C LEU M 32 -14.71 16.55 0.73
N SER M 33 -14.82 17.38 -0.31
CA SER M 33 -13.63 17.86 -1.00
C SER M 33 -12.81 18.78 -0.11
N SER M 34 -13.46 19.79 0.49
CA SER M 34 -12.73 20.78 1.25
C SER M 34 -12.14 20.22 2.54
N GLY M 35 -12.67 19.11 3.05
CA GLY M 35 -12.22 18.58 4.31
C GLY M 35 -12.79 19.27 5.52
N ASN M 36 -13.65 20.27 5.33
CA ASN M 36 -14.29 21.00 6.42
C ASN M 36 -15.79 20.85 6.31
N ARG M 37 -16.48 21.10 7.42
CA ARG M 37 -17.93 20.95 7.46
C ARG M 37 -18.66 22.27 7.35
N ILE M 38 -18.02 23.37 7.73
CA ILE M 38 -18.61 24.70 7.69
C ILE M 38 -17.68 25.57 6.86
N ASN M 39 -17.94 25.63 5.55
CA ASN M 39 -17.14 26.44 4.65
C ASN M 39 -17.77 27.79 4.33
N SER M 40 -19.06 27.93 4.57
CA SER M 40 -19.75 29.21 4.43
C SER M 40 -20.71 29.38 5.60
N ALA M 41 -21.06 30.62 5.89
CA ALA M 41 -21.84 30.91 7.08
C ALA M 41 -23.15 30.13 7.12
N LYS M 42 -23.72 29.81 5.96
CA LYS M 42 -25.03 29.16 5.95
C LYS M 42 -24.98 27.79 6.64
N ASP M 43 -23.86 27.09 6.54
CA ASP M 43 -23.77 25.77 7.15
C ASP M 43 -24.00 25.85 8.65
N ASP M 44 -23.32 26.78 9.32
CA ASP M 44 -23.53 27.02 10.74
C ASP M 44 -22.95 28.39 11.08
N ALA M 45 -23.79 29.31 11.51
CA ALA M 45 -23.32 30.65 11.84
C ALA M 45 -22.49 30.63 13.12
N ALA M 46 -23.11 30.24 14.23
CA ALA M 46 -22.39 30.23 15.51
C ALA M 46 -21.21 29.27 15.45
N GLY M 47 -21.41 28.09 14.86
CA GLY M 47 -20.30 27.16 14.71
C GLY M 47 -19.16 27.77 13.93
N LEU M 48 -19.47 28.49 12.85
CA LEU M 48 -18.43 29.14 12.07
C LEU M 48 -17.67 30.16 12.91
N GLN M 49 -18.42 30.97 13.68
CA GLN M 49 -17.75 31.99 14.49
C GLN M 49 -16.82 31.37 15.51
N ILE M 50 -17.29 30.36 16.24
CA ILE M 50 -16.45 29.74 17.27
C ILE M 50 -15.26 29.05 16.62
N SER M 51 -15.47 28.37 15.50
CA SER M 51 -14.37 27.69 14.83
C SER M 51 -13.31 28.69 14.36
N ASN M 52 -13.74 29.81 13.79
CA ASN M 52 -12.78 30.82 13.37
C ASN M 52 -12.01 31.38 14.56
N ARG M 53 -12.70 31.64 15.66
CA ARG M 53 -12.01 32.14 16.84
C ARG M 53 -10.98 31.13 17.34
N LEU M 54 -11.34 29.84 17.34
CA LEU M 54 -10.40 28.82 17.80
C LEU M 54 -9.22 28.70 16.86
N THR M 55 -9.45 28.80 15.55
CA THR M 55 -8.33 28.75 14.61
C THR M 55 -7.40 29.94 14.81
N ALA M 56 -7.96 31.13 15.03
CA ALA M 56 -7.12 32.29 15.32
C ALA M 56 -6.31 32.06 16.58
N GLN M 57 -6.94 31.50 17.62
CA GLN M 57 -6.21 31.23 18.85
C GLN M 57 -5.11 30.21 18.64
N SER M 58 -5.36 29.21 17.79
CA SER M 58 -4.33 28.21 17.51
C SER M 58 -3.13 28.83 16.80
N ARG M 59 -3.39 29.67 15.80
CA ARG M 59 -2.28 30.35 15.12
C ARG M 59 -1.53 31.23 16.11
N GLY M 60 -2.26 31.94 16.97
CA GLY M 60 -1.61 32.74 18.00
C GLY M 60 -0.76 31.88 18.92
N LEU M 61 -1.22 30.68 19.24
CA LEU M 61 -0.45 29.80 20.09
C LEU M 61 0.83 29.34 19.40
N ASP M 62 0.77 29.07 18.10
CA ASP M 62 1.98 28.74 17.36
C ASP M 62 2.97 29.90 17.41
N VAL M 63 2.48 31.11 17.19
CA VAL M 63 3.34 32.29 17.29
C VAL M 63 3.92 32.39 18.70
N ALA M 64 3.12 32.06 19.71
CA ALA M 64 3.57 32.12 21.09
C ALA M 64 4.69 31.13 21.34
N MET M 65 4.56 29.90 20.82
CA MET M 65 5.63 28.93 20.99
C MET M 65 6.91 29.41 20.32
N ARG M 66 6.78 30.00 19.12
CA ARG M 66 7.97 30.52 18.46
C ARG M 66 8.62 31.62 19.29
N ASN M 67 7.81 32.55 19.82
CA ASN M 67 8.35 33.64 20.62
C ASN M 67 9.03 33.12 21.88
N ALA M 68 8.41 32.15 22.54
CA ALA M 68 9.01 31.59 23.74
C ALA M 68 10.34 30.90 23.42
N ASN M 69 10.40 30.19 22.30
CA ASN M 69 11.65 29.55 21.91
C ASN M 69 12.73 30.60 21.63
N ASP M 70 12.34 31.71 20.99
CA ASP M 70 13.32 32.78 20.76
C ASP M 70 13.83 33.35 22.08
N GLY M 71 12.93 33.56 23.04
CA GLY M 71 13.36 34.02 24.33
C GLY M 71 14.32 33.06 25.01
N ILE M 72 14.03 31.76 24.92
CA ILE M 72 14.93 30.75 25.47
C ILE M 72 16.28 30.83 24.79
N SER M 73 16.29 31.06 23.47
CA SER M 73 17.55 31.15 22.74
C SER M 73 18.38 32.34 23.22
N ILE M 74 17.74 33.49 23.40
CA ILE M 74 18.46 34.65 23.91
C ILE M 74 19.01 34.36 25.30
N ALA M 75 18.20 33.75 26.16
CA ALA M 75 18.68 33.40 27.49
C ALA M 75 19.88 32.47 27.41
N GLN M 76 19.85 31.51 26.49
CA GLN M 76 20.96 30.57 26.35
C GLN M 76 22.24 31.27 25.93
N THR M 77 22.14 32.16 24.94
CA THR M 77 23.34 32.87 24.49
C THR M 77 23.90 33.75 25.61
N ALA M 78 23.02 34.46 26.32
CA ALA M 78 23.48 35.26 27.45
C ALA M 78 24.15 34.38 28.50
N GLU M 79 23.58 33.21 28.75
CA GLU M 79 24.15 32.31 29.75
C GLU M 79 25.54 31.84 29.35
N GLY M 80 25.72 31.50 28.07
CA GLY M 80 27.04 31.10 27.60
C GLY M 80 28.07 32.22 27.73
N ALA M 81 27.69 33.43 27.34
CA ALA M 81 28.59 34.56 27.50
C ALA M 81 28.95 34.75 28.97
N MET M 82 27.96 34.65 29.86
CA MET M 82 28.23 34.79 31.28
C MET M 82 29.13 33.68 31.79
N ASN M 83 29.04 32.49 31.20
CA ASN M 83 29.94 31.40 31.59
C ASN M 83 31.38 31.73 31.23
N GLU M 84 31.60 32.21 30.00
CA GLU M 84 32.94 32.68 29.64
C GLU M 84 33.43 33.75 30.61
N SER M 85 32.56 34.71 30.93
CA SER M 85 32.94 35.79 31.83
C SER M 85 33.29 35.26 33.21
N THR M 86 32.53 34.28 33.70
CA THR M 86 32.82 33.71 35.01
C THR M 86 34.18 33.01 35.01
N SER M 87 34.49 32.30 33.94
CA SER M 87 35.82 31.68 33.85
C SER M 87 36.91 32.74 33.92
N ILE M 88 36.73 33.83 33.18
CA ILE M 88 37.74 34.89 33.20
C ILE M 88 37.86 35.49 34.60
N LEU M 89 36.73 35.71 35.27
CA LEU M 89 36.76 36.29 36.60
C LEU M 89 37.47 35.38 37.59
N GLN M 90 37.22 34.07 37.51
CA GLN M 90 37.90 33.14 38.39
C GLN M 90 39.40 33.16 38.14
N ARG M 91 39.81 33.22 36.86
CA ARG M 91 41.23 33.31 36.57
C ARG M 91 41.83 34.58 37.16
N MET M 92 41.11 35.70 37.07
CA MET M 92 41.60 36.95 37.65
C MET M 92 41.74 36.83 39.17
N ARG M 93 40.76 36.19 39.83
CA ARG M 93 40.85 36.01 41.27
C ARG M 93 42.08 35.18 41.64
N ASP M 94 42.33 34.10 40.89
CA ASP M 94 43.51 33.29 41.16
C ASP M 94 44.78 34.09 40.95
N LEU M 95 44.82 34.91 39.91
CA LEU M 95 45.99 35.76 39.67
C LEU M 95 46.22 36.71 40.83
N ALA M 96 45.15 37.33 41.33
CA ALA M 96 45.30 38.24 42.46
C ALA M 96 45.80 37.50 43.70
N LEU M 97 45.25 36.32 43.96
CA LEU M 97 45.72 35.54 45.09
C LEU M 97 47.20 35.21 44.97
N GLN M 98 47.63 34.81 43.78
CA GLN M 98 49.05 34.52 43.57
C GLN M 98 49.89 35.77 43.80
N SER M 99 49.41 36.93 43.33
CA SER M 99 50.16 38.17 43.53
C SER M 99 50.27 38.52 45.01
N ALA M 100 49.26 38.19 45.80
CA ALA M 100 49.27 38.57 47.21
C ALA M 100 50.46 37.97 47.96
N ASN M 101 51.01 36.86 47.49
CA ASN M 101 52.11 36.23 48.20
C ASN M 101 53.27 37.21 48.37
N GLY M 102 53.85 37.21 49.58
CA GLY M 102 54.88 38.19 49.89
C GLY M 102 56.14 38.03 49.05
N THR M 103 56.52 36.78 48.76
CA THR M 103 57.74 36.49 48.03
C THR M 103 57.45 36.59 46.53
N ASN M 104 57.34 37.83 46.05
CA ASN M 104 57.09 38.09 44.65
C ASN M 104 57.91 39.23 44.07
N SER M 105 58.76 39.88 44.86
CA SER M 105 59.57 41.01 44.39
C SER M 105 58.62 42.03 43.79
N ALA M 106 58.91 42.59 42.62
CA ALA M 106 58.01 43.51 41.93
C ALA M 106 57.76 43.12 40.49
N SER M 107 58.77 42.57 39.80
CA SER M 107 58.60 42.26 38.38
C SER M 107 57.51 41.22 38.16
N GLU M 108 57.49 40.16 38.98
CA GLU M 108 56.43 39.18 38.87
C GLU M 108 55.07 39.83 39.07
N ARG M 109 54.98 40.79 40.00
CA ARG M 109 53.74 41.51 40.19
C ARG M 109 53.34 42.26 38.93
N GLN M 110 54.32 42.86 38.24
CA GLN M 110 54.02 43.56 37.00
C GLN M 110 53.51 42.59 35.93
N ALA M 111 54.11 41.41 35.84
CA ALA M 111 53.63 40.42 34.87
C ALA M 111 52.21 39.97 35.19
N LEU M 112 51.94 39.72 36.48
CA LEU M 112 50.59 39.34 36.88
C LEU M 112 49.60 40.45 36.58
N ASN M 113 50.00 41.70 36.77
CA ASN M 113 49.14 42.82 36.45
C ASN M 113 48.89 42.92 34.95
N GLU M 114 49.90 42.61 34.14
CA GLU M 114 49.71 42.59 32.70
C GLU M 114 48.69 41.52 32.30
N GLU M 115 48.79 40.33 32.90
CA GLU M 115 47.79 39.30 32.62
C GLU M 115 46.41 39.76 33.09
N SER M 116 46.34 40.40 34.24
CA SER M 116 45.06 40.86 34.77
C SER M 116 44.43 41.90 33.86
N VAL M 117 45.21 42.85 33.35
CA VAL M 117 44.66 43.87 32.47
C VAL M 117 44.25 43.26 31.14
N ALA M 118 45.00 42.27 30.66
CA ALA M 118 44.57 41.55 29.46
C ALA M 118 43.22 40.89 29.68
N LEU M 119 43.03 40.25 30.84
CA LEU M 119 41.75 39.64 31.14
C LEU M 119 40.66 40.68 31.30
N GLN M 120 40.98 41.85 31.84
CA GLN M 120 40.01 42.94 31.92
C GLN M 120 39.53 43.34 30.53
N ASP M 121 40.48 43.52 29.61
CA ASP M 121 40.12 43.87 28.24
C ASP M 121 39.29 42.76 27.61
N GLU M 122 39.60 41.50 27.92
CA GLU M 122 38.80 40.39 27.42
C GLU M 122 37.38 40.46 27.95
N LEU M 123 37.22 40.78 29.24
CA LEU M 123 35.88 40.92 29.80
C LEU M 123 35.10 42.02 29.11
N ASN M 124 35.76 43.16 28.86
CA ASN M 124 35.09 44.25 28.16
C ASN M 124 34.70 43.84 26.75
N ARG M 125 35.59 43.11 26.06
CA ARG M 125 35.28 42.66 24.71
C ARG M 125 34.08 41.71 24.73
N ILE M 126 34.02 40.81 25.72
CA ILE M 126 32.87 39.93 25.84
C ILE M 126 31.61 40.74 26.06
N ALA M 127 31.67 41.72 26.96
CA ALA M 127 30.48 42.51 27.26
C ALA M 127 29.99 43.23 26.02
N GLU M 128 30.91 43.73 25.19
CA GLU M 128 30.53 44.54 24.04
C GLU M 128 30.28 43.72 22.78
N THR M 129 30.63 42.44 22.74
CA THR M 129 30.59 41.67 21.49
C THR M 129 29.43 40.69 21.43
N THR M 130 29.23 39.87 22.45
CA THR M 130 28.20 38.84 22.39
C THR M 130 26.86 39.44 21.99
N SER M 131 26.29 38.93 20.91
CA SER M 131 25.09 39.48 20.33
C SER M 131 24.24 38.37 19.74
N PHE M 132 22.93 38.62 19.67
CA PHE M 132 21.99 37.70 19.03
C PHE M 132 21.60 38.30 17.68
N GLY M 133 22.44 38.06 16.69
CA GLY M 133 22.19 38.57 15.36
C GLY M 133 22.17 40.08 15.29
N GLY M 134 23.17 40.72 15.90
CA GLY M 134 23.29 42.17 15.87
C GLY M 134 22.62 42.89 17.01
N ARG M 135 21.93 42.17 17.90
CA ARG M 135 21.27 42.77 19.06
C ARG M 135 22.16 42.53 20.26
N LYS M 136 22.96 43.53 20.63
CA LYS M 136 23.88 43.38 21.75
C LYS M 136 23.13 42.99 23.02
N LEU M 137 23.70 42.05 23.76
CA LEU M 137 23.03 41.46 24.92
C LEU M 137 23.63 41.88 26.25
N LEU M 138 24.96 41.91 26.36
CA LEU M 138 25.64 42.09 27.64
C LEU M 138 26.45 43.38 27.67
N ASN M 139 25.86 44.47 27.18
CA ASN M 139 26.50 45.79 27.26
C ASN M 139 25.56 46.83 27.86
N GLY M 140 24.49 46.41 28.50
CA GLY M 140 23.58 47.33 29.16
C GLY M 140 22.56 47.94 28.21
N SER M 141 22.94 48.11 26.95
CA SER M 141 22.04 48.72 25.97
C SER M 141 20.79 47.87 25.74
N PHE M 142 20.85 46.57 26.04
CA PHE M 142 19.68 45.72 25.81
C PHE M 142 18.52 46.12 26.72
N GLY M 143 18.81 46.75 27.85
CA GLY M 143 17.75 47.19 28.74
C GLY M 143 16.88 46.02 29.15
N GLU M 144 15.57 46.17 29.00
CA GLU M 144 14.61 45.13 29.32
C GLU M 144 13.57 45.08 28.21
N ALA M 145 13.26 43.86 27.76
CA ALA M 145 12.35 43.64 26.66
C ALA M 145 11.29 42.63 27.06
N SER M 146 10.12 42.73 26.43
CA SER M 146 8.97 41.89 26.74
C SER M 146 8.79 40.86 25.63
N PHE M 147 8.83 39.58 25.99
CA PHE M 147 8.56 38.49 25.07
C PHE M 147 7.11 38.08 25.25
N GLN M 148 6.28 38.36 24.25
CA GLN M 148 4.86 38.06 24.32
C GLN M 148 4.66 36.57 24.05
N ILE M 149 4.35 35.82 25.11
CA ILE M 149 4.21 34.37 25.02
C ILE M 149 2.76 33.92 25.13
N GLY M 150 1.82 34.85 25.25
CA GLY M 150 0.41 34.51 25.25
C GLY M 150 -0.14 34.38 23.84
N SER M 151 -1.46 34.41 23.75
CA SER M 151 -2.16 34.38 22.48
C SER M 151 -3.14 35.54 22.37
N SER M 152 -2.89 36.61 23.09
CA SER M 152 -3.73 37.80 23.04
C SER M 152 -2.93 38.96 23.64
N SER M 153 -3.50 40.16 23.52
CA SER M 153 -2.83 41.35 24.02
C SER M 153 -2.31 41.11 25.43
N GLY M 154 -1.19 41.76 25.75
CA GLY M 154 -0.54 41.49 27.03
C GLY M 154 -0.02 40.07 27.07
N GLU M 155 -0.08 39.45 28.25
CA GLU M 155 0.31 38.07 28.41
C GLU M 155 1.79 37.87 28.07
N ALA M 156 2.60 38.89 28.35
CA ALA M 156 4.01 38.87 28.03
C ALA M 156 4.84 38.77 29.31
N ILE M 157 6.14 38.50 29.12
CA ILE M 157 7.09 38.36 30.21
C ILE M 157 8.24 39.32 29.95
N ILE M 158 8.55 40.15 30.94
CA ILE M 158 9.72 41.02 30.85
C ILE M 158 10.98 40.18 31.05
N MET M 159 12.07 40.62 30.43
CA MET M 159 13.37 39.98 30.55
C MET M 159 14.39 41.00 31.00
N GLY M 160 15.23 40.63 31.96
CA GLY M 160 16.26 41.50 32.47
C GLY M 160 17.64 41.01 32.04
N LEU M 161 18.43 41.93 31.52
CA LEU M 161 19.80 41.63 31.10
C LEU M 161 20.64 42.87 31.39
N THR M 162 21.49 42.77 32.40
CA THR M 162 22.25 43.92 32.88
C THR M 162 23.68 43.86 32.35
N SER M 163 24.27 45.04 32.18
CA SER M 163 25.60 45.12 31.58
C SER M 163 26.59 44.29 32.38
N VAL M 164 27.45 43.57 31.66
CA VAL M 164 28.47 42.72 32.25
C VAL M 164 29.86 43.31 32.10
N ARG M 165 29.98 44.56 31.66
CA ARG M 165 31.29 45.20 31.57
C ARG M 165 32.01 45.14 32.91
N ALA M 166 33.33 45.19 32.86
CA ALA M 166 34.12 45.17 34.08
C ALA M 166 33.94 46.43 34.91
N ASP M 167 33.43 47.51 34.32
CA ASP M 167 33.30 48.78 35.01
C ASP M 167 31.89 49.03 35.54
N ASP M 168 30.98 48.06 35.42
CA ASP M 168 29.64 48.24 35.95
C ASP M 168 29.72 48.42 37.47
N PHE M 169 28.95 49.39 37.97
CA PHE M 169 29.04 49.74 39.38
C PHE M 169 28.74 48.54 40.27
N ARG M 170 27.86 47.64 39.83
CA ARG M 170 27.55 46.47 40.64
C ARG M 170 28.78 45.58 40.80
N MET M 171 29.57 45.44 39.74
CA MET M 171 30.77 44.60 39.77
C MET M 171 31.86 45.35 40.54
N GLY M 172 31.78 45.26 41.85
CA GLY M 172 32.75 45.90 42.71
C GLY M 172 32.09 46.31 44.02
N GLY M 173 32.38 47.54 44.44
CA GLY M 173 31.83 48.06 45.69
C GLY M 173 32.62 49.26 46.16
N GLN M 174 32.63 49.43 47.49
CA GLN M 174 33.33 50.52 48.14
C GLN M 174 34.49 49.98 48.95
N SER M 175 35.52 50.82 49.12
CA SER M 175 36.72 50.45 49.85
C SER M 175 37.08 51.55 50.84
N PHE M 176 37.64 51.14 51.97
CA PHE M 176 38.04 52.05 53.04
C PHE M 176 39.41 51.63 53.53
N ILE M 177 40.29 52.61 53.70
CA ILE M 177 41.68 52.38 54.10
C ILE M 177 41.95 53.14 55.39
N ALA M 178 42.50 52.44 56.37
CA ALA M 178 42.94 53.09 57.60
C ALA M 178 44.11 54.02 57.29
N GLU M 179 44.17 55.13 58.00
CA GLU M 179 45.20 56.14 57.77
C GLU M 179 46.40 55.97 58.70
N GLN M 180 46.43 54.94 59.53
CA GLN M 180 47.50 54.72 60.50
C GLN M 180 48.18 53.39 60.24
N PRO M 181 49.37 53.34 59.66
CA PRO M 181 50.06 52.06 59.50
C PRO M 181 50.43 51.46 60.84
N LYS M 182 50.44 50.13 60.90
CA LYS M 182 50.74 49.39 62.11
C LYS M 182 51.81 48.35 61.80
N THR M 183 52.86 48.31 62.59
CA THR M 183 54.01 47.47 62.31
C THR M 183 53.75 46.03 62.76
N LYS M 184 54.71 45.15 62.48
CA LYS M 184 54.57 43.74 62.81
C LYS M 184 54.43 43.54 64.31
N GLU M 185 55.25 44.21 65.10
CA GLU M 185 55.22 44.02 66.55
C GLU M 185 53.95 44.56 67.17
N TRP M 186 53.21 45.42 66.48
CA TRP M 186 52.04 46.04 67.05
C TRP M 186 50.96 45.00 67.31
N GLY M 187 50.24 45.18 68.42
CA GLY M 187 49.10 44.34 68.75
C GLY M 187 47.93 45.17 69.19
N VAL M 188 46.78 44.51 69.34
CA VAL M 188 45.56 45.19 69.76
C VAL M 188 45.68 45.56 71.22
N PRO M 189 45.60 46.84 71.59
CA PRO M 189 45.71 47.20 73.00
C PRO M 189 44.50 46.69 73.78
N PRO M 190 44.67 46.34 75.05
CA PRO M 190 43.54 45.81 75.83
C PRO M 190 42.38 46.78 75.93
N THR M 191 42.64 48.09 75.99
CA THR M 191 41.57 49.05 76.21
C THR M 191 40.67 49.17 74.98
N ALA M 192 41.27 49.23 73.78
CA ALA M 192 40.52 49.42 72.54
C ALA M 192 40.43 48.10 71.81
N ARG M 193 39.25 47.47 71.84
CA ARG M 193 39.01 46.24 71.10
C ARG M 193 37.73 46.36 70.28
N ASP M 194 36.78 47.13 70.77
CA ASP M 194 35.46 47.19 70.15
C ASP M 194 35.54 47.77 68.75
N LEU M 195 34.59 47.37 67.90
CA LEU M 195 34.49 47.88 66.54
C LEU M 195 33.03 47.78 66.12
N LYS M 196 32.35 48.92 66.11
CA LYS M 196 30.94 48.98 65.72
C LYS M 196 30.85 49.38 64.25
N PHE M 197 29.94 48.74 63.53
CA PHE M 197 29.86 48.86 62.08
C PHE M 197 28.38 49.02 61.72
N GLU M 198 27.94 50.26 61.53
CA GLU M 198 26.54 50.56 61.25
C GLU M 198 26.40 50.97 59.79
N PHE M 199 25.44 50.37 59.11
CA PHE M 199 25.19 50.73 57.71
C PHE M 199 23.83 50.15 57.30
N THR M 200 23.52 50.26 56.00
CA THR M 200 22.24 49.83 55.46
C THR M 200 22.49 49.05 54.17
N LYS M 201 22.00 47.82 54.14
CA LYS M 201 22.14 46.98 52.95
C LYS M 201 21.38 47.59 51.78
N LYS M 202 21.52 46.97 50.62
CA LYS M 202 20.87 47.49 49.42
C LYS M 202 19.35 47.42 49.52
N ASP M 203 18.82 46.37 50.15
CA ASP M 203 17.38 46.20 50.25
C ASP M 203 16.75 47.03 51.37
N GLY M 204 17.52 47.93 51.99
CA GLY M 204 16.99 48.85 52.98
C GLY M 204 17.19 48.43 54.42
N GLU M 205 17.47 47.15 54.66
CA GLU M 205 17.68 46.69 56.03
C GLU M 205 18.86 47.42 56.66
N ALA M 206 18.73 47.73 57.94
CA ALA M 206 19.79 48.36 58.71
C ALA M 206 20.54 47.30 59.50
N VAL M 207 21.87 47.35 59.44
CA VAL M 207 22.72 46.36 60.08
C VAL M 207 23.73 47.07 60.97
N VAL M 208 23.99 46.47 62.13
CA VAL M 208 24.95 47.01 63.08
C VAL M 208 25.77 45.87 63.67
N LEU M 209 26.99 45.70 63.15
CA LEU M 209 27.93 44.73 63.71
C LEU M 209 28.61 45.30 64.93
N ASP M 210 28.95 44.42 65.87
CA ASP M 210 29.54 44.79 67.15
C ASP M 210 30.80 43.97 67.41
N ILE M 211 31.70 43.93 66.42
CA ILE M 211 32.85 43.05 66.53
C ILE M 211 33.70 43.44 67.74
N ILE M 212 34.32 42.44 68.36
CA ILE M 212 35.18 42.63 69.52
C ILE M 212 36.50 41.92 69.21
N ALA M 213 37.52 42.68 68.80
CA ALA M 213 38.79 42.08 68.46
C ALA M 213 39.47 41.52 69.71
N LYS M 214 40.11 40.36 69.54
CA LYS M 214 40.77 39.71 70.66
C LYS M 214 42.05 40.45 71.03
N ASP M 215 42.42 40.34 72.30
CA ASP M 215 43.59 41.04 72.82
C ASP M 215 44.87 40.47 72.22
N GLY M 216 45.80 41.37 71.88
CA GLY M 216 47.12 40.96 71.44
C GLY M 216 47.13 40.21 70.12
N ASP M 217 46.74 40.88 69.05
CA ASP M 217 46.77 40.31 67.71
C ASP M 217 47.39 41.31 66.76
N ASP M 218 48.26 40.84 65.88
CA ASP M 218 48.81 41.74 64.86
C ASP M 218 47.76 41.95 63.78
N ILE M 219 48.10 42.76 62.78
CA ILE M 219 47.10 43.22 61.83
C ILE M 219 46.54 42.05 61.02
N GLU M 220 47.38 41.10 60.63
CA GLU M 220 46.90 39.98 59.81
C GLU M 220 45.84 39.18 60.55
N GLU M 221 46.10 38.85 61.82
CA GLU M 221 45.12 38.07 62.58
C GLU M 221 43.85 38.87 62.84
N LEU M 222 43.98 40.18 63.04
CA LEU M 222 42.80 41.01 63.23
C LEU M 222 41.94 41.01 61.97
N ALA M 223 42.57 41.13 60.80
CA ALA M 223 41.81 41.10 59.55
C ALA M 223 41.15 39.74 59.37
N THR M 224 41.85 38.66 59.68
CA THR M 224 41.26 37.34 59.57
C THR M 224 40.06 37.19 60.50
N TYR M 225 40.18 37.70 61.73
CA TYR M 225 39.07 37.65 62.68
C TYR M 225 37.87 38.43 62.16
N ILE M 226 38.12 39.64 61.64
CA ILE M 226 37.02 40.44 61.10
C ILE M 226 36.35 39.70 59.95
N ASN M 227 37.14 39.05 59.09
CA ASN M 227 36.57 38.25 58.02
C ASN M 227 35.70 37.14 58.58
N GLY M 228 36.18 36.45 59.61
CA GLY M 228 35.45 35.32 60.15
C GLY M 228 34.14 35.73 60.80
N GLN M 229 34.13 36.86 61.50
CA GLN M 229 32.94 37.25 62.25
C GLN M 229 31.75 37.52 61.33
N THR M 230 31.99 38.18 60.18
CA THR M 230 30.90 38.59 59.31
C THR M 230 31.24 38.25 57.86
N ASP M 231 30.19 38.11 57.05
CA ASP M 231 30.32 37.81 55.63
C ASP M 231 29.93 38.98 54.73
N LEU M 232 29.56 40.12 55.31
CA LEU M 232 29.24 41.31 54.54
C LEU M 232 30.46 42.18 54.26
N PHE M 233 31.64 41.74 54.69
CA PHE M 233 32.84 42.55 54.67
C PHE M 233 33.94 41.79 53.94
N LYS M 234 35.06 42.47 53.71
CA LYS M 234 36.30 41.80 53.31
C LYS M 234 37.45 42.65 53.87
N ALA M 235 37.89 42.30 55.08
CA ALA M 235 39.08 42.91 55.63
C ALA M 235 40.29 42.56 54.75
N SER M 236 41.39 43.26 55.01
CA SER M 236 42.60 43.09 54.21
C SER M 236 43.74 43.83 54.90
N VAL M 237 44.94 43.66 54.36
CA VAL M 237 46.12 44.32 54.90
C VAL M 237 47.07 44.67 53.75
N ASP M 238 47.31 45.96 53.54
CA ASP M 238 48.24 46.39 52.51
C ASP M 238 49.67 46.33 53.07
N GLN M 239 50.63 46.74 52.25
CA GLN M 239 52.03 46.57 52.61
C GLN M 239 52.38 47.34 53.87
N GLU M 240 51.91 48.58 53.99
CA GLU M 240 52.29 49.43 55.11
C GLU M 240 51.66 48.99 56.43
N GLY M 241 50.72 48.06 56.40
CA GLY M 241 50.03 47.64 57.62
C GLY M 241 48.75 48.38 57.90
N LYS M 242 48.23 49.14 56.95
CA LYS M 242 46.97 49.84 57.10
C LYS M 242 45.82 48.90 56.79
N LEU M 243 44.89 48.75 57.74
CA LEU M 243 43.77 47.85 57.53
C LEU M 243 42.92 48.31 56.35
N GLN M 244 42.42 47.35 55.59
CA GLN M 244 41.58 47.62 54.43
C GLN M 244 40.25 46.91 54.62
N ILE M 245 39.16 47.62 54.36
CA ILE M 245 37.82 47.04 54.47
C ILE M 245 37.09 47.32 53.16
N PHE M 246 36.63 46.25 52.50
CA PHE M 246 35.88 46.35 51.26
C PHE M 246 34.45 45.88 51.50
N VAL M 247 33.48 46.62 50.99
CA VAL M 247 32.08 46.28 51.12
C VAL M 247 31.49 46.20 49.72
N ALA M 248 30.95 45.04 49.37
CA ALA M 248 30.38 44.85 48.05
C ALA M 248 29.23 45.82 47.82
N GLU M 249 29.10 46.28 46.58
CA GLU M 249 28.03 47.23 46.25
C GLU M 249 26.65 46.70 46.61
N PRO M 250 26.29 45.44 46.30
CA PRO M 250 24.94 44.97 46.66
C PRO M 250 24.73 44.73 48.13
N ASN M 251 25.70 45.07 48.99
CA ASN M 251 25.57 44.87 50.42
C ASN M 251 25.68 46.16 51.22
N ILE M 252 25.74 47.32 50.55
CA ILE M 252 25.65 48.62 51.22
C ILE M 252 24.91 49.57 50.31
N GLU M 253 24.34 50.61 50.90
CA GLU M 253 23.57 51.60 50.16
C GLU M 253 23.64 52.91 50.93
N GLY M 254 24.52 53.80 50.49
CA GLY M 254 24.73 55.08 51.16
C GLY M 254 25.99 55.10 51.99
N ASN M 255 26.04 56.07 52.89
CA ASN M 255 27.21 56.24 53.74
C ASN M 255 27.39 55.03 54.64
N PHE M 256 28.65 54.69 54.91
CA PHE M 256 29.02 53.54 55.73
C PHE M 256 30.00 54.01 56.79
N ASN M 257 29.54 54.08 58.04
CA ASN M 257 30.27 54.73 59.12
C ASN M 257 30.92 53.70 60.02
N ILE M 258 32.15 54.00 60.44
CA ILE M 258 32.92 53.13 61.31
C ILE M 258 33.13 53.86 62.63
N SER M 259 32.86 53.16 63.74
CA SER M 259 32.99 53.73 65.07
C SER M 259 33.59 52.70 66.00
N GLY M 260 33.99 53.15 67.19
CA GLY M 260 34.59 52.28 68.18
C GLY M 260 36.00 52.68 68.53
N GLY M 261 36.45 52.31 69.73
CA GLY M 261 37.81 52.65 70.14
C GLY M 261 38.85 52.13 69.16
N LEU M 262 38.71 50.87 68.73
CA LEU M 262 39.63 50.34 67.74
C LEU M 262 39.52 51.09 66.43
N ALA M 263 38.32 51.58 66.09
CA ALA M 263 38.16 52.33 64.86
C ALA M 263 39.01 53.59 64.86
N THR M 264 39.03 54.31 65.99
CA THR M 264 39.86 55.51 66.08
C THR M 264 41.33 55.17 66.23
N GLU M 265 41.65 54.05 66.91
CA GLU M 265 43.05 53.65 67.00
C GLU M 265 43.63 53.34 65.63
N LEU M 266 42.89 52.59 64.82
CA LEU M 266 43.35 52.30 63.46
C LEU M 266 43.31 53.52 62.56
N GLY M 267 42.51 54.54 62.91
CA GLY M 267 42.34 55.70 62.06
C GLY M 267 41.33 55.53 60.96
N LEU M 268 40.65 54.40 60.89
CA LEU M 268 39.65 54.19 59.84
C LEU M 268 38.60 55.28 59.89
N ASN M 269 38.25 55.82 58.72
CA ASN M 269 37.24 56.86 58.59
C ASN M 269 36.11 56.31 57.73
N GLY M 270 34.91 56.27 58.30
CA GLY M 270 33.76 55.76 57.57
C GLY M 270 33.02 56.89 56.88
N GLY M 271 32.70 56.68 55.60
CA GLY M 271 32.01 57.67 54.82
C GLY M 271 31.59 57.13 53.47
N PRO M 272 31.62 57.96 52.43
CA PRO M 272 31.25 57.45 51.10
C PRO M 272 32.14 56.32 50.62
N GLY M 273 33.41 56.31 51.00
CA GLY M 273 34.31 55.25 50.61
C GLY M 273 34.73 55.36 49.16
N VAL M 274 35.94 54.91 48.85
CA VAL M 274 36.45 54.99 47.48
C VAL M 274 35.80 53.91 46.65
N LYS M 275 35.16 54.30 45.55
CA LYS M 275 34.52 53.33 44.67
C LYS M 275 35.58 52.52 43.95
N THR M 276 35.45 51.20 43.96
CA THR M 276 36.38 50.31 43.28
C THR M 276 35.58 49.24 42.57
N THR M 277 35.72 49.17 41.25
CA THR M 277 35.09 48.15 40.42
C THR M 277 36.16 47.21 39.89
N VAL M 278 35.73 46.21 39.11
CA VAL M 278 36.68 45.25 38.56
C VAL M 278 37.66 45.94 37.65
N GLN M 279 37.18 46.86 36.81
CA GLN M 279 38.08 47.59 35.91
C GLN M 279 39.10 48.39 36.69
N ASP M 280 38.77 48.79 37.92
CA ASP M 280 39.67 49.60 38.74
C ASP M 280 40.63 48.74 39.55
N ILE M 281 40.92 47.53 39.10
CA ILE M 281 41.72 46.57 39.84
C ILE M 281 43.17 46.68 39.40
N ASP M 282 44.08 46.77 40.37
CA ASP M 282 45.51 46.70 40.12
C ASP M 282 46.14 45.81 41.18
N ILE M 283 47.19 45.10 40.80
CA ILE M 283 47.83 44.15 41.69
C ILE M 283 49.32 44.41 41.76
N THR M 284 49.73 45.65 41.48
CA THR M 284 51.14 46.01 41.59
C THR M 284 51.61 46.08 43.04
N SER M 285 50.69 46.08 44.00
CA SER M 285 51.04 46.15 45.41
C SER M 285 50.21 45.14 46.18
N VAL M 286 50.68 44.80 47.38
CA VAL M 286 50.02 43.78 48.18
C VAL M 286 48.57 44.20 48.46
N GLY M 287 48.38 45.44 48.88
CA GLY M 287 47.03 45.92 49.15
C GLY M 287 46.16 45.85 47.91
N GLY M 288 46.75 46.09 46.74
CA GLY M 288 46.00 45.97 45.50
C GLY M 288 45.40 44.58 45.34
N SER M 289 46.21 43.54 45.56
CA SER M 289 45.71 42.18 45.41
C SER M 289 44.73 41.82 46.52
N GLN M 290 44.98 42.31 47.73
CA GLN M 290 44.06 42.03 48.83
C GLN M 290 42.69 42.62 48.57
N ASN M 291 42.64 43.81 47.99
CA ASN M 291 41.35 44.37 47.56
C ASN M 291 40.82 43.63 46.33
N ALA M 292 41.72 43.14 45.47
CA ALA M 292 41.30 42.47 44.25
C ALA M 292 40.50 41.22 44.56
N VAL M 293 40.95 40.43 45.54
CA VAL M 293 40.23 39.19 45.85
C VAL M 293 38.79 39.50 46.20
N GLY M 294 38.58 40.50 47.07
CA GLY M 294 37.22 40.85 47.45
C GLY M 294 36.41 41.43 46.31
N ILE M 295 37.03 42.28 45.50
CA ILE M 295 36.32 42.89 44.37
C ILE M 295 35.85 41.81 43.40
N ILE M 296 36.75 40.88 43.08
CA ILE M 296 36.39 39.80 42.17
C ILE M 296 35.34 38.90 42.80
N ASP M 297 35.40 38.69 44.12
CA ASP M 297 34.36 37.88 44.77
C ASP M 297 33.00 38.54 44.62
N ALA M 298 32.92 39.85 44.84
CA ALA M 298 31.65 40.56 44.66
C ALA M 298 31.18 40.46 43.22
N ALA M 299 32.08 40.64 42.26
CA ALA M 299 31.70 40.55 40.86
C ALA M 299 31.19 39.15 40.53
N LEU M 300 31.85 38.12 41.06
CA LEU M 300 31.39 36.76 40.85
C LEU M 300 30.01 36.54 41.42
N LYS M 301 29.75 37.07 42.62
CA LYS M 301 28.43 36.95 43.21
C LYS M 301 27.38 37.59 42.31
N TYR M 302 27.68 38.79 41.80
CA TYR M 302 26.74 39.48 40.92
C TYR M 302 26.46 38.67 39.66
N VAL M 303 27.53 38.17 39.03
CA VAL M 303 27.36 37.44 37.77
C VAL M 303 26.59 36.14 38.01
N ASP M 304 26.88 35.44 39.10
CA ASP M 304 26.16 34.21 39.39
C ASP M 304 24.70 34.48 39.69
N SER M 305 24.41 35.57 40.40
CA SER M 305 23.01 35.93 40.64
C SER M 305 22.28 36.18 39.33
N GLN M 306 22.91 36.91 38.41
CA GLN M 306 22.27 37.17 37.13
C GLN M 306 22.09 35.88 36.33
N ARG M 307 23.07 34.98 36.39
CA ARG M 307 22.94 33.70 35.70
C ARG M 307 21.79 32.89 36.28
N ALA M 308 21.64 32.90 37.61
CA ALA M 308 20.52 32.19 38.23
C ALA M 308 19.19 32.79 37.80
N ASP M 309 19.12 34.12 37.72
CA ASP M 309 17.90 34.76 37.23
C ASP M 309 17.58 34.32 35.81
N LEU M 310 18.60 34.28 34.95
CA LEU M 310 18.38 33.87 33.57
C LEU M 310 17.93 32.41 33.50
N GLY M 311 18.49 31.55 34.36
CA GLY M 311 18.04 30.17 34.40
C GLY M 311 16.60 30.04 34.85
N ALA M 312 16.21 30.86 35.83
CA ALA M 312 14.81 30.89 36.23
C ALA M 312 13.92 31.30 35.07
N LYS M 313 14.35 32.29 34.29
CA LYS M 313 13.58 32.69 33.12
C LYS M 313 13.50 31.56 32.10
N GLN M 314 14.60 30.82 31.90
CA GLN M 314 14.58 29.70 30.98
C GLN M 314 13.58 28.64 31.41
N ASN M 315 13.58 28.30 32.70
CA ASN M 315 12.64 27.31 33.20
C ASN M 315 11.19 27.80 33.05
N ARG M 316 10.96 29.07 33.37
CA ARG M 316 9.64 29.66 33.16
C ARG M 316 9.20 29.50 31.71
N LEU M 317 10.09 29.84 30.78
CA LEU M 317 9.73 29.77 29.36
C LEU M 317 9.50 28.35 28.91
N SER M 318 10.26 27.39 29.44
CA SER M 318 10.05 25.99 29.05
C SER M 318 8.70 25.49 29.55
N HIS M 319 8.35 25.79 30.80
CA HIS M 319 7.04 25.41 31.31
C HIS M 319 5.94 26.08 30.50
N SER M 320 6.12 27.34 30.16
CA SER M 320 5.12 28.04 29.34
C SER M 320 4.98 27.40 27.98
N ILE M 321 6.10 26.97 27.38
CA ILE M 321 6.04 26.32 26.07
C ILE M 321 5.24 25.02 26.17
N SER M 322 5.51 24.23 27.21
CA SER M 322 4.76 22.97 27.36
C SER M 322 3.27 23.25 27.55
N ASN M 323 2.94 24.24 28.39
CA ASN M 323 1.54 24.56 28.61
C ASN M 323 0.88 25.01 27.31
N LEU M 324 1.56 25.87 26.55
CA LEU M 324 0.99 26.38 25.31
C LEU M 324 0.79 25.26 24.31
N SER M 325 1.74 24.33 24.23
CA SER M 325 1.58 23.19 23.32
C SER M 325 0.37 22.36 23.71
N ASN M 326 0.19 22.10 25.01
CA ASN M 326 -0.96 21.32 25.44
C ASN M 326 -2.27 22.04 25.13
N ILE M 327 -2.32 23.34 25.40
CA ILE M 327 -3.53 24.12 25.12
C ILE M 327 -3.82 24.11 23.62
N GLN M 328 -2.78 24.24 22.80
CA GLN M 328 -2.98 24.20 21.36
C GLN M 328 -3.50 22.84 20.92
N GLU M 329 -3.00 21.77 21.51
CA GLU M 329 -3.49 20.44 21.18
C GLU M 329 -4.98 20.32 21.48
N ASN M 330 -5.39 20.74 22.68
CA ASN M 330 -6.79 20.66 23.04
C ASN M 330 -7.66 21.53 22.14
N VAL M 331 -7.18 22.74 21.84
CA VAL M 331 -7.94 23.66 21.01
C VAL M 331 -8.06 23.11 19.60
N GLU M 332 -7.01 22.48 19.09
CA GLU M 332 -7.09 21.87 17.76
C GLU M 332 -8.08 20.72 17.75
N ALA M 333 -8.10 19.91 18.80
CA ALA M 333 -9.09 18.84 18.88
C ALA M 333 -10.50 19.41 18.85
N SER M 334 -10.75 20.46 19.64
CA SER M 334 -12.07 21.07 19.67
C SER M 334 -12.43 21.68 18.31
N LYS M 335 -11.47 22.36 17.68
CA LYS M 335 -11.73 22.95 16.38
C LYS M 335 -12.07 21.89 15.35
N SER M 336 -11.36 20.76 15.37
CA SER M 336 -11.68 19.67 14.47
C SER M 336 -13.09 19.15 14.76
N ARG M 337 -13.44 19.03 16.03
CA ARG M 337 -14.78 18.56 16.37
C ARG M 337 -15.84 19.47 15.78
N ILE M 338 -15.66 20.79 15.91
CA ILE M 338 -16.69 21.71 15.45
C ILE M 338 -16.69 21.81 13.93
N LYS M 339 -15.50 21.90 13.31
CA LYS M 339 -15.37 22.21 11.89
C LYS M 339 -15.09 20.97 11.05
N ASP M 340 -14.02 20.25 11.35
CA ASP M 340 -13.60 19.15 10.48
C ASP M 340 -14.73 18.14 10.32
N THR M 341 -14.94 17.70 9.08
CA THR M 341 -16.01 16.78 8.76
C THR M 341 -15.66 15.36 9.21
N ASP M 342 -16.68 14.63 9.63
CA ASP M 342 -16.56 13.21 9.93
C ASP M 342 -16.80 12.45 8.62
N PHE M 343 -15.73 11.95 8.02
CA PHE M 343 -15.82 11.45 6.66
C PHE M 343 -16.84 10.33 6.53
N ALA M 344 -16.98 9.50 7.56
CA ALA M 344 -17.96 8.42 7.49
C ALA M 344 -19.37 8.98 7.31
N LYS M 345 -19.77 9.91 8.16
CA LYS M 345 -21.12 10.47 8.09
C LYS M 345 -21.34 11.16 6.76
N GLU M 346 -20.38 11.96 6.31
CA GLU M 346 -20.57 12.73 5.08
C GLU M 346 -20.62 11.81 3.86
N THR M 347 -19.79 10.78 3.83
CA THR M 347 -19.84 9.84 2.72
C THR M 347 -21.17 9.09 2.70
N THR M 348 -21.65 8.68 3.87
CA THR M 348 -22.96 8.03 3.93
C THR M 348 -24.04 8.96 3.41
N GLN M 349 -24.01 10.23 3.82
CA GLN M 349 -25.00 11.19 3.37
C GLN M 349 -24.90 11.40 1.86
N LEU M 350 -23.67 11.45 1.33
CA LEU M 350 -23.49 11.64 -0.11
C LEU M 350 -24.08 10.47 -0.89
N THR M 351 -23.83 9.24 -0.42
CA THR M 351 -24.39 8.08 -1.11
C THR M 351 -25.91 8.08 -1.01
N LYS M 352 -26.46 8.45 0.14
CA LYS M 352 -27.91 8.56 0.27
C LYS M 352 -28.46 9.58 -0.72
N SER M 353 -27.80 10.72 -0.85
CA SER M 353 -28.27 11.76 -1.76
C SER M 353 -28.15 11.32 -3.21
N GLN M 354 -27.10 10.58 -3.54
CA GLN M 354 -26.97 10.05 -4.90
C GLN M 354 -28.13 9.09 -5.20
N ILE M 355 -28.44 8.20 -4.26
CA ILE M 355 -29.56 7.28 -4.45
C ILE M 355 -30.85 8.07 -4.62
N LEU M 356 -31.05 9.10 -3.79
CA LEU M 356 -32.26 9.90 -3.89
C LEU M 356 -32.34 10.60 -5.24
N GLN M 357 -31.21 11.11 -5.74
CA GLN M 357 -31.22 11.77 -7.05
C GLN M 357 -31.56 10.77 -8.15
N GLN M 358 -30.99 9.57 -8.11
CA GLN M 358 -31.31 8.58 -9.12
C GLN M 358 -32.78 8.22 -9.08
N ALA M 359 -33.32 8.03 -7.87
CA ALA M 359 -34.75 7.76 -7.74
C ALA M 359 -35.57 8.91 -8.29
N GLY M 360 -35.16 10.15 -8.02
CA GLY M 360 -35.89 11.29 -8.52
C GLY M 360 -35.92 11.34 -10.03
N THR M 361 -34.77 11.10 -10.67
CA THR M 361 -34.75 11.11 -12.14
C THR M 361 -35.60 9.96 -12.69
N SER M 362 -35.52 8.78 -12.09
CA SER M 362 -36.35 7.68 -12.56
C SER M 362 -37.83 8.01 -12.44
N ILE M 363 -38.24 8.59 -11.31
CA ILE M 363 -39.64 8.90 -11.09
C ILE M 363 -40.09 10.02 -12.02
N LEU M 364 -39.22 10.99 -12.29
CA LEU M 364 -39.57 12.05 -13.22
C LEU M 364 -39.75 11.50 -14.63
N ALA M 365 -38.82 10.64 -15.08
CA ALA M 365 -38.97 10.05 -16.40
C ALA M 365 -40.24 9.22 -16.49
N GLN M 366 -40.55 8.44 -15.46
CA GLN M 366 -41.81 7.69 -15.44
C GLN M 366 -43.00 8.65 -15.40
N ALA M 367 -42.85 9.76 -14.70
CA ALA M 367 -43.93 10.73 -14.50
C ALA M 367 -43.95 11.80 -15.58
N LYS M 368 -43.28 11.57 -16.69
CA LYS M 368 -43.22 12.50 -17.80
C LYS M 368 -43.88 11.97 -19.06
N GLN M 369 -43.63 10.70 -19.41
CA GLN M 369 -44.17 10.15 -20.65
C GLN M 369 -45.60 9.67 -20.46
N LEU M 370 -45.80 8.68 -19.58
CA LEU M 370 -47.11 8.05 -19.45
C LEU M 370 -48.20 9.01 -18.99
N PRO M 371 -48.03 9.78 -17.91
CA PRO M 371 -49.16 10.57 -17.42
C PRO M 371 -49.68 11.56 -18.44
N ASN M 372 -48.82 12.13 -19.28
CA ASN M 372 -49.25 13.06 -20.31
C ASN M 372 -49.58 12.39 -21.62
N SER M 373 -49.11 11.16 -21.84
CA SER M 373 -49.31 10.47 -23.10
C SER M 373 -50.52 9.56 -23.11
N ALA M 374 -51.06 9.22 -21.94
CA ALA M 374 -52.25 8.38 -21.91
C ALA M 374 -53.40 9.01 -22.69
N ILE M 375 -53.45 10.33 -22.76
CA ILE M 375 -54.57 10.98 -23.44
C ILE M 375 -54.58 10.62 -24.92
N SER M 376 -53.40 10.39 -25.51
CA SER M 376 -53.35 9.99 -26.91
C SER M 376 -54.01 8.63 -27.11
N LEU M 377 -53.80 7.70 -26.17
CA LEU M 377 -54.58 6.47 -26.18
C LEU M 377 -56.06 6.78 -26.01
N LEU M 378 -56.38 7.77 -25.18
CA LEU M 378 -57.77 8.23 -25.06
C LEU M 378 -58.27 8.87 -26.34
N GLN M 379 -57.39 9.23 -27.26
CA GLN M 379 -57.78 9.87 -28.51
C GLN M 379 -57.84 8.85 -29.65
N THR N 2 -54.99 -16.57 -9.63
CA THR N 2 -55.19 -16.65 -11.11
C THR N 2 -54.44 -15.50 -11.79
N ILE N 3 -55.12 -14.67 -12.57
CA ILE N 3 -54.49 -13.57 -13.27
C ILE N 3 -55.10 -12.23 -12.88
N ASN N 4 -55.74 -12.15 -11.72
CA ASN N 4 -56.30 -10.90 -11.24
C ASN N 4 -55.20 -9.83 -11.13
N VAL N 5 -55.64 -8.58 -10.94
CA VAL N 5 -54.73 -7.45 -11.01
C VAL N 5 -54.61 -6.74 -9.67
N ASN N 6 -55.69 -6.74 -8.89
CA ASN N 6 -55.72 -5.94 -7.68
C ASN N 6 -54.77 -6.51 -6.62
N THR N 7 -54.84 -7.81 -6.37
CA THR N 7 -54.06 -8.44 -5.31
C THR N 7 -52.91 -9.22 -5.93
N ASN N 8 -51.70 -8.98 -5.42
CA ASN N 8 -50.48 -9.61 -5.92
C ASN N 8 -49.87 -10.42 -4.78
N VAL N 9 -50.33 -11.66 -4.63
CA VAL N 9 -49.90 -12.50 -3.52
C VAL N 9 -48.41 -12.79 -3.61
N SER N 10 -47.93 -13.16 -4.80
CA SER N 10 -46.52 -13.49 -4.95
C SER N 10 -45.63 -12.29 -4.64
N ALA N 11 -46.10 -11.08 -4.98
CA ALA N 11 -45.38 -9.88 -4.59
C ALA N 11 -45.28 -9.77 -3.08
N MET N 12 -46.37 -10.10 -2.38
CA MET N 12 -46.34 -10.06 -0.92
C MET N 12 -45.35 -11.09 -0.36
N THR N 13 -45.31 -12.28 -0.95
CA THR N 13 -44.36 -13.29 -0.51
C THR N 13 -42.92 -12.81 -0.71
N ALA N 14 -42.63 -12.24 -1.88
CA ALA N 14 -41.30 -11.71 -2.14
C ALA N 14 -40.96 -10.61 -1.15
N GLN N 15 -41.93 -9.73 -0.86
CA GLN N 15 -41.69 -8.65 0.09
C GLN N 15 -41.39 -9.21 1.48
N ARG N 16 -42.15 -10.20 1.91
CA ARG N 16 -41.94 -10.77 3.25
C ARG N 16 -40.55 -11.38 3.36
N TYR N 17 -40.16 -12.19 2.38
CA TYR N 17 -38.85 -12.82 2.45
C TYR N 17 -37.73 -11.81 2.29
N LEU N 18 -37.93 -10.76 1.48
CA LEU N 18 -36.93 -9.71 1.39
C LEU N 18 -36.78 -8.97 2.71
N THR N 19 -37.89 -8.71 3.39
CA THR N 19 -37.81 -8.07 4.69
C THR N 19 -37.07 -8.94 5.69
N LYS N 20 -37.34 -10.24 5.69
CA LYS N 20 -36.61 -11.14 6.56
C LYS N 20 -35.13 -11.11 6.24
N ALA N 21 -34.78 -11.15 4.95
CA ALA N 21 -33.37 -11.12 4.57
C ALA N 21 -32.71 -9.84 5.02
N THR N 22 -33.40 -8.70 4.86
CA THR N 22 -32.81 -7.42 5.26
C THR N 22 -32.63 -7.35 6.77
N GLY N 23 -33.59 -7.88 7.53
CA GLY N 23 -33.42 -7.92 8.98
C GLY N 23 -32.22 -8.74 9.39
N GLU N 24 -32.08 -9.93 8.80
CA GLU N 24 -30.92 -10.76 9.09
C GLU N 24 -29.64 -10.05 8.68
N LEU N 25 -29.66 -9.34 7.56
CA LEU N 25 -28.48 -8.61 7.11
C LEU N 25 -28.09 -7.54 8.12
N ASN N 26 -29.07 -6.78 8.61
CA ASN N 26 -28.78 -5.75 9.59
C ASN N 26 -28.21 -6.35 10.86
N THR N 27 -28.79 -7.46 11.33
CA THR N 27 -28.26 -8.11 12.54
C THR N 27 -26.83 -8.58 12.32
N SER N 28 -26.55 -9.20 11.18
CA SER N 28 -25.20 -9.70 10.92
C SER N 28 -24.21 -8.55 10.83
N MET N 29 -24.59 -7.45 10.17
CA MET N 29 -23.68 -6.31 10.05
C MET N 29 -23.42 -5.69 11.42
N GLU N 30 -24.45 -5.59 12.26
CA GLU N 30 -24.23 -5.07 13.61
C GLU N 30 -23.27 -5.97 14.38
N ARG N 31 -23.48 -7.29 14.31
CA ARG N 31 -22.59 -8.20 15.01
C ARG N 31 -21.16 -8.07 14.51
N LEU N 32 -20.97 -7.97 13.20
CA LEU N 32 -19.63 -7.85 12.64
C LEU N 32 -18.97 -6.56 13.06
N SER N 33 -19.71 -5.45 13.02
CA SER N 33 -19.12 -4.15 13.33
C SER N 33 -18.78 -4.05 14.82
N SER N 34 -19.71 -4.41 15.69
CA SER N 34 -19.48 -4.24 17.12
C SER N 34 -18.43 -5.21 17.64
N GLY N 35 -18.25 -6.35 16.99
CA GLY N 35 -17.35 -7.36 17.48
C GLY N 35 -17.94 -8.25 18.55
N ASN N 36 -19.18 -8.03 18.95
CA ASN N 36 -19.86 -8.85 19.94
C ASN N 36 -21.11 -9.46 19.32
N ARG N 37 -21.33 -10.74 19.58
CA ARG N 37 -22.51 -11.41 19.06
C ARG N 37 -23.78 -10.96 19.77
N ILE N 38 -23.68 -10.65 21.06
CA ILE N 38 -24.83 -10.24 21.87
C ILE N 38 -24.65 -8.77 22.22
N ASN N 39 -25.50 -7.92 21.63
CA ASN N 39 -25.52 -6.49 21.89
C ASN N 39 -26.81 -6.04 22.56
N SER N 40 -27.95 -6.50 22.07
CA SER N 40 -29.25 -6.27 22.70
C SER N 40 -29.70 -7.56 23.36
N ALA N 41 -30.62 -7.41 24.32
CA ALA N 41 -31.10 -8.58 25.04
C ALA N 41 -31.79 -9.58 24.13
N LYS N 42 -32.29 -9.15 22.97
CA LYS N 42 -32.97 -10.07 22.08
C LYS N 42 -32.03 -11.12 21.50
N ASP N 43 -30.75 -10.78 21.35
CA ASP N 43 -29.80 -11.74 20.80
C ASP N 43 -29.72 -12.99 21.66
N ASP N 44 -29.63 -12.81 22.97
CA ASP N 44 -29.59 -13.93 23.90
C ASP N 44 -29.83 -13.40 25.30
N ALA N 45 -30.81 -13.98 26.01
CA ALA N 45 -31.12 -13.50 27.35
C ALA N 45 -30.18 -14.09 28.39
N ALA N 46 -30.21 -15.42 28.55
CA ALA N 46 -29.32 -16.05 29.52
C ALA N 46 -27.86 -15.80 29.17
N GLY N 47 -27.54 -15.87 27.88
CA GLY N 47 -26.18 -15.57 27.45
C GLY N 47 -25.76 -14.17 27.83
N LEU N 48 -26.64 -13.19 27.59
CA LEU N 48 -26.32 -11.82 27.96
C LEU N 48 -26.10 -11.69 29.45
N GLN N 49 -26.94 -12.31 30.26
CA GLN N 49 -26.80 -12.21 31.70
C GLN N 49 -25.47 -12.79 32.16
N ILE N 50 -25.14 -14.00 31.69
CA ILE N 50 -23.90 -14.63 32.14
C ILE N 50 -22.70 -13.84 31.63
N SER N 51 -22.80 -13.29 30.41
CA SER N 51 -21.69 -12.51 29.87
C SER N 51 -21.46 -11.25 30.68
N ASN N 52 -22.53 -10.56 31.07
CA ASN N 52 -22.38 -9.40 31.93
C ASN N 52 -21.76 -9.78 33.27
N ARG N 53 -22.21 -10.90 33.85
CA ARG N 53 -21.62 -11.34 35.11
C ARG N 53 -20.13 -11.61 34.95
N LEU N 54 -19.74 -12.28 33.86
CA LEU N 54 -18.34 -12.61 33.65
C LEU N 54 -17.51 -11.36 33.40
N THR N 55 -18.05 -10.39 32.66
CA THR N 55 -17.32 -9.13 32.47
C THR N 55 -17.11 -8.42 33.78
N ALA N 56 -18.15 -8.36 34.62
CA ALA N 56 -18.00 -7.74 35.93
C ALA N 56 -16.94 -8.46 36.75
N GLN N 57 -16.97 -9.80 36.73
CA GLN N 57 -15.99 -10.56 37.49
C GLN N 57 -14.57 -10.33 36.98
N SER N 58 -14.41 -10.24 35.66
CA SER N 58 -13.08 -10.00 35.11
C SER N 58 -12.55 -8.63 35.50
N ARG N 59 -13.41 -7.61 35.44
CA ARG N 59 -12.97 -6.29 35.90
C ARG N 59 -12.63 -6.31 37.39
N GLY N 60 -13.44 -7.01 38.18
CA GLY N 60 -13.11 -7.16 39.59
C GLY N 60 -11.79 -7.86 39.80
N LEU N 61 -11.48 -8.85 38.96
CA LEU N 61 -10.20 -9.53 39.07
C LEU N 61 -9.04 -8.61 38.74
N ASP N 62 -9.20 -7.76 37.71
CA ASP N 62 -8.16 -6.80 37.40
C ASP N 62 -7.95 -5.85 38.58
N VAL N 63 -9.04 -5.36 39.18
CA VAL N 63 -8.93 -4.49 40.35
C VAL N 63 -8.25 -5.24 41.49
N ALA N 64 -8.54 -6.52 41.64
CA ALA N 64 -7.91 -7.32 42.69
C ALA N 64 -6.42 -7.45 42.46
N MET N 65 -6.00 -7.65 41.22
CA MET N 65 -4.58 -7.68 40.92
C MET N 65 -3.93 -6.35 41.27
N ARG N 66 -4.58 -5.24 40.95
CA ARG N 66 -4.01 -3.94 41.29
C ARG N 66 -3.91 -3.76 42.80
N ASN N 67 -4.94 -4.18 43.53
CA ASN N 67 -4.91 -4.08 45.00
C ASN N 67 -3.79 -4.93 45.57
N ALA N 68 -3.62 -6.15 45.05
CA ALA N 68 -2.56 -7.02 45.53
C ALA N 68 -1.20 -6.43 45.23
N ASN N 69 -1.05 -5.77 44.07
CA ASN N 69 0.22 -5.13 43.75
C ASN N 69 0.50 -3.97 44.70
N ASP N 70 -0.53 -3.20 45.07
CA ASP N 70 -0.33 -2.15 46.06
C ASP N 70 0.09 -2.74 47.40
N GLY N 71 -0.52 -3.87 47.77
CA GLY N 71 -0.13 -4.53 49.00
C GLY N 71 1.30 -5.00 48.99
N ILE N 72 1.73 -5.62 47.88
CA ILE N 72 3.11 -6.07 47.80
C ILE N 72 4.06 -4.88 47.85
N SER N 73 3.66 -3.75 47.25
CA SER N 73 4.52 -2.57 47.28
C SER N 73 4.66 -2.01 48.69
N ILE N 74 3.56 -1.92 49.43
CA ILE N 74 3.67 -1.40 50.79
C ILE N 74 4.47 -2.34 51.67
N ALA N 75 4.30 -3.66 51.46
CA ALA N 75 5.14 -4.62 52.18
C ALA N 75 6.61 -4.42 51.84
N GLN N 76 6.92 -4.16 50.57
CA GLN N 76 8.31 -3.93 50.18
C GLN N 76 8.88 -2.70 50.87
N THR N 77 8.11 -1.62 50.91
CA THR N 77 8.59 -0.40 51.57
C THR N 77 8.86 -0.67 53.05
N ALA N 78 7.93 -1.35 53.72
CA ALA N 78 8.14 -1.69 55.11
C ALA N 78 9.39 -2.54 55.28
N GLU N 79 9.59 -3.50 54.37
CA GLU N 79 10.74 -4.39 54.46
C GLU N 79 12.04 -3.61 54.34
N GLY N 80 12.10 -2.65 53.41
CA GLY N 80 13.30 -1.83 53.28
C GLY N 80 13.58 -1.00 54.51
N ALA N 81 12.54 -0.37 55.05
CA ALA N 81 12.73 0.39 56.29
C ALA N 81 13.26 -0.52 57.39
N MET N 82 12.70 -1.73 57.51
CA MET N 82 13.18 -2.66 58.52
C MET N 82 14.62 -3.08 58.27
N ASN N 83 15.03 -3.15 56.99
CA ASN N 83 16.42 -3.46 56.68
C ASN N 83 17.35 -2.39 57.23
N GLU N 84 17.03 -1.12 56.96
CA GLU N 84 17.82 -0.03 57.53
C GLU N 84 17.84 -0.12 59.05
N SER N 85 16.68 -0.38 59.66
CA SER N 85 16.60 -0.46 61.12
C SER N 85 17.48 -1.58 61.67
N THR N 86 17.48 -2.74 60.99
CA THR N 86 18.29 -3.86 61.44
C THR N 86 19.77 -3.54 61.34
N SER N 87 20.19 -2.86 60.27
CA SER N 87 21.58 -2.46 60.18
C SER N 87 21.96 -1.54 61.34
N ILE N 88 21.10 -0.57 61.64
CA ILE N 88 21.38 0.33 62.76
C ILE N 88 21.46 -0.44 64.06
N LEU N 89 20.55 -1.40 64.27
CA LEU N 89 20.56 -2.17 65.51
C LEU N 89 21.83 -2.99 65.65
N GLN N 90 22.29 -3.60 64.55
CA GLN N 90 23.54 -4.35 64.61
C GLN N 90 24.72 -3.44 64.94
N ARG N 91 24.75 -2.25 64.34
CA ARG N 91 25.82 -1.31 64.69
C ARG N 91 25.78 -0.95 66.17
N MET N 92 24.58 -0.73 66.69
CA MET N 92 24.45 -0.40 68.11
C MET N 92 24.91 -1.56 68.99
N ARG N 93 24.57 -2.79 68.61
CA ARG N 93 25.02 -3.94 69.37
C ARG N 93 26.54 -4.03 69.38
N ASP N 94 27.18 -3.80 68.23
CA ASP N 94 28.63 -3.83 68.19
C ASP N 94 29.23 -2.72 69.05
N LEU N 95 28.61 -1.54 69.03
CA LEU N 95 29.07 -0.45 69.88
C LEU N 95 29.03 -0.86 71.35
N ALA N 96 27.91 -1.47 71.77
CA ALA N 96 27.79 -1.91 73.15
C ALA N 96 28.86 -2.94 73.49
N LEU N 97 29.04 -3.93 72.61
CA LEU N 97 30.05 -4.96 72.87
C LEU N 97 31.43 -4.33 73.03
N GLN N 98 31.77 -3.36 72.18
CA GLN N 98 33.05 -2.67 72.32
C GLN N 98 33.13 -1.93 73.64
N SER N 99 32.04 -1.27 74.05
CA SER N 99 32.06 -0.56 75.32
C SER N 99 32.25 -1.50 76.50
N ALA N 100 31.81 -2.74 76.38
CA ALA N 100 31.89 -3.67 77.50
C ALA N 100 33.32 -3.95 77.91
N ASN N 101 34.29 -3.75 77.02
CA ASN N 101 35.68 -4.05 77.35
C ASN N 101 36.11 -3.27 78.59
N GLY N 102 36.86 -3.95 79.46
CA GLY N 102 37.22 -3.34 80.73
C GLY N 102 38.08 -2.09 80.56
N THR N 103 39.03 -2.13 79.64
CA THR N 103 39.98 -1.02 79.45
C THR N 103 39.30 0.05 78.59
N ASN N 104 38.45 0.85 79.23
CA ASN N 104 37.79 1.94 78.54
C ASN N 104 37.69 3.21 79.38
N SER N 105 38.27 3.26 80.57
CA SER N 105 38.24 4.46 81.42
C SER N 105 36.78 4.92 81.50
N ALA N 106 36.49 6.21 81.26
CA ALA N 106 35.12 6.68 81.24
C ALA N 106 34.84 7.52 80.00
N SER N 107 35.85 8.23 79.50
CA SER N 107 35.63 9.20 78.43
C SER N 107 35.21 8.51 77.14
N GLU N 108 35.98 7.51 76.69
CA GLU N 108 35.60 6.82 75.47
C GLU N 108 34.27 6.09 75.64
N ARG N 109 33.93 5.68 76.86
CA ARG N 109 32.59 5.18 77.10
C ARG N 109 31.55 6.26 76.81
N GLN N 110 31.85 7.50 77.19
CA GLN N 110 30.95 8.60 76.89
C GLN N 110 30.82 8.81 75.39
N ALA N 111 31.92 8.71 74.66
CA ALA N 111 31.86 8.86 73.20
C ALA N 111 31.02 7.76 72.57
N LEU N 112 31.21 6.51 73.02
CA LEU N 112 30.40 5.41 72.51
C LEU N 112 28.92 5.63 72.83
N ASN N 113 28.64 6.14 74.02
CA ASN N 113 27.25 6.42 74.39
C ASN N 113 26.67 7.52 73.50
N GLU N 114 27.48 8.52 73.16
CA GLU N 114 27.01 9.56 72.24
C GLU N 114 26.67 8.98 70.88
N GLU N 115 27.54 8.10 70.37
CA GLU N 115 27.25 7.46 69.09
C GLU N 115 25.98 6.61 69.18
N SER N 116 25.79 5.89 70.29
CA SER N 116 24.60 5.09 70.46
C SER N 116 23.35 5.96 70.51
N VAL N 117 23.44 7.11 71.17
CA VAL N 117 22.31 8.02 71.23
C VAL N 117 21.96 8.55 69.84
N ALA N 118 22.99 8.87 69.05
CA ALA N 118 22.74 9.31 67.68
C ALA N 118 22.05 8.22 66.88
N LEU N 119 22.54 6.98 66.97
CA LEU N 119 21.88 5.87 66.29
C LEU N 119 20.45 5.69 66.79
N GLN N 120 20.22 5.96 68.07
CA GLN N 120 18.89 5.81 68.65
C GLN N 120 17.92 6.81 68.03
N ASP N 121 18.33 8.07 67.98
CA ASP N 121 17.51 9.08 67.34
C ASP N 121 17.30 8.76 65.86
N GLU N 122 18.30 8.16 65.22
CA GLU N 122 18.12 7.72 63.83
C GLU N 122 17.06 6.63 63.74
N LEU N 123 17.05 5.68 64.68
CA LEU N 123 16.01 4.67 64.71
C LEU N 123 14.64 5.30 64.86
N ASN N 124 14.53 6.28 65.75
CA ASN N 124 13.25 6.97 65.92
C ASN N 124 12.82 7.67 64.64
N ARG N 125 13.78 8.31 63.96
CA ARG N 125 13.47 8.98 62.70
C ARG N 125 12.97 7.99 61.66
N ILE N 126 13.62 6.82 61.57
CA ILE N 126 13.16 5.80 60.63
C ILE N 126 11.74 5.36 60.99
N ALA N 127 11.48 5.15 62.28
CA ALA N 127 10.16 4.70 62.69
C ALA N 127 9.10 5.74 62.34
N GLU N 128 9.42 7.02 62.49
CA GLU N 128 8.45 8.10 62.37
C GLU N 128 8.40 8.74 60.98
N THR N 129 9.24 8.31 60.05
CA THR N 129 9.33 9.01 58.77
C THR N 129 8.88 8.16 57.58
N THR N 130 9.37 6.92 57.47
CA THR N 130 9.07 6.12 56.28
C THR N 130 7.56 6.06 56.06
N SER N 131 7.15 6.33 54.82
CA SER N 131 5.74 6.47 54.51
C SER N 131 5.50 6.09 53.05
N PHE N 132 4.28 5.63 52.77
CA PHE N 132 3.85 5.34 51.40
C PHE N 132 3.01 6.52 50.90
N GLY N 133 3.70 7.59 50.54
CA GLY N 133 3.03 8.76 50.02
C GLY N 133 2.09 9.41 51.01
N GLY N 134 2.55 9.58 52.25
CA GLY N 134 1.76 10.24 53.27
C GLY N 134 1.30 9.31 54.37
N ARG N 135 0.93 8.09 54.01
CA ARG N 135 0.45 7.10 54.96
C ARG N 135 1.65 6.55 55.73
N LYS N 136 1.81 6.98 56.98
CA LYS N 136 2.91 6.48 57.79
C LYS N 136 2.78 4.98 57.99
N LEU N 137 3.93 4.30 58.02
CA LEU N 137 3.96 2.84 57.98
C LEU N 137 4.47 2.19 59.26
N LEU N 138 5.55 2.71 59.85
CA LEU N 138 6.22 2.04 60.95
C LEU N 138 6.08 2.77 62.28
N ASN N 139 5.21 3.77 62.37
CA ASN N 139 5.04 4.53 63.60
C ASN N 139 3.87 4.05 64.45
N GLY N 140 3.29 2.90 64.14
CA GLY N 140 2.21 2.35 64.92
C GLY N 140 0.82 2.82 64.53
N SER N 141 0.71 3.70 63.54
CA SER N 141 -0.60 4.18 63.11
C SER N 141 -1.24 3.26 62.08
N PHE N 142 -0.46 2.38 61.45
CA PHE N 142 -1.02 1.53 60.41
C PHE N 142 -2.06 0.58 60.97
N GLY N 143 -1.80 -0.02 62.13
CA GLY N 143 -2.75 -0.92 62.75
C GLY N 143 -3.08 -2.10 61.85
N GLU N 144 -4.30 -2.09 61.30
CA GLU N 144 -4.76 -3.12 60.40
C GLU N 144 -5.09 -2.50 59.04
N ALA N 145 -5.01 -3.31 58.00
CA ALA N 145 -5.37 -2.85 56.65
C ALA N 145 -5.88 -4.05 55.88
N SER N 146 -7.15 -4.01 55.48
CA SER N 146 -7.73 -5.07 54.69
C SER N 146 -7.41 -4.84 53.22
N PHE N 147 -6.78 -5.81 52.58
CA PHE N 147 -6.37 -5.72 51.18
C PHE N 147 -7.31 -6.62 50.37
N GLN N 148 -8.39 -6.03 49.87
CA GLN N 148 -9.34 -6.75 49.03
C GLN N 148 -8.61 -7.27 47.80
N ILE N 149 -8.48 -8.59 47.69
CA ILE N 149 -7.78 -9.21 46.57
C ILE N 149 -8.66 -10.25 45.90
N GLY N 150 -9.97 -10.04 45.95
CA GLY N 150 -10.91 -10.95 45.33
C GLY N 150 -11.85 -10.20 44.40
N SER N 151 -12.42 -10.95 43.45
CA SER N 151 -13.35 -10.36 42.52
C SER N 151 -14.58 -9.83 43.24
N SER N 152 -15.11 -10.60 44.19
CA SER N 152 -16.30 -10.22 44.92
C SER N 152 -15.91 -9.49 46.21
N SER N 153 -16.88 -9.25 47.08
CA SER N 153 -16.63 -8.60 48.35
C SER N 153 -16.27 -9.61 49.42
N GLY N 154 -15.68 -9.12 50.50
CA GLY N 154 -15.37 -9.94 51.66
C GLY N 154 -14.12 -10.78 51.52
N GLU N 155 -13.40 -10.69 50.40
CA GLU N 155 -12.18 -11.45 50.18
C GLU N 155 -11.00 -10.48 50.33
N ALA N 156 -10.28 -10.61 51.44
CA ALA N 156 -9.16 -9.72 51.70
C ALA N 156 -8.23 -10.37 52.72
N ILE N 157 -7.06 -9.78 52.88
CA ILE N 157 -6.08 -10.18 53.88
C ILE N 157 -5.79 -8.99 54.78
N ILE N 158 -5.94 -9.19 56.08
CA ILE N 158 -5.68 -8.11 57.03
C ILE N 158 -4.18 -8.09 57.33
N MET N 159 -3.50 -7.03 56.89
CA MET N 159 -2.08 -6.85 57.10
C MET N 159 -1.88 -5.82 58.20
N GLY N 160 -0.95 -6.12 59.12
CA GLY N 160 -0.68 -5.22 60.22
C GLY N 160 0.79 -5.01 60.48
N LEU N 161 1.22 -3.76 60.52
CA LEU N 161 2.62 -3.39 60.71
C LEU N 161 2.77 -2.82 62.12
N THR N 162 3.47 -3.55 62.98
CA THR N 162 3.74 -3.05 64.33
C THR N 162 4.82 -1.97 64.30
N SER N 163 4.70 -1.02 65.21
CA SER N 163 5.66 0.07 65.26
C SER N 163 7.04 -0.44 65.67
N VAL N 164 8.07 0.24 65.19
CA VAL N 164 9.45 -0.14 65.48
C VAL N 164 10.20 1.04 66.10
N ARG N 165 9.47 1.91 66.78
CA ARG N 165 10.13 2.95 67.56
C ARG N 165 11.04 2.31 68.60
N ALA N 166 12.16 2.97 68.87
CA ALA N 166 13.12 2.43 69.83
C ALA N 166 12.52 2.25 71.21
N ASP N 167 11.42 2.94 71.52
CA ASP N 167 10.81 2.89 72.83
C ASP N 167 9.67 1.89 72.95
N ASP N 168 9.36 1.17 71.87
CA ASP N 168 8.27 0.20 71.93
C ASP N 168 8.58 -0.88 72.96
N PHE N 169 7.53 -1.29 73.70
CA PHE N 169 7.75 -2.24 74.79
C PHE N 169 8.19 -3.60 74.28
N ARG N 170 7.80 -3.96 73.05
CA ARG N 170 8.28 -5.21 72.47
C ARG N 170 9.77 -5.17 72.19
N MET N 171 10.32 -3.99 71.92
CA MET N 171 11.73 -3.83 71.58
C MET N 171 12.57 -3.72 72.87
N GLY N 172 12.56 -4.80 73.64
CA GLY N 172 13.30 -4.82 74.89
C GLY N 172 12.91 -5.94 75.81
N GLY N 173 12.66 -5.61 77.07
CA GLY N 173 12.29 -6.64 78.04
C GLY N 173 12.36 -6.12 79.46
N GLN N 174 12.58 -7.05 80.38
CA GLN N 174 12.61 -6.76 81.80
C GLN N 174 13.96 -7.18 82.39
N SER N 175 14.54 -6.30 83.19
CA SER N 175 15.86 -6.50 83.76
C SER N 175 15.76 -6.63 85.28
N PHE N 176 16.63 -7.46 85.84
CA PHE N 176 16.69 -7.70 87.28
C PHE N 176 18.14 -7.63 87.73
N ILE N 177 18.39 -6.92 88.82
CA ILE N 177 19.72 -6.67 89.35
C ILE N 177 19.80 -7.23 90.76
N ALA N 178 20.84 -8.01 91.02
CA ALA N 178 21.07 -8.52 92.36
C ALA N 178 21.42 -7.37 93.31
N GLU N 179 21.04 -7.54 94.57
CA GLU N 179 21.28 -6.51 95.58
C GLU N 179 22.55 -6.74 96.39
N GLN N 180 23.25 -7.85 96.17
CA GLN N 180 24.46 -8.18 96.93
C GLN N 180 25.66 -8.27 96.00
N PRO N 181 26.52 -7.26 95.94
CA PRO N 181 27.71 -7.38 95.09
C PRO N 181 28.67 -8.42 95.62
N LYS N 182 29.38 -9.07 94.69
CA LYS N 182 30.34 -10.11 95.02
C LYS N 182 31.67 -9.77 94.38
N THR N 183 32.75 -9.85 95.16
CA THR N 183 34.07 -9.49 94.68
C THR N 183 34.65 -10.64 93.83
N LYS N 184 35.80 -10.36 93.22
CA LYS N 184 36.44 -11.35 92.35
C LYS N 184 36.82 -12.60 93.15
N GLU N 185 37.33 -12.43 94.36
CA GLU N 185 37.77 -13.58 95.15
C GLU N 185 36.60 -14.53 95.42
N TRP N 186 35.39 -14.02 95.49
CA TRP N 186 34.25 -14.85 95.87
C TRP N 186 33.98 -15.92 94.82
N GLY N 187 33.67 -17.14 95.29
CA GLY N 187 33.23 -18.21 94.44
C GLY N 187 31.92 -18.79 94.94
N VAL N 188 31.30 -19.61 94.11
CA VAL N 188 30.02 -20.21 94.46
C VAL N 188 30.23 -21.09 95.70
N PRO N 189 29.56 -20.83 96.81
CA PRO N 189 29.77 -21.66 97.99
C PRO N 189 29.23 -23.06 97.75
N PRO N 190 29.82 -24.08 98.38
CA PRO N 190 29.36 -25.45 98.13
C PRO N 190 27.92 -25.70 98.56
N THR N 191 27.37 -24.89 99.45
CA THR N 191 26.02 -25.14 99.96
C THR N 191 24.96 -24.56 99.02
N ALA N 192 25.02 -23.25 98.77
CA ALA N 192 24.05 -22.57 97.93
C ALA N 192 24.55 -22.61 96.49
N ARG N 193 23.99 -23.51 95.70
CA ARG N 193 24.36 -23.67 94.30
C ARG N 193 23.17 -23.60 93.37
N ASP N 194 22.01 -24.12 93.79
CA ASP N 194 20.87 -24.23 92.90
C ASP N 194 20.29 -22.85 92.59
N LEU N 195 19.53 -22.79 91.50
CA LEU N 195 18.86 -21.56 91.07
C LEU N 195 17.64 -21.98 90.27
N LYS N 196 16.46 -21.69 90.81
CA LYS N 196 15.20 -22.08 90.21
C LYS N 196 14.49 -20.85 89.69
N PHE N 197 14.16 -20.85 88.41
CA PHE N 197 13.37 -19.80 87.77
C PHE N 197 12.03 -20.38 87.36
N GLU N 198 10.96 -19.62 87.56
CA GLU N 198 9.62 -20.05 87.20
C GLU N 198 8.87 -18.87 86.64
N PHE N 199 8.44 -18.97 85.39
CA PHE N 199 7.71 -17.86 84.77
C PHE N 199 6.86 -18.41 83.63
N THR N 200 6.34 -17.51 82.80
CA THR N 200 5.41 -17.85 81.73
C THR N 200 5.81 -17.12 80.46
N LYS N 201 6.03 -17.87 79.39
CA LYS N 201 6.34 -17.26 78.11
C LYS N 201 5.17 -16.42 77.61
N LYS N 202 5.40 -15.69 76.53
CA LYS N 202 4.36 -14.80 76.00
C LYS N 202 3.14 -15.60 75.56
N ASP N 203 3.34 -16.77 74.97
CA ASP N 203 2.22 -17.58 74.50
C ASP N 203 1.39 -18.16 75.64
N GLY N 204 1.86 -18.05 76.88
CA GLY N 204 1.14 -18.53 78.03
C GLY N 204 1.69 -19.81 78.64
N GLU N 205 2.57 -20.51 77.93
CA GLU N 205 3.17 -21.72 78.48
C GLU N 205 3.99 -21.39 79.72
N ALA N 206 3.93 -22.27 80.72
CA ALA N 206 4.65 -22.08 81.96
C ALA N 206 5.97 -22.84 81.91
N VAL N 207 7.08 -22.15 82.21
CA VAL N 207 8.42 -22.70 82.11
C VAL N 207 9.08 -22.63 83.48
N VAL N 208 9.86 -23.67 83.79
CA VAL N 208 10.65 -23.74 85.00
C VAL N 208 12.05 -24.21 84.64
N LEU N 209 13.05 -23.46 85.06
CA LEU N 209 14.45 -23.82 84.89
C LEU N 209 15.07 -24.12 86.25
N ASP N 210 15.95 -25.12 86.29
CA ASP N 210 16.49 -25.67 87.52
C ASP N 210 18.01 -25.65 87.49
N ILE N 211 18.59 -24.50 87.16
CA ILE N 211 20.03 -24.43 86.96
C ILE N 211 20.75 -24.83 88.25
N ILE N 212 21.90 -25.47 88.10
CA ILE N 212 22.73 -25.90 89.23
C ILE N 212 24.13 -25.35 88.98
N ALA N 213 24.42 -24.17 89.52
CA ALA N 213 25.72 -23.56 89.32
C ALA N 213 26.83 -24.44 89.88
N LYS N 214 27.95 -24.50 89.16
CA LYS N 214 29.07 -25.31 89.59
C LYS N 214 29.80 -24.64 90.75
N ASP N 215 30.54 -25.44 91.50
CA ASP N 215 31.25 -24.95 92.68
C ASP N 215 32.49 -24.17 92.29
N GLY N 216 32.83 -23.18 93.11
CA GLY N 216 34.07 -22.43 92.92
C GLY N 216 34.13 -21.63 91.65
N ASP N 217 33.04 -20.94 91.30
CA ASP N 217 32.99 -20.08 90.12
C ASP N 217 32.79 -18.65 90.56
N ASP N 218 33.58 -17.74 90.01
CA ASP N 218 33.34 -16.33 90.24
C ASP N 218 32.10 -15.87 89.49
N ILE N 219 31.68 -14.64 89.76
CA ILE N 219 30.38 -14.17 89.28
C ILE N 219 30.32 -14.24 87.75
N GLU N 220 31.39 -13.83 87.07
CA GLU N 220 31.39 -13.83 85.62
C GLU N 220 31.21 -15.26 85.08
N GLU N 221 31.93 -16.22 85.67
CA GLU N 221 31.78 -17.61 85.24
C GLU N 221 30.34 -18.09 85.44
N LEU N 222 29.73 -17.71 86.57
CA LEU N 222 28.35 -18.10 86.82
C LEU N 222 27.41 -17.49 85.78
N ALA N 223 27.62 -16.23 85.42
CA ALA N 223 26.78 -15.60 84.42
C ALA N 223 26.92 -16.30 83.08
N THR N 224 28.16 -16.64 82.69
CA THR N 224 28.35 -17.37 81.45
C THR N 224 27.68 -18.73 81.48
N TYR N 225 27.78 -19.42 82.62
CA TYR N 225 27.12 -20.71 82.76
C TYR N 225 25.61 -20.58 82.59
N ILE N 226 25.02 -19.57 83.24
CA ILE N 226 23.57 -19.38 83.14
C ILE N 226 23.19 -19.08 81.70
N ASN N 227 23.97 -18.23 81.02
CA ASN N 227 23.70 -17.96 79.61
C ASN N 227 23.71 -19.24 78.80
N GLY N 228 24.71 -20.10 79.04
CA GLY N 228 24.81 -21.32 78.27
C GLY N 228 23.65 -22.28 78.53
N GLN N 229 23.22 -22.37 79.78
CA GLN N 229 22.20 -23.37 80.13
C GLN N 229 20.88 -23.11 79.42
N THR N 230 20.43 -21.86 79.37
CA THR N 230 19.12 -21.52 78.83
C THR N 230 19.23 -20.36 77.88
N ASP N 231 18.28 -20.29 76.94
CA ASP N 231 18.20 -19.23 75.95
C ASP N 231 17.07 -18.25 76.20
N LEU N 232 16.34 -18.39 77.31
CA LEU N 232 15.32 -17.42 77.69
C LEU N 232 15.89 -16.32 78.57
N PHE N 233 17.17 -16.36 78.88
CA PHE N 233 17.83 -15.38 79.73
C PHE N 233 18.98 -14.74 78.97
N LYS N 234 19.51 -13.68 79.57
CA LYS N 234 20.85 -13.17 79.23
C LYS N 234 21.42 -12.61 80.52
N ALA N 235 22.13 -13.46 81.26
CA ALA N 235 22.77 -13.01 82.48
C ALA N 235 23.96 -12.12 82.14
N SER N 236 24.48 -11.46 83.17
CA SER N 236 25.56 -10.49 82.99
C SER N 236 26.15 -10.16 84.36
N VAL N 237 27.08 -9.22 84.37
CA VAL N 237 27.69 -8.73 85.60
C VAL N 237 28.11 -7.29 85.39
N ASP N 238 27.71 -6.42 86.31
CA ASP N 238 28.05 -5.01 86.22
C ASP N 238 29.41 -4.77 86.89
N GLN N 239 29.80 -3.51 87.02
CA GLN N 239 31.11 -3.20 87.57
C GLN N 239 31.25 -3.67 89.01
N GLU N 240 30.22 -3.44 89.82
CA GLU N 240 30.28 -3.79 91.24
C GLU N 240 30.18 -5.29 91.49
N GLY N 241 29.86 -6.08 90.47
CA GLY N 241 29.75 -7.52 90.64
C GLY N 241 28.37 -7.95 91.10
N LYS N 242 27.33 -7.37 90.50
CA LYS N 242 25.95 -7.70 90.79
C LYS N 242 25.36 -8.40 89.57
N LEU N 243 24.92 -9.64 89.76
CA LEU N 243 24.40 -10.41 88.63
C LEU N 243 23.21 -9.70 88.02
N GLN N 244 23.20 -9.62 86.69
CA GLN N 244 22.15 -8.94 85.94
C GLN N 244 21.48 -9.96 85.03
N ILE N 245 20.18 -10.16 85.22
CA ILE N 245 19.41 -11.12 84.43
C ILE N 245 18.38 -10.34 83.62
N PHE N 246 18.43 -10.48 82.30
CA PHE N 246 17.50 -9.82 81.41
C PHE N 246 16.65 -10.87 80.71
N VAL N 247 15.35 -10.61 80.64
CA VAL N 247 14.39 -11.49 79.98
C VAL N 247 13.69 -10.70 78.88
N ALA N 248 13.74 -11.22 77.66
CA ALA N 248 13.10 -10.54 76.55
C ALA N 248 11.60 -10.45 76.78
N GLU N 249 11.01 -9.34 76.32
CA GLU N 249 9.57 -9.15 76.49
C GLU N 249 8.76 -10.27 75.85
N PRO N 250 9.06 -10.74 74.64
CA PRO N 250 8.23 -11.82 74.06
C PRO N 250 8.47 -13.18 74.69
N ASN N 251 9.22 -13.22 75.80
CA ASN N 251 9.52 -14.47 76.49
C ASN N 251 9.03 -14.50 77.93
N ILE N 252 8.50 -13.41 78.46
CA ILE N 252 7.90 -13.39 79.79
C ILE N 252 6.78 -12.37 79.83
N GLU N 253 5.83 -12.60 80.73
CA GLU N 253 4.84 -11.59 81.11
C GLU N 253 4.64 -11.65 82.61
N GLY N 254 4.31 -10.50 83.19
CA GLY N 254 4.01 -10.47 84.61
C GLY N 254 5.22 -10.81 85.47
N ASN N 255 4.91 -11.26 86.69
CA ASN N 255 5.96 -11.54 87.66
C ASN N 255 6.81 -12.73 87.20
N PHE N 256 8.12 -12.59 87.38
CA PHE N 256 9.08 -13.65 87.12
C PHE N 256 9.90 -13.84 88.39
N ASN N 257 9.78 -15.01 89.01
CA ASN N 257 10.25 -15.24 90.37
C ASN N 257 11.50 -16.10 90.37
N ILE N 258 12.46 -15.73 91.21
CA ILE N 258 13.73 -16.44 91.35
C ILE N 258 13.81 -16.97 92.78
N SER N 259 14.10 -18.26 92.92
CA SER N 259 14.21 -18.92 94.21
C SER N 259 15.47 -19.76 94.23
N GLY N 260 15.64 -20.51 95.31
CA GLY N 260 16.82 -21.34 95.50
C GLY N 260 17.84 -20.67 96.42
N GLY N 261 18.71 -21.50 96.99
CA GLY N 261 19.71 -21.00 97.90
C GLY N 261 20.57 -19.92 97.28
N LEU N 262 21.02 -20.13 96.04
CA LEU N 262 21.85 -19.12 95.38
C LEU N 262 21.09 -17.83 95.15
N ALA N 263 19.77 -17.91 94.94
CA ALA N 263 18.99 -16.69 94.73
C ALA N 263 19.07 -15.78 95.95
N THR N 264 18.89 -16.35 97.14
CA THR N 264 19.00 -15.55 98.36
C THR N 264 20.46 -15.20 98.67
N GLU N 265 21.40 -16.07 98.30
CA GLU N 265 22.80 -15.75 98.50
C GLU N 265 23.20 -14.50 97.71
N LEU N 266 22.73 -14.40 96.47
CA LEU N 266 22.97 -13.23 95.65
C LEU N 266 22.05 -12.07 95.97
N GLY N 267 20.97 -12.31 96.72
CA GLY N 267 20.03 -11.25 97.02
C GLY N 267 19.14 -10.86 95.87
N LEU N 268 19.17 -11.61 94.77
CA LEU N 268 18.36 -11.25 93.60
C LEU N 268 16.88 -11.24 93.97
N ASN N 269 16.19 -10.21 93.50
CA ASN N 269 14.77 -10.02 93.77
C ASN N 269 13.98 -10.35 92.51
N GLY N 270 13.17 -11.40 92.57
CA GLY N 270 12.36 -11.81 91.44
C GLY N 270 10.96 -11.23 91.52
N GLY N 271 10.55 -10.53 90.47
CA GLY N 271 9.26 -9.91 90.42
C GLY N 271 9.01 -9.24 89.08
N PRO N 272 8.30 -8.11 89.07
CA PRO N 272 8.07 -7.41 87.80
C PRO N 272 9.35 -6.98 87.12
N GLY N 273 10.36 -6.57 87.88
CA GLY N 273 11.61 -6.11 87.31
C GLY N 273 11.48 -4.72 86.71
N VAL N 274 12.62 -4.18 86.28
CA VAL N 274 12.67 -2.86 85.67
C VAL N 274 12.50 -3.02 84.16
N LYS N 275 11.54 -2.29 83.60
CA LYS N 275 11.30 -2.35 82.16
C LYS N 275 12.40 -1.58 81.44
N THR N 276 13.11 -2.25 80.54
CA THR N 276 14.16 -1.63 79.75
C THR N 276 13.92 -1.94 78.28
N THR N 277 13.76 -0.91 77.48
CA THR N 277 13.66 -1.03 76.03
C THR N 277 14.91 -0.46 75.40
N VAL N 278 14.92 -0.41 74.06
CA VAL N 278 16.07 0.16 73.37
C VAL N 278 16.27 1.61 73.78
N GLN N 279 15.18 2.38 73.81
CA GLN N 279 15.30 3.81 74.09
C GLN N 279 15.97 4.07 75.43
N ASP N 280 15.80 3.18 76.40
CA ASP N 280 16.37 3.35 77.74
C ASP N 280 17.76 2.74 77.87
N ILE N 281 18.49 2.62 76.76
CA ILE N 281 19.81 2.01 76.81
C ILE N 281 20.83 3.02 77.33
N ASP N 282 21.90 2.48 77.91
CA ASP N 282 23.04 3.29 78.32
C ASP N 282 24.26 2.38 78.38
N ILE N 283 25.41 2.92 77.96
CA ILE N 283 26.64 2.14 77.91
C ILE N 283 27.76 2.91 78.61
N THR N 284 27.38 3.82 79.50
CA THR N 284 28.39 4.55 80.26
C THR N 284 29.01 3.71 81.38
N SER N 285 28.44 2.55 81.68
CA SER N 285 28.95 1.67 82.72
C SER N 285 28.94 0.24 82.20
N VAL N 286 29.80 -0.60 82.80
CA VAL N 286 29.95 -1.96 82.31
C VAL N 286 28.62 -2.69 82.33
N GLY N 287 27.91 -2.63 83.45
CA GLY N 287 26.61 -3.27 83.53
C GLY N 287 25.65 -2.74 82.49
N GLY N 288 25.68 -1.43 82.24
CA GLY N 288 24.82 -0.86 81.22
C GLY N 288 25.07 -1.49 79.87
N SER N 289 26.35 -1.66 79.50
CA SER N 289 26.68 -2.26 78.22
C SER N 289 26.29 -3.73 78.17
N GLN N 290 26.55 -4.46 79.25
CA GLN N 290 26.18 -5.87 79.27
C GLN N 290 24.68 -6.04 79.08
N ASN N 291 23.89 -5.20 79.75
CA ASN N 291 22.44 -5.21 79.50
C ASN N 291 22.15 -4.83 78.06
N ALA N 292 22.78 -3.78 77.56
CA ALA N 292 22.51 -3.29 76.22
C ALA N 292 22.64 -4.41 75.20
N VAL N 293 23.62 -5.29 75.39
CA VAL N 293 23.77 -6.42 74.46
C VAL N 293 22.47 -7.22 74.39
N GLY N 294 21.91 -7.57 75.55
CA GLY N 294 20.69 -8.36 75.58
C GLY N 294 19.49 -7.59 75.05
N ILE N 295 19.37 -6.32 75.40
CA ILE N 295 18.24 -5.53 74.89
C ILE N 295 18.28 -5.45 73.38
N ILE N 296 19.46 -5.20 72.81
CA ILE N 296 19.56 -5.15 71.36
C ILE N 296 19.28 -6.51 70.75
N ASP N 297 19.71 -7.60 71.41
CA ASP N 297 19.39 -8.92 70.89
C ASP N 297 17.88 -9.14 70.82
N ALA N 298 17.17 -8.77 71.88
CA ALA N 298 15.71 -8.94 71.88
C ALA N 298 15.07 -8.08 70.81
N ALA N 299 15.50 -6.82 70.67
CA ALA N 299 14.94 -5.94 69.66
C ALA N 299 15.19 -6.50 68.26
N LEU N 300 16.39 -6.99 68.02
CA LEU N 300 16.71 -7.59 66.73
C LEU N 300 15.84 -8.80 66.45
N LYS N 301 15.63 -9.65 67.45
CA LYS N 301 14.75 -10.80 67.26
C LYS N 301 13.34 -10.36 66.90
N TYR N 302 12.82 -9.34 67.58
CA TYR N 302 11.48 -8.85 67.29
C TYR N 302 11.39 -8.33 65.86
N VAL N 303 12.39 -7.53 65.45
CA VAL N 303 12.37 -6.95 64.11
C VAL N 303 12.48 -8.05 63.07
N ASP N 304 13.30 -9.07 63.31
CA ASP N 304 13.42 -10.18 62.37
C ASP N 304 12.10 -10.95 62.28
N SER N 305 11.41 -11.13 63.40
CA SER N 305 10.12 -11.79 63.36
C SER N 305 9.13 -11.01 62.50
N GLN N 306 9.10 -9.69 62.68
CA GLN N 306 8.19 -8.88 61.86
C GLN N 306 8.58 -8.95 60.39
N ARG N 307 9.88 -8.94 60.09
CA ARG N 307 10.31 -9.05 58.70
C ARG N 307 9.87 -10.38 58.10
N ALA N 308 9.98 -11.46 58.87
CA ALA N 308 9.53 -12.76 58.39
C ALA N 308 8.03 -12.76 58.13
N ASP N 309 7.26 -12.13 59.02
CA ASP N 309 5.82 -12.04 58.78
C ASP N 309 5.53 -11.28 57.49
N LEU N 310 6.25 -10.18 57.26
CA LEU N 310 6.03 -9.40 56.04
C LEU N 310 6.42 -10.21 54.81
N GLY N 311 7.48 -11.01 54.91
CA GLY N 311 7.85 -11.87 53.80
C GLY N 311 6.78 -12.92 53.51
N ALA N 312 6.20 -13.48 54.57
CA ALA N 312 5.09 -14.41 54.38
C ALA N 312 3.93 -13.74 53.67
N LYS N 313 3.61 -12.51 54.07
CA LYS N 313 2.54 -11.77 53.41
C LYS N 313 2.90 -11.51 51.94
N GLN N 314 4.16 -11.19 51.66
CA GLN N 314 4.58 -10.96 50.28
C GLN N 314 4.38 -12.20 49.43
N ASN N 315 4.81 -13.36 49.94
CA ASN N 315 4.64 -14.61 49.19
C ASN N 315 3.17 -14.93 48.99
N ARG N 316 2.37 -14.76 50.05
CA ARG N 316 0.92 -14.93 49.93
C ARG N 316 0.38 -14.08 48.80
N LEU N 317 0.74 -12.80 48.78
CA LEU N 317 0.23 -11.90 47.76
C LEU N 317 0.68 -12.33 46.37
N SER N 318 1.93 -12.72 46.21
CA SER N 318 2.42 -13.11 44.89
C SER N 318 1.65 -14.32 44.37
N HIS N 319 1.45 -15.33 45.21
CA HIS N 319 0.65 -16.47 44.79
C HIS N 319 -0.77 -16.04 44.44
N SER N 320 -1.31 -15.08 45.19
CA SER N 320 -2.65 -14.58 44.89
C SER N 320 -2.70 -13.91 43.53
N ILE N 321 -1.69 -13.10 43.19
CA ILE N 321 -1.67 -12.48 41.87
C ILE N 321 -1.60 -13.56 40.79
N SER N 322 -0.77 -14.58 40.98
CA SER N 322 -0.69 -15.64 39.98
C SER N 322 -2.05 -16.30 39.77
N ASN N 323 -2.69 -16.69 40.87
CA ASN N 323 -3.99 -17.34 40.77
C ASN N 323 -5.02 -16.43 40.12
N LEU N 324 -5.04 -15.15 40.50
CA LEU N 324 -6.03 -14.22 39.96
C LEU N 324 -5.80 -14.01 38.47
N SER N 325 -4.55 -13.90 38.03
CA SER N 325 -4.28 -13.72 36.62
C SER N 325 -4.74 -14.94 35.82
N ASN N 326 -4.44 -16.14 36.32
CA ASN N 326 -4.88 -17.34 35.61
C ASN N 326 -6.41 -17.41 35.56
N ILE N 327 -7.06 -17.09 36.67
CA ILE N 327 -8.52 -17.12 36.72
C ILE N 327 -9.09 -16.12 35.73
N GLN N 328 -8.52 -14.93 35.67
CA GLN N 328 -8.99 -13.91 34.74
C GLN N 328 -8.79 -14.35 33.30
N GLU N 329 -7.67 -15.01 33.00
CA GLU N 329 -7.48 -15.53 31.65
C GLU N 329 -8.57 -16.52 31.29
N ASN N 330 -8.86 -17.47 32.19
CA ASN N 330 -9.89 -18.45 31.91
C ASN N 330 -11.25 -17.79 31.74
N VAL N 331 -11.56 -16.81 32.60
CA VAL N 331 -12.86 -16.16 32.54
C VAL N 331 -12.99 -15.33 31.27
N GLU N 332 -11.90 -14.70 30.84
CA GLU N 332 -11.92 -13.97 29.59
C GLU N 332 -12.16 -14.91 28.41
N ALA N 333 -11.53 -16.07 28.43
CA ALA N 333 -11.77 -17.04 27.36
C ALA N 333 -13.24 -17.45 27.34
N SER N 334 -13.81 -17.74 28.50
CA SER N 334 -15.22 -18.13 28.56
C SER N 334 -16.12 -17.00 28.07
N LYS N 335 -15.84 -15.77 28.51
CA LYS N 335 -16.65 -14.63 28.08
C LYS N 335 -16.58 -14.45 26.58
N SER N 336 -15.39 -14.60 26.01
CA SER N 336 -15.27 -14.50 24.55
C SER N 336 -16.09 -15.59 23.87
N ARG N 337 -16.04 -16.80 24.40
CA ARG N 337 -16.85 -17.88 23.83
C ARG N 337 -18.32 -17.51 23.82
N ILE N 338 -18.85 -17.05 24.97
CA ILE N 338 -20.27 -16.78 25.07
C ILE N 338 -20.64 -15.53 24.27
N LYS N 339 -19.82 -14.49 24.33
CA LYS N 339 -20.19 -13.17 23.82
C LYS N 339 -19.56 -12.89 22.46
N ASP N 340 -18.23 -12.92 22.38
CA ASP N 340 -17.55 -12.51 21.16
C ASP N 340 -18.04 -13.32 19.97
N THR N 341 -17.78 -12.81 18.77
CA THR N 341 -18.21 -13.43 17.53
C THR N 341 -17.03 -14.03 16.79
N ASP N 342 -17.24 -15.20 16.21
CA ASP N 342 -16.24 -15.84 15.36
C ASP N 342 -16.48 -15.33 13.93
N PHE N 343 -15.55 -14.51 13.44
CA PHE N 343 -15.80 -13.77 12.21
C PHE N 343 -16.09 -14.69 11.02
N ALA N 344 -15.60 -15.92 11.06
CA ALA N 344 -15.88 -16.84 9.96
C ALA N 344 -17.38 -17.10 9.83
N LYS N 345 -18.02 -17.52 10.93
CA LYS N 345 -19.43 -17.83 10.88
C LYS N 345 -20.25 -16.59 10.55
N GLU N 346 -19.91 -15.45 11.15
CA GLU N 346 -20.73 -14.26 10.96
C GLU N 346 -20.57 -13.70 9.55
N THR N 347 -19.36 -13.73 8.99
CA THR N 347 -19.19 -13.26 7.63
C THR N 347 -19.85 -14.19 6.63
N THR N 348 -19.80 -15.51 6.89
CA THR N 348 -20.54 -16.44 6.05
C THR N 348 -22.03 -16.13 6.07
N GLN N 349 -22.57 -15.88 7.28
CA GLN N 349 -23.98 -15.55 7.39
C GLN N 349 -24.30 -14.24 6.69
N LEU N 350 -23.40 -13.26 6.80
CA LEU N 350 -23.62 -11.97 6.14
C LEU N 350 -23.69 -12.14 4.62
N THR N 351 -22.75 -12.90 4.06
CA THR N 351 -22.77 -13.13 2.62
C THR N 351 -24.03 -13.88 2.21
N LYS N 352 -24.43 -14.89 3.00
CA LYS N 352 -25.66 -15.61 2.70
C LYS N 352 -26.86 -14.68 2.70
N SER N 353 -26.93 -13.78 3.68
CA SER N 353 -28.05 -12.85 3.76
C SER N 353 -28.03 -11.86 2.60
N GLN N 354 -26.84 -11.42 2.19
CA GLN N 354 -26.75 -10.55 1.03
C GLN N 354 -27.26 -11.24 -0.23
N ILE N 355 -26.86 -12.50 -0.42
CA ILE N 355 -27.36 -13.26 -1.57
C ILE N 355 -28.86 -13.40 -1.50
N LEU N 356 -29.38 -13.69 -0.30
CA LEU N 356 -30.83 -13.82 -0.15
C LEU N 356 -31.54 -12.51 -0.48
N GLN N 357 -30.99 -11.39 -0.04
CA GLN N 357 -31.58 -10.09 -0.34
C GLN N 357 -31.60 -9.84 -1.84
N GLN N 358 -30.49 -10.12 -2.53
CA GLN N 358 -30.45 -9.91 -3.97
C GLN N 358 -31.46 -10.81 -4.68
N ALA N 359 -31.54 -12.08 -4.26
CA ALA N 359 -32.50 -13.00 -4.88
C ALA N 359 -33.92 -12.51 -4.64
N GLY N 360 -34.24 -12.08 -3.42
CA GLY N 360 -35.57 -11.59 -3.13
C GLY N 360 -35.92 -10.36 -3.94
N THR N 361 -34.97 -9.45 -4.10
CA THR N 361 -35.21 -8.28 -4.93
C THR N 361 -35.48 -8.67 -6.37
N SER N 362 -34.70 -9.61 -6.91
CA SER N 362 -34.93 -10.05 -8.27
C SER N 362 -36.30 -10.68 -8.43
N ILE N 363 -36.67 -11.55 -7.49
CA ILE N 363 -37.96 -12.23 -7.57
C ILE N 363 -39.10 -11.23 -7.44
N LEU N 364 -38.94 -10.23 -6.57
CA LEU N 364 -39.98 -9.21 -6.45
C LEU N 364 -40.11 -8.42 -7.74
N ALA N 365 -38.99 -8.02 -8.34
CA ALA N 365 -39.05 -7.26 -9.59
C ALA N 365 -39.73 -8.07 -10.68
N GLN N 366 -39.38 -9.37 -10.79
CA GLN N 366 -40.06 -10.22 -11.76
C GLN N 366 -41.54 -10.36 -11.43
N ALA N 367 -41.86 -10.45 -10.15
CA ALA N 367 -43.24 -10.68 -9.69
C ALA N 367 -44.04 -9.39 -9.59
N LYS N 368 -43.43 -8.24 -9.87
CA LYS N 368 -44.12 -6.97 -9.80
C LYS N 368 -44.68 -6.56 -11.16
N GLN N 369 -43.87 -6.68 -12.21
CA GLN N 369 -44.29 -6.19 -13.52
C GLN N 369 -45.17 -7.20 -14.25
N LEU N 370 -44.62 -8.37 -14.56
CA LEU N 370 -45.31 -9.30 -15.47
C LEU N 370 -46.64 -9.80 -14.91
N PRO N 371 -46.72 -10.24 -13.66
CA PRO N 371 -48.00 -10.82 -13.19
C PRO N 371 -49.18 -9.89 -13.34
N ASN N 372 -48.97 -8.59 -13.14
CA ASN N 372 -50.05 -7.63 -13.30
C ASN N 372 -50.14 -7.07 -14.71
N SER N 373 -49.04 -7.05 -15.46
CA SER N 373 -49.04 -6.54 -16.82
C SER N 373 -49.62 -7.54 -17.81
N ALA N 374 -49.76 -8.81 -17.42
CA ALA N 374 -50.37 -9.78 -18.32
C ALA N 374 -51.81 -9.41 -18.66
N ILE N 375 -52.55 -8.88 -17.69
CA ILE N 375 -53.96 -8.60 -17.96
C ILE N 375 -54.11 -7.43 -18.91
N SER N 376 -53.17 -6.48 -18.91
CA SER N 376 -53.26 -5.37 -19.83
C SER N 376 -53.08 -5.84 -21.27
N LEU N 377 -52.23 -6.84 -21.50
CA LEU N 377 -52.11 -7.40 -22.84
C LEU N 377 -53.30 -8.31 -23.15
N LEU N 378 -53.91 -8.88 -22.11
CA LEU N 378 -55.16 -9.62 -22.32
C LEU N 378 -56.28 -8.70 -22.77
N GLN N 379 -56.14 -7.40 -22.59
CA GLN N 379 -57.20 -6.46 -22.94
C GLN N 379 -57.17 -6.15 -24.43
#